data_8QMA
#
_entry.id   8QMA
#
_cell.length_a   1.00
_cell.length_b   1.00
_cell.length_c   1.00
_cell.angle_alpha   90.00
_cell.angle_beta   90.00
_cell.angle_gamma   90.00
#
_symmetry.space_group_name_H-M   'P 1'
#
loop_
_entity.id
_entity.type
_entity.pdbx_description
1 polymer PAP4
2 polymer PAP5
3 polymer PAP8
4 polymer PAP9
5 polymer PAP10
6 polymer PAP11
7 polymer 'PAP12 (DNA-directed RNA polymerase subunit omega)'
8 polymer PTAC18
9 polymer PAP6
10 polymer 'DNA-directed RNA polymerase subunit beta'
11 polymer "DNA-directed RNA polymerase subunit beta''"
12 polymer 'DNA-directed RNA polymerase subunit alpha'
13 polymer PAP1
14 polymer PAP3
15 polymer FLN2
16 polymer PAP7
17 polymer "DNA-directed RNA polymerase subunit beta'"
18 non-polymer 'FE (III) ION'
19 non-polymer 'ZINC ION'
20 non-polymer S-ADENOSYLMETHIONINE
#
loop_
_entity_poly.entity_id
_entity_poly.type
_entity_poly.pdbx_seq_one_letter_code
_entity_poly.pdbx_strand_id
1 'polypeptide(L)'
;MASCVVTTSSFCTLSDSNIRLKSSKLVHLSNQQRRRFPLGSRGGLKVEAYYGLKTPPYPLDALEPYMSRRTLEVHWGKHH
RGYVDNLNKQLGKDDKLYGYTMEELIKATYNNGNPLPEFNNAAQVYNHDFFWESMQPGGGDMPQKGVLEQIEKDFGSFTN
FREKFTNAALTQFGSGWVWLVLKREERRLEVVKTSNAINPLVWDDIPIISLDVWEHSYYLDYKNERGKYINTFLNHLVSW
NAAMSRMARAEAFVNLGEPNIPIA
;
G
2 'polypeptide(L)'
;MASISTTSWLYRDKLCTESGKLGTCILQRPVKCGFPVKRLYVGITSKDVLMRDCIKCKKDDDDDDASEGSSKKDGQGYEY
VSVERAPYYSYMDSTSGKMEPASGARASIPGEDYWPEGTSSRVRAARAPQPAGESSSFPSYGKNPGSRRKKNRKATEGNA
AVETYDEVSDSEDSSEEEESDSSNGFVVYNNEVEGEDEEETGFELDKKLGRPHPFIDPTKKKQIETTLTSDESWWNWRKP
EKEQWSRWQRRRPDVETVFLKAMAETGQVKLYGKEPTLTETSLYRARRHLFKEERLQAERERLAKEGPMAFYSEWVKAWK
RDTSREAVQKHFEETGEDENTQLIEMFSHQTDREYRIMMGTDVRIKRDPLAMRMKEDQIKQIWGGDPVYPTINYIQAPDA
VMDFRGPDFHEPTPNMLSYLKENCKVISREMHETLLAKEKTEQVEVPDIDDAMAQAVDIGENDDEEEDTEEAEKDEKVAR
NWSVLKSTPELRNSKPKPKKEGRMSLDEAVDDSENLTDFLMDFDEETDP
;
H
3 'polypeptide(L)'
;MASSAASPSLSLLSLTPKPPPSPSTASATSHRLFPSFRTNGCFAPLTLKPRRGRSIIVKVDDGDADGGGQDEYDMDDEEV
EEVDNKKDYDVEYDPLAAAMAAASGGGGDGDIAFVQSKSFISTQGWDSEMVVDYRINEDEFHKISLLDCDFFIRKPPDPD
NDVYDFREMYVTPPDTDIYSVPRVLAPMPQKYIRCAMSDYGCYDVTEPPIDAPRDPLYKSEREISKVFLTKHYRNRRLND
PEFVLDFEEIYVIDSKTKSITRARVLVTVPGGRKRDRKDDLLVIRDNGNSFKIIHVGERDDPTTVIEREEWTKTREDMEK
HLRKLRDFSVSNWF
;
K
4 'polypeptide(L)'
;MMTSTCSFLSSCSLLPSQEPNQRMQWKRHEKRQFSRKVAVSGVIRAGFELKPPPYPLDALEPHMSRETLDYHWGKHHKTY
VENLNKQIVGTDLDGLSLEEVVLLSYNRGNMLPAFNNAAQAWNHEFFWESIQPGGGGKPSGDLLRLIERDFGSFSDFVER
FKAAAASNFGSGWTWLAYKANRLDVANAVNPLPKEEDKKLVIVKTPNAVNPLVWDYSPLLTIDTWEHAYYLDFENRRIEY
INTFMEKLVSWETVSTRLESAMARAAQREQEGSDTEAEENPDDEEPEVYLDDASEVD
;
L
5 'polypeptide(L)'
;MALVQSIALLPHLNVPLSPILSTLHAPSSLFLRKENRPVTSPFLSSTSGNSHFSPLTHPRKLLCTPPRGKFVREDYLVRK
LTAEELQELVKGERKVPLIVDFYATWCGPCILMAQELEMLAVEYESNAMIVKVDTDDEYEFARDMQVRGLPTLFFISPDP
SKDAIRTEGLIPLQMMRDIIDNDM
;
M,N
6 'polypeptide(L)'
;MAFTFFSPHPVFLPLGRTTSSFSYKPVYSPFPRNSRNLQLAAGPARRNSYPNPADDDPPEAPEDSMHGVSKFQQIQRQAA
RARKLEEEDFEKNRNTYLSAIADVEDAPETGRDDVESGGDLFSDIDRAISMKRSEFVKKGLLQPNPPKTTSSKKLDEEED
DVTDVVDELDEEEVVDLDEIDKLTGLTEVSDEEDWVDEEGNPRINKKKETGSDHHFEFDLDDFGGSKARIVEPKFRLSLA
ELLDESKVVPISVYGDLDVEITGIQHDSRGVSSGDLFVCCENEGDSVLSEADKRGAVAVVASKEIDIEDTLGCRALVIVE
DTEAVLAALASSFYRHPSKNMAVIGVTGTNGKTTTTYLIKSLYEAMGVRTGMFSTVSCYVHGDNKMDSPTTTSPDAVLVQ
SMMAKMLHNGTEALVMEASPQELASGKCDEVDFDIAVFTNLTREDSDFRGTDEEYRDAEAKLFARMVDPERHRKVVNIDD
PNAAFFVQQGNPDVPVVTFAMENTKADVHPLKFELSLFETQVLVNTPQGILEISSGLLGRHNICNILAAVAVGIAVGAPL
EDIVRGVEEVDAVPGRCELIDEEQAFGVIVDHANTPDGLSRLLDSVRELKPRRIITVIGCAGENERGKRPVMTKIATEKS
DVTMLTSDNPGNEDPLDILDDMLSGIGWTMQEYLKHGEHDYYPPLSNGHRLFLHDVRRVAVRCAVAMGEEGDMVVVAGKG
HESYQLEGDKKEFYDDREECREALQYVDELHQAGIDTSEFPWRLPESH
;
O
7 'polypeptide(L)'
;MFCSSFTSSISRIGDARSGNSRASSFTFQTQVSCGIQRDDNGRRIWRRRTLTKKDDMLRYKLQRVPFVEEQVRKIKEVGK
VMTMDIERLLLSEDNRFEFVNSVAAEATEYVEKNRDEYGGTKKAIFHVLSNRVNDLGFDRPEAYAESDPYKPGPGYLKEY
YT
;
P
8 'polypeptide(L)'
;MASLIMTTPFSGSLTQCKKKTNNLSVNRAFFKVTCSMQTPLEELYNVKVERKVSQRRLDELGVSRWSVWKTGKCKLPWDW
QVDQLVYIEEGEVRVVPEGSKRFMQFLAGDLVRYPKWLEADLFFNAPYSERYCFKAYADD
;
R
9 'polypeptide(L)'
;MASLHLFPHLHHFDSIIHRREIAAHSRRQFLSPKASINGGVVTNGASAAETAKPSRKGRNKKKQTEETNPDSDPALVDYD
DGIDFPYDDPPLVCCFGAVQKEFVPVVRVHDNPMHPDIYSQWKMLQWDPPEFGRAPGGPPSNVAISHVRLGGRAAFMGKV
GGDDYGEELVLMMNKERVQTRGVKFDEGASTACTRVKIKFEDGKMKAETVKEPPEDSLLASELNLAVLKEARIFHFNSEV
LTSPTMESTLFKAIQWSKKFGGLIFFDLNLPLPLWRSRNETRKLIKKSWDEANIIEVSQQELEFLLDEEYYERRRNYTPQ
YFAEDFEQTKNRRDYYHYTPEEIKPLWHDDLKLLVVTDGTLRLHYYTPKFDGVVVGTEDVLITPFTCDRTGSGDAVVAGI
MRKLTTCPEMFEDQDVLERQLRFAVAAGIISQWTIGAVRGFPTESATQNLKEQVYVPSMW
;
S
10 'polypeptide(L)'
;MLGDGKEGTSTIPGFNQIQFEGFYRFIDQGLIEELSKFPKIEDIDHEIEFQLFVETYQLVEPLIKERDAVYESLTYSSEL
YVSAGLIWKTNRNMQEQRIFIGNIPLMNSLGTSIVNGIYRVVINQILQSPGIYYQSELDHNGISVYTGTIISDWGGRLEL
EIDKKARIWARVSRKQKISILVLSSAMGSNLREILENVCYPEIFLSFLTDKEKKKIGSKENAILEFYQQFSCVGGDPIFS
ESLCKELQKKFFHQRCELGRIGRRNINWRLNLNIPQNNIFLLPRDILAAADHLIGMKFGMGTLDDMNHLKNKRIRSVADL
LQDQLGLALARLENVVKGTIGGAIRHKLIPTPQNLVTSTPLTTTYESFFGLHPLSQVLDRTNPLTQIVHGRKLSYLGPGG
LTGRTANFRIRDIHPSHYGRICPIDTSEGINVGLIGSLSIHARIGDWGSLESPFYELVEKSKKAQIRMLFLSPSQDEYYM
IAAGNSLALNRGIQEEQVVPARYRQEFLTIAWEEVHLRSIFPFQYFSIGASLIPFIEHNDANRALMSSNMQRQAVPLSRS
EKCIVGTGLERQVALDSGVPAIAEHEGKILYTDTEKIILSGNENTLSIPLIMYQRSNKNTCMHQKPQVRRGKCIKKGQIL
ADGAATVGGELALGKNILVAYMPWEGYNFEDAVLISECLVYGDIYTSFHIRKYEIQTHVTTQGPERITKEIPHLEGRLLR
NLDKNGIVMLGSWVETGDILVGKLTPQVAKESSYAPEDRLLRAILGIQVSTSKETCLKLPIGGRGRVIDVRWVQKKGGSS
YNPEIIRVYISQKREIKVGDKVAGRHGNKGIISKILPRQDMPYLQDGRPVDMVFNPLGVPSRMNVGQIFECSLGLAGSLL
DRHYRIAPFDERYEQEASRKLVFSELYEASKQTANPWVFEPEYPGKSRIFDGRTGDPFEQPVIIGKPYILKLIHQVDDKI
HGRSSGHYALVTQQPLRGRSKQGGQRVGEMEVWALEGFGVAHILQEMLTYKSDHIRARQEVLGTTIIGGTIPKPEDAPES
FRLLVRELRSLALELNHFLVSEKNFQINRKEV
;
A
11 'polypeptide(L)'
;MAERANLVFHNKVIDGTAIKRLISRLIDHFGMAYTSHILDQVKTLGFQQATATSISLGIDDLLTIPSKGWLVQDAEQQSL
ILEKHHHYGNVHAVEKLRQSIEIWYATSEYLRQEMNPNFRMTDPFNPVHMMSFSGARGNASQVHQLVGMRGLMSDPQGQM
IDLPIQSNLREGLSLTEYIISCYGARKGVVDTAVRTSDAGYLTRRLVEVVQHIVVRRTDCGTIRGISVSPRNKSRMMSER
IFIQTLIGRVLADDIYIGSRCVAFRNQDLGIGLVNRFITFGTQSISIRTPFTCRSTSWICRLCYGRSPTHGDLVELGEAV
GIIAGQSIGEPGTQLTLRTFHTGGVFTGGTAEHVRAPYNGKIKFNEDLVHPTRTRHGHPAFLCYIDLSVIIESEDIIHSV
TIPPKSFLLVQNDQYVESEQVIAEIREGTYTFHFKERVRKYIYSDSEGEMHWSTDVSHAPEFTYSNVHLLPKTSHLWILS
GGSCGSSLILFSIHKDQDQMNIPFLSVERKSISSLSVNNDQVSQKFFSSDFSDKKKSGIPNYSELNGIVGTSHYNFIYSA
IFHENSDLLAKRRRNRFLIPFQSIQEQEQEKEFIPHSGISVEIPINGIFRRNSIFAFFDDPRYRRKSSGILKYGTLKADS
IIQKEDMIEYRGVQKFKTKYEMKVDRFFFIPEEVHILPESSAIMVENYSIIGVDTRITLNIRSQVGGLIRVERKKKRIEL
KIFSGDIHFPDKTDKISRHSGILIPPGRGKTNSKESKNLKNWIYVQRITPTKKKFFVLVRPVATYEIADSINLATLFPKD
LFREKDNIQLRVFNYILYGNGKPTRGISDTSIQLVRTCLVLNWDQDNKNSSLEEVRAFFVEVNTKGLIRDFIRIGLVKSH
ISYIRKRNNPPDSGLISADSMNPFYSISPKAGILHQSLRQNHGTIRMFLNRNKESQSLLILSSSNCFRIGPFNHVKYHNV
INQSIKKKPLITIKNSSGPLGTAIQISNFYSFLPLLTYNQISVIKYLQLDNFKYIFQVIHSYLIDENGRIFNLDPYSNLV
LNPFKLNWYFLHQNYNNNYCEETSTIISLGQFFCENVCIAKKEPYLKSGQVLIVQRDSVVIRSAKPYLATPGAKVHGHYR
EILYEGDTLVTFIYEKSRSGDITQGLPKVEQVLEVRSIDSISLNLEKRIKGWNRCITRILGIPWGFLIGAELTIVQSRIS
LVNKIQKVYRSQGVQIHNRHIEIIVRQITSKVLVSEEGMSNVFLPGELIGLLRAERTGRALEEAICYRAVLLGITRASLN
TQSFISEASFQETARVLAKAALRGRIDWLKGLKENVVLGGVIPAGTGFNKGLVHCSRQHTNILLEKKTKNLSLLEGDMRD
ILFYHREFCDSSI
;
B
12 'polypeptide(L)'
;MVREKVKVSTRTLQWKCVESRRDSKRLYYGRFILSPLMKGQADTIGIAMRRALLGEIEGTCITRAKSENIPHDYSNIVGI
QESVHEILMNLNEIVLKSNLYGTRNALICVQGPGYITARDIILPPSVEIVDNTQHIATLTEPINLCIGLKIERNRGYSLK
MSNNFEDRSYPIDAVFMPVQNANHSIHSYGNGNEKQEILFIEIWTNGSLTPKEALHEASRNLINLFIPFLHVEEETFYLE
NNQHQVTLPLFPFHNKLVNLRQKKKELAFQYIFIDQLELPPRIYNCLKKSNIHTLLDLLNNSQEDLIKMEHFHIEDVKKL
LDILEKK
;
C,D
13 'polypeptide(L)'
;MSLFFLNPALPSNSIHPIPRRAAGISSIRCSISAPEKKPRRRRKQQQKRENEDSSSFGSSEAVSALERSLRLTFMDELME
RARNRDPSGVSEVIYDMIAAGLSPGPRSFHGLVVAHALNGDEQGAMHSLRKELGAGQRPLPETMIALVRLSGSKGNAQRG
LELLAAMEKLNYDIRQAWLILVEELVRTNHLEEANKVFLKGARGGMRATDQLYDLMIEEDCKAGDHSNALDISYEMEAAG
RFATTFHFNCLLSVQATCGIPEVAYATFENMEYGEDFMKPDTETYNWVIQAYTRADSYDRVQDVAELLGMMVEDYKRVQP
NVKTHALLVECFTKYCVVKEAIRHFRALKNFEGGTKVLHNAGNFEDPLSLYLRALCREGRIVELIDALDAMRRDNQPIPP
RAMIMSRKYRTLVSSWIEPLQEEAELGYEIDYLARYVEEGGLTGERKRWVPRRGKTPLDPDAAGFIYSNPIETSFKQRCL
EDWKVHHRKLLRTLQSEGLPVLGDASESDYMRVMERLRNIIKGPAQNLLKPKAASKMVVSELKEELEAQGLPIDGTRNVL
YQRVQKARRINKSRGRPLWVPPIEEEEEEVDEEVDELICRIKLHEGDTEFWKRRFLGEGLIETTAETKETDESSVATGEI
ENKTEVVAKEADDDEDDEEEEQEGDEDDDENEEEEEAVVVEPENRAEGEDLIKNKAADAKRHLQMIGVQLLKESDEANRT
KKRGKRASRMTLEDDADEDWFPEEPFEAFKEMRERKVFDVSDMYTIADVWGWTWEKDFKNKTPRRWSQEWEVELAIVLMA
KVIELGGVPTIGDCAVILRAAIRAPMPSSFLKILQTTHSLGYAFGSPLYDEIITLCLDLGELDAAIAIVADMETTGITVP
DQTLDKVISARQSNEIPKSEHEEPPSSSESS
;
E
14 'polypeptide(L)'
;MQICQATLTTFTFTNPSNPNFCKPKPLFPSFQPPRRVTLPPCRGFSSDEFPVDETFLEKFGPKDKDTEDEARRRNWIERG
WAPWEEILTPEADFARKSLNEGEEVPLQSPEAIEAFKMLRPSYRKKKIKEMGITEDEWYAKQFEIRGDKPPPLDTSWAGP
LVVRQIPPRDWPPKGWEVDRKELEFIREAHKLMAERVWLEDLDKDLKVGEDATVDKMCLERFKVFLKQYNEWVEANKDRL
EEDSYKYDQDFYPGRRIRGKDYKEGMYELPFYYPGMICEGTVTTLHLYQGAFVDIGGVHEGWVPIKGNDWFWIRHFIRVG
MHVIVEITAKRDPYRFRFPLELRFVHPNIDHMIFNKFDFPPIFHRDGDTNPDEIRRDCGRPPEPRKDPGSKPEEEGLLSD
HPYVDKLWQLHVAEQMILDDYEANPEKYKGKKLSELSDDEGFDERKEIEHGEAYYKKTKLPKVILKTSVKELDLEAALIE
RKYHNKLMMEAKARGEGYKIEKLRRNIEMDEYDSLHWRRSLEEREALLRDISSRQALGLPLEEPGRYKPGSFFGKDQYDP
TSALYQYDYWGEPKNSEISKQERMKDAHNKSIVGKGNVWYDMSYDDAIKQTIERRKAESNVVTQKEEETESKEEEEDDDD
EYEFDDFDYSILSDESSIGYSEQQPLVNGTQVFTD
;
F
15 'polypeptide(L)'
;MASLSFTQFLPFPRCSVDVPCLQPHGFVKFRGERWKGKHSFLMVAGRRKLSESAPLDEDDGGNGAVGGKKPTKVPKKSGA
RTAKKKVVAKDEPLEESSQLLVDSDNVSDNESDTKEPVRRTRKKAAASSDVNEGKTEKKVRRKRTVKKDKEVEDGLVTYD
EASDVEEALTVEATDADSEGEEIDLSKHESEDISHTYGWPPLVCCFGSAQHAFVPSGRPANRLLDYERQERMKDAVWAPE
KYIRAPGGCAGGVAIALASLGGKAAFMGKLGDDDFGQAMLYYLNVCQVQTRSVKIDSKRVTACSTMKISKRGRLKSTCVK
PCAEDSLSKSEINVDVLKEAKMFYFTTHSLLDKKMMSTTLQAIKISKQLGNVIFYDLNLPLPLWQSLEETKSLIQEVWDL
ADVIEVTKQELEFLCGIEPTEEFDTKNNDSSKFVHYEPETVEPLWHENLKILFVTNGTSKIHYYTKEHNGAVLGMEDVPI
TPFTRDMSASGDGIVAGLIRMLTVQPDLMNDKGYLERTARYAIECGVVDQWLLAQTRGYPPKDDMEEEEDDDEEEEMESD
PNGIRSITEREYRTSKPYDEPDGPYVMKPVEEREYRKLELVGSMGEDDDSS
;
I
16 'polypeptide(L)'
;MASPVSLHYLINTFISKPQGFCNGTVSSPRPRSSFVRERQNSVKPIKVASLETQPFPLFQSPASEESSSSELESADPDFY
KIGYVRRVRAYGVEFKEGPDGFGIYASKDIEPRRRARVIMEIPHELMITIRQKHPWMFFPDIVPIGHPIFDIINSTDPER
DWDLRLACLLLFSFDREDHFWRLYGDFLPAADECSSLLLATEEDLAELQDPQLVSTIRQQQKRVLEFWEKNWHSGVPLKI
KRLAEDAERFIWAVSIAQTRCISMKTRIGALVQDLNMMIPYADMLNHSFEPNCFLHWRPKDRILEVMSNAGQAIKKGEEM
TINYMPGQKNNMLMERYGFSTPVNPWDAIPFSGDSRIHLNSFLSVFNIFGLPEEYYHDSELSGDDSFVDGAVIAAARTLP
TWSDIDLPPIPSAERKAVKELQDECRKMLAEYPTTSEQDQKLLDSLSEARTTFATAVKYRMHRKMFIGKIIKALDIYQER
LLF
;
J
17 'polypeptide(L)'
;MIDRYKHQQLRIGLVSPQQISAWATKKIPNGEIVGEVTKPYTFHYKTNKPEKDGLFCERIFGPIKSGICACGNYRVIGDE
KEDPKFCEQCGVEFVDSRIRRYQMGYIKLTCPVTHVWYLKRLPSYIANLLDKPLKELEGLVYCDFSFARPITKKPTFLRL
RGSFEYEIQSWKYSIPLFFTTQGFEIFRNREISTGAGAIREQLADLDLRIIIENSLVEWKQLGEEGPTGNEWEDRKIVRR
KDFLVRRMELAKHFIRTNIEPEWMVLCLLPVLPPELRPIIQIEGGKLMSSDINELYRRVIYRNNTLTDLLTTSRSTPGEL
VMCQEKLVQEAVDTLLDNGIRGQPMRDGHNKVYKSFSDVIEGKEGRFRETLLGKRVDYSGRSVIVVGPSLSLHRCGLPRE
IAIELFQTFVIRGLIRQHLASNIGVAKSQIREKKPIVWEILQEVMQGHPVLLNRAPTLHRLGIQSFQPILVEGRTICLHP
LVCKGFNADFDGDQMAVHVPLSLEAQAEARLLMFSHMNLLSPAIGDPISVPTQDMLIGLYVLTSGTRRGICANRYNPCNR
KNYQNERIYETNYKYMKEPFFCNSYDAIGAYRQKRINLDSPLWLRWQLDQRVIASKEVPIEVHYESFGNYHEIYAHYLIV
RSVKKETLYIYIRTTVGHISFYREIEEAIQGFSQACSYDT
;
T
#
loop_
_chem_comp.id
_chem_comp.type
_chem_comp.name
_chem_comp.formula
FE non-polymer 'FE (III) ION' 'Fe 3'
SAM non-polymer S-ADENOSYLMETHIONINE 'C15 H22 N6 O5 S'
ZN non-polymer 'ZINC ION' 'Zn 2'
#
# COMPACT_ATOMS: atom_id res chain seq x y z
N TYR A 50 59.81 -73.29 -10.31
CA TYR A 50 60.70 -73.79 -11.34
C TYR A 50 59.98 -73.82 -12.67
N TYR A 51 60.72 -73.58 -13.75
CA TYR A 51 60.18 -73.64 -15.10
C TYR A 51 60.96 -74.65 -15.91
N GLY A 52 60.26 -75.37 -16.77
CA GLY A 52 60.92 -76.25 -17.70
C GLY A 52 61.41 -75.51 -18.92
N LEU A 53 62.32 -76.16 -19.65
CA LEU A 53 62.74 -75.64 -20.95
C LEU A 53 61.72 -76.13 -21.97
N LYS A 54 60.75 -75.28 -22.28
CA LYS A 54 59.77 -75.59 -23.30
C LYS A 54 60.42 -75.55 -24.67
N THR A 55 60.20 -76.60 -25.47
CA THR A 55 60.82 -76.69 -26.78
C THR A 55 60.25 -75.64 -27.73
N PRO A 56 60.90 -75.43 -28.88
CA PRO A 56 60.18 -74.89 -30.02
C PRO A 56 59.08 -75.84 -30.45
N PRO A 57 57.98 -75.30 -31.01
CA PRO A 57 56.90 -76.18 -31.48
C PRO A 57 57.35 -77.19 -32.51
N TYR A 58 58.18 -76.77 -33.43
CA TYR A 58 58.71 -77.53 -34.56
C TYR A 58 60.03 -78.19 -34.23
N PRO A 59 60.41 -79.21 -35.01
CA PRO A 59 61.78 -79.73 -34.93
C PRO A 59 62.81 -78.63 -35.21
N LEU A 60 63.97 -78.77 -34.57
CA LEU A 60 65.02 -77.77 -34.72
C LEU A 60 65.55 -77.67 -36.15
N ASP A 61 65.40 -78.70 -36.97
CA ASP A 61 65.75 -78.60 -38.37
C ASP A 61 64.67 -77.94 -39.23
N ALA A 62 63.47 -77.69 -38.67
CA ALA A 62 62.33 -77.33 -39.50
C ALA A 62 62.46 -75.94 -40.12
N LEU A 63 63.22 -75.04 -39.49
CA LEU A 63 63.38 -73.69 -40.03
C LEU A 63 64.51 -73.59 -41.04
N GLU A 64 65.14 -74.70 -41.41
CA GLU A 64 66.11 -74.70 -42.49
C GLU A 64 65.42 -74.34 -43.80
N PRO A 65 66.07 -73.59 -44.70
CA PRO A 65 67.42 -73.01 -44.61
C PRO A 65 67.47 -71.69 -43.89
N TYR A 66 66.30 -71.17 -43.48
CA TYR A 66 66.21 -69.78 -43.06
C TYR A 66 66.85 -69.56 -41.70
N MET A 67 66.66 -70.50 -40.78
CA MET A 67 67.35 -70.51 -39.50
C MET A 67 67.96 -71.89 -39.31
N SER A 68 69.30 -71.96 -39.30
CA SER A 68 69.98 -73.23 -39.40
C SER A 68 69.77 -74.07 -38.16
N ARG A 69 69.89 -75.39 -38.32
CA ARG A 69 69.78 -76.29 -37.18
C ARG A 69 70.77 -75.95 -36.09
N ARG A 70 72.01 -75.60 -36.46
CA ARG A 70 72.99 -75.20 -35.46
C ARG A 70 72.56 -73.93 -34.73
N THR A 71 72.07 -72.93 -35.47
CA THR A 71 71.57 -71.71 -34.84
C THR A 71 70.48 -72.01 -33.81
N LEU A 72 69.50 -72.82 -34.19
CA LEU A 72 68.44 -73.18 -33.24
C LEU A 72 68.96 -74.02 -32.08
N GLU A 73 69.88 -74.94 -32.35
CA GLU A 73 70.42 -75.77 -31.27
C GLU A 73 71.17 -74.95 -30.24
N VAL A 74 71.96 -73.97 -30.69
CA VAL A 74 72.67 -73.13 -29.73
C VAL A 74 71.71 -72.15 -29.06
N HIS A 75 70.78 -71.56 -29.82
CA HIS A 75 69.92 -70.52 -29.28
C HIS A 75 68.91 -71.07 -28.28
N TRP A 76 68.24 -72.18 -28.62
CA TRP A 76 67.36 -72.85 -27.66
C TRP A 76 68.15 -73.67 -26.64
N GLY A 77 68.95 -74.63 -27.12
CA GLY A 77 69.51 -75.64 -26.26
C GLY A 77 70.60 -75.16 -25.33
N LYS A 78 71.12 -73.96 -25.55
CA LYS A 78 72.16 -73.48 -24.64
C LYS A 78 71.90 -72.07 -24.11
N HIS A 79 71.42 -71.15 -24.95
CA HIS A 79 71.05 -69.83 -24.44
C HIS A 79 69.77 -69.88 -23.63
N HIS A 80 68.68 -70.29 -24.27
CA HIS A 80 67.39 -70.39 -23.59
C HIS A 80 67.44 -71.38 -22.43
N ARG A 81 68.08 -72.54 -22.63
CA ARG A 81 68.34 -73.44 -21.52
C ARG A 81 69.08 -72.75 -20.40
N GLY A 82 70.09 -71.95 -20.73
CA GLY A 82 70.83 -71.23 -19.71
C GLY A 82 69.95 -70.28 -18.90
N TYR A 83 69.06 -69.55 -19.58
CA TYR A 83 68.16 -68.66 -18.85
C TYR A 83 67.20 -69.46 -17.97
N VAL A 84 66.67 -70.56 -18.47
CA VAL A 84 65.78 -71.41 -17.67
C VAL A 84 66.49 -71.89 -16.41
N ASP A 85 67.71 -72.41 -16.57
CA ASP A 85 68.44 -72.93 -15.42
C ASP A 85 68.81 -71.84 -14.42
N ASN A 86 69.24 -70.67 -14.90
CA ASN A 86 69.50 -69.55 -14.00
C ASN A 86 68.25 -69.13 -13.25
N LEU A 87 67.12 -69.06 -13.95
CA LEU A 87 65.87 -68.67 -13.32
C LEU A 87 65.47 -69.68 -12.26
N ASN A 88 65.56 -70.97 -12.57
CA ASN A 88 65.21 -71.99 -11.60
C ASN A 88 66.11 -71.94 -10.38
N LYS A 89 67.41 -71.69 -10.59
CA LYS A 89 68.33 -71.54 -9.47
C LYS A 89 68.01 -70.31 -8.63
N GLN A 90 67.45 -69.27 -9.24
CA GLN A 90 67.06 -68.09 -8.46
C GLN A 90 65.75 -68.31 -7.72
N LEU A 91 64.74 -68.88 -8.39
CA LEU A 91 63.46 -69.18 -7.77
C LEU A 91 63.55 -70.26 -6.70
N GLY A 92 64.62 -71.06 -6.71
CA GLY A 92 64.80 -72.04 -5.65
C GLY A 92 65.06 -71.43 -4.27
N LYS A 93 65.32 -70.13 -4.20
CA LYS A 93 65.70 -69.50 -2.94
C LYS A 93 64.96 -68.19 -2.68
N ASP A 94 63.82 -67.97 -3.34
CA ASP A 94 62.86 -66.96 -2.90
C ASP A 94 61.45 -67.47 -3.20
N ASP A 95 60.73 -67.87 -2.15
CA ASP A 95 59.38 -68.42 -2.34
C ASP A 95 58.39 -67.37 -2.82
N LYS A 96 58.63 -66.09 -2.52
CA LYS A 96 57.74 -65.04 -3.02
C LYS A 96 57.81 -64.95 -4.54
N LEU A 97 59.02 -64.85 -5.09
CA LEU A 97 59.17 -64.81 -6.53
C LEU A 97 58.75 -66.14 -7.16
N TYR A 98 58.94 -67.25 -6.44
CA TYR A 98 58.46 -68.53 -6.93
C TYR A 98 56.95 -68.52 -7.12
N GLY A 99 56.21 -67.95 -6.15
CA GLY A 99 54.77 -68.04 -6.18
C GLY A 99 54.09 -67.23 -7.26
N TYR A 100 54.82 -66.35 -7.95
CA TYR A 100 54.23 -65.56 -9.02
C TYR A 100 54.09 -66.37 -10.29
N THR A 101 53.06 -66.07 -11.06
CA THR A 101 52.97 -66.55 -12.43
C THR A 101 54.05 -65.90 -13.29
N MET A 102 54.27 -66.47 -14.47
CA MET A 102 55.35 -66.00 -15.33
C MET A 102 55.22 -64.51 -15.64
N GLU A 103 54.00 -64.06 -15.95
CA GLU A 103 53.80 -62.65 -16.25
C GLU A 103 53.86 -61.81 -14.98
N GLU A 104 53.30 -62.33 -13.88
CA GLU A 104 53.48 -61.66 -12.59
C GLU A 104 54.94 -61.59 -12.21
N LEU A 105 55.68 -62.67 -12.46
CA LEU A 105 57.08 -62.71 -12.10
C LEU A 105 57.88 -61.67 -12.88
N ILE A 106 57.63 -61.59 -14.19
CA ILE A 106 58.28 -60.57 -15.01
C ILE A 106 57.93 -59.18 -14.50
N LYS A 107 56.65 -58.91 -14.26
CA LYS A 107 56.26 -57.56 -13.87
C LYS A 107 56.78 -57.18 -12.50
N ALA A 108 56.83 -58.13 -11.57
CA ALA A 108 57.34 -57.86 -10.24
C ALA A 108 58.85 -57.66 -10.25
N THR A 109 59.58 -58.47 -11.03
CA THR A 109 61.03 -58.32 -11.09
C THR A 109 61.48 -57.13 -11.92
N TYR A 110 60.64 -56.63 -12.83
CA TYR A 110 60.92 -55.32 -13.43
C TYR A 110 60.95 -54.22 -12.38
N ASN A 111 60.24 -54.44 -11.27
CA ASN A 111 60.29 -53.54 -10.11
C ASN A 111 60.06 -52.09 -10.50
N ASN A 112 59.09 -51.86 -11.37
CA ASN A 112 58.71 -50.52 -11.83
C ASN A 112 59.90 -49.77 -12.41
N GLY A 113 60.85 -50.50 -13.00
CA GLY A 113 61.96 -49.89 -13.71
C GLY A 113 63.29 -49.93 -13.00
N ASN A 114 63.42 -50.70 -11.92
CA ASN A 114 64.69 -50.90 -11.22
C ASN A 114 64.87 -52.41 -11.06
N PRO A 115 65.08 -53.12 -12.17
CA PRO A 115 64.87 -54.58 -12.18
C PRO A 115 65.66 -55.32 -11.10
N LEU A 116 65.00 -56.28 -10.48
CA LEU A 116 65.64 -57.19 -9.54
C LEU A 116 66.59 -58.13 -10.26
N PRO A 117 67.53 -58.74 -9.53
CA PRO A 117 68.44 -59.71 -10.15
C PRO A 117 67.77 -60.79 -10.99
N GLU A 118 66.53 -61.13 -10.68
CA GLU A 118 65.86 -62.24 -11.34
C GLU A 118 65.20 -61.85 -12.65
N PHE A 119 65.12 -60.55 -12.94
CA PHE A 119 64.34 -60.07 -14.08
C PHE A 119 64.88 -60.60 -15.40
N ASN A 120 66.19 -60.48 -15.62
CA ASN A 120 66.74 -60.81 -16.93
C ASN A 120 66.52 -62.28 -17.29
N ASN A 121 66.63 -63.19 -16.31
CA ASN A 121 66.42 -64.59 -16.60
C ASN A 121 64.96 -64.89 -16.90
N ALA A 122 64.04 -64.44 -16.05
CA ALA A 122 62.62 -64.68 -16.26
C ALA A 122 62.17 -64.09 -17.58
N ALA A 123 62.57 -62.86 -17.85
CA ALA A 123 62.18 -62.19 -19.08
C ALA A 123 62.75 -62.87 -20.31
N GLN A 124 64.01 -63.32 -20.27
CA GLN A 124 64.54 -64.03 -21.43
C GLN A 124 63.87 -65.38 -21.64
N VAL A 125 63.58 -66.10 -20.55
CA VAL A 125 62.83 -67.36 -20.67
C VAL A 125 61.50 -67.12 -21.37
N TYR A 126 60.75 -66.12 -20.91
CA TYR A 126 59.48 -65.79 -21.55
C TYR A 126 59.68 -65.37 -23.00
N ASN A 127 60.61 -64.44 -23.24
CA ASN A 127 60.82 -63.91 -24.58
C ASN A 127 61.15 -65.00 -25.57
N HIS A 128 61.96 -65.98 -25.17
CA HIS A 128 62.28 -67.07 -26.10
C HIS A 128 61.13 -68.05 -26.26
N ASP A 129 60.43 -68.38 -25.17
CA ASP A 129 59.19 -69.15 -25.32
C ASP A 129 58.27 -68.49 -26.34
N PHE A 130 58.16 -67.16 -26.28
CA PHE A 130 57.32 -66.42 -27.20
C PHE A 130 57.90 -66.43 -28.62
N PHE A 131 59.23 -66.37 -28.73
CA PHE A 131 59.88 -66.30 -30.02
C PHE A 131 59.72 -67.58 -30.81
N TRP A 132 59.88 -68.73 -30.16
CA TRP A 132 59.79 -69.99 -30.90
C TRP A 132 58.39 -70.18 -31.48
N GLU A 133 57.35 -69.88 -30.68
CA GLU A 133 55.99 -69.94 -31.20
C GLU A 133 55.68 -68.82 -32.18
N SER A 134 56.42 -67.71 -32.13
CA SER A 134 56.25 -66.65 -33.11
C SER A 134 56.79 -67.02 -34.49
N MET A 135 57.56 -68.10 -34.59
CA MET A 135 58.01 -68.60 -35.88
C MET A 135 57.33 -69.93 -36.17
N GLN A 136 57.36 -70.32 -37.44
CA GLN A 136 57.00 -71.68 -37.82
C GLN A 136 57.65 -72.00 -39.15
N PRO A 137 57.82 -73.27 -39.48
CA PRO A 137 58.03 -73.65 -40.87
C PRO A 137 56.83 -73.30 -41.74
N GLY A 138 57.10 -72.76 -42.92
CA GLY A 138 56.05 -72.25 -43.75
C GLY A 138 55.42 -70.95 -43.30
N GLY A 139 56.14 -70.16 -42.52
CA GLY A 139 55.63 -68.88 -42.06
C GLY A 139 55.39 -67.92 -43.20
N GLY A 140 54.11 -67.73 -43.55
CA GLY A 140 53.76 -67.10 -44.81
C GLY A 140 54.09 -65.62 -44.86
N ASP A 141 53.87 -65.06 -46.05
CA ASP A 141 54.16 -63.64 -46.28
C ASP A 141 53.10 -62.73 -45.68
N MET A 142 51.87 -63.21 -45.52
CA MET A 142 50.74 -62.34 -45.30
C MET A 142 49.81 -62.88 -44.21
N PRO A 143 49.37 -62.04 -43.28
CA PRO A 143 48.35 -62.48 -42.33
C PRO A 143 46.99 -62.61 -43.01
N GLN A 144 46.03 -63.15 -42.27
CA GLN A 144 44.67 -63.30 -42.76
C GLN A 144 43.70 -63.01 -41.64
N LYS A 145 42.43 -62.83 -42.01
CA LYS A 145 41.34 -62.59 -41.09
C LYS A 145 41.61 -61.44 -40.13
N GLY A 146 41.26 -61.64 -38.85
CA GLY A 146 41.26 -60.53 -37.91
C GLY A 146 42.60 -59.93 -37.59
N VAL A 147 43.69 -60.68 -37.82
CA VAL A 147 45.02 -60.09 -37.68
C VAL A 147 45.25 -59.09 -38.79
N LEU A 148 44.94 -59.47 -40.02
CA LEU A 148 45.11 -58.56 -41.14
C LEU A 148 44.20 -57.36 -41.00
N GLU A 149 42.94 -57.58 -40.61
CA GLU A 149 42.02 -56.48 -40.34
C GLU A 149 42.58 -55.50 -39.32
N GLN A 150 43.11 -56.03 -38.21
CA GLN A 150 43.63 -55.15 -37.16
C GLN A 150 44.88 -54.42 -37.61
N ILE A 151 45.78 -55.10 -38.31
CA ILE A 151 46.97 -54.44 -38.85
C ILE A 151 46.58 -53.32 -39.81
N GLU A 152 45.62 -53.59 -40.69
CA GLU A 152 45.20 -52.59 -41.67
C GLU A 152 44.43 -51.43 -41.06
N LYS A 153 43.77 -51.65 -39.92
CA LYS A 153 43.14 -50.51 -39.26
C LYS A 153 44.11 -49.74 -38.37
N ASP A 154 45.13 -50.41 -37.82
CA ASP A 154 46.05 -49.76 -36.90
C ASP A 154 47.31 -49.24 -37.57
N PHE A 155 47.76 -49.87 -38.66
CA PHE A 155 48.87 -49.37 -39.45
C PHE A 155 48.47 -48.80 -40.79
N GLY A 156 47.21 -48.93 -41.17
CA GLY A 156 46.76 -48.48 -42.48
C GLY A 156 46.99 -49.48 -43.58
N SER A 157 48.09 -50.22 -43.51
CA SER A 157 48.36 -51.29 -44.45
C SER A 157 49.39 -52.23 -43.86
N PHE A 158 49.40 -53.46 -44.37
CA PHE A 158 50.44 -54.40 -43.99
C PHE A 158 51.82 -53.95 -44.46
N THR A 159 51.88 -53.21 -45.56
CA THR A 159 53.17 -52.65 -45.98
C THR A 159 53.70 -51.65 -44.98
N ASN A 160 52.83 -50.78 -44.44
CA ASN A 160 53.24 -49.89 -43.37
C ASN A 160 53.68 -50.67 -42.13
N PHE A 161 52.99 -51.76 -41.82
CA PHE A 161 53.42 -52.62 -40.71
C PHE A 161 54.82 -53.17 -40.94
N ARG A 162 55.07 -53.73 -42.12
CA ARG A 162 56.40 -54.25 -42.42
C ARG A 162 57.45 -53.16 -42.34
N GLU A 163 57.16 -51.98 -42.86
CA GLU A 163 58.10 -50.87 -42.76
C GLU A 163 58.42 -50.53 -41.32
N LYS A 164 57.38 -50.41 -40.48
CA LYS A 164 57.61 -50.07 -39.08
C LYS A 164 58.37 -51.16 -38.34
N PHE A 165 58.05 -52.42 -38.61
CA PHE A 165 58.77 -53.53 -37.97
C PHE A 165 60.22 -53.60 -38.41
N THR A 166 60.48 -53.42 -39.72
CA THR A 166 61.85 -53.42 -40.21
C THR A 166 62.65 -52.25 -39.65
N ASN A 167 62.04 -51.06 -39.61
CA ASN A 167 62.75 -49.91 -39.05
C ASN A 167 63.02 -50.08 -37.57
N ALA A 168 62.07 -50.65 -36.82
CA ALA A 168 62.29 -50.91 -35.41
C ALA A 168 63.43 -51.90 -35.20
N ALA A 169 63.46 -52.98 -36.00
CA ALA A 169 64.49 -53.99 -35.83
C ALA A 169 65.86 -53.55 -36.36
N LEU A 170 65.89 -52.67 -37.36
CA LEU A 170 67.16 -52.10 -37.81
C LEU A 170 67.70 -51.06 -36.84
N THR A 171 66.82 -50.26 -36.24
CA THR A 171 67.28 -49.17 -35.38
C THR A 171 67.46 -49.60 -33.94
N GLN A 172 66.96 -50.76 -33.55
CA GLN A 172 67.29 -51.32 -32.25
C GLN A 172 68.80 -51.49 -32.16
N PHE A 173 69.41 -50.88 -31.14
CA PHE A 173 70.86 -50.86 -31.00
C PHE A 173 71.28 -51.81 -29.89
N GLY A 174 72.35 -52.56 -30.14
CA GLY A 174 72.72 -53.64 -29.27
C GLY A 174 71.75 -54.80 -29.36
N SER A 175 71.80 -55.62 -28.32
CA SER A 175 70.83 -56.71 -28.16
C SER A 175 69.46 -56.15 -27.82
N GLY A 176 68.43 -56.90 -28.20
CA GLY A 176 67.08 -56.44 -27.95
C GLY A 176 66.07 -57.29 -28.70
N TRP A 177 64.82 -56.86 -28.58
CA TRP A 177 63.66 -57.54 -29.12
C TRP A 177 62.82 -56.54 -29.88
N VAL A 178 62.06 -57.02 -30.86
CA VAL A 178 61.06 -56.18 -31.53
C VAL A 178 59.71 -56.88 -31.41
N TRP A 179 58.69 -56.13 -31.01
CA TRP A 179 57.40 -56.68 -30.65
C TRP A 179 56.31 -56.02 -31.47
N LEU A 180 55.44 -56.83 -32.06
CA LEU A 180 54.08 -56.43 -32.38
C LEU A 180 53.23 -56.71 -31.16
N VAL A 181 52.70 -55.64 -30.55
CA VAL A 181 51.98 -55.71 -29.30
C VAL A 181 50.58 -55.16 -29.50
N LEU A 182 49.64 -55.63 -28.70
CA LEU A 182 48.35 -54.99 -28.55
C LEU A 182 48.41 -54.11 -27.31
N LYS A 183 48.29 -52.80 -27.52
CA LYS A 183 48.18 -51.88 -26.40
C LYS A 183 46.87 -52.10 -25.67
N ARG A 184 46.90 -51.92 -24.35
CA ARG A 184 45.76 -52.30 -23.52
C ARG A 184 44.75 -51.17 -23.35
N GLU A 185 45.23 -49.95 -23.06
CA GLU A 185 44.31 -48.83 -22.92
C GLU A 185 43.87 -48.31 -24.29
N GLU A 186 44.82 -47.97 -25.15
CA GLU A 186 44.54 -47.82 -26.58
C GLU A 186 44.37 -49.19 -27.20
N ARG A 187 43.16 -49.52 -27.62
CA ARG A 187 42.87 -50.86 -28.13
C ARG A 187 43.40 -51.03 -29.56
N ARG A 188 44.72 -50.90 -29.70
CA ARG A 188 45.35 -50.84 -31.00
C ARG A 188 46.69 -51.58 -30.97
N LEU A 189 47.10 -52.07 -32.13
CA LEU A 189 48.43 -52.63 -32.30
C LEU A 189 49.50 -51.54 -32.37
N GLU A 190 50.68 -51.88 -31.89
CA GLU A 190 51.87 -51.04 -32.03
C GLU A 190 53.08 -51.94 -32.26
N VAL A 191 54.12 -51.36 -32.83
CA VAL A 191 55.43 -51.98 -32.89
C VAL A 191 56.33 -51.25 -31.90
N VAL A 192 56.92 -52.00 -30.97
CA VAL A 192 57.86 -51.45 -30.00
C VAL A 192 59.13 -52.28 -29.98
N LYS A 193 60.28 -51.60 -29.99
CA LYS A 193 61.56 -52.25 -29.76
C LYS A 193 61.98 -52.05 -28.31
N THR A 194 62.52 -53.11 -27.71
CA THR A 194 62.94 -53.06 -26.31
C THR A 194 64.34 -53.65 -26.18
N SER A 195 65.20 -52.95 -25.43
CA SER A 195 66.57 -53.39 -25.27
C SER A 195 66.69 -54.51 -24.25
N ASN A 196 67.73 -55.34 -24.44
CA ASN A 196 68.11 -56.45 -23.55
C ASN A 196 66.89 -57.33 -23.30
N ALA A 197 66.51 -57.58 -22.05
CA ALA A 197 65.44 -58.51 -21.72
C ALA A 197 64.07 -57.85 -21.63
N ILE A 198 64.01 -56.52 -21.64
CA ILE A 198 62.75 -55.81 -21.43
C ILE A 198 61.71 -56.33 -22.40
N ASN A 199 60.49 -56.51 -21.92
CA ASN A 199 59.40 -56.94 -22.78
C ASN A 199 58.12 -56.18 -22.43
N PRO A 200 57.14 -56.17 -23.34
CA PRO A 200 55.92 -55.37 -23.13
C PRO A 200 55.16 -55.68 -21.86
N LEU A 201 55.29 -56.87 -21.28
CA LEU A 201 54.53 -57.20 -20.08
C LEU A 201 54.85 -56.25 -18.93
N VAL A 202 56.05 -55.67 -18.91
CA VAL A 202 56.40 -54.71 -17.88
C VAL A 202 55.52 -53.46 -17.95
N TRP A 203 54.95 -53.18 -19.13
CA TRP A 203 53.98 -52.09 -19.30
C TRP A 203 52.55 -52.61 -19.34
N ASP A 204 52.34 -53.91 -19.09
CA ASP A 204 51.05 -54.56 -19.20
C ASP A 204 50.45 -54.47 -20.60
N ASP A 205 51.31 -54.35 -21.61
CA ASP A 205 50.90 -54.56 -22.99
C ASP A 205 50.98 -56.05 -23.32
N ILE A 206 50.10 -56.49 -24.23
CA ILE A 206 49.97 -57.90 -24.55
C ILE A 206 50.74 -58.16 -25.83
N PRO A 207 51.85 -58.90 -25.79
CA PRO A 207 52.62 -59.14 -27.01
C PRO A 207 51.92 -60.11 -27.94
N ILE A 208 52.06 -59.85 -29.24
CA ILE A 208 51.41 -60.65 -30.26
C ILE A 208 52.43 -61.38 -31.13
N ILE A 209 53.51 -60.70 -31.52
CA ILE A 209 54.60 -61.30 -32.27
C ILE A 209 55.90 -60.69 -31.74
N SER A 210 56.98 -61.46 -31.78
CA SER A 210 58.28 -60.87 -31.49
C SER A 210 59.37 -61.47 -32.37
N LEU A 211 60.37 -60.64 -32.64
CA LEU A 211 61.59 -61.01 -33.32
C LEU A 211 62.74 -60.79 -32.35
N ASP A 212 63.50 -61.85 -32.09
CA ASP A 212 64.76 -61.72 -31.38
C ASP A 212 65.77 -60.98 -32.24
N VAL A 213 66.38 -59.95 -31.67
CA VAL A 213 67.35 -59.11 -32.34
C VAL A 213 68.71 -59.16 -31.62
N TRP A 214 68.84 -60.07 -30.67
CA TRP A 214 70.15 -60.46 -30.17
C TRP A 214 70.97 -61.12 -31.27
N GLU A 215 72.25 -60.78 -31.32
CA GLU A 215 73.13 -61.32 -32.35
C GLU A 215 73.19 -62.84 -32.32
N HIS A 216 73.11 -63.45 -31.13
CA HIS A 216 73.14 -64.91 -31.05
C HIS A 216 72.00 -65.55 -31.83
N SER A 217 70.97 -64.80 -32.20
CA SER A 217 69.86 -65.36 -32.97
C SER A 217 70.11 -65.39 -34.46
N TYR A 218 71.03 -64.56 -34.98
CA TYR A 218 71.27 -64.53 -36.41
C TYR A 218 72.74 -64.57 -36.83
N TYR A 219 73.68 -64.37 -35.91
CA TYR A 219 75.07 -64.10 -36.32
C TYR A 219 75.68 -65.29 -37.06
N LEU A 220 75.33 -66.52 -36.67
CA LEU A 220 75.89 -67.67 -37.37
C LEU A 220 75.44 -67.71 -38.83
N ASP A 221 74.18 -67.39 -39.08
CA ASP A 221 73.63 -67.48 -40.42
C ASP A 221 73.83 -66.21 -41.24
N TYR A 222 73.85 -65.04 -40.58
CA TYR A 222 73.83 -63.77 -41.30
C TYR A 222 74.96 -62.83 -40.94
N LYS A 223 75.72 -63.11 -39.88
CA LYS A 223 76.78 -62.23 -39.38
C LYS A 223 76.26 -60.81 -39.24
N ASN A 224 76.93 -59.80 -39.80
CA ASN A 224 76.61 -58.40 -39.54
C ASN A 224 75.29 -57.95 -40.16
N GLU A 225 74.80 -58.62 -41.21
CA GLU A 225 73.67 -58.09 -41.97
C GLU A 225 72.37 -58.58 -41.33
N ARG A 226 72.03 -57.93 -40.22
CA ARG A 226 70.75 -58.13 -39.56
C ARG A 226 69.57 -57.90 -40.49
N GLY A 227 69.68 -56.95 -41.41
CA GLY A 227 68.57 -56.65 -42.30
C GLY A 227 68.09 -57.84 -43.10
N LYS A 228 69.00 -58.71 -43.52
CA LYS A 228 68.58 -59.91 -44.24
C LYS A 228 67.95 -60.93 -43.31
N TYR A 229 68.39 -60.99 -42.06
CA TYR A 229 67.71 -61.83 -41.08
C TYR A 229 66.29 -61.36 -40.82
N ILE A 230 66.12 -60.04 -40.66
CA ILE A 230 64.79 -59.47 -40.47
C ILE A 230 63.89 -59.76 -41.66
N ASN A 231 64.41 -59.56 -42.87
CA ASN A 231 63.63 -59.81 -44.07
C ASN A 231 63.27 -61.28 -44.22
N THR A 232 64.20 -62.18 -43.90
CA THR A 232 63.91 -63.60 -43.93
C THR A 232 62.86 -63.98 -42.89
N PHE A 233 62.94 -63.40 -41.70
CA PHE A 233 61.92 -63.65 -40.69
C PHE A 233 60.55 -63.22 -41.18
N LEU A 234 60.43 -61.99 -41.68
CA LEU A 234 59.13 -61.50 -42.13
C LEU A 234 58.60 -62.27 -43.33
N ASN A 235 59.48 -62.76 -44.20
CA ASN A 235 59.04 -63.47 -45.39
C ASN A 235 58.76 -64.95 -45.18
N HIS A 236 59.49 -65.60 -44.28
CA HIS A 236 59.54 -67.06 -44.26
C HIS A 236 59.38 -67.70 -42.90
N LEU A 237 59.46 -66.94 -41.81
CA LEU A 237 59.42 -67.53 -40.48
C LEU A 237 58.22 -67.10 -39.66
N VAL A 238 57.81 -65.83 -39.75
CA VAL A 238 56.80 -65.30 -38.83
C VAL A 238 55.53 -66.13 -38.92
N SER A 239 54.97 -66.47 -37.76
CA SER A 239 53.77 -67.31 -37.66
C SER A 239 52.58 -66.42 -37.40
N TRP A 240 51.86 -66.06 -38.46
CA TRP A 240 50.61 -65.33 -38.30
C TRP A 240 49.49 -66.17 -37.70
N ASN A 241 49.54 -67.51 -37.83
CA ASN A 241 48.64 -68.35 -37.04
C ASN A 241 48.86 -68.16 -35.55
N ALA A 242 50.12 -67.96 -35.16
CA ALA A 242 50.42 -67.64 -33.77
C ALA A 242 49.88 -66.26 -33.42
N ALA A 243 50.14 -65.27 -34.27
CA ALA A 243 49.57 -63.95 -34.05
C ALA A 243 48.06 -64.01 -33.86
N MET A 244 47.39 -64.89 -34.62
CA MET A 244 45.95 -65.07 -34.47
C MET A 244 45.59 -65.61 -33.08
N SER A 245 46.27 -66.67 -32.64
CA SER A 245 45.98 -67.19 -31.30
C SER A 245 46.32 -66.20 -30.19
N ARG A 246 47.36 -65.39 -30.37
CA ARG A 246 47.67 -64.35 -29.38
C ARG A 246 46.64 -63.24 -29.39
N MET A 247 46.17 -62.82 -30.56
CA MET A 247 45.08 -61.87 -30.63
C MET A 247 43.83 -62.40 -29.96
N ALA A 248 43.53 -63.68 -30.18
CA ALA A 248 42.35 -64.29 -29.56
C ALA A 248 42.45 -64.31 -28.04
N ARG A 249 43.63 -64.59 -27.50
CA ARG A 249 43.81 -64.46 -26.04
C ARG A 249 43.76 -63.01 -25.58
N ALA A 250 44.34 -62.09 -26.34
CA ALA A 250 44.30 -60.68 -25.97
C ALA A 250 42.87 -60.17 -25.90
N GLU A 251 42.01 -60.65 -26.81
CA GLU A 251 40.61 -60.25 -26.81
C GLU A 251 39.91 -60.60 -25.50
N ALA A 252 40.40 -61.59 -24.75
CA ALA A 252 39.86 -61.86 -23.43
C ALA A 252 40.11 -60.71 -22.46
N PHE A 253 41.07 -59.84 -22.74
CA PHE A 253 41.44 -58.76 -21.84
C PHE A 253 41.37 -57.38 -22.47
N VAL A 254 41.47 -57.28 -23.79
CA VAL A 254 41.42 -56.00 -24.50
C VAL A 254 40.41 -56.19 -25.63
N ASN A 255 39.15 -55.82 -25.37
CA ASN A 255 38.12 -55.95 -26.39
C ASN A 255 38.32 -54.87 -27.44
N LEU A 256 38.70 -55.29 -28.65
CA LEU A 256 39.07 -54.40 -29.73
C LEU A 256 38.05 -54.36 -30.84
N GLY A 257 36.90 -55.00 -30.66
CA GLY A 257 35.70 -54.61 -31.37
C GLY A 257 35.14 -53.31 -30.87
N GLU A 258 33.86 -53.06 -31.12
CA GLU A 258 33.18 -51.88 -30.60
C GLU A 258 31.75 -52.28 -30.25
N PRO A 259 31.15 -51.60 -29.26
CA PRO A 259 29.85 -52.04 -28.78
C PRO A 259 28.76 -51.82 -29.82
N ASN A 260 27.63 -52.46 -29.58
CA ASN A 260 26.39 -52.14 -30.28
C ASN A 260 25.49 -51.33 -29.36
N ILE A 261 25.17 -50.12 -29.78
CA ILE A 261 24.44 -49.16 -28.96
C ILE A 261 22.98 -49.19 -29.39
N PRO A 262 22.03 -49.45 -28.49
CA PRO A 262 20.63 -49.44 -28.87
C PRO A 262 20.14 -48.02 -29.16
N ILE A 263 19.07 -47.96 -29.94
CA ILE A 263 18.42 -46.68 -30.21
C ILE A 263 17.59 -46.25 -29.00
N ASP B 206 -43.27 -37.75 12.50
CA ASP B 206 -42.50 -37.06 11.49
C ASP B 206 -43.40 -36.34 10.50
N LYS B 207 -44.08 -37.11 9.66
CA LYS B 207 -44.92 -36.52 8.61
C LYS B 207 -45.94 -35.56 9.20
N LYS B 208 -46.68 -36.01 10.20
CA LYS B 208 -47.32 -35.12 11.15
C LYS B 208 -46.36 -34.80 12.29
N LEU B 209 -46.53 -33.61 12.86
CA LEU B 209 -45.71 -33.10 13.97
C LEU B 209 -44.25 -32.94 13.58
N GLY B 210 -43.94 -32.93 12.28
CA GLY B 210 -42.72 -32.31 11.81
C GLY B 210 -42.84 -30.81 11.66
N ARG B 211 -44.06 -30.32 11.51
CA ARG B 211 -44.38 -28.96 11.90
C ARG B 211 -44.40 -28.87 13.43
N PRO B 212 -44.33 -27.66 14.01
CA PRO B 212 -43.78 -27.50 15.35
C PRO B 212 -42.52 -28.29 15.72
N HIS B 213 -42.68 -29.40 16.46
CA HIS B 213 -41.63 -29.89 17.35
C HIS B 213 -40.37 -30.30 16.60
N PRO B 214 -39.25 -30.45 17.33
CA PRO B 214 -38.02 -30.99 16.73
C PRO B 214 -38.21 -32.36 16.10
N PHE B 215 -37.63 -32.52 14.91
CA PHE B 215 -37.72 -33.77 14.18
C PHE B 215 -36.51 -33.90 13.27
N ILE B 216 -36.16 -35.14 12.95
CA ILE B 216 -35.02 -35.41 12.08
C ILE B 216 -35.24 -34.76 10.73
N ASP B 217 -34.27 -33.95 10.28
CA ASP B 217 -34.44 -33.23 9.02
C ASP B 217 -34.72 -34.18 7.87
N PRO B 218 -33.89 -35.19 7.58
CA PRO B 218 -34.31 -36.19 6.59
C PRO B 218 -35.23 -37.20 7.25
N THR B 219 -36.27 -37.60 6.51
CA THR B 219 -37.27 -38.50 7.06
C THR B 219 -36.65 -39.87 7.37
N LYS B 220 -37.14 -40.51 8.42
CA LYS B 220 -36.60 -41.79 8.81
C LYS B 220 -36.90 -42.84 7.74
N LYS B 221 -36.04 -43.86 7.68
CA LYS B 221 -36.04 -44.92 6.67
C LYS B 221 -35.34 -44.49 5.39
N LYS B 222 -34.53 -43.43 5.45
CA LYS B 222 -33.82 -42.97 4.27
C LYS B 222 -32.86 -44.04 3.76
N GLN B 223 -32.71 -44.07 2.43
CA GLN B 223 -31.85 -45.04 1.77
C GLN B 223 -30.37 -44.65 1.90
N ILE B 224 -29.52 -45.67 1.75
CA ILE B 224 -28.07 -45.52 1.82
C ILE B 224 -27.49 -46.19 0.57
N GLU B 225 -26.30 -45.74 0.18
CA GLU B 225 -25.69 -46.19 -1.06
C GLU B 225 -24.25 -46.65 -0.85
N THR B 226 -23.80 -47.53 -1.74
CA THR B 226 -22.46 -48.12 -1.71
C THR B 226 -21.71 -47.65 -2.95
N THR B 227 -20.47 -47.21 -2.77
CA THR B 227 -19.72 -46.59 -3.85
C THR B 227 -18.36 -47.28 -4.03
N LEU B 228 -17.63 -46.79 -5.02
CA LEU B 228 -16.28 -47.23 -5.37
C LEU B 228 -15.39 -47.45 -4.15
N THR B 229 -14.94 -48.68 -4.00
CA THR B 229 -13.90 -48.98 -3.02
C THR B 229 -12.55 -48.57 -3.58
N SER B 230 -11.57 -48.43 -2.69
CA SER B 230 -10.19 -48.28 -3.11
C SER B 230 -9.77 -49.48 -3.95
N ASP B 231 -8.97 -49.21 -4.98
CA ASP B 231 -8.54 -49.97 -6.17
C ASP B 231 -9.59 -49.98 -7.27
N GLU B 232 -10.80 -49.48 -7.05
CA GLU B 232 -11.69 -49.12 -8.13
C GLU B 232 -11.58 -47.66 -8.55
N SER B 233 -10.69 -46.90 -7.92
CA SER B 233 -10.71 -45.44 -8.03
C SER B 233 -9.35 -44.92 -8.45
N TRP B 234 -9.37 -43.80 -9.19
CA TRP B 234 -8.15 -43.07 -9.51
C TRP B 234 -7.40 -42.68 -8.24
N TRP B 235 -6.08 -42.57 -8.37
CA TRP B 235 -5.23 -42.34 -7.22
C TRP B 235 -5.57 -41.04 -6.48
N ASN B 236 -6.07 -40.03 -7.19
CA ASN B 236 -6.44 -38.78 -6.55
C ASN B 236 -7.76 -38.87 -5.78
N TRP B 237 -8.56 -39.90 -6.04
CA TRP B 237 -9.81 -40.10 -5.33
C TRP B 237 -9.76 -41.38 -4.51
N ARG B 238 -8.73 -41.55 -3.70
CA ARG B 238 -8.61 -42.67 -2.78
C ARG B 238 -8.41 -42.13 -1.37
N LYS B 239 -9.10 -42.75 -0.42
CA LYS B 239 -8.80 -42.49 0.98
C LYS B 239 -7.46 -43.13 1.34
N PRO B 240 -6.57 -42.42 2.01
CA PRO B 240 -5.25 -42.96 2.30
C PRO B 240 -5.32 -44.13 3.27
N GLU B 241 -4.35 -45.02 3.17
CA GLU B 241 -4.38 -46.26 3.94
C GLU B 241 -4.13 -46.02 5.43
N LYS B 242 -3.68 -44.82 5.80
CA LYS B 242 -3.62 -44.40 7.19
C LYS B 242 -4.25 -43.02 7.30
N GLU B 243 -5.07 -42.84 8.33
CA GLU B 243 -5.73 -41.55 8.55
C GLU B 243 -4.69 -40.48 8.81
N GLN B 244 -4.70 -39.43 8.02
CA GLN B 244 -3.66 -38.41 8.05
C GLN B 244 -3.92 -37.39 9.14
N TRP B 245 -2.84 -36.93 9.77
CA TRP B 245 -2.95 -35.86 10.74
C TRP B 245 -3.32 -34.55 10.07
N SER B 246 -4.27 -33.83 10.67
CA SER B 246 -4.63 -32.50 10.22
C SER B 246 -4.88 -31.63 11.44
N ARG B 247 -4.43 -30.38 11.37
CA ARG B 247 -4.72 -29.42 12.43
C ARG B 247 -6.22 -29.23 12.61
N TRP B 248 -7.01 -29.44 11.56
CA TRP B 248 -8.45 -29.27 11.58
C TRP B 248 -9.20 -30.53 11.99
N GLN B 249 -8.50 -31.57 12.43
CA GLN B 249 -9.10 -32.86 12.70
C GLN B 249 -10.07 -32.84 13.87
N ARG B 250 -10.07 -31.80 14.68
CA ARG B 250 -10.74 -31.80 15.96
C ARG B 250 -11.85 -30.76 15.97
N ARG B 251 -13.06 -31.21 16.28
CA ARG B 251 -14.25 -30.36 16.26
C ARG B 251 -14.02 -29.06 17.02
N ARG B 252 -14.21 -27.95 16.33
CA ARG B 252 -14.06 -26.64 16.96
C ARG B 252 -15.04 -26.48 18.11
N PRO B 253 -14.60 -26.04 19.28
CA PRO B 253 -15.53 -25.77 20.39
C PRO B 253 -16.25 -24.44 20.17
N ASP B 254 -17.57 -24.49 20.25
CA ASP B 254 -18.41 -23.32 20.04
C ASP B 254 -19.31 -23.10 21.26
N VAL B 255 -19.63 -21.83 21.50
CA VAL B 255 -20.71 -21.48 22.42
C VAL B 255 -21.98 -22.23 22.09
N GLU B 256 -22.30 -22.34 20.79
CA GLU B 256 -23.52 -23.01 20.38
C GLU B 256 -23.51 -24.50 20.68
N THR B 257 -22.34 -25.12 20.79
CA THR B 257 -22.31 -26.53 21.15
C THR B 257 -22.59 -26.71 22.64
N VAL B 258 -22.02 -25.85 23.47
CA VAL B 258 -22.22 -26.00 24.91
C VAL B 258 -23.67 -25.69 25.26
N PHE B 259 -24.24 -24.63 24.67
CA PHE B 259 -25.63 -24.30 24.94
C PHE B 259 -26.57 -25.36 24.40
N LEU B 260 -26.32 -25.89 23.20
CA LEU B 260 -27.24 -26.88 22.66
C LEU B 260 -27.15 -28.21 23.41
N LYS B 261 -25.95 -28.57 23.91
CA LYS B 261 -25.86 -29.72 24.81
C LYS B 261 -26.61 -29.47 26.12
N ALA B 262 -26.46 -28.28 26.69
CA ALA B 262 -27.16 -27.98 27.94
C ALA B 262 -28.68 -27.96 27.77
N MET B 263 -29.16 -27.50 26.62
CA MET B 263 -30.59 -27.59 26.32
C MET B 263 -31.04 -29.02 26.10
N ALA B 264 -30.21 -29.84 25.45
CA ALA B 264 -30.55 -31.24 25.26
C ALA B 264 -30.65 -31.98 26.59
N GLU B 265 -29.69 -31.74 27.49
CA GLU B 265 -29.72 -32.42 28.80
C GLU B 265 -30.85 -31.92 29.69
N THR B 266 -31.25 -30.66 29.53
CA THR B 266 -32.44 -30.16 30.23
C THR B 266 -33.74 -30.56 29.55
N GLY B 267 -33.68 -31.22 28.40
CA GLY B 267 -34.85 -31.70 27.71
C GLY B 267 -35.62 -30.65 26.95
N GLN B 268 -35.13 -29.40 26.92
CA GLN B 268 -35.80 -28.38 26.12
C GLN B 268 -35.72 -28.73 24.64
N VAL B 269 -34.68 -29.47 24.25
CA VAL B 269 -34.46 -29.89 22.87
C VAL B 269 -34.01 -31.35 22.90
N LYS B 270 -34.16 -32.02 21.76
CA LYS B 270 -33.55 -33.31 21.54
C LYS B 270 -32.72 -33.26 20.27
N LEU B 271 -31.65 -34.04 20.25
CA LEU B 271 -30.66 -34.01 19.19
C LEU B 271 -30.51 -35.40 18.58
N TYR B 272 -30.05 -35.43 17.33
CA TYR B 272 -29.92 -36.69 16.62
C TYR B 272 -28.86 -37.58 17.26
N GLY B 273 -27.82 -36.99 17.84
CA GLY B 273 -26.81 -37.73 18.55
C GLY B 273 -26.40 -37.01 19.83
N LYS B 274 -25.42 -37.58 20.50
CA LYS B 274 -24.94 -37.02 21.77
C LYS B 274 -24.15 -35.73 21.58
N GLU B 275 -23.77 -35.39 20.35
CA GLU B 275 -23.00 -34.19 20.06
C GLU B 275 -23.72 -33.36 19.01
N PRO B 276 -23.88 -32.06 19.21
CA PRO B 276 -24.59 -31.23 18.23
C PRO B 276 -23.78 -31.04 16.96
N THR B 277 -24.37 -31.42 15.84
CA THR B 277 -23.75 -31.25 14.54
C THR B 277 -23.56 -29.76 14.23
N LEU B 278 -22.73 -29.47 13.22
CA LEU B 278 -22.56 -28.10 12.77
C LEU B 278 -23.83 -27.52 12.16
N THR B 279 -24.68 -28.36 11.56
CA THR B 279 -25.99 -27.89 11.12
C THR B 279 -26.85 -27.47 12.30
N GLU B 280 -26.89 -28.31 13.34
CA GLU B 280 -27.67 -27.97 14.52
C GLU B 280 -27.14 -26.71 15.20
N THR B 281 -25.82 -26.58 15.34
CA THR B 281 -25.28 -25.37 15.94
C THR B 281 -25.50 -24.13 15.06
N SER B 282 -25.53 -24.28 13.75
CA SER B 282 -25.88 -23.15 12.88
C SER B 282 -27.33 -22.74 13.04
N LEU B 283 -28.20 -23.72 13.28
CA LEU B 283 -29.60 -23.38 13.50
C LEU B 283 -29.78 -22.77 14.88
N TYR B 284 -29.09 -23.28 15.89
CA TYR B 284 -29.10 -22.64 17.20
C TYR B 284 -28.63 -21.20 17.05
N ARG B 285 -27.57 -20.97 16.27
CA ARG B 285 -27.11 -19.62 16.05
C ARG B 285 -28.22 -18.76 15.47
N ALA B 286 -29.05 -19.34 14.59
CA ALA B 286 -30.16 -18.60 14.01
C ALA B 286 -31.35 -18.41 14.95
N ARG B 287 -31.49 -19.22 16.01
CA ARG B 287 -32.74 -19.28 16.77
C ARG B 287 -32.61 -19.16 18.28
N ARG B 288 -31.38 -19.02 18.81
CA ARG B 288 -31.13 -19.04 20.24
C ARG B 288 -31.96 -18.06 21.04
N HIS B 289 -32.28 -16.89 20.49
CA HIS B 289 -33.06 -15.92 21.24
C HIS B 289 -34.46 -16.41 21.56
N LEU B 290 -35.01 -17.30 20.73
CA LEU B 290 -36.30 -17.89 21.06
C LEU B 290 -36.22 -18.74 22.31
N PHE B 291 -35.21 -19.60 22.39
CA PHE B 291 -35.05 -20.46 23.56
C PHE B 291 -34.65 -19.66 24.79
N LYS B 292 -33.89 -18.58 24.59
CA LYS B 292 -33.53 -17.71 25.71
C LYS B 292 -34.76 -17.04 26.31
N GLU B 293 -35.60 -16.46 25.45
CA GLU B 293 -36.82 -15.83 25.95
C GLU B 293 -37.80 -16.85 26.52
N GLU B 294 -37.82 -18.08 26.00
CA GLU B 294 -38.62 -19.12 26.61
C GLU B 294 -38.13 -19.48 28.01
N ARG B 295 -36.82 -19.56 28.19
CA ARG B 295 -36.27 -19.82 29.52
C ARG B 295 -36.52 -18.65 30.47
N LEU B 296 -36.37 -17.42 29.98
CA LEU B 296 -36.67 -16.26 30.82
C LEU B 296 -38.14 -16.22 31.22
N GLN B 297 -39.04 -16.60 30.30
CA GLN B 297 -40.45 -16.68 30.64
C GLN B 297 -40.74 -17.76 31.68
N ALA B 298 -40.11 -18.93 31.53
CA ALA B 298 -40.24 -19.95 32.57
C ALA B 298 -39.66 -19.48 33.89
N GLU B 299 -38.69 -18.58 33.86
CA GLU B 299 -38.13 -18.04 35.09
C GLU B 299 -39.07 -17.03 35.75
N ARG B 300 -39.68 -16.16 34.94
CA ARG B 300 -40.72 -15.27 35.44
C ARG B 300 -41.86 -16.06 36.06
N GLU B 301 -42.30 -17.12 35.37
CA GLU B 301 -43.41 -17.93 35.88
C GLU B 301 -43.03 -18.67 37.17
N ARG B 302 -41.77 -19.11 37.28
CA ARG B 302 -41.32 -19.70 38.54
C ARG B 302 -41.27 -18.66 39.65
N LEU B 303 -40.88 -17.43 39.32
CA LEU B 303 -40.97 -16.35 40.29
C LEU B 303 -42.40 -16.15 40.78
N ALA B 304 -43.34 -16.06 39.83
CA ALA B 304 -44.74 -15.85 40.20
C ALA B 304 -45.27 -16.98 41.07
N LYS B 305 -44.91 -18.23 40.76
CA LYS B 305 -45.36 -19.36 41.57
C LYS B 305 -44.71 -19.38 42.95
N GLU B 306 -43.38 -19.39 43.00
CA GLU B 306 -42.67 -19.57 44.26
C GLU B 306 -42.75 -18.36 45.18
N GLY B 307 -42.90 -17.15 44.64
CA GLY B 307 -42.77 -15.95 45.42
C GLY B 307 -41.32 -15.55 45.60
N PRO B 308 -41.10 -14.28 45.95
CA PRO B 308 -39.72 -13.77 45.93
C PRO B 308 -38.81 -14.42 46.95
N MET B 309 -39.34 -14.80 48.12
CA MET B 309 -38.50 -15.48 49.10
C MET B 309 -37.90 -16.76 48.54
N ALA B 310 -38.75 -17.65 48.02
CA ALA B 310 -38.27 -18.91 47.51
C ALA B 310 -37.45 -18.74 46.24
N PHE B 311 -37.80 -17.78 45.39
CA PHE B 311 -37.03 -17.56 44.18
C PHE B 311 -35.63 -17.05 44.51
N TYR B 312 -35.54 -15.91 45.19
CA TYR B 312 -34.25 -15.27 45.46
C TYR B 312 -33.43 -15.98 46.52
N SER B 313 -34.00 -16.91 47.29
CA SER B 313 -33.18 -17.70 48.20
C SER B 313 -32.16 -18.57 47.49
N GLU B 314 -32.29 -18.76 46.17
CA GLU B 314 -31.21 -19.37 45.40
C GLU B 314 -29.88 -18.66 45.60
N TRP B 315 -29.91 -17.35 45.80
CA TRP B 315 -28.70 -16.56 45.98
C TRP B 315 -28.54 -16.04 47.40
N VAL B 316 -29.13 -16.72 48.37
CA VAL B 316 -28.86 -16.43 49.78
C VAL B 316 -28.67 -17.75 50.50
N LYS B 317 -27.48 -18.36 50.35
CA LYS B 317 -27.18 -19.62 51.01
C LYS B 317 -27.31 -19.52 52.53
N ALA B 318 -27.02 -18.34 53.09
CA ALA B 318 -27.10 -18.12 54.53
C ALA B 318 -28.53 -18.10 55.06
N TRP B 319 -29.54 -18.04 54.20
CA TRP B 319 -30.94 -18.00 54.64
C TRP B 319 -31.46 -19.42 54.74
N LYS B 320 -31.46 -19.97 55.96
CA LYS B 320 -31.79 -21.37 56.19
C LYS B 320 -33.28 -21.60 56.42
N ARG B 321 -34.05 -20.54 56.68
CA ARG B 321 -35.45 -20.68 57.04
C ARG B 321 -36.30 -21.13 55.86
N ASP B 322 -37.50 -21.58 56.16
CA ASP B 322 -38.43 -22.00 55.11
C ASP B 322 -38.98 -20.79 54.38
N THR B 323 -38.91 -20.84 53.05
CA THR B 323 -39.21 -19.69 52.20
C THR B 323 -40.52 -19.83 51.42
N SER B 324 -41.17 -20.99 51.49
CA SER B 324 -42.44 -21.18 50.79
C SER B 324 -43.47 -20.15 51.23
N ARG B 325 -44.38 -19.82 50.29
CA ARG B 325 -45.42 -18.84 50.57
C ARG B 325 -46.20 -19.18 51.84
N GLU B 326 -46.46 -20.47 52.06
CA GLU B 326 -47.14 -20.89 53.28
C GLU B 326 -46.34 -20.54 54.51
N ALA B 327 -45.02 -20.79 54.48
CA ALA B 327 -44.19 -20.46 55.63
C ALA B 327 -44.03 -18.96 55.80
N VAL B 328 -43.99 -18.20 54.71
CA VAL B 328 -43.96 -16.75 54.81
C VAL B 328 -45.23 -16.22 55.48
N GLN B 329 -46.38 -16.78 55.10
CA GLN B 329 -47.63 -16.39 55.76
C GLN B 329 -47.63 -16.77 57.23
N LYS B 330 -47.28 -18.02 57.54
CA LYS B 330 -47.25 -18.48 58.93
C LYS B 330 -46.24 -17.73 59.78
N HIS B 331 -45.22 -17.13 59.16
CA HIS B 331 -44.29 -16.25 59.89
C HIS B 331 -44.85 -14.85 60.06
N PHE B 332 -45.57 -14.35 59.05
CA PHE B 332 -46.25 -13.07 59.19
C PHE B 332 -47.30 -13.12 60.29
N GLU B 333 -47.93 -14.28 60.46
CA GLU B 333 -48.97 -14.44 61.48
C GLU B 333 -48.42 -14.47 62.90
N GLU B 334 -47.12 -14.31 63.11
CA GLU B 334 -46.61 -14.09 64.47
C GLU B 334 -45.65 -12.93 64.55
N THR B 335 -44.58 -12.96 63.76
CA THR B 335 -43.52 -11.96 63.86
C THR B 335 -44.00 -10.58 63.39
N GLY B 336 -45.20 -10.48 62.83
CA GLY B 336 -45.71 -9.21 62.37
C GLY B 336 -45.01 -8.69 61.13
N GLU B 337 -43.83 -9.21 60.83
CA GLU B 337 -43.12 -8.88 59.60
C GLU B 337 -43.88 -9.42 58.41
N ASP B 338 -44.38 -8.52 57.56
CA ASP B 338 -44.95 -8.91 56.29
C ASP B 338 -43.88 -9.52 55.37
N GLU B 339 -44.35 -10.07 54.25
CA GLU B 339 -43.47 -10.70 53.27
C GLU B 339 -42.32 -9.78 52.88
N ASN B 340 -42.56 -8.48 52.77
CA ASN B 340 -41.51 -7.55 52.39
C ASN B 340 -40.43 -7.45 53.45
N THR B 341 -40.79 -7.38 54.74
CA THR B 341 -39.76 -7.30 55.76
C THR B 341 -38.97 -8.60 55.84
N GLN B 342 -39.63 -9.74 55.60
CA GLN B 342 -38.91 -11.01 55.54
C GLN B 342 -37.93 -11.01 54.37
N LEU B 343 -38.35 -10.49 53.23
CA LEU B 343 -37.48 -10.45 52.06
C LEU B 343 -36.29 -9.52 52.26
N ILE B 344 -36.53 -8.36 52.87
CA ILE B 344 -35.43 -7.47 53.26
C ILE B 344 -34.47 -8.17 54.21
N GLU B 345 -34.98 -8.97 55.14
CA GLU B 345 -34.08 -9.68 56.06
C GLU B 345 -33.27 -10.74 55.33
N MET B 346 -33.94 -11.52 54.48
CA MET B 346 -33.26 -12.53 53.69
C MET B 346 -32.13 -11.90 52.88
N PHE B 347 -32.43 -10.81 52.17
CA PHE B 347 -31.37 -10.12 51.44
C PHE B 347 -30.33 -9.54 52.37
N SER B 348 -30.70 -9.21 53.61
CA SER B 348 -29.73 -8.76 54.60
C SER B 348 -28.78 -9.87 54.99
N HIS B 349 -29.11 -11.12 54.69
CA HIS B 349 -28.17 -12.21 54.87
C HIS B 349 -27.40 -12.55 53.61
N GLN B 350 -27.76 -11.97 52.47
CA GLN B 350 -27.05 -12.20 51.22
C GLN B 350 -25.67 -11.55 51.23
N THR B 351 -24.65 -12.32 50.88
CA THR B 351 -23.30 -11.77 50.77
C THR B 351 -23.12 -11.04 49.44
N ASP B 352 -22.15 -10.12 49.43
CA ASP B 352 -21.86 -9.30 48.26
C ASP B 352 -21.63 -10.13 47.00
N ARG B 353 -20.88 -11.22 47.12
CA ARG B 353 -20.64 -12.08 45.96
C ARG B 353 -21.93 -12.75 45.48
N GLU B 354 -22.76 -13.20 46.42
CA GLU B 354 -24.05 -13.76 46.04
C GLU B 354 -24.92 -12.71 45.38
N TYR B 355 -24.91 -11.49 45.90
CA TYR B 355 -25.69 -10.42 45.29
C TYR B 355 -25.23 -10.13 43.87
N ARG B 356 -23.91 -10.07 43.65
CA ARG B 356 -23.40 -9.85 42.30
C ARG B 356 -23.80 -10.98 41.37
N ILE B 357 -23.86 -12.22 41.87
CA ILE B 357 -24.33 -13.31 41.03
C ILE B 357 -25.83 -13.17 40.74
N MET B 358 -26.60 -12.80 41.77
CA MET B 358 -28.04 -12.60 41.60
C MET B 358 -28.35 -11.51 40.59
N MET B 359 -27.50 -10.48 40.51
CA MET B 359 -27.72 -9.36 39.60
C MET B 359 -27.88 -9.79 38.15
N GLY B 360 -27.59 -11.05 37.82
CA GLY B 360 -28.01 -11.58 36.53
C GLY B 360 -29.51 -11.56 36.33
N THR B 361 -30.28 -11.66 37.40
CA THR B 361 -31.74 -11.58 37.35
C THR B 361 -32.26 -10.16 37.27
N ASP B 362 -31.39 -9.17 37.22
CA ASP B 362 -31.83 -7.78 37.05
C ASP B 362 -32.66 -7.65 35.79
N VAL B 363 -33.78 -6.92 35.92
CA VAL B 363 -34.77 -6.85 34.86
C VAL B 363 -34.21 -6.21 33.59
N ARG B 364 -33.11 -5.48 33.71
CA ARG B 364 -32.45 -4.90 32.55
C ARG B 364 -31.40 -5.83 31.96
N ILE B 365 -30.75 -6.62 32.81
CA ILE B 365 -29.72 -7.54 32.32
C ILE B 365 -30.35 -8.74 31.63
N LYS B 366 -31.36 -9.35 32.27
CA LYS B 366 -32.03 -10.53 31.76
C LYS B 366 -31.04 -11.61 31.32
N ARG B 367 -30.09 -11.90 32.21
CA ARG B 367 -29.11 -12.94 31.92
C ARG B 367 -29.81 -14.29 31.78
N ASP B 368 -29.32 -15.09 30.85
CA ASP B 368 -29.94 -16.38 30.54
C ASP B 368 -29.94 -17.26 31.78
N PRO B 369 -31.09 -17.77 32.21
CA PRO B 369 -31.13 -18.67 33.37
C PRO B 369 -30.20 -19.87 33.24
N LEU B 370 -29.90 -20.30 32.03
CA LEU B 370 -28.98 -21.40 31.83
C LEU B 370 -27.53 -20.95 31.96
N ALA B 371 -27.18 -19.81 31.39
CA ALA B 371 -25.84 -19.28 31.53
C ALA B 371 -25.50 -18.95 32.98
N MET B 372 -26.50 -18.61 33.79
CA MET B 372 -26.29 -18.40 35.21
C MET B 372 -25.99 -19.69 35.96
N ARG B 373 -26.29 -20.85 35.39
CA ARG B 373 -26.25 -22.09 36.12
C ARG B 373 -25.40 -23.19 35.47
N MET B 374 -24.83 -22.93 34.29
CA MET B 374 -23.80 -23.82 33.77
C MET B 374 -22.62 -23.87 34.72
N LYS B 375 -22.18 -25.09 35.04
CA LYS B 375 -21.04 -25.30 35.90
C LYS B 375 -19.72 -25.22 35.12
N GLU B 376 -18.64 -25.07 35.87
CA GLU B 376 -17.31 -24.84 35.28
C GLU B 376 -16.93 -25.89 34.25
N ASP B 377 -17.12 -27.17 34.57
CA ASP B 377 -16.71 -28.21 33.64
C ASP B 377 -17.49 -28.20 32.34
N GLN B 378 -18.60 -27.47 32.29
CA GLN B 378 -19.37 -27.30 31.07
C GLN B 378 -18.95 -26.04 30.32
N ILE B 379 -18.90 -24.91 31.02
CA ILE B 379 -18.45 -23.65 30.43
C ILE B 379 -17.06 -23.80 29.82
N LYS B 380 -16.20 -24.61 30.44
CA LYS B 380 -14.88 -24.92 29.87
C LYS B 380 -14.95 -25.31 28.41
N GLN B 381 -16.03 -25.98 27.99
CA GLN B 381 -16.14 -26.46 26.62
C GLN B 381 -16.41 -25.35 25.62
N ILE B 382 -16.58 -24.10 26.06
CA ILE B 382 -16.75 -23.00 25.12
C ILE B 382 -15.45 -22.76 24.36
N TRP B 383 -14.34 -22.68 25.07
CA TRP B 383 -13.03 -22.55 24.44
C TRP B 383 -12.34 -23.89 24.25
N GLY B 384 -12.79 -24.94 24.92
CA GLY B 384 -12.24 -26.27 24.71
C GLY B 384 -11.25 -26.71 25.76
N GLY B 385 -11.58 -26.49 27.03
CA GLY B 385 -10.73 -26.89 28.13
C GLY B 385 -9.50 -26.02 28.29
N ASP B 386 -8.70 -26.38 29.30
CA ASP B 386 -7.50 -25.63 29.61
C ASP B 386 -6.61 -25.48 28.38
N PRO B 387 -5.92 -24.36 28.23
CA PRO B 387 -4.97 -24.23 27.12
C PRO B 387 -3.85 -25.26 27.25
N VAL B 388 -3.42 -25.78 26.10
CA VAL B 388 -2.40 -26.83 26.09
C VAL B 388 -1.06 -26.29 26.60
N TYR B 389 -0.66 -25.12 26.14
CA TYR B 389 0.46 -24.41 26.72
C TYR B 389 0.01 -23.70 28.00
N PRO B 390 0.64 -23.97 29.15
CA PRO B 390 0.05 -23.56 30.42
C PRO B 390 0.19 -22.07 30.65
N THR B 391 -0.91 -21.44 31.09
CA THR B 391 -0.97 -20.00 31.23
C THR B 391 -0.01 -19.48 32.30
N ILE B 392 0.40 -20.32 33.24
CA ILE B 392 1.39 -19.96 34.25
C ILE B 392 2.68 -19.47 33.60
N ASN B 393 2.92 -19.85 32.35
CA ASN B 393 4.06 -19.30 31.62
C ASN B 393 3.86 -17.83 31.28
N TYR B 394 2.61 -17.40 31.13
CA TYR B 394 2.30 -16.01 30.84
C TYR B 394 2.08 -15.18 32.10
N ILE B 395 1.63 -15.79 33.19
CA ILE B 395 1.27 -15.02 34.38
C ILE B 395 2.50 -14.31 34.91
N GLN B 396 2.37 -13.03 35.17
CA GLN B 396 3.40 -12.23 35.82
C GLN B 396 2.73 -11.40 36.89
N ALA B 397 3.38 -11.27 38.03
CA ALA B 397 2.81 -10.44 39.09
C ALA B 397 2.92 -8.97 38.72
N PRO B 398 1.87 -8.19 38.97
CA PRO B 398 2.07 -6.74 39.13
C PRO B 398 2.94 -6.45 40.34
N ASP B 399 3.68 -5.34 40.25
CA ASP B 399 4.76 -4.86 41.13
C ASP B 399 5.95 -5.81 41.16
N ALA B 400 5.91 -6.87 40.36
CA ALA B 400 7.12 -7.63 40.09
C ALA B 400 8.15 -6.72 39.41
N VAL B 401 9.38 -6.75 39.90
CA VAL B 401 10.49 -6.06 39.28
C VAL B 401 11.33 -7.07 38.51
N MET B 402 11.65 -6.73 37.26
CA MET B 402 12.36 -7.67 36.40
C MET B 402 13.77 -7.89 36.92
N ASP B 403 14.13 -9.16 37.11
CA ASP B 403 15.51 -9.54 37.40
C ASP B 403 16.28 -9.58 36.09
N PHE B 404 16.92 -8.46 35.75
CA PHE B 404 17.72 -8.40 34.52
C PHE B 404 18.92 -9.33 34.57
N ARG B 405 19.20 -9.94 35.71
CA ARG B 405 20.21 -10.98 35.83
C ARG B 405 19.64 -12.37 35.65
N GLY B 406 18.35 -12.49 35.33
CA GLY B 406 17.71 -13.76 35.11
C GLY B 406 18.22 -14.44 33.86
N PRO B 407 17.83 -15.71 33.68
CA PRO B 407 18.42 -16.54 32.63
C PRO B 407 17.92 -16.27 31.22
N ASP B 408 17.13 -15.21 31.01
CA ASP B 408 16.64 -14.85 29.69
C ASP B 408 17.00 -13.41 29.35
N PHE B 409 18.11 -12.95 29.90
CA PHE B 409 18.72 -11.68 29.55
C PHE B 409 20.17 -11.90 29.15
N HIS B 410 20.66 -11.05 28.26
CA HIS B 410 22.07 -11.03 27.95
C HIS B 410 22.88 -10.62 29.17
N GLU B 411 24.16 -11.02 29.18
CA GLU B 411 25.06 -10.60 30.23
C GLU B 411 25.18 -9.07 30.23
N PRO B 412 25.24 -8.45 31.40
CA PRO B 412 25.20 -6.99 31.48
C PRO B 412 26.25 -6.33 30.59
N THR B 413 25.79 -5.43 29.74
CA THR B 413 26.71 -4.74 28.83
C THR B 413 27.65 -3.84 29.62
N PRO B 414 28.95 -3.92 29.39
CA PRO B 414 29.89 -3.10 30.15
C PRO B 414 29.88 -1.65 29.65
N ASN B 415 30.30 -0.76 30.55
CA ASN B 415 30.54 0.62 30.15
C ASN B 415 31.63 0.68 29.09
N MET B 416 31.35 1.41 28.00
CA MET B 416 32.23 1.39 26.84
C MET B 416 33.65 1.80 27.21
N LEU B 417 33.79 2.84 28.03
CA LEU B 417 35.13 3.22 28.49
C LEU B 417 35.74 2.14 29.37
N SER B 418 34.96 1.59 30.30
CA SER B 418 35.45 0.51 31.13
C SER B 418 35.90 -0.67 30.29
N TYR B 419 35.16 -0.99 29.24
CA TYR B 419 35.50 -2.11 28.38
C TYR B 419 36.77 -1.84 27.57
N LEU B 420 36.87 -0.64 26.98
CA LEU B 420 38.07 -0.30 26.22
C LEU B 420 39.31 -0.25 27.11
N LYS B 421 39.19 0.31 28.31
CA LYS B 421 40.29 0.29 29.26
C LYS B 421 40.67 -1.14 29.65
N GLU B 422 39.68 -1.97 29.95
CA GLU B 422 39.95 -3.35 30.34
C GLU B 422 40.73 -4.09 29.25
N ASN B 423 40.33 -3.91 28.00
CA ASN B 423 41.03 -4.50 26.87
C ASN B 423 42.31 -3.75 26.51
N CYS B 424 42.76 -2.83 27.38
CA CYS B 424 43.99 -2.07 27.19
C CYS B 424 44.01 -1.32 25.86
N LYS B 425 42.83 -0.96 25.36
CA LYS B 425 42.73 -0.19 24.12
C LYS B 425 42.80 1.31 24.38
N VAL B 426 42.34 1.77 25.54
CA VAL B 426 42.41 3.16 25.93
C VAL B 426 43.16 3.25 27.25
N ILE B 427 43.90 4.34 27.44
CA ILE B 427 44.77 4.50 28.60
C ILE B 427 44.38 5.75 29.37
N SER B 428 44.70 5.75 30.67
CA SER B 428 44.35 6.83 31.57
C SER B 428 45.52 7.78 31.82
N ARG B 429 46.72 7.24 32.05
CA ARG B 429 47.92 8.04 32.23
C ARG B 429 49.12 7.35 31.62
N ARG C 135 -69.05 -2.00 -32.19
CA ARG C 135 -70.01 -3.10 -32.06
C ARG C 135 -71.01 -2.82 -30.94
N ILE C 136 -70.83 -3.49 -29.82
CA ILE C 136 -71.79 -3.41 -28.72
C ILE C 136 -71.60 -2.10 -27.96
N ASN C 137 -72.71 -1.49 -27.55
CA ASN C 137 -72.69 -0.31 -26.70
C ASN C 137 -72.59 -0.71 -25.23
N GLU C 138 -72.24 0.28 -24.41
CA GLU C 138 -71.99 0.06 -22.99
C GLU C 138 -73.03 0.70 -22.08
N ASP C 139 -74.06 1.34 -22.65
CA ASP C 139 -75.03 2.09 -21.86
C ASP C 139 -75.71 1.23 -20.81
N GLU C 140 -75.80 -0.08 -21.03
CA GLU C 140 -76.34 -1.00 -20.05
C GLU C 140 -75.38 -2.14 -19.79
N PHE C 141 -74.10 -1.83 -19.64
CA PHE C 141 -73.09 -2.81 -19.26
C PHE C 141 -72.25 -2.30 -18.09
N HIS C 142 -72.00 -3.18 -17.13
CA HIS C 142 -70.98 -2.94 -16.12
C HIS C 142 -69.61 -3.02 -16.76
N LYS C 143 -68.88 -1.91 -16.70
CA LYS C 143 -67.49 -1.79 -17.14
C LYS C 143 -66.56 -2.23 -16.03
N ILE C 144 -66.42 -3.54 -15.86
CA ILE C 144 -65.55 -4.10 -14.82
C ILE C 144 -64.12 -3.98 -15.30
N SER C 145 -63.45 -2.89 -14.93
CA SER C 145 -62.10 -2.60 -15.39
C SER C 145 -61.11 -3.44 -14.59
N LEU C 146 -60.48 -4.41 -15.26
CA LEU C 146 -59.35 -5.12 -14.70
C LEU C 146 -58.05 -4.46 -15.15
N LEU C 147 -56.92 -5.05 -14.78
CA LEU C 147 -55.63 -4.51 -15.17
C LEU C 147 -55.41 -4.62 -16.68
N ASP C 148 -55.51 -5.83 -17.22
CA ASP C 148 -55.14 -6.09 -18.60
C ASP C 148 -56.30 -5.90 -19.57
N CYS C 149 -57.53 -5.77 -19.08
CA CYS C 149 -58.69 -5.61 -19.93
C CYS C 149 -59.84 -5.09 -19.09
N ASP C 150 -60.86 -4.59 -19.76
CA ASP C 150 -62.16 -4.36 -19.16
C ASP C 150 -63.14 -5.45 -19.61
N PHE C 151 -63.83 -6.05 -18.66
CA PHE C 151 -65.01 -6.83 -18.98
C PHE C 151 -66.24 -5.94 -19.09
N PHE C 152 -67.10 -6.26 -20.03
CA PHE C 152 -68.43 -5.68 -20.11
C PHE C 152 -69.43 -6.77 -19.78
N ILE C 153 -70.23 -6.54 -18.74
CA ILE C 153 -71.24 -7.48 -18.28
C ILE C 153 -72.59 -6.80 -18.46
N ARG C 154 -73.48 -7.40 -19.23
CA ARG C 154 -74.78 -6.77 -19.43
C ARG C 154 -75.55 -6.70 -18.11
N LYS C 155 -76.31 -5.62 -17.93
CA LYS C 155 -77.08 -5.42 -16.72
C LYS C 155 -78.51 -5.03 -17.05
N PRO C 156 -79.48 -5.55 -16.31
CA PRO C 156 -80.83 -4.99 -16.37
C PRO C 156 -80.90 -3.69 -15.58
N PRO C 157 -81.95 -2.89 -15.75
CA PRO C 157 -82.13 -1.72 -14.89
C PRO C 157 -82.49 -2.14 -13.47
N ASP C 158 -81.76 -1.58 -12.51
CA ASP C 158 -82.10 -1.70 -11.09
C ASP C 158 -81.61 -0.43 -10.41
N PRO C 159 -82.36 0.10 -9.44
CA PRO C 159 -81.95 1.35 -8.77
C PRO C 159 -80.53 1.32 -8.21
N ASP C 160 -80.04 0.15 -7.81
CA ASP C 160 -78.72 0.04 -7.21
C ASP C 160 -77.64 -0.38 -8.21
N ASN C 161 -78.01 -0.56 -9.49
CA ASN C 161 -77.08 -1.05 -10.51
C ASN C 161 -76.41 -2.36 -10.08
N ASP C 162 -77.22 -3.24 -9.48
CA ASP C 162 -76.70 -4.30 -8.61
C ASP C 162 -76.82 -5.68 -9.24
N VAL C 163 -77.31 -5.77 -10.48
CA VAL C 163 -77.82 -7.03 -11.04
C VAL C 163 -77.08 -7.30 -12.34
N TYR C 164 -76.80 -8.57 -12.60
CA TYR C 164 -75.91 -8.97 -13.67
C TYR C 164 -76.58 -10.03 -14.54
N ASP C 165 -76.34 -9.95 -15.85
CA ASP C 165 -76.97 -10.84 -16.82
C ASP C 165 -76.25 -12.18 -16.91
N PHE C 166 -74.92 -12.17 -16.83
CA PHE C 166 -74.08 -13.37 -16.91
C PHE C 166 -74.31 -14.19 -18.19
N ARG C 167 -74.86 -13.58 -19.24
CA ARG C 167 -74.88 -14.19 -20.56
C ARG C 167 -74.18 -13.35 -21.62
N GLU C 168 -74.48 -12.05 -21.68
CA GLU C 168 -73.87 -11.12 -22.64
C GLU C 168 -72.52 -10.66 -22.09
N MET C 169 -71.52 -11.52 -22.24
CA MET C 169 -70.17 -11.28 -21.73
C MET C 169 -69.28 -10.78 -22.86
N TYR C 170 -68.53 -9.70 -22.58
CA TYR C 170 -67.57 -9.21 -23.55
C TYR C 170 -66.29 -8.79 -22.84
N VAL C 171 -65.19 -8.84 -23.57
CA VAL C 171 -63.88 -8.43 -23.05
C VAL C 171 -63.22 -7.49 -24.05
N THR C 172 -62.56 -6.46 -23.53
CA THR C 172 -62.08 -5.36 -24.34
C THR C 172 -60.70 -4.94 -23.83
N PRO C 173 -59.71 -4.82 -24.70
CA PRO C 173 -58.43 -4.24 -24.26
C PRO C 173 -58.65 -2.85 -23.69
N PRO C 174 -57.78 -2.42 -22.75
CA PRO C 174 -58.20 -1.42 -21.74
C PRO C 174 -58.99 -0.22 -22.24
N ASP C 175 -58.71 0.24 -23.47
CA ASP C 175 -59.56 1.27 -24.06
C ASP C 175 -59.78 1.07 -25.56
N THR C 176 -59.48 -0.11 -26.09
CA THR C 176 -59.37 -0.28 -27.54
C THR C 176 -60.72 -0.31 -28.23
N ASP C 177 -61.82 -0.42 -27.47
CA ASP C 177 -63.18 -0.42 -28.03
C ASP C 177 -63.37 -1.54 -29.05
N ILE C 178 -62.76 -2.69 -28.76
CA ILE C 178 -62.93 -3.90 -29.55
C ILE C 178 -63.40 -4.99 -28.60
N TYR C 179 -64.24 -5.89 -29.10
CA TYR C 179 -64.97 -6.80 -28.23
C TYR C 179 -64.87 -8.24 -28.75
N SER C 180 -64.82 -9.18 -27.81
CA SER C 180 -65.00 -10.58 -28.09
C SER C 180 -65.56 -11.26 -26.84
N VAL C 181 -66.16 -12.43 -27.03
CA VAL C 181 -66.70 -13.19 -25.91
C VAL C 181 -65.56 -13.79 -25.10
N PRO C 182 -65.50 -13.52 -23.79
CA PRO C 182 -64.43 -14.09 -22.96
C PRO C 182 -64.60 -15.59 -22.77
N ARG C 183 -63.51 -16.23 -22.38
CA ARG C 183 -63.51 -17.68 -22.16
C ARG C 183 -64.32 -18.02 -20.92
N VAL C 184 -65.60 -18.33 -21.09
CA VAL C 184 -66.40 -18.89 -20.02
C VAL C 184 -65.97 -20.34 -19.78
N LEU C 185 -65.44 -20.61 -18.59
CA LEU C 185 -64.92 -21.92 -18.24
C LEU C 185 -65.84 -22.71 -17.30
N ALA C 186 -66.99 -22.16 -16.92
CA ALA C 186 -67.83 -22.81 -15.94
C ALA C 186 -69.29 -22.57 -16.30
N PRO C 187 -70.21 -23.42 -15.84
CA PRO C 187 -71.64 -23.09 -15.92
C PRO C 187 -71.95 -21.77 -15.25
N MET C 188 -72.71 -20.93 -15.94
CA MET C 188 -73.03 -19.60 -15.46
C MET C 188 -74.54 -19.38 -15.48
N PRO C 189 -75.06 -18.59 -14.54
CA PRO C 189 -76.52 -18.47 -14.38
C PRO C 189 -77.15 -17.69 -15.54
N GLN C 190 -78.08 -18.36 -16.22
CA GLN C 190 -78.76 -17.76 -17.37
C GLN C 190 -79.94 -16.88 -16.92
N LYS C 191 -79.88 -16.35 -15.71
CA LYS C 191 -80.95 -15.52 -15.18
C LYS C 191 -80.35 -14.33 -14.45
N TYR C 192 -81.03 -13.20 -14.54
CA TYR C 192 -80.62 -11.99 -13.83
C TYR C 192 -80.56 -12.23 -12.33
N ILE C 193 -79.38 -12.03 -11.75
CA ILE C 193 -79.16 -12.15 -10.31
C ILE C 193 -78.24 -11.02 -9.87
N ARG C 194 -78.28 -10.73 -8.59
CA ARG C 194 -77.60 -9.55 -8.04
C ARG C 194 -76.38 -9.99 -7.23
N CYS C 195 -75.28 -9.27 -7.41
CA CYS C 195 -74.00 -9.66 -6.84
C CYS C 195 -73.26 -8.43 -6.32
N ALA C 196 -72.55 -8.61 -5.22
CA ALA C 196 -71.47 -7.70 -4.85
C ALA C 196 -70.25 -7.96 -5.73
N MET C 197 -69.41 -6.94 -5.89
CA MET C 197 -68.19 -7.08 -6.65
C MET C 197 -67.00 -6.52 -5.87
N SER C 198 -65.86 -7.19 -6.00
CA SER C 198 -64.65 -6.79 -5.29
C SER C 198 -63.44 -7.17 -6.13
N ASP C 199 -62.34 -6.47 -5.89
CA ASP C 199 -61.13 -6.63 -6.69
C ASP C 199 -60.04 -7.32 -5.87
N TYR C 200 -59.45 -8.36 -6.45
CA TYR C 200 -58.31 -9.07 -5.85
C TYR C 200 -56.99 -8.44 -6.25
N GLY C 201 -56.98 -7.13 -6.51
CA GLY C 201 -55.79 -6.49 -7.03
C GLY C 201 -54.68 -6.39 -6.01
N CYS C 202 -53.45 -6.48 -6.51
CA CYS C 202 -52.29 -6.03 -5.76
C CYS C 202 -52.19 -4.50 -5.83
N TYR C 203 -51.42 -3.92 -4.92
CA TYR C 203 -50.83 -2.63 -5.19
C TYR C 203 -49.49 -2.81 -5.91
N ASP C 204 -49.10 -1.78 -6.66
CA ASP C 204 -47.72 -1.68 -7.12
C ASP C 204 -47.24 -0.24 -6.96
N VAL C 205 -46.03 -0.09 -6.41
CA VAL C 205 -45.38 1.22 -6.34
C VAL C 205 -44.64 1.43 -7.66
N THR C 206 -45.26 2.21 -8.57
CA THR C 206 -44.65 2.49 -9.85
C THR C 206 -43.28 3.17 -9.69
N GLU C 207 -43.12 3.97 -8.64
CA GLU C 207 -41.85 4.60 -8.26
C GLU C 207 -41.08 5.13 -9.48
N PRO C 208 -41.70 5.98 -10.29
CA PRO C 208 -41.10 6.35 -11.58
C PRO C 208 -39.88 7.23 -11.39
N PRO C 209 -39.05 7.36 -12.43
CA PRO C 209 -38.02 8.41 -12.39
C PRO C 209 -38.64 9.79 -12.47
N ILE C 210 -37.99 10.74 -11.81
CA ILE C 210 -38.56 12.08 -11.59
C ILE C 210 -37.75 13.09 -12.38
N ASP C 211 -38.44 13.86 -13.22
CA ASP C 211 -37.85 14.98 -13.94
C ASP C 211 -37.91 16.25 -13.10
N ALA C 212 -37.25 17.29 -13.61
CA ALA C 212 -37.03 18.51 -12.84
C ALA C 212 -38.28 19.19 -12.27
N PRO C 213 -39.47 19.17 -12.90
CA PRO C 213 -40.57 19.98 -12.34
C PRO C 213 -41.29 19.30 -11.17
N ARG C 214 -40.53 18.99 -10.12
CA ARG C 214 -41.04 18.37 -8.90
C ARG C 214 -41.93 17.17 -9.18
N ASP C 215 -41.52 16.34 -10.12
CA ASP C 215 -42.21 15.08 -10.36
C ASP C 215 -42.26 14.27 -9.07
N PRO C 216 -43.36 13.58 -8.78
CA PRO C 216 -43.54 12.99 -7.45
C PRO C 216 -42.62 11.79 -7.26
N LEU C 217 -41.85 11.82 -6.16
CA LEU C 217 -40.88 10.77 -5.89
C LEU C 217 -41.51 9.44 -5.52
N TYR C 218 -42.84 9.33 -5.49
CA TYR C 218 -43.52 8.05 -5.49
C TYR C 218 -44.70 8.09 -6.45
N LYS C 219 -45.07 6.92 -6.95
CA LYS C 219 -46.42 6.65 -7.42
C LYS C 219 -46.80 5.23 -7.02
N SER C 220 -48.05 5.05 -6.60
CA SER C 220 -48.57 3.73 -6.27
C SER C 220 -49.97 3.59 -6.84
N GLU C 221 -50.25 2.44 -7.44
CA GLU C 221 -51.47 2.23 -8.19
C GLU C 221 -52.00 0.82 -7.94
N ARG C 222 -53.33 0.71 -7.91
CA ARG C 222 -53.98 -0.58 -7.82
C ARG C 222 -53.90 -1.32 -9.15
N GLU C 223 -53.55 -2.60 -9.09
CA GLU C 223 -53.46 -3.48 -10.25
C GLU C 223 -54.41 -4.64 -9.99
N ILE C 224 -55.62 -4.55 -10.57
CA ILE C 224 -56.67 -5.53 -10.34
C ILE C 224 -56.37 -6.76 -11.17
N SER C 225 -55.60 -7.69 -10.60
CA SER C 225 -55.33 -8.95 -11.29
C SER C 225 -56.56 -9.82 -11.42
N LYS C 226 -57.52 -9.68 -10.51
CA LYS C 226 -58.65 -10.60 -10.50
C LYS C 226 -59.81 -9.93 -9.77
N VAL C 227 -61.04 -10.35 -10.11
CA VAL C 227 -62.25 -9.83 -9.47
C VAL C 227 -63.14 -10.97 -9.01
N PHE C 228 -63.80 -10.78 -7.87
CA PHE C 228 -64.79 -11.71 -7.34
C PHE C 228 -66.17 -11.06 -7.40
N LEU C 229 -67.15 -11.81 -7.91
CA LEU C 229 -68.56 -11.43 -7.90
C LEU C 229 -69.31 -12.41 -7.01
N THR C 230 -69.90 -11.91 -5.93
CA THR C 230 -70.47 -12.74 -4.89
C THR C 230 -71.98 -12.56 -4.87
N LYS C 231 -72.70 -13.64 -5.16
CA LYS C 231 -74.16 -13.66 -5.12
C LYS C 231 -74.68 -13.14 -3.78
N HIS C 232 -75.78 -12.41 -3.84
CA HIS C 232 -76.55 -12.10 -2.64
C HIS C 232 -77.54 -13.21 -2.36
N TYR C 233 -77.64 -13.60 -1.08
CA TYR C 233 -78.56 -14.65 -0.69
C TYR C 233 -80.01 -14.24 -0.99
N ARG C 234 -80.75 -15.15 -1.62
CA ARG C 234 -82.12 -14.91 -2.09
C ARG C 234 -82.25 -13.66 -2.95
N ASN C 235 -81.13 -13.17 -3.51
CA ASN C 235 -81.09 -11.88 -4.20
C ASN C 235 -81.64 -10.76 -3.31
N ARG C 236 -81.35 -10.84 -2.03
CA ARG C 236 -81.76 -9.78 -1.11
C ARG C 236 -81.00 -8.50 -1.40
N ARG C 237 -81.69 -7.37 -1.24
CA ARG C 237 -81.08 -6.07 -1.44
C ARG C 237 -80.20 -5.70 -0.26
N LEU C 238 -79.22 -4.82 -0.53
CA LEU C 238 -78.21 -4.46 0.47
C LEU C 238 -78.84 -3.96 1.77
N ASN C 239 -80.03 -3.38 1.70
CA ASN C 239 -80.69 -2.83 2.87
C ASN C 239 -81.61 -3.81 3.57
N ASP C 240 -81.82 -5.00 3.02
CA ASP C 240 -82.71 -5.96 3.65
C ASP C 240 -82.14 -6.40 5.00
N PRO C 241 -82.99 -6.54 6.03
CA PRO C 241 -82.47 -6.96 7.34
C PRO C 241 -81.69 -8.25 7.31
N GLU C 242 -82.12 -9.22 6.49
CA GLU C 242 -81.47 -10.51 6.37
C GLU C 242 -80.50 -10.56 5.19
N PHE C 243 -79.98 -9.42 4.76
CA PHE C 243 -78.97 -9.41 3.71
C PHE C 243 -77.76 -10.24 4.09
N VAL C 244 -77.41 -11.19 3.21
CA VAL C 244 -76.27 -12.07 3.40
C VAL C 244 -75.64 -12.31 2.04
N LEU C 245 -74.31 -12.35 1.98
CA LEU C 245 -73.61 -12.81 0.80
C LEU C 245 -73.69 -14.33 0.70
N ASP C 246 -74.11 -14.82 -0.46
CA ASP C 246 -74.20 -16.26 -0.72
C ASP C 246 -72.86 -16.76 -1.25
N PHE C 247 -71.93 -16.98 -0.33
CA PHE C 247 -70.59 -17.44 -0.69
C PHE C 247 -70.60 -18.77 -1.44
N GLU C 248 -71.72 -19.48 -1.48
CA GLU C 248 -71.83 -20.66 -2.32
C GLU C 248 -71.68 -20.35 -3.80
N GLU C 249 -71.95 -19.12 -4.21
CA GLU C 249 -72.00 -18.73 -5.62
C GLU C 249 -71.08 -17.53 -5.84
N ILE C 250 -69.80 -17.80 -6.03
CA ILE C 250 -68.81 -16.78 -6.36
C ILE C 250 -68.32 -17.03 -7.78
N TYR C 251 -68.38 -16.00 -8.61
CA TYR C 251 -67.84 -16.04 -9.96
C TYR C 251 -66.57 -15.21 -10.04
N VAL C 252 -65.52 -15.78 -10.60
CA VAL C 252 -64.18 -15.23 -10.55
C VAL C 252 -63.79 -14.82 -11.96
N ILE C 253 -63.36 -13.56 -12.11
CA ILE C 253 -62.95 -13.00 -13.39
C ILE C 253 -61.44 -12.80 -13.33
N ASP C 254 -60.72 -13.39 -14.28
CA ASP C 254 -59.28 -13.33 -14.33
C ASP C 254 -58.85 -12.45 -15.49
N SER C 255 -58.03 -11.43 -15.16
CA SER C 255 -57.58 -10.44 -16.12
C SER C 255 -56.64 -11.02 -17.17
N LYS C 256 -55.80 -11.97 -16.78
CA LYS C 256 -54.70 -12.38 -17.63
C LYS C 256 -55.02 -13.61 -18.47
N THR C 257 -55.88 -14.48 -17.98
CA THR C 257 -56.45 -15.54 -18.79
C THR C 257 -57.74 -15.09 -19.46
N LYS C 258 -58.15 -13.84 -19.24
CA LYS C 258 -59.31 -13.24 -19.89
C LYS C 258 -60.54 -14.13 -19.70
N SER C 259 -60.75 -14.59 -18.47
CA SER C 259 -61.61 -15.75 -18.28
C SER C 259 -62.55 -15.58 -17.10
N ILE C 260 -63.61 -16.38 -17.11
CA ILE C 260 -64.58 -16.45 -16.03
C ILE C 260 -64.64 -17.88 -15.52
N THR C 261 -64.84 -18.04 -14.21
CA THR C 261 -64.90 -19.34 -13.59
C THR C 261 -65.92 -19.27 -12.46
N ARG C 262 -66.45 -20.42 -12.05
CA ARG C 262 -67.28 -20.51 -10.85
C ARG C 262 -66.46 -21.16 -9.75
N ALA C 263 -66.36 -20.46 -8.61
CA ALA C 263 -65.49 -20.90 -7.52
C ALA C 263 -66.01 -22.19 -6.90
N ARG C 264 -65.16 -23.22 -6.86
CA ARG C 264 -65.46 -24.47 -6.18
C ARG C 264 -65.12 -24.33 -4.69
N VAL C 265 -65.97 -23.59 -3.99
CA VAL C 265 -65.75 -23.34 -2.57
C VAL C 265 -65.96 -24.62 -1.76
N LEU C 266 -65.15 -24.79 -0.72
CA LEU C 266 -65.32 -25.85 0.26
C LEU C 266 -65.90 -25.28 1.54
N VAL C 267 -66.87 -25.98 2.13
CA VAL C 267 -67.54 -25.55 3.34
C VAL C 267 -67.10 -26.43 4.50
N THR C 268 -66.54 -25.81 5.53
CA THR C 268 -66.17 -26.48 6.77
C THR C 268 -67.25 -26.42 7.84
N VAL C 269 -68.45 -25.94 7.50
CA VAL C 269 -69.40 -25.56 8.55
C VAL C 269 -70.39 -26.70 8.78
N PRO C 270 -70.71 -27.04 10.04
CA PRO C 270 -71.69 -28.09 10.32
C PRO C 270 -73.13 -27.70 10.04
N GLY C 271 -73.72 -28.23 8.97
CA GLY C 271 -75.11 -27.93 8.66
C GLY C 271 -75.47 -27.91 7.20
N GLY C 272 -74.49 -28.10 6.32
CA GLY C 272 -74.77 -28.16 4.89
C GLY C 272 -75.52 -26.94 4.39
N ARG C 273 -76.64 -27.18 3.70
CA ARG C 273 -77.37 -26.13 3.02
C ARG C 273 -78.32 -25.38 3.95
N LYS C 274 -78.74 -25.99 5.06
CA LYS C 274 -79.73 -25.42 5.96
C LYS C 274 -79.09 -24.78 7.19
N ARG C 275 -77.85 -24.34 7.09
CA ARG C 275 -77.15 -23.77 8.23
C ARG C 275 -77.37 -22.26 8.26
N ASP C 276 -77.06 -21.65 9.41
CA ASP C 276 -77.16 -20.21 9.55
C ASP C 276 -76.03 -19.57 8.77
N ARG C 277 -76.37 -18.83 7.72
CA ARG C 277 -75.39 -18.26 6.80
C ARG C 277 -74.86 -16.90 7.25
N LYS C 278 -75.41 -16.34 8.33
CA LYS C 278 -74.91 -15.06 8.83
C LYS C 278 -73.51 -15.19 9.41
N ASP C 279 -73.19 -16.34 9.98
CA ASP C 279 -71.90 -16.54 10.64
C ASP C 279 -70.83 -17.08 9.70
N ASP C 280 -71.18 -17.36 8.44
CA ASP C 280 -70.18 -17.81 7.48
C ASP C 280 -69.19 -16.70 7.16
N LEU C 281 -67.92 -17.08 7.01
CA LEU C 281 -66.85 -16.17 6.63
C LEU C 281 -66.07 -16.86 5.52
N LEU C 282 -65.92 -16.17 4.38
CA LEU C 282 -65.17 -16.74 3.27
C LEU C 282 -63.70 -16.39 3.37
N VAL C 283 -62.85 -17.41 3.26
CA VAL C 283 -61.41 -17.25 3.08
C VAL C 283 -61.10 -17.51 1.62
N ILE C 284 -60.29 -16.66 1.00
CA ILE C 284 -59.79 -16.89 -0.35
C ILE C 284 -58.27 -16.89 -0.31
N ARG C 285 -57.69 -17.80 -1.07
CA ARG C 285 -56.29 -18.19 -0.90
C ARG C 285 -55.76 -18.64 -2.26
N ASP C 286 -54.45 -18.87 -2.30
CA ASP C 286 -53.79 -19.47 -3.47
C ASP C 286 -54.05 -18.65 -4.73
N ASN C 287 -53.74 -17.35 -4.67
CA ASN C 287 -53.97 -16.42 -5.77
C ASN C 287 -55.44 -16.38 -6.18
N GLY C 288 -56.33 -16.57 -5.22
CA GLY C 288 -57.75 -16.63 -5.52
C GLY C 288 -58.21 -17.91 -6.19
N ASN C 289 -57.40 -18.96 -6.15
CA ASN C 289 -57.81 -20.26 -6.66
C ASN C 289 -58.48 -21.14 -5.61
N SER C 290 -58.40 -20.78 -4.33
CA SER C 290 -58.92 -21.63 -3.26
C SER C 290 -59.88 -20.86 -2.38
N PHE C 291 -61.04 -21.46 -2.10
CA PHE C 291 -62.12 -20.80 -1.37
C PHE C 291 -62.57 -21.74 -0.26
N LYS C 292 -62.73 -21.20 0.96
CA LYS C 292 -63.12 -22.02 2.10
C LYS C 292 -64.05 -21.23 3.01
N ILE C 293 -65.24 -21.78 3.26
CA ILE C 293 -66.21 -21.15 4.15
C ILE C 293 -65.94 -21.67 5.56
N ILE C 294 -65.69 -20.74 6.49
CA ILE C 294 -65.30 -21.08 7.86
C ILE C 294 -66.16 -20.27 8.82
N HIS C 295 -66.36 -20.81 10.02
CA HIS C 295 -67.20 -20.13 11.00
C HIS C 295 -66.57 -18.82 11.42
N VAL C 296 -67.42 -17.82 11.72
CA VAL C 296 -66.92 -16.48 11.98
C VAL C 296 -65.96 -16.46 13.16
N GLY C 297 -66.25 -17.27 14.18
CA GLY C 297 -65.39 -17.28 15.36
C GLY C 297 -63.97 -17.73 15.05
N GLU C 298 -63.83 -18.70 14.16
CA GLU C 298 -62.53 -19.32 13.90
C GLU C 298 -61.50 -18.34 13.35
N ARG C 299 -61.91 -17.43 12.46
CA ARG C 299 -61.03 -16.47 11.76
C ARG C 299 -59.68 -16.24 12.45
N ASP C 300 -58.63 -16.84 11.89
CA ASP C 300 -57.28 -16.55 12.34
C ASP C 300 -57.04 -15.04 12.38
N ASP C 301 -56.26 -14.60 13.35
CA ASP C 301 -55.89 -13.19 13.40
C ASP C 301 -54.96 -12.85 12.25
N PRO C 302 -55.01 -11.61 11.77
CA PRO C 302 -54.06 -11.18 10.73
C PRO C 302 -52.61 -11.42 11.11
N THR C 303 -52.29 -11.17 12.38
CA THR C 303 -50.93 -11.41 12.87
C THR C 303 -50.53 -12.87 12.69
N THR C 304 -51.33 -13.81 13.20
CA THR C 304 -50.95 -15.21 13.11
C THR C 304 -51.00 -15.73 11.67
N VAL C 305 -51.81 -15.13 10.81
CA VAL C 305 -51.76 -15.44 9.38
C VAL C 305 -50.40 -15.07 8.80
N ILE C 306 -49.99 -13.81 9.00
CA ILE C 306 -48.71 -13.36 8.43
C ILE C 306 -47.57 -14.15 9.03
N GLU C 307 -47.61 -14.39 10.34
CA GLU C 307 -46.59 -15.19 11.01
C GLU C 307 -46.51 -16.60 10.44
N ARG C 308 -47.65 -17.25 10.20
CA ARG C 308 -47.63 -18.59 9.65
C ARG C 308 -47.12 -18.62 8.22
N GLU C 309 -47.41 -17.59 7.42
CA GLU C 309 -46.88 -17.55 6.07
C GLU C 309 -45.37 -17.31 6.08
N GLU C 310 -44.90 -16.40 6.93
CA GLU C 310 -43.47 -16.19 7.09
C GLU C 310 -42.77 -17.45 7.56
N TRP C 311 -43.38 -18.16 8.51
CA TRP C 311 -42.76 -19.36 9.06
C TRP C 311 -42.67 -20.46 8.02
N THR C 312 -43.76 -20.72 7.30
CA THR C 312 -43.73 -21.73 6.24
C THR C 312 -42.83 -21.35 5.07
N LYS C 313 -42.53 -20.06 4.87
CA LYS C 313 -41.52 -19.68 3.90
C LYS C 313 -40.11 -19.91 4.43
N THR C 314 -39.81 -19.33 5.59
CA THR C 314 -38.46 -19.36 6.14
C THR C 314 -38.04 -20.77 6.52
N ARG C 315 -38.99 -21.65 6.85
CA ARG C 315 -38.65 -23.05 7.11
C ARG C 315 -38.08 -23.74 5.87
N GLU C 316 -38.68 -23.49 4.70
CA GLU C 316 -38.16 -24.08 3.48
C GLU C 316 -36.87 -23.42 3.05
N ASP C 317 -36.77 -22.10 3.20
CA ASP C 317 -35.50 -21.42 2.90
C ASP C 317 -34.36 -21.91 3.80
N MET C 318 -34.65 -22.13 5.08
CA MET C 318 -33.63 -22.58 6.01
C MET C 318 -33.22 -24.02 5.76
N GLU C 319 -34.18 -24.90 5.44
CA GLU C 319 -33.80 -26.24 5.00
C GLU C 319 -32.95 -26.20 3.73
N LYS C 320 -33.38 -25.41 2.74
CA LYS C 320 -32.62 -25.27 1.51
C LYS C 320 -31.21 -24.76 1.75
N HIS C 321 -31.00 -23.98 2.82
CA HIS C 321 -29.65 -23.55 3.16
C HIS C 321 -28.87 -24.62 3.90
N LEU C 322 -29.46 -25.16 4.98
CA LEU C 322 -28.77 -26.15 5.80
C LEU C 322 -28.41 -27.41 5.02
N ARG C 323 -29.15 -27.73 3.97
CA ARG C 323 -28.91 -28.97 3.23
C ARG C 323 -27.50 -29.06 2.65
N LYS C 324 -26.84 -27.92 2.42
CA LYS C 324 -25.50 -27.95 1.87
C LYS C 324 -24.44 -28.49 2.84
N LEU C 325 -24.77 -28.59 4.13
CA LEU C 325 -23.81 -29.08 5.10
C LEU C 325 -23.78 -30.60 5.16
N ARG C 326 -22.58 -31.14 5.39
CA ARG C 326 -22.40 -32.59 5.47
C ARG C 326 -23.29 -33.21 6.53
N ASP C 327 -23.36 -32.58 7.71
CA ASP C 327 -24.05 -33.14 8.86
C ASP C 327 -25.57 -33.11 8.75
N PHE C 328 -26.12 -32.49 7.71
CA PHE C 328 -27.57 -32.35 7.62
C PHE C 328 -28.27 -33.70 7.66
N SER C 329 -27.69 -34.72 7.03
CA SER C 329 -28.26 -36.07 7.06
C SER C 329 -28.37 -36.66 8.45
N VAL C 330 -27.67 -36.11 9.44
CA VAL C 330 -27.66 -36.67 10.79
C VAL C 330 -27.96 -35.57 11.79
N SER C 331 -28.98 -34.76 11.50
CA SER C 331 -29.31 -33.60 12.30
C SER C 331 -30.82 -33.55 12.51
N ASN C 332 -31.22 -32.79 13.53
CA ASN C 332 -32.60 -32.71 13.96
C ASN C 332 -33.09 -31.28 13.76
N TRP C 333 -34.40 -31.13 13.59
CA TRP C 333 -34.95 -29.79 13.37
C TRP C 333 -34.70 -28.89 14.56
N PHE C 334 -34.78 -29.41 15.78
CA PHE C 334 -34.43 -28.61 16.94
C PHE C 334 -35.23 -27.30 16.95
N GLY D 47 86.97 -36.80 -42.13
CA GLY D 47 86.57 -36.97 -40.75
C GLY D 47 87.41 -37.99 -40.01
N PHE D 48 87.03 -39.26 -40.13
CA PHE D 48 87.71 -40.34 -39.44
C PHE D 48 87.93 -41.48 -40.41
N GLU D 49 88.86 -42.38 -40.06
CA GLU D 49 89.17 -43.52 -40.90
C GLU D 49 89.34 -44.76 -40.04
N LEU D 50 89.00 -45.90 -40.63
CA LEU D 50 89.10 -47.21 -39.97
C LEU D 50 90.54 -47.63 -39.83
N LYS D 51 91.19 -47.27 -38.73
CA LYS D 51 92.55 -47.73 -38.50
C LYS D 51 92.55 -49.25 -38.39
N PRO D 52 93.39 -49.95 -39.16
CA PRO D 52 93.52 -51.39 -38.96
C PRO D 52 94.00 -51.70 -37.55
N PRO D 53 93.66 -52.87 -37.03
CA PRO D 53 94.23 -53.28 -35.75
C PRO D 53 95.74 -53.36 -35.86
N PRO D 54 96.46 -53.11 -34.76
CA PRO D 54 97.92 -53.07 -34.82
C PRO D 54 98.59 -54.44 -34.76
N TYR D 55 98.17 -55.33 -35.64
CA TYR D 55 98.76 -56.65 -35.81
C TYR D 55 98.26 -57.19 -37.14
N PRO D 56 98.91 -58.21 -37.69
CA PRO D 56 98.34 -58.85 -38.88
C PRO D 56 97.10 -59.63 -38.48
N LEU D 57 96.12 -59.68 -39.39
CA LEU D 57 94.85 -60.31 -39.07
C LEU D 57 94.97 -61.81 -38.80
N ASP D 58 96.10 -62.43 -39.16
CA ASP D 58 96.37 -63.81 -38.77
C ASP D 58 96.89 -63.94 -37.35
N ALA D 59 97.34 -62.85 -36.73
CA ALA D 59 98.21 -62.95 -35.57
C ALA D 59 97.51 -63.54 -34.36
N LEU D 60 96.19 -63.52 -34.32
CA LEU D 60 95.43 -64.01 -33.18
C LEU D 60 94.89 -65.42 -33.39
N GLU D 61 95.24 -66.06 -34.51
CA GLU D 61 94.41 -67.13 -35.10
C GLU D 61 93.99 -68.21 -34.12
N PRO D 62 94.85 -68.76 -33.26
CA PRO D 62 94.38 -69.81 -32.33
C PRO D 62 93.33 -69.32 -31.36
N HIS D 63 93.25 -68.01 -31.13
CA HIS D 63 92.50 -67.44 -30.03
C HIS D 63 91.36 -66.54 -30.48
N MET D 64 91.53 -65.81 -31.58
CA MET D 64 90.46 -65.03 -32.17
C MET D 64 90.64 -65.12 -33.68
N SER D 65 89.77 -65.90 -34.34
CA SER D 65 89.99 -66.35 -35.70
C SER D 65 90.00 -65.19 -36.68
N ARG D 66 90.64 -65.43 -37.84
CA ARG D 66 90.68 -64.43 -38.89
C ARG D 66 89.29 -64.11 -39.44
N GLU D 67 88.38 -65.08 -39.41
CA GLU D 67 87.00 -64.79 -39.77
C GLU D 67 86.38 -63.80 -38.79
N THR D 68 86.55 -64.06 -37.49
CA THR D 68 86.10 -63.12 -36.47
C THR D 68 86.70 -61.73 -36.67
N LEU D 69 88.02 -61.65 -36.90
CA LEU D 69 88.63 -60.35 -37.12
C LEU D 69 88.09 -59.68 -38.39
N ASP D 70 87.86 -60.46 -39.44
CA ASP D 70 87.39 -59.90 -40.70
C ASP D 70 86.00 -59.30 -40.54
N TYR D 71 85.10 -59.99 -39.84
CA TYR D 71 83.77 -59.44 -39.63
C TYR D 71 83.79 -58.31 -38.60
N HIS D 72 84.48 -58.51 -37.48
CA HIS D 72 84.39 -57.55 -36.38
C HIS D 72 85.08 -56.23 -36.72
N TRP D 73 86.25 -56.27 -37.37
CA TRP D 73 86.86 -55.05 -37.87
C TRP D 73 86.28 -54.64 -39.22
N GLY D 74 86.37 -55.51 -40.22
CA GLY D 74 86.09 -55.12 -41.58
C GLY D 74 84.63 -54.91 -41.91
N LYS D 75 83.71 -55.36 -41.06
CA LYS D 75 82.30 -55.06 -41.24
C LYS D 75 81.73 -54.19 -40.12
N HIS D 76 81.80 -54.64 -38.87
CA HIS D 76 81.17 -53.91 -37.78
C HIS D 76 81.86 -52.56 -37.57
N HIS D 77 83.15 -52.58 -37.26
CA HIS D 77 83.88 -51.34 -37.00
C HIS D 77 83.91 -50.43 -38.22
N LYS D 78 84.13 -51.02 -39.40
CA LYS D 78 84.01 -50.29 -40.66
C LYS D 78 82.69 -49.54 -40.77
N THR D 79 81.58 -50.20 -40.46
CA THR D 79 80.27 -49.55 -40.58
C THR D 79 80.05 -48.51 -39.49
N TYR D 80 80.58 -48.72 -38.29
CA TYR D 80 80.50 -47.68 -37.27
C TYR D 80 81.23 -46.43 -37.73
N VAL D 81 82.46 -46.58 -38.20
CA VAL D 81 83.25 -45.40 -38.54
C VAL D 81 82.72 -44.73 -39.80
N GLU D 82 82.18 -45.48 -40.75
CA GLU D 82 81.64 -44.86 -41.95
C GLU D 82 80.30 -44.17 -41.68
N ASN D 83 79.44 -44.74 -40.83
CA ASN D 83 78.22 -44.03 -40.49
C ASN D 83 78.47 -42.83 -39.61
N LEU D 84 79.47 -42.91 -38.72
CA LEU D 84 79.95 -41.73 -38.02
C LEU D 84 80.39 -40.64 -38.97
N ASN D 85 81.21 -40.99 -39.96
CA ASN D 85 81.66 -40.02 -40.94
C ASN D 85 80.48 -39.38 -41.66
N LYS D 86 79.53 -40.21 -42.12
CA LYS D 86 78.34 -39.68 -42.78
C LYS D 86 77.56 -38.73 -41.89
N GLN D 87 77.52 -39.01 -40.58
CA GLN D 87 76.77 -38.14 -39.67
C GLN D 87 77.49 -36.83 -39.40
N ILE D 88 78.81 -36.86 -39.19
CA ILE D 88 79.52 -35.65 -38.76
C ILE D 88 79.78 -34.70 -39.91
N VAL D 89 79.91 -35.18 -41.15
CA VAL D 89 80.21 -34.28 -42.26
C VAL D 89 79.11 -33.23 -42.39
N GLY D 90 79.52 -31.99 -42.62
CA GLY D 90 78.59 -30.89 -42.69
C GLY D 90 77.95 -30.52 -41.37
N THR D 91 78.61 -30.82 -40.26
CA THR D 91 78.06 -30.58 -38.94
C THR D 91 79.16 -30.04 -38.04
N ASP D 92 78.74 -29.33 -36.99
CA ASP D 92 79.69 -28.75 -36.04
C ASP D 92 80.54 -29.80 -35.31
N LEU D 93 80.20 -31.09 -35.44
CA LEU D 93 81.03 -32.15 -34.87
C LEU D 93 82.26 -32.48 -35.72
N ASP D 94 82.29 -32.11 -36.99
CA ASP D 94 83.42 -32.49 -37.83
C ASP D 94 84.66 -31.66 -37.51
N GLY D 95 85.83 -32.25 -37.79
CA GLY D 95 87.10 -31.68 -37.42
C GLY D 95 87.48 -31.84 -35.96
N LEU D 96 86.56 -32.26 -35.11
CA LEU D 96 86.86 -32.58 -33.72
C LEU D 96 87.57 -33.92 -33.61
N SER D 97 88.25 -34.12 -32.48
CA SER D 97 88.80 -35.42 -32.14
C SER D 97 87.69 -36.39 -31.79
N LEU D 98 87.95 -37.68 -32.05
CA LEU D 98 86.94 -38.71 -31.82
C LEU D 98 86.52 -38.77 -30.36
N GLU D 99 87.48 -38.65 -29.44
CA GLU D 99 87.13 -38.59 -28.02
C GLU D 99 86.20 -37.42 -27.72
N GLU D 100 86.42 -36.30 -28.39
CA GLU D 100 85.58 -35.13 -28.16
C GLU D 100 84.23 -35.24 -28.85
N VAL D 101 84.17 -35.88 -30.02
CA VAL D 101 82.88 -36.15 -30.63
C VAL D 101 82.06 -37.09 -29.76
N VAL D 102 82.73 -38.06 -29.11
CA VAL D 102 82.06 -38.94 -28.17
C VAL D 102 81.51 -38.14 -27.00
N LEU D 103 82.38 -37.35 -26.35
CA LEU D 103 81.95 -36.62 -25.15
C LEU D 103 80.84 -35.62 -25.45
N LEU D 104 80.91 -34.92 -26.59
CA LEU D 104 79.87 -33.98 -26.96
C LEU D 104 78.57 -34.69 -27.33
N SER D 105 78.64 -35.64 -28.26
CA SER D 105 77.43 -36.32 -28.72
C SER D 105 76.76 -37.12 -27.62
N TYR D 106 77.46 -37.43 -26.53
CA TYR D 106 76.78 -37.95 -25.35
C TYR D 106 75.78 -36.96 -24.77
N ASN D 107 75.99 -35.66 -25.00
CA ASN D 107 75.05 -34.59 -24.65
C ASN D 107 74.67 -34.60 -23.17
N ARG D 108 75.45 -35.26 -22.31
CA ARG D 108 75.09 -35.45 -20.90
C ARG D 108 73.77 -36.19 -20.78
N GLY D 109 73.68 -37.33 -21.45
CA GLY D 109 72.42 -38.03 -21.58
C GLY D 109 71.56 -37.30 -22.60
N ASN D 110 70.50 -37.97 -23.05
CA ASN D 110 69.78 -37.54 -24.24
C ASN D 110 70.76 -37.52 -25.42
N MET D 111 71.53 -38.59 -25.53
CA MET D 111 72.66 -38.67 -26.44
C MET D 111 72.21 -38.63 -27.90
N LEU D 112 72.97 -37.89 -28.71
CA LEU D 112 72.60 -37.59 -30.08
C LEU D 112 72.82 -38.80 -30.98
N PRO D 113 72.19 -38.81 -32.16
CA PRO D 113 72.31 -40.00 -33.04
C PRO D 113 73.73 -40.35 -33.42
N ALA D 114 74.63 -39.38 -33.45
CA ALA D 114 76.03 -39.68 -33.75
C ALA D 114 76.68 -40.54 -32.68
N PHE D 115 76.19 -40.45 -31.43
CA PHE D 115 76.93 -40.99 -30.30
C PHE D 115 77.19 -42.48 -30.43
N ASN D 116 76.19 -43.25 -30.83
CA ASN D 116 76.38 -44.70 -30.86
C ASN D 116 77.51 -45.08 -31.79
N ASN D 117 77.56 -44.47 -32.98
CA ASN D 117 78.65 -44.76 -33.90
C ASN D 117 79.98 -44.22 -33.40
N ALA D 118 80.00 -43.00 -32.89
CA ALA D 118 81.25 -42.41 -32.40
C ALA D 118 81.85 -43.26 -31.29
N ALA D 119 81.02 -43.61 -30.31
CA ALA D 119 81.47 -44.43 -29.19
C ALA D 119 81.86 -45.82 -29.63
N GLN D 120 81.13 -46.43 -30.58
CA GLN D 120 81.52 -47.76 -31.02
C GLN D 120 82.83 -47.74 -31.78
N ALA D 121 83.05 -46.73 -32.63
CA ALA D 121 84.34 -46.60 -33.30
C ALA D 121 85.48 -46.43 -32.31
N TRP D 122 85.29 -45.59 -31.29
CA TRP D 122 86.33 -45.40 -30.30
C TRP D 122 86.55 -46.67 -29.49
N ASN D 123 85.47 -47.33 -29.08
CA ASN D 123 85.57 -48.56 -28.31
C ASN D 123 86.31 -49.63 -29.08
N HIS D 124 86.01 -49.79 -30.38
CA HIS D 124 86.66 -50.84 -31.15
C HIS D 124 88.13 -50.52 -31.40
N GLU D 125 88.46 -49.26 -31.71
CA GLU D 125 89.86 -48.89 -31.81
C GLU D 125 90.61 -49.21 -30.51
N PHE D 126 89.99 -48.88 -29.37
CA PHE D 126 90.57 -49.16 -28.07
C PHE D 126 90.69 -50.66 -27.83
N PHE D 127 89.70 -51.43 -28.30
CA PHE D 127 89.73 -52.88 -28.16
C PHE D 127 90.86 -53.51 -28.97
N TRP D 128 91.01 -53.09 -30.23
CA TRP D 128 92.08 -53.63 -31.06
C TRP D 128 93.44 -53.30 -30.50
N GLU D 129 93.62 -52.08 -29.98
CA GLU D 129 94.87 -51.76 -29.31
C GLU D 129 95.02 -52.49 -27.98
N SER D 130 93.90 -52.87 -27.35
CA SER D 130 93.91 -53.56 -26.07
C SER D 130 94.42 -54.99 -26.14
N ILE D 131 94.54 -55.57 -27.33
CA ILE D 131 94.97 -56.96 -27.47
C ILE D 131 96.15 -57.03 -28.43
N GLN D 132 96.88 -58.13 -28.35
CA GLN D 132 98.04 -58.36 -29.19
C GLN D 132 98.23 -59.85 -29.35
N PRO D 133 98.93 -60.28 -30.40
CA PRO D 133 99.47 -61.64 -30.41
C PRO D 133 100.48 -61.84 -29.29
N GLY D 134 100.33 -62.95 -28.57
CA GLY D 134 101.22 -63.23 -27.46
C GLY D 134 100.99 -62.38 -26.24
N GLY D 135 99.78 -61.88 -26.06
CA GLY D 135 99.43 -61.07 -24.91
C GLY D 135 99.05 -61.94 -23.72
N GLY D 136 98.39 -61.31 -22.76
CA GLY D 136 98.14 -61.95 -21.49
C GLY D 136 99.38 -62.00 -20.61
N GLY D 137 99.37 -62.96 -19.69
CA GLY D 137 100.32 -62.91 -18.59
C GLY D 137 99.95 -61.83 -17.60
N LYS D 138 100.97 -61.21 -17.02
CA LYS D 138 100.81 -60.36 -15.86
C LYS D 138 101.48 -59.01 -16.09
N PRO D 139 100.90 -57.92 -15.59
CA PRO D 139 101.51 -56.60 -15.79
C PRO D 139 102.70 -56.33 -14.90
N SER D 140 103.23 -55.11 -14.97
CA SER D 140 104.43 -54.72 -14.27
C SER D 140 104.30 -53.30 -13.74
N GLY D 141 105.21 -52.95 -12.85
CA GLY D 141 105.39 -51.56 -12.44
C GLY D 141 104.16 -50.92 -11.82
N ASP D 142 103.89 -49.69 -12.25
CA ASP D 142 102.79 -48.91 -11.70
C ASP D 142 101.45 -49.61 -11.86
N LEU D 143 101.22 -50.26 -12.99
CA LEU D 143 99.94 -50.93 -13.21
C LEU D 143 99.72 -52.07 -12.23
N LEU D 144 100.76 -52.88 -12.01
CA LEU D 144 100.67 -53.95 -11.02
C LEU D 144 100.53 -53.39 -9.61
N ARG D 145 101.27 -52.34 -9.29
CA ARG D 145 101.16 -51.70 -7.98
C ARG D 145 99.74 -51.21 -7.72
N LEU D 146 99.13 -50.54 -8.70
CA LEU D 146 97.74 -50.09 -8.55
C LEU D 146 96.78 -51.25 -8.45
N ILE D 147 96.99 -52.32 -9.23
CA ILE D 147 96.12 -53.49 -9.14
C ILE D 147 96.19 -54.09 -7.74
N GLU D 148 97.40 -54.22 -7.20
CA GLU D 148 97.56 -54.75 -5.84
C GLU D 148 96.98 -53.81 -4.79
N ARG D 149 96.99 -52.51 -5.06
CA ARG D 149 96.37 -51.55 -4.14
C ARG D 149 94.85 -51.66 -4.15
N ASP D 150 94.24 -51.66 -5.32
CA ASP D 150 92.80 -51.50 -5.44
C ASP D 150 92.05 -52.82 -5.50
N PHE D 151 92.71 -53.93 -5.78
CA PHE D 151 92.08 -55.24 -5.73
C PHE D 151 92.76 -56.23 -4.80
N GLY D 152 93.94 -55.91 -4.28
CA GLY D 152 94.61 -56.73 -3.30
C GLY D 152 95.58 -57.73 -3.88
N SER D 153 95.31 -58.23 -5.09
CA SER D 153 96.28 -58.96 -5.87
C SER D 153 95.83 -58.94 -7.32
N PHE D 154 96.70 -59.44 -8.20
CA PHE D 154 96.35 -59.47 -9.61
C PHE D 154 95.34 -60.57 -9.90
N SER D 155 95.27 -61.60 -9.05
CA SER D 155 94.35 -62.69 -9.31
C SER D 155 92.95 -62.30 -8.89
N ASP D 156 92.82 -61.49 -7.84
CA ASP D 156 91.52 -60.96 -7.48
C ASP D 156 91.00 -60.02 -8.56
N PHE D 157 91.90 -59.21 -9.11
CA PHE D 157 91.52 -58.35 -10.22
C PHE D 157 91.06 -59.18 -11.40
N VAL D 158 91.76 -60.28 -11.68
CA VAL D 158 91.41 -61.01 -12.90
C VAL D 158 90.12 -61.77 -12.70
N GLU D 159 89.84 -62.21 -11.46
CA GLU D 159 88.59 -62.89 -11.21
C GLU D 159 87.43 -61.91 -11.14
N ARG D 160 87.73 -60.62 -10.96
CA ARG D 160 86.67 -59.65 -10.81
C ARG D 160 86.38 -58.98 -12.14
N PHE D 161 87.39 -58.94 -13.01
CA PHE D 161 87.18 -58.49 -14.37
C PHE D 161 86.46 -59.59 -15.14
N LYS D 162 86.75 -60.85 -14.80
CA LYS D 162 86.11 -61.96 -15.48
C LYS D 162 84.66 -62.07 -15.03
N ALA D 163 84.39 -61.88 -13.73
CA ALA D 163 83.01 -61.84 -13.27
C ALA D 163 82.24 -60.70 -13.92
N ALA D 164 82.79 -59.47 -13.86
CA ALA D 164 82.12 -58.34 -14.49
C ALA D 164 81.78 -58.65 -15.94
N ALA D 165 82.77 -59.09 -16.72
CA ALA D 165 82.55 -59.34 -18.13
C ALA D 165 81.49 -60.42 -18.34
N ALA D 166 81.63 -61.56 -17.66
CA ALA D 166 80.66 -62.65 -17.73
C ALA D 166 79.28 -62.25 -17.23
N SER D 167 79.13 -61.06 -16.63
CA SER D 167 77.81 -60.64 -16.15
C SER D 167 77.41 -59.28 -16.70
N ASN D 168 78.07 -58.83 -17.77
CA ASN D 168 77.60 -57.68 -18.55
C ASN D 168 76.48 -58.15 -19.47
N PHE D 169 75.28 -58.28 -18.89
CA PHE D 169 74.14 -58.83 -19.61
C PHE D 169 73.85 -58.06 -20.88
N GLY D 170 73.63 -58.80 -21.97
CA GLY D 170 73.41 -58.19 -23.27
C GLY D 170 74.69 -57.88 -24.01
N SER D 171 74.60 -56.85 -24.85
CA SER D 171 75.76 -56.25 -25.50
C SER D 171 76.40 -55.20 -24.60
N GLY D 172 77.69 -55.00 -24.79
CA GLY D 172 78.37 -53.92 -24.12
C GLY D 172 79.84 -54.24 -23.94
N TRP D 173 80.41 -53.64 -22.90
CA TRP D 173 81.86 -53.59 -22.71
C TRP D 173 82.15 -53.75 -21.23
N THR D 174 83.35 -54.26 -20.93
CA THR D 174 83.84 -54.22 -19.55
C THR D 174 85.21 -53.56 -19.54
N TRP D 175 85.33 -52.51 -18.73
CA TRP D 175 86.49 -51.64 -18.68
C TRP D 175 87.22 -51.77 -17.35
N LEU D 176 88.54 -51.82 -17.42
CA LEU D 176 89.39 -51.35 -16.35
C LEU D 176 89.70 -49.89 -16.66
N ALA D 177 89.50 -49.02 -15.66
CA ALA D 177 89.66 -47.58 -15.86
C ALA D 177 90.39 -46.97 -14.68
N TYR D 178 91.12 -45.89 -14.95
CA TYR D 178 91.71 -45.05 -13.92
C TYR D 178 90.75 -43.89 -13.65
N LYS D 179 90.19 -43.85 -12.44
CA LYS D 179 89.08 -42.98 -12.09
C LYS D 179 89.59 -41.71 -11.42
N ALA D 180 90.04 -40.77 -12.24
CA ALA D 180 90.39 -39.42 -11.78
C ALA D 180 89.39 -38.40 -12.32
N ASN D 181 88.11 -38.74 -12.30
CA ASN D 181 87.07 -37.87 -12.87
C ASN D 181 86.85 -36.62 -12.03
N ARG D 182 86.38 -35.58 -12.69
CA ARG D 182 85.95 -34.34 -12.04
C ARG D 182 84.52 -34.06 -12.45
N LEU D 183 83.66 -33.82 -11.46
CA LEU D 183 82.30 -33.41 -11.76
C LEU D 183 82.23 -31.90 -11.99
N ASP D 184 81.13 -31.47 -12.60
CA ASP D 184 80.85 -30.05 -12.85
C ASP D 184 79.81 -29.49 -11.88
N VAL D 185 79.55 -30.19 -10.78
CA VAL D 185 78.42 -29.87 -9.92
C VAL D 185 78.54 -28.46 -9.34
N ALA D 186 79.78 -28.02 -9.02
CA ALA D 186 80.19 -26.76 -8.39
C ALA D 186 80.62 -26.96 -6.94
N ASN D 187 80.28 -28.09 -6.34
CA ASN D 187 80.84 -28.48 -5.04
C ASN D 187 81.65 -29.75 -5.17
N ALA D 188 81.91 -30.17 -6.41
CA ALA D 188 82.55 -31.45 -6.70
C ALA D 188 83.98 -31.49 -6.16
N VAL D 189 84.69 -30.35 -6.21
CA VAL D 189 86.10 -30.34 -5.84
C VAL D 189 86.28 -30.72 -4.39
N ASN D 190 87.32 -31.51 -4.13
CA ASN D 190 87.58 -32.03 -2.80
C ASN D 190 88.70 -31.27 -2.13
N PRO D 191 88.47 -30.62 -0.99
CA PRO D 191 89.60 -30.12 -0.22
C PRO D 191 90.34 -31.31 0.38
N LEU D 192 91.62 -31.11 0.66
CA LEU D 192 92.41 -32.18 1.26
C LEU D 192 92.39 -33.45 0.40
N PRO D 193 92.71 -33.39 -0.89
CA PRO D 193 92.77 -34.61 -1.70
C PRO D 193 93.83 -35.59 -1.23
N LYS D 194 93.55 -36.87 -1.42
CA LYS D 194 94.40 -37.95 -0.93
C LYS D 194 94.78 -38.88 -2.07
N GLU D 195 95.92 -39.56 -1.91
CA GLU D 195 96.46 -40.40 -2.96
C GLU D 195 95.52 -41.56 -3.32
N GLU D 196 94.86 -42.14 -2.31
CA GLU D 196 94.04 -43.32 -2.58
C GLU D 196 92.92 -42.99 -3.56
N ASP D 197 92.33 -41.79 -3.45
CA ASP D 197 91.39 -41.33 -4.45
C ASP D 197 92.15 -41.23 -5.78
N LYS D 198 91.50 -41.68 -6.86
CA LYS D 198 92.09 -41.96 -8.17
C LYS D 198 92.40 -43.45 -8.22
N LYS D 199 91.37 -44.26 -7.94
CA LYS D 199 91.40 -45.70 -7.94
C LYS D 199 91.39 -46.26 -9.37
N LEU D 200 91.86 -47.49 -9.50
CA LEU D 200 91.43 -48.32 -10.61
C LEU D 200 90.06 -48.91 -10.30
N VAL D 201 89.19 -48.93 -11.30
CA VAL D 201 87.85 -49.48 -11.18
C VAL D 201 87.57 -50.43 -12.32
N ILE D 202 86.86 -51.52 -12.02
CA ILE D 202 86.25 -52.36 -13.03
C ILE D 202 84.80 -51.92 -13.18
N VAL D 203 84.43 -51.48 -14.38
CA VAL D 203 83.10 -50.97 -14.64
C VAL D 203 82.61 -51.52 -15.96
N LYS D 204 81.38 -52.01 -16.00
CA LYS D 204 80.82 -52.55 -17.22
C LYS D 204 79.71 -51.64 -17.72
N THR D 205 79.63 -51.48 -19.04
CA THR D 205 78.82 -50.47 -19.67
C THR D 205 78.00 -51.10 -20.80
N PRO D 206 76.71 -50.75 -20.91
CA PRO D 206 75.88 -51.36 -21.95
C PRO D 206 76.09 -50.71 -23.31
N ASN D 207 75.92 -51.52 -24.34
CA ASN D 207 75.91 -51.07 -25.72
C ASN D 207 77.15 -50.26 -26.08
N ALA D 208 76.96 -49.00 -26.46
CA ALA D 208 78.06 -48.15 -26.90
C ALA D 208 78.74 -47.39 -25.78
N VAL D 209 78.16 -47.38 -24.57
CA VAL D 209 78.66 -46.52 -23.51
C VAL D 209 80.10 -46.87 -23.17
N ASN D 210 80.91 -45.85 -22.90
CA ASN D 210 82.28 -46.02 -22.47
C ASN D 210 82.61 -45.02 -21.38
N PRO D 211 83.70 -45.24 -20.63
CA PRO D 211 84.00 -44.36 -19.49
C PRO D 211 84.37 -42.94 -19.85
N LEU D 212 84.62 -42.62 -21.12
CA LEU D 212 84.94 -41.24 -21.47
C LEU D 212 83.82 -40.31 -21.08
N VAL D 213 82.57 -40.78 -21.20
CA VAL D 213 81.42 -39.96 -20.89
C VAL D 213 81.33 -39.60 -19.42
N TRP D 214 82.12 -40.24 -18.55
CA TRP D 214 82.17 -39.81 -17.16
C TRP D 214 83.46 -39.09 -16.82
N ASP D 215 84.29 -38.77 -17.82
CA ASP D 215 85.61 -38.21 -17.62
C ASP D 215 86.54 -39.18 -16.89
N TYR D 216 86.27 -40.47 -17.00
CA TYR D 216 87.26 -41.48 -16.65
C TYR D 216 88.30 -41.60 -17.75
N SER D 217 89.38 -42.31 -17.45
CA SER D 217 90.33 -42.69 -18.49
C SER D 217 90.34 -44.21 -18.60
N PRO D 218 89.82 -44.77 -19.69
CA PRO D 218 89.90 -46.22 -19.89
C PRO D 218 91.33 -46.72 -19.99
N LEU D 219 91.53 -47.95 -19.54
CA LEU D 219 92.81 -48.65 -19.59
C LEU D 219 92.70 -49.97 -20.34
N LEU D 220 91.70 -50.78 -20.00
CA LEU D 220 91.49 -52.04 -20.70
C LEU D 220 90.01 -52.18 -21.00
N THR D 221 89.69 -52.77 -22.15
CA THR D 221 88.32 -53.09 -22.49
C THR D 221 88.23 -54.48 -23.07
N ILE D 222 87.20 -55.21 -22.67
CA ILE D 222 86.77 -56.41 -23.38
C ILE D 222 85.41 -56.13 -23.98
N ASP D 223 85.31 -56.30 -25.29
CA ASP D 223 84.03 -56.32 -25.99
C ASP D 223 83.23 -57.54 -25.58
N THR D 224 81.96 -57.34 -25.21
CA THR D 224 81.09 -58.43 -24.84
C THR D 224 79.84 -58.48 -25.70
N TRP D 225 79.84 -57.76 -26.82
CA TRP D 225 78.90 -58.04 -27.89
C TRP D 225 79.13 -59.44 -28.44
N GLU D 226 78.05 -60.08 -28.90
CA GLU D 226 78.17 -61.45 -29.39
C GLU D 226 79.11 -61.52 -30.59
N HIS D 227 79.07 -60.52 -31.47
CA HIS D 227 79.92 -60.54 -32.65
C HIS D 227 81.40 -60.57 -32.31
N ALA D 228 81.78 -60.22 -31.09
CA ALA D 228 83.17 -60.34 -30.69
C ALA D 228 83.63 -61.77 -30.51
N TYR D 229 82.70 -62.71 -30.26
CA TYR D 229 83.11 -64.06 -29.91
C TYR D 229 82.24 -65.16 -30.51
N TYR D 230 81.08 -64.85 -31.07
CA TYR D 230 80.13 -65.90 -31.42
C TYR D 230 80.67 -66.86 -32.47
N LEU D 231 81.52 -66.37 -33.38
CA LEU D 231 82.07 -67.27 -34.39
C LEU D 231 83.12 -68.21 -33.80
N ASP D 232 83.78 -67.79 -32.73
CA ASP D 232 84.82 -68.59 -32.11
C ASP D 232 84.33 -69.40 -30.92
N PHE D 233 83.35 -68.89 -30.17
CA PHE D 233 82.96 -69.48 -28.90
C PHE D 233 81.46 -69.70 -28.76
N GLU D 234 80.66 -69.23 -29.72
CA GLU D 234 79.19 -69.32 -29.68
C GLU D 234 78.70 -68.76 -28.35
N ASN D 235 77.88 -69.49 -27.59
CA ASN D 235 77.37 -69.01 -26.31
C ASN D 235 78.43 -68.90 -25.23
N ARG D 236 79.61 -69.49 -25.43
CA ARG D 236 80.61 -69.63 -24.37
C ARG D 236 81.39 -68.33 -24.19
N ARG D 237 80.65 -67.30 -23.76
CA ARG D 237 81.27 -66.04 -23.38
C ARG D 237 82.38 -66.22 -22.34
N ILE D 238 82.18 -67.13 -21.40
CA ILE D 238 83.18 -67.32 -20.34
C ILE D 238 84.50 -67.84 -20.90
N GLU D 239 84.44 -68.71 -21.92
CA GLU D 239 85.67 -69.14 -22.57
C GLU D 239 86.32 -67.99 -23.34
N TYR D 240 85.51 -67.12 -23.93
CA TYR D 240 86.05 -65.95 -24.62
C TYR D 240 86.76 -65.01 -23.65
N ILE D 241 86.17 -64.78 -22.48
CA ILE D 241 86.79 -63.92 -21.48
C ILE D 241 88.07 -64.54 -20.93
N ASN D 242 88.02 -65.84 -20.63
CA ASN D 242 89.24 -66.55 -20.20
C ASN D 242 90.34 -66.41 -21.24
N THR D 243 90.03 -66.72 -22.50
CA THR D 243 91.01 -66.58 -23.58
C THR D 243 91.55 -65.16 -23.66
N PHE D 244 90.67 -64.16 -23.52
CA PHE D 244 91.09 -62.77 -23.62
C PHE D 244 92.09 -62.43 -22.53
N MET D 245 91.74 -62.71 -21.28
CA MET D 245 92.65 -62.37 -20.18
C MET D 245 93.93 -63.18 -20.22
N GLU D 246 93.85 -64.45 -20.62
CA GLU D 246 95.01 -65.33 -20.58
C GLU D 246 95.98 -65.09 -21.73
N LYS D 247 95.46 -64.81 -22.93
CA LYS D 247 96.27 -64.89 -24.14
C LYS D 247 96.26 -63.65 -25.02
N LEU D 248 95.44 -62.64 -24.73
CA LEU D 248 95.29 -61.52 -25.64
C LEU D 248 95.69 -60.18 -25.06
N VAL D 249 95.40 -59.93 -23.77
CA VAL D 249 95.55 -58.59 -23.20
C VAL D 249 96.95 -58.05 -23.47
N SER D 250 97.00 -56.82 -24.00
CA SER D 250 98.25 -56.07 -24.16
C SER D 250 98.51 -55.26 -22.91
N TRP D 251 99.10 -55.92 -21.91
CA TRP D 251 99.40 -55.23 -20.65
C TRP D 251 100.37 -54.08 -20.84
N GLU D 252 101.30 -54.18 -21.80
CA GLU D 252 102.12 -53.04 -22.16
C GLU D 252 101.27 -51.84 -22.55
N THR D 253 100.20 -52.08 -23.33
CA THR D 253 99.35 -50.98 -23.77
C THR D 253 98.52 -50.44 -22.63
N VAL D 254 98.00 -51.32 -21.78
CA VAL D 254 97.30 -50.89 -20.57
C VAL D 254 98.21 -50.01 -19.71
N SER D 255 99.48 -50.39 -19.59
CA SER D 255 100.41 -49.61 -18.78
C SER D 255 100.74 -48.27 -19.42
N THR D 256 100.88 -48.23 -20.75
CA THR D 256 101.06 -46.95 -21.43
C THR D 256 99.84 -46.05 -21.26
N ARG D 257 98.65 -46.63 -21.34
CA ARG D 257 97.43 -45.87 -21.12
C ARG D 257 97.36 -45.37 -19.68
N LEU D 258 97.82 -46.18 -18.73
CA LEU D 258 97.89 -45.74 -17.34
C LEU D 258 98.86 -44.59 -17.17
N GLU D 259 100.02 -44.66 -17.82
CA GLU D 259 100.94 -43.53 -17.79
C GLU D 259 100.30 -42.26 -18.34
N SER D 260 99.57 -42.39 -19.43
CA SER D 260 98.86 -41.22 -19.98
C SER D 260 97.80 -40.71 -19.02
N ALA D 261 97.12 -41.60 -18.31
CA ALA D 261 96.13 -41.18 -17.32
C ALA D 261 96.78 -40.49 -16.13
N MET D 262 97.94 -40.99 -15.68
CA MET D 262 98.75 -40.25 -14.71
C MET D 262 99.07 -38.85 -15.22
N ALA D 263 99.51 -38.75 -16.47
CA ALA D 263 99.89 -37.45 -17.03
C ALA D 263 98.70 -36.50 -17.01
N ARG D 264 97.54 -36.98 -17.46
CA ARG D 264 96.33 -36.16 -17.44
C ARG D 264 95.96 -35.75 -16.02
N ALA D 265 96.02 -36.68 -15.06
CA ALA D 265 95.58 -36.37 -13.71
C ALA D 265 96.51 -35.40 -13.01
N ALA D 266 97.82 -35.57 -13.19
CA ALA D 266 98.80 -34.70 -12.56
C ALA D 266 98.84 -33.32 -13.20
N GLN D 267 98.41 -33.21 -14.46
CA GLN D 267 98.25 -31.90 -15.09
C GLN D 267 97.24 -31.03 -14.36
N ARG D 268 96.42 -31.61 -13.48
CA ARG D 268 95.33 -30.88 -12.84
C ARG D 268 95.83 -30.14 -11.60
N PHE E 71 39.02 -0.75 34.48
CA PHE E 71 38.61 -2.05 35.00
C PHE E 71 37.13 -2.25 34.75
N VAL E 72 36.75 -3.47 34.37
CA VAL E 72 35.36 -3.89 34.32
C VAL E 72 35.15 -5.03 35.31
N ARG E 73 34.14 -4.87 36.17
CA ARG E 73 33.98 -5.77 37.30
C ARG E 73 33.32 -7.06 36.85
N GLU E 74 33.86 -8.18 37.31
CA GLU E 74 33.42 -9.48 36.80
C GLU E 74 31.97 -9.76 37.21
N ASP E 75 31.25 -10.40 36.29
CA ASP E 75 29.81 -10.55 36.39
C ASP E 75 29.37 -11.62 37.37
N TYR E 76 30.27 -12.48 37.82
CA TYR E 76 29.88 -13.62 38.64
C TYR E 76 30.84 -13.75 39.82
N LEU E 77 30.29 -14.08 40.99
CA LEU E 77 31.07 -14.23 42.20
C LEU E 77 31.29 -15.68 42.61
N VAL E 78 30.32 -16.56 42.36
CA VAL E 78 30.49 -17.97 42.72
C VAL E 78 31.57 -18.58 41.83
N ARG E 79 32.59 -19.14 42.47
CA ARG E 79 33.83 -19.52 41.81
C ARG E 79 33.84 -21.03 41.56
N LYS E 80 34.09 -21.41 40.31
CA LYS E 80 34.20 -22.82 39.96
C LYS E 80 35.56 -23.36 40.37
N LEU E 81 35.57 -24.54 40.99
CA LEU E 81 36.79 -25.20 41.41
C LEU E 81 36.88 -26.59 40.80
N THR E 82 38.11 -27.03 40.58
CA THR E 82 38.36 -28.45 40.39
C THR E 82 38.29 -29.18 41.73
N ALA E 83 38.19 -30.51 41.67
CA ALA E 83 38.18 -31.30 42.89
C ALA E 83 39.47 -31.17 43.68
N GLU E 84 40.61 -30.99 43.02
CA GLU E 84 41.85 -30.85 43.77
C GLU E 84 41.95 -29.48 44.42
N GLU E 85 41.51 -28.43 43.72
CA GLU E 85 41.49 -27.12 44.32
C GLU E 85 40.53 -27.07 45.49
N LEU E 86 39.48 -27.91 45.45
CA LEU E 86 38.59 -28.03 46.59
C LEU E 86 39.24 -28.81 47.74
N GLN E 87 39.97 -29.90 47.46
CA GLN E 87 40.71 -30.55 48.54
C GLN E 87 41.67 -29.58 49.21
N GLU E 88 42.36 -28.77 48.42
CA GLU E 88 43.21 -27.73 48.98
C GLU E 88 42.42 -26.77 49.86
N LEU E 89 41.25 -26.33 49.38
CA LEU E 89 40.47 -25.34 50.13
C LEU E 89 39.86 -25.92 51.40
N VAL E 90 39.57 -27.22 51.42
CA VAL E 90 39.06 -27.87 52.63
C VAL E 90 40.17 -28.24 53.61
N LYS E 91 41.34 -28.62 53.11
CA LYS E 91 42.43 -28.96 54.01
C LYS E 91 43.01 -27.73 54.69
N GLY E 92 43.20 -26.64 53.94
CA GLY E 92 43.69 -25.42 54.53
C GLY E 92 42.72 -24.82 55.52
N GLU E 93 43.25 -24.04 56.45
CA GLU E 93 42.42 -23.41 57.46
C GLU E 93 41.50 -22.37 56.83
N ARG E 94 40.28 -22.29 57.33
CA ARG E 94 39.27 -21.38 56.81
C ARG E 94 38.79 -20.46 57.92
N LYS E 95 38.56 -19.19 57.58
CA LYS E 95 37.90 -18.26 58.48
C LYS E 95 36.39 -18.26 58.36
N VAL E 96 35.84 -18.79 57.26
CA VAL E 96 34.43 -18.57 56.94
C VAL E 96 33.82 -19.86 56.44
N PRO E 97 32.49 -19.97 56.51
CA PRO E 97 31.82 -21.15 55.94
C PRO E 97 32.12 -21.32 54.47
N LEU E 98 32.25 -22.57 54.04
CA LEU E 98 32.49 -22.89 52.64
C LEU E 98 31.24 -23.58 52.10
N ILE E 99 30.60 -22.95 51.12
CA ILE E 99 29.46 -23.53 50.44
C ILE E 99 29.93 -24.06 49.11
N VAL E 100 29.70 -25.35 48.87
CA VAL E 100 30.10 -26.02 47.65
C VAL E 100 28.85 -26.47 46.92
N ASP E 101 28.67 -25.98 45.69
CA ASP E 101 27.52 -26.31 44.87
C ASP E 101 27.91 -27.34 43.81
N PHE E 102 27.24 -28.48 43.81
CA PHE E 102 27.54 -29.54 42.86
C PHE E 102 26.60 -29.48 41.66
N TYR E 103 26.52 -28.32 41.00
CA TYR E 103 25.66 -28.16 39.85
C TYR E 103 26.12 -29.04 38.69
N ALA E 104 25.28 -29.11 37.66
CA ALA E 104 25.70 -29.54 36.34
C ALA E 104 24.92 -28.74 35.30
N THR E 105 25.56 -28.48 34.17
CA THR E 105 25.09 -27.45 33.26
C THR E 105 23.88 -27.87 32.44
N TRP E 106 23.60 -29.17 32.36
CA TRP E 106 22.40 -29.63 31.68
C TRP E 106 21.17 -29.62 32.59
N CYS E 107 21.32 -29.30 33.86
CA CYS E 107 20.28 -29.56 34.84
C CYS E 107 19.42 -28.31 35.02
N GLY E 108 18.10 -28.49 34.90
CA GLY E 108 17.16 -27.39 34.94
C GLY E 108 17.15 -26.60 36.24
N PRO E 109 16.95 -27.28 37.37
CA PRO E 109 17.03 -26.59 38.67
C PRO E 109 18.34 -25.86 38.91
N CYS E 110 19.42 -26.24 38.25
CA CYS E 110 20.69 -25.55 38.48
C CYS E 110 20.73 -24.15 37.89
N ILE E 111 19.89 -23.85 36.89
CA ILE E 111 19.73 -22.46 36.45
C ILE E 111 19.24 -21.59 37.60
N LEU E 112 18.35 -22.13 38.43
CA LEU E 112 17.77 -21.37 39.53
C LEU E 112 18.72 -21.34 40.71
N MET E 113 19.30 -22.49 41.05
CA MET E 113 20.28 -22.55 42.13
C MET E 113 21.46 -21.64 41.88
N ALA E 114 21.94 -21.54 40.64
CA ALA E 114 23.05 -20.63 40.35
C ALA E 114 22.69 -19.18 40.63
N GLN E 115 21.43 -18.80 40.45
CA GLN E 115 21.02 -17.43 40.75
C GLN E 115 20.86 -17.22 42.24
N GLU E 116 20.32 -18.21 42.94
CA GLU E 116 20.21 -18.12 44.39
C GLU E 116 21.60 -18.02 45.02
N LEU E 117 22.53 -18.85 44.57
CA LEU E 117 23.89 -18.80 45.08
C LEU E 117 24.62 -17.52 44.70
N GLU E 118 24.35 -16.97 43.52
CA GLU E 118 24.92 -15.64 43.21
C GLU E 118 24.39 -14.58 44.16
N MET E 119 23.11 -14.67 44.54
CA MET E 119 22.56 -13.68 45.45
C MET E 119 23.13 -13.87 46.86
N LEU E 120 23.27 -15.12 47.29
CA LEU E 120 23.93 -15.42 48.55
C LEU E 120 25.37 -14.91 48.56
N ALA E 121 26.10 -15.12 47.46
CA ALA E 121 27.49 -14.70 47.37
C ALA E 121 27.64 -13.19 47.40
N VAL E 122 26.66 -12.45 46.91
CA VAL E 122 26.68 -11.01 47.11
C VAL E 122 26.34 -10.67 48.56
N GLU E 123 25.24 -11.24 49.08
CA GLU E 123 24.76 -10.87 50.41
C GLU E 123 25.81 -11.12 51.50
N TYR E 124 26.57 -12.21 51.41
CA TYR E 124 27.57 -12.48 52.43
C TYR E 124 28.93 -11.85 52.18
N GLU E 125 29.17 -11.30 50.99
CA GLU E 125 30.44 -10.66 50.64
C GLU E 125 31.58 -11.62 51.00
N SER E 126 32.60 -11.18 51.73
CA SER E 126 33.70 -12.03 52.18
C SER E 126 33.38 -12.88 53.40
N ASN E 127 32.17 -12.79 53.95
CA ASN E 127 31.85 -13.58 55.14
C ASN E 127 31.45 -15.01 54.81
N ALA E 128 31.45 -15.39 53.54
CA ALA E 128 31.26 -16.79 53.16
C ALA E 128 32.05 -17.06 51.89
N MET E 129 32.52 -18.30 51.77
CA MET E 129 33.23 -18.76 50.58
C MET E 129 32.30 -19.70 49.81
N ILE E 130 31.64 -19.17 48.78
CA ILE E 130 30.68 -19.94 48.00
C ILE E 130 31.32 -20.30 46.67
N VAL E 131 31.37 -21.60 46.38
CA VAL E 131 32.08 -22.16 45.25
C VAL E 131 31.23 -23.28 44.66
N LYS E 132 31.57 -23.70 43.45
CA LYS E 132 30.76 -24.67 42.75
C LYS E 132 31.65 -25.65 41.98
N VAL E 133 31.11 -26.85 41.80
CA VAL E 133 31.85 -27.99 41.24
C VAL E 133 30.96 -28.66 40.21
N ASP E 134 31.28 -28.51 38.93
CA ASP E 134 30.48 -29.08 37.87
C ASP E 134 30.65 -30.61 37.85
N THR E 135 29.57 -31.33 38.14
CA THR E 135 29.61 -32.79 38.19
C THR E 135 29.71 -33.44 36.82
N ASP E 136 29.74 -32.66 35.73
CA ASP E 136 30.22 -33.21 34.47
C ASP E 136 31.72 -33.48 34.53
N ASP E 137 32.46 -32.64 35.25
CA ASP E 137 33.90 -32.74 35.34
C ASP E 137 34.34 -33.60 36.53
N GLU E 138 33.66 -33.46 37.67
CA GLU E 138 34.08 -34.10 38.90
C GLU E 138 33.03 -35.09 39.38
N TYR E 139 32.58 -35.96 38.47
CA TYR E 139 31.49 -36.87 38.76
C TYR E 139 31.86 -37.87 39.84
N GLU E 140 33.06 -38.47 39.75
CA GLU E 140 33.48 -39.42 40.75
C GLU E 140 33.68 -38.77 42.11
N PHE E 141 34.14 -37.52 42.12
CA PHE E 141 34.23 -36.78 43.37
C PHE E 141 32.86 -36.48 43.95
N ALA E 142 31.89 -36.15 43.10
CA ALA E 142 30.52 -35.98 43.59
C ALA E 142 29.98 -37.27 44.20
N ARG E 143 30.23 -38.40 43.54
CA ARG E 143 29.83 -39.69 44.09
C ARG E 143 30.52 -39.98 45.42
N ASP E 144 31.80 -39.63 45.54
CA ASP E 144 32.49 -39.82 46.81
C ASP E 144 32.01 -38.86 47.88
N MET E 145 31.57 -37.66 47.49
CA MET E 145 30.86 -36.76 48.39
C MET E 145 29.46 -37.24 48.75
N GLN E 146 29.05 -38.43 48.32
CA GLN E 146 27.74 -39.00 48.60
C GLN E 146 26.61 -38.17 48.01
N VAL E 147 26.92 -37.31 47.04
CA VAL E 147 25.87 -36.61 46.31
C VAL E 147 24.99 -37.65 45.63
N ARG E 148 23.67 -37.50 45.79
CA ARG E 148 22.73 -38.40 45.14
C ARG E 148 21.78 -37.64 44.22
N GLY E 149 22.13 -36.42 43.82
CA GLY E 149 21.29 -35.65 42.94
C GLY E 149 21.75 -34.21 42.89
N LEU E 150 21.16 -33.47 41.95
CA LEU E 150 21.44 -32.06 41.75
C LEU E 150 20.11 -31.33 41.59
N PRO E 151 19.91 -30.20 42.27
CA PRO E 151 20.86 -29.32 42.97
C PRO E 151 21.21 -29.71 44.41
N THR E 152 22.49 -29.91 44.70
CA THR E 152 22.96 -30.32 46.02
C THR E 152 23.97 -29.29 46.50
N LEU E 153 24.10 -29.16 47.82
CA LEU E 153 24.95 -28.13 48.39
C LEU E 153 25.57 -28.61 49.69
N PHE E 154 26.87 -28.42 49.84
CA PHE E 154 27.54 -28.66 51.11
C PHE E 154 27.85 -27.35 51.80
N PHE E 155 27.61 -27.31 53.10
CA PHE E 155 28.01 -26.23 53.98
C PHE E 155 29.05 -26.79 54.94
N ILE E 156 30.30 -26.39 54.74
CA ILE E 156 31.44 -26.92 55.47
C ILE E 156 31.89 -25.85 56.46
N SER E 157 31.89 -26.19 57.74
CA SER E 157 32.20 -25.24 58.78
C SER E 157 33.69 -24.88 58.73
N PRO E 158 34.04 -23.66 59.16
CA PRO E 158 35.47 -23.33 59.28
C PRO E 158 36.13 -24.06 60.43
N ASP E 159 35.41 -24.34 61.51
CA ASP E 159 35.87 -25.25 62.52
C ASP E 159 35.89 -26.65 61.93
N PRO E 160 37.04 -27.33 61.89
CA PRO E 160 37.10 -28.62 61.20
C PRO E 160 36.54 -29.79 62.01
N SER E 161 36.20 -29.58 63.28
CA SER E 161 35.60 -30.63 64.07
C SER E 161 34.14 -30.87 63.71
N LYS E 162 33.42 -29.83 63.32
CA LYS E 162 31.99 -29.95 63.08
C LYS E 162 31.71 -30.74 61.80
N ASP E 163 30.61 -31.49 61.82
CA ASP E 163 30.11 -32.15 60.62
C ASP E 163 29.54 -31.14 59.63
N ALA E 164 29.83 -31.36 58.35
CA ALA E 164 29.28 -30.54 57.28
C ALA E 164 27.81 -30.90 57.05
N ILE E 165 27.09 -29.97 56.45
CA ILE E 165 25.67 -30.17 56.15
C ILE E 165 25.48 -30.30 54.64
N ARG E 166 24.92 -31.41 54.20
CA ARG E 166 24.48 -31.56 52.82
C ARG E 166 22.99 -31.26 52.72
N THR E 167 22.62 -30.42 51.76
CA THR E 167 21.22 -30.13 51.46
C THR E 167 20.93 -30.49 50.01
N GLU E 168 19.70 -30.90 49.76
CA GLU E 168 19.29 -31.46 48.49
C GLU E 168 18.01 -30.79 48.00
N GLY E 169 17.98 -30.45 46.72
CA GLY E 169 16.91 -29.68 46.15
C GLY E 169 17.13 -28.18 46.26
N LEU E 170 16.25 -27.43 45.61
CA LEU E 170 16.23 -25.99 45.77
C LEU E 170 15.72 -25.61 47.16
N ILE E 171 16.61 -25.55 48.14
CA ILE E 171 16.30 -24.99 49.44
C ILE E 171 16.16 -23.48 49.32
N PRO E 172 15.33 -22.84 50.14
CA PRO E 172 15.21 -21.39 50.08
C PRO E 172 16.51 -20.71 50.44
N LEU E 173 16.73 -19.53 49.84
CA LEU E 173 17.87 -18.70 50.20
C LEU E 173 17.84 -18.34 51.68
N GLN E 174 16.66 -18.29 52.29
CA GLN E 174 16.58 -18.08 53.73
C GLN E 174 17.05 -19.31 54.50
N MET E 175 16.88 -20.51 53.96
CA MET E 175 17.45 -21.68 54.61
C MET E 175 18.97 -21.68 54.50
N MET E 176 19.50 -21.20 53.37
CA MET E 176 20.94 -21.02 53.26
C MET E 176 21.46 -20.06 54.32
N ARG E 177 20.79 -18.91 54.47
CA ARG E 177 21.19 -17.96 55.50
C ARG E 177 21.09 -18.57 56.90
N ASP E 178 20.00 -19.30 57.16
CA ASP E 178 19.85 -19.98 58.45
C ASP E 178 21.02 -20.91 58.74
N ILE E 179 21.35 -21.78 57.77
CA ILE E 179 22.47 -22.72 57.95
C ILE E 179 23.76 -21.95 58.20
N ILE E 180 24.05 -20.95 57.37
CA ILE E 180 25.33 -20.26 57.45
C ILE E 180 25.47 -19.51 58.77
N ASP E 181 24.39 -18.89 59.24
CA ASP E 181 24.47 -18.09 60.46
C ASP E 181 24.41 -18.94 61.72
N ASN E 182 23.64 -20.03 61.70
CA ASN E 182 23.30 -20.75 62.92
C ASN E 182 23.90 -22.14 63.02
N ASP E 183 24.32 -22.75 61.91
CA ASP E 183 24.88 -24.09 61.94
C ASP E 183 26.37 -24.17 61.63
N MET E 184 26.93 -23.17 60.97
CA MET E 184 28.35 -23.18 60.62
C MET E 184 29.19 -22.48 61.67
N LEU F 77 -31.14 46.89 72.96
CA LEU F 77 -32.26 47.81 72.88
C LEU F 77 -33.53 47.18 73.46
N VAL F 78 -34.14 46.27 72.69
CA VAL F 78 -35.37 45.63 73.12
C VAL F 78 -35.12 44.88 74.42
N ARG F 79 -36.01 45.06 75.40
CA ARG F 79 -35.79 44.61 76.76
C ARG F 79 -36.79 43.53 77.13
N LYS F 80 -36.30 42.38 77.55
CA LYS F 80 -37.15 41.37 78.16
C LYS F 80 -37.59 41.83 79.54
N LEU F 81 -38.89 41.73 79.81
CA LEU F 81 -39.44 42.09 81.11
C LEU F 81 -39.93 40.84 81.85
N THR F 82 -40.67 41.08 82.93
CA THR F 82 -41.60 40.11 83.49
C THR F 82 -42.96 40.78 83.67
N ALA F 83 -43.98 39.95 83.89
CA ALA F 83 -45.35 40.46 83.92
C ALA F 83 -45.53 41.55 84.97
N GLU F 84 -44.87 41.42 86.12
CA GLU F 84 -45.00 42.43 87.16
C GLU F 84 -44.28 43.73 86.78
N GLU F 85 -43.12 43.61 86.14
CA GLU F 85 -42.40 44.79 85.68
C GLU F 85 -43.14 45.46 84.53
N LEU F 86 -43.72 44.69 83.61
CA LEU F 86 -44.56 45.28 82.59
C LEU F 86 -45.80 45.95 83.19
N GLN F 87 -46.42 45.32 84.19
CA GLN F 87 -47.57 45.93 84.85
C GLN F 87 -47.22 47.28 85.47
N GLU F 88 -46.08 47.36 86.16
CA GLU F 88 -45.70 48.66 86.74
C GLU F 88 -45.27 49.65 85.67
N LEU F 89 -44.67 49.17 84.57
CA LEU F 89 -44.32 50.06 83.48
C LEU F 89 -45.56 50.64 82.81
N VAL F 90 -46.61 49.83 82.66
CA VAL F 90 -47.81 50.28 81.95
C VAL F 90 -48.72 51.11 82.84
N LYS F 91 -48.75 50.84 84.14
CA LYS F 91 -49.58 51.64 85.04
C LYS F 91 -48.87 52.89 85.56
N GLY F 92 -47.55 52.97 85.43
CA GLY F 92 -46.82 54.16 85.78
C GLY F 92 -46.90 55.25 84.73
N GLU F 93 -46.16 56.32 84.99
CA GLU F 93 -46.06 57.44 84.06
C GLU F 93 -45.09 57.12 82.93
N ARG F 94 -45.39 57.60 81.73
CA ARG F 94 -44.52 57.40 80.58
C ARG F 94 -44.43 58.68 79.77
N LYS F 95 -43.29 58.86 79.11
CA LYS F 95 -43.09 59.99 78.21
C LYS F 95 -43.48 59.70 76.77
N VAL F 96 -43.49 58.42 76.38
CA VAL F 96 -43.54 58.03 74.97
C VAL F 96 -44.45 56.82 74.82
N PRO F 97 -44.99 56.60 73.63
CA PRO F 97 -45.75 55.37 73.40
C PRO F 97 -44.91 54.14 73.65
N LEU F 98 -45.52 53.14 74.29
CA LEU F 98 -44.84 51.89 74.63
C LEU F 98 -45.32 50.78 73.71
N ILE F 99 -44.38 50.12 73.05
CA ILE F 99 -44.69 48.92 72.28
C ILE F 99 -44.28 47.73 73.12
N VAL F 100 -45.19 46.77 73.30
CA VAL F 100 -44.88 45.51 73.98
C VAL F 100 -45.15 44.35 73.04
N ASP F 101 -44.12 43.58 72.75
CA ASP F 101 -44.17 42.51 71.75
C ASP F 101 -44.24 41.17 72.47
N PHE F 102 -45.32 40.43 72.27
CA PHE F 102 -45.46 39.10 72.83
C PHE F 102 -44.81 38.10 71.88
N TYR F 103 -43.85 37.35 72.40
CA TYR F 103 -43.07 36.44 71.58
C TYR F 103 -42.88 35.14 72.35
N ALA F 104 -42.38 34.13 71.64
CA ALA F 104 -41.95 32.90 72.29
C ALA F 104 -40.64 32.43 71.67
N THR F 105 -39.92 31.62 72.45
CA THR F 105 -38.69 31.04 71.94
C THR F 105 -38.94 30.07 70.79
N TRP F 106 -40.13 29.49 70.71
CA TRP F 106 -40.44 28.51 69.68
C TRP F 106 -40.85 29.14 68.37
N CYS F 107 -41.09 30.45 68.34
CA CYS F 107 -41.82 31.08 67.25
C CYS F 107 -40.87 31.60 66.19
N GLY F 108 -41.14 31.25 64.94
CA GLY F 108 -40.33 31.68 63.82
C GLY F 108 -40.52 33.14 63.46
N PRO F 109 -41.72 33.48 62.98
CA PRO F 109 -42.00 34.89 62.64
C PRO F 109 -41.69 35.88 63.73
N CYS F 110 -41.72 35.45 65.00
CA CYS F 110 -41.34 36.34 66.09
C CYS F 110 -39.92 36.87 65.93
N ILE F 111 -39.01 36.10 65.32
CA ILE F 111 -37.66 36.60 65.11
C ILE F 111 -37.63 37.66 64.01
N LEU F 112 -38.41 37.45 62.96
CA LEU F 112 -38.59 38.50 61.95
C LEU F 112 -39.14 39.77 62.59
N MET F 113 -40.14 39.62 63.45
CA MET F 113 -40.69 40.76 64.18
C MET F 113 -39.63 41.45 65.03
N ALA F 114 -38.84 40.66 65.76
CA ALA F 114 -37.77 41.24 66.56
C ALA F 114 -36.77 42.00 65.70
N GLN F 115 -36.55 41.58 64.46
CA GLN F 115 -35.73 42.38 63.55
C GLN F 115 -36.44 43.65 63.11
N GLU F 116 -37.70 43.55 62.72
CA GLU F 116 -38.47 44.72 62.33
C GLU F 116 -38.49 45.78 63.43
N LEU F 117 -38.82 45.37 64.66
CA LEU F 117 -38.88 46.32 65.75
C LEU F 117 -37.52 46.59 66.39
N GLU F 118 -36.46 45.91 65.97
CA GLU F 118 -35.12 46.42 66.27
C GLU F 118 -34.77 47.57 65.34
N MET F 119 -35.16 47.48 64.07
CA MET F 119 -35.06 48.64 63.20
C MET F 119 -35.93 49.79 63.72
N LEU F 120 -37.13 49.46 64.18
CA LEU F 120 -37.99 50.46 64.81
C LEU F 120 -37.30 51.11 66.00
N ALA F 121 -36.79 50.30 66.92
CA ALA F 121 -36.11 50.83 68.09
C ALA F 121 -34.98 51.78 67.69
N VAL F 122 -34.10 51.33 66.80
CA VAL F 122 -32.93 52.14 66.46
C VAL F 122 -33.34 53.42 65.73
N GLU F 123 -34.46 53.41 65.00
CA GLU F 123 -34.92 54.65 64.38
C GLU F 123 -35.78 55.52 65.28
N TYR F 124 -36.28 54.98 66.40
CA TYR F 124 -37.18 55.71 67.29
C TYR F 124 -36.65 55.88 68.71
N GLU F 125 -35.47 55.34 69.02
CA GLU F 125 -35.02 55.09 70.39
C GLU F 125 -35.38 56.17 71.40
N SER F 126 -35.24 57.44 71.01
CA SER F 126 -35.55 58.54 71.92
C SER F 126 -37.01 58.96 71.87
N ASN F 127 -37.78 58.49 70.88
CA ASN F 127 -39.15 58.94 70.68
C ASN F 127 -40.19 57.86 70.91
N ALA F 128 -39.81 56.59 70.84
CA ALA F 128 -40.68 55.49 71.21
C ALA F 128 -39.84 54.39 71.85
N MET F 129 -40.48 53.59 72.69
CA MET F 129 -39.77 52.65 73.53
C MET F 129 -40.45 51.28 73.45
N ILE F 130 -39.64 50.23 73.44
CA ILE F 130 -40.03 48.90 73.00
C ILE F 130 -39.56 47.86 74.01
N VAL F 131 -40.45 46.94 74.35
CA VAL F 131 -40.17 45.87 75.30
C VAL F 131 -40.78 44.59 74.73
N LYS F 132 -40.33 43.46 75.26
CA LYS F 132 -40.83 42.18 74.80
C LYS F 132 -41.14 41.29 75.98
N VAL F 133 -42.17 40.48 75.80
CA VAL F 133 -42.77 39.66 76.85
C VAL F 133 -42.93 38.24 76.34
N ASP F 134 -42.50 37.27 77.14
CA ASP F 134 -42.26 35.91 76.68
C ASP F 134 -43.42 35.03 77.12
N THR F 135 -44.37 34.79 76.22
CA THR F 135 -45.60 34.08 76.52
C THR F 135 -45.39 32.60 76.80
N ASP F 136 -44.16 32.10 76.80
CA ASP F 136 -43.90 30.76 77.29
C ASP F 136 -44.00 30.68 78.81
N ASP F 137 -43.77 31.77 79.52
CA ASP F 137 -43.87 31.74 80.97
C ASP F 137 -44.60 32.93 81.60
N GLU F 138 -44.96 33.96 80.83
CA GLU F 138 -45.91 34.97 81.25
C GLU F 138 -47.32 34.70 80.70
N TYR F 139 -47.69 33.42 80.58
CA TYR F 139 -48.87 33.03 79.84
C TYR F 139 -50.17 33.46 80.52
N GLU F 140 -50.14 33.80 81.80
CA GLU F 140 -51.35 34.32 82.41
C GLU F 140 -51.59 35.77 81.99
N PHE F 141 -50.53 36.57 81.92
CA PHE F 141 -50.72 37.92 81.39
C PHE F 141 -51.22 37.81 79.97
N ALA F 142 -50.59 36.93 79.19
CA ALA F 142 -50.94 36.73 77.79
C ALA F 142 -52.44 36.49 77.68
N ARG F 143 -52.91 35.39 78.26
CA ARG F 143 -54.33 35.07 78.22
C ARG F 143 -55.17 36.12 78.94
N ASP F 144 -54.52 37.10 79.58
CA ASP F 144 -55.25 38.21 80.19
C ASP F 144 -55.33 39.42 79.27
N MET F 145 -54.41 39.57 78.32
CA MET F 145 -54.38 40.70 77.41
C MET F 145 -54.83 40.31 76.01
N GLN F 146 -55.84 39.43 75.93
CA GLN F 146 -56.41 38.89 74.70
C GLN F 146 -55.42 38.69 73.55
N VAL F 147 -54.39 37.87 73.76
CA VAL F 147 -53.45 37.53 72.69
C VAL F 147 -53.93 36.24 72.04
N ARG F 148 -54.36 36.33 70.78
CA ARG F 148 -54.96 35.19 70.12
C ARG F 148 -53.93 34.29 69.45
N GLY F 149 -52.67 34.73 69.41
CA GLY F 149 -51.61 33.91 68.85
C GLY F 149 -50.27 34.60 68.94
N LEU F 150 -49.41 34.37 67.96
CA LEU F 150 -48.12 35.04 67.87
C LEU F 150 -47.78 35.24 66.40
N PRO F 151 -46.98 36.25 66.07
CA PRO F 151 -46.57 37.38 66.90
C PRO F 151 -47.72 38.36 67.10
N THR F 152 -47.73 39.06 68.22
CA THR F 152 -48.71 40.11 68.49
C THR F 152 -48.04 41.19 69.31
N LEU F 153 -48.41 42.44 69.06
CA LEU F 153 -47.73 43.55 69.71
C LEU F 153 -48.73 44.65 70.01
N PHE F 154 -48.53 45.33 71.14
CA PHE F 154 -49.47 46.31 71.64
C PHE F 154 -48.80 47.68 71.68
N PHE F 155 -49.44 48.67 71.07
CA PHE F 155 -48.97 50.04 71.06
C PHE F 155 -49.72 50.84 72.11
N ILE F 156 -49.32 50.69 73.37
CA ILE F 156 -49.93 51.44 74.45
C ILE F 156 -49.61 52.92 74.28
N SER F 157 -50.63 53.76 74.43
CA SER F 157 -50.47 55.20 74.31
C SER F 157 -49.67 55.76 75.48
N PRO F 158 -48.98 56.88 75.28
CA PRO F 158 -48.26 57.51 76.40
C PRO F 158 -49.16 58.08 77.47
N ASP F 159 -50.42 58.37 77.16
CA ASP F 159 -51.36 58.87 78.15
C ASP F 159 -52.72 58.21 77.98
N PRO F 160 -53.45 58.01 79.08
CA PRO F 160 -54.67 57.20 79.04
C PRO F 160 -55.90 57.89 78.48
N SER F 161 -55.76 59.05 77.85
CA SER F 161 -56.91 59.70 77.24
C SER F 161 -57.51 58.85 76.13
N LYS F 162 -56.68 58.02 75.49
CA LYS F 162 -57.12 56.94 74.61
C LYS F 162 -56.09 55.82 74.73
N ASP F 163 -56.50 54.62 74.35
CA ASP F 163 -55.80 53.44 74.83
C ASP F 163 -55.32 52.53 73.70
N ALA F 164 -54.88 51.33 74.07
CA ALA F 164 -53.89 50.62 73.28
C ALA F 164 -54.47 49.98 72.03
N ILE F 165 -53.88 50.29 70.88
CA ILE F 165 -54.03 49.47 69.69
C ILE F 165 -53.29 48.17 69.90
N ARG F 166 -53.86 47.07 69.41
CA ARG F 166 -53.09 45.83 69.33
C ARG F 166 -53.13 45.29 67.92
N THR F 167 -52.02 44.70 67.51
CA THR F 167 -51.83 44.30 66.12
C THR F 167 -51.22 42.91 66.10
N GLU F 168 -51.75 42.07 65.22
CA GLU F 168 -51.35 40.68 65.17
C GLU F 168 -50.99 40.29 63.73
N GLY F 169 -50.06 39.34 63.62
CA GLY F 169 -49.40 39.05 62.37
C GLY F 169 -48.15 39.89 62.14
N LEU F 170 -47.38 39.44 61.16
CA LEU F 170 -46.10 40.05 60.77
C LEU F 170 -46.37 41.27 59.91
N ILE F 171 -46.79 42.35 60.56
CA ILE F 171 -47.12 43.59 59.87
C ILE F 171 -45.89 44.31 59.36
N PRO F 172 -45.99 45.03 58.23
CA PRO F 172 -44.87 45.83 57.74
C PRO F 172 -44.48 46.92 58.72
N LEU F 173 -43.18 47.23 58.76
CA LEU F 173 -42.68 48.27 59.64
C LEU F 173 -43.35 49.60 59.37
N GLN F 174 -43.68 49.89 58.12
CA GLN F 174 -44.42 51.12 57.81
C GLN F 174 -45.78 51.15 58.52
N MET F 175 -46.41 49.99 58.69
CA MET F 175 -47.67 49.93 59.44
C MET F 175 -47.46 50.19 60.93
N MET F 176 -46.22 50.15 61.41
CA MET F 176 -45.89 50.58 62.76
C MET F 176 -45.54 52.06 62.81
N ARG F 177 -44.85 52.55 61.78
CA ARG F 177 -44.63 53.99 61.66
C ARG F 177 -45.94 54.75 61.63
N ASP F 178 -46.89 54.31 60.80
CA ASP F 178 -48.18 54.96 60.69
C ASP F 178 -49.13 54.64 61.83
N ILE F 179 -48.66 53.97 62.88
CA ILE F 179 -49.30 54.02 64.19
C ILE F 179 -48.57 55.05 65.04
N ILE F 180 -47.28 54.83 65.27
CA ILE F 180 -46.51 55.63 66.20
C ILE F 180 -46.48 57.11 65.78
N ASP F 181 -46.68 57.40 64.50
CA ASP F 181 -46.69 58.77 64.01
C ASP F 181 -48.02 59.21 63.41
N ASN F 182 -49.03 58.33 63.38
CA ASN F 182 -50.32 58.70 62.80
C ASN F 182 -51.52 58.23 63.60
N ASP F 183 -51.35 57.30 64.55
CA ASP F 183 -52.37 57.02 65.55
C ASP F 183 -52.13 57.77 66.86
N MET F 184 -50.88 57.88 67.28
CA MET F 184 -50.53 58.66 68.46
C MET F 184 -50.48 60.15 68.15
N GLY G 575 49.88 69.53 -57.80
CA GLY G 575 49.98 70.18 -59.09
C GLY G 575 49.13 69.51 -60.16
N ARG G 576 49.77 69.09 -61.25
CA ARG G 576 49.06 68.48 -62.37
C ARG G 576 49.89 67.31 -62.89
N CYS G 577 49.21 66.20 -63.19
CA CYS G 577 49.86 64.99 -63.71
C CYS G 577 51.08 64.60 -62.88
N GLU G 578 50.96 64.70 -61.56
CA GLU G 578 52.11 64.70 -60.68
C GLU G 578 52.62 63.28 -60.51
N LEU G 579 53.76 62.98 -61.15
CA LEU G 579 54.33 61.63 -61.08
C LEU G 579 54.75 61.30 -59.66
N ILE G 580 54.45 60.07 -59.24
CA ILE G 580 54.99 59.54 -58.00
C ILE G 580 56.51 59.41 -58.13
N ASP G 581 57.24 60.18 -57.34
CA ASP G 581 58.69 60.30 -57.48
C ASP G 581 59.43 59.14 -56.84
N GLU G 582 59.01 57.90 -57.14
CA GLU G 582 59.59 56.71 -56.52
C GLU G 582 59.72 55.62 -57.57
N GLU G 583 60.66 54.70 -57.33
CA GLU G 583 60.96 53.67 -58.32
C GLU G 583 59.75 52.76 -58.50
N GLN G 584 59.40 52.52 -59.76
CA GLN G 584 58.14 51.84 -60.08
C GLN G 584 58.28 51.12 -61.41
N ALA G 585 57.68 49.93 -61.50
CA ALA G 585 57.65 49.19 -62.74
C ALA G 585 56.53 49.67 -63.67
N PHE G 586 55.61 50.48 -63.16
CA PHE G 586 54.52 51.03 -63.94
C PHE G 586 54.20 52.40 -63.38
N GLY G 587 53.72 53.29 -64.25
CA GLY G 587 53.49 54.66 -63.83
C GLY G 587 52.37 54.77 -62.82
N VAL G 588 52.55 55.67 -61.85
CA VAL G 588 51.47 56.14 -60.99
C VAL G 588 51.57 57.66 -60.92
N ILE G 589 50.50 58.35 -61.28
CA ILE G 589 50.45 59.81 -61.21
C ILE G 589 49.20 60.25 -60.45
N VAL G 590 49.34 61.36 -59.74
CA VAL G 590 48.30 61.89 -58.86
C VAL G 590 47.92 63.28 -59.35
N ASP G 591 46.63 63.60 -59.30
CA ASP G 591 46.13 64.80 -59.95
C ASP G 591 45.01 65.41 -59.14
N HIS G 592 44.85 66.73 -59.28
CA HIS G 592 43.76 67.47 -58.65
C HIS G 592 42.41 67.29 -59.33
N ALA G 593 42.39 66.72 -60.54
CA ALA G 593 41.16 66.62 -61.32
C ALA G 593 40.00 66.02 -60.54
N ASN G 594 39.00 66.86 -60.22
CA ASN G 594 37.79 66.42 -59.53
C ASN G 594 36.52 66.73 -60.32
N THR G 595 36.64 67.09 -61.58
CA THR G 595 35.51 67.41 -62.44
C THR G 595 35.75 66.78 -63.81
N PRO G 596 34.67 66.56 -64.59
CA PRO G 596 34.84 66.10 -65.97
C PRO G 596 35.83 66.90 -66.79
N ASP G 597 35.82 68.23 -66.68
CA ASP G 597 36.76 69.05 -67.45
C ASP G 597 38.21 68.73 -67.09
N GLY G 598 38.49 68.45 -65.81
CA GLY G 598 39.84 68.08 -65.43
C GLY G 598 40.22 66.67 -65.86
N LEU G 599 39.31 65.72 -65.66
CA LEU G 599 39.67 64.32 -65.86
C LEU G 599 39.66 63.94 -67.33
N SER G 600 38.84 64.60 -68.15
CA SER G 600 38.87 64.35 -69.58
C SER G 600 40.24 64.68 -70.16
N ARG G 601 40.74 65.90 -69.88
CA ARG G 601 42.08 66.26 -70.32
C ARG G 601 43.16 65.45 -69.63
N LEU G 602 42.89 64.96 -68.42
CA LEU G 602 43.84 64.08 -67.75
C LEU G 602 44.00 62.76 -68.51
N LEU G 603 42.88 62.12 -68.83
CA LEU G 603 42.94 60.85 -69.55
C LEU G 603 43.41 61.03 -70.98
N ASP G 604 43.11 62.17 -71.62
CA ASP G 604 43.74 62.48 -72.90
C ASP G 604 45.26 62.53 -72.78
N SER G 605 45.77 63.24 -71.77
CA SER G 605 47.21 63.37 -71.62
C SER G 605 47.85 62.02 -71.34
N VAL G 606 47.23 61.23 -70.46
CA VAL G 606 47.85 59.97 -70.08
C VAL G 606 47.77 58.96 -71.23
N ARG G 607 46.67 58.99 -71.99
CA ARG G 607 46.55 58.11 -73.14
C ARG G 607 47.54 58.48 -74.23
N GLU G 608 47.93 59.75 -74.31
CA GLU G 608 48.95 60.13 -75.29
C GLU G 608 50.30 59.46 -74.99
N LEU G 609 50.56 59.10 -73.74
CA LEU G 609 51.73 58.30 -73.39
C LEU G 609 51.62 56.86 -73.88
N LYS G 610 50.45 56.43 -74.35
CA LYS G 610 50.19 55.05 -74.74
C LYS G 610 50.61 54.03 -73.67
N PRO G 611 50.06 54.11 -72.46
CA PRO G 611 50.27 53.03 -71.49
C PRO G 611 49.76 51.69 -72.01
N ARG G 612 50.31 50.62 -71.43
CA ARG G 612 49.79 49.28 -71.71
C ARG G 612 48.34 49.15 -71.25
N ARG G 613 48.05 49.62 -70.04
CA ARG G 613 46.70 49.80 -69.55
C ARG G 613 46.69 50.99 -68.59
N ILE G 614 45.51 51.60 -68.44
CA ILE G 614 45.31 52.70 -67.50
C ILE G 614 44.27 52.30 -66.45
N ILE G 615 44.60 52.56 -65.19
CA ILE G 615 43.69 52.40 -64.06
C ILE G 615 43.36 53.79 -63.55
N THR G 616 42.07 54.09 -63.41
CA THR G 616 41.62 55.40 -62.96
C THR G 616 40.93 55.29 -61.61
N VAL G 617 41.42 56.07 -60.63
CA VAL G 617 40.72 56.30 -59.37
C VAL G 617 40.21 57.73 -59.37
N ILE G 618 38.95 57.92 -58.95
CA ILE G 618 38.32 59.23 -58.92
C ILE G 618 37.26 59.22 -57.83
N GLY G 619 36.94 60.41 -57.33
CA GLY G 619 35.88 60.57 -56.34
C GLY G 619 35.31 61.97 -56.41
N CYS G 620 34.12 62.12 -55.83
CA CYS G 620 33.37 63.36 -55.89
C CYS G 620 32.98 63.81 -54.50
N ALA G 621 33.14 65.11 -54.24
CA ALA G 621 32.68 65.69 -52.99
C ALA G 621 31.18 65.50 -52.82
N GLY G 622 30.74 65.48 -51.56
CA GLY G 622 29.33 65.39 -51.28
C GLY G 622 28.63 66.72 -51.33
N GLU G 623 27.30 66.64 -51.43
CA GLU G 623 26.40 67.78 -51.25
C GLU G 623 26.55 68.88 -52.30
N ASN G 624 27.47 68.71 -53.25
CA ASN G 624 27.76 69.77 -54.19
C ASN G 624 27.87 69.22 -55.61
N GLU G 625 27.33 69.99 -56.56
CA GLU G 625 27.46 69.74 -58.00
C GLU G 625 27.06 68.33 -58.38
N ARG G 626 25.85 67.94 -57.95
CA ARG G 626 25.30 66.60 -58.15
C ARG G 626 25.47 66.07 -59.57
N GLY G 627 25.27 66.95 -60.56
CA GLY G 627 25.14 66.49 -61.93
C GLY G 627 26.39 65.80 -62.42
N LYS G 628 27.55 66.22 -61.93
CA LYS G 628 28.79 65.79 -62.55
C LYS G 628 29.09 64.34 -62.18
N ARG G 629 28.44 63.81 -61.13
CA ARG G 629 28.87 62.52 -60.59
C ARG G 629 28.86 61.39 -61.60
N PRO G 630 27.77 61.12 -62.34
CA PRO G 630 27.84 60.06 -63.35
C PRO G 630 28.61 60.43 -64.62
N VAL G 631 28.78 61.72 -64.91
CA VAL G 631 29.42 62.13 -66.15
C VAL G 631 30.89 61.73 -66.15
N MET G 632 31.60 61.99 -65.06
CA MET G 632 32.99 61.54 -65.00
C MET G 632 33.09 60.03 -65.07
N THR G 633 32.07 59.32 -64.57
CA THR G 633 32.04 57.87 -64.75
C THR G 633 31.96 57.55 -66.23
N LYS G 634 31.07 58.23 -66.96
CA LYS G 634 30.96 57.99 -68.38
C LYS G 634 32.28 58.22 -69.08
N ILE G 635 33.08 59.17 -68.58
CA ILE G 635 34.41 59.35 -69.13
C ILE G 635 35.28 58.13 -68.79
N ALA G 636 35.45 57.86 -67.50
CA ALA G 636 36.40 56.82 -67.09
C ALA G 636 36.04 55.47 -67.66
N THR G 637 34.76 55.12 -67.65
CA THR G 637 34.36 53.79 -68.08
C THR G 637 34.51 53.63 -69.59
N GLU G 638 34.58 54.74 -70.32
CA GLU G 638 34.90 54.64 -71.74
C GLU G 638 36.39 54.72 -71.99
N LYS G 639 37.12 55.46 -71.15
CA LYS G 639 38.50 55.81 -71.48
C LYS G 639 39.55 55.10 -70.63
N SER G 640 39.15 54.48 -69.52
CA SER G 640 40.09 53.78 -68.64
C SER G 640 39.81 52.28 -68.67
N ASP G 641 40.83 51.50 -69.03
CA ASP G 641 40.65 50.06 -69.15
C ASP G 641 40.24 49.44 -67.82
N VAL G 642 40.66 50.06 -66.72
CA VAL G 642 40.15 49.78 -65.38
C VAL G 642 39.82 51.11 -64.74
N THR G 643 38.76 51.15 -63.94
CA THR G 643 38.52 52.30 -63.08
C THR G 643 38.03 51.82 -61.72
N MET G 644 38.43 52.56 -60.68
CA MET G 644 38.23 52.16 -59.28
C MET G 644 37.66 53.37 -58.52
N LEU G 645 36.34 53.43 -58.43
CA LEU G 645 35.68 54.58 -57.82
C LEU G 645 35.83 54.52 -56.30
N THR G 646 35.94 55.70 -55.69
CA THR G 646 36.12 55.75 -54.24
C THR G 646 35.59 57.06 -53.70
N SER G 647 35.50 57.12 -52.37
CA SER G 647 35.07 58.31 -51.65
C SER G 647 36.10 59.44 -51.83
N ASP G 648 35.60 60.66 -51.86
CA ASP G 648 36.43 61.83 -51.58
C ASP G 648 35.55 62.97 -51.10
N ASN G 649 35.85 63.49 -49.91
CA ASN G 649 35.09 64.57 -49.29
C ASN G 649 33.56 64.38 -49.34
N PRO G 650 33.05 63.21 -48.95
CA PRO G 650 31.61 62.96 -49.15
C PRO G 650 30.72 63.71 -48.16
N GLY G 651 31.30 64.37 -47.17
CA GLY G 651 30.53 65.14 -46.22
C GLY G 651 29.48 64.30 -45.51
N ASN G 652 28.25 64.80 -45.50
CA ASN G 652 27.14 64.11 -44.85
C ASN G 652 26.47 63.07 -45.74
N GLU G 653 26.81 63.03 -47.03
CA GLU G 653 26.31 61.97 -47.89
C GLU G 653 27.04 60.66 -47.65
N ASP G 654 26.30 59.56 -47.68
CA ASP G 654 26.89 58.24 -47.54
C ASP G 654 27.80 57.97 -48.73
N PRO G 655 29.05 57.57 -48.51
CA PRO G 655 29.92 57.19 -49.65
C PRO G 655 29.27 56.21 -50.61
N LEU G 656 28.45 55.29 -50.11
CA LEU G 656 27.75 54.36 -51.00
C LEU G 656 26.74 55.07 -51.86
N ASP G 657 26.12 56.15 -51.35
CA ASP G 657 25.23 56.94 -52.18
C ASP G 657 25.99 57.61 -53.31
N ILE G 658 27.16 58.18 -53.01
CA ILE G 658 27.99 58.77 -54.03
C ILE G 658 28.38 57.74 -55.08
N LEU G 659 28.76 56.54 -54.63
CA LEU G 659 29.13 55.48 -55.57
C LEU G 659 27.95 55.04 -56.42
N ASP G 660 26.74 55.03 -55.87
CA ASP G 660 25.57 54.69 -56.67
C ASP G 660 25.23 55.78 -57.68
N ASP G 661 25.40 57.05 -57.28
CA ASP G 661 25.25 58.14 -58.24
C ASP G 661 26.25 58.01 -59.39
N MET G 662 27.49 57.62 -59.08
CA MET G 662 28.47 57.40 -60.14
C MET G 662 28.08 56.22 -61.01
N LEU G 663 27.73 55.09 -60.39
CA LEU G 663 27.41 53.88 -61.12
C LEU G 663 26.21 54.05 -62.04
N SER G 664 25.27 54.93 -61.66
CA SER G 664 24.12 55.20 -62.51
C SER G 664 24.50 55.66 -63.91
N GLY G 665 25.70 56.21 -64.08
CA GLY G 665 26.18 56.60 -65.40
C GLY G 665 26.43 55.47 -66.36
N ILE G 666 26.46 54.22 -65.90
CA ILE G 666 26.64 53.10 -66.82
C ILE G 666 25.62 52.01 -66.50
N GLY G 667 24.51 52.40 -65.90
CA GLY G 667 23.40 51.49 -65.70
C GLY G 667 23.58 50.44 -64.62
N TRP G 668 24.73 50.41 -63.96
CA TRP G 668 24.87 49.61 -62.75
C TRP G 668 24.28 50.35 -61.56
N THR G 669 23.59 49.61 -60.69
CA THR G 669 23.37 50.06 -59.33
C THR G 669 24.44 49.51 -58.40
N MET G 670 24.47 50.06 -57.17
CA MET G 670 25.20 49.44 -56.08
C MET G 670 24.81 47.98 -55.88
N GLN G 671 23.54 47.62 -56.15
CA GLN G 671 23.12 46.24 -55.97
C GLN G 671 23.71 45.33 -57.04
N GLU G 672 23.83 45.80 -58.28
CA GLU G 672 24.54 45.01 -59.29
C GLU G 672 25.95 44.70 -58.85
N TYR G 673 26.67 45.72 -58.35
CA TYR G 673 28.04 45.53 -57.93
C TYR G 673 28.13 44.55 -56.77
N LEU G 674 27.31 44.75 -55.72
CA LEU G 674 27.40 43.87 -54.56
C LEU G 674 26.98 42.44 -54.88
N LYS G 675 25.98 42.25 -55.74
CA LYS G 675 25.61 40.91 -56.17
C LYS G 675 26.74 40.24 -56.94
N HIS G 676 27.35 40.95 -57.89
CA HIS G 676 28.52 40.39 -58.56
C HIS G 676 29.68 40.17 -57.60
N GLY G 677 29.73 40.91 -56.49
CA GLY G 677 30.68 40.62 -55.44
C GLY G 677 30.41 39.28 -54.79
N GLU G 678 29.15 39.02 -54.44
CA GLU G 678 28.79 37.72 -53.90
C GLU G 678 28.95 36.62 -54.94
N HIS G 679 28.66 36.91 -56.20
CA HIS G 679 29.00 36.02 -57.29
C HIS G 679 30.50 36.01 -57.63
N ASP G 680 31.35 36.61 -56.80
CA ASP G 680 32.80 36.48 -56.85
C ASP G 680 33.40 36.99 -58.17
N TYR G 681 32.65 37.75 -58.96
CA TYR G 681 33.09 38.05 -60.32
C TYR G 681 32.39 39.33 -60.80
N TYR G 682 33.11 40.44 -60.76
CA TYR G 682 32.68 41.69 -61.36
C TYR G 682 32.87 41.64 -62.88
N PRO G 683 31.80 41.58 -63.65
CA PRO G 683 31.92 41.34 -65.10
C PRO G 683 32.58 42.53 -65.78
N PRO G 684 33.13 42.33 -66.97
CA PRO G 684 33.57 43.47 -67.78
C PRO G 684 32.40 44.26 -68.35
N LEU G 685 32.68 45.53 -68.64
CA LEU G 685 31.69 46.40 -69.24
C LEU G 685 31.47 46.04 -70.71
N SER G 686 30.54 46.75 -71.35
CA SER G 686 30.21 46.47 -72.74
C SER G 686 31.42 46.63 -73.66
N ASN G 687 32.40 47.44 -73.27
CA ASN G 687 33.64 47.60 -74.02
C ASN G 687 34.72 46.61 -73.57
N GLY G 688 34.45 45.78 -72.57
CA GLY G 688 35.44 44.87 -72.03
C GLY G 688 36.30 45.42 -70.92
N HIS G 689 36.16 46.69 -70.58
CA HIS G 689 36.82 47.25 -69.42
C HIS G 689 36.12 46.80 -68.14
N ARG G 690 36.82 46.93 -67.01
CA ARG G 690 36.28 46.51 -65.73
C ARG G 690 36.10 47.71 -64.80
N LEU G 691 35.09 47.61 -63.94
CA LEU G 691 34.69 48.68 -63.04
C LEU G 691 34.62 48.15 -61.62
N PHE G 692 35.25 48.86 -60.69
CA PHE G 692 35.35 48.45 -59.28
C PHE G 692 35.09 49.66 -58.40
N LEU G 693 34.87 49.41 -57.11
CA LEU G 693 34.76 50.51 -56.15
C LEU G 693 35.15 50.03 -54.76
N HIS G 694 35.49 50.99 -53.91
CA HIS G 694 35.54 50.78 -52.46
C HIS G 694 35.50 52.15 -51.79
N ASP G 695 34.75 52.24 -50.69
CA ASP G 695 34.53 53.53 -50.03
C ASP G 695 35.76 54.02 -49.28
N VAL G 696 36.62 53.10 -48.81
CA VAL G 696 37.81 53.48 -48.05
C VAL G 696 38.92 53.85 -49.03
N ARG G 697 39.14 55.15 -49.22
CA ARG G 697 40.03 55.62 -50.27
C ARG G 697 41.42 55.01 -50.17
N ARG G 698 41.94 54.85 -48.95
CA ARG G 698 43.26 54.23 -48.77
C ARG G 698 43.34 52.87 -49.44
N VAL G 699 42.34 52.03 -49.19
CA VAL G 699 42.39 50.69 -49.75
C VAL G 699 42.11 50.72 -51.24
N ALA G 700 41.22 51.62 -51.69
CA ALA G 700 40.91 51.69 -53.10
C ALA G 700 42.14 52.08 -53.92
N VAL G 701 42.86 53.11 -53.47
CA VAL G 701 44.05 53.55 -54.20
C VAL G 701 45.17 52.52 -54.12
N ARG G 702 45.38 51.91 -52.95
CA ARG G 702 46.45 50.92 -52.89
C ARG G 702 46.12 49.63 -53.63
N CYS G 703 44.85 49.22 -53.65
CA CYS G 703 44.46 48.12 -54.54
C CYS G 703 44.65 48.50 -56.00
N ALA G 704 44.35 49.75 -56.34
CA ALA G 704 44.52 50.22 -57.72
C ALA G 704 45.98 50.11 -58.15
N VAL G 705 46.90 50.59 -57.31
CA VAL G 705 48.32 50.45 -57.65
C VAL G 705 48.73 48.98 -57.63
N ALA G 706 48.09 48.17 -56.77
CA ALA G 706 48.32 46.73 -56.80
C ALA G 706 47.82 46.06 -58.08
N MET G 707 46.95 46.74 -58.83
CA MET G 707 46.51 46.19 -60.11
C MET G 707 47.58 46.25 -61.18
N GLY G 708 48.65 47.02 -60.97
CA GLY G 708 49.54 47.37 -62.05
C GLY G 708 50.37 46.19 -62.54
N GLU G 709 50.69 46.23 -63.82
CA GLU G 709 51.60 45.31 -64.46
C GLU G 709 52.64 46.12 -65.24
N GLU G 710 53.72 45.46 -65.64
CA GLU G 710 54.82 46.16 -66.32
C GLU G 710 54.30 46.96 -67.50
N GLY G 711 54.54 48.28 -67.46
CA GLY G 711 54.12 49.18 -68.51
C GLY G 711 52.70 49.69 -68.39
N ASP G 712 51.97 49.30 -67.36
CA ASP G 712 50.68 49.90 -67.07
C ASP G 712 50.86 51.35 -66.60
N MET G 713 49.74 52.03 -66.40
CA MET G 713 49.74 53.34 -65.77
C MET G 713 48.52 53.44 -64.85
N VAL G 714 48.63 54.26 -63.81
CA VAL G 714 47.51 54.62 -62.97
C VAL G 714 47.44 56.14 -62.87
N VAL G 715 46.22 56.67 -63.00
CA VAL G 715 45.90 58.03 -62.56
C VAL G 715 45.01 57.95 -61.34
N VAL G 716 45.38 58.69 -60.29
CA VAL G 716 44.53 58.88 -59.12
C VAL G 716 44.19 60.37 -59.07
N ALA G 717 42.91 60.70 -59.15
CA ALA G 717 42.49 62.08 -59.36
C ALA G 717 41.50 62.50 -58.28
N GLY G 718 41.51 63.80 -57.97
CA GLY G 718 40.50 64.42 -57.14
C GLY G 718 41.05 65.42 -56.16
N LYS G 719 42.34 65.33 -55.85
CA LYS G 719 42.87 66.08 -54.71
C LYS G 719 44.13 66.86 -55.08
N GLY G 720 45.12 66.16 -55.63
CA GLY G 720 46.39 66.77 -55.96
C GLY G 720 47.20 67.18 -54.74
N HIS G 721 46.64 68.05 -53.91
CA HIS G 721 47.35 68.58 -52.76
C HIS G 721 46.51 68.66 -51.49
N GLU G 722 45.23 68.31 -51.54
CA GLU G 722 44.38 68.34 -50.35
C GLU G 722 44.84 67.29 -49.35
N SER G 723 45.30 67.74 -48.18
CA SER G 723 45.83 66.87 -47.14
C SER G 723 44.76 66.29 -46.22
N TYR G 724 43.48 66.36 -46.59
CA TYR G 724 42.42 65.92 -45.69
C TYR G 724 41.29 65.27 -46.46
N GLN G 725 40.61 64.34 -45.78
CA GLN G 725 39.29 63.86 -46.18
C GLN G 725 38.23 64.59 -45.36
N LEU G 726 37.31 65.27 -46.03
CA LEU G 726 36.12 65.82 -45.39
C LEU G 726 35.02 64.76 -45.43
N GLU G 727 35.18 63.75 -44.58
CA GLU G 727 34.27 62.62 -44.55
C GLU G 727 33.53 62.57 -43.21
N GLY G 728 32.20 62.61 -43.27
CA GLY G 728 31.41 62.65 -42.05
C GLY G 728 31.56 63.97 -41.34
N ASP G 729 31.57 63.89 -40.00
CA ASP G 729 31.58 65.10 -39.17
C ASP G 729 32.88 65.87 -39.27
N LYS G 730 33.92 65.31 -39.90
CA LYS G 730 35.27 65.83 -39.73
C LYS G 730 36.00 65.88 -41.06
N LYS G 731 37.08 66.65 -41.05
CA LYS G 731 38.19 66.53 -41.99
C LYS G 731 39.40 65.94 -41.26
N GLU G 732 39.98 64.90 -41.85
CA GLU G 732 40.98 64.07 -41.21
C GLU G 732 42.18 63.89 -42.12
N PHE G 733 43.37 63.84 -41.51
CA PHE G 733 44.62 63.85 -42.26
C PHE G 733 44.74 62.63 -43.18
N TYR G 734 45.01 62.89 -44.45
CA TYR G 734 45.22 61.86 -45.47
C TYR G 734 45.78 62.53 -46.72
N ASP G 735 46.71 61.84 -47.39
CA ASP G 735 47.20 62.32 -48.69
C ASP G 735 47.47 61.15 -49.62
N ASP G 736 47.04 61.30 -50.88
CA ASP G 736 47.18 60.22 -51.86
C ASP G 736 48.64 59.89 -52.13
N ARG G 737 49.49 60.91 -52.26
CA ARG G 737 50.88 60.66 -52.59
C ARG G 737 51.60 59.91 -51.48
N GLU G 738 51.45 60.37 -50.24
CA GLU G 738 52.18 59.71 -49.16
C GLU G 738 51.59 58.34 -48.82
N GLU G 739 50.33 58.11 -49.19
CA GLU G 739 49.78 56.76 -49.17
C GLU G 739 50.38 55.87 -50.25
N CYS G 740 50.75 56.43 -51.41
CA CYS G 740 51.25 55.58 -52.49
C CYS G 740 52.77 55.38 -52.48
N ARG G 741 53.53 56.41 -52.10
CA ARG G 741 54.97 56.44 -52.35
C ARG G 741 55.67 55.21 -51.76
N GLU G 742 55.54 55.01 -50.45
CA GLU G 742 56.11 53.81 -49.84
C GLU G 742 55.40 52.55 -50.29
N ALA G 743 54.11 52.65 -50.61
CA ALA G 743 53.34 51.47 -51.02
C ALA G 743 53.90 50.83 -52.29
N LEU G 744 54.41 51.64 -53.21
CA LEU G 744 55.03 51.11 -54.43
C LEU G 744 56.28 50.28 -54.18
N GLN G 745 56.87 50.33 -52.98
CA GLN G 745 58.01 49.47 -52.68
C GLN G 745 57.68 48.21 -51.89
N TYR G 746 56.46 48.07 -51.37
CA TYR G 746 56.06 46.82 -50.73
C TYR G 746 54.86 46.15 -51.40
N VAL G 747 54.27 46.78 -52.41
CA VAL G 747 53.18 46.17 -53.16
C VAL G 747 53.63 44.88 -53.83
N ASP G 748 54.92 44.74 -54.12
CA ASP G 748 55.42 43.49 -54.68
C ASP G 748 55.42 42.35 -53.67
N GLU G 749 55.35 42.66 -52.37
CA GLU G 749 55.20 41.61 -51.38
C GLU G 749 53.85 40.91 -51.47
N LEU G 750 52.85 41.56 -52.06
CA LEU G 750 51.60 40.87 -52.38
C LEU G 750 51.86 39.70 -53.32
N HIS G 751 52.54 39.96 -54.44
CA HIS G 751 52.86 38.89 -55.38
C HIS G 751 53.83 37.90 -54.79
N GLN G 752 54.76 38.36 -53.95
CA GLN G 752 55.65 37.44 -53.24
C GLN G 752 54.87 36.52 -52.32
N ALA G 753 53.86 37.05 -51.63
CA ALA G 753 52.98 36.25 -50.80
C ALA G 753 51.86 35.57 -51.58
N GLY G 754 51.91 35.59 -52.91
CA GLY G 754 50.95 34.86 -53.71
C GLY G 754 49.57 35.48 -53.80
N ILE G 755 49.39 36.72 -53.37
CA ILE G 755 48.12 37.43 -53.55
C ILE G 755 47.98 37.81 -55.01
N ASP G 756 47.22 37.01 -55.76
CA ASP G 756 47.00 37.24 -57.19
C ASP G 756 46.02 38.39 -57.35
N THR G 757 46.55 39.57 -57.69
CA THR G 757 45.76 40.78 -57.89
C THR G 757 45.34 40.97 -59.35
N SER G 758 45.45 39.94 -60.20
CA SER G 758 45.11 40.09 -61.61
C SER G 758 43.64 40.44 -61.85
N GLU G 759 42.78 40.23 -60.87
CA GLU G 759 41.46 40.86 -60.87
C GLU G 759 41.08 41.25 -59.45
N PHE G 760 40.17 42.21 -59.35
CA PHE G 760 39.89 42.85 -58.06
C PHE G 760 39.35 41.89 -56.99
N PRO G 761 38.56 40.85 -57.30
CA PRO G 761 38.36 39.79 -56.30
C PRO G 761 39.57 38.89 -56.22
N TRP G 762 40.53 39.28 -55.39
CA TRP G 762 41.87 38.69 -55.41
C TRP G 762 41.80 37.18 -55.22
N ARG G 763 42.46 36.46 -56.13
CA ARG G 763 42.32 35.01 -56.27
C ARG G 763 43.30 34.25 -55.39
N LEU G 764 43.35 34.57 -54.10
CA LEU G 764 44.28 33.97 -53.16
C LEU G 764 44.16 32.44 -53.22
N PRO G 765 45.22 31.73 -53.62
CA PRO G 765 45.08 30.31 -54.00
C PRO G 765 44.42 29.43 -52.94
N GLU G 766 44.71 29.67 -51.66
CA GLU G 766 44.04 28.95 -50.59
C GLU G 766 43.18 29.84 -49.71
N SER G 767 43.39 31.16 -49.75
CA SER G 767 42.56 32.13 -49.03
C SER G 767 42.47 31.84 -47.53
N HIS G 768 43.38 31.02 -47.00
CA HIS G 768 43.30 30.57 -45.62
C HIS G 768 44.60 30.85 -44.88
N LYS H 80 -30.40 30.29 10.31
CA LYS H 80 -30.92 28.98 9.96
C LYS H 80 -31.62 29.02 8.60
N VAL H 81 -32.74 29.75 8.56
CA VAL H 81 -33.63 29.68 7.41
C VAL H 81 -33.09 30.42 6.20
N MET H 82 -32.17 31.36 6.41
CA MET H 82 -31.80 32.32 5.38
C MET H 82 -31.34 31.68 4.07
N THR H 83 -30.78 30.46 4.14
CA THR H 83 -30.32 29.85 2.91
C THR H 83 -31.45 29.38 2.01
N MET H 84 -32.63 29.13 2.57
CA MET H 84 -33.76 28.85 1.71
C MET H 84 -34.13 30.10 0.92
N ASP H 85 -34.00 31.27 1.56
CA ASP H 85 -34.24 32.49 0.81
C ASP H 85 -33.20 32.63 -0.28
N ILE H 86 -31.95 32.28 0.04
CA ILE H 86 -30.90 32.30 -0.96
C ILE H 86 -31.28 31.39 -2.11
N GLU H 87 -31.73 30.17 -1.77
CA GLU H 87 -32.09 29.24 -2.82
C GLU H 87 -33.29 29.77 -3.61
N ARG H 88 -34.27 30.36 -2.91
CA ARG H 88 -35.38 30.99 -3.60
C ARG H 88 -34.88 32.01 -4.60
N LEU H 89 -33.93 32.85 -4.19
CA LEU H 89 -33.45 33.87 -5.11
C LEU H 89 -32.60 33.26 -6.19
N LEU H 90 -31.82 32.23 -5.83
CA LEU H 90 -31.13 31.47 -6.86
C LEU H 90 -32.11 30.86 -7.83
N LEU H 91 -33.25 30.39 -7.33
CA LEU H 91 -34.28 29.88 -8.23
C LEU H 91 -34.92 31.01 -9.03
N SER H 92 -35.02 32.21 -8.44
CA SER H 92 -35.59 33.34 -9.15
C SER H 92 -34.73 33.79 -10.32
N GLU H 93 -33.46 34.09 -10.05
CA GLU H 93 -32.59 34.62 -11.08
C GLU H 93 -32.17 33.55 -12.10
N ASP H 94 -32.02 33.98 -13.35
CA ASP H 94 -31.80 33.09 -14.48
C ASP H 94 -30.33 32.73 -14.66
N ASN H 95 -29.43 33.31 -13.88
CA ASN H 95 -28.03 32.89 -13.88
C ASN H 95 -27.47 33.09 -12.47
N ARG H 96 -27.04 31.98 -11.86
CA ARG H 96 -26.46 32.02 -10.52
C ARG H 96 -25.30 33.00 -10.44
N PHE H 97 -24.40 32.97 -11.43
CA PHE H 97 -23.25 33.87 -11.39
C PHE H 97 -23.69 35.32 -11.59
N GLU H 98 -24.69 35.54 -12.42
CA GLU H 98 -25.20 36.90 -12.63
C GLU H 98 -25.93 37.39 -11.38
N PHE H 99 -26.69 36.50 -10.74
CA PHE H 99 -27.29 36.83 -9.45
C PHE H 99 -26.25 37.25 -8.42
N VAL H 100 -25.19 36.45 -8.26
CA VAL H 100 -24.18 36.77 -7.25
C VAL H 100 -23.43 38.05 -7.61
N ASN H 101 -23.18 38.28 -8.90
CA ASN H 101 -22.65 39.58 -9.34
C ASN H 101 -23.58 40.73 -8.97
N SER H 102 -24.89 40.55 -9.16
CA SER H 102 -25.83 41.60 -8.82
C SER H 102 -25.89 41.84 -7.32
N VAL H 103 -25.75 40.79 -6.51
CA VAL H 103 -25.68 40.96 -5.07
C VAL H 103 -24.42 41.73 -4.66
N ALA H 104 -23.27 41.37 -5.23
CA ALA H 104 -22.04 42.12 -4.95
C ALA H 104 -22.17 43.59 -5.35
N ALA H 105 -22.77 43.85 -6.51
CA ALA H 105 -23.01 45.21 -6.96
C ALA H 105 -23.92 45.96 -6.00
N GLU H 106 -25.03 45.34 -5.62
CA GLU H 106 -25.96 45.96 -4.70
C GLU H 106 -25.29 46.28 -3.37
N ALA H 107 -24.49 45.36 -2.85
CA ALA H 107 -23.81 45.60 -1.59
C ALA H 107 -22.80 46.76 -1.69
N THR H 108 -22.02 46.80 -2.78
CA THR H 108 -21.01 47.87 -2.88
C THR H 108 -21.65 49.22 -3.18
N GLU H 109 -22.78 49.23 -3.88
CA GLU H 109 -23.49 50.49 -4.04
C GLU H 109 -24.21 50.88 -2.75
N TYR H 110 -24.70 49.93 -1.98
CA TYR H 110 -25.25 50.25 -0.67
C TYR H 110 -24.19 50.89 0.21
N VAL H 111 -23.00 50.28 0.28
CA VAL H 111 -21.91 50.78 1.12
C VAL H 111 -21.25 52.00 0.47
N GLU H 112 -21.80 52.47 -0.64
CA GLU H 112 -21.37 53.76 -1.19
C GLU H 112 -22.42 54.84 -1.06
N LYS H 113 -23.69 54.51 -1.31
CA LYS H 113 -24.81 55.44 -1.15
C LYS H 113 -25.12 55.72 0.31
N ASN H 114 -24.77 54.82 1.22
CA ASN H 114 -24.85 55.05 2.65
C ASN H 114 -23.50 54.78 3.27
N ARG H 115 -23.08 55.67 4.17
CA ARG H 115 -21.80 55.55 4.84
C ARG H 115 -21.94 55.37 6.35
N ASP H 116 -23.13 55.03 6.83
CA ASP H 116 -23.22 54.40 8.14
C ASP H 116 -22.37 53.14 8.15
N GLU H 117 -21.74 52.85 9.30
CA GLU H 117 -20.72 51.82 9.33
C GLU H 117 -21.31 50.45 8.98
N TYR H 118 -22.46 50.14 9.57
CA TYR H 118 -23.28 48.98 9.24
C TYR H 118 -22.41 47.73 9.05
N GLY H 119 -21.70 47.37 10.10
CA GLY H 119 -20.75 46.26 9.98
C GLY H 119 -20.70 45.36 11.19
N GLY H 120 -21.63 45.53 12.13
CA GLY H 120 -21.65 44.71 13.31
C GLY H 120 -22.37 43.37 13.14
N THR H 121 -23.32 43.10 14.03
CA THR H 121 -24.08 41.84 14.01
C THR H 121 -24.89 41.65 12.74
N LYS H 122 -25.06 42.67 11.91
CA LYS H 122 -25.74 42.55 10.62
C LYS H 122 -24.84 43.01 9.49
N LYS H 123 -24.93 42.32 8.35
CA LYS H 123 -23.99 42.46 7.24
C LYS H 123 -24.72 42.80 5.95
N ALA H 124 -24.03 43.57 5.11
CA ALA H 124 -24.63 44.10 3.87
C ALA H 124 -25.13 42.98 2.96
N ILE H 125 -24.44 41.85 2.91
CA ILE H 125 -24.90 40.73 2.07
C ILE H 125 -26.25 40.23 2.56
N PHE H 126 -26.36 39.99 3.86
CA PHE H 126 -27.63 39.56 4.43
C PHE H 126 -28.71 40.61 4.24
N HIS H 127 -28.33 41.89 4.29
CA HIS H 127 -29.28 42.96 4.04
C HIS H 127 -29.83 42.90 2.61
N VAL H 128 -28.93 42.71 1.63
CA VAL H 128 -29.37 42.58 0.25
C VAL H 128 -30.30 41.39 0.08
N LEU H 129 -29.91 40.24 0.64
CA LEU H 129 -30.77 39.06 0.57
C LEU H 129 -32.13 39.31 1.24
N SER H 130 -32.14 40.01 2.36
CA SER H 130 -33.37 40.32 3.06
C SER H 130 -34.27 41.23 2.24
N ASN H 131 -33.72 42.32 1.73
CA ASN H 131 -34.52 43.24 0.92
C ASN H 131 -35.06 42.55 -0.33
N ARG H 132 -34.26 41.70 -0.96
CA ARG H 132 -34.72 41.00 -2.16
C ARG H 132 -35.81 39.98 -1.84
N VAL H 133 -35.69 39.25 -0.73
CA VAL H 133 -36.76 38.32 -0.38
C VAL H 133 -38.00 39.07 0.09
N ASN H 134 -37.85 40.27 0.67
CA ASN H 134 -39.00 41.12 0.95
C ASN H 134 -39.66 41.59 -0.35
N ASP H 135 -38.89 41.82 -1.41
CA ASP H 135 -39.49 42.09 -2.70
C ASP H 135 -40.27 40.88 -3.20
N LEU H 136 -39.76 39.68 -2.96
CA LEU H 136 -40.54 38.45 -3.15
C LEU H 136 -41.73 38.37 -2.21
N GLY H 137 -41.87 39.30 -1.27
CA GLY H 137 -43.06 39.39 -0.44
C GLY H 137 -42.96 38.71 0.91
N PHE H 138 -41.79 38.17 1.26
CA PHE H 138 -41.66 37.26 2.39
C PHE H 138 -41.23 38.02 3.63
N ASP H 139 -41.85 37.69 4.77
CA ASP H 139 -41.67 38.43 6.01
C ASP H 139 -40.38 38.00 6.69
N ARG H 140 -39.27 38.59 6.22
CA ARG H 140 -37.99 38.47 6.89
C ARG H 140 -37.47 39.85 7.28
N PRO H 141 -36.99 40.03 8.50
CA PRO H 141 -36.38 41.32 8.88
C PRO H 141 -34.98 41.45 8.31
N GLU H 142 -34.48 42.69 8.38
CA GLU H 142 -33.15 42.99 7.88
C GLU H 142 -32.11 42.12 8.58
N ALA H 143 -31.41 41.29 7.80
CA ALA H 143 -30.46 40.32 8.33
C ALA H 143 -31.11 39.35 9.31
N TYR H 144 -32.39 39.06 9.09
CA TYR H 144 -33.12 37.97 9.76
C TYR H 144 -32.95 37.99 11.28
N GLN I 38 48.55 -57.06 7.46
CA GLN I 38 49.64 -56.17 7.09
C GLN I 38 50.81 -56.95 6.49
N THR I 39 51.60 -56.26 5.67
CA THR I 39 52.85 -56.75 5.11
C THR I 39 54.03 -55.97 5.69
N PRO I 40 55.15 -56.64 5.95
CA PRO I 40 56.31 -55.96 6.51
C PRO I 40 56.74 -54.78 5.64
N LEU I 41 57.22 -53.73 6.30
CA LEU I 41 57.54 -52.49 5.60
C LEU I 41 58.70 -52.66 4.63
N GLU I 42 59.72 -53.43 5.02
CA GLU I 42 60.86 -53.67 4.14
C GLU I 42 60.48 -54.53 2.94
N GLU I 43 59.38 -55.27 3.00
CA GLU I 43 58.92 -56.03 1.86
C GLU I 43 58.14 -55.18 0.87
N LEU I 44 57.31 -54.27 1.38
CA LEU I 44 56.61 -53.33 0.52
C LEU I 44 57.59 -52.47 -0.28
N TYR I 45 58.55 -51.87 0.41
CA TYR I 45 59.55 -51.03 -0.24
C TYR I 45 60.63 -51.83 -0.94
N ASN I 46 60.66 -53.15 -0.74
CA ASN I 46 61.69 -54.02 -1.28
C ASN I 46 63.08 -53.54 -0.88
N VAL I 47 63.24 -53.26 0.41
CA VAL I 47 64.53 -53.02 1.01
C VAL I 47 65.08 -54.39 1.42
N LYS I 48 65.93 -54.97 0.58
CA LYS I 48 66.56 -56.23 0.92
C LYS I 48 67.49 -56.06 2.11
N VAL I 49 67.40 -56.96 3.09
CA VAL I 49 68.25 -56.90 4.27
C VAL I 49 68.77 -58.30 4.59
N GLU I 50 70.07 -58.52 4.36
CA GLU I 50 70.74 -59.75 4.79
C GLU I 50 71.26 -59.53 6.21
N ARG I 51 70.49 -59.98 7.20
CA ARG I 51 70.86 -59.78 8.58
C ARG I 51 71.92 -60.81 9.01
N LYS I 52 72.82 -60.36 9.88
CA LYS I 52 73.94 -61.19 10.35
C LYS I 52 74.68 -61.82 9.17
N VAL I 53 75.39 -60.96 8.44
CA VAL I 53 76.13 -61.40 7.26
C VAL I 53 77.42 -62.08 7.67
N SER I 54 77.76 -63.15 6.96
CA SER I 54 79.02 -63.85 7.16
C SER I 54 80.15 -63.15 6.40
N GLN I 55 81.37 -63.31 6.92
CA GLN I 55 82.54 -62.77 6.24
C GLN I 55 82.68 -63.33 4.82
N ARG I 56 82.19 -64.54 4.59
CA ARG I 56 82.20 -65.11 3.24
C ARG I 56 81.40 -64.27 2.25
N ARG I 57 80.50 -63.43 2.75
CA ARG I 57 79.75 -62.50 1.91
C ARG I 57 80.35 -61.10 1.92
N LEU I 58 80.89 -60.67 3.07
CA LEU I 58 81.50 -59.35 3.14
C LEU I 58 82.76 -59.25 2.29
N ASP I 59 83.53 -60.34 2.20
CA ASP I 59 84.72 -60.31 1.35
C ASP I 59 84.38 -60.49 -0.12
N GLU I 60 83.27 -61.18 -0.43
CA GLU I 60 82.77 -61.17 -1.80
C GLU I 60 82.36 -59.77 -2.22
N LEU I 61 81.59 -59.08 -1.38
CA LEU I 61 81.18 -57.72 -1.68
C LEU I 61 82.32 -56.72 -1.55
N GLY I 62 83.39 -57.06 -0.84
CA GLY I 62 84.51 -56.14 -0.71
C GLY I 62 84.29 -55.04 0.30
N VAL I 63 83.53 -55.32 1.37
CA VAL I 63 83.08 -54.28 2.29
C VAL I 63 84.25 -53.55 2.92
N SER I 64 85.40 -54.22 3.06
CA SER I 64 86.59 -53.56 3.60
C SER I 64 87.04 -52.37 2.77
N ARG I 65 86.70 -52.33 1.48
CA ARG I 65 87.04 -51.22 0.62
C ARG I 65 85.93 -50.18 0.48
N TRP I 66 84.74 -50.47 1.01
CA TRP I 66 83.63 -49.53 0.95
C TRP I 66 83.92 -48.27 1.77
N SER I 67 83.35 -47.16 1.32
CA SER I 67 83.55 -45.91 2.06
C SER I 67 82.87 -45.96 3.42
N VAL I 68 83.46 -45.29 4.41
CA VAL I 68 82.88 -45.22 5.74
C VAL I 68 81.95 -44.01 5.82
N TRP I 69 80.87 -44.16 6.57
CA TRP I 69 80.07 -43.04 7.05
C TRP I 69 79.62 -43.29 8.48
N LYS I 70 79.60 -42.24 9.29
CA LYS I 70 79.18 -42.37 10.69
C LYS I 70 78.47 -41.09 11.11
N THR I 71 77.64 -41.22 12.15
CA THR I 71 76.51 -40.30 12.25
C THR I 71 76.14 -39.85 13.66
N GLY I 72 76.58 -40.53 14.71
CA GLY I 72 76.12 -40.14 16.04
C GLY I 72 74.62 -40.24 16.18
N LYS I 73 73.96 -39.09 16.40
CA LYS I 73 72.58 -39.02 16.89
C LYS I 73 71.87 -37.89 16.16
N CYS I 74 71.13 -38.21 15.10
CA CYS I 74 70.47 -37.18 14.30
C CYS I 74 69.46 -37.82 13.36
N LYS I 75 68.76 -36.96 12.61
CA LYS I 75 67.90 -37.37 11.51
C LYS I 75 68.54 -36.94 10.20
N LEU I 76 68.64 -37.88 9.25
CA LEU I 76 68.98 -37.54 7.87
C LEU I 76 67.81 -37.86 6.95
N PRO I 77 67.14 -36.86 6.38
CA PRO I 77 66.22 -37.12 5.27
C PRO I 77 67.00 -37.34 3.98
N TRP I 78 66.63 -38.40 3.24
CA TRP I 78 67.34 -38.71 2.01
C TRP I 78 66.38 -39.30 1.00
N ASP I 79 66.65 -39.01 -0.28
CA ASP I 79 66.03 -39.72 -1.40
C ASP I 79 67.14 -40.46 -2.14
N TRP I 80 67.03 -41.78 -2.19
CA TRP I 80 68.03 -42.58 -2.88
C TRP I 80 67.87 -42.43 -4.38
N GLN I 81 68.71 -41.60 -4.98
CA GLN I 81 68.78 -41.49 -6.44
C GLN I 81 69.45 -42.70 -7.06
N VAL I 82 70.11 -43.52 -6.26
CA VAL I 82 70.82 -44.72 -6.70
C VAL I 82 70.64 -45.77 -5.61
N ASP I 83 70.70 -47.04 -5.98
CA ASP I 83 70.75 -48.09 -4.98
C ASP I 83 72.01 -47.94 -4.14
N GLN I 84 71.87 -48.15 -2.84
CA GLN I 84 73.00 -48.14 -1.92
C GLN I 84 73.07 -49.47 -1.19
N LEU I 85 74.26 -50.05 -1.11
CA LEU I 85 74.48 -51.26 -0.34
C LEU I 85 75.31 -50.87 0.88
N VAL I 86 74.78 -51.15 2.06
CA VAL I 86 75.30 -50.65 3.33
C VAL I 86 75.52 -51.82 4.28
N TYR I 87 76.72 -51.90 4.86
CA TYR I 87 77.02 -52.81 5.93
C TYR I 87 77.18 -52.00 7.21
N ILE I 88 76.33 -52.27 8.20
CA ILE I 88 76.33 -51.52 9.44
C ILE I 88 77.40 -52.09 10.36
N GLU I 89 78.45 -51.32 10.60
CA GLU I 89 79.56 -51.80 11.41
C GLU I 89 79.27 -51.69 12.90
N GLU I 90 78.57 -50.64 13.30
CA GLU I 90 78.12 -50.53 14.69
C GLU I 90 76.84 -49.73 14.75
N GLY I 91 76.13 -49.90 15.85
CA GLY I 91 74.96 -49.11 16.16
C GLY I 91 73.70 -49.59 15.47
N GLU I 92 72.77 -48.65 15.31
CA GLU I 92 71.42 -48.97 14.90
C GLU I 92 70.82 -47.82 14.12
N VAL I 93 69.96 -48.13 13.16
CA VAL I 93 69.23 -47.11 12.39
C VAL I 93 67.76 -47.45 12.30
N ARG I 94 66.91 -46.44 12.50
CA ARG I 94 65.46 -46.53 12.31
C ARG I 94 65.11 -45.78 11.05
N VAL I 95 64.59 -46.47 10.05
CA VAL I 95 64.31 -45.86 8.76
C VAL I 95 62.80 -45.71 8.64
N VAL I 96 62.33 -44.49 8.39
CA VAL I 96 60.90 -44.26 8.20
C VAL I 96 60.68 -43.71 6.81
N PRO I 97 60.08 -44.48 5.91
CA PRO I 97 59.69 -43.96 4.60
C PRO I 97 58.83 -42.72 4.71
N GLU I 98 58.94 -41.84 3.72
CA GLU I 98 58.26 -40.55 3.76
C GLU I 98 56.75 -40.74 3.91
N GLY I 99 56.17 -40.04 4.88
CA GLY I 99 54.77 -40.15 5.21
C GLY I 99 54.38 -41.36 6.03
N SER I 100 55.28 -42.34 6.17
CA SER I 100 54.96 -43.54 6.92
C SER I 100 54.95 -43.27 8.41
N LYS I 101 54.16 -44.06 9.14
CA LYS I 101 54.18 -44.05 10.60
C LYS I 101 54.81 -45.31 11.18
N ARG I 102 55.07 -46.31 10.37
CA ARG I 102 55.92 -47.44 10.74
C ARG I 102 57.39 -47.09 10.47
N PHE I 103 58.27 -47.90 11.03
CA PHE I 103 59.69 -47.84 10.72
C PHE I 103 60.21 -49.25 10.49
N MET I 104 61.34 -49.33 9.80
CA MET I 104 62.13 -50.55 9.72
C MET I 104 63.48 -50.33 10.38
N GLN I 105 63.90 -51.29 11.20
CA GLN I 105 65.08 -51.15 12.04
C GLN I 105 66.20 -52.03 11.52
N PHE I 106 67.40 -51.48 11.45
CA PHE I 106 68.57 -52.24 11.03
C PHE I 106 69.67 -52.10 12.07
N LEU I 107 70.31 -53.22 12.37
CA LEU I 107 71.27 -53.37 13.46
C LEU I 107 72.64 -53.68 12.88
N ALA I 108 73.66 -53.55 13.72
CA ALA I 108 75.01 -53.90 13.32
C ALA I 108 75.06 -55.32 12.79
N GLY I 109 75.76 -55.50 11.69
CA GLY I 109 75.81 -56.78 11.02
C GLY I 109 74.67 -57.06 10.06
N ASP I 110 73.75 -56.12 9.88
CA ASP I 110 72.78 -56.17 8.80
C ASP I 110 73.39 -55.53 7.55
N LEU I 111 73.15 -56.15 6.40
CA LEU I 111 73.54 -55.59 5.12
C LEU I 111 72.29 -55.20 4.34
N VAL I 112 72.10 -53.89 4.15
CA VAL I 112 70.87 -53.30 3.66
C VAL I 112 71.10 -52.81 2.24
N ARG I 113 70.19 -53.14 1.34
CA ARG I 113 70.18 -52.60 -0.01
C ARG I 113 69.03 -51.61 -0.11
N TYR I 114 69.32 -50.34 0.06
CA TYR I 114 68.35 -49.29 -0.16
C TYR I 114 68.10 -49.14 -1.65
N PRO I 115 66.87 -49.29 -2.13
CA PRO I 115 66.60 -49.16 -3.56
C PRO I 115 66.56 -47.71 -3.97
N LYS I 116 66.90 -47.46 -5.24
CA LYS I 116 66.75 -46.12 -5.78
C LYS I 116 65.29 -45.69 -5.77
N TRP I 117 65.10 -44.37 -5.80
CA TRP I 117 63.80 -43.70 -5.79
C TRP I 117 63.15 -43.73 -4.42
N LEU I 118 63.66 -44.55 -3.51
CA LEU I 118 63.15 -44.57 -2.15
C LEU I 118 63.49 -43.26 -1.46
N GLU I 119 62.52 -42.71 -0.73
CA GLU I 119 62.73 -41.54 0.10
C GLU I 119 62.38 -41.90 1.53
N ALA I 120 63.32 -41.65 2.43
CA ALA I 120 63.14 -42.04 3.82
C ALA I 120 63.93 -41.10 4.73
N ASP I 121 63.50 -41.05 5.98
CA ASP I 121 64.19 -40.32 7.03
C ASP I 121 64.88 -41.36 7.91
N LEU I 122 66.20 -41.36 7.89
CA LEU I 122 66.99 -42.26 8.72
C LEU I 122 67.24 -41.59 10.08
N PHE I 123 66.88 -42.26 11.16
CA PHE I 123 67.04 -41.76 12.51
C PHE I 123 68.11 -42.58 13.21
N PHE I 124 69.10 -41.89 13.75
CA PHE I 124 70.16 -42.51 14.53
C PHE I 124 70.07 -41.98 15.94
N ASN I 125 69.91 -42.90 16.90
CA ASN I 125 69.71 -42.55 18.30
C ASN I 125 70.98 -42.67 19.13
N ALA I 126 72.02 -43.33 18.60
CA ALA I 126 73.25 -43.55 19.32
C ALA I 126 74.37 -43.72 18.31
N PRO I 127 75.65 -43.52 18.72
CA PRO I 127 76.77 -43.62 17.77
C PRO I 127 76.67 -44.76 16.78
N TYR I 128 76.76 -44.42 15.50
CA TYR I 128 76.43 -45.32 14.40
C TYR I 128 77.51 -45.22 13.35
N SER I 129 77.90 -46.36 12.79
CA SER I 129 78.92 -46.39 11.76
C SER I 129 78.56 -47.46 10.74
N GLU I 130 78.83 -47.17 9.47
CA GLU I 130 78.55 -48.10 8.39
C GLU I 130 79.58 -47.92 7.31
N ARG I 131 79.69 -48.94 6.45
CA ARG I 131 80.40 -48.84 5.19
C ARG I 131 79.40 -49.00 4.05
N TYR I 132 79.58 -48.22 3.00
CA TYR I 132 78.63 -48.22 1.92
C TYR I 132 79.35 -48.26 0.57
N CYS I 133 78.59 -48.74 -0.41
CA CYS I 133 78.90 -48.63 -1.82
C CYS I 133 77.61 -48.29 -2.56
N PHE I 134 77.65 -47.28 -3.43
CA PHE I 134 76.51 -46.96 -4.26
C PHE I 134 76.63 -47.74 -5.55
N LYS I 135 75.58 -48.44 -5.95
CA LYS I 135 75.65 -49.36 -7.07
C LYS I 135 74.73 -48.90 -8.19
N ALA I 136 75.33 -48.62 -9.35
CA ALA I 136 74.60 -48.29 -10.55
C ALA I 136 74.12 -49.56 -11.25
N TYR I 137 73.18 -49.38 -12.17
CA TYR I 137 72.62 -50.50 -12.93
C TYR I 137 73.70 -51.35 -13.60
N VAL J 77 -2.26 -60.74 62.68
CA VAL J 77 -2.08 -59.31 62.65
C VAL J 77 -2.90 -58.71 61.51
N ASP J 78 -3.73 -57.72 61.85
CA ASP J 78 -4.54 -57.03 60.85
C ASP J 78 -4.90 -55.66 61.38
N TYR J 79 -5.34 -54.79 60.46
CA TYR J 79 -5.69 -53.42 60.79
C TYR J 79 -7.08 -53.13 60.22
N ASP J 80 -7.95 -52.57 61.04
CA ASP J 80 -9.33 -52.31 60.68
C ASP J 80 -9.62 -50.82 60.83
N ASP J 81 -10.17 -50.21 59.77
CA ASP J 81 -10.50 -48.79 59.80
C ASP J 81 -11.85 -48.53 60.46
N GLY J 82 -12.71 -49.53 60.58
CA GLY J 82 -14.05 -49.31 61.09
C GLY J 82 -14.97 -48.57 60.16
N ILE J 83 -14.65 -48.50 58.87
CA ILE J 83 -15.47 -47.80 57.88
C ILE J 83 -15.75 -48.74 56.72
N ASP J 84 -16.97 -48.65 56.17
CA ASP J 84 -17.40 -49.53 55.10
C ASP J 84 -17.77 -48.80 53.81
N PHE J 85 -17.78 -47.47 53.80
CA PHE J 85 -18.11 -46.77 52.57
C PHE J 85 -16.99 -46.93 51.54
N PRO J 86 -17.33 -46.87 50.24
CA PRO J 86 -16.39 -47.35 49.21
C PRO J 86 -15.23 -46.42 48.91
N TYR J 87 -14.71 -45.72 49.92
CA TYR J 87 -13.76 -44.64 49.73
C TYR J 87 -14.27 -43.59 48.75
N ASP J 88 -13.59 -43.40 47.62
CA ASP J 88 -13.96 -42.35 46.70
C ASP J 88 -13.54 -42.73 45.28
N ASP J 89 -14.14 -42.02 44.32
CA ASP J 89 -14.24 -42.56 42.97
C ASP J 89 -12.88 -42.67 42.27
N PRO J 90 -12.05 -41.62 42.20
CA PRO J 90 -10.69 -41.82 41.72
C PRO J 90 -9.83 -42.47 42.78
N PRO J 91 -9.40 -43.71 42.56
CA PRO J 91 -8.74 -44.47 43.63
C PRO J 91 -7.44 -43.80 44.07
N LEU J 92 -7.17 -43.91 45.37
CA LEU J 92 -6.02 -43.22 45.93
C LEU J 92 -4.72 -43.88 45.49
N VAL J 93 -3.71 -43.05 45.25
CA VAL J 93 -2.33 -43.49 45.10
C VAL J 93 -1.51 -42.98 46.27
N CYS J 94 -0.67 -43.84 46.84
CA CYS J 94 0.28 -43.42 47.86
C CYS J 94 1.66 -43.32 47.26
N CYS J 95 2.31 -42.17 47.42
CA CYS J 95 3.68 -41.95 46.95
C CYS J 95 4.61 -41.89 48.14
N PHE J 96 5.52 -42.85 48.22
CA PHE J 96 6.38 -43.04 49.38
C PHE J 96 7.77 -42.50 49.09
N GLY J 97 8.32 -41.79 50.07
CA GLY J 97 9.74 -41.47 50.03
C GLY J 97 10.10 -40.08 50.53
N ALA J 98 10.68 -39.29 49.65
CA ALA J 98 11.22 -37.98 50.00
C ALA J 98 10.47 -36.90 49.24
N VAL J 99 10.48 -35.70 49.79
CA VAL J 99 9.93 -34.52 49.13
C VAL J 99 11.01 -33.45 49.05
N GLN J 100 11.23 -32.94 47.85
CA GLN J 100 12.12 -31.80 47.62
C GLN J 100 11.41 -30.87 46.64
N LYS J 101 11.77 -29.59 46.70
CA LYS J 101 11.04 -28.60 45.91
C LYS J 101 11.20 -28.87 44.42
N GLU J 102 12.43 -29.15 44.00
CA GLU J 102 12.69 -29.85 42.75
C GLU J 102 14.14 -30.33 42.77
N PHE J 103 14.35 -31.54 42.25
CA PHE J 103 15.58 -32.28 42.54
C PHE J 103 15.70 -33.42 41.54
N VAL J 104 16.82 -33.48 40.82
CA VAL J 104 17.04 -34.50 39.79
C VAL J 104 17.96 -35.57 40.37
N PRO J 105 17.46 -36.78 40.67
CA PRO J 105 18.37 -37.83 41.14
C PRO J 105 19.25 -38.40 40.05
N VAL J 106 18.69 -38.62 38.86
CA VAL J 106 19.43 -39.23 37.76
C VAL J 106 20.43 -38.24 37.18
N VAL J 107 21.70 -38.39 37.56
CA VAL J 107 22.78 -37.58 37.02
C VAL J 107 23.90 -38.49 36.53
N ARG J 108 24.43 -38.17 35.34
CA ARG J 108 25.53 -38.87 34.71
C ARG J 108 26.38 -37.83 33.98
N VAL J 109 27.57 -38.25 33.55
CA VAL J 109 28.44 -37.34 32.81
C VAL J 109 27.85 -37.04 31.45
N HIS J 110 27.88 -35.77 31.06
CA HIS J 110 27.43 -35.34 29.74
C HIS J 110 28.59 -34.77 28.94
N ASP J 111 28.49 -34.91 27.61
CA ASP J 111 29.59 -34.54 26.73
C ASP J 111 29.74 -33.03 26.62
N ASN J 112 28.63 -32.29 26.49
CA ASN J 112 28.67 -30.87 26.19
C ASN J 112 28.39 -30.03 27.43
N PRO J 113 29.39 -29.46 28.09
CA PRO J 113 29.14 -28.31 28.96
C PRO J 113 28.88 -27.05 28.15
N MET J 114 27.96 -26.23 28.65
CA MET J 114 27.91 -24.83 28.26
C MET J 114 28.86 -24.05 29.16
N HIS J 115 28.87 -22.72 29.03
CA HIS J 115 29.77 -21.91 29.83
C HIS J 115 29.53 -22.19 31.32
N PRO J 116 30.60 -22.31 32.11
CA PRO J 116 30.43 -22.68 33.53
C PRO J 116 29.70 -21.65 34.37
N ASP J 117 29.63 -20.40 33.94
CA ASP J 117 29.04 -19.36 34.78
C ASP J 117 27.81 -18.71 34.20
N ILE J 118 27.63 -18.71 32.89
CA ILE J 118 26.50 -18.02 32.26
C ILE J 118 25.33 -18.98 32.20
N TYR J 119 24.39 -18.82 33.12
CA TYR J 119 23.22 -19.70 33.14
C TYR J 119 22.25 -19.37 32.02
N SER J 120 22.55 -18.34 31.24
CA SER J 120 21.70 -17.87 30.16
C SER J 120 21.84 -18.73 28.91
N GLN J 121 22.61 -19.81 28.99
CA GLN J 121 22.92 -20.65 27.84
C GLN J 121 22.57 -22.10 28.12
N TRP J 122 21.96 -22.37 29.27
CA TRP J 122 21.72 -23.74 29.67
C TRP J 122 20.38 -24.18 29.15
N LYS J 123 19.71 -23.25 28.48
CA LYS J 123 18.52 -23.59 27.74
C LYS J 123 18.93 -24.49 26.61
N MET J 124 20.14 -24.26 26.09
CA MET J 124 20.60 -25.06 24.97
C MET J 124 20.76 -26.51 25.39
N LEU J 125 20.78 -26.78 26.70
CA LEU J 125 20.92 -28.13 27.22
C LEU J 125 19.61 -28.66 27.77
N GLN J 126 18.51 -27.96 27.52
CA GLN J 126 17.17 -28.44 27.85
C GLN J 126 16.36 -28.67 26.59
N TRP J 127 16.93 -28.36 25.44
CA TRP J 127 16.32 -28.54 24.13
C TRP J 127 17.14 -29.46 23.26
N ASP J 128 18.43 -29.62 23.56
CA ASP J 128 19.28 -30.67 23.01
C ASP J 128 19.96 -31.26 24.24
N PRO J 129 19.26 -32.13 24.97
CA PRO J 129 19.71 -32.57 26.27
C PRO J 129 20.46 -33.89 26.23
N PRO J 130 21.16 -34.24 27.31
CA PRO J 130 21.66 -35.61 27.46
C PRO J 130 20.50 -36.60 27.41
N GLU J 131 20.78 -37.78 26.85
CA GLU J 131 19.71 -38.75 26.65
C GLU J 131 19.17 -39.32 27.95
N PHE J 132 20.00 -39.46 28.98
CA PHE J 132 19.48 -39.82 30.29
C PHE J 132 18.61 -38.72 30.88
N GLY J 133 18.85 -37.47 30.49
CA GLY J 133 18.11 -36.32 30.96
C GLY J 133 17.01 -35.83 30.05
N ARG J 134 16.60 -36.63 29.06
CA ARG J 134 15.59 -36.18 28.11
C ARG J 134 14.23 -36.00 28.76
N ALA J 135 13.89 -36.82 29.75
CA ALA J 135 12.67 -36.64 30.55
C ALA J 135 12.98 -37.01 31.99
N PRO J 136 13.66 -36.12 32.73
CA PRO J 136 14.01 -36.44 34.11
C PRO J 136 12.78 -36.75 34.96
N GLY J 137 12.91 -37.79 35.78
CA GLY J 137 12.08 -37.94 36.95
C GLY J 137 12.62 -37.13 38.12
N GLY J 138 11.87 -37.18 39.22
CA GLY J 138 12.22 -36.43 40.40
C GLY J 138 11.73 -37.09 41.66
N PRO J 139 11.47 -36.30 42.69
CA PRO J 139 10.94 -36.86 43.92
C PRO J 139 9.55 -37.44 43.69
N PRO J 140 9.14 -38.42 44.48
CA PRO J 140 7.77 -38.95 44.34
C PRO J 140 6.70 -37.92 44.69
N SER J 141 7.04 -36.84 45.40
CA SER J 141 6.09 -35.77 45.61
C SER J 141 5.74 -35.07 44.30
N ASN J 142 6.69 -35.01 43.37
CA ASN J 142 6.38 -34.49 42.04
C ASN J 142 5.33 -35.35 41.35
N VAL J 143 5.45 -36.66 41.52
CA VAL J 143 4.49 -37.58 40.92
C VAL J 143 3.14 -37.46 41.61
N ALA J 144 3.13 -37.25 42.93
CA ALA J 144 1.88 -37.04 43.63
C ALA J 144 1.16 -35.80 43.14
N ILE J 145 1.89 -34.68 43.05
CA ILE J 145 1.30 -33.44 42.55
C ILE J 145 0.76 -33.63 41.15
N SER J 146 1.59 -34.19 40.25
CA SER J 146 1.16 -34.34 38.87
C SER J 146 -0.06 -35.25 38.75
N HIS J 147 -0.09 -36.34 39.52
CA HIS J 147 -1.22 -37.26 39.50
C HIS J 147 -2.49 -36.60 40.00
N VAL J 148 -2.40 -35.80 41.06
CA VAL J 148 -3.57 -35.08 41.55
C VAL J 148 -4.04 -34.05 40.52
N ARG J 149 -3.10 -33.34 39.91
CA ARG J 149 -3.45 -32.35 38.90
C ARG J 149 -4.01 -33.00 37.64
N LEU J 150 -3.55 -34.18 37.28
CA LEU J 150 -4.18 -34.97 36.22
C LEU J 150 -5.52 -35.56 36.65
N GLY J 151 -6.02 -35.22 37.83
CA GLY J 151 -7.36 -35.55 38.22
C GLY J 151 -7.48 -36.71 39.20
N GLY J 152 -6.40 -37.45 39.43
CA GLY J 152 -6.43 -38.52 40.38
C GLY J 152 -6.42 -38.01 41.81
N ARG J 153 -6.16 -38.94 42.73
CA ARG J 153 -5.93 -38.60 44.13
C ARG J 153 -4.61 -39.22 44.57
N ALA J 154 -3.79 -38.44 45.23
CA ALA J 154 -2.52 -38.92 45.76
C ALA J 154 -2.43 -38.61 47.24
N ALA J 155 -1.92 -39.56 48.01
CA ALA J 155 -1.34 -39.30 49.32
C ALA J 155 0.17 -39.40 49.23
N PHE J 156 0.87 -38.45 49.83
CA PHE J 156 2.31 -38.54 50.01
C PHE J 156 2.63 -39.08 51.39
N MET J 157 3.45 -40.13 51.43
CA MET J 157 3.85 -40.76 52.68
C MET J 157 5.35 -40.58 52.88
N GLY J 158 5.72 -39.89 53.95
CA GLY J 158 7.09 -39.46 54.12
C GLY J 158 7.25 -38.73 55.43
N LYS J 159 8.39 -38.07 55.58
CA LYS J 159 8.70 -37.32 56.79
C LYS J 159 9.37 -36.02 56.42
N VAL J 160 9.08 -34.98 57.19
CA VAL J 160 9.67 -33.66 57.00
C VAL J 160 10.09 -33.14 58.36
N GLY J 161 10.95 -32.12 58.34
CA GLY J 161 11.33 -31.46 59.57
C GLY J 161 10.26 -30.51 60.08
N GLY J 162 10.33 -30.23 61.37
CA GLY J 162 9.49 -29.22 61.98
C GLY J 162 9.84 -27.81 61.61
N ASP J 163 10.92 -27.61 60.87
CA ASP J 163 11.39 -26.28 60.51
C ASP J 163 10.52 -25.67 59.41
N ASP J 164 10.82 -24.42 59.09
CA ASP J 164 10.04 -23.65 58.13
C ASP J 164 9.96 -24.33 56.76
N TYR J 165 11.02 -25.02 56.35
CA TYR J 165 11.04 -25.61 55.01
C TYR J 165 10.19 -26.87 54.94
N GLY J 166 10.16 -27.67 56.00
CA GLY J 166 9.22 -28.78 56.04
C GLY J 166 7.78 -28.31 55.99
N GLU J 167 7.49 -27.19 56.67
CA GLU J 167 6.17 -26.58 56.55
C GLU J 167 5.90 -26.09 55.13
N GLU J 168 6.90 -25.48 54.49
CA GLU J 168 6.72 -25.05 53.10
C GLU J 168 6.44 -26.23 52.17
N LEU J 169 7.10 -27.36 52.39
CA LEU J 169 6.87 -28.52 51.54
C LEU J 169 5.50 -29.14 51.80
N VAL J 170 5.07 -29.20 53.06
CA VAL J 170 3.72 -29.70 53.34
C VAL J 170 2.67 -28.74 52.81
N LEU J 171 2.92 -27.44 52.88
CA LEU J 171 2.00 -26.47 52.30
C LEU J 171 1.93 -26.60 50.79
N MET J 172 3.07 -26.81 50.12
CA MET J 172 3.06 -27.14 48.70
C MET J 172 2.19 -28.37 48.42
N MET J 173 2.35 -29.43 49.22
CA MET J 173 1.51 -30.61 49.03
C MET J 173 0.02 -30.28 49.19
N ASN J 174 -0.32 -29.59 50.28
CA ASN J 174 -1.72 -29.29 50.58
C ASN J 174 -2.35 -28.38 49.53
N LYS J 175 -1.63 -27.34 49.11
CA LYS J 175 -2.13 -26.45 48.07
C LYS J 175 -2.35 -27.19 46.76
N GLU J 176 -1.54 -28.20 46.48
CA GLU J 176 -1.77 -29.08 45.34
C GLU J 176 -2.78 -30.17 45.64
N ARG J 177 -3.43 -30.13 46.79
CA ARG J 177 -4.46 -31.08 47.18
C ARG J 177 -3.94 -32.51 47.28
N VAL J 178 -2.64 -32.67 47.47
CA VAL J 178 -2.08 -33.96 47.87
C VAL J 178 -2.40 -34.23 49.33
N GLN J 179 -2.91 -35.42 49.62
CA GLN J 179 -3.34 -35.77 50.96
C GLN J 179 -2.12 -36.07 51.80
N THR J 180 -1.96 -35.36 52.92
CA THR J 180 -0.77 -35.51 53.74
C THR J 180 -1.09 -36.00 55.14
N ARG J 181 -1.67 -37.20 55.23
CA ARG J 181 -1.93 -37.82 56.52
C ARG J 181 -0.82 -38.77 56.93
N GLY J 182 0.09 -39.08 56.00
CA GLY J 182 1.17 -40.01 56.24
C GLY J 182 2.47 -39.23 56.36
N VAL J 183 2.38 -37.94 56.08
CA VAL J 183 3.52 -37.04 56.26
C VAL J 183 3.72 -36.81 57.75
N LYS J 184 4.78 -37.40 58.29
CA LYS J 184 5.13 -37.20 59.69
C LYS J 184 5.91 -35.89 59.81
N PHE J 185 6.21 -35.49 61.04
CA PHE J 185 6.81 -34.18 61.27
C PHE J 185 7.84 -34.31 62.39
N ASP J 186 9.03 -34.80 62.03
CA ASP J 186 10.15 -34.80 62.96
C ASP J 186 10.36 -33.40 63.51
N GLU J 187 10.54 -33.29 64.82
CA GLU J 187 10.79 -31.98 65.43
C GLU J 187 12.26 -31.71 65.66
N GLY J 188 13.09 -32.75 65.71
CA GLY J 188 14.50 -32.60 66.01
C GLY J 188 15.43 -32.73 64.82
N ALA J 189 14.95 -32.46 63.60
CA ALA J 189 15.83 -32.49 62.44
C ALA J 189 15.34 -31.51 61.38
N SER J 190 16.25 -31.17 60.47
CA SER J 190 16.17 -29.94 59.70
C SER J 190 15.84 -30.18 58.23
N THR J 191 14.80 -30.98 57.98
CA THR J 191 14.29 -31.27 56.64
C THR J 191 15.41 -31.68 55.68
N ALA J 192 15.75 -30.83 54.71
CA ALA J 192 16.71 -31.20 53.67
C ALA J 192 18.12 -31.39 54.22
N CYS J 193 18.42 -30.94 55.42
CA CYS J 193 19.78 -30.91 55.92
C CYS J 193 20.21 -32.31 56.36
N THR J 194 21.26 -32.83 55.71
CA THR J 194 21.90 -34.07 56.08
C THR J 194 23.23 -33.78 56.74
N ARG J 195 23.51 -34.39 57.89
CA ARG J 195 24.82 -34.25 58.50
C ARG J 195 25.77 -35.26 57.88
N VAL J 196 26.93 -34.77 57.41
CA VAL J 196 27.97 -35.61 56.83
C VAL J 196 29.31 -35.21 57.42
N LYS J 197 30.17 -36.20 57.63
CA LYS J 197 31.56 -35.98 58.03
C LYS J 197 32.44 -36.09 56.79
N ILE J 198 33.14 -35.01 56.47
CA ILE J 198 34.11 -35.03 55.38
C ILE J 198 35.38 -35.73 55.84
N LYS J 199 35.85 -36.68 55.05
CA LYS J 199 37.02 -37.49 55.37
C LYS J 199 37.93 -37.53 54.17
N PHE J 200 39.19 -37.90 54.42
CA PHE J 200 40.17 -38.10 53.37
C PHE J 200 40.65 -39.54 53.37
N GLU J 201 40.50 -40.22 52.24
CA GLU J 201 40.96 -41.58 52.05
C GLU J 201 41.57 -41.70 50.66
N ASP J 202 42.66 -42.46 50.55
CA ASP J 202 43.43 -42.58 49.32
C ASP J 202 43.89 -41.21 48.80
N GLY J 203 43.94 -40.21 49.69
CA GLY J 203 44.16 -38.83 49.32
C GLY J 203 42.97 -38.13 48.68
N LYS J 204 41.91 -38.86 48.35
CA LYS J 204 40.69 -38.23 47.85
C LYS J 204 39.84 -37.77 49.02
N MET J 205 39.10 -36.69 48.80
CA MET J 205 38.07 -36.28 49.74
C MET J 205 36.86 -37.19 49.62
N LYS J 206 36.28 -37.56 50.76
CA LYS J 206 35.09 -38.37 50.80
C LYS J 206 34.16 -37.83 51.88
N ALA J 207 32.88 -38.18 51.78
CA ALA J 207 31.92 -37.88 52.82
C ALA J 207 31.27 -39.16 53.30
N GLU J 208 30.86 -39.15 54.57
CA GLU J 208 30.00 -40.20 55.12
C GLU J 208 28.90 -39.54 55.93
N THR J 209 27.69 -40.07 55.82
CA THR J 209 26.55 -39.47 56.47
C THR J 209 26.60 -39.72 57.98
N VAL J 210 26.61 -38.63 58.75
CA VAL J 210 26.57 -38.74 60.21
C VAL J 210 25.14 -38.77 60.71
N LYS J 211 24.25 -38.02 60.08
CA LYS J 211 22.83 -38.09 60.36
C LYS J 211 22.08 -38.00 59.05
N GLU J 212 21.09 -38.86 58.86
CA GLU J 212 20.20 -38.82 57.72
C GLU J 212 19.15 -37.72 57.88
N PRO J 213 18.67 -37.16 56.78
CA PRO J 213 17.61 -36.15 56.86
C PRO J 213 16.29 -36.79 57.25
N PRO J 214 15.35 -36.00 57.77
CA PRO J 214 13.98 -36.48 58.01
C PRO J 214 13.40 -37.36 56.92
N GLU J 215 13.42 -36.87 55.67
CA GLU J 215 12.86 -37.64 54.56
C GLU J 215 13.55 -38.97 54.33
N ASP J 216 14.78 -39.14 54.82
CA ASP J 216 15.45 -40.43 54.75
C ASP J 216 15.16 -41.32 55.95
N SER J 217 14.48 -40.82 56.98
CA SER J 217 14.45 -41.46 58.28
C SER J 217 13.03 -41.69 58.78
N LEU J 218 12.09 -41.94 57.86
CA LEU J 218 10.77 -42.41 58.26
C LEU J 218 10.83 -43.85 58.74
N LEU J 219 10.26 -44.10 59.92
CA LEU J 219 10.26 -45.42 60.51
C LEU J 219 9.05 -46.23 60.05
N ALA J 220 9.20 -47.55 60.10
CA ALA J 220 8.11 -48.46 59.78
C ALA J 220 6.93 -48.33 60.73
N SER J 221 7.14 -47.78 61.93
CA SER J 221 6.06 -47.52 62.86
C SER J 221 5.34 -46.21 62.61
N GLU J 222 5.80 -45.41 61.64
CA GLU J 222 5.20 -44.13 61.32
C GLU J 222 4.37 -44.19 60.05
N LEU J 223 4.27 -45.34 59.42
CA LEU J 223 3.38 -45.52 58.27
C LEU J 223 1.94 -45.27 58.68
N ASN J 224 1.18 -44.65 57.78
CA ASN J 224 -0.25 -44.45 57.97
C ASN J 224 -0.97 -45.59 57.26
N LEU J 225 -1.46 -46.56 58.04
CA LEU J 225 -2.07 -47.75 57.47
C LEU J 225 -3.43 -47.48 56.83
N ALA J 226 -4.10 -46.39 57.21
CA ALA J 226 -5.34 -46.03 56.51
C ALA J 226 -5.05 -45.61 55.07
N VAL J 227 -3.91 -44.95 54.85
CA VAL J 227 -3.52 -44.60 53.49
C VAL J 227 -3.17 -45.85 52.70
N LEU J 228 -2.36 -46.74 53.29
CA LEU J 228 -1.97 -47.95 52.59
C LEU J 228 -3.17 -48.84 52.33
N LYS J 229 -4.17 -48.80 53.21
CA LYS J 229 -5.43 -49.49 52.94
C LYS J 229 -6.15 -48.88 51.75
N GLU J 230 -6.32 -47.57 51.76
CA GLU J 230 -7.06 -46.91 50.68
C GLU J 230 -6.27 -46.96 49.37
N ALA J 231 -4.97 -46.73 49.42
CA ALA J 231 -4.16 -46.58 48.21
C ALA J 231 -4.16 -47.86 47.38
N ARG J 232 -4.51 -47.71 46.09
CA ARG J 232 -4.54 -48.82 45.15
C ARG J 232 -3.20 -49.03 44.47
N ILE J 233 -2.48 -47.96 44.17
CA ILE J 233 -1.07 -48.04 43.79
C ILE J 233 -0.23 -47.44 44.89
N PHE J 234 0.78 -48.20 45.32
CA PHE J 234 1.88 -47.69 46.12
C PHE J 234 3.06 -47.44 45.21
N HIS J 235 3.37 -46.17 44.97
CA HIS J 235 4.47 -45.74 44.14
C HIS J 235 5.67 -45.43 45.02
N PHE J 236 6.84 -45.94 44.63
CA PHE J 236 8.08 -45.52 45.24
C PHE J 236 9.17 -45.46 44.18
N ASN J 237 10.28 -44.83 44.56
CA ASN J 237 11.44 -44.70 43.69
C ASN J 237 12.69 -45.10 44.45
N SER J 238 13.72 -45.48 43.69
CA SER J 238 14.88 -46.16 44.24
C SER J 238 15.71 -45.30 45.19
N GLU J 239 15.47 -43.99 45.23
CA GLU J 239 16.21 -43.14 46.16
C GLU J 239 16.02 -43.58 47.60
N VAL J 240 14.88 -44.19 47.93
CA VAL J 240 14.65 -44.68 49.28
C VAL J 240 15.64 -45.78 49.62
N LEU J 241 16.14 -46.49 48.62
CA LEU J 241 17.12 -47.54 48.84
C LEU J 241 18.48 -47.00 49.24
N THR J 242 18.71 -45.70 49.10
CA THR J 242 19.95 -45.12 49.60
C THR J 242 19.95 -44.89 51.10
N SER J 243 18.83 -45.13 51.79
CA SER J 243 18.77 -45.10 53.25
C SER J 243 18.39 -46.48 53.77
N PRO J 244 19.22 -47.12 54.61
CA PRO J 244 18.80 -48.42 55.19
C PRO J 244 17.51 -48.33 55.99
N THR J 245 17.30 -47.24 56.71
CA THR J 245 16.06 -47.06 57.47
C THR J 245 14.88 -46.97 56.52
N MET J 246 14.99 -46.09 55.52
CA MET J 246 13.88 -45.90 54.59
C MET J 246 13.66 -47.17 53.78
N GLU J 247 14.71 -47.93 53.48
CA GLU J 247 14.53 -49.22 52.81
C GLU J 247 13.73 -50.21 53.66
N SER J 248 14.03 -50.29 54.96
CA SER J 248 13.24 -51.17 55.82
C SER J 248 11.80 -50.69 55.93
N THR J 249 11.61 -49.38 55.99
CA THR J 249 10.26 -48.83 56.06
C THR J 249 9.52 -49.11 54.76
N LEU J 250 10.21 -48.94 53.64
CA LEU J 250 9.64 -49.22 52.33
C LEU J 250 9.12 -50.63 52.26
N PHE J 251 9.95 -51.61 52.65
CA PHE J 251 9.50 -52.99 52.52
C PHE J 251 8.37 -53.33 53.49
N LYS J 252 8.33 -52.68 54.66
CA LYS J 252 7.15 -52.84 55.50
C LYS J 252 5.90 -52.26 54.83
N ALA J 253 6.03 -51.07 54.24
CA ALA J 253 4.92 -50.46 53.51
C ALA J 253 4.47 -51.33 52.35
N ILE J 254 5.41 -51.92 51.63
CA ILE J 254 5.08 -52.83 50.53
C ILE J 254 4.29 -54.02 51.04
N GLN J 255 4.75 -54.63 52.13
CA GLN J 255 4.01 -55.74 52.72
C GLN J 255 2.58 -55.33 53.05
N TRP J 256 2.43 -54.17 53.71
CA TRP J 256 1.09 -53.67 54.05
C TRP J 256 0.23 -53.45 52.82
N SER J 257 0.77 -52.77 51.81
CA SER J 257 0.01 -52.47 50.61
C SER J 257 -0.41 -53.73 49.86
N LYS J 258 0.51 -54.69 49.73
CA LYS J 258 0.17 -55.95 49.09
C LYS J 258 -0.88 -56.71 49.89
N LYS J 259 -0.81 -56.63 51.22
CA LYS J 259 -1.85 -57.24 52.04
C LYS J 259 -3.21 -56.61 51.78
N PHE J 260 -3.26 -55.29 51.59
CA PHE J 260 -4.49 -54.61 51.22
C PHE J 260 -4.74 -54.62 49.72
N GLY J 261 -4.10 -55.51 48.98
CA GLY J 261 -4.38 -55.67 47.57
C GLY J 261 -3.84 -54.58 46.67
N GLY J 262 -2.86 -53.81 47.14
CA GLY J 262 -2.30 -52.76 46.33
C GLY J 262 -1.36 -53.27 45.25
N LEU J 263 -1.15 -52.44 44.25
CA LEU J 263 -0.15 -52.67 43.23
C LEU J 263 1.07 -51.82 43.53
N ILE J 264 2.26 -52.39 43.38
CA ILE J 264 3.50 -51.72 43.70
C ILE J 264 4.10 -51.16 42.42
N PHE J 265 4.21 -49.84 42.35
CA PHE J 265 4.82 -49.14 41.23
C PHE J 265 6.23 -48.73 41.64
N PHE J 266 7.22 -49.09 40.82
CA PHE J 266 8.62 -48.84 41.11
C PHE J 266 9.20 -47.96 39.99
N ASP J 267 9.16 -46.66 40.21
CA ASP J 267 9.80 -45.71 39.29
C ASP J 267 11.28 -45.67 39.65
N LEU J 268 12.14 -46.18 38.76
CA LEU J 268 13.51 -46.47 39.15
C LEU J 268 14.26 -45.20 39.53
N ASN J 269 14.31 -44.22 38.64
CA ASN J 269 14.99 -42.93 38.85
C ASN J 269 16.32 -43.08 39.59
N LEU J 270 17.21 -43.89 39.02
CA LEU J 270 18.46 -44.25 39.69
C LEU J 270 19.25 -43.01 40.09
N PRO J 271 19.50 -42.80 41.39
CA PRO J 271 20.35 -41.69 41.81
C PRO J 271 21.81 -41.98 41.49
N LEU J 272 22.61 -40.91 41.47
CA LEU J 272 24.04 -40.97 41.19
C LEU J 272 24.77 -42.18 41.76
N PRO J 273 24.64 -42.54 43.04
CA PRO J 273 25.45 -43.66 43.56
C PRO J 273 25.11 -44.97 42.92
N LEU J 274 23.93 -45.09 42.34
CA LEU J 274 23.48 -46.34 41.76
C LEU J 274 23.84 -46.45 40.28
N TRP J 275 24.57 -45.47 39.75
CA TRP J 275 25.15 -45.59 38.42
C TRP J 275 26.61 -46.04 38.46
N ARG J 276 27.11 -46.44 39.62
CA ARG J 276 28.52 -46.79 39.73
C ARG J 276 28.82 -48.09 38.97
N SER J 277 28.05 -49.15 39.24
CA SER J 277 28.24 -50.39 38.49
C SER J 277 26.92 -51.14 38.36
N ARG J 278 26.75 -51.79 37.20
CA ARG J 278 25.54 -52.54 36.92
C ARG J 278 25.26 -53.61 37.96
N ASN J 279 26.26 -54.43 38.27
CA ASN J 279 26.05 -55.62 39.08
C ASN J 279 25.97 -55.34 40.58
N GLU J 280 26.30 -54.13 41.01
CA GLU J 280 25.95 -53.73 42.37
C GLU J 280 24.52 -53.21 42.46
N THR J 281 24.14 -52.33 41.53
CA THR J 281 22.78 -51.81 41.52
C THR J 281 21.75 -52.93 41.33
N ARG J 282 22.05 -53.88 40.45
CA ARG J 282 21.13 -54.99 40.20
C ARG J 282 20.82 -55.80 41.45
N LYS J 283 21.78 -55.94 42.36
CA LYS J 283 21.48 -56.62 43.62
C LYS J 283 20.92 -55.68 44.68
N LEU J 284 21.29 -54.40 44.64
CA LEU J 284 20.66 -53.41 45.51
C LEU J 284 19.16 -53.31 45.26
N ILE J 285 18.76 -53.20 43.99
CA ILE J 285 17.34 -53.07 43.65
C ILE J 285 16.62 -54.40 43.54
N LYS J 286 17.33 -55.53 43.63
CA LYS J 286 16.74 -56.83 43.34
C LYS J 286 15.44 -57.06 44.11
N LYS J 287 15.47 -56.88 45.43
CA LYS J 287 14.28 -57.14 46.24
C LYS J 287 13.15 -56.17 45.91
N SER J 288 13.49 -54.89 45.72
CA SER J 288 12.48 -53.91 45.32
C SER J 288 11.89 -54.26 43.96
N TRP J 289 12.76 -54.59 43.01
CA TRP J 289 12.32 -54.91 41.66
C TRP J 289 11.41 -56.13 41.65
N ASP J 290 11.77 -57.16 42.41
CA ASP J 290 10.95 -58.36 42.50
C ASP J 290 9.69 -58.17 43.32
N GLU J 291 9.62 -57.12 44.15
CA GLU J 291 8.35 -56.81 44.81
C GLU J 291 7.41 -56.00 43.93
N ALA J 292 7.95 -55.16 43.06
CA ALA J 292 7.14 -54.31 42.20
C ALA J 292 6.25 -55.12 41.26
N ASN J 293 4.98 -54.73 41.18
CA ASN J 293 4.09 -55.27 40.15
C ASN J 293 4.16 -54.46 38.86
N ILE J 294 4.60 -53.21 38.93
CA ILE J 294 4.67 -52.31 37.79
C ILE J 294 5.97 -51.56 37.93
N ILE J 295 6.69 -51.40 36.82
CA ILE J 295 8.02 -50.79 36.86
C ILE J 295 8.13 -49.75 35.76
N GLU J 296 8.73 -48.61 36.09
CA GLU J 296 9.14 -47.62 35.09
C GLU J 296 10.65 -47.50 35.09
N VAL J 297 11.25 -47.66 33.93
CA VAL J 297 12.68 -47.47 33.73
C VAL J 297 12.88 -46.63 32.48
N SER J 298 13.78 -45.65 32.55
CA SER J 298 14.23 -45.00 31.34
C SER J 298 14.97 -46.00 30.45
N GLN J 299 15.06 -45.67 29.17
CA GLN J 299 15.93 -46.41 28.27
C GLN J 299 17.34 -46.56 28.84
N GLN J 300 17.90 -45.46 29.36
CA GLN J 300 19.26 -45.50 29.88
C GLN J 300 19.37 -46.38 31.12
N GLU J 301 18.34 -46.38 31.97
CA GLU J 301 18.36 -47.26 33.13
C GLU J 301 18.27 -48.72 32.74
N LEU J 302 17.36 -49.06 31.82
CA LEU J 302 17.26 -50.44 31.36
C LEU J 302 18.57 -50.91 30.74
N GLU J 303 19.11 -50.12 29.81
CA GLU J 303 20.38 -50.46 29.18
C GLU J 303 21.53 -50.50 30.18
N PHE J 304 21.42 -49.81 31.31
CA PHE J 304 22.47 -49.92 32.32
C PHE J 304 22.30 -51.15 33.18
N LEU J 305 21.06 -51.58 33.40
CA LEU J 305 20.81 -52.81 34.13
C LEU J 305 21.10 -54.02 33.26
N LEU J 306 20.83 -53.93 31.97
CA LEU J 306 21.39 -54.82 30.97
C LEU J 306 22.80 -54.33 30.60
N ASP J 307 23.37 -54.89 29.54
CA ASP J 307 24.72 -54.53 29.09
C ASP J 307 24.68 -53.18 28.37
N GLU J 308 25.12 -52.11 29.05
CA GLU J 308 25.15 -50.79 28.44
C GLU J 308 26.00 -50.77 27.17
N GLU J 309 27.14 -51.48 27.22
CA GLU J 309 28.07 -51.44 26.09
C GLU J 309 27.54 -52.24 24.91
N TYR J 310 26.83 -53.34 25.18
CA TYR J 310 26.26 -54.11 24.08
C TYR J 310 25.24 -53.29 23.31
N TYR J 311 24.40 -52.53 24.00
CA TYR J 311 23.42 -51.70 23.32
C TYR J 311 24.04 -50.44 22.70
N GLU J 312 25.17 -49.99 23.23
CA GLU J 312 25.93 -48.96 22.52
C GLU J 312 26.45 -49.49 21.19
N ARG J 313 27.06 -50.67 21.20
CA ARG J 313 27.52 -51.28 19.95
C ARG J 313 26.35 -51.58 19.03
N ARG J 314 25.22 -52.02 19.59
CA ARG J 314 23.99 -52.22 18.85
C ARG J 314 23.57 -50.98 18.07
N ARG J 315 23.70 -49.80 18.65
CA ARG J 315 23.17 -48.63 17.96
C ARG J 315 24.24 -47.83 17.21
N ASN J 316 25.52 -47.98 17.56
CA ASN J 316 26.60 -47.40 16.78
C ASN J 316 26.97 -48.22 15.56
N TYR J 317 26.52 -49.47 15.49
CA TYR J 317 26.69 -50.27 14.28
C TYR J 317 26.00 -49.64 13.08
N THR J 318 26.72 -49.60 11.95
CA THR J 318 26.16 -49.21 10.67
C THR J 318 26.65 -50.18 9.60
N PRO J 319 25.76 -50.66 8.73
CA PRO J 319 26.17 -51.65 7.72
C PRO J 319 27.29 -51.13 6.83
N GLN J 320 28.25 -52.02 6.56
CA GLN J 320 29.44 -51.61 5.82
C GLN J 320 29.14 -51.34 4.35
N TYR J 321 28.34 -52.19 3.72
CA TYR J 321 28.08 -52.10 2.30
C TYR J 321 26.69 -51.56 1.98
N PHE J 322 25.63 -52.20 2.47
CA PHE J 322 24.28 -51.75 2.16
C PHE J 322 23.36 -52.04 3.33
N ALA J 323 22.30 -51.25 3.45
CA ALA J 323 21.31 -51.46 4.48
C ALA J 323 20.46 -52.69 4.21
N GLU J 324 19.96 -53.30 5.27
CA GLU J 324 19.11 -54.47 5.14
C GLU J 324 17.65 -54.12 4.89
N ASP J 325 17.27 -52.85 5.03
CA ASP J 325 15.97 -52.37 4.60
C ASP J 325 16.09 -50.90 4.23
N PHE J 326 15.03 -50.37 3.61
CA PHE J 326 15.07 -48.99 3.16
C PHE J 326 15.15 -48.02 4.33
N GLU J 327 14.40 -48.28 5.40
CA GLU J 327 14.34 -47.35 6.52
C GLU J 327 15.71 -47.16 7.16
N GLN J 328 16.53 -48.22 7.20
CA GLN J 328 17.88 -48.11 7.73
C GLN J 328 18.75 -47.15 6.93
N THR J 329 18.35 -46.80 5.71
CA THR J 329 19.07 -45.78 4.95
C THR J 329 18.83 -44.38 5.49
N LYS J 330 17.70 -44.16 6.16
CA LYS J 330 17.29 -42.80 6.47
C LYS J 330 18.10 -42.17 7.59
N ASN J 331 18.92 -42.94 8.31
CA ASN J 331 19.81 -42.45 9.34
C ASN J 331 19.06 -41.76 10.49
N ARG J 332 17.78 -42.05 10.64
CA ARG J 332 17.00 -41.50 11.73
C ARG J 332 17.37 -42.17 13.06
N ARG J 333 17.07 -41.44 14.15
CA ARG J 333 17.31 -41.91 15.51
C ARG J 333 16.83 -43.35 15.71
N ASP J 334 17.63 -44.12 16.45
CA ASP J 334 17.41 -45.55 16.61
C ASP J 334 16.48 -45.80 17.79
N TYR J 335 15.20 -46.01 17.49
CA TYR J 335 14.17 -46.30 18.48
C TYR J 335 14.08 -47.80 18.79
N TYR J 336 15.20 -48.42 19.16
CA TYR J 336 15.26 -49.86 19.30
C TYR J 336 14.29 -50.38 20.36
N HIS J 337 13.47 -51.35 19.98
CA HIS J 337 12.48 -51.96 20.85
C HIS J 337 13.03 -53.24 21.44
N TYR J 338 13.43 -53.19 22.71
CA TYR J 338 13.99 -54.35 23.39
C TYR J 338 13.02 -55.51 23.36
N THR J 339 13.53 -56.69 23.02
CA THR J 339 12.70 -57.88 22.93
C THR J 339 12.41 -58.44 24.31
N PRO J 340 11.31 -59.19 24.46
CA PRO J 340 11.05 -59.87 25.74
C PRO J 340 12.17 -60.79 26.20
N GLU J 341 12.92 -61.41 25.28
CA GLU J 341 14.06 -62.22 25.68
C GLU J 341 15.18 -61.39 26.28
N GLU J 342 15.35 -60.15 25.81
CA GLU J 342 16.35 -59.27 26.41
C GLU J 342 15.89 -58.76 27.77
N ILE J 343 14.58 -58.58 27.94
CA ILE J 343 14.01 -58.20 29.23
C ILE J 343 13.97 -59.37 30.19
N LYS J 344 14.02 -60.61 29.70
CA LYS J 344 13.82 -61.80 30.53
C LYS J 344 14.71 -61.85 31.78
N PRO J 345 15.96 -61.40 31.77
CA PRO J 345 16.71 -61.34 33.05
C PRO J 345 16.05 -60.47 34.10
N LEU J 346 15.26 -59.47 33.69
CA LEU J 346 14.60 -58.58 34.64
C LEU J 346 13.15 -58.95 34.91
N TRP J 347 12.51 -59.67 34.00
CA TRP J 347 11.11 -60.03 34.18
C TRP J 347 10.94 -60.99 35.36
N HIS J 348 9.76 -60.92 35.99
CA HIS J 348 9.45 -61.77 37.12
C HIS J 348 7.94 -61.96 37.21
N ASP J 349 7.53 -62.93 38.03
CA ASP J 349 6.15 -63.43 37.98
C ASP J 349 5.12 -62.39 38.42
N ASP J 350 5.47 -61.51 39.35
CA ASP J 350 4.53 -60.49 39.80
C ASP J 350 4.41 -59.31 38.85
N LEU J 351 5.33 -59.18 37.89
CA LEU J 351 5.43 -57.96 37.09
C LEU J 351 4.29 -57.90 36.08
N LYS J 352 3.33 -57.01 36.33
CA LYS J 352 2.20 -56.85 35.41
C LYS J 352 2.52 -55.94 34.24
N LEU J 353 3.36 -54.93 34.43
CA LEU J 353 3.70 -54.01 33.35
C LEU J 353 5.07 -53.41 33.60
N LEU J 354 5.95 -53.54 32.61
CA LEU J 354 7.21 -52.80 32.58
C LEU J 354 7.11 -51.75 31.47
N VAL J 355 7.42 -50.50 31.81
CA VAL J 355 7.48 -49.42 30.83
C VAL J 355 8.92 -48.89 30.74
N VAL J 356 9.48 -48.93 29.53
CA VAL J 356 10.78 -48.34 29.24
C VAL J 356 10.54 -47.04 28.48
N THR J 357 10.98 -45.93 29.03
CA THR J 357 10.70 -44.61 28.48
C THR J 357 11.93 -44.06 27.78
N ASP J 358 11.78 -43.71 26.51
CA ASP J 358 12.80 -43.05 25.70
C ASP J 358 12.30 -41.62 25.53
N GLY J 359 12.61 -40.78 26.53
CA GLY J 359 11.99 -39.49 26.68
C GLY J 359 10.49 -39.62 26.75
N THR J 360 9.80 -38.62 26.20
CA THR J 360 8.44 -38.82 25.73
C THR J 360 8.41 -39.38 24.32
N LEU J 361 9.57 -39.57 23.70
CA LEU J 361 9.61 -39.98 22.31
C LEU J 361 9.03 -41.37 22.11
N ARG J 362 9.28 -42.29 23.05
CA ARG J 362 8.61 -43.58 22.98
C ARG J 362 8.42 -44.16 24.36
N LEU J 363 7.32 -44.87 24.55
CA LEU J 363 7.15 -45.74 25.72
C LEU J 363 7.05 -47.17 25.23
N HIS J 364 8.08 -47.97 25.47
CA HIS J 364 7.96 -49.40 25.28
C HIS J 364 7.23 -49.98 26.47
N TYR J 365 6.36 -50.95 26.23
CA TYR J 365 5.63 -51.61 27.29
C TYR J 365 5.71 -53.11 27.12
N TYR J 366 5.76 -53.80 28.26
CA TYR J 366 5.87 -55.24 28.30
C TYR J 366 4.93 -55.76 29.37
N THR J 367 4.23 -56.84 29.04
CA THR J 367 3.32 -57.51 29.95
C THR J 367 3.58 -59.01 29.83
N PRO J 368 3.06 -59.84 30.74
CA PRO J 368 3.23 -61.30 30.57
C PRO J 368 2.72 -61.83 29.25
N LYS J 369 1.83 -61.11 28.56
CA LYS J 369 1.13 -61.64 27.41
C LYS J 369 1.42 -60.91 26.11
N PHE J 370 1.73 -59.62 26.15
CA PHE J 370 2.07 -58.90 24.93
C PHE J 370 3.11 -57.82 25.24
N ASP J 371 3.83 -57.42 24.20
CA ASP J 371 4.74 -56.29 24.28
C ASP J 371 4.54 -55.39 23.07
N GLY J 372 4.93 -54.13 23.23
CA GLY J 372 4.87 -53.22 22.11
C GLY J 372 5.48 -51.89 22.47
N VAL J 373 5.20 -50.89 21.62
CA VAL J 373 5.76 -49.56 21.80
C VAL J 373 4.72 -48.52 21.42
N VAL J 374 4.43 -47.61 22.35
CA VAL J 374 3.69 -46.39 22.04
C VAL J 374 4.69 -45.39 21.46
N VAL J 375 4.53 -45.08 20.17
CA VAL J 375 5.25 -43.97 19.57
C VAL J 375 4.73 -42.66 20.16
N GLY J 376 5.60 -41.92 20.84
CA GLY J 376 5.30 -40.58 21.28
C GLY J 376 5.98 -39.55 20.42
N THR J 377 5.97 -38.31 20.91
CA THR J 377 6.78 -37.26 20.33
C THR J 377 7.24 -36.34 21.45
N GLU J 378 8.06 -35.37 21.08
CA GLU J 378 8.29 -34.20 21.92
C GLU J 378 8.38 -32.99 21.02
N ASP J 379 8.05 -31.83 21.58
CA ASP J 379 8.60 -30.59 21.08
C ASP J 379 8.99 -29.73 22.27
N VAL J 380 10.07 -28.98 22.09
CA VAL J 380 10.67 -28.25 23.20
C VAL J 380 11.29 -26.99 22.64
N LEU J 381 11.74 -27.04 21.38
CA LEU J 381 12.07 -25.87 20.59
C LEU J 381 10.85 -25.02 20.26
N ILE J 382 9.64 -25.52 20.53
CA ILE J 382 8.45 -24.67 20.46
C ILE J 382 8.45 -23.61 21.56
N THR J 383 9.22 -23.84 22.62
CA THR J 383 9.29 -22.91 23.76
C THR J 383 10.75 -22.78 24.18
N PRO J 384 11.60 -22.24 23.32
CA PRO J 384 13.03 -22.25 23.62
C PRO J 384 13.39 -21.55 24.92
N PHE J 385 12.72 -20.44 25.23
CA PHE J 385 13.05 -19.71 26.45
C PHE J 385 12.41 -20.32 27.70
N THR J 386 11.17 -20.78 27.60
CA THR J 386 10.45 -21.27 28.77
C THR J 386 10.55 -22.78 28.98
N CYS J 387 11.10 -23.53 28.04
CA CYS J 387 11.13 -24.98 28.20
C CYS J 387 12.10 -25.42 29.30
N ASP J 388 11.76 -26.55 29.92
CA ASP J 388 12.61 -27.18 30.92
C ASP J 388 12.17 -28.64 31.01
N ARG J 389 13.12 -29.55 30.83
CA ARG J 389 12.82 -30.98 30.83
C ARG J 389 12.32 -31.48 32.18
N THR J 390 12.64 -30.78 33.26
CA THR J 390 12.47 -31.31 34.61
C THR J 390 11.03 -31.68 34.91
N GLY J 391 10.84 -32.86 35.50
CA GLY J 391 9.52 -33.35 35.85
C GLY J 391 8.74 -34.03 34.74
N SER J 392 9.23 -34.01 33.50
CA SER J 392 8.51 -34.70 32.43
C SER J 392 8.35 -36.19 32.71
N GLY J 393 9.36 -36.81 33.33
CA GLY J 393 9.24 -38.21 33.68
C GLY J 393 8.28 -38.43 34.83
N ASP J 394 8.21 -37.48 35.76
CA ASP J 394 7.22 -37.56 36.83
C ASP J 394 5.81 -37.44 36.27
N ALA J 395 5.60 -36.52 35.32
CA ALA J 395 4.30 -36.39 34.69
C ALA J 395 3.93 -37.63 33.87
N VAL J 396 4.91 -38.26 33.23
CA VAL J 396 4.65 -39.53 32.54
C VAL J 396 4.18 -40.58 33.54
N VAL J 397 4.91 -40.73 34.64
CA VAL J 397 4.55 -41.72 35.65
C VAL J 397 3.18 -41.44 36.24
N ALA J 398 2.92 -40.17 36.57
CA ALA J 398 1.61 -39.75 37.06
C ALA J 398 0.49 -40.06 36.06
N GLY J 399 0.70 -39.81 34.77
CA GLY J 399 -0.32 -40.17 33.80
C GLY J 399 -0.54 -41.66 33.68
N ILE J 400 0.54 -42.44 33.76
CA ILE J 400 0.40 -43.89 33.75
C ILE J 400 -0.45 -44.35 34.94
N MET J 401 -0.12 -43.87 36.14
CA MET J 401 -0.92 -44.23 37.31
C MET J 401 -2.35 -43.73 37.20
N ARG J 402 -2.54 -42.52 36.67
CA ARG J 402 -3.87 -41.95 36.48
C ARG J 402 -4.75 -42.84 35.61
N LYS J 403 -4.19 -43.42 34.56
CA LYS J 403 -5.01 -44.32 33.75
C LYS J 403 -5.09 -45.72 34.34
N LEU J 404 -3.99 -46.22 34.93
CA LEU J 404 -4.01 -47.55 35.54
C LEU J 404 -5.11 -47.67 36.59
N THR J 405 -5.32 -46.63 37.39
CA THR J 405 -6.32 -46.69 38.45
C THR J 405 -7.74 -46.63 37.92
N THR J 406 -7.96 -46.08 36.74
CA THR J 406 -9.30 -45.90 36.22
C THR J 406 -9.55 -46.65 34.92
N CYS J 407 -8.58 -47.41 34.43
CA CYS J 407 -8.79 -48.25 33.26
C CYS J 407 -7.95 -49.52 33.34
N PRO J 408 -8.16 -50.37 34.36
CA PRO J 408 -7.25 -51.51 34.57
C PRO J 408 -7.22 -52.52 33.42
N GLU J 409 -8.08 -52.37 32.41
CA GLU J 409 -7.90 -53.10 31.17
C GLU J 409 -6.53 -52.83 30.53
N MET J 410 -5.84 -51.77 30.97
CA MET J 410 -4.47 -51.56 30.54
C MET J 410 -3.62 -52.81 30.71
N PHE J 411 -3.91 -53.63 31.74
CA PHE J 411 -3.10 -54.82 31.94
C PHE J 411 -3.46 -55.95 30.99
N GLU J 412 -4.56 -55.82 30.24
CA GLU J 412 -5.15 -56.95 29.55
C GLU J 412 -5.48 -56.68 28.09
N ASP J 413 -5.68 -55.44 27.68
CA ASP J 413 -5.98 -55.08 26.30
C ASP J 413 -4.87 -54.20 25.79
N GLN J 414 -4.23 -54.61 24.70
CA GLN J 414 -3.04 -53.90 24.20
C GLN J 414 -3.40 -52.57 23.58
N ASP J 415 -4.49 -52.51 22.81
CA ASP J 415 -4.93 -51.24 22.24
C ASP J 415 -5.32 -50.25 23.33
N VAL J 416 -6.01 -50.72 24.36
CA VAL J 416 -6.36 -49.85 25.49
C VAL J 416 -5.10 -49.33 26.17
N LEU J 417 -4.14 -50.22 26.40
CA LEU J 417 -2.88 -49.82 27.01
C LEU J 417 -2.18 -48.73 26.20
N GLU J 418 -2.10 -48.91 24.88
CA GLU J 418 -1.48 -47.89 24.03
C GLU J 418 -2.22 -46.57 24.10
N ARG J 419 -3.55 -46.63 23.91
CA ARG J 419 -4.36 -45.43 23.88
C ARG J 419 -4.28 -44.66 25.20
N GLN J 420 -4.16 -45.37 26.32
CA GLN J 420 -4.04 -44.69 27.60
C GLN J 420 -2.63 -44.18 27.87
N LEU J 421 -1.60 -44.90 27.41
CA LEU J 421 -0.23 -44.44 27.57
C LEU J 421 0.05 -43.20 26.75
N ARG J 422 -0.67 -43.01 25.64
CA ARG J 422 -0.56 -41.75 24.91
C ARG J 422 -0.98 -40.54 25.74
N PHE J 423 -1.79 -40.76 26.78
CA PHE J 423 -2.10 -39.68 27.72
C PHE J 423 -0.89 -39.33 28.58
N ALA J 424 -0.13 -40.33 29.00
CA ALA J 424 1.11 -40.08 29.73
C ALA J 424 2.11 -39.34 28.85
N VAL J 425 2.19 -39.74 27.58
CA VAL J 425 3.05 -39.03 26.63
C VAL J 425 2.68 -37.55 26.55
N ALA J 426 1.39 -37.27 26.37
CA ALA J 426 0.96 -35.88 26.28
C ALA J 426 1.25 -35.10 27.56
N ALA J 427 1.07 -35.74 28.73
CA ALA J 427 1.39 -35.06 29.98
C ALA J 427 2.88 -34.74 30.09
N GLY J 428 3.74 -35.68 29.68
CA GLY J 428 5.17 -35.39 29.66
C GLY J 428 5.50 -34.23 28.75
N ILE J 429 4.85 -34.19 27.58
CA ILE J 429 5.15 -33.14 26.61
C ILE J 429 4.79 -31.78 27.19
N ILE J 430 3.58 -31.66 27.75
CA ILE J 430 3.19 -30.37 28.33
C ILE J 430 4.10 -30.02 29.50
N SER J 431 4.52 -31.01 30.30
CA SER J 431 5.41 -30.74 31.41
C SER J 431 6.78 -30.25 30.96
N GLN J 432 7.13 -30.44 29.70
CA GLN J 432 8.44 -29.94 29.27
C GLN J 432 8.44 -28.48 28.88
N TRP J 433 7.28 -27.82 28.82
CA TRP J 433 7.19 -26.48 28.26
C TRP J 433 7.25 -25.34 29.27
N THR J 434 7.45 -25.61 30.56
CA THR J 434 7.74 -24.53 31.48
C THR J 434 8.90 -24.86 32.41
N ILE J 435 9.64 -23.80 32.77
CA ILE J 435 10.56 -23.85 33.89
C ILE J 435 9.87 -24.35 35.14
N GLY J 436 10.56 -25.23 35.87
CA GLY J 436 10.06 -25.81 37.09
C GLY J 436 9.14 -27.00 36.90
N ALA J 437 9.21 -27.94 37.84
CA ALA J 437 8.44 -29.18 37.74
C ALA J 437 7.02 -29.00 38.24
N VAL J 438 6.87 -28.66 39.53
CA VAL J 438 5.55 -28.48 40.13
C VAL J 438 4.79 -27.37 39.43
N ARG J 439 5.51 -26.33 38.99
CA ARG J 439 4.90 -25.26 38.21
C ARG J 439 4.33 -25.78 36.89
N GLY J 440 4.86 -26.90 36.39
CA GLY J 440 4.56 -27.31 35.03
C GLY J 440 3.68 -28.52 34.78
N PHE J 441 3.40 -29.30 35.80
CA PHE J 441 2.56 -30.47 35.60
C PHE J 441 1.22 -30.05 34.99
N PRO J 442 0.76 -30.73 33.95
CA PRO J 442 -0.49 -30.33 33.30
C PRO J 442 -1.71 -30.78 34.06
N THR J 443 -2.84 -30.18 33.72
CA THR J 443 -4.13 -30.67 34.17
C THR J 443 -4.60 -31.81 33.26
N GLU J 444 -5.67 -32.47 33.69
CA GLU J 444 -6.28 -33.51 32.86
C GLU J 444 -6.78 -32.94 31.53
N SER J 445 -7.42 -31.78 31.57
CA SER J 445 -8.00 -31.21 30.37
C SER J 445 -6.92 -30.82 29.35
N ALA J 446 -5.87 -30.14 29.80
CA ALA J 446 -4.78 -29.79 28.90
C ALA J 446 -4.12 -31.03 28.32
N THR J 447 -3.94 -32.06 29.14
CA THR J 447 -3.31 -33.29 28.66
C THR J 447 -4.17 -33.97 27.59
N GLN J 448 -5.47 -34.08 27.84
CA GLN J 448 -6.36 -34.70 26.86
C GLN J 448 -6.46 -33.87 25.59
N ASN J 449 -6.43 -32.54 25.73
CA ASN J 449 -6.39 -31.66 24.57
C ASN J 449 -5.14 -31.91 23.73
N LEU J 450 -3.98 -31.96 24.38
CA LEU J 450 -2.76 -32.22 23.63
C LEU J 450 -2.76 -33.61 22.98
N LYS J 451 -3.24 -34.62 23.70
CA LYS J 451 -3.41 -35.93 23.09
C LYS J 451 -4.23 -35.84 21.81
N GLU J 452 -5.39 -35.20 21.89
CA GLU J 452 -6.31 -35.16 20.77
C GLU J 452 -5.85 -34.23 19.66
N GLN J 453 -4.92 -33.33 19.94
CA GLN J 453 -4.33 -32.49 18.89
C GLN J 453 -3.12 -33.13 18.23
N VAL J 454 -2.30 -33.84 19.01
CA VAL J 454 -1.12 -34.50 18.46
C VAL J 454 -1.51 -35.75 17.69
N TYR J 455 -2.28 -36.63 18.34
CA TYR J 455 -2.62 -37.92 17.75
C TYR J 455 -3.84 -37.82 16.85
N VAL J 456 -3.79 -38.58 15.76
CA VAL J 456 -4.93 -38.80 14.86
C VAL J 456 -6.08 -39.42 15.64
N PRO J 457 -7.34 -39.05 15.36
CA PRO J 457 -8.47 -39.60 16.12
C PRO J 457 -8.51 -41.11 16.18
N SER J 458 -8.05 -41.80 15.12
CA SER J 458 -8.01 -43.25 15.14
C SER J 458 -7.30 -43.79 16.37
N MET J 459 -6.33 -43.04 16.89
CA MET J 459 -5.41 -43.54 17.90
C MET J 459 -5.48 -42.75 19.20
N TRP J 460 -6.52 -41.95 19.39
CA TRP J 460 -6.89 -41.43 20.70
C TRP J 460 -7.24 -42.58 21.64
N THR K 9 22.97 -16.19 20.70
CA THR K 9 22.52 -17.54 20.36
C THR K 9 21.39 -17.97 21.27
N SER K 10 21.67 -18.07 22.56
CA SER K 10 20.72 -18.61 23.53
C SER K 10 19.65 -17.62 23.94
N THR K 11 19.80 -16.34 23.61
CA THR K 11 19.01 -15.28 24.21
C THR K 11 18.91 -14.13 23.22
N ILE K 12 17.89 -13.31 23.39
CA ILE K 12 17.75 -12.05 22.64
C ILE K 12 18.98 -11.19 22.86
N PRO K 13 19.68 -10.80 21.80
CA PRO K 13 20.85 -9.93 21.95
C PRO K 13 20.49 -8.59 22.56
N GLY K 14 21.48 -7.95 23.16
CA GLY K 14 21.34 -6.57 23.54
C GLY K 14 21.10 -5.72 22.32
N PHE K 15 20.08 -4.86 22.36
CA PHE K 15 19.68 -4.14 21.16
C PHE K 15 20.77 -3.21 20.66
N ASN K 16 21.50 -2.57 21.57
CA ASN K 16 22.61 -1.71 21.21
C ASN K 16 23.87 -2.46 20.84
N GLN K 17 23.87 -3.80 20.94
CA GLN K 17 25.10 -4.55 20.72
C GLN K 17 25.61 -4.39 19.30
N ILE K 18 24.70 -4.22 18.34
CA ILE K 18 25.13 -4.00 16.95
C ILE K 18 25.96 -2.74 16.86
N GLN K 19 25.57 -1.69 17.58
CA GLN K 19 26.41 -0.50 17.61
C GLN K 19 27.68 -0.78 18.41
N PHE K 20 27.54 -1.42 19.57
CA PHE K 20 28.66 -1.65 20.45
C PHE K 20 29.75 -2.44 19.76
N GLU K 21 29.37 -3.58 19.16
CA GLU K 21 30.36 -4.41 18.51
C GLU K 21 30.92 -3.73 17.28
N GLY K 22 30.13 -2.87 16.63
CA GLY K 22 30.70 -2.04 15.59
C GLY K 22 31.76 -1.09 16.10
N PHE K 23 31.44 -0.33 17.14
CA PHE K 23 32.42 0.64 17.65
C PHE K 23 33.67 -0.04 18.16
N TYR K 24 33.53 -1.16 18.86
CA TYR K 24 34.71 -1.86 19.32
C TYR K 24 35.56 -2.35 18.16
N ARG K 25 34.91 -2.79 17.08
CA ARG K 25 35.69 -3.17 15.91
C ARG K 25 36.45 -1.98 15.37
N PHE K 26 35.82 -0.80 15.36
CA PHE K 26 36.50 0.39 14.88
C PHE K 26 37.72 0.67 15.74
N ILE K 27 37.60 0.47 17.06
CA ILE K 27 38.75 0.66 17.92
C ILE K 27 39.72 -0.50 17.76
N ASP K 28 39.21 -1.72 17.66
CA ASP K 28 40.09 -2.89 17.64
C ASP K 28 40.87 -3.01 16.34
N GLN K 29 40.36 -2.50 15.22
CA GLN K 29 41.17 -2.57 14.02
C GLN K 29 41.18 -1.32 13.14
N GLY K 30 40.05 -0.62 13.06
CA GLY K 30 39.95 0.51 12.15
C GLY K 30 41.00 1.59 12.37
N LEU K 31 41.47 1.75 13.60
CA LEU K 31 42.53 2.71 13.87
C LEU K 31 43.84 2.25 13.25
N ILE K 32 44.23 1.00 13.52
CA ILE K 32 45.42 0.44 12.91
C ILE K 32 45.31 0.46 11.40
N GLU K 33 44.16 0.03 10.87
CA GLU K 33 43.98 -0.07 9.43
C GLU K 33 44.15 1.29 8.76
N GLU K 34 43.54 2.33 9.31
CA GLU K 34 43.62 3.63 8.66
C GLU K 34 44.94 4.34 8.90
N LEU K 35 45.51 4.23 10.11
CA LEU K 35 46.84 4.80 10.34
C LEU K 35 47.93 4.10 9.52
N SER K 36 47.78 2.81 9.24
CA SER K 36 48.77 2.10 8.44
C SER K 36 48.86 2.65 7.02
N LYS K 37 47.80 3.26 6.52
CA LYS K 37 47.80 3.83 5.18
C LYS K 37 48.36 5.25 5.14
N PHE K 38 48.75 5.80 6.27
CA PHE K 38 49.42 7.09 6.26
C PHE K 38 50.83 6.94 5.70
N PRO K 39 51.16 7.61 4.61
CA PRO K 39 52.44 7.38 3.93
C PRO K 39 53.57 8.12 4.64
N LYS K 40 54.80 7.76 4.24
CA LYS K 40 55.91 8.67 4.41
C LYS K 40 55.68 9.93 3.59
N ILE K 41 56.02 11.08 4.17
CA ILE K 41 55.86 12.37 3.50
C ILE K 41 57.23 12.94 3.21
N GLU K 42 57.45 13.36 1.98
CA GLU K 42 58.74 13.82 1.50
C GLU K 42 58.64 15.28 1.09
N ASP K 43 59.71 16.03 1.36
CA ASP K 43 59.73 17.43 1.00
C ASP K 43 60.04 17.62 -0.49
N ILE K 44 59.88 18.86 -0.96
CA ILE K 44 60.05 19.17 -2.37
C ILE K 44 61.50 18.98 -2.81
N ASP K 45 62.46 19.14 -1.90
CA ASP K 45 63.87 18.97 -2.25
C ASP K 45 64.40 17.56 -2.00
N HIS K 46 63.54 16.62 -1.60
CA HIS K 46 63.91 15.22 -1.42
C HIS K 46 65.06 15.07 -0.42
N GLU K 47 64.94 15.75 0.71
CA GLU K 47 65.96 15.72 1.76
C GLU K 47 65.41 15.54 3.16
N ILE K 48 64.13 15.78 3.39
CA ILE K 48 63.51 15.76 4.72
C ILE K 48 62.34 14.79 4.65
N GLU K 49 62.17 13.98 5.70
CA GLU K 49 61.11 12.97 5.63
C GLU K 49 60.38 12.84 6.96
N PHE K 50 59.06 12.66 6.88
CA PHE K 50 58.19 12.54 8.05
C PHE K 50 57.36 11.28 7.93
N GLN K 51 57.14 10.60 9.06
CA GLN K 51 56.23 9.46 9.09
C GLN K 51 55.64 9.32 10.49
N LEU K 52 54.40 8.83 10.54
CA LEU K 52 53.83 8.35 11.80
C LEU K 52 54.26 6.92 12.07
N PHE K 53 54.69 6.64 13.30
CA PHE K 53 54.94 5.27 13.76
C PHE K 53 53.66 4.71 14.37
N VAL K 54 52.79 4.22 13.48
CA VAL K 54 51.45 3.73 13.83
C VAL K 54 51.46 2.79 15.03
N GLU K 55 52.55 2.04 15.23
CA GLU K 55 52.64 1.12 16.35
C GLU K 55 52.48 1.81 17.71
N THR K 56 52.68 3.13 17.77
CA THR K 56 52.58 3.88 19.02
C THR K 56 51.22 4.51 19.25
N TYR K 57 50.20 4.15 18.45
CA TYR K 57 48.88 4.78 18.57
C TYR K 57 48.31 4.57 19.97
N GLN K 58 47.87 5.67 20.59
CA GLN K 58 47.50 5.69 22.00
C GLN K 58 46.29 6.59 22.18
N LEU K 59 45.14 5.99 22.48
CA LEU K 59 43.94 6.71 22.86
C LEU K 59 43.97 6.96 24.37
N VAL K 60 44.16 8.20 24.76
CA VAL K 60 43.94 8.58 26.15
C VAL K 60 42.45 8.88 26.35
N GLU K 61 41.93 8.46 27.51
CA GLU K 61 40.53 8.59 27.84
C GLU K 61 40.08 10.05 27.79
N PRO K 62 38.79 10.29 27.60
CA PRO K 62 38.27 11.66 27.68
C PRO K 62 38.53 12.27 29.05
N LEU K 63 39.21 13.41 29.05
CA LEU K 63 39.43 14.15 30.29
C LEU K 63 38.15 14.81 30.80
N ILE K 64 37.12 14.89 29.98
CA ILE K 64 35.80 15.38 30.40
C ILE K 64 34.80 14.23 30.33
N LYS K 65 34.05 14.04 31.41
CA LYS K 65 33.03 13.00 31.46
C LYS K 65 31.78 13.40 30.69
N GLU K 66 30.99 12.38 30.32
CA GLU K 66 29.81 12.56 29.48
C GLU K 66 28.88 13.65 30.01
N ARG K 67 28.52 13.54 31.29
CA ARG K 67 27.54 14.48 31.86
C ARG K 67 28.09 15.89 31.98
N ASP K 68 29.40 16.06 31.88
CA ASP K 68 29.99 17.40 31.75
C ASP K 68 30.03 17.86 30.31
N ALA K 69 30.35 16.97 29.37
CA ALA K 69 30.38 17.34 27.97
C ALA K 69 29.01 17.76 27.46
N VAL K 70 27.96 17.05 27.87
CA VAL K 70 26.61 17.39 27.46
C VAL K 70 26.18 18.73 28.06
N TYR K 71 26.64 19.04 29.28
CA TYR K 71 26.27 20.30 29.92
C TYR K 71 27.02 21.48 29.32
N GLU K 72 28.32 21.31 29.06
CA GLU K 72 29.16 22.37 28.52
C GLU K 72 29.03 22.52 27.01
N SER K 73 28.23 21.68 26.35
CA SER K 73 28.08 21.66 24.89
C SER K 73 29.43 21.40 24.21
N LEU K 74 29.95 20.20 24.46
CA LEU K 74 31.24 19.75 23.96
C LEU K 74 31.08 18.34 23.38
N THR K 75 32.12 17.86 22.71
CA THR K 75 32.16 16.50 22.22
C THR K 75 32.88 15.61 23.22
N TYR K 76 32.25 14.50 23.59
CA TYR K 76 32.85 13.51 24.47
C TYR K 76 33.75 12.61 23.63
N SER K 77 35.07 12.78 23.78
CA SER K 77 36.00 12.21 22.81
C SER K 77 37.29 11.78 23.50
N SER K 78 37.87 10.71 22.98
CA SER K 78 39.21 10.28 23.36
C SER K 78 40.24 10.93 22.46
N GLU K 79 41.47 11.06 22.96
CA GLU K 79 42.52 11.73 22.21
C GLU K 79 43.52 10.71 21.69
N LEU K 80 43.71 10.69 20.38
CA LEU K 80 44.69 9.84 19.71
C LEU K 80 46.03 10.56 19.62
N TYR K 81 47.08 9.90 20.13
CA TYR K 81 48.45 10.32 20.00
C TYR K 81 49.23 9.24 19.26
N VAL K 82 50.22 9.67 18.47
CA VAL K 82 51.15 8.77 17.78
C VAL K 82 52.52 9.43 17.81
N SER K 83 53.56 8.62 17.98
CA SER K 83 54.91 9.12 17.80
C SER K 83 55.21 9.31 16.32
N ALA K 84 55.99 10.33 16.01
CA ALA K 84 56.24 10.70 14.63
C ALA K 84 57.72 10.91 14.39
N GLY K 85 58.27 10.16 13.45
CA GLY K 85 59.64 10.40 13.02
C GLY K 85 59.70 11.57 12.06
N LEU K 86 60.76 12.37 12.17
CA LEU K 86 61.05 13.43 11.23
C LEU K 86 62.56 13.56 11.09
N ILE K 87 63.09 13.14 9.95
CA ILE K 87 64.50 13.34 9.64
C ILE K 87 64.61 14.67 8.89
N TRP K 88 65.06 15.70 9.65
CA TRP K 88 65.31 17.03 9.12
C TRP K 88 66.56 17.08 8.27
N LYS K 89 67.44 16.09 8.42
CA LYS K 89 68.64 15.92 7.61
C LYS K 89 69.15 14.50 7.86
N THR K 90 70.36 14.22 7.40
CA THR K 90 71.05 12.99 7.75
C THR K 90 71.40 12.95 9.24
N ASN K 91 71.76 11.74 9.68
CA ASN K 91 72.28 11.43 11.03
C ASN K 91 71.32 11.94 12.11
N ARG K 92 71.79 12.66 13.12
CA ARG K 92 71.08 12.92 14.37
C ARG K 92 69.98 13.97 14.24
N ASN K 93 69.67 14.44 13.03
CA ASN K 93 68.62 15.43 12.83
C ASN K 93 67.24 14.77 12.90
N MET K 94 66.97 14.14 14.05
CA MET K 94 65.81 13.28 14.23
C MET K 94 65.24 13.50 15.62
N GLN K 95 63.92 13.37 15.75
CA GLN K 95 63.24 13.83 16.95
C GLN K 95 62.27 12.81 17.54
N GLU K 96 61.50 12.10 16.71
CA GLU K 96 60.60 11.03 17.14
C GLU K 96 59.69 11.45 18.29
N GLN K 97 59.19 12.68 18.27
CA GLN K 97 58.30 13.15 19.31
C GLN K 97 56.94 12.46 19.25
N ARG K 98 56.40 12.14 20.44
CA ARG K 98 54.99 11.73 20.59
C ARG K 98 54.07 12.93 20.35
N ILE K 99 53.25 12.86 19.31
CA ILE K 99 52.40 14.00 18.94
C ILE K 99 50.92 13.64 19.05
N PHE K 100 50.14 14.65 19.41
CA PHE K 100 48.68 14.57 19.48
C PHE K 100 48.11 14.60 18.07
N ILE K 101 47.49 13.49 17.64
CA ILE K 101 46.90 13.45 16.30
C ILE K 101 45.46 13.94 16.29
N GLY K 102 44.70 13.70 17.35
CA GLY K 102 43.45 14.42 17.47
C GLY K 102 42.37 13.63 18.19
N ASN K 103 41.28 14.31 18.46
CA ASN K 103 40.11 13.72 19.10
C ASN K 103 39.35 12.78 18.16
N ILE K 104 39.13 11.55 18.59
CA ILE K 104 38.09 10.69 18.01
C ILE K 104 36.91 10.63 18.96
N PRO K 105 35.69 10.88 18.49
CA PRO K 105 34.50 10.79 19.35
C PRO K 105 34.24 9.36 19.82
N LEU K 106 34.16 9.18 21.14
CA LEU K 106 33.84 7.89 21.73
C LEU K 106 32.33 7.67 21.82
N MET K 107 31.95 6.42 21.66
CA MET K 107 30.57 5.99 21.84
C MET K 107 30.27 5.79 23.32
N ASN K 108 29.08 6.23 23.74
CA ASN K 108 28.57 5.82 25.04
C ASN K 108 27.80 4.51 24.94
N SER K 109 27.73 3.81 26.08
CA SER K 109 27.49 2.37 26.05
C SER K 109 26.15 2.02 25.43
N LEU K 110 25.17 2.91 25.52
CA LEU K 110 23.87 2.66 24.90
C LEU K 110 23.85 2.98 23.41
N GLY K 111 24.98 3.40 22.84
CA GLY K 111 25.15 3.42 21.40
C GLY K 111 25.15 4.78 20.73
N THR K 112 25.54 5.82 21.44
CA THR K 112 25.42 7.18 20.93
C THR K 112 26.70 7.95 21.21
N SER K 113 26.92 9.00 20.42
CA SER K 113 28.09 9.85 20.53
C SER K 113 27.60 11.24 20.93
N ILE K 114 28.13 11.78 22.02
CA ILE K 114 27.87 13.18 22.35
C ILE K 114 28.78 14.04 21.50
N VAL K 115 28.19 14.86 20.63
CA VAL K 115 28.96 15.72 19.74
C VAL K 115 28.44 17.14 19.89
N ASN K 116 29.32 18.06 20.24
CA ASN K 116 28.96 19.44 20.59
C ASN K 116 27.71 19.49 21.46
N GLY K 117 27.68 18.62 22.47
CA GLY K 117 26.62 18.63 23.45
C GLY K 117 25.38 17.85 23.09
N ILE K 118 25.20 17.46 21.83
CA ILE K 118 23.97 16.80 21.40
C ILE K 118 24.25 15.34 21.09
N TYR K 119 23.45 14.45 21.70
CA TYR K 119 23.53 13.03 21.43
C TYR K 119 23.20 12.75 19.98
N ARG K 120 24.10 12.08 19.28
CA ARG K 120 23.91 11.66 17.91
C ARG K 120 24.02 10.14 17.83
N VAL K 121 23.36 9.57 16.85
CA VAL K 121 23.45 8.14 16.57
C VAL K 121 23.73 7.97 15.09
N VAL K 122 24.61 7.04 14.76
CA VAL K 122 24.97 6.79 13.38
C VAL K 122 24.04 5.71 12.82
N ILE K 123 23.14 6.12 11.93
CA ILE K 123 22.22 5.18 11.29
C ILE K 123 22.99 4.24 10.38
N ASN K 124 22.62 2.97 10.39
CA ASN K 124 23.26 2.00 9.52
C ASN K 124 22.83 2.25 8.08
N GLN K 125 23.75 2.03 7.14
CA GLN K 125 23.47 2.19 5.72
C GLN K 125 23.39 0.82 5.05
N ILE K 126 22.39 0.64 4.20
CA ILE K 126 22.32 -0.53 3.33
C ILE K 126 22.86 -0.17 1.96
N LEU K 127 23.77 -1.00 1.44
CA LEU K 127 24.33 -0.83 0.11
C LEU K 127 24.18 -2.13 -0.69
N GLN K 128 24.27 -2.02 -2.01
CA GLN K 128 24.47 -3.20 -2.83
C GLN K 128 25.79 -3.89 -2.47
N SER K 129 25.72 -5.18 -2.22
CA SER K 129 26.91 -5.92 -1.83
C SER K 129 27.91 -5.96 -2.97
N PRO K 130 29.21 -5.80 -2.67
CA PRO K 130 30.25 -6.08 -3.66
C PRO K 130 30.15 -7.49 -4.24
N GLY K 131 30.79 -7.71 -5.39
CA GLY K 131 30.71 -9.00 -6.02
C GLY K 131 30.48 -8.92 -7.52
N ILE K 132 29.81 -9.92 -8.07
CA ILE K 132 29.47 -9.94 -9.49
C ILE K 132 28.00 -10.32 -9.63
N TYR K 133 27.32 -9.68 -10.58
CA TYR K 133 25.90 -9.91 -10.79
C TYR K 133 25.61 -9.97 -12.28
N TYR K 134 24.62 -10.79 -12.66
CA TYR K 134 24.19 -10.89 -14.05
C TYR K 134 22.76 -10.42 -14.21
N GLN K 135 22.54 -9.48 -15.12
CA GLN K 135 21.22 -8.96 -15.46
C GLN K 135 20.89 -9.36 -16.89
N SER K 136 19.67 -9.87 -17.10
CA SER K 136 19.13 -10.04 -18.45
C SER K 136 18.47 -8.73 -18.87
N GLU K 137 19.23 -7.88 -19.56
CA GLU K 137 18.65 -6.73 -20.22
C GLU K 137 17.93 -7.17 -21.49
N LEU K 138 17.29 -6.21 -22.17
CA LEU K 138 16.54 -6.50 -23.38
C LEU K 138 16.94 -5.57 -24.51
N SER K 144 17.74 -11.26 -25.84
CA SER K 144 18.24 -11.12 -24.47
C SER K 144 19.66 -10.58 -24.47
N VAL K 145 19.92 -9.63 -23.57
CA VAL K 145 21.24 -9.01 -23.44
C VAL K 145 21.85 -9.40 -22.10
N TYR K 146 22.64 -10.46 -22.09
CA TYR K 146 23.28 -10.91 -20.87
C TYR K 146 24.34 -9.90 -20.43
N THR K 147 24.22 -9.38 -19.22
CA THR K 147 25.01 -8.22 -18.79
C THR K 147 25.62 -8.51 -17.43
N GLY K 148 26.91 -8.81 -17.42
CA GLY K 148 27.62 -8.98 -16.17
C GLY K 148 28.06 -7.65 -15.60
N THR K 149 28.18 -7.60 -14.28
CA THR K 149 28.56 -6.35 -13.61
C THR K 149 29.32 -6.69 -12.34
N ILE K 150 30.58 -6.27 -12.29
CA ILE K 150 31.34 -6.27 -11.05
C ILE K 150 30.95 -5.03 -10.26
N ILE K 151 30.70 -5.20 -8.98
CA ILE K 151 30.60 -4.10 -8.02
C ILE K 151 31.78 -4.22 -7.06
N SER K 152 32.66 -3.23 -7.08
CA SER K 152 33.70 -3.14 -6.08
C SER K 152 33.15 -2.44 -4.83
N ASP K 153 33.82 -2.68 -3.70
CA ASP K 153 33.34 -2.13 -2.45
C ASP K 153 33.52 -0.61 -2.35
N TRP K 154 34.24 -0.01 -3.28
CA TRP K 154 34.23 1.43 -3.48
C TRP K 154 32.99 1.92 -4.21
N GLY K 155 32.08 1.03 -4.58
CA GLY K 155 30.95 1.37 -5.42
C GLY K 155 31.23 1.45 -6.90
N GLY K 156 32.45 1.12 -7.34
CA GLY K 156 32.77 1.20 -8.75
C GLY K 156 32.16 0.04 -9.52
N ARG K 157 31.43 0.37 -10.58
CA ARG K 157 30.94 -0.64 -11.51
C ARG K 157 32.01 -1.03 -12.53
N LEU K 158 31.89 -2.25 -13.03
CA LEU K 158 32.44 -2.62 -14.33
C LEU K 158 31.44 -3.51 -15.04
N GLU K 159 31.25 -3.29 -16.34
CA GLU K 159 30.20 -3.99 -17.08
C GLU K 159 30.77 -4.85 -18.20
N LEU K 160 30.11 -5.99 -18.41
CA LEU K 160 30.39 -6.95 -19.47
C LEU K 160 29.06 -7.22 -20.17
N GLU K 161 29.10 -7.50 -21.46
CA GLU K 161 27.85 -7.69 -22.16
C GLU K 161 27.99 -8.66 -23.33
N ILE K 162 26.87 -9.36 -23.58
CA ILE K 162 26.60 -10.11 -24.80
C ILE K 162 25.20 -9.73 -25.25
N ASP K 163 25.05 -9.42 -26.54
CA ASP K 163 23.73 -9.28 -27.15
C ASP K 163 23.41 -10.37 -28.16
N LYS K 164 24.32 -10.66 -29.09
CA LYS K 164 24.20 -11.82 -29.97
C LYS K 164 25.56 -12.43 -30.22
N LYS K 165 25.55 -13.71 -30.57
CA LYS K 165 26.74 -14.45 -31.03
C LYS K 165 27.96 -14.18 -30.17
N ALA K 166 27.74 -14.05 -28.86
CA ALA K 166 28.79 -13.74 -27.90
C ALA K 166 29.52 -12.46 -28.27
N ARG K 167 30.78 -12.59 -28.72
CA ARG K 167 31.65 -11.45 -28.97
C ARG K 167 31.65 -10.48 -27.79
N ILE K 168 31.93 -11.05 -26.61
CA ILE K 168 31.68 -10.35 -25.34
C ILE K 168 32.42 -9.03 -25.35
N TRP K 169 31.70 -7.94 -25.12
CA TRP K 169 32.33 -6.64 -24.90
C TRP K 169 32.43 -6.36 -23.41
N ALA K 170 33.59 -5.88 -22.96
CA ALA K 170 33.64 -5.06 -21.76
C ALA K 170 33.28 -3.63 -22.10
N ARG K 171 32.45 -3.02 -21.26
CA ARG K 171 31.94 -1.68 -21.49
C ARG K 171 32.49 -0.72 -20.45
N VAL K 172 33.05 0.40 -20.90
CA VAL K 172 33.62 1.41 -20.04
C VAL K 172 32.79 2.69 -20.07
N SER K 173 32.23 3.01 -21.23
CA SER K 173 31.37 4.17 -21.42
C SER K 173 30.47 3.90 -22.61
N ARG K 174 29.43 4.72 -22.75
CA ARG K 174 28.44 4.52 -23.81
C ARG K 174 29.05 4.55 -25.19
N LYS K 175 30.19 5.22 -25.36
CA LYS K 175 30.96 5.20 -26.60
C LYS K 175 32.25 4.41 -26.48
N GLN K 176 32.40 3.59 -25.44
CA GLN K 176 33.64 2.84 -25.21
C GLN K 176 33.34 1.39 -24.85
N LYS K 177 33.51 0.50 -25.83
CA LYS K 177 33.40 -0.93 -25.62
C LYS K 177 34.60 -1.59 -26.29
N ILE K 178 35.20 -2.56 -25.60
CA ILE K 178 36.33 -3.30 -26.15
C ILE K 178 36.14 -4.79 -25.88
N SER K 179 36.54 -5.63 -26.83
CA SER K 179 36.44 -7.07 -26.65
C SER K 179 37.36 -7.53 -25.52
N ILE K 180 36.90 -8.53 -24.77
CA ILE K 180 37.57 -8.89 -23.52
C ILE K 180 38.94 -9.51 -23.75
N LEU K 181 39.17 -10.10 -24.92
CA LEU K 181 40.53 -10.53 -25.24
C LEU K 181 41.44 -9.34 -25.46
N VAL K 182 40.91 -8.21 -25.94
CA VAL K 182 41.71 -7.01 -26.07
C VAL K 182 42.02 -6.41 -24.71
N LEU K 183 41.01 -6.35 -23.83
CA LEU K 183 41.24 -5.90 -22.46
C LEU K 183 42.27 -6.76 -21.75
N SER K 184 42.15 -8.09 -21.87
CA SER K 184 43.12 -8.98 -21.25
C SER K 184 44.51 -8.80 -21.85
N SER K 185 44.59 -8.51 -23.15
CA SER K 185 45.88 -8.20 -23.74
C SER K 185 46.46 -6.92 -23.15
N ALA K 186 45.61 -5.92 -22.92
CA ALA K 186 46.04 -4.72 -22.22
C ALA K 186 46.42 -5.01 -20.77
N MET K 187 45.76 -5.98 -20.14
CA MET K 187 46.17 -6.46 -18.83
C MET K 187 47.31 -7.47 -18.90
N GLY K 188 47.88 -7.72 -20.08
CA GLY K 188 49.06 -8.55 -20.17
C GLY K 188 48.81 -10.04 -20.17
N SER K 189 47.59 -10.47 -20.41
CA SER K 189 47.28 -11.89 -20.56
C SER K 189 47.05 -12.22 -22.03
N ASN K 190 47.78 -13.22 -22.52
CA ASN K 190 47.76 -13.55 -23.94
C ASN K 190 46.75 -14.66 -24.23
N LEU K 191 46.48 -14.86 -25.52
CA LEU K 191 45.50 -15.85 -25.94
C LEU K 191 45.81 -17.25 -25.42
N ARG K 192 47.10 -17.56 -25.21
CA ARG K 192 47.44 -18.86 -24.63
C ARG K 192 46.96 -18.99 -23.19
N GLU K 193 47.03 -17.90 -22.42
CA GLU K 193 46.50 -17.93 -21.05
C GLU K 193 44.98 -18.03 -21.05
N ILE K 194 44.32 -17.31 -21.96
CA ILE K 194 42.87 -17.45 -22.09
C ILE K 194 42.51 -18.90 -22.42
N LEU K 195 43.16 -19.47 -23.43
CA LEU K 195 42.91 -20.85 -23.82
C LEU K 195 43.13 -21.82 -22.66
N GLU K 196 44.15 -21.57 -21.84
CA GLU K 196 44.41 -22.47 -20.71
C GLU K 196 43.41 -22.28 -19.58
N ASN K 197 42.93 -21.06 -19.35
CA ASN K 197 42.27 -20.70 -18.10
C ASN K 197 40.76 -20.51 -18.23
N VAL K 198 40.16 -20.86 -19.36
CA VAL K 198 38.71 -20.77 -19.51
C VAL K 198 38.17 -22.12 -19.98
N CYS K 199 36.92 -22.39 -19.60
CA CYS K 199 36.31 -23.69 -19.87
C CYS K 199 35.96 -23.88 -21.34
N TYR K 200 35.69 -22.81 -22.07
CA TYR K 200 35.17 -22.89 -23.44
C TYR K 200 36.05 -22.09 -24.39
N PRO K 201 37.34 -22.43 -24.48
CA PRO K 201 38.30 -21.47 -25.07
C PRO K 201 38.07 -21.17 -26.53
N GLU K 202 37.51 -22.10 -27.30
CA GLU K 202 37.24 -21.82 -28.70
C GLU K 202 36.09 -20.83 -28.88
N ILE K 203 35.23 -20.67 -27.88
CA ILE K 203 34.25 -19.59 -27.92
C ILE K 203 34.94 -18.24 -27.78
N PHE K 204 35.85 -18.13 -26.82
CA PHE K 204 36.64 -16.90 -26.68
C PHE K 204 37.42 -16.60 -27.94
N LEU K 205 38.12 -17.61 -28.47
CA LEU K 205 38.89 -17.44 -29.70
C LEU K 205 38.01 -17.12 -30.91
N SER K 206 36.70 -17.40 -30.84
CA SER K 206 35.82 -17.04 -31.94
C SER K 206 35.62 -15.53 -32.06
N PHE K 207 36.03 -14.74 -31.05
CA PHE K 207 35.84 -13.30 -31.10
C PHE K 207 36.83 -12.61 -32.02
N LEU K 208 37.90 -13.30 -32.41
CA LEU K 208 38.95 -12.71 -33.24
C LEU K 208 38.40 -12.25 -34.59
N LEU K 258 38.84 -4.84 -5.29
CA LEU K 258 37.42 -4.98 -5.00
C LEU K 258 37.17 -4.92 -3.50
N GLY K 259 38.24 -5.02 -2.72
CA GLY K 259 38.12 -5.11 -1.28
C GLY K 259 37.86 -6.55 -0.84
N ARG K 260 37.97 -6.76 0.47
CA ARG K 260 37.86 -8.11 1.01
C ARG K 260 36.47 -8.70 0.76
N ILE K 261 35.42 -7.88 0.92
CA ILE K 261 34.07 -8.34 0.66
C ILE K 261 33.90 -8.68 -0.82
N GLY K 262 34.46 -7.85 -1.70
CA GLY K 262 34.37 -8.13 -3.12
C GLY K 262 35.08 -9.40 -3.52
N ARG K 263 36.31 -9.58 -3.02
CA ARG K 263 37.05 -10.81 -3.27
C ARG K 263 36.27 -12.04 -2.81
N ARG K 264 35.74 -11.99 -1.58
CA ARG K 264 34.90 -13.09 -1.11
C ARG K 264 33.74 -13.36 -2.06
N ASN K 265 32.97 -12.32 -2.39
CA ASN K 265 31.72 -12.55 -3.11
C ASN K 265 31.97 -12.97 -4.56
N ILE K 266 33.05 -12.48 -5.17
CA ILE K 266 33.38 -12.92 -6.52
C ILE K 266 33.90 -14.36 -6.51
N ASN K 267 34.72 -14.71 -5.51
CA ASN K 267 35.14 -16.10 -5.37
C ASN K 267 33.94 -17.03 -5.19
N TRP K 268 33.01 -16.65 -4.30
CA TRP K 268 31.83 -17.45 -4.05
C TRP K 268 30.97 -17.59 -5.30
N ARG K 269 30.70 -16.48 -5.98
CA ARG K 269 29.78 -16.50 -7.10
C ARG K 269 30.39 -17.14 -8.35
N LEU K 270 31.71 -17.09 -8.49
CA LEU K 270 32.38 -17.73 -9.61
C LEU K 270 33.03 -19.05 -9.26
N ASN K 271 32.90 -19.52 -8.01
CA ASN K 271 33.56 -20.72 -7.53
C ASN K 271 35.07 -20.66 -7.67
N LEU K 272 35.63 -19.46 -7.80
CA LEU K 272 37.07 -19.29 -7.91
C LEU K 272 37.75 -19.56 -6.56
N ASN K 273 39.05 -19.78 -6.61
CA ASN K 273 39.85 -20.06 -5.43
C ASN K 273 41.08 -19.15 -5.36
N ILE K 274 40.93 -17.91 -5.81
CA ILE K 274 42.03 -16.94 -5.65
C ILE K 274 42.23 -16.65 -4.17
N PRO K 275 43.48 -16.68 -3.67
CA PRO K 275 43.73 -16.38 -2.26
C PRO K 275 43.23 -14.99 -1.87
N GLN K 276 42.80 -14.89 -0.61
CA GLN K 276 42.21 -13.65 -0.10
C GLN K 276 43.17 -12.47 -0.19
N ASN K 277 44.48 -12.73 -0.12
CA ASN K 277 45.45 -11.65 -0.16
C ASN K 277 45.44 -10.89 -1.49
N ASN K 278 44.93 -11.50 -2.56
CA ASN K 278 44.69 -10.77 -3.81
C ASN K 278 43.40 -9.95 -3.67
N ILE K 279 43.50 -8.91 -2.86
CA ILE K 279 42.34 -8.08 -2.55
C ILE K 279 41.82 -7.34 -3.77
N PHE K 280 42.70 -7.00 -4.71
CA PHE K 280 42.24 -6.32 -5.91
C PHE K 280 41.74 -7.30 -6.96
N LEU K 281 41.08 -6.75 -7.98
CA LEU K 281 40.67 -7.53 -9.14
C LEU K 281 41.87 -8.04 -9.91
N LEU K 282 41.87 -9.33 -10.22
CA LEU K 282 42.83 -9.93 -11.13
C LEU K 282 42.24 -10.03 -12.53
N PRO K 283 43.08 -10.03 -13.57
CA PRO K 283 42.55 -10.28 -14.92
C PRO K 283 41.83 -11.62 -15.04
N ARG K 284 42.30 -12.64 -14.33
CA ARG K 284 41.62 -13.93 -14.34
C ARG K 284 40.22 -13.85 -13.74
N ASP K 285 39.96 -12.85 -12.90
CA ASP K 285 38.59 -12.61 -12.46
C ASP K 285 37.71 -12.18 -13.62
N ILE K 286 38.21 -11.29 -14.48
CA ILE K 286 37.43 -10.86 -15.64
C ILE K 286 37.28 -12.01 -16.63
N LEU K 287 38.31 -12.84 -16.78
CA LEU K 287 38.20 -14.03 -17.62
C LEU K 287 37.12 -14.98 -17.09
N ALA K 288 37.10 -15.22 -15.78
CA ALA K 288 36.06 -16.07 -15.19
C ALA K 288 34.68 -15.44 -15.34
N ALA K 289 34.60 -14.11 -15.22
CA ALA K 289 33.32 -13.43 -15.43
C ALA K 289 32.82 -13.60 -16.85
N ALA K 290 33.72 -13.54 -17.84
CA ALA K 290 33.31 -13.78 -19.22
C ALA K 290 32.93 -15.24 -19.46
N ASP K 291 33.63 -16.16 -18.81
CA ASP K 291 33.30 -17.57 -18.94
C ASP K 291 31.91 -17.87 -18.35
N HIS K 292 31.64 -17.34 -17.15
CA HIS K 292 30.30 -17.44 -16.59
C HIS K 292 29.25 -16.70 -17.41
N LEU K 293 29.64 -15.62 -18.10
CA LEU K 293 28.69 -14.94 -18.97
C LEU K 293 28.33 -15.82 -20.17
N ILE K 294 29.31 -16.52 -20.74
CA ILE K 294 29.01 -17.54 -21.75
C ILE K 294 28.10 -18.63 -21.17
N GLY K 295 28.36 -19.03 -19.92
CA GLY K 295 27.44 -19.93 -19.23
C GLY K 295 26.01 -19.41 -19.23
N MET K 296 25.84 -18.14 -18.85
CA MET K 296 24.51 -17.53 -18.84
C MET K 296 23.91 -17.53 -20.25
N LYS K 297 24.72 -17.23 -21.26
CA LYS K 297 24.24 -17.24 -22.63
C LYS K 297 23.67 -18.61 -22.98
N PHE K 298 24.40 -19.68 -22.64
CA PHE K 298 23.87 -21.02 -22.87
C PHE K 298 22.75 -21.38 -21.90
N GLY K 299 22.64 -20.65 -20.78
CA GLY K 299 21.72 -21.04 -19.73
C GLY K 299 22.33 -21.89 -18.64
N MET K 300 23.67 -22.03 -18.64
CA MET K 300 24.40 -22.76 -17.60
C MET K 300 24.64 -21.87 -16.38
N GLY K 301 23.55 -21.37 -15.81
CA GLY K 301 23.66 -20.50 -14.65
C GLY K 301 22.30 -19.90 -14.30
N THR K 302 22.34 -18.76 -13.62
CA THR K 302 21.13 -18.02 -13.32
C THR K 302 21.43 -16.53 -13.34
N LEU K 303 20.42 -15.75 -13.70
CA LEU K 303 20.44 -14.32 -13.45
C LEU K 303 20.31 -14.02 -11.95
N ASP K 304 20.76 -12.85 -11.56
CA ASP K 304 20.72 -12.40 -10.16
C ASP K 304 19.75 -11.24 -10.01
N ASP K 305 18.88 -11.32 -9.00
CA ASP K 305 17.93 -10.26 -8.66
C ASP K 305 18.58 -9.27 -7.70
N MET K 306 18.80 -8.04 -8.17
CA MET K 306 19.53 -7.04 -7.38
C MET K 306 18.74 -6.52 -6.20
N ASN K 307 17.42 -6.46 -6.31
CA ASN K 307 16.61 -5.88 -5.25
C ASN K 307 16.52 -6.77 -4.01
N HIS K 308 16.88 -8.04 -4.14
CA HIS K 308 16.67 -8.97 -3.03
C HIS K 308 17.62 -8.67 -1.88
N LEU K 309 17.12 -8.84 -0.65
CA LEU K 309 17.88 -8.57 0.56
C LEU K 309 19.16 -9.39 0.68
N LYS K 310 19.22 -10.53 -0.02
CA LYS K 310 20.44 -11.33 -0.01
C LYS K 310 21.62 -10.59 -0.64
N ASN K 311 21.35 -9.66 -1.55
CA ASN K 311 22.39 -8.95 -2.29
C ASN K 311 22.69 -7.58 -1.68
N LYS K 312 22.44 -7.41 -0.39
CA LYS K 312 22.72 -6.16 0.31
C LYS K 312 23.73 -6.39 1.42
N ARG K 313 24.48 -5.33 1.73
CA ARG K 313 25.37 -5.30 2.88
C ARG K 313 25.02 -4.10 3.75
N ILE K 314 25.40 -4.19 5.03
CA ILE K 314 25.13 -3.14 6.00
C ILE K 314 26.45 -2.54 6.46
N ARG K 315 26.59 -1.23 6.29
CA ARG K 315 27.69 -0.46 6.85
C ARG K 315 27.23 0.13 8.17
N SER K 316 27.95 -0.16 9.24
CA SER K 316 27.60 0.23 10.59
C SER K 316 28.33 1.52 10.95
N VAL K 317 28.21 1.93 12.22
CA VAL K 317 29.02 3.01 12.76
C VAL K 317 30.49 2.75 12.54
N ALA K 318 30.92 1.49 12.58
CA ALA K 318 32.33 1.16 12.42
C ALA K 318 32.85 1.64 11.07
N ASP K 319 32.15 1.30 9.99
CA ASP K 319 32.68 1.53 8.66
C ASP K 319 32.61 3.01 8.29
N LEU K 320 31.57 3.71 8.76
CA LEU K 320 31.49 5.15 8.52
C LEU K 320 32.55 5.91 9.30
N LEU K 321 32.76 5.54 10.57
CA LEU K 321 33.82 6.20 11.34
C LEU K 321 35.19 5.91 10.76
N GLN K 322 35.39 4.69 10.23
CA GLN K 322 36.66 4.36 9.61
C GLN K 322 36.89 5.15 8.32
N ASP K 323 35.87 5.24 7.47
CA ASP K 323 35.93 6.12 6.31
C ASP K 323 36.28 7.55 6.70
N GLN K 324 35.65 8.07 7.76
CA GLN K 324 35.93 9.43 8.18
C GLN K 324 37.33 9.59 8.74
N LEU K 325 37.89 8.52 9.31
CA LEU K 325 39.31 8.54 9.66
C LEU K 325 40.20 8.55 8.42
N GLY K 326 39.79 7.84 7.37
CA GLY K 326 40.50 7.92 6.11
C GLY K 326 40.54 9.33 5.54
N LEU K 327 39.39 9.99 5.50
CA LEU K 327 39.36 11.40 5.08
C LEU K 327 40.20 12.28 6.00
N ALA K 328 40.11 12.07 7.31
CA ALA K 328 40.86 12.91 8.25
C ALA K 328 42.36 12.75 8.06
N LEU K 329 42.82 11.52 7.81
CA LEU K 329 44.24 11.32 7.55
C LEU K 329 44.67 11.85 6.19
N ALA K 330 43.81 11.78 5.17
CA ALA K 330 44.18 12.40 3.90
C ALA K 330 44.30 13.92 4.02
N ARG K 331 43.46 14.52 4.85
CA ARG K 331 43.64 15.93 5.19
C ARG K 331 44.92 16.14 5.98
N LEU K 332 45.24 15.22 6.89
CA LEU K 332 46.48 15.35 7.63
C LEU K 332 47.68 15.29 6.69
N GLU K 333 47.64 14.41 5.71
CA GLU K 333 48.67 14.35 4.67
C GLU K 333 48.83 15.70 3.97
N ASN K 334 47.72 16.33 3.59
CA ASN K 334 47.87 17.65 2.99
C ASN K 334 48.36 18.71 3.98
N VAL K 335 48.09 18.51 5.28
CA VAL K 335 48.50 19.52 6.26
C VAL K 335 49.97 19.37 6.56
N VAL K 336 50.47 18.14 6.56
CA VAL K 336 51.89 17.91 6.75
C VAL K 336 52.66 18.38 5.53
N LYS K 337 52.22 18.00 4.32
CA LYS K 337 52.89 18.50 3.13
C LYS K 337 52.97 20.03 3.10
N GLY K 338 51.88 20.72 3.49
CA GLY K 338 51.93 22.17 3.44
C GLY K 338 52.76 22.78 4.55
N THR K 339 52.83 22.10 5.70
CA THR K 339 53.62 22.69 6.77
C THR K 339 55.08 22.34 6.55
N ILE K 340 55.36 21.21 5.92
CA ILE K 340 56.74 20.90 5.59
C ILE K 340 57.19 21.91 4.56
N GLY K 341 56.25 22.37 3.72
CA GLY K 341 56.59 23.40 2.76
C GLY K 341 57.03 24.66 3.47
N GLY K 342 56.20 25.11 4.42
CA GLY K 342 56.56 26.29 5.20
C GLY K 342 57.83 26.10 5.99
N ALA K 343 58.17 24.86 6.34
CA ALA K 343 59.40 24.56 7.06
C ALA K 343 60.60 24.54 6.12
N ILE K 344 60.36 24.25 4.83
CA ILE K 344 61.41 24.17 3.83
C ILE K 344 61.58 25.49 3.10
N ARG K 345 60.81 26.51 3.47
CA ARG K 345 60.87 27.81 2.82
C ARG K 345 61.09 28.90 3.85
N HIS K 346 60.53 28.73 5.05
CA HIS K 346 60.75 29.67 6.14
C HIS K 346 61.60 29.10 7.27
N LYS K 347 62.09 27.87 7.13
CA LYS K 347 62.89 27.18 8.14
C LYS K 347 62.06 26.89 9.39
N LEU K 348 61.72 27.92 10.15
CA LEU K 348 60.83 27.85 11.31
C LEU K 348 61.46 26.92 12.36
N ILE K 349 60.63 26.28 13.17
CA ILE K 349 61.08 25.49 14.32
C ILE K 349 60.76 24.02 14.11
N PRO K 350 61.66 23.10 14.43
CA PRO K 350 61.30 21.69 14.38
C PRO K 350 60.42 21.32 15.56
N THR K 351 59.75 20.18 15.43
CA THR K 351 58.72 19.67 16.34
C THR K 351 58.11 20.68 17.29
N PRO K 352 57.29 21.63 16.79
CA PRO K 352 56.45 22.40 17.71
C PRO K 352 55.27 21.47 17.86
N GLN K 353 55.32 20.62 18.90
CA GLN K 353 54.46 19.44 18.97
C GLN K 353 54.96 18.61 17.79
N ASN K 354 54.66 19.06 16.58
CA ASN K 354 55.24 18.54 15.34
C ASN K 354 54.62 19.30 14.18
N LEU K 355 54.85 18.80 12.96
CA LEU K 355 54.21 19.39 11.80
C LEU K 355 52.80 18.82 11.65
N VAL K 356 52.02 18.93 12.72
CA VAL K 356 50.65 18.39 12.78
C VAL K 356 49.78 19.38 13.53
N THR K 357 48.56 19.59 13.04
CA THR K 357 47.55 20.31 13.81
C THR K 357 46.42 19.36 14.19
N SER K 358 45.68 19.75 15.23
CA SER K 358 44.52 18.99 15.66
C SER K 358 43.33 19.13 14.72
N THR K 359 43.35 20.13 13.84
CA THR K 359 42.19 20.44 13.03
C THR K 359 41.68 19.28 12.18
N PRO K 360 42.53 18.53 11.43
CA PRO K 360 41.99 17.53 10.50
C PRO K 360 41.05 16.51 11.11
N LEU K 361 41.47 15.78 12.15
CA LEU K 361 40.61 14.77 12.74
C LEU K 361 39.40 15.40 13.42
N THR K 362 39.65 16.34 14.33
CA THR K 362 38.58 16.94 15.11
C THR K 362 37.48 17.48 14.22
N THR K 363 37.85 18.31 13.24
CA THR K 363 36.86 18.90 12.36
C THR K 363 36.32 17.93 11.32
N THR K 364 37.06 16.87 10.98
CA THR K 364 36.49 15.86 10.08
C THR K 364 35.36 15.12 10.78
N TYR K 365 35.63 14.58 11.96
CA TYR K 365 34.58 13.88 12.71
C TYR K 365 33.43 14.80 13.06
N GLU K 366 33.71 16.03 13.52
CA GLU K 366 32.62 16.92 13.85
C GLU K 366 31.83 17.41 12.64
N SER K 367 32.42 17.43 11.45
CA SER K 367 31.64 17.69 10.25
C SER K 367 30.86 16.47 9.79
N PHE K 368 31.42 15.28 10.00
CA PHE K 368 30.66 14.05 9.77
C PHE K 368 29.39 14.04 10.61
N PHE K 369 29.52 14.25 11.91
CA PHE K 369 28.36 14.23 12.78
C PHE K 369 27.41 15.38 12.47
N GLY K 370 27.93 16.59 12.27
CA GLY K 370 27.07 17.73 11.96
C GLY K 370 26.31 17.60 10.67
N LEU K 371 26.89 16.97 9.65
CA LEU K 371 26.33 17.09 8.30
C LEU K 371 25.93 15.77 7.66
N HIS K 372 26.55 14.65 7.99
CA HIS K 372 26.34 13.44 7.22
C HIS K 372 24.92 12.93 7.45
N PRO K 373 24.17 12.63 6.39
CA PRO K 373 22.77 12.21 6.56
C PRO K 373 22.55 10.99 7.44
N LEU K 374 23.60 10.23 7.77
CA LEU K 374 23.45 9.02 8.56
C LEU K 374 23.86 9.24 10.01
N SER K 375 24.06 10.48 10.42
CA SER K 375 24.36 10.85 11.80
C SER K 375 23.23 11.76 12.25
N GLN K 376 22.35 11.26 13.11
CA GLN K 376 21.12 11.96 13.43
C GLN K 376 20.93 12.10 14.93
N VAL K 377 20.40 13.27 15.32
CA VAL K 377 20.13 13.54 16.73
C VAL K 377 19.29 12.42 17.32
N LEU K 378 19.64 12.00 18.53
CA LEU K 378 18.96 10.86 19.14
C LEU K 378 17.52 11.23 19.50
N ASP K 379 16.58 10.40 19.05
CA ASP K 379 15.15 10.60 19.32
C ASP K 379 14.87 10.20 20.76
N ARG K 380 15.16 11.12 21.67
CA ARG K 380 14.97 10.91 23.10
C ARG K 380 13.51 11.01 23.54
N THR K 381 12.56 10.93 22.60
CA THR K 381 11.15 11.10 22.94
C THR K 381 10.72 10.14 24.05
N ASN K 382 11.01 8.86 23.90
CA ASN K 382 10.67 7.87 24.91
C ASN K 382 11.69 6.75 24.85
N PRO K 383 11.73 5.88 25.86
CA PRO K 383 12.78 4.84 25.89
C PRO K 383 12.79 3.92 24.69
N LEU K 384 11.66 3.74 24.02
CA LEU K 384 11.65 2.89 22.84
C LEU K 384 12.38 3.54 21.67
N THR K 385 12.16 4.84 21.44
CA THR K 385 12.75 5.48 20.28
C THR K 385 14.25 5.67 20.43
N GLN K 386 14.75 5.81 21.66
CA GLN K 386 16.18 5.83 21.90
C GLN K 386 16.85 4.55 21.44
N ILE K 387 16.15 3.43 21.51
CA ILE K 387 16.73 2.17 21.03
C ILE K 387 16.53 2.04 19.54
N VAL K 388 15.28 2.19 19.09
CA VAL K 388 14.94 1.93 17.69
C VAL K 388 15.74 2.82 16.76
N HIS K 389 16.05 4.05 17.17
CA HIS K 389 16.81 4.95 16.30
C HIS K 389 18.16 4.36 15.91
N GLY K 390 18.88 3.82 16.87
CA GLY K 390 20.16 3.20 16.59
C GLY K 390 20.11 1.88 15.85
N ARG K 391 18.93 1.40 15.49
CA ARG K 391 18.79 0.20 14.68
C ARG K 391 18.05 0.47 13.37
N LYS K 392 17.91 1.73 12.99
CA LYS K 392 17.45 2.06 11.65
C LYS K 392 18.45 1.59 10.61
N LEU K 393 17.96 1.44 9.38
CA LEU K 393 18.76 0.96 8.27
C LEU K 393 18.34 1.76 7.03
N SER K 394 19.20 2.68 6.61
CA SER K 394 18.84 3.66 5.58
C SER K 394 19.53 3.35 4.27
N TYR K 395 18.77 3.45 3.19
CA TYR K 395 19.32 3.28 1.84
C TYR K 395 19.99 4.55 1.33
N LEU K 396 19.78 5.69 1.98
CA LEU K 396 20.39 6.93 1.58
C LEU K 396 21.85 6.99 2.00
N GLY K 397 22.57 7.98 1.47
CA GLY K 397 23.92 8.28 1.92
C GLY K 397 24.97 8.03 0.86
N ILE K 435 13.42 3.03 4.09
CA ILE K 435 14.32 2.50 5.11
C ILE K 435 13.65 1.35 5.85
N GLY K 436 14.39 0.72 6.76
CA GLY K 436 13.81 -0.28 7.63
C GLY K 436 14.48 -0.32 9.00
N SER K 437 14.36 -1.45 9.69
CA SER K 437 15.05 -1.62 10.96
C SER K 437 15.40 -3.10 11.15
N LEU K 438 16.47 -3.34 11.90
CA LEU K 438 16.98 -4.69 12.10
C LEU K 438 16.03 -5.51 12.96
N SER K 439 15.86 -6.78 12.58
CA SER K 439 15.05 -7.70 13.35
C SER K 439 15.72 -8.03 14.68
N ILE K 440 14.90 -8.44 15.65
CA ILE K 440 15.33 -8.53 17.04
C ILE K 440 16.58 -9.39 17.19
N HIS K 441 16.60 -10.53 16.52
CA HIS K 441 17.70 -11.47 16.62
C HIS K 441 18.78 -11.27 15.57
N ALA K 442 18.63 -10.31 14.67
CA ALA K 442 19.58 -10.15 13.58
C ALA K 442 20.94 -9.70 14.10
N ARG K 443 21.98 -10.16 13.42
CA ARG K 443 23.37 -9.84 13.71
C ARG K 443 24.07 -9.50 12.41
N ILE K 444 24.83 -8.42 12.39
CA ILE K 444 25.69 -8.13 11.25
C ILE K 444 26.92 -9.02 11.33
N GLY K 445 27.10 -9.89 10.34
CA GLY K 445 28.21 -10.80 10.31
C GLY K 445 29.52 -10.11 9.97
N ASP K 446 30.59 -10.89 10.00
CA ASP K 446 31.93 -10.38 9.75
C ASP K 446 32.15 -9.95 8.31
N TRP K 447 31.17 -10.15 7.43
CA TRP K 447 31.25 -9.75 6.03
C TRP K 447 30.18 -8.74 5.67
N GLY K 448 29.61 -8.06 6.66
CA GLY K 448 28.59 -7.05 6.44
C GLY K 448 27.23 -7.59 6.06
N SER K 449 27.07 -8.91 6.01
CA SER K 449 25.76 -9.52 5.83
C SER K 449 24.97 -9.49 7.13
N LEU K 450 23.65 -9.55 7.00
CA LEU K 450 22.76 -9.56 8.15
C LEU K 450 22.34 -11.01 8.43
N GLU K 451 22.73 -11.52 9.58
CA GLU K 451 22.59 -12.93 9.90
C GLU K 451 21.54 -13.16 10.97
N SER K 452 20.76 -14.23 10.81
CA SER K 452 19.70 -14.61 11.73
C SER K 452 19.93 -16.02 12.25
N PRO K 453 19.56 -16.27 13.51
CA PRO K 453 19.86 -17.58 14.13
C PRO K 453 18.84 -18.64 13.78
N PHE K 454 19.33 -19.83 13.47
CA PHE K 454 18.50 -20.97 13.12
C PHE K 454 18.99 -22.22 13.84
N TYR K 455 18.07 -22.97 14.41
CA TYR K 455 18.42 -24.22 15.09
C TYR K 455 18.64 -25.30 14.05
N GLU K 456 19.68 -26.10 14.24
CA GLU K 456 20.09 -27.10 13.26
C GLU K 456 19.69 -28.49 13.71
N LEU K 457 19.01 -29.23 12.83
CA LEU K 457 18.50 -30.56 13.09
C LEU K 457 19.44 -31.66 12.63
N VAL K 458 20.76 -31.51 12.82
CA VAL K 458 21.66 -32.63 12.56
C VAL K 458 21.31 -33.78 13.48
N GLU K 459 21.15 -34.97 12.89
CA GLU K 459 20.31 -35.99 13.51
C GLU K 459 21.08 -36.99 14.35
N LYS K 460 21.90 -37.82 13.71
CA LYS K 460 22.56 -38.91 14.42
C LYS K 460 24.08 -38.92 14.29
N SER K 461 24.62 -38.52 13.14
CA SER K 461 26.05 -38.67 12.89
C SER K 461 26.88 -37.72 13.75
N LYS K 462 26.62 -36.42 13.64
CA LYS K 462 27.57 -35.44 14.13
C LYS K 462 27.38 -35.17 15.62
N LYS K 463 28.48 -34.78 16.27
CA LYS K 463 28.48 -34.37 17.66
C LYS K 463 28.73 -32.87 17.74
N ALA K 464 27.73 -32.10 17.33
CA ALA K 464 27.79 -30.66 17.47
C ALA K 464 27.67 -30.25 18.94
N GLN K 465 28.33 -29.14 19.28
CA GLN K 465 28.21 -28.55 20.61
C GLN K 465 27.11 -27.49 20.65
N ILE K 466 27.22 -26.47 19.82
CA ILE K 466 26.22 -25.42 19.70
C ILE K 466 25.49 -25.65 18.38
N ARG K 467 24.17 -25.81 18.45
CA ARG K 467 23.38 -26.14 17.28
C ARG K 467 22.66 -24.94 16.67
N MET K 468 22.93 -23.74 17.16
CA MET K 468 22.46 -22.52 16.51
C MET K 468 23.48 -22.10 15.45
N LEU K 469 23.06 -22.12 14.19
CA LEU K 469 23.76 -21.38 13.16
C LEU K 469 23.30 -19.93 13.13
N PHE K 470 24.16 -19.06 12.62
CA PHE K 470 23.75 -17.75 12.14
C PHE K 470 23.94 -17.72 10.63
N LEU K 471 22.86 -17.41 9.91
CA LEU K 471 22.88 -17.46 8.45
C LEU K 471 22.30 -16.19 7.85
N SER K 472 22.97 -15.69 6.83
CA SER K 472 22.48 -14.56 6.06
C SER K 472 21.38 -15.02 5.11
N PRO K 473 20.59 -14.08 4.56
CA PRO K 473 19.61 -14.47 3.53
C PRO K 473 20.25 -15.10 2.29
N SER K 474 21.55 -14.94 2.11
CA SER K 474 22.24 -15.66 1.05
C SER K 474 22.37 -17.14 1.36
N GLN K 475 22.71 -17.48 2.61
CA GLN K 475 22.84 -18.88 2.99
C GLN K 475 21.47 -19.51 3.27
N ASP K 476 20.60 -18.79 3.98
CA ASP K 476 19.41 -19.41 4.53
C ASP K 476 18.38 -19.79 3.48
N GLU K 477 18.60 -19.47 2.21
CA GLU K 477 17.77 -19.98 1.14
C GLU K 477 18.18 -21.38 0.69
N TYR K 478 19.44 -21.77 0.90
CA TYR K 478 19.91 -23.09 0.54
C TYR K 478 19.69 -24.11 1.66
N TYR K 479 18.85 -23.78 2.63
CA TYR K 479 18.45 -24.68 3.69
C TYR K 479 16.93 -24.77 3.70
N MET K 480 16.41 -25.96 4.00
CA MET K 480 14.98 -26.10 4.27
C MET K 480 14.72 -25.65 5.70
N ILE K 481 14.32 -24.39 5.86
CA ILE K 481 13.87 -23.87 7.14
C ILE K 481 12.42 -24.29 7.35
N ALA K 482 12.14 -24.97 8.46
CA ALA K 482 10.78 -25.17 8.92
C ALA K 482 10.44 -24.15 10.00
N ALA K 483 9.16 -23.74 10.03
CA ALA K 483 8.61 -23.00 11.15
C ALA K 483 7.56 -23.79 11.91
N GLY K 484 7.32 -25.04 11.53
CA GLY K 484 6.29 -25.84 12.16
C GLY K 484 6.71 -26.40 13.51
N ASN K 485 5.90 -27.32 14.00
CA ASN K 485 6.09 -27.95 15.29
C ASN K 485 6.13 -29.46 15.13
N SER K 486 6.78 -30.13 16.08
CA SER K 486 6.83 -31.58 16.11
C SER K 486 5.61 -32.21 16.77
N LEU K 487 4.51 -31.48 16.90
CA LEU K 487 3.35 -31.95 17.68
C LEU K 487 2.30 -32.57 16.77
N ALA K 488 2.72 -33.48 15.91
CA ALA K 488 1.82 -34.19 15.03
C ALA K 488 2.26 -35.65 14.98
N LEU K 489 1.30 -36.55 15.15
CA LEU K 489 1.60 -37.98 15.16
C LEU K 489 0.46 -38.75 14.52
N ASN K 490 0.80 -39.93 14.04
CA ASN K 490 -0.02 -40.69 13.12
C ASN K 490 0.43 -42.13 13.25
N ARG K 491 -0.31 -43.05 12.64
CA ARG K 491 0.14 -44.44 12.62
C ARG K 491 1.49 -44.60 11.94
N GLY K 492 1.98 -43.58 11.23
CA GLY K 492 3.36 -43.49 10.81
C GLY K 492 4.28 -43.05 11.93
N ILE K 493 5.25 -42.19 11.60
CA ILE K 493 6.26 -41.75 12.56
C ILE K 493 6.47 -40.26 12.42
N GLN K 494 6.95 -39.65 13.52
CA GLN K 494 7.18 -38.22 13.56
C GLN K 494 8.09 -37.73 12.43
N GLU K 495 9.07 -38.55 12.05
CA GLU K 495 10.04 -38.12 11.03
C GLU K 495 9.37 -37.88 9.68
N GLU K 496 8.37 -38.69 9.33
CA GLU K 496 7.69 -38.54 8.05
C GLU K 496 6.53 -37.56 8.10
N GLN K 497 6.24 -36.98 9.26
CA GLN K 497 5.17 -36.01 9.36
C GLN K 497 5.59 -34.72 8.66
N VAL K 498 4.69 -34.18 7.84
CA VAL K 498 5.04 -33.03 6.99
C VAL K 498 4.70 -31.72 7.69
N VAL K 499 5.47 -30.69 7.35
CA VAL K 499 5.33 -29.34 7.88
C VAL K 499 5.57 -28.35 6.76
N PRO K 500 5.03 -27.13 6.91
CA PRO K 500 5.42 -26.04 6.02
C PRO K 500 6.86 -25.62 6.26
N ALA K 501 7.63 -25.55 5.18
CA ALA K 501 9.02 -25.13 5.22
C ALA K 501 9.28 -24.12 4.11
N ARG K 502 10.46 -23.51 4.18
CA ARG K 502 10.93 -22.57 3.18
C ARG K 502 12.21 -23.10 2.58
N TYR K 503 12.29 -23.14 1.25
CA TYR K 503 13.50 -23.58 0.59
C TYR K 503 13.66 -22.83 -0.72
N ARG K 504 14.90 -22.48 -1.04
CA ARG K 504 15.19 -21.37 -1.92
C ARG K 504 14.32 -20.18 -1.51
N GLN K 505 13.72 -19.49 -2.47
CA GLN K 505 12.73 -18.49 -2.13
C GLN K 505 11.32 -19.04 -2.04
N GLU K 506 11.15 -20.34 -2.29
CA GLU K 506 9.82 -20.94 -2.31
C GLU K 506 9.37 -21.33 -0.90
N PHE K 507 8.05 -21.41 -0.75
CA PHE K 507 7.41 -22.11 0.36
C PHE K 507 6.89 -23.46 -0.12
N LEU K 508 6.99 -24.47 0.72
CA LEU K 508 6.68 -25.84 0.31
C LEU K 508 6.38 -26.65 1.56
N THR K 509 5.84 -27.84 1.35
CA THR K 509 5.55 -28.76 2.44
C THR K 509 6.47 -29.96 2.36
N ILE K 510 7.18 -30.27 3.44
CA ILE K 510 8.16 -31.35 3.44
C ILE K 510 8.09 -32.13 4.74
N ALA K 511 8.57 -33.36 4.70
CA ALA K 511 8.72 -34.15 5.92
C ALA K 511 9.79 -33.56 6.82
N TRP K 512 9.62 -33.75 8.12
CA TRP K 512 10.67 -33.42 9.08
C TRP K 512 11.99 -34.10 8.74
N GLU K 513 11.93 -35.31 8.18
CA GLU K 513 13.14 -35.98 7.70
C GLU K 513 13.93 -35.12 6.72
N GLU K 514 13.24 -34.26 5.97
CA GLU K 514 13.90 -33.41 4.99
C GLU K 514 14.33 -32.06 5.56
N VAL K 515 13.74 -31.63 6.69
CA VAL K 515 14.02 -30.32 7.24
C VAL K 515 15.46 -30.26 7.75
N HIS K 516 16.15 -29.17 7.41
CA HIS K 516 17.49 -28.93 7.92
C HIS K 516 17.49 -28.07 9.17
N LEU K 517 16.70 -27.00 9.18
CA LEU K 517 16.78 -25.99 10.23
C LEU K 517 15.38 -25.63 10.70
N ARG K 518 15.30 -25.16 11.93
CA ARG K 518 14.05 -24.72 12.54
C ARG K 518 14.21 -23.27 12.99
N SER K 519 13.22 -22.44 12.69
CA SER K 519 13.20 -21.05 13.17
C SER K 519 12.47 -21.00 14.50
N ILE K 520 13.23 -21.17 15.59
CA ILE K 520 12.61 -21.47 16.88
C ILE K 520 12.15 -20.21 17.61
N PHE K 521 12.82 -19.08 17.43
CA PHE K 521 12.52 -17.90 18.25
C PHE K 521 11.27 -17.19 17.72
N PRO K 522 10.34 -16.82 18.61
CA PRO K 522 9.12 -16.12 18.15
C PRO K 522 9.39 -14.78 17.50
N PHE K 523 10.27 -13.98 18.10
CA PHE K 523 10.51 -12.60 17.69
C PHE K 523 11.47 -12.49 16.51
N GLN K 524 11.90 -13.61 15.94
CA GLN K 524 13.05 -13.62 15.04
C GLN K 524 12.91 -12.61 13.91
N TYR K 525 11.72 -12.50 13.32
CA TYR K 525 11.52 -11.66 12.15
C TYR K 525 11.00 -10.26 12.49
N PHE K 526 10.76 -9.95 13.76
CA PHE K 526 10.13 -8.69 14.14
C PHE K 526 11.16 -7.65 14.54
N SER K 527 10.88 -6.40 14.17
CA SER K 527 11.54 -5.25 14.75
C SER K 527 11.10 -5.07 16.20
N ILE K 528 11.80 -4.17 16.91
CA ILE K 528 11.50 -3.93 18.32
C ILE K 528 10.07 -3.44 18.49
N GLY K 529 9.65 -2.50 17.65
CA GLY K 529 8.29 -1.98 17.76
C GLY K 529 7.23 -3.02 17.49
N ALA K 530 7.44 -3.85 16.47
CA ALA K 530 6.49 -4.93 16.19
C ALA K 530 6.50 -5.99 17.29
N SER K 531 7.65 -6.23 17.91
CA SER K 531 7.73 -7.22 18.98
C SER K 531 6.98 -6.80 20.24
N LEU K 532 6.72 -5.51 20.42
CA LEU K 532 6.00 -5.03 21.59
C LEU K 532 4.48 -5.11 21.43
N ILE K 533 3.98 -5.68 20.36
CA ILE K 533 2.55 -5.77 20.11
C ILE K 533 2.09 -7.18 20.48
N PRO K 534 1.24 -7.34 21.49
CA PRO K 534 0.68 -8.66 21.77
C PRO K 534 -0.38 -9.04 20.74
N PHE K 535 -0.54 -10.35 20.55
CA PHE K 535 -1.51 -10.89 19.60
C PHE K 535 -1.31 -10.34 18.20
N ILE K 536 -0.05 -9.99 17.87
CA ILE K 536 0.26 -9.38 16.59
C ILE K 536 -0.18 -10.27 15.42
N GLU K 537 -0.16 -11.59 15.60
CA GLU K 537 -0.64 -12.49 14.56
C GLU K 537 -2.14 -12.33 14.28
N HIS K 538 -2.87 -11.59 15.11
CA HIS K 538 -4.27 -11.31 14.88
C HIS K 538 -4.51 -9.91 14.32
N ASN K 539 -3.45 -9.18 13.99
CA ASN K 539 -3.56 -7.87 13.36
C ASN K 539 -3.04 -7.93 11.92
N ASP K 540 -3.76 -7.27 11.02
CA ASP K 540 -3.31 -7.15 9.64
C ASP K 540 -1.90 -6.56 9.60
N ALA K 541 -0.99 -7.31 8.97
CA ALA K 541 0.42 -6.92 8.93
C ALA K 541 0.65 -5.55 8.30
N ASN K 542 -0.26 -5.10 7.43
CA ASN K 542 -0.15 -3.74 6.89
C ASN K 542 0.00 -2.71 8.00
N ARG K 543 -0.74 -2.88 9.09
CA ARG K 543 -0.73 -1.93 10.19
C ARG K 543 0.42 -2.17 11.16
N ALA K 544 1.18 -3.25 10.99
CA ALA K 544 2.29 -3.52 11.90
C ALA K 544 3.30 -2.37 11.90
N LEU K 545 3.53 -1.76 10.74
CA LEU K 545 4.38 -0.57 10.71
C LEU K 545 3.71 0.57 11.44
N MET K 546 2.43 0.82 11.14
CA MET K 546 1.72 1.94 11.77
C MET K 546 1.68 1.78 13.27
N SER K 547 1.31 0.59 13.73
CA SER K 547 1.25 0.32 15.15
C SER K 547 2.62 0.40 15.79
N SER K 548 3.69 0.09 15.04
CA SER K 548 5.02 0.44 15.51
C SER K 548 5.19 1.94 15.67
N ASN K 549 4.86 2.71 14.63
CA ASN K 549 5.06 4.15 14.67
C ASN K 549 4.32 4.78 15.84
N MET K 550 3.14 4.26 16.15
CA MET K 550 2.35 4.82 17.26
C MET K 550 3.15 4.77 18.55
N GLN K 551 3.74 3.61 18.85
CA GLN K 551 4.52 3.52 20.08
C GLN K 551 5.75 4.42 20.04
N ARG K 552 6.31 4.64 18.85
CA ARG K 552 7.40 5.59 18.73
C ARG K 552 6.96 7.04 18.83
N GLN K 553 5.67 7.32 18.95
CA GLN K 553 5.19 8.67 19.22
C GLN K 553 4.62 8.84 20.63
N ALA K 554 4.73 7.83 21.47
CA ALA K 554 4.08 7.87 22.79
C ALA K 554 4.87 8.71 23.77
N VAL K 555 4.19 9.65 24.41
CA VAL K 555 4.83 10.55 25.37
C VAL K 555 4.99 9.81 26.70
N PRO K 556 6.17 9.83 27.31
CA PRO K 556 6.28 9.38 28.70
C PRO K 556 5.33 10.13 29.60
N LEU K 557 4.67 9.40 30.48
CA LEU K 557 3.63 9.94 31.35
C LEU K 557 4.13 10.01 32.78
N SER K 558 3.73 11.06 33.49
CA SER K 558 3.87 11.06 34.94
C SER K 558 3.01 9.96 35.54
N ARG K 559 3.58 9.22 36.49
CA ARG K 559 2.99 7.98 37.00
C ARG K 559 2.74 6.99 35.85
N SER K 560 3.82 6.61 35.20
CA SER K 560 3.81 5.51 34.26
C SER K 560 3.35 4.21 34.92
N GLU K 561 2.90 3.27 34.09
CA GLU K 561 2.19 2.09 34.55
C GLU K 561 2.48 0.94 33.61
N LYS K 562 2.77 -0.22 34.17
CA LYS K 562 3.00 -1.42 33.36
C LYS K 562 1.73 -1.90 32.69
N CYS K 563 1.87 -2.35 31.45
CA CYS K 563 0.75 -2.91 30.70
C CYS K 563 0.37 -4.27 31.24
N ILE K 564 -0.95 -4.50 31.36
CA ILE K 564 -1.43 -5.79 31.85
C ILE K 564 -1.08 -6.89 30.87
N VAL K 565 -1.27 -6.65 29.58
CA VAL K 565 -0.91 -7.60 28.53
C VAL K 565 0.31 -7.08 27.79
N GLY K 566 1.30 -7.95 27.59
CA GLY K 566 2.49 -7.59 26.85
C GLY K 566 3.07 -8.76 26.10
N THR K 567 4.28 -8.62 25.59
CA THR K 567 4.96 -9.70 24.89
C THR K 567 6.22 -10.19 25.59
N GLY K 568 6.73 -9.47 26.58
CA GLY K 568 7.96 -9.81 27.25
C GLY K 568 9.16 -9.03 26.78
N LEU K 569 9.00 -8.22 25.73
CA LEU K 569 10.08 -7.36 25.25
C LEU K 569 10.12 -6.01 25.93
N GLU K 570 9.09 -5.64 26.70
CA GLU K 570 9.19 -4.42 27.49
C GLU K 570 10.38 -4.49 28.44
N ARG K 571 10.73 -5.70 28.88
CA ARG K 571 11.89 -5.89 29.75
C ARG K 571 13.17 -5.57 28.99
N GLN K 572 13.31 -6.16 27.80
CA GLN K 572 14.49 -5.94 26.98
C GLN K 572 14.63 -4.47 26.63
N VAL K 573 13.53 -3.81 26.26
CA VAL K 573 13.54 -2.40 25.92
C VAL K 573 13.95 -1.55 27.12
N ALA K 574 13.39 -1.83 28.30
CA ALA K 574 13.78 -1.08 29.48
C ALA K 574 15.26 -1.26 29.78
N LEU K 575 15.73 -2.51 29.78
CA LEU K 575 17.14 -2.80 30.06
C LEU K 575 18.07 -2.08 29.09
N ASP K 576 17.78 -2.15 27.79
CA ASP K 576 18.69 -1.63 26.78
C ASP K 576 18.51 -0.15 26.48
N SER K 577 17.41 0.46 26.90
CA SER K 577 17.23 1.89 26.71
C SER K 577 18.22 2.71 27.52
N GLY K 578 18.75 2.16 28.61
CA GLY K 578 19.59 2.90 29.51
C GLY K 578 18.92 4.02 30.26
N VAL K 579 17.60 4.15 30.18
CA VAL K 579 16.89 5.12 31.01
C VAL K 579 16.79 4.63 32.46
N PRO K 580 16.62 3.34 32.76
CA PRO K 580 16.74 2.93 34.17
C PRO K 580 18.20 2.93 34.60
N ALA K 581 18.42 3.23 35.87
CA ALA K 581 19.74 3.08 36.47
C ALA K 581 19.99 1.61 36.76
N ILE K 582 20.70 0.94 35.86
CA ILE K 582 21.21 -0.40 36.13
C ILE K 582 22.42 -0.29 37.04
N ALA K 583 22.53 -1.22 37.99
CA ALA K 583 23.72 -1.28 38.81
C ALA K 583 24.95 -1.60 37.98
N GLU K 584 26.06 -0.96 38.30
CA GLU K 584 27.34 -1.22 37.66
C GLU K 584 28.21 -2.18 38.46
N HIS K 585 27.86 -2.44 39.71
CA HIS K 585 28.67 -3.22 40.63
C HIS K 585 27.74 -3.83 41.67
N GLU K 586 27.99 -5.08 42.01
CA GLU K 586 27.23 -5.74 43.06
C GLU K 586 27.49 -5.08 44.42
N GLY K 587 26.56 -5.29 45.34
CA GLY K 587 26.73 -4.78 46.68
C GLY K 587 25.40 -4.68 47.40
N LYS K 588 25.51 -4.39 48.70
CA LYS K 588 24.37 -3.96 49.49
C LYS K 588 24.09 -2.47 49.26
N ILE K 589 22.80 -2.12 49.21
CA ILE K 589 22.41 -0.71 49.17
C ILE K 589 22.76 -0.04 50.50
N LEU K 590 23.32 1.16 50.41
CA LEU K 590 23.55 1.99 51.59
C LEU K 590 22.50 3.09 51.73
N TYR K 591 22.21 3.81 50.64
CA TYR K 591 21.38 5.01 50.70
C TYR K 591 20.64 5.17 49.39
N THR K 592 19.46 5.79 49.47
CA THR K 592 18.57 5.96 48.32
C THR K 592 17.74 7.21 48.55
N ASP K 593 17.77 8.14 47.61
CA ASP K 593 16.83 9.25 47.59
C ASP K 593 16.56 9.64 46.13
N THR K 594 15.93 10.79 45.95
CA THR K 594 15.65 11.30 44.61
C THR K 594 16.92 11.71 43.86
N GLU K 595 18.01 11.99 44.58
CA GLU K 595 19.23 12.46 43.91
C GLU K 595 20.23 11.35 43.60
N LYS K 596 20.35 10.34 44.46
CA LYS K 596 21.41 9.36 44.25
C LYS K 596 21.04 8.01 44.85
N ILE K 597 21.72 6.97 44.35
CA ILE K 597 21.78 5.66 44.97
C ILE K 597 23.21 5.42 45.41
N ILE K 598 23.39 4.69 46.50
CA ILE K 598 24.72 4.32 46.96
C ILE K 598 24.78 2.81 47.18
N LEU K 599 25.84 2.19 46.65
CA LEU K 599 26.10 0.77 46.81
C LEU K 599 27.37 0.60 47.65
N SER K 600 27.45 -0.51 48.38
CA SER K 600 28.73 -0.96 48.89
C SER K 600 28.85 -2.45 48.67
N GLY K 601 29.97 -2.86 48.07
CA GLY K 601 30.20 -4.24 47.69
C GLY K 601 31.65 -4.44 47.30
N ASN K 602 32.16 -5.66 47.49
CA ASN K 602 33.60 -5.91 47.49
C ASN K 602 34.31 -4.95 48.44
N GLU K 603 33.65 -4.65 49.57
CA GLU K 603 34.05 -3.66 50.57
C GLU K 603 34.39 -2.29 49.95
N ASN K 604 33.88 -2.00 48.75
CA ASN K 604 34.10 -0.72 48.10
C ASN K 604 32.76 -0.06 47.79
N THR K 605 32.71 1.26 47.97
CA THR K 605 31.48 2.02 47.73
C THR K 605 31.41 2.49 46.28
N LEU K 606 30.18 2.67 45.80
CA LEU K 606 29.92 3.33 44.52
C LEU K 606 28.73 4.25 44.65
N SER K 607 28.87 5.48 44.16
CA SER K 607 27.79 6.46 44.17
C SER K 607 27.25 6.67 42.76
N ILE K 608 25.93 6.61 42.63
CA ILE K 608 25.27 6.59 41.33
C ILE K 608 24.20 7.68 41.35
N PRO K 609 24.52 8.90 40.91
CA PRO K 609 23.52 9.96 40.91
C PRO K 609 22.47 9.76 39.83
N LEU K 610 21.25 10.20 40.13
CA LEU K 610 20.11 10.03 39.25
C LEU K 610 19.79 11.35 38.56
N ILE K 611 19.67 11.31 37.24
CA ILE K 611 19.53 12.52 36.43
C ILE K 611 18.06 12.83 36.19
N GLN K 624 14.33 9.76 37.58
CA GLN K 624 14.27 8.37 38.04
C GLN K 624 13.75 8.28 39.47
N LYS K 625 13.29 7.09 39.84
CA LYS K 625 12.87 6.82 41.20
C LYS K 625 13.45 5.49 41.67
N PRO K 626 13.92 5.42 42.92
CA PRO K 626 14.58 4.19 43.39
C PRO K 626 13.60 3.04 43.53
N GLN K 627 13.95 1.90 42.93
CA GLN K 627 13.20 0.66 43.13
C GLN K 627 13.72 -0.16 44.29
N VAL K 628 15.01 -0.06 44.60
CA VAL K 628 15.58 -0.78 45.73
C VAL K 628 15.17 -0.14 47.04
N ARG K 629 14.85 -0.98 48.02
CA ARG K 629 14.81 -0.54 49.40
C ARG K 629 16.23 -0.31 49.92
N ARG K 630 16.35 0.56 50.92
CA ARG K 630 17.68 0.88 51.46
C ARG K 630 18.40 -0.34 52.03
N GLY K 631 17.68 -1.41 52.33
CA GLY K 631 18.27 -2.65 52.80
C GLY K 631 18.50 -3.71 51.75
N LYS K 632 18.19 -3.44 50.48
CA LYS K 632 18.29 -4.45 49.44
C LYS K 632 19.74 -4.80 49.14
N CYS K 633 19.93 -5.98 48.57
CA CYS K 633 21.21 -6.42 48.05
C CYS K 633 21.07 -6.68 46.55
N ILE K 634 22.09 -6.32 45.78
CA ILE K 634 21.98 -6.20 44.33
C ILE K 634 23.10 -6.96 43.65
N LYS K 635 22.74 -7.80 42.67
CA LYS K 635 23.71 -8.40 41.77
C LYS K 635 24.04 -7.45 40.63
N LYS K 636 25.23 -7.62 40.07
CA LYS K 636 25.88 -6.60 39.23
C LYS K 636 24.92 -5.85 38.31
N GLY K 637 24.24 -6.56 37.41
CA GLY K 637 23.50 -5.89 36.37
C GLY K 637 22.01 -5.77 36.60
N GLN K 638 21.59 -5.78 37.87
CA GLN K 638 20.19 -5.62 38.19
C GLN K 638 19.80 -4.14 38.26
N ILE K 639 18.50 -3.89 38.13
CA ILE K 639 17.98 -2.53 38.12
C ILE K 639 18.03 -1.93 39.52
N LEU K 640 18.53 -0.70 39.61
CA LEU K 640 18.42 0.08 40.84
C LEU K 640 17.21 1.00 40.82
N ALA K 641 17.00 1.73 39.73
CA ALA K 641 15.94 2.74 39.66
C ALA K 641 15.26 2.68 38.30
N ASP K 642 13.94 2.85 38.31
CA ASP K 642 13.20 3.01 37.07
C ASP K 642 13.42 4.39 36.49
N GLY K 643 13.35 4.47 35.16
CA GLY K 643 13.42 5.74 34.46
C GLY K 643 12.05 6.31 34.17
N ALA K 644 12.05 7.40 33.40
CA ALA K 644 10.82 7.88 32.78
C ALA K 644 10.25 6.84 31.83
N ALA K 645 8.94 6.60 31.95
CA ALA K 645 8.23 5.61 31.15
C ALA K 645 8.83 4.21 31.26
N THR K 646 9.41 3.87 32.43
CA THR K 646 9.54 2.49 32.85
C THR K 646 8.91 2.31 34.23
N VAL K 647 8.41 1.10 34.49
CA VAL K 647 8.00 0.67 35.81
C VAL K 647 8.52 -0.74 36.04
N GLY K 648 9.17 -0.96 37.18
CA GLY K 648 9.71 -2.28 37.48
C GLY K 648 10.69 -2.82 36.46
N GLY K 649 11.29 -1.95 35.65
CA GLY K 649 12.13 -2.40 34.56
C GLY K 649 11.37 -2.97 33.38
N GLU K 650 10.15 -2.52 33.16
CA GLU K 650 9.44 -2.74 31.91
C GLU K 650 9.05 -1.41 31.30
N LEU K 651 9.10 -1.34 29.97
CA LEU K 651 8.59 -0.19 29.25
C LEU K 651 7.14 0.08 29.64
N ALA K 652 6.83 1.36 29.88
CA ALA K 652 5.57 1.77 30.49
C ALA K 652 5.05 3.03 29.81
N LEU K 653 4.80 2.94 28.51
CA LEU K 653 4.47 4.11 27.72
C LEU K 653 3.03 4.59 27.90
N GLY K 654 2.16 3.77 28.47
CA GLY K 654 0.74 4.10 28.48
C GLY K 654 0.06 3.79 29.79
N LYS K 655 -1.27 3.70 29.77
CA LYS K 655 -2.05 3.41 30.97
C LYS K 655 -3.18 2.46 30.60
N ASN K 656 -3.56 1.62 31.55
CA ASN K 656 -4.62 0.64 31.35
C ASN K 656 -5.97 1.31 31.62
N ILE K 657 -6.65 1.72 30.57
CA ILE K 657 -7.86 2.52 30.66
C ILE K 657 -9.06 1.61 30.44
N LEU K 658 -10.04 1.70 31.35
CA LEU K 658 -11.27 0.93 31.18
C LEU K 658 -12.06 1.49 29.99
N VAL K 659 -12.39 0.63 29.05
CA VAL K 659 -12.81 1.05 27.72
C VAL K 659 -13.99 0.18 27.28
N ALA K 660 -14.92 0.80 26.56
CA ALA K 660 -15.94 0.11 25.80
C ALA K 660 -15.79 0.46 24.33
N TYR K 661 -16.08 -0.50 23.45
CA TYR K 661 -16.20 -0.20 22.02
C TYR K 661 -17.68 -0.21 21.63
N MET K 662 -18.26 0.98 21.51
CA MET K 662 -19.60 1.12 21.00
C MET K 662 -19.72 2.46 20.30
N PRO K 663 -20.54 2.56 19.25
CA PRO K 663 -20.77 3.88 18.63
C PRO K 663 -21.65 4.77 19.49
N TRP K 664 -21.08 5.80 20.09
CA TRP K 664 -21.87 6.77 20.83
C TRP K 664 -22.51 7.72 19.81
N GLU K 665 -23.12 8.81 20.27
CA GLU K 665 -23.84 9.69 19.36
C GLU K 665 -22.92 10.54 18.49
N GLY K 666 -22.11 9.87 17.66
CA GLY K 666 -21.23 10.53 16.73
C GLY K 666 -19.95 11.10 17.29
N TYR K 667 -19.87 11.36 18.60
CA TYR K 667 -18.62 11.90 19.12
C TYR K 667 -17.47 10.91 19.03
N ASN K 668 -17.74 9.65 18.67
CA ASN K 668 -16.70 8.70 18.28
C ASN K 668 -16.83 8.27 16.83
N PHE K 669 -17.48 9.10 16.00
CA PHE K 669 -17.52 8.93 14.55
C PHE K 669 -16.14 8.71 13.95
N GLU K 670 -15.99 7.60 13.24
CA GLU K 670 -14.77 7.21 12.53
C GLU K 670 -13.51 7.49 13.33
N ASP K 671 -13.42 6.81 14.48
CA ASP K 671 -12.27 6.75 15.39
C ASP K 671 -12.01 8.04 16.15
N ALA K 672 -13.00 8.93 16.26
CA ALA K 672 -12.99 9.83 17.40
C ALA K 672 -13.20 9.03 18.68
N VAL K 673 -12.84 9.64 19.81
CA VAL K 673 -12.84 8.96 21.10
C VAL K 673 -13.45 9.87 22.15
N LEU K 674 -14.30 9.31 23.00
CA LEU K 674 -14.75 9.97 24.22
C LEU K 674 -13.92 9.50 25.40
N ILE K 675 -13.62 10.43 26.31
CA ILE K 675 -12.92 10.11 27.55
C ILE K 675 -13.73 10.64 28.71
N SER K 676 -13.58 10.00 29.86
CA SER K 676 -14.16 10.50 31.09
C SER K 676 -13.35 11.67 31.63
N GLU K 677 -14.03 12.55 32.37
CA GLU K 677 -13.33 13.57 33.14
C GLU K 677 -12.34 12.99 34.13
N CYS K 678 -12.51 11.73 34.53
CA CYS K 678 -11.55 11.12 35.46
C CYS K 678 -10.14 11.05 34.88
N LEU K 679 -10.01 10.94 33.56
CA LEU K 679 -8.69 10.99 32.94
C LEU K 679 -8.02 12.33 33.14
N VAL K 680 -8.80 13.37 33.40
CA VAL K 680 -8.26 14.67 33.78
C VAL K 680 -8.07 14.74 35.29
N TYR K 681 -9.00 14.15 36.05
CA TYR K 681 -8.88 14.12 37.50
C TYR K 681 -7.60 13.42 37.94
N GLY K 682 -7.35 12.23 37.40
CA GLY K 682 -6.32 11.37 37.95
C GLY K 682 -4.91 11.66 37.50
N ASP K 683 -4.70 12.74 36.74
CA ASP K 683 -3.42 12.99 36.06
C ASP K 683 -2.99 11.82 35.20
N ILE K 684 -3.95 10.98 34.81
CA ILE K 684 -3.63 9.71 34.17
C ILE K 684 -2.81 9.92 32.90
N TYR K 685 -3.15 10.96 32.13
CA TYR K 685 -2.40 11.31 30.93
C TYR K 685 -1.74 12.68 31.03
N THR K 686 -1.40 13.10 32.25
CA THR K 686 -0.65 14.32 32.45
C THR K 686 0.81 14.09 32.10
N SER K 687 1.34 14.84 31.14
CA SER K 687 2.76 14.84 30.82
C SER K 687 3.42 16.10 31.39
N PHE K 688 4.75 16.03 31.50
CA PHE K 688 5.58 17.21 31.70
C PHE K 688 6.36 17.49 30.42
N HIS K 689 6.19 18.70 29.89
CA HIS K 689 6.99 19.18 28.76
C HIS K 689 7.92 20.28 29.25
N ILE K 690 9.22 20.11 28.98
CA ILE K 690 10.25 21.04 29.44
C ILE K 690 10.59 21.99 28.30
N ARG K 691 10.86 23.24 28.63
CA ARG K 691 11.21 24.25 27.64
C ARG K 691 12.69 24.61 27.69
N ILE K 810 11.99 25.44 33.18
CA ILE K 810 10.57 25.69 32.90
C ILE K 810 9.91 24.40 32.39
N SER K 811 8.73 24.10 32.92
CA SER K 811 7.97 22.95 32.48
C SER K 811 6.48 23.29 32.54
N GLN K 812 5.70 22.53 31.77
CA GLN K 812 4.25 22.69 31.75
C GLN K 812 3.58 21.34 31.94
N LYS K 813 2.52 21.35 32.75
CA LYS K 813 1.87 20.13 33.24
C LYS K 813 0.78 19.65 32.29
N ARG K 814 1.11 19.49 31.02
CA ARG K 814 0.12 19.22 29.97
C ARG K 814 -0.84 18.10 30.33
N GLU K 815 -2.11 18.45 30.56
CA GLU K 815 -3.17 17.47 30.73
C GLU K 815 -3.63 16.94 29.38
N ILE K 816 -4.45 15.90 29.43
CA ILE K 816 -5.11 15.40 28.23
C ILE K 816 -6.28 16.33 27.88
N LYS K 817 -6.45 16.59 26.59
CA LYS K 817 -7.39 17.60 26.12
C LYS K 817 -8.14 17.06 24.91
N VAL K 818 -9.27 17.71 24.61
CA VAL K 818 -9.91 17.51 23.33
C VAL K 818 -8.93 17.78 22.20
N GLY K 819 -8.93 16.90 21.20
CA GLY K 819 -7.99 16.99 20.11
C GLY K 819 -6.65 16.36 20.34
N ASP K 820 -6.36 15.87 21.54
CA ASP K 820 -5.19 15.04 21.76
C ASP K 820 -5.36 13.70 21.07
N LYS K 821 -4.22 13.10 20.72
CA LYS K 821 -4.20 11.82 20.03
C LYS K 821 -3.83 10.72 21.01
N VAL K 822 -4.59 9.63 20.99
CA VAL K 822 -4.28 8.43 21.75
C VAL K 822 -4.27 7.27 20.77
N ALA K 823 -3.50 6.23 21.11
CA ALA K 823 -3.55 5.01 20.33
C ALA K 823 -3.35 3.82 21.24
N GLY K 824 -4.01 2.73 20.91
CA GLY K 824 -3.54 1.45 21.38
C GLY K 824 -2.35 0.96 20.58
N ARG K 825 -1.72 -0.11 21.08
CA ARG K 825 -0.55 -0.64 20.40
C ARG K 825 -0.90 -1.36 19.10
N HIS K 826 -2.18 -1.56 18.82
CA HIS K 826 -2.63 -2.32 17.66
C HIS K 826 -2.89 -1.45 16.43
N GLY K 827 -2.45 -0.19 16.45
CA GLY K 827 -2.83 0.77 15.43
C GLY K 827 -4.22 1.37 15.57
N ASN K 828 -4.93 1.07 16.65
CA ASN K 828 -6.23 1.68 16.93
C ASN K 828 -6.03 3.08 17.51
N LYS K 829 -5.60 3.98 16.64
CA LYS K 829 -5.47 5.39 16.98
C LYS K 829 -6.84 6.07 16.99
N GLY K 830 -6.95 7.13 17.79
CA GLY K 830 -8.10 8.00 17.78
C GLY K 830 -7.78 9.36 18.37
N ILE K 831 -8.66 10.31 18.07
CA ILE K 831 -8.54 11.69 18.56
C ILE K 831 -9.67 11.93 19.55
N ILE K 832 -9.32 12.47 20.72
CA ILE K 832 -10.34 12.77 21.72
C ILE K 832 -11.21 13.91 21.22
N SER K 833 -12.50 13.62 21.01
CA SER K 833 -13.47 14.61 20.61
C SER K 833 -14.29 15.17 21.76
N LYS K 834 -14.51 14.38 22.82
CA LYS K 834 -15.44 14.74 23.87
C LYS K 834 -14.89 14.30 25.22
N ILE K 835 -15.08 15.13 26.24
CA ILE K 835 -14.78 14.79 27.62
C ILE K 835 -16.07 14.90 28.43
N LEU K 836 -16.54 13.77 28.93
CA LEU K 836 -17.81 13.70 29.65
C LEU K 836 -17.58 13.44 31.13
N PRO K 837 -18.38 14.04 32.00
CA PRO K 837 -18.26 13.76 33.43
C PRO K 837 -18.63 12.32 33.74
N ARG K 838 -18.02 11.81 34.82
CA ARG K 838 -18.08 10.39 35.16
C ARG K 838 -19.49 9.81 35.05
N GLN K 839 -20.51 10.57 35.45
CA GLN K 839 -21.87 10.06 35.44
C GLN K 839 -22.54 10.13 34.08
N ASP K 840 -21.93 10.80 33.09
CA ASP K 840 -22.46 10.76 31.73
C ASP K 840 -21.88 9.62 30.90
N MET K 841 -20.78 9.02 31.34
CA MET K 841 -20.21 7.90 30.62
C MET K 841 -21.14 6.69 30.69
N PRO K 842 -21.08 5.80 29.69
CA PRO K 842 -21.56 4.44 29.90
C PRO K 842 -20.93 3.83 31.14
N TYR K 843 -21.67 2.93 31.79
CA TYR K 843 -21.17 2.27 32.98
C TYR K 843 -21.51 0.79 32.95
N LEU K 844 -20.62 0.00 33.54
CA LEU K 844 -20.67 -1.45 33.53
C LEU K 844 -21.69 -1.98 34.54
N GLN K 845 -21.91 -3.29 34.50
CA GLN K 845 -22.83 -3.92 35.43
C GLN K 845 -22.31 -3.94 36.86
N ASP K 846 -21.02 -3.67 37.06
CA ASP K 846 -20.47 -3.41 38.38
C ASP K 846 -20.56 -1.95 38.79
N GLY K 847 -21.23 -1.12 37.98
CA GLY K 847 -21.42 0.28 38.29
C GLY K 847 -20.30 1.18 37.85
N ARG K 848 -19.12 0.65 37.56
CA ARG K 848 -18.00 1.50 37.16
C ARG K 848 -18.30 2.15 35.82
N PRO K 849 -18.19 3.47 35.71
CA PRO K 849 -18.22 4.08 34.38
C PRO K 849 -16.98 3.70 33.58
N VAL K 850 -17.17 3.50 32.28
CA VAL K 850 -16.03 3.30 31.39
C VAL K 850 -15.30 4.62 31.24
N ASP K 851 -13.99 4.53 31.00
CA ASP K 851 -13.16 5.73 30.92
C ASP K 851 -12.88 6.17 29.49
N MET K 852 -12.97 5.28 28.49
CA MET K 852 -13.08 5.70 27.11
C MET K 852 -14.09 4.85 26.36
N VAL K 853 -14.62 5.43 25.29
CA VAL K 853 -15.55 4.77 24.37
C VAL K 853 -14.95 4.86 22.98
N PHE K 854 -14.27 3.80 22.55
CA PHE K 854 -13.86 3.68 21.17
C PHE K 854 -15.06 3.31 20.30
N ASN K 855 -14.87 3.42 18.99
CA ASN K 855 -15.91 3.06 18.05
C ASN K 855 -15.53 1.74 17.38
N PRO K 856 -16.46 0.79 17.28
CA PRO K 856 -16.08 -0.55 16.78
C PRO K 856 -15.91 -0.64 15.27
N LEU K 857 -16.39 0.36 14.52
CA LEU K 857 -16.20 0.33 13.07
C LEU K 857 -14.72 0.40 12.69
N GLY K 858 -13.86 0.85 13.62
CA GLY K 858 -12.44 0.84 13.36
C GLY K 858 -11.86 -0.56 13.30
N VAL K 859 -12.46 -1.50 14.03
CA VAL K 859 -11.89 -2.84 14.18
C VAL K 859 -11.84 -3.58 12.85
N PRO K 860 -12.91 -3.63 12.05
CA PRO K 860 -12.77 -4.18 10.69
C PRO K 860 -12.20 -3.21 9.68
N SER K 861 -12.19 -1.91 9.98
CA SER K 861 -11.57 -0.95 9.08
C SER K 861 -10.07 -1.18 8.97
N ARG K 862 -9.39 -1.34 10.10
CA ARG K 862 -7.97 -1.63 10.11
C ARG K 862 -7.65 -3.09 10.40
N MET K 863 -8.67 -3.91 10.60
CA MET K 863 -8.52 -5.37 10.73
C MET K 863 -7.57 -5.76 11.86
N ASN K 864 -7.95 -5.38 13.09
CA ASN K 864 -7.12 -5.60 14.27
C ASN K 864 -7.97 -6.29 15.33
N VAL K 865 -8.13 -7.60 15.20
CA VAL K 865 -8.85 -8.37 16.20
C VAL K 865 -8.02 -8.58 17.46
N GLY K 866 -6.70 -8.48 17.37
CA GLY K 866 -5.84 -8.63 18.52
C GLY K 866 -6.16 -7.71 19.68
N GLN K 867 -6.64 -6.49 19.37
CA GLN K 867 -6.94 -5.57 20.44
C GLN K 867 -8.16 -6.02 21.23
N ILE K 868 -9.04 -6.80 20.63
CA ILE K 868 -10.18 -7.28 21.39
C ILE K 868 -9.69 -8.31 22.40
N PHE K 869 -8.72 -9.12 21.98
CA PHE K 869 -8.09 -10.01 22.94
C PHE K 869 -7.42 -9.18 24.03
N GLU K 870 -6.67 -8.15 23.61
CA GLU K 870 -6.00 -7.33 24.59
C GLU K 870 -7.02 -6.69 25.52
N CYS K 871 -8.15 -6.26 24.98
CA CYS K 871 -9.20 -5.74 25.84
C CYS K 871 -9.63 -6.80 26.85
N SER K 872 -10.09 -7.95 26.36
CA SER K 872 -10.69 -8.94 27.23
C SER K 872 -9.70 -9.44 28.27
N LEU K 873 -8.49 -9.74 27.84
CA LEU K 873 -7.54 -10.31 28.78
C LEU K 873 -7.01 -9.24 29.71
N GLY K 874 -6.98 -7.99 29.25
CA GLY K 874 -6.63 -6.92 30.16
C GLY K 874 -7.64 -6.79 31.27
N LEU K 875 -8.92 -6.97 30.93
CA LEU K 875 -9.94 -6.98 31.97
C LEU K 875 -9.68 -8.12 32.93
N ALA K 876 -9.41 -9.31 32.38
CA ALA K 876 -9.09 -10.44 33.25
C ALA K 876 -7.90 -10.09 34.15
N GLY K 877 -6.86 -9.51 33.55
CA GLY K 877 -5.70 -9.15 34.35
C GLY K 877 -6.02 -8.10 35.41
N SER K 878 -6.95 -7.20 35.11
CA SER K 878 -7.35 -6.25 36.14
C SER K 878 -8.06 -6.93 37.30
N LEU K 879 -8.83 -7.98 37.03
CA LEU K 879 -9.59 -8.63 38.08
C LEU K 879 -8.84 -9.74 38.80
N LEU K 880 -7.98 -10.47 38.09
CA LEU K 880 -7.17 -11.50 38.72
C LEU K 880 -5.92 -10.94 39.39
N ASP K 881 -5.58 -9.68 39.15
CA ASP K 881 -4.29 -9.10 39.56
C ASP K 881 -3.14 -9.87 38.95
N ARG K 882 -3.27 -10.16 37.65
CA ARG K 882 -2.25 -10.86 36.88
C ARG K 882 -1.82 -9.97 35.72
N HIS K 883 -0.51 -9.90 35.49
CA HIS K 883 -0.03 -9.44 34.20
C HIS K 883 0.23 -10.62 33.28
N TYR K 884 0.18 -10.35 31.98
CA TYR K 884 0.37 -11.37 30.96
C TYR K 884 1.44 -10.92 29.99
N ARG K 885 2.29 -11.86 29.59
CA ARG K 885 3.39 -11.59 28.65
C ARG K 885 3.32 -12.64 27.54
N ILE K 886 2.47 -12.37 26.56
CA ILE K 886 2.13 -13.33 25.51
C ILE K 886 3.12 -13.15 24.36
N ALA K 887 4.04 -14.09 24.20
CA ALA K 887 4.87 -14.10 23.01
C ALA K 887 4.01 -14.35 21.76
N PRO K 888 4.32 -13.69 20.65
CA PRO K 888 3.54 -13.88 19.41
C PRO K 888 3.38 -15.33 18.96
N PHE K 889 2.38 -15.55 18.11
CA PHE K 889 2.14 -16.83 17.45
C PHE K 889 1.98 -17.98 18.44
N ASP K 890 1.25 -17.73 19.52
CA ASP K 890 0.94 -18.80 20.45
C ASP K 890 0.02 -19.84 19.82
N GLU K 891 -0.64 -19.49 18.72
CA GLU K 891 -1.37 -20.46 17.90
C GLU K 891 -0.51 -21.60 17.38
N ARG K 892 0.82 -21.50 17.50
CA ARG K 892 1.69 -22.62 17.14
C ARG K 892 1.52 -23.80 18.08
N TYR K 893 1.15 -23.56 19.33
CA TYR K 893 0.91 -24.67 20.25
C TYR K 893 -0.33 -25.44 19.84
N GLU K 894 -1.35 -24.71 19.41
CA GLU K 894 -2.74 -25.14 19.51
C GLU K 894 -3.57 -24.17 18.69
N GLN K 895 -4.56 -24.67 17.97
CA GLN K 895 -5.46 -23.81 17.24
C GLN K 895 -6.44 -23.15 18.22
N GLU K 896 -6.71 -21.87 17.99
CA GLU K 896 -7.52 -21.03 18.88
C GLU K 896 -6.83 -20.76 20.22
N ALA K 897 -5.52 -21.02 20.29
CA ALA K 897 -4.79 -20.91 21.55
C ALA K 897 -4.99 -19.55 22.22
N SER K 898 -5.04 -18.48 21.43
CA SER K 898 -5.19 -17.15 22.02
C SER K 898 -6.59 -16.95 22.56
N ARG K 899 -7.60 -17.39 21.81
CA ARG K 899 -8.97 -17.40 22.31
C ARG K 899 -9.10 -18.24 23.57
N LYS K 900 -8.39 -19.37 23.64
CA LYS K 900 -8.48 -20.22 24.81
C LYS K 900 -7.87 -19.54 26.03
N LEU K 901 -6.69 -18.94 25.88
CA LEU K 901 -6.11 -18.15 26.95
C LEU K 901 -7.05 -17.04 27.42
N VAL K 902 -7.56 -16.25 26.48
CA VAL K 902 -8.40 -15.10 26.84
C VAL K 902 -9.66 -15.57 27.56
N PHE K 903 -10.38 -16.54 26.99
CA PHE K 903 -11.62 -16.97 27.60
C PHE K 903 -11.38 -17.69 28.93
N SER K 904 -10.27 -18.41 29.05
CA SER K 904 -9.96 -19.08 30.31
C SER K 904 -9.72 -18.06 31.41
N GLU K 905 -8.96 -17.02 31.11
CA GLU K 905 -8.67 -16.03 32.14
C GLU K 905 -9.84 -15.10 32.41
N LEU K 906 -10.68 -14.83 31.41
CA LEU K 906 -11.95 -14.16 31.68
C LEU K 906 -12.84 -14.98 32.61
N TYR K 907 -12.94 -16.29 32.38
CA TYR K 907 -13.78 -17.11 33.24
C TYR K 907 -13.21 -17.20 34.65
N GLU K 908 -11.89 -17.31 34.78
CA GLU K 908 -11.28 -17.28 36.10
C GLU K 908 -11.53 -15.96 36.81
N ALA K 909 -11.36 -14.83 36.11
CA ALA K 909 -11.63 -13.54 36.74
C ALA K 909 -13.09 -13.43 37.16
N SER K 910 -14.01 -13.92 36.33
CA SER K 910 -15.42 -13.95 36.70
C SER K 910 -15.66 -14.75 37.97
N LYS K 911 -15.30 -16.03 37.96
CA LYS K 911 -15.68 -16.89 39.08
C LYS K 911 -14.89 -16.56 40.35
N GLN K 912 -13.68 -16.04 40.23
CA GLN K 912 -12.95 -15.60 41.43
C GLN K 912 -13.56 -14.33 42.00
N THR K 913 -13.88 -13.35 41.16
CA THR K 913 -14.44 -12.11 41.66
C THR K 913 -15.95 -12.14 41.82
N ALA K 914 -16.60 -13.21 41.38
CA ALA K 914 -18.07 -13.28 41.32
C ALA K 914 -18.64 -12.13 40.49
N ASN K 915 -17.95 -11.78 39.41
CA ASN K 915 -18.46 -10.85 38.42
C ASN K 915 -18.94 -11.60 37.19
N PRO K 916 -20.15 -12.15 37.20
CA PRO K 916 -20.57 -13.01 36.08
C PRO K 916 -20.70 -12.29 34.77
N TRP K 917 -20.73 -10.96 34.78
CA TRP K 917 -20.78 -10.19 33.54
C TRP K 917 -19.45 -10.14 32.81
N VAL K 918 -18.36 -10.50 33.47
CA VAL K 918 -17.06 -10.46 32.81
C VAL K 918 -16.96 -11.57 31.77
N PHE K 919 -17.39 -12.78 32.11
CA PHE K 919 -17.53 -13.88 31.15
C PHE K 919 -19.00 -14.27 31.06
N GLU K 920 -19.74 -13.57 30.21
CA GLU K 920 -21.10 -13.98 29.86
C GLU K 920 -21.04 -15.08 28.82
N PRO K 921 -21.38 -16.33 29.18
CA PRO K 921 -21.22 -17.43 28.24
C PRO K 921 -21.99 -17.27 26.95
N GLU K 922 -23.06 -16.47 26.95
CA GLU K 922 -23.88 -16.31 25.75
C GLU K 922 -23.11 -15.60 24.64
N TYR K 923 -22.16 -14.74 25.01
CA TYR K 923 -21.40 -13.89 24.10
C TYR K 923 -20.07 -13.48 24.73
N PRO K 924 -19.18 -14.44 24.97
CA PRO K 924 -18.04 -14.20 25.87
C PRO K 924 -17.22 -12.98 25.49
N GLY K 925 -16.79 -12.25 26.52
CA GLY K 925 -16.01 -11.05 26.35
C GLY K 925 -16.81 -9.78 26.16
N LYS K 926 -18.05 -9.89 25.70
CA LYS K 926 -18.97 -8.77 25.67
C LYS K 926 -19.88 -8.78 26.90
N SER K 927 -20.43 -7.61 27.20
CA SER K 927 -21.43 -7.50 28.26
C SER K 927 -22.42 -6.42 27.89
N ARG K 928 -23.61 -6.51 28.46
CA ARG K 928 -24.57 -5.41 28.40
C ARG K 928 -24.10 -4.26 29.30
N ILE K 929 -24.20 -3.04 28.79
CA ILE K 929 -23.79 -1.86 29.53
C ILE K 929 -24.87 -0.79 29.41
N PHE K 930 -24.81 0.16 30.33
CA PHE K 930 -25.91 1.07 30.60
C PHE K 930 -25.54 2.50 30.21
N ASP K 931 -26.54 3.25 29.78
CA ASP K 931 -26.33 4.66 29.47
C ASP K 931 -26.35 5.45 30.77
N GLY K 932 -25.23 6.09 31.09
CA GLY K 932 -25.17 6.91 32.29
C GLY K 932 -26.11 8.09 32.30
N ARG K 933 -26.63 8.49 31.15
CA ARG K 933 -27.64 9.55 31.09
C ARG K 933 -29.06 9.00 31.16
N THR K 934 -29.25 7.69 31.22
CA THR K 934 -30.58 7.10 31.19
C THR K 934 -30.75 5.92 32.13
N GLY K 935 -29.72 5.10 32.36
CA GLY K 935 -29.84 3.91 33.15
C GLY K 935 -30.38 2.70 32.43
N ASP K 936 -30.98 2.88 31.25
CA ASP K 936 -31.38 1.74 30.45
C ASP K 936 -30.14 1.06 29.85
N PRO K 937 -30.18 -0.26 29.70
CA PRO K 937 -29.11 -0.95 28.97
C PRO K 937 -29.23 -0.73 27.48
N PHE K 938 -28.09 -0.59 26.82
CA PHE K 938 -28.06 -0.70 25.37
C PHE K 938 -28.38 -2.13 24.97
N GLU K 939 -29.27 -2.30 23.99
CA GLU K 939 -29.94 -3.60 23.89
C GLU K 939 -29.04 -4.68 23.33
N GLN K 940 -27.87 -4.33 22.81
CA GLN K 940 -26.96 -5.37 22.37
C GLN K 940 -25.67 -5.31 23.20
N PRO K 941 -25.07 -6.46 23.48
CA PRO K 941 -23.84 -6.49 24.27
C PRO K 941 -22.70 -5.70 23.64
N VAL K 942 -21.97 -4.99 24.49
CA VAL K 942 -20.85 -4.14 24.08
C VAL K 942 -19.56 -4.84 24.48
N ILE K 943 -18.58 -4.84 23.59
CA ILE K 943 -17.26 -5.36 23.94
C ILE K 943 -16.55 -4.40 24.88
N ILE K 944 -16.03 -4.95 25.99
CA ILE K 944 -15.47 -4.20 27.09
C ILE K 944 -14.04 -4.68 27.29
N GLY K 945 -13.18 -3.79 27.77
CA GLY K 945 -11.83 -4.21 28.08
C GLY K 945 -11.13 -3.20 28.95
N LYS K 946 -9.91 -3.55 29.36
CA LYS K 946 -8.96 -2.61 29.94
C LYS K 946 -7.70 -2.56 29.10
N PRO K 947 -7.79 -2.13 27.84
CA PRO K 947 -6.60 -2.09 26.99
C PRO K 947 -5.59 -1.05 27.46
N TYR K 948 -4.40 -1.16 26.90
CA TYR K 948 -3.27 -0.29 27.25
C TYR K 948 -3.21 0.81 26.20
N ILE K 949 -3.47 2.04 26.63
CA ILE K 949 -3.59 3.18 25.71
C ILE K 949 -2.45 4.15 25.96
N LEU K 950 -1.87 4.64 24.87
CA LEU K 950 -0.69 5.50 24.87
C LEU K 950 -1.11 6.86 24.35
N LYS K 951 -0.70 7.93 25.03
CA LYS K 951 -0.89 9.28 24.49
C LYS K 951 0.26 9.61 23.55
N LEU K 952 -0.09 10.09 22.36
CA LEU K 952 0.89 10.38 21.32
C LEU K 952 1.37 11.82 21.39
N ILE K 953 2.54 12.05 20.82
CA ILE K 953 3.22 13.33 20.92
C ILE K 953 2.64 14.32 19.92
N HIS K 954 2.70 15.60 20.28
CA HIS K 954 2.27 16.69 19.41
C HIS K 954 3.00 17.98 19.75
N GLN K 985 0.48 29.94 4.74
CA GLN K 985 -0.51 28.99 4.24
C GLN K 985 -0.51 28.95 2.71
N ARG K 986 0.01 27.87 2.15
CA ARG K 986 0.13 27.72 0.71
C ARG K 986 -1.25 27.64 0.07
N VAL K 987 -1.48 28.48 -0.94
CA VAL K 987 -2.62 28.33 -1.83
C VAL K 987 -2.20 27.41 -2.97
N GLY K 988 -2.68 26.17 -2.93
CA GLY K 988 -2.18 25.14 -3.82
C GLY K 988 -2.90 25.10 -5.16
N GLU K 989 -2.20 24.58 -6.17
CA GLU K 989 -2.73 24.60 -7.53
C GLU K 989 -4.06 23.86 -7.63
N MET K 990 -4.21 22.75 -6.88
CA MET K 990 -5.48 22.03 -6.92
C MET K 990 -6.59 22.79 -6.22
N GLU K 991 -6.23 23.71 -5.32
CA GLU K 991 -7.24 24.59 -4.75
C GLU K 991 -7.62 25.68 -5.75
N VAL K 992 -6.66 26.18 -6.51
CA VAL K 992 -6.99 27.12 -7.59
C VAL K 992 -7.93 26.46 -8.58
N TRP K 993 -7.62 25.23 -8.98
CA TRP K 993 -8.50 24.48 -9.88
C TRP K 993 -9.89 24.28 -9.28
N ALA K 994 -9.98 24.05 -7.98
CA ALA K 994 -11.29 23.85 -7.36
C ALA K 994 -12.08 25.15 -7.29
N LEU K 995 -11.44 26.23 -6.83
CA LEU K 995 -12.10 27.52 -6.74
C LEU K 995 -12.59 28.00 -8.10
N GLU K 996 -11.73 27.89 -9.13
CA GLU K 996 -12.16 28.28 -10.47
C GLU K 996 -13.18 27.31 -11.05
N GLY K 997 -13.21 26.06 -10.57
CA GLY K 997 -14.31 25.18 -10.90
C GLY K 997 -15.64 25.68 -10.38
N PHE K 998 -15.66 26.16 -9.14
CA PHE K 998 -16.84 26.83 -8.59
C PHE K 998 -17.13 28.19 -9.24
N GLY K 999 -16.25 28.69 -10.11
CA GLY K 999 -16.43 30.01 -10.67
C GLY K 999 -16.34 31.14 -9.67
N VAL K 1000 -15.84 30.81 -8.48
CA VAL K 1000 -15.89 31.68 -7.31
C VAL K 1000 -14.68 32.61 -7.33
N ALA K 1001 -14.40 33.15 -8.52
CA ALA K 1001 -13.09 33.68 -8.89
C ALA K 1001 -12.65 34.93 -8.14
N HIS K 1002 -13.56 35.64 -7.46
CA HIS K 1002 -13.08 36.75 -6.63
C HIS K 1002 -12.38 36.26 -5.37
N ILE K 1003 -12.83 35.15 -4.79
CA ILE K 1003 -12.05 34.51 -3.73
C ILE K 1003 -10.70 34.06 -4.26
N LEU K 1004 -10.67 33.50 -5.47
CA LEU K 1004 -9.41 33.08 -6.05
C LEU K 1004 -8.46 34.27 -6.23
N GLN K 1005 -8.99 35.40 -6.72
CA GLN K 1005 -8.20 36.61 -6.83
C GLN K 1005 -7.66 37.06 -5.48
N GLU K 1006 -8.52 37.07 -4.46
CA GLU K 1006 -8.06 37.45 -3.12
C GLU K 1006 -6.93 36.54 -2.65
N MET K 1007 -7.15 35.23 -2.73
CA MET K 1007 -6.16 34.28 -2.26
C MET K 1007 -4.84 34.39 -3.01
N LEU K 1008 -4.88 34.71 -4.31
CA LEU K 1008 -3.65 34.78 -5.07
C LEU K 1008 -3.02 36.16 -5.15
N THR K 1009 -3.73 37.24 -4.81
CA THR K 1009 -3.13 38.56 -4.90
C THR K 1009 -3.04 39.16 -3.51
N TYR K 1010 -3.96 40.06 -3.14
CA TYR K 1010 -3.76 40.97 -2.01
C TYR K 1010 -3.64 40.27 -0.67
N LYS K 1011 -3.96 38.98 -0.58
CA LYS K 1011 -3.71 38.23 0.65
C LYS K 1011 -2.22 37.98 0.90
N SER K 1012 -1.36 38.27 -0.07
CA SER K 1012 0.08 38.21 0.15
C SER K 1012 0.83 39.15 -0.79
N ALA K 1037 -0.98 44.95 -11.81
CA ALA K 1037 -0.48 43.58 -11.74
C ALA K 1037 0.02 43.26 -10.34
N PRO K 1038 -0.09 42.01 -9.92
CA PRO K 1038 0.41 41.63 -8.59
C PRO K 1038 1.92 41.63 -8.54
N GLU K 1039 2.46 41.84 -7.34
CA GLU K 1039 3.90 42.00 -7.17
C GLU K 1039 4.66 40.77 -7.63
N SER K 1040 4.06 39.58 -7.54
CA SER K 1040 4.72 38.39 -8.04
C SER K 1040 4.70 38.31 -9.55
N PHE K 1041 3.68 38.89 -10.20
CA PHE K 1041 3.74 39.06 -11.65
C PHE K 1041 4.77 40.12 -12.04
N ARG K 1042 4.92 41.17 -11.21
CA ARG K 1042 6.03 42.09 -11.40
C ARG K 1042 7.37 41.36 -11.33
N LEU K 1043 7.54 40.45 -10.37
CA LEU K 1043 8.76 39.64 -10.32
C LEU K 1043 8.92 38.79 -11.58
N LEU K 1044 7.85 38.14 -12.02
CA LEU K 1044 7.90 37.32 -13.22
C LEU K 1044 8.35 38.12 -14.45
N VAL K 1045 7.69 39.25 -14.69
CA VAL K 1045 8.04 40.08 -15.83
C VAL K 1045 9.46 40.64 -15.67
N ARG K 1046 9.85 41.02 -14.46
CA ARG K 1046 11.19 41.56 -14.27
C ARG K 1046 12.27 40.51 -14.53
N GLU K 1047 12.04 39.25 -14.14
CA GLU K 1047 13.06 38.24 -14.41
C GLU K 1047 13.11 37.87 -15.89
N LEU K 1048 11.96 37.83 -16.57
CA LEU K 1048 12.02 37.65 -18.02
C LEU K 1048 12.66 38.84 -18.72
N ARG K 1049 12.35 40.05 -18.27
CA ARG K 1049 13.00 41.27 -18.74
C ARG K 1049 14.50 41.25 -18.45
N SER K 1050 14.91 40.52 -17.42
CA SER K 1050 16.32 40.28 -17.13
C SER K 1050 16.91 39.18 -17.99
N LEU K 1051 16.07 38.35 -18.60
CA LEU K 1051 16.51 37.42 -19.62
C LEU K 1051 16.53 38.05 -21.00
N ALA K 1052 16.28 39.37 -21.06
CA ALA K 1052 16.21 40.14 -22.30
C ALA K 1052 14.99 39.77 -23.15
N LEU K 1053 13.88 39.45 -22.49
CA LEU K 1053 12.59 39.32 -23.14
C LEU K 1053 11.63 40.35 -22.55
N GLU K 1054 11.03 41.16 -23.42
CA GLU K 1054 10.03 42.14 -23.00
C GLU K 1054 8.66 41.49 -22.92
N LEU K 1055 8.29 41.04 -21.73
CA LEU K 1055 6.89 40.70 -21.44
C LEU K 1055 6.11 41.99 -21.28
N ASN K 1056 5.40 42.39 -22.33
CA ASN K 1056 4.75 43.69 -22.41
C ASN K 1056 3.25 43.49 -22.30
N HIS K 1057 2.62 44.18 -21.35
CA HIS K 1057 1.19 44.02 -21.09
C HIS K 1057 0.45 45.24 -21.60
N PHE K 1058 -0.50 45.01 -22.50
CA PHE K 1058 -1.38 46.04 -23.02
C PHE K 1058 -2.83 45.68 -22.74
N LEU K 1059 -3.66 46.70 -22.59
CA LEU K 1059 -5.10 46.54 -22.61
C LEU K 1059 -5.70 47.56 -23.57
N VAL K 1060 -6.73 47.15 -24.30
CA VAL K 1060 -7.29 47.97 -25.37
C VAL K 1060 -8.58 48.60 -24.87
N SER K 1061 -8.65 49.91 -24.94
CA SER K 1061 -9.88 50.63 -24.61
C SER K 1061 -11.01 50.19 -25.53
N GLU K 1062 -12.08 49.67 -24.95
CA GLU K 1062 -13.26 49.34 -25.75
C GLU K 1062 -13.85 50.59 -26.40
N LYS K 1063 -13.76 51.73 -25.72
CA LYS K 1063 -14.33 52.96 -26.23
C LYS K 1063 -13.49 53.57 -27.32
N ASN K 1064 -12.16 53.59 -27.14
CA ASN K 1064 -11.28 54.42 -27.95
C ASN K 1064 -10.22 53.64 -28.72
N PHE K 1065 -10.17 52.32 -28.56
CA PHE K 1065 -9.14 51.46 -29.15
C PHE K 1065 -7.72 51.82 -28.71
N GLN K 1066 -7.57 52.73 -27.75
CA GLN K 1066 -6.24 53.12 -27.30
C GLN K 1066 -5.54 51.95 -26.62
N ILE K 1067 -4.28 51.73 -26.99
CA ILE K 1067 -3.48 50.62 -26.45
C ILE K 1067 -2.81 51.15 -25.18
N ASN K 1068 -3.51 51.02 -24.05
CA ASN K 1068 -2.95 51.42 -22.76
C ASN K 1068 -1.94 50.37 -22.30
N ARG K 1069 -0.70 50.78 -22.11
CA ARG K 1069 0.30 49.89 -21.52
C ARG K 1069 0.09 49.79 -20.02
N LYS K 1070 -0.03 48.56 -19.52
CA LYS K 1070 -0.17 48.32 -18.10
C LYS K 1070 1.12 48.71 -17.37
N GLU K 1071 0.98 49.03 -16.09
CA GLU K 1071 2.11 49.28 -15.20
C GLU K 1071 2.82 47.96 -14.92
N VAL K 1072 3.88 47.68 -15.66
CA VAL K 1072 4.68 46.47 -15.46
C VAL K 1072 6.16 46.79 -15.62
N ASN L 6 -45.06 13.23 1.53
CA ASN L 6 -44.45 13.15 0.21
C ASN L 6 -43.86 11.77 -0.05
N LEU L 7 -42.80 11.43 0.66
CA LEU L 7 -42.06 10.22 0.36
C LEU L 7 -42.86 8.98 0.74
N VAL L 8 -42.56 7.87 0.07
CA VAL L 8 -43.21 6.60 0.36
C VAL L 8 -42.67 6.03 1.67
N PHE L 9 -43.57 5.40 2.44
CA PHE L 9 -43.15 4.65 3.62
C PHE L 9 -42.42 3.38 3.18
N HIS L 10 -41.24 3.16 3.75
CA HIS L 10 -40.37 2.10 3.24
C HIS L 10 -40.80 0.73 3.73
N ASN L 11 -40.90 0.55 5.05
CA ASN L 11 -41.13 -0.76 5.67
C ASN L 11 -40.08 -1.77 5.19
N LYS L 12 -38.91 -1.29 4.79
CA LYS L 12 -37.86 -2.14 4.27
C LYS L 12 -36.51 -1.56 4.65
N VAL L 13 -35.49 -2.43 4.68
CA VAL L 13 -34.20 -2.05 5.23
C VAL L 13 -33.50 -1.07 4.29
N ILE L 14 -32.82 -0.09 4.89
CA ILE L 14 -32.03 0.90 4.15
C ILE L 14 -30.68 0.27 3.80
N ASP L 15 -30.56 -0.24 2.58
CA ASP L 15 -29.24 -0.47 2.01
C ASP L 15 -28.57 0.85 1.65
N GLY L 16 -27.24 0.82 1.55
CA GLY L 16 -26.52 1.98 1.07
C GLY L 16 -26.95 2.43 -0.31
N THR L 17 -27.25 1.46 -1.19
CA THR L 17 -27.79 1.81 -2.50
C THR L 17 -29.19 2.40 -2.36
N ALA L 18 -29.98 1.88 -1.42
CA ALA L 18 -31.33 2.40 -1.21
C ALA L 18 -31.29 3.83 -0.69
N ILE L 19 -30.39 4.15 0.23
CA ILE L 19 -30.30 5.52 0.72
C ILE L 19 -29.66 6.44 -0.32
N LYS L 20 -28.75 5.92 -1.15
CA LYS L 20 -28.30 6.72 -2.29
C LYS L 20 -29.45 7.08 -3.22
N ARG L 21 -30.32 6.12 -3.50
CA ARG L 21 -31.53 6.40 -4.27
C ARG L 21 -32.41 7.43 -3.57
N LEU L 22 -32.63 7.26 -2.28
CA LEU L 22 -33.51 8.16 -1.54
C LEU L 22 -32.97 9.60 -1.56
N ILE L 23 -31.69 9.76 -1.23
CA ILE L 23 -31.10 11.10 -1.17
C ILE L 23 -31.06 11.74 -2.56
N SER L 24 -30.71 10.99 -3.59
CA SER L 24 -30.74 11.53 -4.95
C SER L 24 -32.14 11.96 -5.35
N ARG L 25 -33.14 11.11 -5.10
CA ARG L 25 -34.52 11.49 -5.41
C ARG L 25 -34.99 12.69 -4.59
N LEU L 26 -34.53 12.83 -3.35
CA LEU L 26 -34.86 14.02 -2.56
C LEU L 26 -34.23 15.27 -3.16
N ILE L 27 -32.97 15.20 -3.55
CA ILE L 27 -32.32 16.35 -4.18
C ILE L 27 -33.03 16.73 -5.47
N ASP L 28 -33.41 15.73 -6.27
CA ASP L 28 -34.11 16.00 -7.52
C ASP L 28 -35.53 16.54 -7.31
N HIS L 29 -36.22 16.10 -6.25
CA HIS L 29 -37.57 16.57 -6.00
C HIS L 29 -37.61 17.95 -5.35
N PHE L 30 -36.90 18.12 -4.24
CA PHE L 30 -36.96 19.34 -3.45
C PHE L 30 -35.88 20.35 -3.81
N GLY L 31 -34.81 19.93 -4.50
CA GLY L 31 -33.61 20.72 -4.57
C GLY L 31 -32.79 20.64 -3.29
N MET L 32 -31.82 21.56 -3.21
CA MET L 32 -30.92 21.59 -2.07
C MET L 32 -31.64 22.04 -0.80
N ALA L 33 -32.60 22.96 -0.95
CA ALA L 33 -33.19 23.65 0.19
C ALA L 33 -33.68 22.70 1.27
N TYR L 34 -34.60 21.80 0.92
CA TYR L 34 -35.07 20.81 1.89
C TYR L 34 -34.00 19.79 2.20
N THR L 35 -33.40 19.18 1.17
CA THR L 35 -32.58 17.99 1.36
C THR L 35 -31.38 18.25 2.27
N SER L 36 -30.80 19.45 2.22
CA SER L 36 -29.71 19.81 3.12
C SER L 36 -30.13 19.81 4.59
N HIS L 37 -31.41 19.99 4.88
CA HIS L 37 -31.92 19.80 6.24
C HIS L 37 -32.34 18.37 6.51
N ILE L 38 -33.01 17.74 5.55
CA ILE L 38 -33.47 16.36 5.73
C ILE L 38 -32.29 15.44 6.05
N LEU L 39 -31.24 15.51 5.23
CA LEU L 39 -30.05 14.69 5.44
C LEU L 39 -29.35 15.05 6.74
N ASP L 40 -29.33 16.34 7.11
CA ASP L 40 -28.68 16.75 8.34
C ASP L 40 -29.44 16.31 9.58
N GLN L 41 -30.76 16.10 9.46
CA GLN L 41 -31.53 15.48 10.54
C GLN L 41 -31.39 13.97 10.55
N VAL L 42 -31.31 13.35 9.37
CA VAL L 42 -31.10 11.90 9.31
C VAL L 42 -29.74 11.53 9.87
N LYS L 43 -28.76 12.45 9.79
CA LYS L 43 -27.54 12.31 10.58
C LYS L 43 -27.86 12.04 12.05
N THR L 44 -28.64 12.94 12.66
CA THR L 44 -28.92 12.84 14.09
C THR L 44 -29.74 11.59 14.40
N LEU L 45 -30.68 11.24 13.53
CA LEU L 45 -31.41 9.99 13.67
C LEU L 45 -30.46 8.79 13.69
N GLY L 46 -29.55 8.74 12.73
CA GLY L 46 -28.58 7.66 12.68
C GLY L 46 -27.72 7.57 13.93
N PHE L 47 -27.22 8.73 14.39
CA PHE L 47 -26.46 8.75 15.64
C PHE L 47 -27.29 8.25 16.81
N GLN L 48 -28.54 8.69 16.91
CA GLN L 48 -29.41 8.26 18.01
C GLN L 48 -29.58 6.75 18.01
N GLN L 49 -29.94 6.19 16.86
CA GLN L 49 -30.23 4.75 16.81
C GLN L 49 -28.96 3.91 16.95
N ALA L 50 -27.84 4.38 16.38
CA ALA L 50 -26.56 3.73 16.62
C ALA L 50 -26.18 3.74 18.11
N THR L 51 -26.47 4.85 18.80
CA THR L 51 -26.14 4.92 20.23
C THR L 51 -27.04 4.01 21.04
N ALA L 52 -28.32 3.93 20.68
CA ALA L 52 -29.23 3.05 21.41
C ALA L 52 -28.88 1.59 21.16
N THR L 53 -28.50 1.26 19.92
CA THR L 53 -27.91 -0.04 19.62
C THR L 53 -26.43 -0.04 20.02
N SER L 54 -25.71 -1.07 19.58
CA SER L 54 -24.26 -1.04 19.56
C SER L 54 -23.78 -2.00 18.49
N ILE L 55 -22.63 -1.70 17.92
CA ILE L 55 -22.12 -2.43 16.76
C ILE L 55 -20.81 -3.06 17.22
N SER L 56 -20.73 -3.39 18.50
CA SER L 56 -19.51 -3.90 19.09
C SER L 56 -19.14 -5.27 18.53
N LEU L 57 -17.84 -5.52 18.41
CA LEU L 57 -17.31 -6.72 17.80
C LEU L 57 -16.59 -7.55 18.85
N GLY L 58 -16.90 -8.86 18.88
CA GLY L 58 -16.30 -9.75 19.84
C GLY L 58 -15.70 -10.98 19.15
N ILE L 59 -14.96 -11.74 19.94
CA ILE L 59 -14.14 -12.82 19.39
C ILE L 59 -15.02 -13.90 18.78
N ASP L 60 -16.25 -14.05 19.27
CA ASP L 60 -17.23 -14.93 18.67
C ASP L 60 -18.41 -14.17 18.06
N ASP L 61 -18.27 -12.86 17.86
CA ASP L 61 -19.11 -12.20 16.87
C ASP L 61 -18.60 -12.46 15.46
N LEU L 62 -17.28 -12.51 15.28
CA LEU L 62 -16.73 -13.09 14.07
C LEU L 62 -17.12 -14.55 14.00
N LEU L 63 -17.18 -15.09 12.78
CA LEU L 63 -18.02 -16.27 12.57
C LEU L 63 -17.53 -17.09 11.38
N THR L 64 -16.48 -17.88 11.61
CA THR L 64 -15.89 -18.69 10.55
C THR L 64 -16.92 -19.67 10.01
N ILE L 65 -17.05 -19.70 8.68
CA ILE L 65 -18.04 -20.55 8.00
C ILE L 65 -17.84 -21.97 8.51
N PRO L 66 -18.90 -22.67 8.95
CA PRO L 66 -18.70 -23.89 9.75
C PRO L 66 -18.01 -25.01 8.99
N SER L 67 -18.32 -25.18 7.70
CA SER L 67 -17.70 -26.22 6.89
C SER L 67 -16.28 -25.91 6.46
N LYS L 68 -15.72 -24.76 6.86
CA LYS L 68 -14.33 -24.46 6.49
C LYS L 68 -13.39 -25.58 6.85
N GLY L 69 -13.53 -26.15 8.05
CA GLY L 69 -12.67 -27.24 8.44
C GLY L 69 -12.72 -28.38 7.47
N TRP L 70 -13.93 -28.78 7.06
CA TRP L 70 -14.03 -29.87 6.10
C TRP L 70 -13.38 -29.46 4.80
N LEU L 71 -13.66 -28.23 4.34
CA LEU L 71 -13.07 -27.80 3.09
C LEU L 71 -11.57 -27.76 3.19
N VAL L 72 -11.05 -27.32 4.33
CA VAL L 72 -9.60 -27.29 4.47
C VAL L 72 -9.06 -28.70 4.51
N GLN L 73 -9.71 -29.57 5.27
CA GLN L 73 -9.27 -30.96 5.28
C GLN L 73 -9.28 -31.52 3.86
N ASP L 74 -10.31 -31.18 3.08
CA ASP L 74 -10.34 -31.64 1.70
C ASP L 74 -9.11 -31.15 0.97
N ALA L 75 -8.93 -29.83 0.95
CA ALA L 75 -7.79 -29.26 0.24
C ALA L 75 -6.48 -29.76 0.82
N GLU L 76 -6.45 -30.02 2.13
CA GLU L 76 -5.25 -30.62 2.71
C GLU L 76 -5.00 -32.03 2.19
N GLN L 77 -6.02 -32.90 2.24
CA GLN L 77 -5.80 -34.27 1.81
C GLN L 77 -5.38 -34.38 0.35
N GLN L 78 -6.03 -33.60 -0.52
CA GLN L 78 -5.60 -33.60 -1.92
C GLN L 78 -4.16 -33.16 -2.04
N SER L 79 -3.79 -32.12 -1.31
CA SER L 79 -2.43 -31.62 -1.46
C SER L 79 -1.45 -32.66 -0.96
N LEU L 80 -1.78 -33.33 0.15
CA LEU L 80 -0.88 -34.35 0.64
C LEU L 80 -0.73 -35.45 -0.38
N ILE L 81 -1.85 -35.89 -0.96
CA ILE L 81 -1.77 -36.97 -1.94
C ILE L 81 -0.95 -36.52 -3.13
N LEU L 82 -1.14 -35.28 -3.57
CA LEU L 82 -0.38 -34.81 -4.71
C LEU L 82 1.09 -34.71 -4.36
N GLU L 83 1.40 -34.21 -3.16
CA GLU L 83 2.79 -34.16 -2.76
C GLU L 83 3.39 -35.55 -2.74
N LYS L 84 2.65 -36.52 -2.21
CA LYS L 84 3.11 -37.90 -2.25
C LYS L 84 3.38 -38.32 -3.69
N HIS L 85 2.42 -38.08 -4.58
CA HIS L 85 2.59 -38.48 -5.96
C HIS L 85 3.62 -37.61 -6.68
N HIS L 86 3.89 -36.42 -6.17
CA HIS L 86 5.01 -35.67 -6.72
C HIS L 86 6.34 -36.34 -6.39
N HIS L 87 6.48 -36.81 -5.14
CA HIS L 87 7.65 -37.61 -4.78
C HIS L 87 7.78 -38.87 -5.61
N TYR L 88 6.64 -39.48 -5.98
CA TYR L 88 6.69 -40.68 -6.81
C TYR L 88 7.03 -40.42 -8.26
N GLY L 89 7.09 -39.14 -8.68
CA GLY L 89 7.35 -38.84 -10.07
C GLY L 89 6.18 -39.06 -10.99
N ASN L 90 4.96 -39.06 -10.45
CA ASN L 90 3.75 -39.11 -11.26
C ASN L 90 3.29 -37.71 -11.66
N VAL L 91 3.73 -36.68 -10.95
CA VAL L 91 3.26 -35.32 -11.13
C VAL L 91 4.48 -34.40 -11.13
N HIS L 92 4.59 -33.54 -12.13
CA HIS L 92 5.75 -32.66 -12.20
C HIS L 92 5.49 -31.36 -11.45
N ALA L 93 6.60 -30.66 -11.15
CA ALA L 93 6.58 -29.53 -10.22
C ALA L 93 5.57 -28.46 -10.61
N VAL L 94 5.34 -28.26 -11.90
CA VAL L 94 4.40 -27.21 -12.31
C VAL L 94 2.96 -27.59 -11.96
N GLU L 95 2.60 -28.87 -12.14
CA GLU L 95 1.27 -29.30 -11.72
C GLU L 95 1.09 -29.18 -10.22
N LYS L 96 2.10 -29.56 -9.43
CA LYS L 96 2.00 -29.41 -7.98
C LYS L 96 1.86 -27.95 -7.57
N LEU L 97 2.67 -27.08 -8.17
CA LEU L 97 2.56 -25.64 -7.91
C LEU L 97 1.17 -25.11 -8.25
N ARG L 98 0.64 -25.50 -9.41
CA ARG L 98 -0.67 -25.01 -9.82
C ARG L 98 -1.79 -25.56 -8.95
N GLN L 99 -1.68 -26.82 -8.48
CA GLN L 99 -2.61 -27.28 -7.46
C GLN L 99 -2.52 -26.46 -6.18
N SER L 100 -1.30 -26.25 -5.69
CA SER L 100 -1.11 -25.52 -4.44
C SER L 100 -1.68 -24.11 -4.52
N ILE L 101 -1.60 -23.48 -5.69
CA ILE L 101 -2.23 -22.18 -5.87
C ILE L 101 -3.75 -22.32 -5.98
N GLU L 102 -4.20 -23.14 -6.93
CA GLU L 102 -5.57 -23.03 -7.42
C GLU L 102 -6.57 -23.70 -6.49
N ILE L 103 -6.22 -24.81 -5.84
CA ILE L 103 -7.21 -25.43 -4.95
C ILE L 103 -7.43 -24.56 -3.72
N TRP L 104 -6.40 -23.84 -3.27
CA TRP L 104 -6.58 -22.97 -2.12
C TRP L 104 -7.20 -21.64 -2.53
N TYR L 105 -7.03 -21.23 -3.78
CA TYR L 105 -7.76 -20.05 -4.24
C TYR L 105 -9.24 -20.40 -4.36
N ALA L 106 -9.54 -21.57 -4.94
CA ALA L 106 -10.91 -22.03 -5.09
C ALA L 106 -11.58 -22.08 -3.72
N THR L 107 -10.92 -22.70 -2.74
CA THR L 107 -11.49 -22.77 -1.40
C THR L 107 -11.69 -21.37 -0.82
N SER L 108 -10.71 -20.47 -0.98
CA SER L 108 -10.87 -19.13 -0.40
C SER L 108 -12.07 -18.43 -1.01
N GLU L 109 -12.26 -18.60 -2.33
CA GLU L 109 -13.37 -17.92 -3.00
C GLU L 109 -14.68 -18.49 -2.52
N TYR L 110 -14.82 -19.82 -2.52
CA TYR L 110 -16.03 -20.43 -1.99
C TYR L 110 -16.31 -19.90 -0.60
N LEU L 111 -15.29 -19.89 0.27
CA LEU L 111 -15.45 -19.44 1.63
C LEU L 111 -16.01 -18.03 1.68
N ARG L 112 -15.64 -17.18 0.71
CA ARG L 112 -16.21 -15.85 0.67
C ARG L 112 -17.65 -15.88 0.16
N GLN L 113 -17.91 -16.60 -0.94
CA GLN L 113 -19.24 -16.65 -1.51
C GLN L 113 -20.25 -17.30 -0.58
N GLU L 114 -19.79 -18.01 0.45
CA GLU L 114 -20.67 -18.62 1.44
C GLU L 114 -20.61 -17.93 2.79
N MET L 115 -20.00 -16.75 2.86
CA MET L 115 -19.93 -15.98 4.10
C MET L 115 -21.18 -15.14 4.28
N ASN L 116 -21.56 -14.40 3.23
CA ASN L 116 -22.74 -13.56 3.29
C ASN L 116 -24.00 -14.40 3.47
N PRO L 117 -24.32 -15.35 2.58
CA PRO L 117 -25.48 -16.22 2.84
C PRO L 117 -25.51 -16.78 4.25
N ASN L 118 -24.35 -17.22 4.76
CA ASN L 118 -24.28 -17.78 6.11
C ASN L 118 -24.72 -16.77 7.16
N PHE L 119 -24.20 -15.53 7.08
CA PHE L 119 -24.66 -14.50 8.00
C PHE L 119 -26.16 -14.24 7.84
N ARG L 120 -26.59 -13.95 6.62
CA ARG L 120 -27.95 -13.51 6.37
C ARG L 120 -28.98 -14.57 6.76
N MET L 121 -28.64 -15.85 6.62
CA MET L 121 -29.56 -16.92 6.98
C MET L 121 -29.44 -17.36 8.43
N THR L 122 -28.25 -17.26 9.03
CA THR L 122 -28.00 -17.92 10.31
C THR L 122 -27.55 -16.98 11.42
N ASP L 123 -27.14 -15.74 11.11
CA ASP L 123 -26.88 -14.73 12.14
C ASP L 123 -27.08 -13.35 11.55
N PRO L 124 -28.33 -13.01 11.20
CA PRO L 124 -28.55 -11.78 10.41
C PRO L 124 -28.00 -10.53 11.07
N PHE L 125 -28.07 -10.45 12.39
CA PHE L 125 -27.69 -9.27 13.14
C PHE L 125 -26.23 -9.29 13.58
N ASN L 126 -25.42 -10.13 12.95
CA ASN L 126 -24.01 -10.20 13.31
C ASN L 126 -23.31 -8.89 12.98
N PRO L 127 -22.48 -8.36 13.88
CA PRO L 127 -21.81 -7.07 13.63
C PRO L 127 -21.16 -6.93 12.27
N VAL L 128 -20.21 -7.80 11.92
CA VAL L 128 -19.49 -7.63 10.65
C VAL L 128 -20.39 -7.91 9.45
N HIS L 129 -21.45 -8.68 9.62
CA HIS L 129 -22.45 -8.80 8.57
C HIS L 129 -23.07 -7.44 8.27
N MET L 130 -23.62 -6.80 9.29
CA MET L 130 -24.26 -5.51 9.09
C MET L 130 -23.25 -4.49 8.57
N MET L 131 -22.04 -4.49 9.13
CA MET L 131 -20.99 -3.57 8.69
C MET L 131 -20.73 -3.68 7.19
N SER L 132 -20.54 -4.91 6.69
CA SER L 132 -20.22 -5.05 5.27
C SER L 132 -21.44 -4.89 4.39
N PHE L 133 -22.57 -5.48 4.78
CA PHE L 133 -23.76 -5.46 3.92
C PHE L 133 -24.38 -4.07 3.83
N SER L 134 -24.30 -3.27 4.89
CA SER L 134 -24.64 -1.85 4.78
C SER L 134 -23.55 -1.01 4.14
N GLY L 135 -22.29 -1.44 4.21
CA GLY L 135 -21.22 -0.67 3.62
C GLY L 135 -20.68 0.43 4.49
N ALA L 136 -20.84 0.33 5.81
CA ALA L 136 -20.32 1.36 6.71
C ALA L 136 -18.80 1.35 6.73
N ARG L 137 -18.21 0.25 7.19
CA ARG L 137 -16.77 0.04 7.12
C ARG L 137 -16.48 -1.44 6.96
N GLY L 138 -15.34 -1.73 6.34
CA GLY L 138 -14.97 -3.09 6.01
C GLY L 138 -15.65 -3.57 4.74
N ASN L 139 -14.89 -3.69 3.66
CA ASN L 139 -15.41 -4.37 2.48
C ASN L 139 -15.62 -5.85 2.77
N ALA L 140 -16.43 -6.49 1.92
CA ALA L 140 -16.68 -7.92 2.07
C ALA L 140 -15.39 -8.72 2.03
N SER L 141 -14.41 -8.28 1.24
CA SER L 141 -13.10 -8.93 1.23
C SER L 141 -12.39 -8.78 2.58
N GLN L 142 -12.48 -7.61 3.21
CA GLN L 142 -11.82 -7.41 4.50
C GLN L 142 -12.52 -8.20 5.61
N VAL L 143 -13.86 -8.21 5.59
CA VAL L 143 -14.59 -9.03 6.54
C VAL L 143 -14.24 -10.51 6.35
N HIS L 144 -14.20 -10.97 5.10
CA HIS L 144 -13.77 -12.33 4.82
C HIS L 144 -12.36 -12.63 5.30
N GLN L 145 -11.44 -11.67 5.16
CA GLN L 145 -10.08 -11.86 5.66
C GLN L 145 -9.99 -11.84 7.17
N LEU L 146 -10.99 -11.28 7.85
CA LEU L 146 -11.11 -11.53 9.29
C LEU L 146 -11.72 -12.89 9.57
N VAL L 147 -12.77 -13.26 8.85
CA VAL L 147 -13.70 -14.30 9.26
C VAL L 147 -13.35 -15.64 8.63
N GLY L 148 -13.02 -15.65 7.34
CA GLY L 148 -12.93 -16.84 6.53
C GLY L 148 -11.48 -17.25 6.33
N MET L 149 -10.87 -16.76 5.25
CA MET L 149 -9.51 -17.15 4.90
C MET L 149 -8.87 -16.02 4.12
N ARG L 150 -7.57 -15.83 4.34
CA ARG L 150 -6.85 -14.75 3.67
C ARG L 150 -6.31 -15.16 2.30
N GLY L 151 -6.23 -16.46 2.03
CA GLY L 151 -5.92 -16.92 0.68
C GLY L 151 -4.45 -16.81 0.38
N LEU L 152 -4.13 -16.19 -0.75
CA LEU L 152 -2.78 -16.22 -1.30
C LEU L 152 -2.37 -14.82 -1.74
N MET L 153 -1.09 -14.67 -2.02
CA MET L 153 -0.51 -13.36 -2.30
C MET L 153 0.18 -13.38 -3.66
N ILE L 161 1.60 -16.99 -4.49
CA ILE L 161 2.62 -17.44 -3.53
C ILE L 161 2.53 -18.96 -3.36
N ASP L 162 3.68 -19.59 -3.14
CA ASP L 162 3.79 -21.03 -3.28
C ASP L 162 3.04 -21.80 -2.20
N LEU L 163 2.74 -21.19 -1.07
CA LEU L 163 1.87 -21.81 -0.07
C LEU L 163 0.72 -20.89 0.28
N PRO L 164 -0.44 -21.45 0.59
CA PRO L 164 -1.59 -20.63 0.97
C PRO L 164 -1.51 -20.14 2.41
N ILE L 165 -2.31 -19.12 2.70
CA ILE L 165 -2.69 -18.78 4.06
C ILE L 165 -4.03 -19.46 4.32
N GLN L 166 -4.00 -20.53 5.12
CA GLN L 166 -5.22 -21.23 5.47
C GLN L 166 -6.00 -20.49 6.55
N SER L 167 -5.31 -19.90 7.51
CA SER L 167 -5.96 -19.31 8.66
C SER L 167 -6.50 -17.91 8.32
N ASN L 168 -7.05 -17.26 9.34
CA ASN L 168 -7.55 -15.90 9.24
C ASN L 168 -7.15 -15.15 10.50
N LEU L 169 -7.34 -13.83 10.48
CA LEU L 169 -6.90 -13.01 11.60
C LEU L 169 -7.66 -13.30 12.89
N ARG L 170 -8.84 -13.93 12.79
CA ARG L 170 -9.51 -14.43 13.99
C ARG L 170 -8.75 -15.62 14.58
N GLU L 171 -8.37 -16.58 13.72
CA GLU L 171 -7.57 -17.73 14.13
C GLU L 171 -6.11 -17.39 14.34
N GLY L 172 -5.65 -16.23 13.87
CA GLY L 172 -4.25 -15.87 13.87
C GLY L 172 -3.46 -16.50 12.75
N LEU L 173 -2.62 -15.70 12.11
CA LEU L 173 -1.71 -16.17 11.07
C LEU L 173 -0.47 -16.81 11.67
N SER L 174 -0.17 -18.04 11.25
CA SER L 174 1.09 -18.67 11.58
C SER L 174 2.24 -17.89 10.95
N LEU L 175 3.45 -18.12 11.45
CA LEU L 175 4.60 -17.29 11.06
C LEU L 175 4.74 -17.22 9.54
N THR L 176 4.59 -18.35 8.85
CA THR L 176 4.75 -18.35 7.40
C THR L 176 3.69 -17.46 6.77
N GLU L 177 2.46 -17.58 7.26
CA GLU L 177 1.37 -16.78 6.73
C GLU L 177 1.62 -15.31 7.01
N TYR L 178 2.12 -15.00 8.20
CA TYR L 178 2.36 -13.60 8.56
C TYR L 178 3.40 -13.00 7.65
N ILE L 179 4.48 -13.75 7.37
CA ILE L 179 5.55 -13.23 6.53
C ILE L 179 5.03 -12.99 5.12
N ILE L 180 4.24 -13.93 4.61
CA ILE L 180 3.68 -13.78 3.26
C ILE L 180 2.77 -12.55 3.21
N SER L 181 1.97 -12.37 4.25
CA SER L 181 1.10 -11.20 4.33
C SER L 181 1.92 -9.93 4.38
N CYS L 182 3.02 -9.92 5.13
CA CYS L 182 3.83 -8.71 5.25
C CYS L 182 4.40 -8.34 3.89
N TYR L 183 4.84 -9.34 3.13
CA TYR L 183 5.39 -9.07 1.80
C TYR L 183 4.30 -8.48 0.92
N GLY L 184 3.08 -9.03 1.02
CA GLY L 184 1.98 -8.48 0.26
C GLY L 184 1.68 -7.05 0.66
N ALA L 185 1.80 -6.76 1.97
CA ALA L 185 1.52 -5.41 2.46
C ALA L 185 2.50 -4.43 1.86
N ARG L 186 3.78 -4.78 1.82
CA ARG L 186 4.77 -3.85 1.28
C ARG L 186 4.49 -3.61 -0.20
N LYS L 187 4.15 -4.67 -0.93
CA LYS L 187 3.88 -4.51 -2.35
C LYS L 187 2.66 -3.60 -2.54
N GLY L 188 1.63 -3.79 -1.70
CA GLY L 188 0.44 -2.97 -1.82
C GLY L 188 0.72 -1.51 -1.55
N VAL L 189 1.55 -1.23 -0.54
CA VAL L 189 1.88 0.15 -0.22
C VAL L 189 2.61 0.79 -1.40
N VAL L 190 3.52 0.05 -2.01
CA VAL L 190 4.26 0.60 -3.15
C VAL L 190 3.29 0.90 -4.28
N ASP L 191 2.34 -0.02 -4.52
CA ASP L 191 1.37 0.16 -5.60
C ASP L 191 0.52 1.39 -5.34
N THR L 192 0.11 1.61 -4.09
CA THR L 192 -0.67 2.80 -3.77
C THR L 192 0.13 4.06 -4.04
N ALA L 193 1.42 4.06 -3.67
CA ALA L 193 2.22 5.27 -3.86
C ALA L 193 2.33 5.57 -5.35
N VAL L 194 2.52 4.53 -6.16
CA VAL L 194 2.59 4.71 -7.61
C VAL L 194 1.27 5.26 -8.11
N ARG L 195 0.16 4.75 -7.58
CA ARG L 195 -1.15 5.19 -8.06
C ARG L 195 -1.34 6.67 -7.77
N THR L 196 -0.92 7.11 -6.58
CA THR L 196 -1.11 8.51 -6.21
C THR L 196 -0.30 9.42 -7.13
N SER L 197 0.95 9.03 -7.42
CA SER L 197 1.76 9.85 -8.32
C SER L 197 1.14 9.89 -9.71
N ASP L 198 0.67 8.74 -10.21
CA ASP L 198 0.12 8.68 -11.55
C ASP L 198 -1.13 9.55 -11.63
N ALA L 199 -1.98 9.48 -10.61
CA ALA L 199 -3.22 10.25 -10.63
C ALA L 199 -2.89 11.73 -10.62
N GLY L 200 -1.92 12.15 -9.80
CA GLY L 200 -1.61 13.57 -9.72
C GLY L 200 -1.10 14.10 -11.04
N TYR L 201 -0.22 13.32 -11.71
CA TYR L 201 0.26 13.74 -13.02
C TYR L 201 -0.89 13.80 -14.01
N LEU L 202 -1.79 12.82 -13.97
CA LEU L 202 -2.87 12.78 -14.96
C LEU L 202 -3.76 14.00 -14.78
N THR L 203 -4.08 14.33 -13.52
CA THR L 203 -4.97 15.45 -13.27
C THR L 203 -4.32 16.75 -13.75
N ARG L 204 -3.02 16.91 -13.46
CA ARG L 204 -2.35 18.15 -13.85
C ARG L 204 -2.40 18.30 -15.36
N ARG L 205 -2.08 17.21 -16.08
CA ARG L 205 -2.01 17.31 -17.53
C ARG L 205 -3.40 17.57 -18.11
N LEU L 206 -4.43 16.88 -17.61
CA LEU L 206 -5.75 17.05 -18.19
C LEU L 206 -6.25 18.47 -17.97
N VAL L 207 -6.07 19.00 -16.76
CA VAL L 207 -6.54 20.35 -16.49
C VAL L 207 -5.78 21.34 -17.35
N GLU L 208 -4.47 21.13 -17.51
CA GLU L 208 -3.67 22.03 -18.32
C GLU L 208 -4.11 22.01 -19.77
N VAL L 209 -4.53 20.85 -20.27
CA VAL L 209 -5.11 20.75 -21.60
C VAL L 209 -6.44 21.50 -21.72
N VAL L 210 -7.31 21.40 -20.70
CA VAL L 210 -8.67 21.95 -20.85
C VAL L 210 -8.97 23.13 -19.93
N GLN L 211 -7.94 23.88 -19.54
CA GLN L 211 -8.17 25.07 -18.71
C GLN L 211 -8.99 26.15 -19.40
N HIS L 212 -9.15 26.09 -20.72
CA HIS L 212 -9.79 27.16 -21.47
C HIS L 212 -11.23 26.89 -21.90
N ILE L 213 -11.75 25.68 -21.70
CA ILE L 213 -13.11 25.38 -22.14
C ILE L 213 -14.07 25.98 -21.13
N VAL L 214 -14.66 27.12 -21.47
CA VAL L 214 -15.69 27.77 -20.68
C VAL L 214 -16.95 27.89 -21.53
N VAL L 215 -18.11 27.76 -20.89
CA VAL L 215 -19.38 27.94 -21.58
C VAL L 215 -19.58 29.42 -21.88
N ARG L 216 -19.14 29.85 -23.07
CA ARG L 216 -19.16 31.27 -23.43
C ARG L 216 -20.42 31.68 -24.19
N ARG L 217 -21.13 30.74 -24.80
CA ARG L 217 -22.22 31.06 -25.70
C ARG L 217 -23.43 30.19 -25.39
N THR L 218 -24.61 30.70 -25.73
CA THR L 218 -25.83 29.89 -25.62
C THR L 218 -25.90 28.82 -26.69
N ASP L 219 -25.71 29.20 -27.95
CA ASP L 219 -25.95 28.29 -29.07
C ASP L 219 -25.02 28.63 -30.22
N CYS L 220 -24.11 27.72 -30.54
CA CYS L 220 -23.23 27.90 -31.69
C CYS L 220 -23.94 27.69 -33.02
N GLY L 221 -25.20 27.26 -33.01
CA GLY L 221 -25.96 27.14 -34.23
C GLY L 221 -25.57 25.96 -35.10
N THR L 222 -24.99 24.92 -34.51
CA THR L 222 -24.60 23.75 -35.28
C THR L 222 -25.82 23.06 -35.89
N ILE L 223 -25.67 22.64 -37.14
CA ILE L 223 -26.76 22.02 -37.89
C ILE L 223 -26.66 20.50 -37.89
N ARG L 224 -25.74 19.93 -37.12
CA ARG L 224 -25.47 18.50 -37.16
C ARG L 224 -25.38 17.95 -35.74
N GLY L 225 -25.49 16.62 -35.65
CA GLY L 225 -25.43 15.95 -34.35
C GLY L 225 -24.77 14.60 -34.48
N ILE L 226 -24.28 14.11 -33.34
CA ILE L 226 -23.83 12.72 -33.25
C ILE L 226 -25.04 11.81 -33.16
N SER L 227 -25.11 10.82 -34.04
CA SER L 227 -26.18 9.83 -34.00
C SER L 227 -25.91 8.78 -32.93
N VAL L 228 -26.97 8.40 -32.23
CA VAL L 228 -26.94 7.34 -31.22
C VAL L 228 -28.08 6.38 -31.52
N SER L 229 -27.81 5.09 -31.33
CA SER L 229 -28.77 4.04 -31.65
C SER L 229 -28.34 2.77 -30.91
N PRO L 230 -29.24 1.80 -30.74
CA PRO L 230 -28.85 0.57 -30.04
C PRO L 230 -27.89 -0.30 -30.85
N GLU L 239 -27.65 -1.81 -22.24
CA GLU L 239 -28.59 -0.76 -22.60
C GLU L 239 -28.45 0.43 -21.65
N ARG L 240 -27.91 0.18 -20.46
CA ARG L 240 -27.66 1.26 -19.51
C ARG L 240 -26.72 2.31 -20.10
N ILE L 241 -25.82 1.91 -20.99
CA ILE L 241 -24.98 2.87 -21.69
C ILE L 241 -25.81 3.71 -22.66
N PHE L 242 -26.77 3.08 -23.32
CA PHE L 242 -27.68 3.81 -24.20
C PHE L 242 -28.51 4.81 -23.41
N ILE L 243 -28.77 4.54 -22.14
CA ILE L 243 -29.35 5.53 -21.24
C ILE L 243 -28.36 6.65 -20.96
N GLN L 244 -27.21 6.29 -20.36
CA GLN L 244 -26.28 7.29 -19.85
C GLN L 244 -25.74 8.20 -20.95
N THR L 245 -25.54 7.67 -22.16
CA THR L 245 -25.09 8.49 -23.29
C THR L 245 -26.14 9.49 -23.75
N LEU L 246 -27.39 9.35 -23.34
CA LEU L 246 -28.47 10.25 -23.73
C LEU L 246 -28.90 11.22 -22.64
N ILE L 247 -28.94 10.77 -21.39
CA ILE L 247 -29.55 11.56 -20.32
C ILE L 247 -28.79 12.87 -20.15
N GLY L 248 -29.53 13.98 -20.18
CA GLY L 248 -28.98 15.31 -20.09
C GLY L 248 -28.26 15.83 -21.31
N ARG L 249 -28.39 15.15 -22.45
CA ARG L 249 -28.02 15.74 -23.72
C ARG L 249 -29.15 16.61 -24.25
N VAL L 250 -28.88 17.32 -25.34
CA VAL L 250 -29.92 18.00 -26.10
C VAL L 250 -29.91 17.47 -27.53
N LEU L 251 -31.09 17.38 -28.13
CA LEU L 251 -31.23 16.85 -29.47
C LEU L 251 -30.77 17.85 -30.52
N ALA L 252 -30.03 17.36 -31.51
CA ALA L 252 -29.67 18.16 -32.67
C ALA L 252 -30.78 18.23 -33.70
N ASP L 253 -31.80 17.38 -33.58
CA ASP L 253 -32.88 17.32 -34.56
C ASP L 253 -34.12 16.75 -33.88
N ASP L 254 -35.26 16.96 -34.51
CA ASP L 254 -36.51 16.43 -34.01
C ASP L 254 -36.51 14.90 -34.04
N ILE L 255 -37.43 14.32 -33.26
CA ILE L 255 -37.78 12.91 -33.35
C ILE L 255 -39.29 12.82 -33.44
N TYR L 256 -39.78 11.98 -34.36
CA TYR L 256 -41.19 11.72 -34.57
C TYR L 256 -41.44 10.22 -34.49
N ILE L 257 -42.58 9.85 -33.90
CA ILE L 257 -43.06 8.48 -33.90
C ILE L 257 -44.25 8.42 -34.85
N GLY L 258 -44.01 7.99 -36.08
CA GLY L 258 -44.98 8.22 -37.13
C GLY L 258 -45.20 9.70 -37.35
N SER L 259 -46.48 10.11 -37.30
CA SER L 259 -46.80 11.53 -37.32
C SER L 259 -46.65 12.17 -35.95
N ARG L 260 -46.76 11.38 -34.88
CA ARG L 260 -46.65 11.90 -33.52
C ARG L 260 -45.26 12.47 -33.28
N CYS L 261 -45.13 13.79 -33.29
CA CYS L 261 -43.90 14.41 -32.80
C CYS L 261 -43.70 14.05 -31.33
N VAL L 262 -42.52 13.51 -31.03
CA VAL L 262 -42.22 13.08 -29.67
C VAL L 262 -41.10 13.92 -29.05
N ALA L 263 -40.19 14.46 -29.85
CA ALA L 263 -39.20 15.39 -29.31
C ALA L 263 -38.78 16.35 -30.40
N PHE L 264 -38.26 17.50 -29.97
CA PHE L 264 -38.01 18.62 -30.88
C PHE L 264 -36.58 19.10 -30.71
N ARG L 265 -36.07 19.76 -31.75
CA ARG L 265 -34.72 20.31 -31.75
C ARG L 265 -34.43 21.15 -30.51
N ASN L 266 -33.24 20.95 -29.95
CA ASN L 266 -32.76 21.61 -28.74
C ASN L 266 -33.58 21.30 -27.49
N GLN L 267 -34.49 20.32 -27.54
CA GLN L 267 -35.12 19.88 -26.31
C GLN L 267 -34.14 19.05 -25.48
N ASP L 268 -34.24 19.19 -24.16
CA ASP L 268 -33.48 18.34 -23.27
C ASP L 268 -33.99 16.91 -23.35
N LEU L 269 -33.07 15.95 -23.26
CA LEU L 269 -33.44 14.55 -23.01
C LEU L 269 -33.61 14.34 -21.52
N GLY L 270 -34.87 14.25 -21.08
CA GLY L 270 -35.19 13.67 -19.79
C GLY L 270 -35.33 12.16 -19.87
N ILE L 271 -35.44 11.54 -18.70
CA ILE L 271 -35.49 10.09 -18.62
C ILE L 271 -36.75 9.56 -19.30
N GLY L 272 -37.87 10.28 -19.16
CA GLY L 272 -39.09 9.87 -19.81
C GLY L 272 -38.99 9.84 -21.33
N LEU L 273 -38.25 10.79 -21.91
CA LEU L 273 -38.09 10.81 -23.35
C LEU L 273 -37.24 9.64 -23.83
N VAL L 274 -36.13 9.38 -23.15
CA VAL L 274 -35.32 8.21 -23.49
C VAL L 274 -36.12 6.93 -23.35
N ASN L 275 -36.93 6.84 -22.30
CA ASN L 275 -37.80 5.68 -22.13
C ASN L 275 -38.77 5.53 -23.29
N ARG L 276 -39.37 6.64 -23.75
CA ARG L 276 -40.21 6.59 -24.94
C ARG L 276 -39.43 6.11 -26.16
N PHE L 277 -38.23 6.64 -26.35
CA PHE L 277 -37.42 6.27 -27.52
C PHE L 277 -37.13 4.77 -27.53
N ILE L 278 -36.65 4.24 -26.41
CA ILE L 278 -36.38 2.81 -26.34
C ILE L 278 -37.65 1.97 -26.34
N THR L 279 -38.79 2.56 -25.97
CA THR L 279 -40.06 1.84 -26.10
C THR L 279 -40.47 1.69 -27.55
N PHE L 280 -40.43 2.78 -28.31
CA PHE L 280 -40.91 2.78 -29.68
C PHE L 280 -39.81 2.53 -30.71
N GLY L 281 -38.59 2.26 -30.26
CA GLY L 281 -37.54 1.87 -31.20
C GLY L 281 -37.03 2.97 -32.09
N THR L 282 -37.15 4.23 -31.67
CA THR L 282 -36.67 5.33 -32.50
C THR L 282 -35.15 5.38 -32.47
N GLN L 283 -34.51 4.70 -33.43
CA GLN L 283 -33.08 4.83 -33.66
C GLN L 283 -32.73 6.19 -34.27
N SER L 284 -31.43 6.42 -34.43
CA SER L 284 -30.88 7.67 -34.97
C SER L 284 -31.15 8.87 -34.07
N ILE L 285 -31.32 8.66 -32.76
CA ILE L 285 -31.41 9.79 -31.84
C ILE L 285 -30.17 10.66 -31.99
N SER L 286 -30.35 11.90 -32.42
CA SER L 286 -29.23 12.75 -32.79
C SER L 286 -29.05 13.82 -31.71
N ILE L 287 -27.86 13.84 -31.11
CA ILE L 287 -27.60 14.68 -29.93
C ILE L 287 -26.39 15.56 -30.18
N ARG L 288 -26.44 16.76 -29.58
CA ARG L 288 -25.36 17.75 -29.68
C ARG L 288 -24.31 17.48 -28.61
N THR L 289 -23.46 16.51 -28.89
CA THR L 289 -22.27 16.28 -28.07
C THR L 289 -21.25 17.38 -28.32
N PRO L 290 -20.24 17.51 -27.45
CA PRO L 290 -19.17 18.50 -27.70
C PRO L 290 -18.49 18.32 -29.05
N PHE L 291 -18.45 17.10 -29.59
CA PHE L 291 -17.91 16.88 -30.92
C PHE L 291 -18.70 17.62 -31.99
N THR L 292 -19.96 17.94 -31.71
CA THR L 292 -20.82 18.63 -32.69
C THR L 292 -20.59 20.13 -32.72
N CYS L 293 -19.81 20.67 -31.79
CA CYS L 293 -19.75 22.12 -31.62
C CYS L 293 -18.86 22.74 -32.70
N ARG L 294 -19.10 24.02 -32.96
CA ARG L 294 -18.40 24.75 -34.01
C ARG L 294 -17.19 25.52 -33.49
N SER L 295 -16.82 25.34 -32.22
CA SER L 295 -15.63 25.95 -31.68
C SER L 295 -14.82 24.91 -30.91
N THR L 296 -13.50 25.00 -31.00
CA THR L 296 -12.60 24.20 -30.18
C THR L 296 -12.02 24.97 -29.00
N SER L 297 -12.26 26.28 -28.93
CA SER L 297 -11.68 27.12 -27.90
C SER L 297 -12.70 27.52 -26.83
N TRP L 298 -13.96 27.12 -27.00
CA TRP L 298 -15.00 27.28 -26.00
C TRP L 298 -16.17 26.41 -26.40
N ILE L 299 -17.11 26.24 -25.47
CA ILE L 299 -18.28 25.41 -25.68
C ILE L 299 -19.52 26.25 -25.43
N CYS L 300 -20.61 25.91 -26.11
CA CYS L 300 -21.88 26.57 -25.91
C CYS L 300 -22.83 25.64 -25.15
N ARG L 301 -23.64 26.23 -24.28
CA ARG L 301 -24.33 25.47 -23.23
C ARG L 301 -25.16 24.32 -23.81
N LEU L 302 -25.79 24.53 -24.98
CA LEU L 302 -26.57 23.45 -25.58
C LEU L 302 -25.70 22.23 -25.89
N CYS L 303 -24.52 22.44 -26.45
CA CYS L 303 -23.65 21.30 -26.78
C CYS L 303 -23.09 20.62 -25.55
N TYR L 304 -23.25 21.20 -24.36
CA TYR L 304 -22.88 20.52 -23.13
C TYR L 304 -24.09 19.90 -22.43
N GLY L 305 -25.25 20.53 -22.52
CA GLY L 305 -26.47 19.99 -21.95
C GLY L 305 -26.70 20.31 -20.50
N ARG L 306 -27.32 19.38 -19.78
CA ARG L 306 -27.71 19.62 -18.40
C ARG L 306 -26.50 19.90 -17.51
N SER L 307 -26.68 20.81 -16.56
CA SER L 307 -25.59 21.21 -15.68
C SER L 307 -25.08 20.00 -14.90
N PRO L 308 -23.78 19.96 -14.58
CA PRO L 308 -23.28 18.93 -13.66
C PRO L 308 -23.97 18.91 -12.30
N THR L 309 -24.62 20.01 -11.90
CA THR L 309 -25.15 20.10 -10.55
C THR L 309 -26.50 20.82 -10.48
N HIS L 310 -27.23 20.89 -11.60
CA HIS L 310 -28.58 21.44 -11.61
C HIS L 310 -29.41 20.67 -12.63
N GLY L 311 -30.74 20.81 -12.49
CA GLY L 311 -31.66 20.22 -13.44
C GLY L 311 -31.78 20.93 -14.77
N ASP L 312 -31.39 22.20 -14.83
CA ASP L 312 -31.48 22.97 -16.07
C ASP L 312 -30.18 22.90 -16.84
N LEU L 313 -30.16 23.59 -17.99
CA LEU L 313 -28.95 23.68 -18.81
C LEU L 313 -27.74 24.07 -17.99
N VAL L 314 -26.57 23.65 -18.46
CA VAL L 314 -25.33 24.16 -17.91
C VAL L 314 -25.29 25.68 -18.08
N GLU L 315 -24.48 26.33 -17.25
CA GLU L 315 -24.61 27.75 -16.97
C GLU L 315 -23.49 28.53 -17.64
N LEU L 316 -23.86 29.65 -18.28
CA LEU L 316 -22.88 30.47 -18.96
C LEU L 316 -21.81 30.95 -17.99
N GLY L 317 -20.55 30.72 -18.36
CA GLY L 317 -19.41 30.99 -17.50
C GLY L 317 -18.89 29.79 -16.74
N GLU L 318 -19.64 28.69 -16.68
CA GLU L 318 -19.19 27.50 -15.97
C GLU L 318 -17.91 26.95 -16.61
N ALA L 319 -16.91 26.69 -15.78
CA ALA L 319 -15.63 26.17 -16.25
C ALA L 319 -15.72 24.68 -16.52
N VAL L 320 -16.65 24.28 -17.38
CA VAL L 320 -16.93 22.85 -17.62
C VAL L 320 -15.68 22.11 -18.09
N GLY L 321 -14.73 22.82 -18.71
CA GLY L 321 -13.45 22.22 -19.01
C GLY L 321 -12.72 21.72 -17.78
N ILE L 322 -12.43 22.63 -16.85
CA ILE L 322 -11.69 22.26 -15.65
C ILE L 322 -12.49 21.34 -14.75
N ILE L 323 -13.81 21.51 -14.72
CA ILE L 323 -14.68 20.55 -14.04
C ILE L 323 -14.54 19.16 -14.62
N ALA L 324 -14.49 19.04 -15.95
CA ALA L 324 -14.27 17.75 -16.57
C ALA L 324 -12.89 17.20 -16.23
N GLY L 325 -11.86 18.05 -16.31
CA GLY L 325 -10.52 17.61 -16.00
C GLY L 325 -10.40 17.04 -14.60
N GLN L 326 -10.95 17.75 -13.62
CA GLN L 326 -10.99 17.21 -12.25
C GLN L 326 -11.82 15.93 -12.16
N SER L 327 -13.03 15.94 -12.74
CA SER L 327 -13.92 14.80 -12.62
C SER L 327 -13.36 13.55 -13.29
N ILE L 328 -12.38 13.70 -14.18
CA ILE L 328 -11.68 12.54 -14.72
C ILE L 328 -10.41 12.23 -13.93
N GLY L 329 -9.67 13.25 -13.49
CA GLY L 329 -8.42 13.00 -12.80
C GLY L 329 -8.60 12.37 -11.43
N GLU L 330 -9.52 12.90 -10.63
CA GLU L 330 -9.67 12.44 -9.26
C GLU L 330 -10.17 10.99 -9.13
N PRO L 331 -11.08 10.49 -9.97
CA PRO L 331 -11.38 9.05 -9.90
C PRO L 331 -10.20 8.16 -10.25
N GLY L 332 -9.16 8.70 -10.89
CA GLY L 332 -7.95 7.94 -11.12
C GLY L 332 -7.30 7.40 -9.87
N THR L 333 -7.57 8.02 -8.71
CA THR L 333 -7.09 7.48 -7.44
C THR L 333 -7.71 6.14 -7.10
N GLN L 334 -8.87 5.82 -7.69
CA GLN L 334 -9.61 4.62 -7.31
C GLN L 334 -9.37 3.43 -8.23
N LEU L 335 -8.81 3.66 -9.41
CA LEU L 335 -8.59 2.57 -10.36
C LEU L 335 -7.52 1.62 -9.85
N THR L 336 -7.68 0.34 -10.17
CA THR L 336 -6.72 -0.68 -9.74
C THR L 336 -6.32 -1.58 -10.90
N ALA L 351 -12.67 -19.65 -14.48
CA ALA L 351 -13.59 -20.78 -14.63
C ALA L 351 -14.42 -20.98 -13.37
N GLU L 352 -15.71 -21.24 -13.53
CA GLU L 352 -16.56 -21.61 -12.42
C GLU L 352 -16.36 -23.08 -12.07
N HIS L 353 -16.47 -23.38 -10.78
CA HIS L 353 -16.46 -24.75 -10.29
C HIS L 353 -17.87 -25.20 -9.96
N VAL L 354 -18.28 -26.33 -10.52
CA VAL L 354 -19.51 -27.00 -10.11
C VAL L 354 -19.16 -27.90 -8.92
N ARG L 355 -19.95 -27.77 -7.86
CA ARG L 355 -19.69 -28.46 -6.60
C ARG L 355 -20.91 -29.26 -6.21
N ALA L 356 -20.69 -30.43 -5.62
CA ALA L 356 -21.79 -31.31 -5.27
C ALA L 356 -22.68 -30.64 -4.24
N PRO L 357 -23.97 -30.41 -4.55
CA PRO L 357 -24.87 -29.80 -3.56
C PRO L 357 -25.32 -30.77 -2.48
N TYR L 358 -25.04 -32.07 -2.63
CA TYR L 358 -25.51 -33.07 -1.68
C TYR L 358 -24.45 -34.14 -1.52
N ASN L 359 -24.43 -34.76 -0.34
CA ASN L 359 -23.75 -36.04 -0.20
C ASN L 359 -24.48 -37.11 -0.98
N GLY L 360 -23.72 -38.07 -1.49
CA GLY L 360 -24.33 -39.22 -2.14
C GLY L 360 -23.36 -39.90 -3.08
N LYS L 361 -23.93 -40.69 -3.99
CA LYS L 361 -23.17 -41.40 -5.01
C LYS L 361 -23.31 -40.71 -6.36
N ILE L 362 -22.18 -40.29 -6.93
CA ILE L 362 -22.18 -39.80 -8.30
C ILE L 362 -22.53 -40.93 -9.26
N LYS L 363 -23.36 -40.63 -10.25
CA LYS L 363 -23.69 -41.58 -11.32
C LYS L 363 -23.69 -40.87 -12.66
N PHE L 364 -22.94 -41.41 -13.62
CA PHE L 364 -23.05 -40.96 -15.01
C PHE L 364 -22.42 -42.00 -15.91
N ASN L 365 -22.81 -41.98 -17.18
CA ASN L 365 -22.20 -42.84 -18.19
C ASN L 365 -20.89 -42.19 -18.63
N GLU L 366 -19.77 -42.69 -18.10
CA GLU L 366 -18.46 -42.11 -18.37
C GLU L 366 -17.92 -42.45 -19.75
N ASP L 367 -18.64 -43.24 -20.54
CA ASP L 367 -18.25 -43.46 -21.94
C ASP L 367 -18.59 -42.27 -22.84
N LEU L 368 -19.47 -41.38 -22.39
CA LEU L 368 -19.86 -40.21 -23.17
C LEU L 368 -18.81 -39.11 -23.19
N VAL L 369 -17.74 -39.24 -22.40
CA VAL L 369 -16.82 -38.15 -22.13
C VAL L 369 -15.39 -38.62 -22.37
N HIS L 370 -14.53 -37.68 -22.79
CA HIS L 370 -13.18 -38.03 -23.20
C HIS L 370 -12.24 -38.06 -22.00
N PRO L 371 -11.31 -39.00 -21.92
CA PRO L 371 -10.28 -38.92 -20.87
C PRO L 371 -9.33 -37.76 -21.10
N THR L 372 -8.83 -37.19 -20.01
CA THR L 372 -7.85 -36.14 -20.08
C THR L 372 -7.01 -36.11 -18.81
N ARG L 373 -5.88 -35.42 -18.88
CA ARG L 373 -5.09 -35.06 -17.71
C ARG L 373 -5.36 -33.59 -17.35
N THR L 374 -5.75 -33.36 -16.10
CA THR L 374 -6.07 -32.02 -15.65
C THR L 374 -4.78 -31.18 -15.54
N ARG L 375 -4.97 -29.86 -15.49
CA ARG L 375 -3.90 -28.92 -15.18
C ARG L 375 -3.12 -29.29 -13.93
N HIS L 376 -3.67 -30.12 -13.06
CA HIS L 376 -3.02 -30.55 -11.83
C HIS L 376 -2.48 -31.98 -11.91
N GLY L 377 -2.47 -32.57 -13.10
CA GLY L 377 -2.05 -33.94 -13.28
C GLY L 377 -3.07 -34.99 -12.90
N HIS L 378 -4.13 -34.61 -12.18
CA HIS L 378 -5.21 -35.54 -11.92
C HIS L 378 -5.80 -36.03 -13.23
N PRO L 379 -6.13 -37.32 -13.35
CA PRO L 379 -7.02 -37.75 -14.42
C PRO L 379 -8.39 -37.10 -14.26
N ALA L 380 -9.04 -36.85 -15.39
CA ALA L 380 -10.37 -36.25 -15.40
C ALA L 380 -11.05 -36.62 -16.71
N PHE L 381 -12.33 -36.30 -16.80
CA PHE L 381 -13.06 -36.39 -18.05
C PHE L 381 -13.29 -35.00 -18.59
N LEU L 382 -13.07 -34.80 -19.87
CA LEU L 382 -13.37 -33.56 -20.56
C LEU L 382 -14.56 -33.81 -21.46
N CYS L 383 -15.60 -32.98 -21.32
CA CYS L 383 -16.85 -33.19 -22.01
C CYS L 383 -17.18 -31.98 -22.87
N TYR L 384 -17.78 -32.27 -24.03
CA TYR L 384 -18.22 -31.28 -24.99
C TYR L 384 -19.69 -31.51 -25.33
N ILE L 385 -20.46 -31.92 -24.32
CA ILE L 385 -21.90 -32.13 -24.44
C ILE L 385 -22.57 -31.63 -23.17
N ASP L 386 -23.89 -31.45 -23.24
CA ASP L 386 -24.70 -31.38 -22.03
C ASP L 386 -24.74 -32.77 -21.38
N LEU L 387 -24.09 -32.92 -20.24
CA LEU L 387 -24.03 -34.18 -19.52
C LEU L 387 -24.90 -34.10 -18.27
N SER L 388 -25.76 -35.09 -18.08
CA SER L 388 -26.57 -35.19 -16.87
C SER L 388 -25.87 -36.12 -15.88
N VAL L 389 -25.61 -35.62 -14.68
CA VAL L 389 -24.96 -36.37 -13.61
C VAL L 389 -25.96 -36.54 -12.49
N ILE L 390 -26.19 -37.76 -12.10
CA ILE L 390 -27.05 -38.06 -10.96
C ILE L 390 -26.22 -38.01 -9.69
N ILE L 391 -26.86 -37.61 -8.59
CA ILE L 391 -26.32 -37.75 -7.25
C ILE L 391 -27.37 -38.50 -6.46
N GLU L 392 -27.13 -39.80 -6.23
CA GLU L 392 -28.00 -40.63 -5.40
C GLU L 392 -27.73 -40.25 -3.96
N SER L 393 -28.55 -39.35 -3.42
CA SER L 393 -28.37 -38.88 -2.06
C SER L 393 -29.11 -39.81 -1.10
N GLU L 394 -29.02 -39.49 0.20
CA GLU L 394 -29.70 -40.29 1.21
C GLU L 394 -31.22 -40.14 1.15
N ASP L 395 -31.74 -39.11 0.47
CA ASP L 395 -33.18 -38.95 0.32
C ASP L 395 -33.67 -39.19 -1.11
N ILE L 396 -33.15 -38.46 -2.10
CA ILE L 396 -33.61 -38.62 -3.48
C ILE L 396 -32.43 -38.60 -4.45
N ILE L 397 -32.73 -39.02 -5.67
CA ILE L 397 -31.84 -38.93 -6.84
C ILE L 397 -31.81 -37.49 -7.34
N HIS L 398 -31.01 -36.66 -6.68
CA HIS L 398 -30.75 -35.31 -7.20
C HIS L 398 -30.00 -35.39 -8.54
N SER L 399 -29.96 -34.26 -9.25
CA SER L 399 -29.28 -34.25 -10.54
C SER L 399 -28.62 -32.90 -10.77
N VAL L 400 -27.58 -32.93 -11.61
CA VAL L 400 -26.78 -31.76 -11.96
C VAL L 400 -26.54 -31.79 -13.48
N THR L 401 -26.58 -30.62 -14.10
CA THR L 401 -26.27 -30.51 -15.52
C THR L 401 -24.88 -29.91 -15.70
N ILE L 402 -24.06 -30.59 -16.49
CA ILE L 402 -22.67 -30.23 -16.76
C ILE L 402 -22.59 -29.73 -18.19
N PRO L 403 -22.09 -28.52 -18.43
CA PRO L 403 -22.09 -27.95 -19.78
C PRO L 403 -20.98 -28.55 -20.62
N PRO L 404 -21.06 -28.41 -21.95
CA PRO L 404 -19.93 -28.74 -22.82
C PRO L 404 -18.71 -27.88 -22.53
N LYS L 405 -17.55 -28.39 -22.95
CA LYS L 405 -16.26 -27.75 -22.68
C LYS L 405 -15.99 -27.63 -21.18
N SER L 406 -16.16 -28.75 -20.47
CA SER L 406 -15.89 -28.71 -19.04
C SER L 406 -15.21 -29.99 -18.57
N PHE L 407 -14.44 -29.85 -17.49
CA PHE L 407 -13.66 -30.95 -16.89
C PHE L 407 -14.43 -31.51 -15.71
N LEU L 408 -15.10 -32.63 -15.93
CA LEU L 408 -15.72 -33.41 -14.86
C LEU L 408 -14.63 -34.19 -14.13
N LEU L 409 -14.41 -33.84 -12.86
CA LEU L 409 -13.31 -34.39 -12.06
C LEU L 409 -13.67 -35.72 -11.41
N VAL L 410 -14.90 -36.21 -11.58
CA VAL L 410 -15.42 -37.32 -10.77
C VAL L 410 -15.67 -38.48 -11.72
N GLN L 411 -16.17 -39.60 -11.20
CA GLN L 411 -16.17 -40.86 -11.92
C GLN L 411 -17.38 -41.69 -11.54
N ASN L 412 -17.72 -42.64 -12.41
CA ASN L 412 -19.04 -43.25 -12.55
C ASN L 412 -19.74 -43.63 -11.25
N ASP L 413 -18.98 -44.00 -10.22
CA ASP L 413 -19.60 -44.49 -9.00
C ASP L 413 -19.00 -43.86 -7.75
N GLN L 414 -18.32 -42.72 -7.90
CA GLN L 414 -17.59 -42.12 -6.79
C GLN L 414 -18.55 -41.61 -5.73
N TYR L 415 -18.22 -41.87 -4.47
CA TYR L 415 -18.86 -41.18 -3.37
C TYR L 415 -18.42 -39.73 -3.33
N VAL L 416 -19.38 -38.82 -3.23
CA VAL L 416 -19.10 -37.39 -3.22
C VAL L 416 -19.73 -36.77 -1.98
N GLU L 417 -19.07 -35.75 -1.44
CA GLU L 417 -19.50 -35.07 -0.24
C GLU L 417 -19.94 -33.65 -0.59
N SER L 418 -20.91 -33.14 0.16
CA SER L 418 -21.48 -31.84 -0.13
C SER L 418 -20.39 -30.77 -0.15
N GLU L 419 -20.50 -29.83 -1.08
CA GLU L 419 -19.58 -28.74 -1.37
C GLU L 419 -18.24 -29.21 -1.96
N GLN L 420 -18.05 -30.50 -2.18
CA GLN L 420 -16.88 -30.96 -2.92
C GLN L 420 -16.97 -30.52 -4.37
N VAL L 421 -15.85 -30.07 -4.93
CA VAL L 421 -15.82 -29.72 -6.34
C VAL L 421 -15.96 -30.99 -7.17
N ILE L 422 -16.94 -30.98 -8.08
CA ILE L 422 -17.13 -32.09 -8.99
C ILE L 422 -16.74 -31.76 -10.43
N ALA L 423 -16.77 -30.48 -10.82
CA ALA L 423 -16.36 -30.16 -12.18
C ALA L 423 -15.79 -28.74 -12.21
N GLU L 424 -15.03 -28.46 -13.27
CA GLU L 424 -14.50 -27.13 -13.52
C GLU L 424 -14.85 -26.72 -14.95
N ILE L 425 -15.36 -25.51 -15.10
CA ILE L 425 -15.82 -25.04 -16.39
C ILE L 425 -14.86 -24.00 -16.96
N LYS L 435 -1.11 -13.31 -21.22
CA LYS L 435 -0.42 -14.42 -20.57
C LYS L 435 1.01 -14.04 -20.20
N GLU L 436 1.62 -14.83 -19.32
CA GLU L 436 3.07 -14.85 -19.14
C GLU L 436 3.59 -16.25 -19.35
N ARG L 437 4.85 -16.36 -19.78
CA ARG L 437 5.53 -17.64 -19.80
C ARG L 437 6.74 -17.57 -18.89
N VAL L 438 6.78 -18.46 -17.89
CA VAL L 438 7.69 -18.33 -16.75
C VAL L 438 8.48 -19.61 -16.62
N ARG L 439 9.76 -19.48 -16.27
CA ARG L 439 10.59 -20.64 -15.97
C ARG L 439 10.23 -21.21 -14.60
N LYS L 440 10.09 -22.53 -14.54
CA LYS L 440 10.09 -23.27 -13.29
C LYS L 440 11.34 -24.13 -13.21
N TYR L 441 12.06 -24.03 -12.10
CA TYR L 441 13.25 -24.82 -11.85
C TYR L 441 12.92 -25.99 -10.92
N ILE L 442 13.26 -27.19 -11.35
CA ILE L 442 13.42 -28.30 -10.41
C ILE L 442 14.82 -28.23 -9.83
N TYR L 443 14.92 -28.40 -8.51
CA TYR L 443 16.21 -28.50 -7.84
C TYR L 443 16.44 -29.94 -7.37
N SER L 444 17.67 -30.41 -7.54
CA SER L 444 18.04 -31.74 -7.10
C SER L 444 17.89 -31.87 -5.59
N ASP L 445 16.91 -32.66 -5.14
CA ASP L 445 16.63 -32.74 -3.71
C ASP L 445 17.68 -33.50 -2.95
N SER L 446 18.59 -34.19 -3.65
CA SER L 446 19.74 -34.83 -3.03
C SER L 446 20.93 -34.71 -3.97
N GLU L 447 22.12 -34.88 -3.42
CA GLU L 447 23.29 -35.15 -4.24
C GLU L 447 23.17 -36.51 -4.92
N GLY L 448 23.80 -36.63 -6.08
CA GLY L 448 23.67 -37.84 -6.87
C GLY L 448 24.08 -37.59 -8.31
N GLU L 449 23.86 -38.61 -9.13
CA GLU L 449 24.19 -38.56 -10.55
C GLU L 449 22.92 -38.66 -11.39
N MET L 450 22.95 -37.98 -12.55
CA MET L 450 21.81 -37.93 -13.45
C MET L 450 21.80 -39.12 -14.39
N HIS L 451 20.62 -39.75 -14.52
CA HIS L 451 20.37 -40.80 -15.50
C HIS L 451 19.10 -40.50 -16.28
N TRP L 452 19.12 -40.79 -17.59
CA TRP L 452 17.92 -40.71 -18.42
C TRP L 452 17.95 -41.91 -19.37
N SER L 453 17.07 -42.88 -19.11
CA SER L 453 17.07 -44.09 -19.92
C SER L 453 16.76 -43.78 -21.38
N THR L 454 15.73 -42.99 -21.63
CA THR L 454 15.25 -42.72 -22.97
C THR L 454 14.43 -41.44 -22.95
N ASP L 455 14.13 -40.94 -24.15
CA ASP L 455 13.26 -39.79 -24.44
C ASP L 455 13.93 -38.46 -24.16
N VAL L 456 15.23 -38.44 -23.90
CA VAL L 456 16.00 -37.22 -23.79
C VAL L 456 17.05 -37.24 -24.89
N SER L 457 17.25 -36.11 -25.55
CA SER L 457 18.18 -36.08 -26.67
C SER L 457 19.61 -36.20 -26.15
N HIS L 458 20.41 -36.99 -26.84
CA HIS L 458 21.77 -37.23 -26.38
C HIS L 458 22.73 -36.14 -26.79
N ALA L 459 22.24 -35.10 -27.46
CA ALA L 459 23.07 -34.04 -27.98
C ALA L 459 22.67 -32.72 -27.35
N PRO L 460 23.63 -31.95 -26.81
CA PRO L 460 23.28 -30.70 -26.14
C PRO L 460 22.55 -29.75 -27.07
N GLU L 461 21.81 -28.82 -26.48
CA GLU L 461 21.09 -27.84 -27.29
C GLU L 461 22.04 -27.00 -28.14
N PHE L 462 23.14 -26.57 -27.54
CA PHE L 462 24.15 -25.80 -28.26
C PHE L 462 25.52 -26.30 -27.86
N THR L 463 26.34 -26.63 -28.86
CA THR L 463 27.69 -27.17 -28.63
C THR L 463 28.39 -26.41 -27.51
N TYR L 464 28.98 -27.19 -26.58
CA TYR L 464 29.73 -26.70 -25.44
C TYR L 464 28.77 -26.29 -24.33
N SER L 465 27.64 -27.00 -24.23
CA SER L 465 26.66 -26.79 -23.17
C SER L 465 26.26 -28.15 -22.61
N ASN L 466 25.80 -28.14 -21.36
CA ASN L 466 25.33 -29.34 -20.70
C ASN L 466 23.81 -29.43 -20.69
N VAL L 467 23.14 -28.53 -21.39
CA VAL L 467 21.68 -28.45 -21.38
C VAL L 467 21.14 -29.28 -22.54
N HIS L 468 20.32 -30.26 -22.21
CA HIS L 468 19.80 -31.22 -23.18
C HIS L 468 18.30 -31.05 -23.31
N LEU L 469 17.80 -31.04 -24.55
CA LEU L 469 16.38 -30.81 -24.76
C LEU L 469 15.60 -32.10 -24.56
N LEU L 470 14.34 -31.95 -24.17
CA LEU L 470 13.46 -33.10 -24.03
C LEU L 470 12.49 -33.14 -25.20
N PRO L 471 12.63 -34.10 -26.13
CA PRO L 471 11.66 -34.18 -27.23
C PRO L 471 10.35 -34.83 -26.83
N LYS L 472 10.34 -35.64 -25.77
CA LYS L 472 9.13 -36.26 -25.24
C LYS L 472 9.24 -36.26 -23.73
N THR L 473 8.14 -36.59 -23.05
CA THR L 473 8.20 -36.74 -21.61
C THR L 473 9.15 -37.85 -21.20
N SER L 474 9.83 -37.65 -20.08
CA SER L 474 10.71 -38.68 -19.54
C SER L 474 10.81 -38.48 -18.04
N HIS L 475 11.47 -39.43 -17.38
CA HIS L 475 11.92 -39.25 -16.01
C HIS L 475 13.43 -39.07 -16.02
N LEU L 476 13.91 -37.98 -15.43
CA LEU L 476 15.30 -37.86 -15.04
C LEU L 476 15.46 -38.48 -13.66
N TRP L 477 16.30 -39.49 -13.54
CA TRP L 477 16.58 -40.09 -12.25
C TRP L 477 17.82 -39.48 -11.66
N ILE L 478 17.76 -39.15 -10.38
CA ILE L 478 18.97 -38.84 -9.61
C ILE L 478 19.27 -40.05 -8.74
N LEU L 479 20.37 -40.74 -9.05
CA LEU L 479 20.85 -41.82 -8.21
C LEU L 479 21.67 -41.25 -7.07
N SER L 480 21.29 -41.58 -5.84
CA SER L 480 21.91 -41.01 -4.67
C SER L 480 23.37 -41.44 -4.55
N GLY L 481 24.14 -40.61 -3.85
CA GLY L 481 25.54 -40.90 -3.62
C GLY L 481 26.22 -39.79 -2.85
N GLY L 482 27.12 -40.14 -1.94
CA GLY L 482 27.85 -39.14 -1.18
C GLY L 482 29.01 -38.55 -1.96
N SER L 483 28.99 -37.23 -2.15
CA SER L 483 30.09 -36.55 -2.82
C SER L 483 31.30 -36.46 -1.89
N CYS L 484 32.42 -36.03 -2.47
CA CYS L 484 33.55 -35.58 -1.66
C CYS L 484 33.97 -34.16 -2.02
N ILE L 489 41.02 -35.84 -2.73
CA ILE L 489 41.15 -37.24 -3.08
C ILE L 489 42.47 -37.49 -3.79
N LEU L 490 43.24 -38.44 -3.28
CA LEU L 490 44.44 -38.94 -3.96
C LEU L 490 43.99 -39.88 -5.07
N PHE L 491 43.69 -39.29 -6.23
CA PHE L 491 43.15 -40.05 -7.36
C PHE L 491 44.09 -41.14 -7.85
N SER L 492 45.36 -41.13 -7.45
CA SER L 492 46.22 -42.28 -7.65
C SER L 492 45.72 -43.50 -6.87
N ILE L 493 45.46 -43.31 -5.58
CA ILE L 493 45.23 -44.45 -4.70
C ILE L 493 43.74 -44.80 -4.58
N HIS L 494 42.85 -43.83 -4.75
CA HIS L 494 41.42 -44.10 -4.77
C HIS L 494 41.00 -44.43 -6.19
N LYS L 495 40.50 -45.65 -6.40
CA LYS L 495 40.00 -46.09 -7.68
C LYS L 495 38.58 -46.62 -7.51
N ASP L 496 37.93 -46.86 -8.64
CA ASP L 496 36.56 -47.36 -8.64
C ASP L 496 36.43 -48.65 -7.84
N GLN L 497 35.35 -48.74 -7.07
CA GLN L 497 34.96 -49.87 -6.22
C GLN L 497 35.91 -50.10 -5.04
N ASP L 498 36.83 -49.19 -4.77
CA ASP L 498 37.62 -49.28 -3.56
C ASP L 498 36.72 -49.09 -2.34
N GLN L 499 36.90 -49.93 -1.33
CA GLN L 499 36.05 -49.93 -0.15
C GLN L 499 36.76 -49.15 0.95
N MET L 500 36.30 -47.94 1.21
CA MET L 500 36.87 -47.10 2.25
C MET L 500 36.23 -47.45 3.59
N ASN L 501 37.04 -48.02 4.50
CA ASN L 501 36.61 -48.25 5.86
C ASN L 501 36.99 -47.08 6.77
N ILE L 502 38.17 -46.51 6.57
CA ILE L 502 38.52 -45.19 7.11
C ILE L 502 37.71 -44.12 6.40
N PRO L 503 37.30 -43.03 7.09
CA PRO L 503 36.54 -41.93 6.52
C PRO L 503 37.07 -41.43 5.18
N TYR L 558 82.44 -14.52 26.56
CA TYR L 558 82.78 -13.66 27.69
C TYR L 558 84.18 -13.94 28.22
N SER L 559 84.70 -15.12 27.90
CA SER L 559 86.12 -15.39 28.14
C SER L 559 86.99 -14.58 27.18
N ALA L 560 88.19 -14.24 27.64
CA ALA L 560 89.10 -13.44 26.83
C ALA L 560 89.41 -14.09 25.49
N ILE L 561 89.44 -15.42 25.45
CA ILE L 561 89.60 -16.14 24.20
C ILE L 561 88.49 -15.77 23.22
N PHE L 562 87.24 -15.81 23.69
CA PHE L 562 86.14 -15.61 22.78
C PHE L 562 85.93 -14.17 22.36
N HIS L 563 86.61 -13.21 22.98
CA HIS L 563 86.64 -11.85 22.43
C HIS L 563 87.26 -11.83 21.05
N GLU L 564 88.27 -12.66 20.81
CA GLU L 564 88.89 -12.77 19.50
C GLU L 564 88.43 -14.00 18.73
N ASN L 565 87.73 -14.94 19.37
CA ASN L 565 87.46 -16.25 18.77
C ASN L 565 85.99 -16.65 18.83
N SER L 566 85.07 -15.71 19.09
CA SER L 566 83.65 -16.07 19.04
C SER L 566 83.19 -16.53 17.67
N ASP L 567 84.01 -16.37 16.62
CA ASP L 567 83.73 -17.00 15.34
C ASP L 567 83.81 -18.52 15.39
N LEU L 568 84.36 -19.10 16.44
CA LEU L 568 84.29 -20.56 16.61
C LEU L 568 82.97 -21.02 17.20
N LEU L 569 82.19 -20.12 17.79
CA LEU L 569 80.85 -20.46 18.27
C LEU L 569 79.79 -20.23 17.21
N ALA L 570 80.03 -19.30 16.29
CA ALA L 570 79.16 -19.14 15.13
C ALA L 570 79.20 -20.36 14.24
N LYS L 571 78.23 -20.46 13.34
CA LYS L 571 78.20 -21.55 12.37
C LYS L 571 77.44 -21.09 11.14
N ARG L 572 77.82 -21.64 9.98
CA ARG L 572 77.10 -21.36 8.75
C ARG L 572 76.81 -22.68 8.05
N ARG L 573 75.57 -22.82 7.57
CA ARG L 573 75.12 -24.06 6.95
C ARG L 573 74.55 -23.80 5.57
N ARG L 574 73.86 -24.79 5.00
CA ARG L 574 73.39 -24.69 3.61
C ARG L 574 72.52 -23.46 3.37
N ASN L 575 71.62 -23.13 4.29
CA ASN L 575 70.88 -21.88 4.19
C ASN L 575 70.65 -21.28 5.56
N ARG L 576 71.67 -21.30 6.41
CA ARG L 576 71.51 -20.92 7.81
C ARG L 576 72.80 -20.28 8.28
N PHE L 577 72.69 -19.47 9.33
CA PHE L 577 73.85 -19.26 10.19
C PHE L 577 73.40 -18.90 11.60
N LEU L 578 74.30 -19.17 12.53
CA LEU L 578 74.18 -18.82 13.94
C LEU L 578 75.30 -17.87 14.29
N ILE L 579 74.96 -16.76 14.95
CA ILE L 579 75.95 -15.82 15.49
C ILE L 579 75.70 -15.61 16.96
N PRO L 580 76.72 -15.70 17.81
CA PRO L 580 76.55 -15.44 19.24
C PRO L 580 76.12 -14.02 19.55
N PHE L 581 75.44 -13.85 20.69
CA PHE L 581 75.11 -12.55 21.27
C PHE L 581 75.65 -12.49 22.69
N GLN L 582 76.32 -11.38 23.01
CA GLN L 582 76.86 -11.15 24.34
C GLN L 582 76.74 -9.68 24.73
N ILE L 594 74.44 -8.34 21.53
CA ILE L 594 75.36 -8.01 20.46
C ILE L 594 76.57 -8.92 20.52
N PRO L 595 77.03 -9.40 19.36
CA PRO L 595 78.15 -10.35 19.35
C PRO L 595 79.38 -9.81 20.06
N HIS L 596 80.06 -10.70 20.78
CA HIS L 596 81.28 -10.33 21.50
C HIS L 596 82.41 -9.91 20.56
N SER L 597 82.33 -10.29 19.28
CA SER L 597 83.35 -9.94 18.31
C SER L 597 83.38 -8.46 17.96
N GLY L 598 82.37 -7.69 18.41
CA GLY L 598 82.30 -6.27 18.15
C GLY L 598 81.63 -5.88 16.85
N ILE L 599 81.30 -6.85 15.98
CA ILE L 599 80.33 -6.61 14.92
C ILE L 599 78.94 -6.59 15.53
N SER L 600 78.13 -5.62 15.13
CA SER L 600 76.81 -5.41 15.72
C SER L 600 75.73 -5.85 14.74
N VAL L 601 74.72 -6.54 15.28
CA VAL L 601 73.67 -7.17 14.49
C VAL L 601 72.40 -6.35 14.63
N GLU L 602 71.65 -6.23 13.53
CA GLU L 602 70.36 -5.56 13.55
C GLU L 602 69.38 -6.38 12.72
N ILE L 603 68.10 -6.29 13.09
CA ILE L 603 67.06 -7.15 12.55
C ILE L 603 65.80 -6.32 12.30
N PRO L 604 65.08 -6.56 11.21
CA PRO L 604 63.72 -6.01 11.08
C PRO L 604 62.88 -6.32 12.30
N ILE L 605 61.99 -5.37 12.63
CA ILE L 605 61.24 -5.43 13.89
C ILE L 605 60.39 -6.68 13.95
N ASN L 606 59.94 -7.20 12.80
CA ASN L 606 59.16 -8.43 12.76
C ASN L 606 60.01 -9.68 12.58
N GLY L 607 61.33 -9.54 12.44
CA GLY L 607 62.18 -10.68 12.23
C GLY L 607 62.28 -11.17 10.80
N ILE L 608 61.56 -10.55 9.87
CA ILE L 608 61.48 -11.01 8.50
C ILE L 608 62.34 -10.08 7.64
N PHE L 609 63.41 -10.60 7.07
CA PHE L 609 64.24 -9.84 6.16
C PHE L 609 63.62 -9.80 4.77
N ARG L 610 64.22 -8.97 3.91
CA ARG L 610 63.93 -8.95 2.49
C ARG L 610 65.23 -9.01 1.73
N ARG L 611 65.15 -9.17 0.41
CA ARG L 611 66.32 -9.09 -0.43
C ARG L 611 67.12 -7.82 -0.14
N ASN L 612 68.45 -7.94 -0.22
CA ASN L 612 69.39 -6.86 0.05
C ASN L 612 69.03 -6.11 1.34
N SER L 613 68.94 -6.86 2.43
CA SER L 613 68.71 -6.29 3.75
C SER L 613 70.01 -6.32 4.54
N ILE L 614 70.31 -5.20 5.21
CA ILE L 614 71.37 -5.22 6.21
C ILE L 614 71.01 -6.17 7.32
N PHE L 615 71.95 -7.03 7.70
CA PHE L 615 71.85 -7.79 8.93
C PHE L 615 72.93 -7.46 9.94
N ALA L 616 74.00 -6.77 9.53
CA ALA L 616 75.01 -6.35 10.50
C ALA L 616 75.67 -5.08 9.99
N PHE L 617 76.21 -4.30 10.91
CA PHE L 617 76.95 -3.09 10.56
C PHE L 617 78.27 -3.06 11.32
N PHE L 618 79.29 -2.50 10.68
CA PHE L 618 80.63 -2.43 11.27
C PHE L 618 81.44 -1.32 10.63
N LEU L 793 88.49 -8.24 6.84
CA LEU L 793 87.50 -8.43 7.89
C LEU L 793 87.80 -9.69 8.71
N ALA L 794 87.41 -9.68 9.97
CA ALA L 794 87.42 -10.91 10.76
C ALA L 794 86.33 -11.85 10.27
N THR L 795 86.62 -13.15 10.37
CA THR L 795 85.64 -14.17 10.02
C THR L 795 84.42 -14.07 10.94
N LEU L 796 83.23 -14.02 10.33
CA LEU L 796 82.01 -14.13 11.11
C LEU L 796 81.71 -15.56 11.50
N PHE L 797 82.12 -16.51 10.67
CA PHE L 797 81.85 -17.93 10.83
C PHE L 797 83.15 -18.71 10.65
N PRO L 798 83.25 -19.90 11.25
CA PRO L 798 84.45 -20.71 11.01
C PRO L 798 84.49 -21.22 9.59
N LYS L 799 85.68 -21.22 9.01
CA LYS L 799 85.88 -21.70 7.65
C LYS L 799 85.75 -23.22 7.63
N ASP L 800 84.58 -23.70 7.23
CA ASP L 800 84.38 -25.12 7.00
C ASP L 800 85.04 -25.52 5.68
N LEU L 801 85.61 -26.73 5.65
CA LEU L 801 86.26 -27.22 4.44
C LEU L 801 85.29 -27.28 3.27
N PHE L 802 84.05 -27.67 3.54
CA PHE L 802 83.02 -27.84 2.52
C PHE L 802 81.94 -26.79 2.74
N ARG L 803 81.53 -26.13 1.68
CA ARG L 803 80.50 -25.11 1.73
C ARG L 803 79.53 -25.36 0.58
N GLU L 804 78.44 -26.09 0.87
CA GLU L 804 77.46 -26.42 -0.15
C GLU L 804 76.86 -25.14 -0.73
N LYS L 805 76.55 -25.20 -2.03
CA LYS L 805 75.93 -24.08 -2.73
C LYS L 805 74.72 -23.56 -1.96
N ASP L 806 74.79 -22.31 -1.54
CA ASP L 806 73.75 -21.69 -0.74
C ASP L 806 72.90 -20.75 -1.57
N ASN L 807 71.61 -20.70 -1.24
CA ASN L 807 70.75 -19.64 -1.77
C ASN L 807 70.98 -18.31 -1.04
N ILE L 808 71.22 -18.38 0.27
CA ILE L 808 71.63 -17.20 1.03
C ILE L 808 73.01 -16.73 0.56
N GLN L 809 73.11 -15.44 0.27
CA GLN L 809 74.35 -14.75 -0.01
C GLN L 809 74.56 -13.67 1.03
N LEU L 810 75.81 -13.46 1.43
CA LEU L 810 76.20 -12.32 2.26
C LEU L 810 77.25 -11.51 1.53
N ARG L 811 77.19 -10.19 1.68
CA ARG L 811 78.22 -9.34 1.11
C ARG L 811 78.39 -8.08 1.92
N VAL L 812 79.57 -7.49 1.82
CA VAL L 812 79.92 -6.32 2.63
C VAL L 812 79.31 -5.06 2.03
N CYS L 838 79.75 -2.89 6.72
CA CYS L 838 78.44 -3.43 7.07
C CYS L 838 78.09 -4.61 6.17
N LEU L 839 77.43 -5.63 6.74
CA LEU L 839 77.16 -6.87 6.04
C LEU L 839 75.67 -7.01 5.76
N VAL L 840 75.36 -7.38 4.51
CA VAL L 840 74.02 -7.40 3.94
C VAL L 840 73.71 -8.81 3.50
N LEU L 841 72.47 -9.23 3.72
CA LEU L 841 71.98 -10.56 3.37
C LEU L 841 71.04 -10.48 2.17
N ASN L 842 71.18 -11.43 1.25
CA ASN L 842 70.39 -11.47 0.03
C ASN L 842 70.13 -12.91 -0.33
N TRP L 843 69.13 -13.14 -1.19
CA TRP L 843 68.95 -14.47 -1.75
C TRP L 843 68.26 -14.36 -3.11
N ASP L 844 68.54 -15.34 -3.97
CA ASP L 844 67.90 -15.53 -5.27
C ASP L 844 67.54 -14.24 -5.99
N LEU L 852 59.20 -16.49 -3.52
CA LEU L 852 58.30 -16.36 -2.38
C LEU L 852 58.97 -16.83 -1.09
N GLU L 853 60.19 -17.35 -1.20
CA GLU L 853 60.94 -17.76 -0.03
C GLU L 853 61.30 -16.54 0.82
N GLU L 854 61.28 -16.73 2.13
CA GLU L 854 61.61 -15.69 3.09
C GLU L 854 62.76 -16.15 3.98
N VAL L 855 63.61 -15.22 4.37
CA VAL L 855 64.64 -15.45 5.37
C VAL L 855 64.20 -14.80 6.68
N ARG L 856 64.23 -15.59 7.76
CA ARG L 856 63.79 -15.12 9.07
C ARG L 856 64.88 -15.35 10.09
N ALA L 857 64.98 -14.42 11.04
CA ALA L 857 65.73 -14.62 12.27
C ALA L 857 64.84 -15.24 13.35
N PHE L 858 65.46 -16.07 14.19
CA PHE L 858 64.91 -16.42 15.49
C PHE L 858 66.04 -16.78 16.43
N PHE L 859 65.77 -16.66 17.73
CA PHE L 859 66.78 -16.94 18.74
C PHE L 859 66.91 -18.43 19.00
N VAL L 860 68.15 -18.90 19.13
CA VAL L 860 68.48 -20.21 19.68
C VAL L 860 69.19 -19.99 21.01
N GLU L 861 68.71 -20.64 22.06
CA GLU L 861 69.41 -20.67 23.33
C GLU L 861 69.96 -22.07 23.56
N VAL L 862 71.22 -22.14 23.99
CA VAL L 862 71.78 -23.38 24.50
C VAL L 862 71.86 -23.29 26.02
N ASN L 863 71.33 -24.31 26.68
CA ASN L 863 71.22 -24.36 28.13
C ASN L 863 71.93 -25.60 28.62
N THR L 864 72.95 -25.41 29.46
CA THR L 864 73.60 -26.55 30.09
C THR L 864 74.01 -26.22 31.53
N LYS L 865 73.62 -27.10 32.44
CA LYS L 865 73.85 -26.95 33.88
C LYS L 865 73.56 -25.53 34.39
N GLY L 866 72.44 -24.97 33.95
CA GLY L 866 72.02 -23.64 34.35
C GLY L 866 72.77 -22.49 33.70
N LEU L 867 73.76 -22.77 32.87
CA LEU L 867 74.39 -21.77 32.01
C LEU L 867 73.57 -21.60 30.74
N ILE L 868 73.48 -20.36 30.27
CA ILE L 868 72.70 -20.02 29.10
C ILE L 868 73.61 -19.28 28.11
N ARG L 869 73.47 -19.59 26.83
CA ARG L 869 74.13 -18.81 25.79
C ARG L 869 73.19 -18.62 24.60
N ASP L 870 73.16 -17.40 24.07
CA ASP L 870 72.20 -17.03 23.04
C ASP L 870 72.89 -16.82 21.70
N PHE L 871 72.23 -17.29 20.64
CA PHE L 871 72.68 -17.14 19.27
C PHE L 871 71.50 -16.70 18.42
N ILE L 872 71.71 -15.69 17.57
CA ILE L 872 70.76 -15.46 16.50
C ILE L 872 70.94 -16.53 15.43
N ARG L 873 69.85 -17.17 15.03
CA ARG L 873 69.84 -18.01 13.85
C ARG L 873 69.08 -17.27 12.76
N ILE L 874 69.71 -17.12 11.61
CA ILE L 874 69.08 -16.56 10.43
C ILE L 874 69.03 -17.66 9.38
N GLY L 875 67.87 -17.83 8.75
CA GLY L 875 67.77 -18.87 7.75
C GLY L 875 66.60 -18.69 6.82
N LEU L 876 66.74 -19.27 5.62
CA LEU L 876 65.73 -19.18 4.58
C LEU L 876 64.73 -20.31 4.75
N VAL L 877 63.46 -19.94 4.93
CA VAL L 877 62.43 -20.91 5.29
C VAL L 877 61.88 -21.59 4.05
N ASN L 921 33.30 -49.65 7.62
CA ASN L 921 31.87 -49.41 7.76
C ASN L 921 31.37 -48.31 6.83
N HIS L 922 32.29 -47.58 6.19
CA HIS L 922 31.93 -46.51 5.28
C HIS L 922 31.82 -47.08 3.87
N GLY L 923 31.76 -46.19 2.87
CA GLY L 923 31.24 -46.55 1.57
C GLY L 923 32.29 -46.96 0.55
N THR L 924 31.79 -47.55 -0.52
CA THR L 924 32.55 -47.86 -1.72
C THR L 924 32.67 -46.63 -2.60
N ILE L 925 33.90 -46.25 -2.95
CA ILE L 925 34.09 -45.27 -4.00
C ILE L 925 33.61 -45.86 -5.31
N ARG L 926 32.72 -45.16 -6.00
CA ARG L 926 32.58 -45.32 -7.44
C ARG L 926 32.98 -44.01 -8.10
N MET L 927 33.65 -44.11 -9.25
CA MET L 927 34.44 -42.99 -9.76
C MET L 927 34.36 -42.94 -11.27
N PHE L 928 34.44 -41.71 -11.80
CA PHE L 928 34.22 -41.44 -13.21
C PHE L 928 35.45 -40.82 -13.83
N LEU L 929 35.90 -41.41 -14.92
CA LEU L 929 36.62 -40.68 -15.96
C LEU L 929 35.62 -39.75 -16.64
N ASN L 930 36.03 -38.53 -16.94
CA ASN L 930 35.06 -37.47 -17.16
C ASN L 930 35.46 -36.68 -18.40
N ARG L 931 34.79 -35.54 -18.58
CA ARG L 931 34.92 -34.70 -19.77
C ARG L 931 36.37 -34.47 -20.17
N ASN L 932 37.28 -34.41 -19.21
CA ASN L 932 38.67 -34.72 -19.46
C ASN L 932 39.23 -35.53 -18.29
N LYS L 933 40.27 -36.32 -18.60
CA LYS L 933 40.61 -37.49 -17.78
C LYS L 933 41.11 -37.12 -16.39
N GLU L 934 41.51 -35.86 -16.18
CA GLU L 934 41.89 -35.42 -14.84
C GLU L 934 40.67 -35.08 -13.98
N SER L 935 39.56 -34.69 -14.60
CA SER L 935 38.40 -34.22 -13.85
C SER L 935 37.55 -35.38 -13.37
N GLN L 936 38.18 -36.37 -12.72
CA GLN L 936 37.46 -37.55 -12.26
C GLN L 936 36.54 -37.20 -11.09
N SER L 937 35.45 -37.94 -10.97
CA SER L 937 34.43 -37.61 -9.98
C SER L 937 34.06 -38.83 -9.15
N LEU L 938 33.60 -38.59 -7.92
CA LEU L 938 33.32 -39.67 -6.99
C LEU L 938 31.88 -39.62 -6.50
N LEU L 939 31.28 -40.79 -6.31
CA LEU L 939 30.19 -41.00 -5.37
C LEU L 939 30.61 -42.05 -4.36
N ILE L 940 30.52 -41.72 -3.07
CA ILE L 940 30.49 -42.75 -2.04
C ILE L 940 29.14 -43.45 -2.07
N LEU L 941 29.14 -44.75 -2.35
CA LEU L 941 27.99 -45.60 -2.08
C LEU L 941 28.08 -46.16 -0.67
N SER L 942 26.94 -46.32 -0.02
CA SER L 942 26.92 -46.69 1.39
C SER L 942 25.52 -47.14 1.76
N SER L 943 25.39 -47.63 3.00
CA SER L 943 24.08 -47.92 3.55
C SER L 943 23.15 -46.73 3.57
N SER L 944 23.68 -45.51 3.39
CA SER L 944 22.84 -44.34 3.18
C SER L 944 22.23 -44.28 1.79
N ASN L 945 22.72 -45.08 0.86
CA ASN L 945 22.32 -45.00 -0.54
C ASN L 945 21.75 -46.30 -1.07
N CYS L 946 22.36 -47.42 -0.72
CA CYS L 946 22.01 -48.73 -1.25
C CYS L 946 21.37 -49.56 -0.14
N PHE L 947 20.26 -50.21 -0.46
CA PHE L 947 19.57 -51.04 0.52
C PHE L 947 19.12 -52.33 -0.13
N ARG L 948 19.16 -53.41 0.65
CA ARG L 948 18.56 -54.67 0.22
C ARG L 948 17.05 -54.58 0.36
N ILE L 949 16.33 -54.80 -0.73
CA ILE L 949 14.90 -55.07 -0.62
C ILE L 949 14.70 -56.54 -0.29
N GLY L 950 13.74 -56.81 0.59
CA GLY L 950 13.69 -58.05 1.33
C GLY L 950 13.62 -59.32 0.51
N PRO L 951 13.83 -60.45 1.17
CA PRO L 951 13.87 -61.73 0.45
C PRO L 951 12.60 -62.01 -0.35
N PHE L 952 12.79 -62.58 -1.53
CA PHE L 952 11.68 -62.88 -2.42
C PHE L 952 11.44 -64.39 -2.52
N ILE L 973 31.39 -89.96 -8.03
CA ILE L 973 30.94 -89.21 -6.86
C ILE L 973 30.04 -88.04 -7.27
N LYS L 974 29.41 -87.41 -6.28
CA LYS L 974 28.54 -86.28 -6.55
C LYS L 974 29.31 -85.09 -7.09
N ASN L 975 28.66 -84.33 -7.97
CA ASN L 975 29.22 -83.08 -8.45
C ASN L 975 29.19 -82.02 -7.35
N SER L 976 30.12 -81.07 -7.45
CA SER L 976 30.06 -79.84 -6.70
C SER L 976 30.90 -78.80 -7.41
N SER L 977 30.62 -77.53 -7.12
CA SER L 977 31.49 -76.45 -7.55
C SER L 977 32.92 -76.71 -7.08
N GLY L 978 33.88 -76.41 -7.94
CA GLY L 978 35.27 -76.68 -7.62
C GLY L 978 36.19 -76.57 -8.81
N PRO L 979 37.49 -76.49 -8.54
CA PRO L 979 38.49 -76.59 -9.61
C PRO L 979 38.36 -77.89 -10.38
N LEU L 980 38.63 -77.80 -11.68
CA LEU L 980 38.82 -78.97 -12.52
C LEU L 980 40.29 -79.36 -12.61
N GLY L 981 41.19 -78.41 -12.37
CA GLY L 981 42.62 -78.53 -12.51
C GLY L 981 43.17 -77.36 -13.29
N THR L 982 44.40 -77.51 -13.78
CA THR L 982 45.04 -76.48 -14.59
C THR L 982 45.01 -76.88 -16.05
N ALA L 983 44.49 -75.98 -16.89
CA ALA L 983 44.43 -76.23 -18.33
C ALA L 983 45.80 -76.01 -18.96
N ILE L 984 46.15 -76.90 -19.87
CA ILE L 984 47.47 -76.94 -20.48
C ILE L 984 47.44 -76.20 -21.81
N GLN L 985 48.60 -75.65 -22.19
CA GLN L 985 48.80 -75.16 -23.55
C GLN L 985 48.63 -76.27 -24.58
N ILE L 986 47.53 -76.23 -25.32
CA ILE L 986 47.31 -77.11 -26.47
C ILE L 986 48.05 -76.48 -27.66
N SER L 987 49.22 -77.01 -27.98
CA SER L 987 50.16 -76.25 -28.79
C SER L 987 49.74 -76.15 -30.25
N ASN L 988 48.62 -76.75 -30.64
CA ASN L 988 47.94 -76.35 -31.86
C ASN L 988 47.41 -74.93 -31.76
N PHE L 989 47.22 -74.42 -30.55
CA PHE L 989 46.87 -73.03 -30.29
C PHE L 989 48.05 -72.37 -29.59
N TYR L 990 48.59 -71.33 -30.21
CA TYR L 990 49.96 -70.86 -29.91
C TYR L 990 49.99 -69.88 -28.75
N SER L 991 49.34 -70.21 -27.64
CA SER L 991 49.26 -69.33 -26.49
C SER L 991 49.69 -70.06 -25.23
N PHE L 992 50.44 -69.36 -24.37
CA PHE L 992 51.01 -70.01 -23.19
C PHE L 992 49.92 -70.45 -22.23
N LEU L 993 49.08 -69.51 -21.82
CA LEU L 993 47.80 -69.84 -21.22
C LEU L 993 46.80 -70.13 -22.33
N PRO L 994 46.16 -71.29 -22.35
CA PRO L 994 45.35 -71.63 -23.52
C PRO L 994 44.11 -70.75 -23.59
N LEU L 995 43.73 -70.45 -24.83
CA LEU L 995 42.35 -70.07 -25.12
C LEU L 995 41.50 -71.32 -25.14
N LEU L 996 40.49 -71.36 -24.28
CA LEU L 996 39.66 -72.55 -24.15
C LEU L 996 38.41 -72.50 -25.01
N THR L 997 37.89 -71.31 -25.29
CA THR L 997 36.68 -71.18 -26.09
C THR L 997 36.81 -69.97 -26.99
N TYR L 998 36.16 -70.05 -28.14
CA TYR L 998 35.92 -68.92 -29.01
C TYR L 998 34.46 -68.53 -28.95
N ASN L 999 34.21 -67.25 -28.76
CA ASN L 999 32.88 -66.71 -29.02
C ASN L 999 32.66 -66.54 -30.51
N GLN L 1000 31.43 -66.20 -30.88
CA GLN L 1000 31.03 -66.19 -32.29
C GLN L 1000 31.87 -65.21 -33.11
N ILE L 1001 32.41 -64.17 -32.48
CA ILE L 1001 33.25 -63.21 -33.18
C ILE L 1001 34.66 -63.76 -33.34
N SER L 1002 35.16 -64.45 -32.32
CA SER L 1002 36.54 -64.94 -32.35
C SER L 1002 36.73 -66.08 -33.34
N VAL L 1003 35.72 -66.92 -33.58
CA VAL L 1003 35.87 -67.92 -34.62
C VAL L 1003 36.01 -67.27 -35.99
N ILE L 1004 35.35 -66.15 -36.21
CA ILE L 1004 35.48 -65.45 -37.49
C ILE L 1004 36.84 -64.75 -37.59
N LYS L 1005 37.28 -64.12 -36.50
CA LYS L 1005 38.49 -63.30 -36.57
C LYS L 1005 39.79 -64.12 -36.45
N TYR L 1006 39.83 -65.09 -35.55
CA TYR L 1006 41.11 -65.61 -35.05
C TYR L 1006 41.22 -67.13 -35.09
N LEU L 1007 40.28 -67.83 -35.71
CA LEU L 1007 40.37 -69.27 -35.85
C LEU L 1007 41.20 -69.65 -37.06
N GLN L 1008 42.34 -70.30 -36.82
CA GLN L 1008 43.22 -70.67 -37.91
C GLN L 1008 42.59 -71.76 -38.76
N LEU L 1009 42.93 -71.74 -40.06
CA LEU L 1009 42.30 -72.64 -41.02
C LEU L 1009 42.48 -74.10 -40.61
N ASP L 1010 43.67 -74.46 -40.12
CA ASP L 1010 43.96 -75.84 -39.75
C ASP L 1010 43.36 -76.27 -38.42
N ASN L 1011 42.80 -75.33 -37.65
CA ASN L 1011 42.23 -75.67 -36.35
C ASN L 1011 40.73 -75.95 -36.40
N PHE L 1012 40.07 -75.69 -37.53
CA PHE L 1012 38.64 -75.94 -37.65
C PHE L 1012 38.25 -77.34 -37.21
N LYS L 1013 39.11 -78.32 -37.50
CA LYS L 1013 38.81 -79.72 -37.17
C LYS L 1013 38.74 -79.97 -35.67
N TYR L 1014 39.19 -79.04 -34.83
CA TYR L 1014 39.17 -79.24 -33.38
C TYR L 1014 38.16 -78.37 -32.66
N ILE L 1015 37.41 -77.52 -33.36
CA ILE L 1015 36.42 -76.67 -32.71
C ILE L 1015 35.18 -77.51 -32.39
N PHE L 1016 34.95 -77.75 -31.11
CA PHE L 1016 33.92 -78.66 -30.63
C PHE L 1016 32.79 -77.88 -29.98
N GLN L 1017 31.55 -78.29 -30.26
CA GLN L 1017 30.39 -77.66 -29.67
C GLN L 1017 30.06 -78.21 -28.30
N VAL L 1018 30.85 -79.16 -27.80
CA VAL L 1018 30.66 -79.79 -26.50
C VAL L 1018 32.02 -79.91 -25.84
N ILE L 1019 32.05 -79.82 -24.52
CA ILE L 1019 33.30 -79.94 -23.79
C ILE L 1019 33.79 -81.39 -23.82
N HIS L 1020 35.04 -81.57 -24.22
CA HIS L 1020 35.76 -82.83 -24.10
C HIS L 1020 36.86 -82.64 -23.05
N SER L 1021 36.85 -83.47 -22.02
CA SER L 1021 37.73 -83.29 -20.87
C SER L 1021 38.77 -84.41 -20.85
N TYR L 1022 40.04 -84.02 -20.85
CA TYR L 1022 41.15 -84.95 -20.79
C TYR L 1022 42.04 -84.58 -19.62
N LEU L 1023 42.63 -85.59 -18.99
CA LEU L 1023 43.58 -85.37 -17.90
C LEU L 1023 44.90 -86.05 -18.25
N ILE L 1024 46.00 -85.36 -18.00
CA ILE L 1024 47.34 -85.90 -18.20
C ILE L 1024 48.01 -86.01 -16.84
N ASP L 1025 48.54 -87.19 -16.53
CA ASP L 1025 49.19 -87.43 -15.26
C ASP L 1025 50.65 -86.96 -15.30
N GLU L 1026 51.34 -87.09 -14.16
CA GLU L 1026 52.71 -86.62 -14.03
C GLU L 1026 53.71 -87.42 -14.85
N ASN L 1027 53.32 -88.56 -15.40
CA ASN L 1027 54.14 -89.31 -16.34
C ASN L 1027 53.75 -89.05 -17.79
N GLY L 1028 52.86 -88.09 -18.03
CA GLY L 1028 52.41 -87.78 -19.37
C GLY L 1028 51.40 -88.76 -19.93
N ARG L 1029 50.90 -89.69 -19.13
CA ARG L 1029 49.82 -90.55 -19.56
C ARG L 1029 48.52 -89.76 -19.54
N ILE L 1030 47.72 -89.91 -20.60
CA ILE L 1030 46.54 -89.10 -20.82
C ILE L 1030 45.31 -89.96 -20.57
N PHE L 1031 44.35 -89.41 -19.82
CA PHE L 1031 43.22 -90.17 -19.32
C PHE L 1031 41.93 -89.49 -19.74
N ASN L 1032 40.90 -90.31 -19.99
CA ASN L 1032 39.55 -89.80 -20.22
C ASN L 1032 38.60 -90.95 -19.88
N LEU L 1033 37.94 -90.86 -18.72
CA LEU L 1033 37.19 -92.01 -18.21
C LEU L 1033 36.10 -92.43 -19.17
N ASP L 1034 35.51 -91.48 -19.89
CA ASP L 1034 34.59 -91.79 -20.99
C ASP L 1034 34.59 -90.64 -21.98
N PRO L 1035 35.22 -90.80 -23.15
CA PRO L 1035 35.34 -89.67 -24.08
C PRO L 1035 34.02 -89.24 -24.69
N TYR L 1036 32.96 -90.02 -24.54
CA TYR L 1036 31.63 -89.61 -24.96
C TYR L 1036 30.92 -88.73 -23.94
N SER L 1037 31.54 -88.48 -22.77
CA SER L 1037 30.85 -87.86 -21.66
C SER L 1037 31.76 -86.85 -20.99
N ASN L 1038 31.15 -85.98 -20.20
CA ASN L 1038 31.82 -84.84 -19.57
C ASN L 1038 32.28 -85.15 -18.15
N LEU L 1039 33.15 -86.15 -17.99
CA LEU L 1039 33.67 -86.48 -16.67
C LEU L 1039 34.99 -85.78 -16.44
N VAL L 1040 35.23 -85.38 -15.18
CA VAL L 1040 36.39 -84.58 -14.82
C VAL L 1040 36.74 -84.90 -13.37
N LEU L 1041 37.97 -84.58 -12.99
CA LEU L 1041 38.56 -85.03 -11.73
C LEU L 1041 38.67 -83.85 -10.78
N ASN L 1042 38.02 -83.95 -9.62
CA ASN L 1042 38.16 -82.90 -8.62
C ASN L 1042 39.46 -83.12 -7.85
N PRO L 1043 40.35 -82.12 -7.81
CA PRO L 1043 41.67 -82.35 -7.21
C PRO L 1043 41.64 -82.75 -5.75
N PHE L 1044 40.73 -82.17 -4.96
CA PHE L 1044 40.74 -82.41 -3.52
C PHE L 1044 40.39 -83.85 -3.17
N LYS L 1045 39.55 -84.49 -3.97
CA LYS L 1045 38.99 -85.79 -3.61
C LYS L 1045 39.40 -86.89 -4.56
N LEU L 1046 40.09 -86.57 -5.65
CA LEU L 1046 40.67 -87.55 -6.58
C LEU L 1046 39.68 -88.65 -6.93
N ASN L 1047 38.50 -88.24 -7.39
CA ASN L 1047 37.51 -89.15 -7.95
C ASN L 1047 36.85 -88.48 -9.15
N TRP L 1048 36.55 -89.28 -10.16
CA TRP L 1048 35.84 -88.75 -11.33
C TRP L 1048 34.42 -88.35 -10.95
N TYR L 1049 33.96 -87.25 -11.55
CA TYR L 1049 32.59 -86.80 -11.36
C TYR L 1049 32.11 -86.12 -12.64
N PHE L 1050 30.80 -86.10 -12.81
CA PHE L 1050 30.19 -85.48 -13.99
C PHE L 1050 30.07 -83.98 -13.80
N LEU L 1051 30.53 -83.22 -14.79
CA LEU L 1051 30.16 -81.82 -14.90
C LEU L 1051 28.64 -81.67 -14.95
N HIS L 1052 28.16 -80.49 -14.56
CA HIS L 1052 26.73 -80.29 -14.44
C HIS L 1052 26.03 -80.28 -15.79
N GLN L 1053 26.74 -79.91 -16.86
CA GLN L 1053 26.15 -79.75 -18.18
C GLN L 1053 27.12 -80.31 -19.21
N ASN L 1054 26.59 -80.52 -20.42
CA ASN L 1054 27.48 -80.70 -21.57
C ASN L 1054 28.21 -79.43 -21.95
N TYR L 1055 27.80 -78.29 -21.39
CA TYR L 1055 28.31 -76.97 -21.75
C TYR L 1055 28.32 -76.79 -23.26
N ASN L 1056 27.16 -77.04 -23.88
CA ASN L 1056 26.88 -76.59 -25.23
C ASN L 1056 26.16 -75.24 -25.17
N ASN L 1057 25.70 -74.75 -26.32
CA ASN L 1057 25.14 -73.41 -26.40
C ASN L 1057 23.77 -73.27 -25.74
N ASN L 1058 23.15 -74.37 -25.34
CA ASN L 1058 21.77 -74.34 -24.82
C ASN L 1058 21.66 -73.47 -23.58
N SER L 1064 16.77 -68.32 -13.83
CA SER L 1064 16.32 -66.97 -14.12
C SER L 1064 15.69 -66.33 -12.89
N THR L 1065 15.58 -64.99 -12.92
CA THR L 1065 15.03 -64.23 -11.81
C THR L 1065 13.98 -63.25 -12.34
N ILE L 1066 13.08 -62.84 -11.45
CA ILE L 1066 11.96 -61.99 -11.85
C ILE L 1066 12.48 -60.64 -12.34
N ILE L 1067 13.42 -60.05 -11.60
CA ILE L 1067 13.89 -58.70 -11.88
C ILE L 1067 15.37 -58.73 -12.20
N SER L 1068 15.81 -57.75 -13.00
CA SER L 1068 17.08 -57.80 -13.69
C SER L 1068 17.94 -56.60 -13.28
N LEU L 1069 19.26 -56.78 -13.42
CA LEU L 1069 20.20 -55.70 -13.17
C LEU L 1069 19.83 -54.43 -13.92
N GLY L 1070 20.12 -53.29 -13.29
CA GLY L 1070 20.01 -52.00 -13.93
C GLY L 1070 18.61 -51.48 -14.11
N GLN L 1071 17.58 -52.30 -13.89
CA GLN L 1071 16.21 -51.82 -13.95
C GLN L 1071 15.97 -50.72 -12.93
N PHE L 1072 15.09 -49.79 -13.29
CA PHE L 1072 14.63 -48.76 -12.38
C PHE L 1072 13.19 -49.06 -11.98
N PHE L 1073 12.87 -48.76 -10.72
CA PHE L 1073 11.52 -48.92 -10.21
C PHE L 1073 10.99 -47.58 -9.74
N CYS L 1074 9.72 -47.31 -10.04
CA CYS L 1074 8.99 -46.31 -9.28
C CYS L 1074 8.61 -46.85 -7.91
N GLU L 1075 8.38 -45.94 -6.97
CA GLU L 1075 7.75 -46.30 -5.71
C GLU L 1075 6.45 -47.05 -5.93
N ASN L 1076 6.23 -48.08 -5.12
CA ASN L 1076 4.98 -48.84 -5.06
C ASN L 1076 4.71 -49.65 -6.33
N VAL L 1077 5.72 -49.93 -7.15
CA VAL L 1077 5.65 -51.12 -7.97
C VAL L 1077 5.86 -52.35 -7.08
N CYS L 1078 5.42 -53.50 -7.58
CA CYS L 1078 5.61 -54.72 -6.81
C CYS L 1078 5.74 -55.91 -7.73
N ILE L 1079 6.52 -56.90 -7.29
CA ILE L 1079 6.72 -58.12 -8.06
C ILE L 1079 5.60 -59.11 -7.84
N ALA L 1080 4.91 -59.02 -6.71
CA ALA L 1080 3.91 -60.00 -6.29
C ALA L 1080 3.06 -59.36 -5.21
N LYS L 1081 1.97 -60.04 -4.86
CA LYS L 1081 1.05 -59.53 -3.85
C LYS L 1081 1.69 -59.39 -2.48
N LYS L 1082 2.92 -59.85 -2.30
CA LYS L 1082 3.61 -59.71 -1.02
C LYS L 1082 3.80 -58.23 -0.67
N GLU L 1083 3.79 -57.95 0.63
CA GLU L 1083 3.83 -56.61 1.20
C GLU L 1083 5.08 -55.77 0.87
N PRO L 1084 6.26 -56.36 0.57
CA PRO L 1084 7.39 -55.49 0.18
C PRO L 1084 7.24 -54.90 -1.21
N TYR L 1085 6.47 -53.82 -1.30
CA TYR L 1085 6.53 -52.95 -2.47
C TYR L 1085 7.95 -52.43 -2.67
N LEU L 1086 8.37 -52.33 -3.93
CA LEU L 1086 9.70 -51.86 -4.26
C LEU L 1086 9.79 -50.34 -4.09
N LYS L 1087 10.88 -49.90 -3.47
CA LYS L 1087 11.21 -48.48 -3.43
C LYS L 1087 11.89 -48.04 -4.72
N SER L 1088 11.85 -46.74 -4.97
CA SER L 1088 12.41 -46.19 -6.20
C SER L 1088 13.93 -46.24 -6.18
N GLY L 1089 14.52 -46.70 -7.28
CA GLY L 1089 15.95 -46.85 -7.35
C GLY L 1089 16.34 -47.76 -8.50
N GLN L 1090 17.64 -48.04 -8.56
CA GLN L 1090 18.21 -48.94 -9.55
C GLN L 1090 18.74 -50.20 -8.87
N VAL L 1091 18.51 -51.35 -9.49
CA VAL L 1091 19.07 -52.61 -9.01
C VAL L 1091 20.57 -52.61 -9.20
N LEU L 1092 21.32 -52.50 -8.11
CA LEU L 1092 22.77 -52.71 -8.17
C LEU L 1092 23.11 -54.19 -8.15
N ILE L 1093 22.50 -54.95 -7.24
CA ILE L 1093 22.94 -56.31 -6.95
C ILE L 1093 21.74 -57.22 -7.10
N VAL L 1094 21.92 -58.33 -7.83
CA VAL L 1094 20.96 -59.43 -7.84
C VAL L 1094 21.60 -60.62 -7.15
N GLN L 1095 20.86 -61.26 -6.25
CA GLN L 1095 21.29 -62.47 -5.57
C GLN L 1095 20.21 -63.53 -5.69
N ARG L 1096 20.52 -64.71 -5.18
CA ARG L 1096 19.62 -65.86 -5.33
C ARG L 1096 18.22 -65.57 -4.82
N ASP L 1097 18.11 -64.79 -3.75
CA ASP L 1097 16.81 -64.61 -3.11
C ASP L 1097 16.54 -63.17 -2.69
N SER L 1098 17.34 -62.21 -3.15
CA SER L 1098 17.11 -60.80 -2.82
C SER L 1098 17.90 -59.96 -3.80
N VAL L 1099 17.57 -58.67 -3.84
CA VAL L 1099 18.35 -57.72 -4.62
C VAL L 1099 18.63 -56.50 -3.77
N VAL L 1100 19.71 -55.80 -4.12
CA VAL L 1100 20.10 -54.55 -3.50
C VAL L 1100 19.89 -53.44 -4.52
N ILE L 1101 19.14 -52.41 -4.10
CA ILE L 1101 18.72 -51.29 -4.92
C ILE L 1101 19.47 -50.05 -4.47
N ARG L 1102 20.12 -49.38 -5.41
CA ARG L 1102 20.65 -48.04 -5.19
C ARG L 1102 19.52 -47.04 -5.31
N SER L 1103 19.22 -46.33 -4.21
CA SER L 1103 18.11 -45.40 -4.20
C SER L 1103 18.29 -44.30 -5.23
N ALA L 1104 17.21 -44.00 -5.94
CA ALA L 1104 17.18 -42.94 -6.93
C ALA L 1104 15.78 -42.33 -6.94
N LYS L 1105 15.72 -41.03 -7.22
CA LYS L 1105 14.42 -40.39 -7.32
C LYS L 1105 14.14 -39.94 -8.75
N PRO L 1106 12.97 -40.29 -9.29
CA PRO L 1106 12.57 -39.78 -10.60
C PRO L 1106 11.99 -38.38 -10.53
N TYR L 1107 12.35 -37.57 -11.52
CA TYR L 1107 11.73 -36.27 -11.77
C TYR L 1107 11.05 -36.36 -13.13
N LEU L 1108 9.73 -36.25 -13.14
CA LEU L 1108 8.98 -36.20 -14.38
C LEU L 1108 9.25 -34.88 -15.11
N ALA L 1109 9.55 -34.97 -16.40
CA ALA L 1109 9.75 -33.79 -17.23
C ALA L 1109 9.01 -33.95 -18.55
N THR L 1110 8.62 -32.80 -19.10
CA THR L 1110 7.72 -32.65 -20.23
C THR L 1110 8.48 -32.28 -21.50
N PRO L 1111 7.87 -32.47 -22.68
CA PRO L 1111 8.55 -32.06 -23.91
C PRO L 1111 8.90 -30.58 -23.89
N GLY L 1112 10.12 -30.28 -24.32
CA GLY L 1112 10.63 -28.93 -24.28
C GLY L 1112 11.16 -28.48 -22.94
N ALA L 1113 11.07 -29.30 -21.90
CA ALA L 1113 11.87 -29.07 -20.72
C ALA L 1113 13.34 -29.22 -21.05
N LYS L 1114 14.18 -28.40 -20.43
CA LYS L 1114 15.62 -28.45 -20.62
C LYS L 1114 16.30 -29.02 -19.39
N VAL L 1115 17.26 -29.90 -19.62
CA VAL L 1115 17.88 -30.70 -18.56
C VAL L 1115 19.30 -30.23 -18.39
N HIS L 1116 19.64 -29.78 -17.19
CA HIS L 1116 20.91 -29.11 -16.94
C HIS L 1116 21.94 -30.15 -16.51
N GLY L 1117 22.46 -30.86 -17.50
CA GLY L 1117 23.55 -31.79 -17.27
C GLY L 1117 23.75 -32.75 -18.43
N HIS L 1118 25.01 -33.07 -18.70
CA HIS L 1118 25.32 -34.27 -19.45
C HIS L 1118 24.83 -35.50 -18.67
N TYR L 1119 24.80 -36.63 -19.35
CA TYR L 1119 24.54 -37.88 -18.65
C TYR L 1119 25.62 -38.12 -17.60
N ARG L 1120 25.22 -38.66 -16.46
CA ARG L 1120 26.09 -39.04 -15.35
C ARG L 1120 26.75 -37.84 -14.69
N GLU L 1121 26.28 -36.62 -14.95
CA GLU L 1121 26.78 -35.46 -14.20
C GLU L 1121 26.50 -35.59 -12.72
N ILE L 1122 27.46 -35.14 -11.92
CA ILE L 1122 27.21 -34.97 -10.49
C ILE L 1122 26.31 -33.76 -10.30
N LEU L 1123 25.15 -33.98 -9.70
CA LEU L 1123 24.33 -32.89 -9.19
C LEU L 1123 24.45 -32.87 -7.67
N TYR L 1124 24.78 -31.69 -7.14
CA TYR L 1124 24.73 -31.47 -5.71
C TYR L 1124 23.34 -31.04 -5.29
N GLU L 1125 23.08 -31.11 -3.99
CA GLU L 1125 21.76 -30.77 -3.47
C GLU L 1125 21.46 -29.30 -3.73
N GLY L 1126 20.28 -29.05 -4.30
CA GLY L 1126 19.88 -27.70 -4.65
C GLY L 1126 20.37 -27.19 -5.99
N ASP L 1127 21.10 -28.00 -6.74
CA ASP L 1127 21.44 -27.64 -8.11
C ASP L 1127 20.19 -27.64 -8.98
N THR L 1128 20.11 -26.69 -9.91
CA THR L 1128 19.08 -26.74 -10.94
C THR L 1128 19.23 -28.00 -11.77
N LEU L 1129 18.11 -28.69 -12.00
CA LEU L 1129 18.12 -29.99 -12.66
C LEU L 1129 17.32 -29.96 -13.96
N VAL L 1130 16.12 -29.40 -13.95
CA VAL L 1130 15.29 -29.23 -15.14
C VAL L 1130 14.71 -27.83 -15.09
N THR L 1131 14.63 -27.18 -16.25
CA THR L 1131 13.81 -25.98 -16.40
C THR L 1131 12.62 -26.28 -17.30
N PHE L 1132 11.43 -26.09 -16.76
CA PHE L 1132 10.21 -25.95 -17.56
C PHE L 1132 9.98 -24.49 -17.90
N ILE L 1133 9.19 -24.26 -18.94
CA ILE L 1133 8.47 -23.00 -19.10
C ILE L 1133 6.98 -23.29 -19.09
N TYR L 1134 6.25 -22.58 -18.24
CA TYR L 1134 4.82 -22.77 -18.08
C TYR L 1134 4.07 -21.45 -18.22
N GLU L 1135 2.87 -21.53 -18.76
CA GLU L 1135 2.00 -20.38 -18.92
C GLU L 1135 1.34 -20.00 -17.59
N LYS L 1136 1.35 -18.71 -17.28
CA LYS L 1136 0.44 -18.11 -16.32
C LYS L 1136 -0.64 -17.35 -17.08
N VAL L 1149 -6.73 -1.33 -16.65
CA VAL L 1149 -5.53 -0.94 -15.94
C VAL L 1149 -5.28 0.55 -16.14
N GLU L 1150 -4.98 1.26 -15.03
CA GLU L 1150 -4.92 2.72 -15.09
C GLU L 1150 -3.81 3.20 -16.02
N GLN L 1151 -2.76 2.40 -16.21
CA GLN L 1151 -1.72 2.77 -17.16
C GLN L 1151 -2.29 3.02 -18.56
N VAL L 1152 -3.40 2.36 -18.91
CA VAL L 1152 -4.00 2.60 -20.22
C VAL L 1152 -4.40 4.07 -20.36
N LEU L 1153 -4.80 4.71 -19.26
CA LEU L 1153 -5.17 6.11 -19.33
C LEU L 1153 -3.96 6.94 -19.71
N GLU L 1154 -2.77 6.53 -19.28
CA GLU L 1154 -1.58 7.32 -19.54
C GLU L 1154 -1.17 7.20 -20.99
N VAL L 1155 -1.74 6.23 -21.72
CA VAL L 1155 -1.34 5.97 -23.09
C VAL L 1155 -2.52 6.09 -24.06
N ARG L 1156 -3.76 5.98 -23.58
CA ARG L 1156 -4.93 6.20 -24.42
C ARG L 1156 -5.23 7.68 -24.58
N SER L 1157 -4.42 8.53 -23.95
CA SER L 1157 -4.57 9.98 -23.97
C SER L 1157 -3.31 10.67 -24.45
N ILE L 1158 -2.13 10.12 -24.13
CA ILE L 1158 -0.90 10.66 -24.69
C ILE L 1158 -0.81 10.26 -26.15
N ASP L 1159 -1.34 9.07 -26.48
CA ASP L 1159 -1.52 8.58 -27.84
C ASP L 1159 -0.23 8.20 -28.53
N SER L 1160 -0.27 7.09 -29.26
CA SER L 1160 0.84 6.64 -30.09
C SER L 1160 0.26 5.70 -31.12
N ILE L 1161 -1.00 5.94 -31.47
CA ILE L 1161 -1.78 5.12 -32.40
C ILE L 1161 -1.61 3.66 -31.99
N SER L 1162 -2.11 3.31 -30.81
CA SER L 1162 -2.00 1.96 -30.25
C SER L 1162 -3.38 1.32 -30.18
N LEU L 1163 -3.82 0.74 -31.31
CA LEU L 1163 -5.06 -0.02 -31.41
C LEU L 1163 -5.27 -0.57 -32.81
N ASN L 1164 -6.46 -1.10 -33.08
CA ASN L 1164 -6.81 -1.55 -34.42
C ASN L 1164 -7.08 -0.39 -35.36
N LEU L 1165 -7.48 0.76 -34.80
CA LEU L 1165 -7.79 1.95 -35.60
C LEU L 1165 -6.73 2.20 -36.66
N GLU L 1166 -5.46 2.03 -36.31
CA GLU L 1166 -4.38 2.34 -37.24
C GLU L 1166 -4.54 1.55 -38.54
N LYS L 1167 -4.79 0.24 -38.43
CA LYS L 1167 -5.03 -0.58 -39.60
C LYS L 1167 -6.02 0.06 -40.57
N ARG L 1168 -6.80 1.04 -40.09
CA ARG L 1168 -7.84 1.69 -40.85
C ARG L 1168 -7.48 3.13 -41.23
N ILE L 1169 -6.87 3.88 -40.32
CA ILE L 1169 -6.39 5.22 -40.66
C ILE L 1169 -5.39 5.13 -41.81
N LYS L 1170 -4.50 4.13 -41.76
CA LYS L 1170 -3.54 3.93 -42.84
C LYS L 1170 -4.25 3.64 -44.16
N GLY L 1171 -5.21 2.71 -44.14
CA GLY L 1171 -5.93 2.37 -45.35
C GLY L 1171 -6.68 3.54 -45.94
N TRP L 1172 -7.29 4.36 -45.07
CA TRP L 1172 -7.98 5.53 -45.55
C TRP L 1172 -7.00 6.55 -46.13
N ASN L 1173 -5.90 6.82 -45.43
CA ASN L 1173 -4.90 7.72 -46.00
C ASN L 1173 -4.37 7.19 -47.32
N ARG L 1174 -4.38 5.87 -47.51
CA ARG L 1174 -3.96 5.26 -48.78
C ARG L 1174 -5.01 5.35 -49.87
N CYS L 1175 -6.30 5.43 -49.54
CA CYS L 1175 -7.31 5.33 -50.58
C CYS L 1175 -8.17 6.57 -50.77
N ILE L 1176 -8.53 7.25 -49.69
CA ILE L 1176 -9.60 8.25 -49.76
C ILE L 1176 -9.16 9.45 -50.58
N THR L 1177 -7.88 9.84 -50.51
CA THR L 1177 -7.37 10.90 -51.37
C THR L 1177 -7.45 10.53 -52.84
N ARG L 1178 -7.30 9.24 -53.15
CA ARG L 1178 -7.44 8.81 -54.54
C ARG L 1178 -8.89 8.84 -54.97
N ILE L 1179 -9.78 8.40 -54.09
CA ILE L 1179 -11.17 8.20 -54.47
C ILE L 1179 -11.88 9.55 -54.60
N LEU L 1180 -11.62 10.48 -53.68
CA LEU L 1180 -12.31 11.77 -53.66
C LEU L 1180 -11.50 12.94 -54.20
N GLY L 1181 -10.23 12.76 -54.60
CA GLY L 1181 -9.48 13.85 -55.20
C GLY L 1181 -9.09 14.94 -54.20
N ILE L 1182 -8.29 15.89 -54.66
CA ILE L 1182 -7.72 16.94 -53.82
C ILE L 1182 -8.71 17.94 -53.21
N PRO L 1183 -9.88 18.23 -53.80
CA PRO L 1183 -10.77 19.21 -53.14
C PRO L 1183 -11.53 18.67 -51.94
N TRP L 1184 -11.71 17.35 -51.83
CA TRP L 1184 -12.60 16.80 -50.81
C TRP L 1184 -11.96 15.63 -50.09
N GLY L 1185 -11.05 14.93 -50.76
CA GLY L 1185 -10.49 13.72 -50.17
C GLY L 1185 -9.77 13.99 -48.87
N PHE L 1186 -9.09 15.14 -48.77
CA PHE L 1186 -8.42 15.50 -47.52
C PHE L 1186 -9.44 15.82 -46.44
N LEU L 1187 -10.46 16.61 -46.78
CA LEU L 1187 -11.42 17.06 -45.78
C LEU L 1187 -12.19 15.88 -45.21
N ILE L 1188 -12.80 15.06 -46.08
CA ILE L 1188 -13.56 13.93 -45.57
C ILE L 1188 -12.65 12.85 -44.99
N GLY L 1189 -11.39 12.75 -45.44
CA GLY L 1189 -10.48 11.80 -44.81
C GLY L 1189 -10.14 12.22 -43.39
N ALA L 1190 -9.94 13.52 -43.18
CA ALA L 1190 -9.81 14.05 -41.83
C ALA L 1190 -11.07 13.80 -41.03
N GLU L 1191 -12.24 14.08 -41.60
CA GLU L 1191 -13.48 13.90 -40.85
C GLU L 1191 -13.62 12.45 -40.39
N LEU L 1192 -13.45 11.50 -41.31
CA LEU L 1192 -13.59 10.09 -40.98
C LEU L 1192 -12.55 9.64 -39.97
N THR L 1193 -11.30 10.07 -40.15
CA THR L 1193 -10.27 9.74 -39.17
C THR L 1193 -10.64 10.28 -37.80
N ILE L 1194 -11.06 11.53 -37.74
CA ILE L 1194 -11.25 12.20 -36.46
C ILE L 1194 -12.46 11.62 -35.74
N VAL L 1195 -13.53 11.35 -36.47
CA VAL L 1195 -14.71 10.75 -35.83
C VAL L 1195 -14.44 9.32 -35.39
N GLN L 1196 -13.73 8.55 -36.22
CA GLN L 1196 -13.32 7.21 -35.79
C GLN L 1196 -12.46 7.29 -34.54
N SER L 1197 -11.51 8.22 -34.51
CA SER L 1197 -10.63 8.39 -33.37
C SER L 1197 -11.42 8.77 -32.13
N ARG L 1198 -12.33 9.74 -32.25
CA ARG L 1198 -13.17 10.13 -31.13
C ARG L 1198 -13.92 8.93 -30.57
N ILE L 1199 -14.59 8.16 -31.45
CA ILE L 1199 -15.30 6.96 -31.00
C ILE L 1199 -14.36 6.00 -30.29
N SER L 1200 -13.17 5.78 -30.86
CA SER L 1200 -12.22 4.84 -30.28
C SER L 1200 -11.69 5.33 -28.94
N LEU L 1201 -11.37 6.62 -28.83
CA LEU L 1201 -10.82 7.11 -27.58
C LEU L 1201 -11.89 7.13 -26.49
N VAL L 1202 -13.09 7.60 -26.81
CA VAL L 1202 -14.18 7.58 -25.82
C VAL L 1202 -14.45 6.17 -25.35
N ASN L 1203 -14.39 5.20 -26.27
CA ASN L 1203 -14.57 3.81 -25.87
C ASN L 1203 -13.42 3.32 -25.01
N LYS L 1204 -12.19 3.41 -25.51
CA LYS L 1204 -11.07 2.80 -24.80
C LYS L 1204 -10.85 3.46 -23.45
N ILE L 1205 -11.07 4.76 -23.34
CA ILE L 1205 -10.93 5.45 -22.06
C ILE L 1205 -12.06 5.07 -21.12
N GLN L 1206 -13.31 5.24 -21.55
CA GLN L 1206 -14.42 5.01 -20.63
C GLN L 1206 -14.58 3.54 -20.27
N LYS L 1207 -14.14 2.64 -21.14
CA LYS L 1207 -14.15 1.21 -20.85
C LYS L 1207 -13.34 0.88 -19.60
N VAL L 1208 -12.24 1.58 -19.37
CA VAL L 1208 -11.48 1.37 -18.14
C VAL L 1208 -12.32 1.73 -16.92
N TYR L 1209 -12.80 2.98 -16.88
CA TYR L 1209 -13.60 3.44 -15.75
C TYR L 1209 -14.81 2.55 -15.52
N ARG L 1210 -15.50 2.20 -16.61
CA ARG L 1210 -16.70 1.36 -16.50
C ARG L 1210 -16.36 -0.04 -16.00
N SER L 1211 -15.28 -0.64 -16.52
CA SER L 1211 -14.92 -1.97 -16.06
C SER L 1211 -14.42 -1.95 -14.63
N GLN L 1212 -13.77 -0.85 -14.21
CA GLN L 1212 -13.46 -0.64 -12.81
C GLN L 1212 -14.66 -0.21 -11.99
N GLY L 1213 -15.79 0.05 -12.64
CA GLY L 1213 -16.99 0.49 -11.94
C GLY L 1213 -16.98 1.94 -11.51
N VAL L 1214 -15.94 2.70 -11.82
CA VAL L 1214 -15.84 4.09 -11.41
C VAL L 1214 -16.54 4.96 -12.44
N GLN L 1215 -17.86 4.94 -12.43
CA GLN L 1215 -18.66 5.54 -13.50
C GLN L 1215 -18.39 7.03 -13.66
N ILE L 1216 -18.46 7.49 -14.91
CA ILE L 1216 -18.24 8.88 -15.27
C ILE L 1216 -19.15 9.18 -16.45
N HIS L 1217 -19.59 10.42 -16.57
CA HIS L 1217 -20.39 10.81 -17.72
C HIS L 1217 -19.50 11.13 -18.92
N ASN L 1218 -19.95 10.70 -20.10
CA ASN L 1218 -19.16 10.87 -21.32
C ASN L 1218 -18.85 12.33 -21.63
N ARG L 1219 -19.72 13.26 -21.21
CA ARG L 1219 -19.47 14.68 -21.51
C ARG L 1219 -18.20 15.21 -20.88
N HIS L 1220 -17.63 14.51 -19.89
CA HIS L 1220 -16.33 14.93 -19.36
C HIS L 1220 -15.18 14.39 -20.20
N ILE L 1221 -15.29 13.16 -20.69
CA ILE L 1221 -14.28 12.59 -21.57
C ILE L 1221 -14.24 13.32 -22.91
N GLU L 1222 -15.42 13.68 -23.42
CA GLU L 1222 -15.51 14.22 -24.77
C GLU L 1222 -14.84 15.58 -24.94
N ILE L 1223 -14.71 16.38 -23.88
CA ILE L 1223 -13.93 17.60 -24.00
C ILE L 1223 -12.44 17.30 -24.22
N ILE L 1224 -11.91 16.32 -23.49
CA ILE L 1224 -10.52 15.94 -23.68
C ILE L 1224 -10.33 15.36 -25.08
N VAL L 1225 -11.21 14.45 -25.49
CA VAL L 1225 -11.07 13.85 -26.81
C VAL L 1225 -11.26 14.89 -27.91
N ARG L 1226 -12.08 15.92 -27.67
CA ARG L 1226 -12.20 17.04 -28.57
C ARG L 1226 -10.89 17.81 -28.69
N GLN L 1227 -10.14 17.90 -27.60
CA GLN L 1227 -8.84 18.56 -27.68
C GLN L 1227 -7.78 17.70 -28.35
N ILE L 1228 -7.74 16.41 -28.02
CA ILE L 1228 -6.79 15.48 -28.65
C ILE L 1228 -6.96 15.45 -30.16
N THR L 1229 -8.20 15.48 -30.65
CA THR L 1229 -8.47 15.42 -32.09
C THR L 1229 -8.72 16.80 -32.69
N SER L 1230 -8.33 17.87 -32.01
CA SER L 1230 -8.66 19.21 -32.49
C SER L 1230 -7.92 19.57 -33.77
N LYS L 1231 -6.65 19.19 -33.88
CA LYS L 1231 -5.82 19.69 -34.97
C LYS L 1231 -5.70 18.71 -36.13
N VAL L 1232 -5.21 19.25 -37.25
CA VAL L 1232 -4.64 18.53 -38.37
C VAL L 1232 -3.32 19.19 -38.72
N LEU L 1233 -2.47 18.48 -39.46
CA LEU L 1233 -1.20 19.05 -39.91
C LEU L 1233 -1.20 19.17 -41.43
N VAL L 1234 -0.62 20.25 -41.92
CA VAL L 1234 -0.46 20.45 -43.36
C VAL L 1234 0.74 19.63 -43.82
N SER L 1235 0.53 18.76 -44.81
CA SER L 1235 1.60 17.93 -45.32
C SER L 1235 2.43 18.69 -46.36
N GLU L 1236 3.48 18.04 -46.85
CA GLU L 1236 4.39 18.68 -47.80
C GLU L 1236 3.66 19.09 -49.07
N GLU L 1237 2.80 18.22 -49.61
CA GLU L 1237 2.01 18.57 -50.77
C GLU L 1237 1.02 19.69 -50.50
N GLY L 1238 0.83 20.07 -49.25
CA GLY L 1238 0.02 21.21 -48.86
C GLY L 1238 0.76 22.52 -48.80
N MET L 1239 1.99 22.57 -49.28
CA MET L 1239 2.78 23.80 -49.26
C MET L 1239 2.07 24.91 -50.02
N SER L 1240 1.84 26.03 -49.33
CA SER L 1240 1.06 27.13 -49.85
C SER L 1240 1.55 28.42 -49.19
N ASN L 1241 1.14 29.55 -49.75
CA ASN L 1241 1.39 30.82 -49.09
C ASN L 1241 0.42 31.07 -47.95
N VAL L 1242 -0.66 30.28 -47.85
CA VAL L 1242 -1.58 30.38 -46.73
C VAL L 1242 -1.10 29.54 -45.55
N PHE L 1243 -0.73 28.29 -45.81
CA PHE L 1243 -0.25 27.38 -44.78
C PHE L 1243 1.07 26.77 -45.23
N LEU L 1244 2.00 26.66 -44.31
CA LEU L 1244 3.25 25.98 -44.60
C LEU L 1244 3.16 24.52 -44.14
N PRO L 1245 3.91 23.62 -44.78
CA PRO L 1245 3.96 22.24 -44.32
C PRO L 1245 4.33 22.13 -42.85
N GLY L 1246 3.82 21.08 -42.21
CA GLY L 1246 4.03 20.86 -40.79
C GLY L 1246 3.25 21.78 -39.87
N GLU L 1247 2.56 22.78 -40.40
CA GLU L 1247 1.75 23.65 -39.56
C GLU L 1247 0.53 22.92 -39.04
N LEU L 1248 0.19 23.16 -37.77
CA LEU L 1248 -0.98 22.55 -37.14
C LEU L 1248 -2.11 23.56 -37.11
N ILE L 1249 -3.27 23.17 -37.63
CA ILE L 1249 -4.44 24.04 -37.72
C ILE L 1249 -5.66 23.27 -37.24
N GLY L 1250 -6.61 23.99 -36.66
CA GLY L 1250 -7.81 23.34 -36.18
C GLY L 1250 -8.63 22.75 -37.31
N LEU L 1251 -9.39 21.70 -36.96
CA LEU L 1251 -10.19 21.01 -37.96
C LEU L 1251 -11.20 21.94 -38.62
N LEU L 1252 -11.81 22.84 -37.84
CA LEU L 1252 -12.74 23.81 -38.41
C LEU L 1252 -12.03 24.71 -39.41
N ARG L 1253 -10.86 25.23 -39.02
CA ARG L 1253 -10.05 26.03 -39.93
C ARG L 1253 -9.72 25.28 -41.21
N ALA L 1254 -9.34 24.00 -41.09
CA ALA L 1254 -8.96 23.22 -42.26
C ALA L 1254 -10.15 22.96 -43.17
N GLU L 1255 -11.30 22.62 -42.59
CA GLU L 1255 -12.51 22.39 -43.37
C GLU L 1255 -12.93 23.65 -44.10
N ARG L 1256 -13.01 24.76 -43.38
CA ARG L 1256 -13.49 26.01 -43.95
C ARG L 1256 -12.56 26.52 -45.05
N THR L 1257 -11.24 26.49 -44.82
CA THR L 1257 -10.31 26.88 -45.87
C THR L 1257 -10.28 25.89 -47.03
N GLY L 1258 -10.56 24.61 -46.78
CA GLY L 1258 -10.68 23.68 -47.89
C GLY L 1258 -11.88 23.94 -48.76
N ARG L 1259 -12.99 24.34 -48.15
CA ARG L 1259 -14.14 24.81 -48.91
C ARG L 1259 -13.80 26.09 -49.67
N ALA L 1260 -13.10 27.02 -49.02
CA ALA L 1260 -12.98 28.36 -49.55
C ALA L 1260 -11.88 28.48 -50.60
N LEU L 1261 -10.72 27.90 -50.37
CA LEU L 1261 -9.54 28.20 -51.16
C LEU L 1261 -9.13 27.01 -52.04
N GLU L 1262 -8.52 27.35 -53.17
CA GLU L 1262 -7.94 26.39 -54.10
C GLU L 1262 -6.42 26.31 -53.94
N GLU L 1263 -5.86 26.98 -52.93
CA GLU L 1263 -4.42 27.20 -52.82
C GLU L 1263 -3.71 25.94 -52.30
N ALA L 1264 -3.89 24.85 -53.04
CA ALA L 1264 -3.17 23.60 -52.81
C ALA L 1264 -3.31 23.09 -51.39
N ILE L 1265 -4.45 23.40 -50.75
CA ILE L 1265 -4.67 22.97 -49.38
C ILE L 1265 -4.61 21.45 -49.28
N CYS L 1266 -3.86 20.95 -48.31
CA CYS L 1266 -3.89 19.55 -47.95
C CYS L 1266 -3.56 19.42 -46.47
N TYR L 1267 -4.21 18.46 -45.81
CA TYR L 1267 -3.96 18.22 -44.40
C TYR L 1267 -4.34 16.80 -44.04
N ARG L 1268 -3.77 16.32 -42.93
CA ARG L 1268 -4.11 15.02 -42.36
C ARG L 1268 -4.37 15.18 -40.87
N ALA L 1269 -5.35 14.41 -40.38
CA ALA L 1269 -5.67 14.43 -38.95
C ALA L 1269 -4.47 13.96 -38.12
N VAL L 1270 -4.34 14.53 -36.93
CA VAL L 1270 -3.30 14.15 -35.97
C VAL L 1270 -3.96 13.93 -34.62
N LEU L 1271 -3.53 12.88 -33.92
CA LEU L 1271 -3.98 12.63 -32.56
C LEU L 1271 -2.99 13.28 -31.61
N LEU L 1272 -3.22 14.55 -31.30
CA LEU L 1272 -2.33 15.29 -30.40
C LEU L 1272 -2.51 14.78 -28.97
N GLY L 1273 -1.51 14.04 -28.50
CA GLY L 1273 -1.49 13.63 -27.10
C GLY L 1273 -1.57 14.81 -26.16
N ILE L 1274 -2.14 14.55 -24.98
CA ILE L 1274 -2.37 15.55 -23.93
C ILE L 1274 -1.17 16.48 -23.80
N THR L 1275 0.01 15.90 -23.58
CA THR L 1275 1.23 16.69 -23.40
C THR L 1275 1.67 17.40 -24.68
N ARG L 1276 0.97 17.20 -25.80
CA ARG L 1276 1.19 17.99 -27.00
C ARG L 1276 -0.03 18.81 -27.40
N ALA L 1277 -1.16 18.67 -26.69
CA ALA L 1277 -2.25 19.62 -26.86
C ALA L 1277 -1.96 20.89 -26.06
N SER L 1278 -1.55 20.73 -24.82
CA SER L 1278 -0.73 21.74 -24.18
C SER L 1278 0.62 21.80 -24.87
N LEU L 1279 1.26 22.97 -24.82
CA LEU L 1279 2.40 23.35 -25.66
C LEU L 1279 2.00 23.49 -27.12
N ASN L 1280 0.72 23.37 -27.44
CA ASN L 1280 0.15 23.84 -28.69
C ASN L 1280 -1.19 24.53 -28.42
N THR L 1281 -1.26 25.22 -27.28
CA THR L 1281 -2.43 25.97 -26.85
C THR L 1281 -2.10 27.46 -26.87
N GLN L 1282 -2.87 28.23 -27.64
CA GLN L 1282 -2.38 29.49 -28.19
C GLN L 1282 -1.93 30.46 -27.10
N SER L 1283 -2.53 30.39 -25.91
CA SER L 1283 -2.12 31.25 -24.81
C SER L 1283 -0.77 30.78 -24.29
N PHE L 1284 0.30 31.43 -24.75
CA PHE L 1284 1.65 30.92 -24.53
C PHE L 1284 1.98 30.74 -23.05
N ILE L 1285 1.33 31.51 -22.16
CA ILE L 1285 1.59 31.31 -20.74
C ILE L 1285 1.08 29.94 -20.28
N SER L 1286 -0.02 29.46 -20.85
CA SER L 1286 -0.50 28.13 -20.50
C SER L 1286 0.47 27.04 -20.96
N GLU L 1287 1.29 27.33 -21.97
CA GLU L 1287 2.33 26.42 -22.40
C GLU L 1287 3.56 26.53 -21.50
N ALA L 1288 4.08 27.74 -21.35
CA ALA L 1288 5.32 27.97 -20.61
C ALA L 1288 5.19 27.57 -19.15
N SER L 1289 4.06 27.92 -18.52
CA SER L 1289 3.86 27.53 -17.13
C SER L 1289 3.56 26.05 -16.97
N PHE L 1290 3.36 25.32 -18.06
CA PHE L 1290 3.16 23.88 -17.98
C PHE L 1290 4.48 23.13 -18.08
N GLN L 1291 5.18 23.26 -19.21
CA GLN L 1291 6.40 22.51 -19.46
C GLN L 1291 7.17 23.19 -20.57
N GLU L 1292 8.45 22.79 -20.71
CA GLU L 1292 9.32 23.29 -21.77
C GLU L 1292 9.40 24.81 -21.80
N THR L 1293 9.36 25.41 -20.60
CA THR L 1293 9.10 26.84 -20.48
C THR L 1293 10.07 27.67 -21.33
N ALA L 1294 11.35 27.35 -21.28
CA ALA L 1294 12.34 28.12 -22.04
C ALA L 1294 12.15 27.96 -23.55
N ARG L 1295 11.81 26.76 -24.00
CA ARG L 1295 11.60 26.54 -25.43
C ARG L 1295 10.35 27.27 -25.92
N VAL L 1296 9.26 27.19 -25.14
CA VAL L 1296 8.04 27.93 -25.46
C VAL L 1296 8.34 29.43 -25.54
N LEU L 1297 8.97 29.98 -24.50
CA LEU L 1297 9.24 31.41 -24.48
C LEU L 1297 10.15 31.82 -25.64
N ALA L 1298 11.15 31.01 -25.94
CA ALA L 1298 12.06 31.34 -27.05
C ALA L 1298 11.31 31.41 -28.37
N LYS L 1299 10.53 30.38 -28.68
CA LYS L 1299 9.74 30.39 -29.92
C LYS L 1299 8.79 31.58 -29.95
N ALA L 1300 8.02 31.77 -28.87
CA ALA L 1300 7.00 32.81 -28.87
C ALA L 1300 7.61 34.21 -28.97
N ALA L 1301 8.78 34.42 -28.37
CA ALA L 1301 9.44 35.70 -28.48
C ALA L 1301 10.02 35.92 -29.88
N LEU L 1302 10.55 34.87 -30.50
CA LEU L 1302 10.92 35.00 -31.92
C LEU L 1302 9.70 35.24 -32.79
N ARG L 1303 8.59 34.57 -32.48
CA ARG L 1303 7.33 34.79 -33.18
C ARG L 1303 6.64 36.07 -32.76
N GLY L 1304 7.15 36.77 -31.75
CA GLY L 1304 6.46 37.95 -31.25
C GLY L 1304 5.04 37.69 -30.81
N ARG L 1305 4.76 36.49 -30.30
CA ARG L 1305 3.39 36.00 -30.23
C ARG L 1305 2.56 36.84 -29.29
N ILE L 1306 1.28 37.01 -29.63
CA ILE L 1306 0.32 37.70 -28.77
C ILE L 1306 -0.51 36.65 -28.05
N ASP L 1307 -0.41 36.62 -26.73
CA ASP L 1307 -1.40 35.93 -25.90
C ASP L 1307 -2.52 36.92 -25.61
N TRP L 1308 -3.59 36.85 -26.41
CA TRP L 1308 -4.78 37.62 -26.11
C TRP L 1308 -5.49 36.96 -24.94
N LEU L 1309 -5.36 37.56 -23.75
CA LEU L 1309 -5.58 36.84 -22.51
C LEU L 1309 -7.01 36.34 -22.37
N LYS L 1310 -7.18 35.02 -22.49
CA LYS L 1310 -8.44 34.34 -22.27
C LYS L 1310 -8.13 32.92 -21.85
N GLY L 1311 -9.06 32.32 -21.11
CA GLY L 1311 -8.76 31.11 -20.35
C GLY L 1311 -8.10 31.40 -19.01
N LEU L 1312 -8.11 30.37 -18.16
CA LEU L 1312 -7.91 30.55 -16.73
C LEU L 1312 -6.45 30.44 -16.27
N LYS L 1313 -5.75 29.38 -16.70
CA LYS L 1313 -4.37 29.18 -16.27
C LYS L 1313 -3.49 30.39 -16.57
N GLU L 1314 -3.61 30.95 -17.77
CA GLU L 1314 -2.86 32.11 -18.18
C GLU L 1314 -3.37 33.40 -17.55
N ASN L 1315 -4.51 33.39 -16.86
CA ASN L 1315 -5.02 34.56 -16.18
C ASN L 1315 -4.66 34.62 -14.70
N VAL L 1316 -4.48 33.46 -14.04
CA VAL L 1316 -4.18 33.48 -12.61
C VAL L 1316 -2.76 33.96 -12.37
N VAL L 1317 -1.86 33.77 -13.33
CA VAL L 1317 -0.51 34.30 -13.20
C VAL L 1317 -0.55 35.82 -13.15
N LEU L 1318 -1.36 36.43 -14.02
CA LEU L 1318 -1.48 37.88 -14.06
C LEU L 1318 -2.38 38.42 -12.95
N GLY L 1319 -2.85 37.55 -12.05
CA GLY L 1319 -3.71 37.98 -10.97
C GLY L 1319 -4.97 38.66 -11.44
N GLY L 1320 -5.71 38.01 -12.35
CA GLY L 1320 -6.88 38.59 -12.95
C GLY L 1320 -8.17 38.10 -12.30
N VAL L 1321 -9.28 38.51 -12.90
CA VAL L 1321 -10.60 38.18 -12.37
C VAL L 1321 -11.12 36.88 -12.97
N ILE L 1322 -10.28 36.18 -13.74
CA ILE L 1322 -10.62 34.90 -14.35
C ILE L 1322 -11.73 35.09 -15.38
N PRO L 1323 -11.43 34.86 -16.67
CA PRO L 1323 -12.41 35.08 -17.70
C PRO L 1323 -13.34 33.91 -17.65
N ALA L 1324 -13.85 33.62 -16.46
CA ALA L 1324 -14.84 32.53 -16.31
C ALA L 1324 -15.61 32.76 -15.02
N GLY L 1325 -16.61 31.92 -14.76
CA GLY L 1325 -17.35 32.05 -13.50
C GLY L 1325 -17.84 33.46 -13.26
N THR L 1326 -17.88 33.88 -12.00
CA THR L 1326 -18.43 35.21 -11.64
C THR L 1326 -17.91 36.26 -12.56
N GLY L 1327 -16.62 36.22 -12.87
CA GLY L 1327 -16.07 37.17 -13.85
C GLY L 1327 -16.23 36.67 -15.27
N PHE L 1328 -17.44 36.29 -15.65
CA PHE L 1328 -17.72 35.97 -17.08
C PHE L 1328 -17.54 37.23 -17.88
N ASN L 1329 -18.02 38.36 -17.35
CA ASN L 1329 -17.90 39.66 -18.06
C ASN L 1329 -17.48 40.74 -17.06
N THR M 12 -30.17 33.30 42.68
CA THR M 12 -30.87 32.17 43.28
C THR M 12 -31.67 31.41 42.24
N LEU M 13 -31.95 30.14 42.53
CA LEU M 13 -32.64 29.28 41.57
C LEU M 13 -34.08 29.77 41.39
N GLN M 14 -34.42 30.13 40.17
CA GLN M 14 -35.76 30.56 39.82
C GLN M 14 -36.13 30.01 38.46
N TRP M 15 -37.43 29.79 38.26
CA TRP M 15 -37.96 29.28 37.01
C TRP M 15 -39.03 30.22 36.47
N LYS M 16 -39.14 30.25 35.15
CA LYS M 16 -40.11 31.09 34.45
C LYS M 16 -40.71 30.31 33.30
N CYS M 17 -41.98 30.55 33.01
CA CYS M 17 -42.61 30.02 31.80
C CYS M 17 -42.25 30.92 30.62
N VAL M 18 -41.38 30.42 29.74
CA VAL M 18 -40.90 31.24 28.63
C VAL M 18 -41.88 31.25 27.47
N GLU M 19 -42.59 30.15 27.24
CA GLU M 19 -43.53 30.06 26.13
C GLU M 19 -44.67 29.12 26.48
N SER M 20 -45.82 29.38 25.88
CA SER M 20 -46.99 28.52 26.02
C SER M 20 -47.79 28.57 24.73
N ARG M 21 -48.34 27.43 24.33
CA ARG M 21 -49.11 27.35 23.10
C ARG M 21 -50.23 26.35 23.27
N ARG M 22 -51.24 26.47 22.40
CA ARG M 22 -52.42 25.63 22.42
C ARG M 22 -52.79 25.22 21.00
N ASP M 23 -51.81 24.69 20.27
CA ASP M 23 -51.97 24.42 18.84
C ASP M 23 -53.09 23.42 18.55
N SER M 24 -53.58 22.70 19.55
CA SER M 24 -54.82 21.95 19.44
C SER M 24 -55.43 21.84 20.82
N LYS M 25 -56.74 21.55 20.85
CA LYS M 25 -57.41 21.29 22.12
C LYS M 25 -56.85 20.06 22.82
N ARG M 26 -56.22 19.15 22.07
CA ARG M 26 -55.50 18.01 22.64
C ARG M 26 -54.01 18.08 22.37
N LEU M 27 -53.46 19.29 22.32
CA LEU M 27 -51.99 19.45 22.33
C LEU M 27 -51.66 20.81 22.94
N TYR M 28 -51.23 20.80 24.19
CA TYR M 28 -50.75 21.99 24.89
C TYR M 28 -49.23 21.92 24.98
N TYR M 29 -48.56 23.01 24.65
CA TYR M 29 -47.10 23.06 24.71
C TYR M 29 -46.66 24.11 25.72
N GLY M 30 -45.57 23.83 26.42
CA GLY M 30 -44.95 24.83 27.26
C GLY M 30 -43.45 24.64 27.31
N ARG M 31 -42.74 25.74 27.56
CA ARG M 31 -41.30 25.71 27.75
C ARG M 31 -40.95 26.51 28.99
N PHE M 32 -40.08 25.97 29.83
CA PHE M 32 -39.80 26.51 31.15
C PHE M 32 -38.31 26.63 31.34
N ILE M 33 -37.87 27.79 31.82
CA ILE M 33 -36.46 28.04 32.12
C ILE M 33 -36.25 27.90 33.62
N LEU M 34 -35.19 27.20 34.01
CA LEU M 34 -34.68 27.22 35.37
C LEU M 34 -33.23 27.70 35.33
N SER M 35 -32.91 28.69 36.17
CA SER M 35 -31.57 29.25 36.19
C SER M 35 -31.31 29.86 37.56
N PRO M 36 -30.04 30.06 37.93
CA PRO M 36 -28.83 29.42 37.41
C PRO M 36 -28.59 28.05 38.05
N LEU M 37 -27.92 27.14 37.36
CA LEU M 37 -27.65 25.81 37.89
C LEU M 37 -26.15 25.54 37.97
N MET M 38 -25.76 24.79 38.99
CA MET M 38 -24.38 24.38 39.17
C MET M 38 -23.98 23.36 38.09
N LYS M 39 -22.68 23.31 37.81
CA LYS M 39 -22.12 22.43 36.79
C LYS M 39 -22.59 20.98 36.95
N GLY M 40 -23.37 20.48 36.00
CA GLY M 40 -23.81 19.11 36.01
C GLY M 40 -25.22 18.89 36.52
N GLN M 41 -25.76 19.84 37.28
CA GLN M 41 -27.10 19.68 37.83
C GLN M 41 -28.17 19.71 36.76
N ALA M 42 -27.97 20.51 35.71
CA ALA M 42 -29.02 20.74 34.73
C ALA M 42 -29.41 19.44 34.02
N ASP M 43 -28.41 18.63 33.65
CA ASP M 43 -28.72 17.38 32.97
C ASP M 43 -29.41 16.37 33.90
N THR M 44 -28.96 16.28 35.15
CA THR M 44 -29.62 15.39 36.11
C THR M 44 -31.07 15.79 36.32
N ILE M 45 -31.32 17.09 36.50
CA ILE M 45 -32.68 17.59 36.63
C ILE M 45 -33.50 17.24 35.40
N GLY M 46 -32.97 17.56 34.22
CA GLY M 46 -33.72 17.31 32.99
C GLY M 46 -34.05 15.84 32.79
N ILE M 47 -33.09 14.96 33.05
CA ILE M 47 -33.31 13.52 32.91
C ILE M 47 -34.39 13.04 33.86
N ALA M 48 -34.26 13.38 35.15
CA ALA M 48 -35.24 12.92 36.13
C ALA M 48 -36.62 13.48 35.82
N MET M 49 -36.69 14.78 35.54
CA MET M 49 -37.96 15.41 35.20
C MET M 49 -38.59 14.80 33.95
N ARG M 50 -37.79 14.49 32.95
CA ARG M 50 -38.32 13.87 31.74
C ARG M 50 -38.89 12.49 32.02
N ARG M 51 -38.18 11.68 32.82
CA ARG M 51 -38.75 10.38 33.22
C ARG M 51 -40.04 10.56 34.00
N ALA M 52 -40.08 11.53 34.90
CA ALA M 52 -41.28 11.74 35.70
C ALA M 52 -42.46 12.17 34.83
N LEU M 53 -42.25 13.19 34.00
CA LEU M 53 -43.29 13.63 33.07
C LEU M 53 -43.76 12.47 32.20
N LEU M 54 -42.84 11.77 31.55
CA LEU M 54 -43.22 10.76 30.58
C LEU M 54 -43.74 9.47 31.21
N GLY M 55 -43.73 9.34 32.53
CA GLY M 55 -44.37 8.15 33.06
C GLY M 55 -44.68 8.10 34.54
N GLU M 56 -44.22 9.06 35.31
CA GLU M 56 -44.58 9.11 36.73
C GLU M 56 -45.86 9.90 36.99
N ILE M 57 -46.26 10.76 36.05
CA ILE M 57 -47.55 11.43 36.16
C ILE M 57 -48.69 10.41 36.07
N GLU M 58 -49.60 10.45 37.03
CA GLU M 58 -50.82 9.66 36.94
C GLU M 58 -51.76 10.29 35.91
N GLY M 59 -52.23 9.46 34.97
CA GLY M 59 -53.14 9.94 33.96
C GLY M 59 -54.38 9.07 33.87
N THR M 60 -55.40 9.63 33.23
CA THR M 60 -56.71 9.02 33.15
C THR M 60 -57.11 8.84 31.69
N CYS M 61 -57.66 7.67 31.39
CA CYS M 61 -58.16 7.38 30.05
C CYS M 61 -59.13 6.21 30.13
N ILE M 62 -59.88 6.01 29.06
CA ILE M 62 -60.79 4.88 28.99
C ILE M 62 -59.99 3.59 28.91
N THR M 63 -60.28 2.65 29.81
CA THR M 63 -59.54 1.39 29.85
C THR M 63 -60.36 0.20 29.41
N ARG M 64 -61.68 0.29 29.39
CA ARG M 64 -62.46 -0.83 28.86
C ARG M 64 -63.77 -0.29 28.29
N ALA M 65 -64.33 -1.01 27.32
CA ALA M 65 -65.66 -0.70 26.79
C ALA M 65 -66.48 -1.96 26.66
N LYS M 66 -67.74 -1.87 27.10
CA LYS M 66 -68.76 -2.89 26.91
C LYS M 66 -69.82 -2.36 25.96
N SER M 67 -70.13 -3.14 24.92
CA SER M 67 -71.21 -2.83 23.98
C SER M 67 -72.09 -4.08 23.88
N GLU M 68 -72.98 -4.25 24.84
CA GLU M 68 -73.64 -5.53 25.07
C GLU M 68 -74.60 -5.92 23.95
N ASN M 69 -74.92 -4.99 23.04
CA ASN M 69 -75.72 -5.32 21.87
C ASN M 69 -74.88 -6.03 20.81
N ASN M 76 -69.48 -7.48 13.84
CA ASN M 76 -69.73 -6.05 13.67
C ASN M 76 -71.19 -5.72 13.97
N ILE M 77 -71.40 -4.70 14.81
CA ILE M 77 -72.76 -4.33 15.20
C ILE M 77 -73.49 -3.75 14.00
N VAL M 78 -74.79 -4.06 13.88
CA VAL M 78 -75.60 -3.55 12.80
C VAL M 78 -75.79 -2.04 12.93
N GLY M 79 -75.92 -1.37 11.78
CA GLY M 79 -76.36 0.00 11.69
C GLY M 79 -75.34 1.05 12.09
N ILE M 80 -74.31 0.69 12.84
CA ILE M 80 -73.19 1.62 13.06
C ILE M 80 -72.35 1.67 11.79
N GLN M 81 -71.90 2.87 11.41
CA GLN M 81 -71.02 2.96 10.24
C GLN M 81 -69.66 2.36 10.55
N GLU M 82 -69.09 2.67 11.72
CA GLU M 82 -67.76 2.17 12.04
C GLU M 82 -67.83 0.68 12.31
N SER M 83 -66.72 -0.01 12.02
CA SER M 83 -66.46 -1.30 12.63
C SER M 83 -66.28 -1.13 14.14
N VAL M 84 -66.62 -2.18 14.88
CA VAL M 84 -66.50 -2.13 16.34
C VAL M 84 -65.05 -1.84 16.72
N HIS M 85 -64.10 -2.43 16.00
CA HIS M 85 -62.69 -2.14 16.25
C HIS M 85 -62.39 -0.67 16.04
N GLU M 86 -62.99 -0.05 15.03
CA GLU M 86 -62.79 1.39 14.83
C GLU M 86 -63.47 2.21 15.92
N ILE M 87 -64.59 1.73 16.46
CA ILE M 87 -65.19 2.41 17.60
C ILE M 87 -64.20 2.39 18.75
N LEU M 88 -63.66 1.22 19.07
CA LEU M 88 -62.75 1.11 20.20
C LEU M 88 -61.51 1.98 20.00
N MET M 89 -60.97 1.99 18.77
CA MET M 89 -59.79 2.79 18.47
C MET M 89 -60.06 4.29 18.46
N ASN M 90 -61.29 4.71 18.20
CA ASN M 90 -61.63 6.12 18.36
C ASN M 90 -61.90 6.47 19.82
N LEU M 91 -62.38 5.50 20.60
CA LEU M 91 -62.52 5.69 22.05
C LEU M 91 -61.15 5.84 22.70
N ASN M 92 -60.15 5.10 22.24
CA ASN M 92 -58.80 5.26 22.76
C ASN M 92 -58.34 6.71 22.69
N GLU M 93 -58.73 7.42 21.63
CA GLU M 93 -58.34 8.81 21.46
C GLU M 93 -59.07 9.77 22.40
N ILE M 94 -60.03 9.30 23.20
CA ILE M 94 -60.67 10.16 24.17
C ILE M 94 -59.68 10.52 25.27
N VAL M 95 -59.52 11.81 25.52
CA VAL M 95 -58.59 12.31 26.52
C VAL M 95 -59.39 12.78 27.73
N LEU M 96 -59.04 12.27 28.90
CA LEU M 96 -59.77 12.56 30.13
C LEU M 96 -58.80 13.09 31.18
N LYS M 97 -59.30 13.95 32.05
CA LYS M 97 -58.59 14.36 33.25
C LYS M 97 -59.45 14.09 34.47
N SER M 98 -58.87 13.49 35.50
CA SER M 98 -59.62 13.12 36.69
C SER M 98 -58.65 12.87 37.82
N ASN M 99 -59.19 12.79 39.02
CA ASN M 99 -58.46 12.40 40.22
C ASN M 99 -59.04 11.12 40.82
N LEU M 100 -59.55 10.25 39.96
CA LEU M 100 -60.13 8.99 40.41
C LEU M 100 -59.13 8.19 41.24
N TYR M 101 -59.64 7.52 42.27
CA TYR M 101 -58.97 6.41 42.92
C TYR M 101 -59.65 5.12 42.50
N GLY M 102 -58.86 4.13 42.11
CA GLY M 102 -59.41 2.92 41.53
C GLY M 102 -60.08 3.17 40.18
N THR M 103 -60.81 2.14 39.74
CA THR M 103 -61.62 2.23 38.54
C THR M 103 -62.97 2.91 38.82
N ARG M 104 -63.62 3.37 37.75
CA ARG M 104 -64.97 3.87 37.82
C ARG M 104 -65.68 3.67 36.50
N ASN M 105 -67.01 3.73 36.53
CA ASN M 105 -67.82 3.49 35.35
C ASN M 105 -68.34 4.81 34.77
N ALA M 106 -68.08 5.04 33.50
CA ALA M 106 -68.76 6.04 32.68
C ALA M 106 -69.73 5.32 31.74
N LEU M 107 -70.65 6.07 31.14
CA LEU M 107 -71.61 5.43 30.26
C LEU M 107 -72.04 6.35 29.12
N ILE M 108 -71.74 5.92 27.89
CA ILE M 108 -72.43 6.44 26.71
C ILE M 108 -73.85 5.92 26.68
N CYS M 109 -74.80 6.77 26.32
CA CYS M 109 -76.14 6.30 25.97
C CYS M 109 -76.68 7.21 24.88
N VAL M 110 -76.83 6.69 23.65
CA VAL M 110 -77.39 7.46 22.54
C VAL M 110 -78.38 6.60 21.77
N GLN M 111 -79.48 7.21 21.36
CA GLN M 111 -80.45 6.60 20.46
C GLN M 111 -80.29 7.25 19.09
N GLY M 112 -80.11 6.42 18.06
CA GLY M 112 -79.82 6.92 16.73
C GLY M 112 -81.05 7.47 16.05
N PRO M 113 -80.84 7.97 14.83
CA PRO M 113 -79.56 8.23 14.16
C PRO M 113 -78.83 9.44 14.73
N GLY M 114 -77.54 9.57 14.46
CA GLY M 114 -76.79 10.73 14.90
C GLY M 114 -75.38 10.42 15.37
N TYR M 115 -74.59 11.46 15.60
CA TYR M 115 -73.25 11.26 16.13
C TYR M 115 -73.26 10.99 17.62
N ILE M 116 -72.42 10.04 18.04
CA ILE M 116 -72.04 9.86 19.44
C ILE M 116 -70.63 10.42 19.59
N THR M 117 -70.46 11.29 20.58
CA THR M 117 -69.25 12.06 20.78
C THR M 117 -68.94 12.11 22.27
N ALA M 118 -67.71 12.53 22.59
CA ALA M 118 -67.27 12.54 23.98
C ALA M 118 -68.20 13.35 24.87
N ARG M 119 -68.82 14.41 24.30
CA ARG M 119 -69.86 15.13 25.01
C ARG M 119 -70.92 14.19 25.59
N ASP M 120 -71.23 13.10 24.89
CA ASP M 120 -72.28 12.17 25.30
C ASP M 120 -71.84 11.21 26.39
N ILE M 121 -70.59 11.28 26.85
CA ILE M 121 -70.17 10.45 27.98
C ILE M 121 -70.81 10.99 29.25
N ILE M 122 -71.53 10.14 29.97
CA ILE M 122 -71.92 10.41 31.35
C ILE M 122 -70.72 10.12 32.25
N LEU M 123 -70.28 11.12 33.00
CA LEU M 123 -68.99 10.99 33.64
C LEU M 123 -69.14 10.65 35.11
N PRO M 124 -68.27 9.77 35.63
CA PRO M 124 -68.21 9.59 37.08
C PRO M 124 -67.61 10.81 37.73
N PRO M 125 -67.93 11.05 39.02
CA PRO M 125 -67.93 12.43 39.55
C PRO M 125 -66.65 13.23 39.29
N SER M 126 -65.48 12.62 39.45
CA SER M 126 -64.23 13.39 39.40
C SER M 126 -63.70 13.58 37.99
N VAL M 127 -64.33 12.99 36.99
CA VAL M 127 -63.81 13.02 35.62
C VAL M 127 -64.35 14.24 34.89
N GLU M 128 -63.53 14.78 34.00
CA GLU M 128 -63.99 15.79 33.04
C GLU M 128 -63.35 15.50 31.68
N ILE M 129 -64.10 15.74 30.62
CA ILE M 129 -63.62 15.55 29.27
C ILE M 129 -62.71 16.71 28.89
N VAL M 130 -61.67 16.41 28.13
CA VAL M 130 -60.75 17.45 27.66
C VAL M 130 -61.22 18.08 26.36
N ASP M 131 -61.66 17.27 25.39
CA ASP M 131 -62.16 17.76 24.11
C ASP M 131 -63.52 17.11 23.86
N ASN M 132 -64.59 17.81 24.24
CA ASN M 132 -65.94 17.26 24.11
C ASN M 132 -66.31 16.98 22.66
N THR M 133 -65.61 17.59 21.69
CA THR M 133 -65.91 17.40 20.29
C THR M 133 -65.35 16.09 19.73
N GLN M 134 -64.57 15.34 20.50
CA GLN M 134 -63.99 14.10 20.01
C GLN M 134 -65.08 13.17 19.49
N HIS M 135 -64.85 12.62 18.30
CA HIS M 135 -65.79 11.66 17.74
C HIS M 135 -65.74 10.35 18.53
N ILE M 136 -66.80 9.56 18.39
CA ILE M 136 -66.84 8.22 18.96
C ILE M 136 -67.45 7.26 17.96
N ALA M 137 -68.71 7.49 17.59
CA ALA M 137 -69.39 6.63 16.63
C ALA M 137 -70.45 7.41 15.89
N THR M 138 -70.82 6.93 14.69
CA THR M 138 -71.94 7.50 13.96
C THR M 138 -73.02 6.44 13.82
N LEU M 139 -74.21 6.71 14.35
CA LEU M 139 -75.37 5.84 14.19
C LEU M 139 -76.09 6.24 12.90
N THR M 140 -76.12 5.33 11.93
CA THR M 140 -76.74 5.60 10.65
C THR M 140 -78.25 5.38 10.65
N GLU M 141 -78.79 4.80 11.71
CA GLU M 141 -80.19 4.41 11.77
C GLU M 141 -80.65 4.48 13.21
N PRO M 142 -81.96 4.51 13.46
CA PRO M 142 -82.43 4.58 14.86
C PRO M 142 -82.21 3.29 15.61
N ILE M 143 -81.14 3.23 16.39
CA ILE M 143 -80.85 2.08 17.24
C ILE M 143 -80.36 2.57 18.60
N ASN M 144 -80.46 1.69 19.59
CA ASN M 144 -79.90 1.94 20.91
C ASN M 144 -78.41 1.63 20.89
N LEU M 145 -77.59 2.55 21.42
CA LEU M 145 -76.19 2.26 21.69
C LEU M 145 -75.80 2.96 22.99
N CYS M 146 -76.02 2.27 24.11
CA CYS M 146 -75.23 2.52 25.29
C CYS M 146 -73.88 1.84 25.17
N ILE M 147 -72.87 2.42 25.82
CA ILE M 147 -71.57 1.80 25.96
C ILE M 147 -71.10 1.99 27.40
N GLY M 148 -70.81 0.89 28.08
CA GLY M 148 -70.33 0.98 29.46
C GLY M 148 -68.81 1.03 29.52
N LEU M 149 -68.24 2.10 30.05
CA LEU M 149 -66.81 2.34 29.93
C LEU M 149 -66.17 2.22 31.31
N LYS M 150 -65.20 1.32 31.43
CA LYS M 150 -64.33 1.33 32.59
C LYS M 150 -63.26 2.41 32.38
N ILE M 151 -63.12 3.28 33.36
CA ILE M 151 -62.11 4.33 33.41
C ILE M 151 -61.19 4.03 34.58
N GLU M 152 -59.91 4.38 34.42
CA GLU M 152 -58.93 4.25 35.49
C GLU M 152 -57.98 5.43 35.45
N ARG M 153 -57.41 5.76 36.61
CA ARG M 153 -56.27 6.64 36.72
C ARG M 153 -55.04 5.82 37.11
N ASN M 154 -53.99 5.91 36.31
CA ASN M 154 -52.80 5.10 36.50
C ASN M 154 -51.56 5.88 36.10
N ARG M 155 -50.42 5.48 36.66
CA ARG M 155 -49.14 5.96 36.17
C ARG M 155 -48.86 5.39 34.78
N GLY M 156 -48.15 6.18 33.97
CA GLY M 156 -47.79 5.72 32.64
C GLY M 156 -47.03 4.41 32.65
N TYR M 157 -46.07 4.27 33.56
CA TYR M 157 -45.28 3.03 33.63
C TYR M 157 -46.05 1.86 34.21
N SER M 158 -47.22 2.08 34.81
CA SER M 158 -47.90 1.00 35.51
C SER M 158 -48.71 0.14 34.54
N LEU M 159 -48.87 -1.13 34.91
CA LEU M 159 -49.56 -2.12 34.08
C LEU M 159 -49.08 -2.12 32.63
N ARG M 168 -67.49 -8.39 24.68
CA ARG M 168 -68.40 -7.61 25.51
C ARG M 168 -67.64 -6.86 26.61
N SER M 169 -66.31 -6.96 26.59
CA SER M 169 -65.48 -6.33 27.59
C SER M 169 -64.10 -6.05 26.99
N TYR M 170 -64.09 -5.35 25.86
CA TYR M 170 -62.85 -5.17 25.10
C TYR M 170 -61.92 -4.20 25.80
N PRO M 171 -60.68 -4.60 26.12
CA PRO M 171 -59.71 -3.64 26.65
C PRO M 171 -59.29 -2.64 25.58
N ILE M 172 -59.22 -1.36 25.99
CA ILE M 172 -58.82 -0.29 25.09
C ILE M 172 -57.33 -0.01 25.13
N ASP M 173 -56.62 -0.52 26.15
CA ASP M 173 -55.16 -0.50 26.36
C ASP M 173 -54.56 0.89 26.25
N ALA M 174 -55.37 1.93 26.46
CA ALA M 174 -54.86 3.30 26.44
C ALA M 174 -53.71 3.45 27.43
N VAL M 175 -52.71 4.24 27.04
CA VAL M 175 -51.38 4.13 27.62
C VAL M 175 -51.12 5.19 28.69
N PHE M 176 -52.17 5.78 29.27
CA PHE M 176 -52.06 6.68 30.42
C PHE M 176 -50.93 7.71 30.24
N MET M 177 -51.05 8.51 29.18
CA MET M 177 -49.94 9.32 28.69
C MET M 177 -50.35 10.79 28.62
N PRO M 178 -50.52 11.44 29.78
CA PRO M 178 -50.87 12.87 29.77
C PRO M 178 -49.83 13.76 29.13
N VAL M 179 -48.58 13.31 29.01
CA VAL M 179 -47.53 14.06 28.35
C VAL M 179 -47.13 13.29 27.10
N GLN M 180 -47.42 13.88 25.94
CA GLN M 180 -47.06 13.23 24.68
C GLN M 180 -45.55 13.22 24.46
N ASN M 181 -44.87 14.30 24.84
CA ASN M 181 -43.42 14.37 24.71
C ASN M 181 -42.88 15.32 25.77
N ALA M 182 -41.61 15.10 26.13
CA ALA M 182 -40.87 16.10 26.87
C ALA M 182 -39.41 16.05 26.45
N ASN M 183 -38.76 17.21 26.51
CA ASN M 183 -37.35 17.34 26.15
C ASN M 183 -36.71 18.33 27.10
N HIS M 184 -35.39 18.37 27.09
CA HIS M 184 -34.67 19.42 27.79
C HIS M 184 -33.42 19.79 27.01
N SER M 185 -32.91 20.98 27.28
CA SER M 185 -31.61 21.40 26.78
C SER M 185 -30.93 22.30 27.80
N ILE M 186 -29.62 22.42 27.67
CA ILE M 186 -28.79 23.14 28.63
C ILE M 186 -27.97 24.17 27.88
N HIS M 187 -27.83 25.35 28.45
CA HIS M 187 -26.98 26.38 27.86
C HIS M 187 -26.16 27.07 28.94
N SER M 188 -24.90 27.35 28.64
CA SER M 188 -24.12 28.24 29.50
C SER M 188 -24.54 29.68 29.26
N TYR M 189 -24.38 30.52 30.28
CA TYR M 189 -24.84 31.89 30.20
C TYR M 189 -23.88 32.83 30.91
N GLY M 190 -23.94 34.10 30.52
CA GLY M 190 -23.18 35.17 31.12
C GLY M 190 -21.69 35.15 30.86
N ASN M 191 -21.16 34.13 30.20
CA ASN M 191 -19.73 33.94 29.98
C ASN M 191 -18.93 33.97 31.29
N GLY M 192 -19.61 33.81 32.42
CA GLY M 192 -18.91 33.88 33.70
C GLY M 192 -18.10 32.62 33.95
N ASN M 193 -16.93 32.81 34.55
CA ASN M 193 -16.02 31.69 34.77
C ASN M 193 -16.51 30.70 35.81
N GLU M 194 -17.67 30.94 36.44
CA GLU M 194 -18.30 29.92 37.25
C GLU M 194 -18.89 28.80 36.39
N LYS M 195 -19.11 29.06 35.10
CA LYS M 195 -19.66 28.08 34.16
C LYS M 195 -20.99 27.50 34.64
N GLN M 196 -21.73 28.29 35.42
CA GLN M 196 -23.09 27.91 35.77
C GLN M 196 -24.00 28.04 34.56
N GLU M 197 -25.08 27.26 34.56
CA GLU M 197 -25.81 26.99 33.33
C GLU M 197 -27.31 27.02 33.57
N ILE M 198 -28.05 26.99 32.47
CA ILE M 198 -29.49 27.24 32.43
C ILE M 198 -30.17 26.05 31.76
N LEU M 199 -31.28 25.61 32.34
CA LEU M 199 -32.04 24.47 31.84
C LEU M 199 -33.34 24.92 31.20
N PHE M 200 -33.62 24.45 29.99
CA PHE M 200 -34.90 24.65 29.34
C PHE M 200 -35.61 23.30 29.22
N ILE M 201 -36.78 23.18 29.84
CA ILE M 201 -37.62 21.99 29.73
C ILE M 201 -38.79 22.30 28.81
N GLU M 202 -39.02 21.43 27.82
CA GLU M 202 -40.15 21.55 26.92
C GLU M 202 -41.10 20.38 27.15
N ILE M 203 -42.41 20.68 27.20
CA ILE M 203 -43.43 19.71 27.52
C ILE M 203 -44.58 19.84 26.53
N TRP M 204 -45.00 18.72 25.94
CA TRP M 204 -46.21 18.64 25.12
C TRP M 204 -47.25 17.83 25.88
N THR M 205 -47.98 18.50 26.76
CA THR M 205 -49.08 17.87 27.46
C THR M 205 -50.25 17.60 26.50
N ASN M 206 -51.00 16.54 26.81
CA ASN M 206 -52.09 16.07 25.99
C ASN M 206 -53.38 16.86 26.20
N GLY M 207 -53.32 17.99 26.89
CA GLY M 207 -54.51 18.75 27.22
C GLY M 207 -55.24 18.30 28.46
N SER M 208 -55.04 17.07 28.92
CA SER M 208 -55.53 16.66 30.23
C SER M 208 -54.79 17.34 31.36
N LEU M 209 -53.69 18.02 31.05
CA LEU M 209 -52.93 18.78 32.03
C LEU M 209 -52.31 19.96 31.30
N THR M 210 -52.17 21.08 32.00
CA THR M 210 -51.34 22.13 31.45
C THR M 210 -49.86 21.82 31.68
N PRO M 211 -48.98 22.36 30.85
CA PRO M 211 -47.53 22.13 31.05
C PRO M 211 -47.02 22.51 32.43
N LYS M 212 -47.52 23.62 33.00
CA LYS M 212 -47.07 24.01 34.34
C LYS M 212 -47.58 23.04 35.39
N GLU M 213 -48.81 22.56 35.25
CA GLU M 213 -49.30 21.53 36.17
C GLU M 213 -48.51 20.25 36.02
N ALA M 214 -48.16 19.88 34.79
CA ALA M 214 -47.34 18.69 34.59
C ALA M 214 -45.97 18.83 35.23
N LEU M 215 -45.35 20.00 35.07
CA LEU M 215 -44.06 20.25 35.72
C LEU M 215 -44.15 20.14 37.24
N HIS M 216 -45.20 20.72 37.82
CA HIS M 216 -45.40 20.61 39.27
C HIS M 216 -45.61 19.16 39.69
N GLU M 217 -46.47 18.45 38.95
CA GLU M 217 -46.79 17.07 39.31
C GLU M 217 -45.55 16.18 39.22
N ALA M 218 -44.77 16.33 38.16
CA ALA M 218 -43.54 15.57 38.02
C ALA M 218 -42.55 15.88 39.14
N SER M 219 -42.33 17.16 39.43
CA SER M 219 -41.45 17.53 40.53
C SER M 219 -41.90 16.91 41.85
N ARG M 220 -43.20 17.02 42.16
CA ARG M 220 -43.73 16.49 43.40
C ARG M 220 -43.63 14.96 43.46
N ASN M 221 -43.90 14.28 42.35
CA ASN M 221 -43.76 12.83 42.32
C ASN M 221 -42.31 12.40 42.48
N LEU M 222 -41.38 13.16 41.92
CA LEU M 222 -39.96 12.87 42.16
C LEU M 222 -39.61 13.01 43.63
N ILE M 223 -40.08 14.09 44.26
CA ILE M 223 -39.80 14.28 45.68
C ILE M 223 -40.43 13.16 46.50
N ASN M 224 -41.63 12.72 46.11
CA ASN M 224 -42.26 11.57 46.75
C ASN M 224 -41.50 10.27 46.51
N LEU M 225 -40.71 10.18 45.45
CA LEU M 225 -39.87 9.01 45.26
C LEU M 225 -38.61 9.07 46.12
N PHE M 226 -38.06 10.26 46.35
CA PHE M 226 -36.78 10.34 47.04
C PHE M 226 -36.89 10.53 48.55
N ILE M 227 -37.97 11.12 49.05
CA ILE M 227 -38.24 11.20 50.48
C ILE M 227 -38.12 9.86 51.19
N PRO M 228 -38.60 8.74 50.63
CA PRO M 228 -38.42 7.43 51.30
C PRO M 228 -37.02 7.16 51.83
N PHE M 229 -35.97 7.66 51.18
CA PHE M 229 -34.63 7.46 51.72
C PHE M 229 -34.38 8.28 52.97
N LEU M 230 -35.24 9.25 53.28
CA LEU M 230 -35.15 10.03 54.50
C LEU M 230 -36.14 9.58 55.56
N HIS M 231 -36.93 8.55 55.28
CA HIS M 231 -37.78 7.93 56.29
C HIS M 231 -36.95 7.34 57.42
N VAL M 232 -37.16 7.84 58.62
CA VAL M 232 -36.76 7.15 59.84
C VAL M 232 -37.91 6.24 60.24
N GLU M 233 -37.60 5.17 60.98
CA GLU M 233 -38.61 4.25 61.49
C GLU M 233 -38.51 4.15 63.00
N GLU M 234 -39.66 3.91 63.63
CA GLU M 234 -39.75 3.93 65.09
C GLU M 234 -38.99 2.76 65.70
N GLU M 235 -38.61 2.93 66.96
CA GLU M 235 -37.85 1.92 67.67
C GLU M 235 -38.73 1.18 68.69
N ARG N 11 -44.38 0.52 57.53
CA ARG N 11 -44.52 1.06 56.18
C ARG N 11 -44.59 -0.04 55.13
N THR N 12 -45.26 0.24 54.02
CA THR N 12 -45.21 -0.64 52.86
C THR N 12 -43.90 -0.48 52.10
N LEU N 13 -43.63 0.73 51.62
CA LEU N 13 -42.35 1.05 50.99
C LEU N 13 -41.29 1.21 52.07
N GLN N 14 -40.26 0.38 52.01
CA GLN N 14 -39.26 0.35 53.07
C GLN N 14 -37.87 0.18 52.44
N TRP N 15 -36.89 0.80 53.10
CA TRP N 15 -35.49 0.68 52.74
C TRP N 15 -34.69 0.22 53.96
N LYS N 16 -33.62 -0.53 53.69
CA LYS N 16 -32.71 -0.95 54.76
C LYS N 16 -31.28 -1.01 54.25
N CYS N 17 -30.33 -0.79 55.16
CA CYS N 17 -28.91 -1.03 54.92
C CYS N 17 -28.63 -2.52 54.96
N VAL N 18 -28.72 -3.16 53.80
CA VAL N 18 -28.61 -4.61 53.68
C VAL N 18 -27.19 -5.10 53.94
N GLU N 19 -26.18 -4.32 53.61
CA GLU N 19 -24.81 -4.68 53.97
C GLU N 19 -23.98 -3.41 54.09
N SER N 20 -22.96 -3.46 54.94
CA SER N 20 -21.95 -2.44 54.98
C SER N 20 -20.61 -3.07 55.32
N ARG N 21 -19.55 -2.52 54.73
CA ARG N 21 -18.19 -2.99 54.95
C ARG N 21 -17.27 -1.79 55.03
N ARG N 22 -16.14 -1.98 55.70
CA ARG N 22 -15.12 -0.94 55.84
C ARG N 22 -13.77 -1.54 55.47
N ASP N 23 -13.56 -1.72 54.16
CA ASP N 23 -12.34 -2.37 53.68
C ASP N 23 -11.10 -1.58 54.09
N SER N 24 -11.25 -0.28 54.30
CA SER N 24 -10.20 0.59 54.80
C SER N 24 -10.86 1.82 55.39
N LYS N 25 -10.09 2.58 56.18
CA LYS N 25 -10.56 3.90 56.58
C LYS N 25 -10.83 4.81 55.40
N ARG N 26 -10.42 4.43 54.19
CA ARG N 26 -10.59 5.25 53.00
C ARG N 26 -11.43 4.55 51.94
N LEU N 27 -12.07 3.43 52.28
CA LEU N 27 -12.99 2.77 51.35
C LEU N 27 -14.06 2.07 52.18
N TYR N 28 -15.20 2.73 52.36
CA TYR N 28 -16.41 2.09 52.86
C TYR N 28 -17.27 1.62 51.70
N TYR N 29 -18.04 0.57 51.96
CA TYR N 29 -19.04 0.05 51.04
C TYR N 29 -20.35 -0.13 51.77
N GLY N 30 -21.45 0.16 51.07
CA GLY N 30 -22.76 -0.12 51.60
C GLY N 30 -23.77 -0.48 50.53
N ARG N 31 -24.52 -1.55 50.74
CA ARG N 31 -25.64 -1.91 49.89
C ARG N 31 -26.95 -1.68 50.62
N PHE N 32 -27.91 -1.09 49.90
CA PHE N 32 -29.20 -0.70 50.45
C PHE N 32 -30.29 -1.33 49.60
N ILE N 33 -31.43 -1.60 50.23
CA ILE N 33 -32.60 -2.12 49.53
C ILE N 33 -33.75 -1.15 49.72
N LEU N 34 -34.61 -1.06 48.71
CA LEU N 34 -35.85 -0.30 48.74
C LEU N 34 -36.87 -1.13 47.98
N SER N 35 -37.97 -1.48 48.64
CA SER N 35 -38.77 -2.59 48.15
C SER N 35 -40.26 -2.27 48.21
N PRO N 36 -41.13 -3.06 47.52
CA PRO N 36 -42.39 -2.53 46.97
C PRO N 36 -42.34 -1.18 46.26
N LEU N 37 -41.33 -0.98 45.42
CA LEU N 37 -41.45 0.02 44.38
C LEU N 37 -42.36 -0.49 43.27
N MET N 38 -43.03 0.42 42.59
CA MET N 38 -43.81 0.09 41.41
C MET N 38 -42.92 0.10 40.16
N LYS N 39 -43.40 -0.57 39.12
CA LYS N 39 -42.70 -0.58 37.84
C LYS N 39 -42.43 0.83 37.34
N GLY N 40 -41.18 1.09 36.94
CA GLY N 40 -40.76 2.38 36.46
C GLY N 40 -40.45 3.39 37.53
N GLN N 41 -40.76 3.09 38.80
CA GLN N 41 -40.26 3.92 39.89
C GLN N 41 -38.82 3.57 40.20
N ALA N 42 -38.51 2.27 40.21
CA ALA N 42 -37.19 1.81 40.63
C ALA N 42 -36.07 2.38 39.76
N ASP N 43 -36.30 2.47 38.44
CA ASP N 43 -35.24 3.00 37.58
C ASP N 43 -35.16 4.53 37.62
N THR N 44 -36.32 5.20 37.72
CA THR N 44 -36.30 6.65 37.92
C THR N 44 -35.57 7.04 39.19
N ILE N 45 -35.77 6.26 40.26
CA ILE N 45 -34.99 6.44 41.47
C ILE N 45 -33.52 6.12 41.22
N GLY N 46 -33.24 4.93 40.70
CA GLY N 46 -31.87 4.47 40.60
C GLY N 46 -30.97 5.38 39.80
N ILE N 47 -31.44 5.85 38.64
CA ILE N 47 -30.57 6.68 37.79
C ILE N 47 -30.37 8.05 38.42
N ALA N 48 -31.42 8.66 38.95
CA ALA N 48 -31.28 9.96 39.61
C ALA N 48 -30.36 9.85 40.83
N MET N 49 -30.52 8.79 41.62
CA MET N 49 -29.67 8.59 42.78
C MET N 49 -28.22 8.35 42.38
N ARG N 50 -27.99 7.56 41.33
CA ARG N 50 -26.64 7.39 40.80
C ARG N 50 -26.02 8.72 40.42
N ARG N 51 -26.73 9.52 39.63
CA ARG N 51 -26.16 10.80 39.18
C ARG N 51 -25.94 11.76 40.34
N ALA N 52 -26.85 11.77 41.31
CA ALA N 52 -26.64 12.55 42.53
C ALA N 52 -25.39 12.11 43.27
N LEU N 53 -25.26 10.82 43.52
CA LEU N 53 -24.10 10.30 44.23
C LEU N 53 -22.81 10.62 43.50
N LEU N 54 -22.75 10.31 42.20
CA LEU N 54 -21.52 10.46 41.47
C LEU N 54 -21.16 11.92 41.19
N GLY N 55 -22.15 12.82 41.17
CA GLY N 55 -21.86 14.17 40.72
C GLY N 55 -22.30 15.27 41.65
N GLU N 56 -23.40 15.06 42.37
CA GLU N 56 -23.99 16.12 43.20
C GLU N 56 -23.65 15.99 44.68
N ILE N 57 -22.94 14.94 45.08
CA ILE N 57 -22.35 14.93 46.41
C ILE N 57 -21.13 15.84 46.42
N GLU N 58 -21.00 16.63 47.49
CA GLU N 58 -19.83 17.46 47.71
C GLU N 58 -18.82 16.78 48.63
N GLY N 59 -17.57 17.22 48.51
CA GLY N 59 -16.51 16.68 49.34
C GLY N 59 -15.52 17.77 49.72
N THR N 60 -14.73 17.46 50.75
CA THR N 60 -13.73 18.37 51.27
C THR N 60 -12.34 17.79 51.03
N CYS N 61 -11.43 18.63 50.54
CA CYS N 61 -10.05 18.20 50.31
C CYS N 61 -9.15 19.43 50.31
N ILE N 62 -7.84 19.16 50.38
CA ILE N 62 -6.84 20.21 50.32
C ILE N 62 -6.75 20.73 48.89
N THR N 63 -6.82 22.05 48.72
CA THR N 63 -6.77 22.66 47.40
C THR N 63 -5.52 23.50 47.17
N ARG N 64 -4.74 23.80 48.19
CA ARG N 64 -3.55 24.60 47.98
C ARG N 64 -2.48 24.23 49.00
N ALA N 65 -1.21 24.35 48.61
CA ALA N 65 -0.10 24.10 49.51
C ALA N 65 0.96 25.16 49.31
N LYS N 66 1.63 25.50 50.42
CA LYS N 66 2.66 26.54 50.44
C LYS N 66 3.82 26.03 51.31
N SER N 67 4.85 25.48 50.68
CA SER N 67 6.08 25.18 51.40
C SER N 67 6.75 26.47 51.83
N GLU N 68 6.99 26.61 53.14
CA GLU N 68 7.34 27.91 53.70
C GLU N 68 8.73 28.36 53.26
N ASN N 69 9.62 27.43 52.97
CA ASN N 69 10.85 27.71 52.22
C ASN N 69 10.79 26.95 50.90
N ILE N 70 10.92 27.67 49.79
CA ILE N 70 10.88 27.09 48.46
C ILE N 70 12.20 27.42 47.76
N PRO N 71 12.93 26.42 47.25
CA PRO N 71 14.18 26.71 46.55
C PRO N 71 13.91 27.25 45.16
N HIS N 72 12.95 26.64 44.47
CA HIS N 72 12.47 27.11 43.19
C HIS N 72 11.11 26.48 42.95
N ASP N 73 10.34 27.10 42.05
CA ASP N 73 8.97 26.65 41.81
C ASP N 73 8.90 25.19 41.40
N TYR N 74 9.92 24.69 40.70
CA TYR N 74 9.88 23.36 40.12
C TYR N 74 10.96 22.43 40.66
N SER N 75 11.83 22.90 41.54
CA SER N 75 13.02 22.14 41.90
C SER N 75 12.77 21.22 43.10
N ASN N 76 13.72 20.33 43.33
CA ASN N 76 13.67 19.37 44.42
C ASN N 76 13.82 20.07 45.77
N ILE N 77 13.48 19.33 46.83
CA ILE N 77 13.48 19.85 48.19
C ILE N 77 14.45 19.01 49.03
N VAL N 78 15.32 19.68 49.77
CA VAL N 78 16.42 19.02 50.45
C VAL N 78 15.92 18.17 51.61
N GLY N 79 16.59 17.04 51.83
CA GLY N 79 16.35 16.16 52.96
C GLY N 79 15.02 15.43 52.94
N ILE N 80 14.22 15.57 51.91
CA ILE N 80 13.01 14.78 51.73
C ILE N 80 13.29 13.68 50.71
N GLN N 81 12.84 12.47 51.01
CA GLN N 81 13.17 11.30 50.20
C GLN N 81 12.35 11.25 48.92
N GLU N 82 11.49 12.23 48.67
CA GLU N 82 10.73 12.30 47.43
C GLU N 82 10.47 13.76 47.09
N SER N 83 10.17 13.99 45.82
CA SER N 83 10.11 15.34 45.29
C SER N 83 8.88 16.08 45.81
N VAL N 84 8.88 17.40 45.60
CA VAL N 84 7.71 18.23 45.88
C VAL N 84 6.48 17.72 45.15
N HIS N 85 6.65 17.19 43.95
CA HIS N 85 5.50 16.69 43.20
C HIS N 85 4.88 15.46 43.87
N GLU N 86 5.72 14.55 44.38
CA GLU N 86 5.19 13.39 45.08
C GLU N 86 4.47 13.77 46.36
N ILE N 87 5.00 14.73 47.12
CA ILE N 87 4.28 15.18 48.31
C ILE N 87 2.99 15.92 47.95
N LEU N 88 2.99 16.67 46.85
CA LEU N 88 1.75 17.31 46.41
C LEU N 88 0.70 16.28 46.00
N MET N 89 1.13 15.19 45.36
CA MET N 89 0.20 14.12 45.05
C MET N 89 -0.30 13.41 46.31
N ASN N 90 0.58 13.19 47.29
CA ASN N 90 0.15 12.60 48.55
C ASN N 90 -0.82 13.50 49.31
N LEU N 91 -0.67 14.82 49.17
CA LEU N 91 -1.65 15.74 49.72
C LEU N 91 -2.96 15.70 48.96
N ASN N 92 -2.89 15.58 47.62
CA ASN N 92 -4.09 15.41 46.82
C ASN N 92 -4.92 14.23 47.30
N GLU N 93 -4.27 13.13 47.68
CA GLU N 93 -4.94 11.93 48.14
C GLU N 93 -5.45 12.04 49.58
N ILE N 94 -5.29 13.18 50.24
CA ILE N 94 -5.83 13.34 51.59
C ILE N 94 -7.35 13.42 51.53
N VAL N 95 -8.01 12.80 52.51
CA VAL N 95 -9.47 12.73 52.59
C VAL N 95 -9.92 13.49 53.84
N LEU N 96 -10.85 14.43 53.66
CA LEU N 96 -11.30 15.27 54.74
C LEU N 96 -12.82 15.22 54.85
N LYS N 97 -13.31 15.53 56.06
CA LYS N 97 -14.64 15.13 56.50
C LYS N 97 -15.57 16.31 56.78
N SER N 98 -15.27 17.49 56.26
CA SER N 98 -15.93 18.70 56.76
C SER N 98 -17.37 18.80 56.26
N ASN N 99 -18.21 19.45 57.09
CA ASN N 99 -19.59 19.77 56.74
C ASN N 99 -19.79 21.23 56.34
N LEU N 100 -18.95 22.12 56.84
CA LEU N 100 -19.09 23.56 56.65
C LEU N 100 -18.39 23.96 55.35
N TYR N 101 -19.01 24.86 54.60
CA TYR N 101 -18.42 25.27 53.33
C TYR N 101 -17.31 26.27 53.60
N GLY N 102 -16.96 27.08 52.61
CA GLY N 102 -16.03 28.16 52.83
C GLY N 102 -14.59 27.74 52.70
N THR N 103 -13.71 28.72 52.91
CA THR N 103 -12.27 28.55 52.75
C THR N 103 -11.65 28.35 54.13
N ARG N 104 -10.67 27.44 54.22
CA ARG N 104 -10.08 27.11 55.51
C ARG N 104 -8.60 26.87 55.33
N ASN N 105 -7.87 26.89 56.44
CA ASN N 105 -6.42 26.78 56.41
C ASN N 105 -5.95 25.75 57.43
N ALA N 106 -4.72 25.30 57.25
CA ALA N 106 -4.15 24.26 58.09
C ALA N 106 -2.63 24.33 57.97
N LEU N 107 -1.94 23.61 58.85
CA LEU N 107 -0.49 23.59 58.83
C LEU N 107 0.01 22.17 59.04
N ILE N 108 1.22 21.92 58.52
CA ILE N 108 2.09 20.88 59.02
C ILE N 108 3.39 21.56 59.47
N CYS N 109 3.80 21.29 60.70
CA CYS N 109 5.10 21.73 61.21
C CYS N 109 5.77 20.53 61.86
N VAL N 110 6.52 19.76 61.08
CA VAL N 110 7.25 18.60 61.57
C VAL N 110 8.74 18.93 61.54
N GLN N 111 9.42 18.67 62.67
CA GLN N 111 10.67 19.33 62.98
C GLN N 111 11.81 18.34 63.15
N GLY N 112 11.70 17.15 62.57
CA GLY N 112 12.73 16.14 62.68
C GLY N 112 12.57 15.04 61.66
N PRO N 113 13.53 14.11 61.64
CA PRO N 113 13.41 12.95 60.74
C PRO N 113 12.25 12.06 61.14
N GLY N 114 11.69 11.38 60.14
CA GLY N 114 10.60 10.46 60.38
C GLY N 114 9.62 10.49 59.23
N TYR N 115 8.41 10.01 59.48
CA TYR N 115 7.34 10.06 58.50
C TYR N 115 6.33 11.13 58.88
N ILE N 116 6.11 12.07 57.97
CA ILE N 116 5.00 13.01 58.09
C ILE N 116 3.77 12.35 57.50
N THR N 117 2.66 12.40 58.25
CA THR N 117 1.43 11.68 57.92
C THR N 117 0.25 12.58 58.19
N ALA N 118 -0.92 12.17 57.69
CA ALA N 118 -2.13 12.96 57.87
C ALA N 118 -2.41 13.25 59.34
N ARG N 119 -1.99 12.37 60.25
CA ARG N 119 -2.14 12.65 61.67
C ARG N 119 -1.36 13.89 62.11
N ASP N 120 -0.35 14.30 61.35
CA ASP N 120 0.45 15.47 61.69
C ASP N 120 -0.15 16.77 61.17
N ILE N 121 -1.18 16.71 60.33
CA ILE N 121 -1.84 17.91 59.86
C ILE N 121 -2.63 18.54 60.99
N ILE N 122 -2.33 19.81 61.29
CA ILE N 122 -3.09 20.57 62.28
C ILE N 122 -4.28 21.18 61.55
N LEU N 123 -5.46 20.58 61.73
CA LEU N 123 -6.68 21.00 61.07
C LEU N 123 -7.38 22.12 61.83
N PRO N 124 -8.16 22.93 61.14
CA PRO N 124 -9.07 23.85 61.83
C PRO N 124 -10.19 23.09 62.50
N PRO N 125 -10.95 23.74 63.39
CA PRO N 125 -11.96 22.99 64.17
C PRO N 125 -12.99 22.27 63.33
N SER N 126 -13.29 22.75 62.13
CA SER N 126 -14.41 22.24 61.35
C SER N 126 -14.05 21.11 60.39
N VAL N 127 -12.83 20.59 60.46
CA VAL N 127 -12.36 19.56 59.55
C VAL N 127 -11.82 18.40 60.38
N GLU N 128 -11.96 17.18 59.86
CA GLU N 128 -11.48 15.98 60.53
C GLU N 128 -10.72 15.11 59.54
N ILE N 129 -9.62 14.51 60.01
CA ILE N 129 -8.87 13.56 59.20
C ILE N 129 -9.64 12.25 59.11
N VAL N 130 -9.80 11.73 57.90
CA VAL N 130 -10.53 10.49 57.71
C VAL N 130 -9.63 9.29 57.94
N ASP N 131 -8.34 9.38 57.57
CA ASP N 131 -7.39 8.31 57.84
C ASP N 131 -6.09 8.95 58.32
N ASN N 132 -5.86 8.92 59.64
CA ASN N 132 -4.64 9.48 60.21
C ASN N 132 -3.39 8.84 59.62
N THR N 133 -3.48 7.59 59.19
CA THR N 133 -2.31 6.79 58.85
C THR N 133 -1.77 7.08 57.45
N GLN N 134 -2.38 8.01 56.71
CA GLN N 134 -1.98 8.24 55.33
C GLN N 134 -0.61 8.90 55.29
N HIS N 135 0.37 8.20 54.71
CA HIS N 135 1.71 8.75 54.57
C HIS N 135 1.71 9.98 53.66
N ILE N 136 2.45 11.00 54.07
CA ILE N 136 2.60 12.22 53.29
C ILE N 136 4.04 12.39 52.79
N ALA N 137 5.01 12.33 53.70
CA ALA N 137 6.38 12.59 53.27
C ALA N 137 7.38 11.92 54.20
N THR N 138 8.56 11.59 53.65
CA THR N 138 9.64 10.99 54.42
C THR N 138 10.74 12.03 54.61
N LEU N 139 11.11 12.27 55.88
CA LEU N 139 12.18 13.20 56.22
C LEU N 139 13.37 12.39 56.71
N THR N 140 14.50 12.51 56.01
CA THR N 140 15.74 11.89 56.44
C THR N 140 16.59 12.81 57.31
N GLU N 141 16.37 14.12 57.24
CA GLU N 141 17.15 15.12 57.93
C GLU N 141 16.27 15.87 58.92
N PRO N 142 16.86 16.40 60.02
CA PRO N 142 16.07 17.04 61.09
C PRO N 142 15.58 18.44 60.74
N ILE N 143 15.03 18.61 59.53
CA ILE N 143 14.61 19.91 59.07
C ILE N 143 13.34 20.33 59.79
N ASN N 144 13.24 21.61 60.13
CA ASN N 144 12.01 22.23 60.62
C ASN N 144 11.06 22.48 59.45
N LEU N 145 10.57 21.38 58.88
CA LEU N 145 9.71 21.47 57.69
C LEU N 145 8.33 21.99 58.09
N CYS N 146 8.03 23.21 57.67
CA CYS N 146 6.73 23.84 57.84
C CYS N 146 6.11 24.05 56.46
N ILE N 147 4.88 23.58 56.28
CA ILE N 147 4.09 23.86 55.08
C ILE N 147 2.69 24.28 55.50
N GLY N 148 2.19 25.33 54.85
CA GLY N 148 0.79 25.71 54.97
C GLY N 148 -0.08 24.98 53.95
N LEU N 149 -1.32 24.73 54.34
CA LEU N 149 -2.31 24.12 53.46
C LEU N 149 -3.56 24.98 53.46
N LYS N 150 -4.26 25.00 52.33
CA LYS N 150 -5.57 25.62 52.23
C LYS N 150 -6.57 24.59 51.72
N ILE N 151 -7.69 24.50 52.43
CA ILE N 151 -8.72 23.48 52.27
C ILE N 151 -10.00 24.15 51.81
N GLU N 152 -10.76 23.47 50.95
CA GLU N 152 -12.02 23.98 50.45
C GLU N 152 -12.99 22.81 50.38
N ARG N 153 -14.28 23.11 50.58
CA ARG N 153 -15.36 22.16 50.30
C ARG N 153 -16.13 22.62 49.06
N ASN N 154 -16.23 21.75 48.08
CA ASN N 154 -16.90 22.08 46.83
C ASN N 154 -17.41 20.77 46.22
N ARG N 155 -17.81 20.83 44.95
CA ARG N 155 -18.23 19.65 44.21
C ARG N 155 -17.48 19.57 42.89
N GLY N 156 -17.26 18.34 42.42
CA GLY N 156 -16.57 18.12 41.18
C GLY N 156 -15.09 18.47 41.23
N TYR N 157 -14.68 19.39 40.37
CA TYR N 157 -13.28 19.79 40.27
C TYR N 157 -13.22 21.30 40.06
N SER N 158 -12.02 21.86 40.25
CA SER N 158 -11.81 23.28 40.07
C SER N 158 -10.43 23.51 39.48
N LEU N 159 -10.27 24.63 38.80
CA LEU N 159 -9.05 24.95 38.08
C LEU N 159 -8.61 26.39 38.33
N ARG N 168 5.69 31.11 45.28
CA ARG N 168 4.25 31.19 45.48
C ARG N 168 3.69 29.82 45.84
N SER N 169 2.54 29.79 46.50
CA SER N 169 1.91 28.54 46.89
C SER N 169 1.54 27.71 45.66
N TYR N 170 1.66 26.40 45.81
CA TYR N 170 1.22 25.46 44.78
C TYR N 170 -0.29 25.28 44.82
N PRO N 171 -1.00 25.48 43.70
CA PRO N 171 -2.31 24.84 43.56
C PRO N 171 -2.18 23.33 43.61
N ILE N 172 -3.16 22.68 44.23
CA ILE N 172 -3.33 21.24 44.15
C ILE N 172 -4.55 20.93 43.28
N ASP N 173 -4.36 20.10 42.26
CA ASP N 173 -5.41 19.71 41.33
C ASP N 173 -6.34 18.67 41.95
N ALA N 174 -6.89 19.02 43.11
CA ALA N 174 -7.71 18.09 43.88
C ALA N 174 -9.14 18.05 43.35
N VAL N 175 -9.82 16.94 43.64
CA VAL N 175 -11.18 16.71 43.20
C VAL N 175 -12.05 16.39 44.40
N PHE N 176 -13.26 16.95 44.42
CA PHE N 176 -14.12 17.02 45.61
C PHE N 176 -15.18 15.93 45.59
N MET N 177 -14.83 14.71 45.22
CA MET N 177 -15.81 13.67 44.89
C MET N 177 -15.65 12.50 45.85
N PRO N 178 -16.38 12.47 46.96
CA PRO N 178 -16.14 11.44 47.98
C PRO N 178 -16.80 10.11 47.68
N VAL N 179 -17.86 10.08 46.88
CA VAL N 179 -18.46 8.82 46.45
C VAL N 179 -17.57 8.23 45.38
N GLN N 180 -16.86 7.16 45.74
CA GLN N 180 -15.88 6.57 44.83
C GLN N 180 -16.54 5.79 43.70
N ASN N 181 -17.68 5.16 43.97
CA ASN N 181 -18.43 4.50 42.91
C ASN N 181 -19.85 4.24 43.41
N ALA N 182 -20.76 3.98 42.47
CA ALA N 182 -22.11 3.60 42.84
C ALA N 182 -22.70 2.72 41.75
N ASN N 183 -23.64 1.87 42.17
CA ASN N 183 -24.31 0.93 41.28
C ASN N 183 -25.75 0.77 41.76
N HIS N 184 -26.60 0.22 40.90
CA HIS N 184 -27.94 -0.19 41.32
C HIS N 184 -28.41 -1.35 40.46
N SER N 185 -29.25 -2.20 41.06
CA SER N 185 -29.89 -3.30 40.36
C SER N 185 -31.37 -3.36 40.68
N ILE N 186 -32.16 -3.75 39.68
CA ILE N 186 -33.61 -3.71 39.76
C ILE N 186 -34.12 -5.12 39.51
N HIS N 187 -34.97 -5.62 40.41
CA HIS N 187 -35.39 -7.02 40.38
C HIS N 187 -36.90 -7.09 40.51
N SER N 188 -37.52 -8.01 39.79
CA SER N 188 -38.96 -8.21 39.94
C SER N 188 -39.27 -8.67 41.36
N TYR N 189 -40.25 -8.02 41.98
CA TYR N 189 -40.77 -8.51 43.25
C TYR N 189 -41.71 -9.70 43.09
N GLY N 190 -42.33 -9.84 41.92
CA GLY N 190 -43.05 -11.04 41.59
C GLY N 190 -44.55 -10.96 41.74
N ASN N 191 -45.10 -9.80 42.07
CA ASN N 191 -46.54 -9.59 41.99
C ASN N 191 -46.97 -9.68 40.53
N GLY N 192 -47.81 -10.67 40.22
CA GLY N 192 -48.11 -10.95 38.83
C GLY N 192 -48.97 -9.90 38.15
N ASN N 193 -49.76 -9.16 38.93
CA ASN N 193 -50.52 -8.03 38.39
C ASN N 193 -49.73 -6.73 38.48
N GLU N 194 -49.38 -6.32 39.70
CA GLU N 194 -48.82 -4.99 39.92
C GLU N 194 -47.36 -4.90 39.49
N LYS N 195 -46.67 -6.03 39.38
CA LYS N 195 -45.29 -6.07 38.90
C LYS N 195 -44.38 -5.13 39.68
N GLN N 196 -44.57 -5.11 40.99
CA GLN N 196 -43.73 -4.36 41.90
C GLN N 196 -42.26 -4.79 41.75
N GLU N 197 -41.36 -3.94 42.23
CA GLU N 197 -39.93 -4.16 42.01
C GLU N 197 -39.14 -3.84 43.26
N ILE N 198 -37.97 -4.45 43.35
CA ILE N 198 -36.97 -4.23 44.38
C ILE N 198 -35.80 -3.48 43.76
N LEU N 199 -35.38 -2.39 44.39
CA LEU N 199 -34.16 -1.71 44.02
C LEU N 199 -33.08 -2.00 45.05
N PHE N 200 -31.91 -2.40 44.57
CA PHE N 200 -30.68 -2.39 45.37
C PHE N 200 -29.80 -1.26 44.89
N ILE N 201 -29.19 -0.56 45.83
CA ILE N 201 -28.19 0.47 45.57
C ILE N 201 -26.91 0.04 46.24
N GLU N 202 -25.78 0.33 45.61
CA GLU N 202 -24.47 0.05 46.19
C GLU N 202 -23.65 1.32 46.09
N ILE N 203 -22.93 1.63 47.16
CA ILE N 203 -22.12 2.85 47.21
C ILE N 203 -20.76 2.48 47.78
N TRP N 204 -19.70 2.86 47.07
CA TRP N 204 -18.35 2.89 47.61
C TRP N 204 -17.98 4.34 47.83
N THR N 205 -17.50 4.66 49.02
CA THR N 205 -17.12 6.02 49.37
C THR N 205 -15.75 6.04 50.04
N ASN N 206 -15.04 7.14 49.85
CA ASN N 206 -14.05 7.55 50.83
C ASN N 206 -14.76 7.76 52.16
N GLY N 207 -14.05 7.49 53.25
CA GLY N 207 -14.65 7.62 54.56
C GLY N 207 -15.08 9.02 54.94
N SER N 208 -14.92 9.98 54.02
CA SER N 208 -15.53 11.30 54.20
C SER N 208 -17.02 11.20 54.45
N LEU N 209 -17.69 10.24 53.82
CA LEU N 209 -19.08 9.91 54.13
C LEU N 209 -19.20 8.40 54.27
N THR N 210 -20.03 7.96 55.21
CA THR N 210 -20.53 6.61 55.17
C THR N 210 -21.50 6.45 53.99
N PRO N 211 -21.63 5.24 53.45
CA PRO N 211 -22.62 4.99 52.39
C PRO N 211 -24.02 5.48 52.73
N LYS N 212 -24.49 5.26 53.95
CA LYS N 212 -25.81 5.74 54.34
C LYS N 212 -25.88 7.26 54.33
N GLU N 213 -24.85 7.92 54.85
CA GLU N 213 -24.83 9.38 54.83
C GLU N 213 -24.78 9.93 53.41
N ALA N 214 -24.04 9.26 52.53
CA ALA N 214 -24.05 9.66 51.12
C ALA N 214 -25.40 9.42 50.46
N LEU N 215 -26.09 8.34 50.82
CA LEU N 215 -27.42 8.11 50.29
C LEU N 215 -28.41 9.17 50.74
N HIS N 216 -28.34 9.56 52.02
CA HIS N 216 -29.19 10.63 52.54
C HIS N 216 -28.87 11.95 51.85
N GLU N 217 -27.59 12.32 51.77
CA GLU N 217 -27.26 13.61 51.18
C GLU N 217 -27.55 13.64 49.68
N ALA N 218 -27.45 12.50 48.99
CA ALA N 218 -27.87 12.44 47.60
C ALA N 218 -29.37 12.65 47.45
N SER N 219 -30.17 11.97 48.28
CA SER N 219 -31.61 12.20 48.26
C SER N 219 -31.95 13.66 48.53
N ARG N 220 -31.35 14.23 49.58
CA ARG N 220 -31.63 15.62 49.95
C ARG N 220 -31.19 16.60 48.86
N ASN N 221 -30.06 16.33 48.20
CA ASN N 221 -29.63 17.20 47.11
C ASN N 221 -30.56 17.10 45.91
N LEU N 222 -31.05 15.89 45.61
CA LEU N 222 -32.06 15.76 44.55
C LEU N 222 -33.31 16.57 44.88
N ILE N 223 -33.78 16.46 46.12
CA ILE N 223 -34.95 17.23 46.54
C ILE N 223 -34.68 18.73 46.46
N ASN N 224 -33.49 19.16 46.87
CA ASN N 224 -33.09 20.56 46.69
C ASN N 224 -32.96 20.97 45.22
N LEU N 225 -32.85 20.02 44.31
CA LEU N 225 -32.89 20.37 42.89
C LEU N 225 -34.30 20.42 42.32
N PHE N 226 -35.22 19.63 42.87
CA PHE N 226 -36.57 19.58 42.33
C PHE N 226 -37.53 20.57 42.97
N ILE N 227 -37.34 20.90 44.25
CA ILE N 227 -38.11 21.92 44.95
C ILE N 227 -38.20 23.25 44.20
N PRO N 228 -37.13 23.73 43.54
CA PRO N 228 -37.26 24.98 42.76
C PRO N 228 -38.47 25.06 41.85
N PHE N 229 -38.86 23.98 41.20
CA PHE N 229 -40.05 24.00 40.36
C PHE N 229 -41.35 24.13 41.15
N LEU N 230 -41.28 24.05 42.48
CA LEU N 230 -42.45 24.24 43.33
C LEU N 230 -42.44 25.58 44.06
N HIS N 231 -41.36 26.35 43.93
CA HIS N 231 -41.33 27.73 44.41
C HIS N 231 -42.36 28.57 43.69
N VAL N 232 -42.67 29.73 44.28
CA VAL N 232 -43.65 30.67 43.75
C VAL N 232 -43.45 30.89 42.26
N GLU N 233 -44.50 30.67 41.49
CA GLU N 233 -44.37 30.28 40.10
C GLU N 233 -43.84 31.40 39.22
N GLU N 234 -43.18 31.00 38.14
CA GLU N 234 -42.83 31.86 37.00
C GLU N 234 -42.06 33.12 37.41
N GLU N 235 -41.39 33.10 38.57
CA GLU N 235 -40.58 34.23 39.04
C GLU N 235 -41.38 35.53 39.07
N THR N 236 -42.70 35.44 39.22
CA THR N 236 -43.60 36.57 39.02
C THR N 236 -44.52 36.70 40.23
N PHE N 237 -44.14 37.58 41.16
CA PHE N 237 -44.84 37.71 42.42
C PHE N 237 -44.86 39.17 42.87
N TYR N 238 -43.96 39.97 42.31
CA TYR N 238 -43.89 41.40 42.60
C TYR N 238 -43.09 42.08 41.50
N LEU N 239 -43.13 43.41 41.50
CA LEU N 239 -42.35 44.19 40.56
C LEU N 239 -41.45 45.19 41.28
N GLN N 245 -35.35 36.85 46.27
CA GLN N 245 -34.37 37.65 46.99
C GLN N 245 -34.90 38.10 48.34
N VAL N 246 -36.16 38.55 48.35
CA VAL N 246 -36.80 39.02 49.57
C VAL N 246 -37.30 37.82 50.36
N THR N 247 -37.09 37.85 51.67
CA THR N 247 -37.58 36.77 52.53
C THR N 247 -39.10 36.73 52.48
N LEU N 248 -39.74 37.68 53.15
CA LEU N 248 -41.19 37.78 53.12
C LEU N 248 -41.65 38.20 51.72
N PRO N 249 -42.79 37.70 51.25
CA PRO N 249 -43.20 37.98 49.87
C PRO N 249 -44.27 39.06 49.68
N LEU N 250 -44.74 39.73 50.73
CA LEU N 250 -45.80 40.72 50.57
C LEU N 250 -45.39 42.11 51.03
N PHE N 251 -44.12 42.32 51.37
CA PHE N 251 -43.65 43.65 51.72
C PHE N 251 -43.28 44.52 50.53
N PRO N 252 -42.68 43.99 49.46
CA PRO N 252 -42.48 44.85 48.28
C PRO N 252 -43.77 45.41 47.72
N PHE N 253 -44.85 44.64 47.75
CA PHE N 253 -46.13 45.18 47.28
C PHE N 253 -46.73 46.16 48.28
N HIS N 254 -46.57 45.91 49.58
CA HIS N 254 -46.95 46.90 50.57
C HIS N 254 -46.22 48.22 50.34
N ASN N 255 -44.92 48.15 50.07
CA ASN N 255 -44.15 49.36 49.79
C ASN N 255 -44.61 50.01 48.50
N LYS N 256 -45.01 49.22 47.50
CA LYS N 256 -45.62 49.77 46.30
C LYS N 256 -46.86 50.58 46.65
N LEU N 257 -47.77 49.98 47.43
CA LEU N 257 -49.00 50.67 47.81
C LEU N 257 -48.71 51.93 48.60
N VAL N 258 -47.75 51.86 49.53
CA VAL N 258 -47.35 53.03 50.31
C VAL N 258 -46.85 54.15 49.39
N ASN N 259 -45.91 53.84 48.51
CA ASN N 259 -45.35 54.86 47.63
C ASN N 259 -46.40 55.43 46.69
N LEU N 260 -47.29 54.59 46.17
CA LEU N 260 -48.38 55.09 45.34
C LEU N 260 -49.31 56.01 46.12
N ARG N 261 -49.62 55.68 47.37
CA ARG N 261 -50.47 56.56 48.16
C ARG N 261 -49.76 57.88 48.46
N GLN N 262 -48.48 57.83 48.78
CA GLN N 262 -47.71 59.05 48.99
C GLN N 262 -47.66 59.89 47.71
N LYS N 263 -47.45 59.24 46.57
CA LYS N 263 -47.46 59.92 45.29
C LYS N 263 -48.86 60.19 44.76
N LYS N 264 -49.89 59.70 45.45
CA LYS N 264 -51.29 59.84 45.01
C LYS N 264 -51.50 59.29 43.60
N LYS N 265 -50.82 58.19 43.29
CA LYS N 265 -50.64 57.74 41.90
C LYS N 265 -51.65 56.64 41.51
N GLU N 266 -52.78 56.57 42.21
CA GLU N 266 -53.84 55.58 41.96
C GLU N 266 -53.23 54.18 42.08
N LEU N 267 -53.74 53.22 41.30
CA LEU N 267 -53.23 51.86 41.29
C LEU N 267 -53.19 51.35 39.86
N ALA N 268 -52.18 50.55 39.54
CA ALA N 268 -52.06 49.98 38.21
C ALA N 268 -53.12 48.91 37.97
N PHE N 269 -53.70 48.93 36.77
CA PHE N 269 -54.69 47.93 36.39
C PHE N 269 -54.13 46.51 36.45
N GLN N 270 -52.81 46.36 36.28
CA GLN N 270 -52.19 45.04 36.39
C GLN N 270 -52.42 44.40 37.76
N TYR N 271 -52.50 45.21 38.81
CA TYR N 271 -52.65 44.70 40.17
C TYR N 271 -54.10 44.66 40.62
N ILE N 272 -55.04 45.08 39.78
CA ILE N 272 -56.47 44.98 40.07
C ILE N 272 -57.01 43.75 39.36
N PHE N 273 -57.80 42.96 40.06
CA PHE N 273 -58.28 41.69 39.56
C PHE N 273 -59.80 41.70 39.44
N ILE N 274 -60.30 41.03 38.41
CA ILE N 274 -61.75 40.97 38.17
C ILE N 274 -62.47 40.36 39.36
N ASP N 275 -61.76 39.54 40.14
CA ASP N 275 -62.32 38.91 41.33
C ASP N 275 -62.76 39.92 42.38
N GLN N 276 -62.22 41.14 42.33
CA GLN N 276 -62.58 42.19 43.28
C GLN N 276 -63.67 43.11 42.74
N LEU N 277 -64.16 42.86 41.53
CA LEU N 277 -65.27 43.63 40.99
C LEU N 277 -66.60 42.95 41.29
N GLU N 278 -67.68 43.74 41.18
CA GLU N 278 -69.03 43.36 41.57
C GLU N 278 -69.68 42.36 40.61
N LEU N 279 -69.01 42.00 39.52
CA LEU N 279 -69.65 41.27 38.44
C LEU N 279 -70.16 39.91 38.92
N PRO N 280 -71.25 39.41 38.34
CA PRO N 280 -71.98 38.29 38.95
C PRO N 280 -71.28 36.97 38.76
N PRO N 281 -71.58 35.98 39.62
CA PRO N 281 -70.94 34.66 39.52
C PRO N 281 -70.94 34.04 38.13
N ARG N 282 -72.05 34.16 37.38
CA ARG N 282 -72.12 33.48 36.09
C ARG N 282 -71.12 34.06 35.09
N ILE N 283 -70.76 35.33 35.23
CA ILE N 283 -69.73 35.91 34.38
C ILE N 283 -68.34 35.63 34.96
N TYR N 284 -68.20 35.71 36.29
CA TYR N 284 -66.93 35.42 36.93
C TYR N 284 -66.44 34.01 36.59
N ASN N 285 -67.33 33.03 36.64
CA ASN N 285 -66.97 31.67 36.27
C ASN N 285 -66.46 31.58 34.83
N CYS N 286 -67.19 32.21 33.89
CA CYS N 286 -66.78 32.11 32.49
C CYS N 286 -65.45 32.82 32.25
N LEU N 287 -65.22 33.95 32.91
CA LEU N 287 -63.95 34.65 32.75
C LEU N 287 -62.80 33.87 33.38
N LYS N 288 -63.02 33.33 34.59
CA LYS N 288 -61.98 32.55 35.26
C LYS N 288 -61.61 31.31 34.45
N LYS N 289 -62.62 30.65 33.89
CA LYS N 289 -62.35 29.54 32.97
C LYS N 289 -61.63 30.01 31.71
N SER N 290 -61.84 31.26 31.32
CA SER N 290 -61.09 31.85 30.21
C SER N 290 -59.71 32.34 30.63
N ASN N 291 -59.31 32.12 31.88
CA ASN N 291 -58.05 32.62 32.43
C ASN N 291 -57.90 34.13 32.29
N ILE N 292 -59.02 34.86 32.28
CA ILE N 292 -59.00 36.29 32.53
C ILE N 292 -58.90 36.51 34.04
N HIS N 293 -57.84 37.21 34.46
CA HIS N 293 -57.59 37.38 35.90
C HIS N 293 -57.49 38.84 36.29
N THR N 294 -56.61 39.61 35.66
CA THR N 294 -56.47 41.03 35.95
C THR N 294 -57.36 41.85 35.01
N LEU N 295 -57.72 43.05 35.47
CA LEU N 295 -58.37 44.01 34.59
C LEU N 295 -57.52 44.33 33.38
N LEU N 296 -56.20 44.19 33.49
CA LEU N 296 -55.32 44.30 32.33
C LEU N 296 -55.64 43.25 31.28
N ASP N 297 -56.19 42.11 31.69
CA ASP N 297 -56.62 41.12 30.70
C ASP N 297 -57.78 41.61 29.87
N LEU N 298 -58.53 42.61 30.36
CA LEU N 298 -59.51 43.29 29.52
C LEU N 298 -58.88 44.32 28.59
N LEU N 299 -57.57 44.25 28.38
CA LEU N 299 -56.99 44.77 27.15
C LEU N 299 -57.52 44.03 25.93
N ASN N 300 -57.94 42.78 26.09
CA ASN N 300 -58.61 42.05 25.02
C ASN N 300 -59.96 42.69 24.73
N ASN N 301 -60.05 43.40 23.62
CA ASN N 301 -61.24 44.17 23.29
C ASN N 301 -62.33 43.28 22.71
N SER O 64 -70.96 85.28 -16.62
CA SER O 64 -70.50 84.11 -17.35
C SER O 64 -70.20 84.45 -18.81
N ALA O 65 -71.27 84.65 -19.58
CA ALA O 65 -71.13 84.75 -21.03
C ALA O 65 -70.31 85.97 -21.43
N LEU O 66 -70.39 87.06 -20.66
CA LEU O 66 -69.52 88.21 -20.90
C LEU O 66 -68.05 87.82 -20.75
N GLU O 67 -67.69 87.28 -19.60
CA GLU O 67 -66.31 86.85 -19.36
C GLU O 67 -65.86 85.86 -20.41
N ARG O 68 -66.73 84.89 -20.74
CA ARG O 68 -66.38 83.87 -21.72
C ARG O 68 -66.10 84.46 -23.09
N SER O 69 -66.94 85.39 -23.54
CA SER O 69 -66.75 85.99 -24.85
C SER O 69 -65.54 86.91 -24.88
N LEU O 70 -65.28 87.64 -23.79
CA LEU O 70 -64.06 88.43 -23.68
C LEU O 70 -62.84 87.54 -23.80
N ARG O 71 -62.78 86.49 -22.99
CA ARG O 71 -61.69 85.52 -23.06
C ARG O 71 -61.51 85.01 -24.48
N LEU O 72 -62.62 84.57 -25.08
CA LEU O 72 -62.61 84.02 -26.43
C LEU O 72 -61.98 84.99 -27.43
N THR O 73 -62.53 86.20 -27.53
CA THR O 73 -62.05 87.14 -28.55
C THR O 73 -60.61 87.58 -28.29
N PHE O 74 -60.27 87.81 -27.02
CA PHE O 74 -58.91 88.23 -26.70
C PHE O 74 -57.90 87.13 -27.04
N MET O 75 -58.17 85.89 -26.63
CA MET O 75 -57.24 84.81 -26.93
C MET O 75 -57.22 84.47 -28.41
N ASP O 76 -58.31 84.73 -29.13
CA ASP O 76 -58.27 84.54 -30.58
C ASP O 76 -57.35 85.56 -31.26
N GLU O 77 -57.45 86.84 -30.87
CA GLU O 77 -56.54 87.82 -31.47
C GLU O 77 -55.10 87.64 -31.00
N LEU O 78 -54.92 87.10 -29.80
CA LEU O 78 -53.58 86.71 -29.36
C LEU O 78 -53.04 85.57 -30.20
N MET O 79 -53.84 84.52 -30.39
CA MET O 79 -53.37 83.37 -31.15
C MET O 79 -53.09 83.75 -32.59
N GLU O 80 -53.92 84.63 -33.16
CA GLU O 80 -53.66 85.14 -34.51
C GLU O 80 -52.30 85.85 -34.58
N ARG O 81 -51.99 86.69 -33.59
CA ARG O 81 -50.65 87.30 -33.56
C ARG O 81 -49.55 86.26 -33.39
N ALA O 82 -49.77 85.26 -32.53
CA ALA O 82 -48.78 84.23 -32.27
C ALA O 82 -48.46 83.41 -33.53
N ARG O 83 -49.49 83.00 -34.26
CA ARG O 83 -49.27 82.28 -35.52
C ARG O 83 -48.55 83.15 -36.54
N ASN O 84 -48.78 84.46 -36.52
CA ASN O 84 -48.03 85.38 -37.36
C ASN O 84 -46.67 85.73 -36.77
N ARG O 85 -46.25 85.00 -35.72
CA ARG O 85 -44.95 85.20 -35.09
C ARG O 85 -44.74 86.65 -34.67
N ASP O 86 -45.79 87.25 -34.09
CA ASP O 86 -45.78 88.63 -33.62
C ASP O 86 -45.82 88.67 -32.09
N PRO O 87 -44.69 88.42 -31.41
CA PRO O 87 -44.73 88.43 -29.94
C PRO O 87 -44.99 89.79 -29.34
N SER O 88 -44.60 90.87 -30.02
CA SER O 88 -45.01 92.21 -29.61
C SER O 88 -46.53 92.34 -29.59
N GLY O 89 -47.18 91.87 -30.64
CA GLY O 89 -48.64 91.84 -30.65
C GLY O 89 -49.21 91.04 -29.50
N VAL O 90 -48.67 89.85 -29.26
CA VAL O 90 -49.13 89.03 -28.14
C VAL O 90 -48.98 89.80 -26.83
N SER O 91 -47.87 90.53 -26.66
CA SER O 91 -47.70 91.34 -25.46
C SER O 91 -48.75 92.45 -25.38
N GLU O 92 -49.13 93.02 -26.52
CA GLU O 92 -50.26 93.95 -26.57
C GLU O 92 -51.52 93.30 -26.02
N VAL O 93 -51.78 92.06 -26.42
CA VAL O 93 -53.03 91.44 -26.00
C VAL O 93 -52.94 90.98 -24.55
N ILE O 94 -51.74 90.67 -24.06
CA ILE O 94 -51.53 90.46 -22.63
C ILE O 94 -51.90 91.71 -21.85
N TYR O 95 -51.42 92.88 -22.30
CA TYR O 95 -51.75 94.12 -21.63
C TYR O 95 -53.24 94.40 -21.69
N ASP O 96 -53.87 94.14 -22.84
CA ASP O 96 -55.31 94.36 -22.97
C ASP O 96 -56.12 93.43 -22.08
N MET O 97 -55.73 92.16 -21.98
CA MET O 97 -56.42 91.23 -21.11
C MET O 97 -56.22 91.58 -19.64
N ILE O 98 -55.04 92.12 -19.29
CA ILE O 98 -54.84 92.62 -17.94
C ILE O 98 -55.76 93.82 -17.68
N ALA O 99 -55.89 94.71 -18.66
CA ALA O 99 -56.84 95.80 -18.54
C ALA O 99 -58.27 95.30 -18.45
N ALA O 100 -58.58 94.19 -19.12
CA ALA O 100 -59.88 93.54 -18.96
C ALA O 100 -59.98 92.71 -17.69
N GLY O 101 -58.91 92.63 -16.89
CA GLY O 101 -58.92 91.87 -15.67
C GLY O 101 -58.79 90.37 -15.84
N LEU O 102 -58.48 89.90 -17.05
CA LEU O 102 -58.37 88.47 -17.31
C LEU O 102 -57.00 87.91 -16.97
N SER O 103 -56.48 88.27 -15.80
CA SER O 103 -55.03 88.17 -15.55
C SER O 103 -54.48 86.75 -15.72
N PRO O 104 -55.01 85.71 -15.05
CA PRO O 104 -54.48 84.36 -15.30
C PRO O 104 -54.92 83.80 -16.64
N GLY O 105 -54.01 83.08 -17.30
CA GLY O 105 -54.26 82.53 -18.60
C GLY O 105 -53.04 81.81 -19.15
N PRO O 106 -52.98 80.49 -18.97
CA PRO O 106 -51.80 79.75 -19.46
C PRO O 106 -51.69 79.74 -20.96
N ARG O 107 -52.82 79.66 -21.66
CA ARG O 107 -52.82 79.77 -23.12
C ARG O 107 -52.17 81.06 -23.61
N SER O 108 -52.34 82.16 -22.88
CA SER O 108 -51.80 83.44 -23.36
C SER O 108 -50.27 83.44 -23.32
N PHE O 109 -49.68 82.97 -22.23
CA PHE O 109 -48.22 82.91 -22.16
C PHE O 109 -47.66 81.79 -23.03
N HIS O 110 -48.43 80.72 -23.26
CA HIS O 110 -48.05 79.75 -24.27
C HIS O 110 -48.01 80.36 -25.67
N GLY O 111 -49.02 81.17 -26.01
CA GLY O 111 -48.97 81.94 -27.23
C GLY O 111 -47.74 82.83 -27.32
N LEU O 112 -47.40 83.51 -26.23
CA LEU O 112 -46.21 84.36 -26.24
C LEU O 112 -44.94 83.56 -26.45
N VAL O 113 -44.82 82.42 -25.77
CA VAL O 113 -43.62 81.60 -25.90
C VAL O 113 -43.50 81.04 -27.32
N VAL O 114 -44.61 80.57 -27.91
CA VAL O 114 -44.52 80.02 -29.26
C VAL O 114 -44.28 81.13 -30.28
N ALA O 115 -44.81 82.33 -30.03
CA ALA O 115 -44.52 83.47 -30.88
C ALA O 115 -43.03 83.79 -30.88
N HIS O 116 -42.40 83.77 -29.70
CA HIS O 116 -40.96 83.94 -29.64
C HIS O 116 -40.23 82.79 -30.34
N ALA O 117 -40.63 81.55 -30.04
CA ALA O 117 -39.90 80.38 -30.51
C ALA O 117 -39.91 80.28 -32.04
N LEU O 118 -41.05 80.60 -32.66
CA LEU O 118 -41.14 80.49 -34.11
C LEU O 118 -40.22 81.46 -34.84
N ASN O 119 -39.78 82.52 -34.17
CA ASN O 119 -38.73 83.38 -34.69
C ASN O 119 -37.40 83.19 -33.98
N GLY O 120 -37.28 82.14 -33.17
CA GLY O 120 -35.99 81.79 -32.61
C GLY O 120 -35.54 82.67 -31.47
N ASP O 121 -36.43 83.49 -30.90
CA ASP O 121 -36.07 84.45 -29.86
C ASP O 121 -35.90 83.71 -28.53
N GLU O 122 -34.80 82.95 -28.44
CA GLU O 122 -34.48 82.21 -27.24
C GLU O 122 -34.58 83.09 -26.00
N GLN O 123 -33.98 84.28 -26.06
CA GLN O 123 -33.99 85.19 -24.92
C GLN O 123 -35.42 85.64 -24.62
N GLY O 124 -36.18 85.99 -25.65
CA GLY O 124 -37.57 86.37 -25.44
C GLY O 124 -38.42 85.22 -24.95
N ALA O 125 -38.15 84.01 -25.42
CA ALA O 125 -38.85 82.83 -24.90
C ALA O 125 -38.59 82.63 -23.41
N MET O 126 -37.32 82.70 -23.01
CA MET O 126 -36.98 82.58 -21.60
C MET O 126 -37.56 83.73 -20.78
N HIS O 127 -37.62 84.94 -21.35
CA HIS O 127 -38.30 86.05 -20.69
C HIS O 127 -39.78 85.77 -20.47
N SER O 128 -40.45 85.21 -21.48
CA SER O 128 -41.86 84.88 -21.32
C SER O 128 -42.09 83.76 -20.30
N LEU O 129 -41.17 82.79 -20.26
CA LEU O 129 -41.20 81.79 -19.21
C LEU O 129 -41.06 82.42 -17.83
N ARG O 130 -40.07 83.31 -17.68
CA ARG O 130 -39.88 84.01 -16.41
C ARG O 130 -41.11 84.83 -16.03
N LYS O 131 -41.75 85.43 -17.03
CA LYS O 131 -43.01 86.14 -16.78
C LYS O 131 -44.07 85.21 -16.22
N GLU O 132 -44.32 84.09 -16.89
CA GLU O 132 -45.44 83.24 -16.51
C GLU O 132 -45.17 82.47 -15.23
N LEU O 133 -43.92 82.11 -14.95
CA LEU O 133 -43.59 81.49 -13.66
C LEU O 133 -43.57 82.50 -12.51
N GLY O 134 -43.01 83.69 -12.74
CA GLY O 134 -42.83 84.65 -11.66
C GLY O 134 -44.06 85.43 -11.28
N ALA O 135 -45.04 85.54 -12.17
CA ALA O 135 -46.22 86.36 -11.93
C ALA O 135 -47.46 85.66 -12.49
N GLY O 136 -47.49 84.34 -12.38
CA GLY O 136 -48.57 83.57 -12.98
C GLY O 136 -48.74 82.19 -12.36
N GLN O 137 -48.69 81.16 -13.20
CA GLN O 137 -49.09 79.82 -12.81
C GLN O 137 -48.32 78.82 -13.66
N ARG O 138 -48.35 77.56 -13.23
CA ARG O 138 -47.64 76.49 -13.91
C ARG O 138 -47.92 76.52 -15.42
N PRO O 139 -46.91 76.40 -16.26
CA PRO O 139 -47.14 76.36 -17.70
C PRO O 139 -47.71 75.03 -18.15
N LEU O 140 -48.57 75.09 -19.16
CA LEU O 140 -49.08 73.88 -19.77
C LEU O 140 -47.97 73.20 -20.57
N PRO O 141 -48.00 71.87 -20.65
CA PRO O 141 -46.85 71.11 -21.18
C PRO O 141 -46.27 71.62 -22.50
N GLU O 142 -47.13 72.00 -23.46
CA GLU O 142 -46.63 72.47 -24.74
C GLU O 142 -45.69 73.66 -24.60
N THR O 143 -45.86 74.48 -23.56
CA THR O 143 -44.95 75.60 -23.35
C THR O 143 -43.52 75.10 -23.10
N MET O 144 -43.39 74.16 -22.16
CA MET O 144 -42.08 73.60 -21.84
C MET O 144 -41.51 72.83 -23.02
N ILE O 145 -42.34 72.00 -23.66
CA ILE O 145 -41.89 71.22 -24.81
C ILE O 145 -41.41 72.13 -25.94
N ALA O 146 -42.17 73.18 -26.23
CA ALA O 146 -41.77 74.12 -27.29
C ALA O 146 -40.48 74.85 -26.96
N LEU O 147 -40.28 75.24 -25.70
CA LEU O 147 -39.05 75.96 -25.39
C LEU O 147 -37.84 75.02 -25.40
N VAL O 148 -38.02 73.79 -24.94
CA VAL O 148 -36.97 72.77 -25.07
C VAL O 148 -36.65 72.51 -26.53
N ARG O 149 -37.69 72.39 -27.37
CA ARG O 149 -37.46 72.24 -28.80
C ARG O 149 -36.70 73.42 -29.39
N LEU O 150 -37.06 74.65 -28.97
CA LEU O 150 -36.33 75.82 -29.46
C LEU O 150 -34.86 75.77 -29.07
N SER O 151 -34.58 75.28 -27.87
CA SER O 151 -33.20 75.02 -27.48
C SER O 151 -32.56 74.02 -28.44
N GLY O 152 -33.09 72.80 -28.49
CA GLY O 152 -32.45 71.75 -29.24
C GLY O 152 -32.29 72.08 -30.72
N SER O 153 -33.22 72.88 -31.26
CA SER O 153 -33.14 73.31 -32.65
C SER O 153 -32.19 74.48 -32.83
N LYS O 154 -31.84 75.17 -31.75
CA LYS O 154 -30.90 76.28 -31.84
C LYS O 154 -29.50 75.89 -31.40
N GLY O 155 -29.38 74.89 -30.53
CA GLY O 155 -28.13 74.53 -29.89
C GLY O 155 -28.29 74.48 -28.39
N ASN O 156 -27.60 75.37 -27.67
CA ASN O 156 -28.01 75.81 -26.34
C ASN O 156 -28.27 74.64 -25.40
N ALA O 157 -27.55 73.53 -25.60
CA ALA O 157 -27.93 72.28 -24.96
C ALA O 157 -27.90 72.38 -23.45
N GLN O 158 -26.98 73.17 -22.88
CA GLN O 158 -27.01 73.41 -21.45
C GLN O 158 -28.34 74.00 -21.01
N ARG O 159 -28.89 74.93 -21.78
CA ARG O 159 -30.21 75.49 -21.48
C ARG O 159 -31.29 74.42 -21.62
N GLY O 160 -31.13 73.52 -22.58
CA GLY O 160 -31.99 72.36 -22.71
C GLY O 160 -32.05 71.53 -21.45
N LEU O 161 -30.88 71.08 -20.97
CA LEU O 161 -30.84 70.28 -19.75
C LEU O 161 -31.37 71.06 -18.54
N GLU O 162 -31.00 72.33 -18.43
CA GLU O 162 -31.49 73.15 -17.32
C GLU O 162 -33.01 73.20 -17.29
N LEU O 163 -33.63 73.39 -18.46
CA LEU O 163 -35.09 73.47 -18.48
C LEU O 163 -35.74 72.10 -18.33
N LEU O 164 -35.12 71.06 -18.87
CA LEU O 164 -35.64 69.71 -18.72
C LEU O 164 -35.62 69.29 -17.25
N ALA O 165 -34.55 69.63 -16.53
CA ALA O 165 -34.51 69.44 -15.08
C ALA O 165 -35.55 70.30 -14.38
N ALA O 166 -35.80 71.52 -14.88
CA ALA O 166 -36.84 72.34 -14.28
C ALA O 166 -38.24 71.76 -14.51
N MET O 167 -38.42 70.95 -15.56
CA MET O 167 -39.68 70.27 -15.79
C MET O 167 -40.00 69.24 -14.71
N GLU O 168 -38.98 68.74 -13.99
CA GLU O 168 -39.24 67.83 -12.88
C GLU O 168 -40.23 68.42 -11.88
N LYS O 169 -40.14 69.72 -11.65
CA LYS O 169 -40.97 70.37 -10.63
C LYS O 169 -42.42 70.54 -11.07
N LEU O 170 -42.74 70.28 -12.34
CA LEU O 170 -44.13 70.28 -12.79
C LEU O 170 -44.78 68.91 -12.74
N ASN O 171 -44.02 67.86 -12.40
CA ASN O 171 -44.43 66.46 -12.48
C ASN O 171 -44.82 66.03 -13.90
N TYR O 172 -44.48 66.82 -14.91
CA TYR O 172 -44.81 66.44 -16.28
C TYR O 172 -43.93 65.27 -16.75
N ASP O 173 -44.43 64.57 -17.76
CA ASP O 173 -43.65 63.50 -18.39
C ASP O 173 -42.44 64.07 -19.10
N ILE O 174 -41.25 63.71 -18.60
CA ILE O 174 -40.00 64.19 -19.18
C ILE O 174 -39.60 63.43 -20.44
N ARG O 175 -40.15 62.23 -20.63
CA ARG O 175 -39.73 61.37 -21.74
C ARG O 175 -39.82 62.06 -23.09
N GLN O 176 -41.01 62.54 -23.45
CA GLN O 176 -41.21 63.12 -24.77
C GLN O 176 -40.37 64.37 -24.99
N ALA O 177 -40.25 65.21 -23.96
CA ALA O 177 -39.41 66.39 -24.07
C ALA O 177 -37.95 66.03 -24.29
N TRP O 178 -37.46 65.02 -23.56
CA TRP O 178 -36.07 64.58 -23.72
C TRP O 178 -35.83 63.98 -25.10
N LEU O 179 -36.76 63.13 -25.57
CA LEU O 179 -36.70 62.62 -26.94
C LEU O 179 -36.64 63.75 -27.96
N ILE O 180 -37.48 64.78 -27.79
CA ILE O 180 -37.47 65.91 -28.71
C ILE O 180 -36.13 66.63 -28.66
N LEU O 181 -35.61 66.87 -27.46
CA LEU O 181 -34.33 67.57 -27.32
C LEU O 181 -33.22 66.82 -28.04
N VAL O 182 -33.15 65.49 -27.82
CA VAL O 182 -32.13 64.69 -28.49
C VAL O 182 -32.31 64.75 -30.00
N GLU O 183 -33.53 64.50 -30.48
CA GLU O 183 -33.78 64.47 -31.91
C GLU O 183 -33.38 65.80 -32.56
N GLU O 184 -33.80 66.92 -31.98
CA GLU O 184 -33.46 68.23 -32.54
C GLU O 184 -31.96 68.51 -32.49
N LEU O 185 -31.29 68.08 -31.42
CA LEU O 185 -29.83 68.26 -31.37
C LEU O 185 -29.14 67.45 -32.47
N VAL O 186 -29.57 66.20 -32.67
CA VAL O 186 -29.02 65.40 -33.76
C VAL O 186 -29.27 66.07 -35.10
N ARG O 187 -30.50 66.56 -35.32
CA ARG O 187 -30.82 67.27 -36.55
C ARG O 187 -30.02 68.56 -36.69
N THR O 188 -29.66 69.19 -35.58
CA THR O 188 -28.83 70.39 -35.60
C THR O 188 -27.34 70.06 -35.58
N ASN O 189 -26.96 68.80 -35.78
CA ASN O 189 -25.57 68.35 -35.83
C ASN O 189 -24.81 68.68 -34.55
N HIS O 190 -25.54 68.92 -33.46
CA HIS O 190 -24.94 69.15 -32.15
C HIS O 190 -24.71 67.83 -31.42
N LEU O 191 -23.94 66.96 -32.09
CA LEU O 191 -23.88 65.55 -31.73
C LEU O 191 -23.20 65.31 -30.38
N GLU O 192 -22.16 66.07 -30.05
CA GLU O 192 -21.41 65.83 -28.82
C GLU O 192 -22.29 66.06 -27.59
N GLU O 193 -22.99 67.19 -27.55
CA GLU O 193 -23.90 67.45 -26.44
C GLU O 193 -25.19 66.63 -26.55
N ALA O 194 -25.59 66.26 -27.77
CA ALA O 194 -26.66 65.28 -27.91
C ALA O 194 -26.29 63.96 -27.24
N ASN O 195 -25.03 63.54 -27.39
CA ASN O 195 -24.55 62.35 -26.70
C ASN O 195 -24.55 62.55 -25.19
N LYS O 196 -24.15 63.74 -24.74
CA LYS O 196 -24.20 64.02 -23.30
C LYS O 196 -25.61 63.91 -22.74
N VAL O 197 -26.59 64.58 -23.36
CA VAL O 197 -27.95 64.54 -22.83
C VAL O 197 -28.54 63.13 -22.95
N PHE O 198 -28.24 62.41 -24.03
CA PHE O 198 -28.79 61.07 -24.19
C PHE O 198 -28.23 60.12 -23.14
N LEU O 199 -26.91 60.08 -22.99
CA LEU O 199 -26.31 59.18 -22.01
C LEU O 199 -26.74 59.54 -20.59
N LYS O 200 -26.82 60.84 -20.26
CA LYS O 200 -27.27 61.19 -18.91
C LYS O 200 -28.75 60.89 -18.71
N GLY O 201 -29.55 60.85 -19.77
CA GLY O 201 -30.92 60.38 -19.64
C GLY O 201 -31.02 58.88 -19.47
N ALA O 202 -30.23 58.13 -20.25
CA ALA O 202 -30.27 56.68 -20.19
C ALA O 202 -29.75 56.15 -18.87
N ARG O 203 -28.65 56.73 -18.37
CA ARG O 203 -28.19 56.40 -17.03
C ARG O 203 -29.21 56.78 -15.97
N GLY O 204 -30.03 57.80 -16.25
CA GLY O 204 -31.18 58.10 -15.42
C GLY O 204 -32.35 57.13 -15.56
N GLY O 205 -32.22 56.12 -16.42
CA GLY O 205 -33.23 55.09 -16.52
C GLY O 205 -34.35 55.36 -17.50
N MET O 206 -34.27 56.41 -18.30
CA MET O 206 -35.27 56.65 -19.33
C MET O 206 -34.97 55.84 -20.57
N ARG O 207 -36.02 55.39 -21.26
CA ARG O 207 -35.88 54.64 -22.50
C ARG O 207 -36.24 55.52 -23.69
N ALA O 208 -35.30 55.68 -24.61
CA ALA O 208 -35.55 56.37 -25.87
C ALA O 208 -36.46 55.51 -26.76
N THR O 209 -37.11 56.18 -27.71
CA THR O 209 -37.84 55.44 -28.74
C THR O 209 -36.87 54.73 -29.68
N ASP O 210 -37.32 53.59 -30.21
CA ASP O 210 -36.44 52.73 -31.00
C ASP O 210 -35.88 53.45 -32.22
N GLN O 211 -36.71 54.27 -32.88
CA GLN O 211 -36.22 55.09 -33.98
C GLN O 211 -35.05 55.98 -33.53
N LEU O 212 -35.10 56.47 -32.29
CA LEU O 212 -34.06 57.38 -31.85
C LEU O 212 -32.77 56.63 -31.54
N TYR O 213 -32.88 55.45 -30.95
CA TYR O 213 -31.69 54.60 -30.80
C TYR O 213 -31.06 54.31 -32.15
N ASP O 214 -31.86 53.86 -33.12
CA ASP O 214 -31.31 53.47 -34.41
C ASP O 214 -30.65 54.66 -35.12
N LEU O 215 -31.35 55.80 -35.17
CA LEU O 215 -30.77 56.99 -35.79
C LEU O 215 -29.51 57.44 -35.07
N MET O 216 -29.54 57.49 -33.75
CA MET O 216 -28.40 58.05 -33.02
C MET O 216 -27.17 57.15 -33.14
N ILE O 217 -27.36 55.83 -33.04
CA ILE O 217 -26.26 54.90 -33.26
C ILE O 217 -25.69 55.08 -34.65
N GLU O 218 -26.56 55.14 -35.67
CA GLU O 218 -26.06 55.24 -37.03
C GLU O 218 -25.28 56.53 -37.24
N GLU O 219 -25.80 57.66 -36.74
CA GLU O 219 -25.12 58.94 -36.90
C GLU O 219 -23.81 59.00 -36.11
N ASP O 220 -23.78 58.43 -34.91
CA ASP O 220 -22.52 58.31 -34.16
C ASP O 220 -21.48 57.51 -34.93
N CYS O 221 -21.89 56.37 -35.50
CA CYS O 221 -20.93 55.54 -36.22
C CYS O 221 -20.49 56.18 -37.52
N LYS O 222 -21.37 56.94 -38.18
CA LYS O 222 -20.94 57.76 -39.30
C LYS O 222 -19.93 58.82 -38.87
N ALA O 223 -20.08 59.35 -37.65
CA ALA O 223 -19.10 60.25 -37.09
C ALA O 223 -17.90 59.53 -36.48
N GLY O 224 -17.88 58.20 -36.49
CA GLY O 224 -16.79 57.46 -35.88
C GLY O 224 -16.74 57.50 -34.38
N ASP O 225 -17.81 57.94 -33.71
CA ASP O 225 -17.80 58.14 -32.26
C ASP O 225 -18.17 56.85 -31.53
N HIS O 226 -17.40 55.79 -31.83
CA HIS O 226 -17.62 54.50 -31.19
C HIS O 226 -17.56 54.58 -29.68
N SER O 227 -16.78 55.51 -29.14
CA SER O 227 -16.71 55.72 -27.70
C SER O 227 -18.08 55.99 -27.09
N ASN O 228 -18.98 56.59 -27.87
CA ASN O 228 -20.37 56.74 -27.45
C ASN O 228 -21.30 55.68 -28.04
N ALA O 229 -21.01 55.23 -29.27
CA ALA O 229 -21.88 54.25 -29.91
C ALA O 229 -21.95 52.96 -29.08
N LEU O 230 -20.81 52.46 -28.60
CA LEU O 230 -20.81 51.25 -27.78
C LEU O 230 -21.54 51.46 -26.46
N ASP O 231 -21.36 52.63 -25.84
CA ASP O 231 -22.03 52.92 -24.57
C ASP O 231 -23.54 52.97 -24.76
N ILE O 232 -23.99 53.68 -25.80
CA ILE O 232 -25.41 53.72 -26.12
C ILE O 232 -25.93 52.32 -26.41
N SER O 233 -25.13 51.49 -27.08
CA SER O 233 -25.56 50.11 -27.33
C SER O 233 -25.73 49.32 -26.04
N TYR O 234 -24.85 49.54 -25.06
CA TYR O 234 -25.06 48.91 -23.76
C TYR O 234 -26.32 49.43 -23.07
N GLU O 235 -26.58 50.73 -23.16
CA GLU O 235 -27.80 51.25 -22.55
C GLU O 235 -29.04 50.75 -23.27
N MET O 236 -28.95 50.59 -24.59
CA MET O 236 -30.05 50.03 -25.37
C MET O 236 -30.35 48.60 -24.97
N GLU O 237 -29.30 47.78 -24.83
CA GLU O 237 -29.49 46.42 -24.32
C GLU O 237 -30.11 46.44 -22.92
N ALA O 238 -29.60 47.33 -22.05
CA ALA O 238 -30.16 47.43 -20.70
C ALA O 238 -31.61 47.90 -20.71
N ALA O 239 -32.00 48.68 -21.71
CA ALA O 239 -33.39 49.06 -21.90
C ALA O 239 -34.24 47.95 -22.50
N GLY O 240 -33.64 46.80 -22.82
CA GLY O 240 -34.36 45.67 -23.37
C GLY O 240 -34.55 45.71 -24.87
N ARG O 241 -33.99 46.70 -25.55
CA ARG O 241 -33.91 46.71 -27.01
C ARG O 241 -32.65 45.95 -27.40
N PHE O 242 -32.80 44.67 -27.74
CA PHE O 242 -31.66 43.85 -28.12
C PHE O 242 -31.04 44.37 -29.41
N ALA O 243 -29.71 44.48 -29.41
CA ALA O 243 -28.98 45.00 -30.56
C ALA O 243 -29.10 44.05 -31.75
N THR O 244 -29.50 44.59 -32.89
CA THR O 244 -29.69 43.79 -34.09
C THR O 244 -28.45 43.85 -34.97
N THR O 245 -28.49 43.10 -36.07
CA THR O 245 -27.40 43.09 -37.04
C THR O 245 -27.09 44.49 -37.56
N PHE O 246 -28.09 45.37 -37.63
CA PHE O 246 -27.84 46.76 -38.01
C PHE O 246 -26.93 47.47 -37.01
N HIS O 247 -27.21 47.32 -35.71
CA HIS O 247 -26.41 48.01 -34.71
C HIS O 247 -24.98 47.48 -34.66
N PHE O 248 -24.81 46.16 -34.75
CA PHE O 248 -23.46 45.61 -34.74
C PHE O 248 -22.73 45.94 -36.04
N ASN O 249 -23.43 46.02 -37.17
CA ASN O 249 -22.80 46.52 -38.38
C ASN O 249 -22.29 47.94 -38.19
N CYS O 250 -23.09 48.79 -37.54
CA CYS O 250 -22.67 50.17 -37.29
C CYS O 250 -21.43 50.20 -36.40
N LEU O 251 -21.42 49.41 -35.33
CA LEU O 251 -20.25 49.34 -34.46
C LEU O 251 -19.02 48.84 -35.21
N LEU O 252 -19.19 47.77 -36.00
CA LEU O 252 -18.07 47.19 -36.74
C LEU O 252 -17.51 48.15 -37.79
N SER O 253 -18.37 48.96 -38.40
CA SER O 253 -17.90 49.96 -39.36
C SER O 253 -16.81 50.85 -38.76
N VAL O 254 -16.95 51.20 -37.48
CA VAL O 254 -15.92 52.00 -36.82
C VAL O 254 -14.79 51.14 -36.28
N GLN O 255 -15.12 49.96 -35.72
CA GLN O 255 -14.09 49.07 -35.20
C GLN O 255 -13.08 48.65 -36.27
N ALA O 256 -13.52 48.48 -37.51
CA ALA O 256 -12.61 48.11 -38.59
C ALA O 256 -11.52 49.14 -38.86
N THR O 257 -11.69 50.38 -38.37
CA THR O 257 -10.72 51.42 -38.63
C THR O 257 -9.50 51.34 -37.73
N CYS O 258 -9.56 50.59 -36.62
CA CYS O 258 -8.54 50.67 -35.59
C CYS O 258 -7.25 49.93 -35.95
N GLY O 259 -7.27 49.07 -36.96
CA GLY O 259 -6.09 48.30 -37.31
C GLY O 259 -5.74 47.20 -36.34
N ILE O 260 -6.57 46.95 -35.32
CA ILE O 260 -6.35 45.88 -34.36
C ILE O 260 -7.50 44.90 -34.50
N PRO O 261 -7.39 43.89 -35.38
CA PRO O 261 -8.59 43.17 -35.82
C PRO O 261 -9.24 42.33 -34.74
N GLU O 262 -8.52 42.00 -33.66
CA GLU O 262 -9.12 41.22 -32.58
C GLU O 262 -10.38 41.89 -32.03
N VAL O 263 -10.40 43.22 -31.95
CA VAL O 263 -11.57 43.90 -31.39
C VAL O 263 -12.76 43.82 -32.33
N ALA O 264 -12.52 43.71 -33.63
CA ALA O 264 -13.61 43.49 -34.58
C ALA O 264 -14.08 42.05 -34.54
N TYR O 265 -13.13 41.11 -34.55
CA TYR O 265 -13.48 39.70 -34.50
C TYR O 265 -14.22 39.33 -33.22
N ALA O 266 -13.97 40.05 -32.12
CA ALA O 266 -14.75 39.82 -30.91
C ALA O 266 -16.23 40.13 -31.13
N THR O 267 -16.53 41.20 -31.86
CA THR O 267 -17.92 41.50 -32.19
C THR O 267 -18.47 40.48 -33.18
N PHE O 268 -17.66 40.09 -34.16
CA PHE O 268 -18.11 39.07 -35.11
C PHE O 268 -18.45 37.76 -34.39
N GLU O 269 -17.58 37.34 -33.45
CA GLU O 269 -17.85 36.15 -32.65
C GLU O 269 -19.05 36.34 -31.72
N ASN O 270 -19.32 37.58 -31.33
CA ASN O 270 -20.56 37.88 -30.61
C ASN O 270 -21.77 37.64 -31.50
N MET O 271 -21.66 37.98 -32.79
CA MET O 271 -22.81 37.90 -33.69
C MET O 271 -23.03 36.48 -34.19
N GLU O 272 -21.98 35.82 -34.66
CA GLU O 272 -22.11 34.53 -35.33
C GLU O 272 -22.65 33.45 -34.40
N TYR O 273 -22.45 33.60 -33.09
CA TYR O 273 -22.96 32.66 -32.10
C TYR O 273 -24.04 33.29 -31.23
N GLY O 274 -24.76 34.27 -31.79
CA GLY O 274 -25.88 34.88 -31.13
C GLY O 274 -27.21 34.47 -31.74
N GLU O 275 -28.27 35.12 -31.26
CA GLU O 275 -29.61 34.86 -31.76
C GLU O 275 -29.73 35.22 -33.24
N ASP O 276 -30.75 34.64 -33.88
CA ASP O 276 -30.93 34.80 -35.32
C ASP O 276 -31.07 36.26 -35.72
N PHE O 277 -31.70 37.09 -34.89
CA PHE O 277 -31.85 38.50 -35.21
C PHE O 277 -30.54 39.29 -35.18
N MET O 278 -29.43 38.67 -34.74
CA MET O 278 -28.15 39.35 -34.71
C MET O 278 -27.07 38.61 -35.50
N LYS O 279 -27.46 37.61 -36.28
CA LYS O 279 -26.50 36.89 -37.10
C LYS O 279 -25.83 37.84 -38.10
N PRO O 280 -24.55 37.61 -38.39
CA PRO O 280 -23.86 38.42 -39.41
C PRO O 280 -24.61 38.44 -40.75
N ASP O 281 -24.58 39.59 -41.40
CA ASP O 281 -24.92 39.74 -42.80
C ASP O 281 -23.66 39.99 -43.62
N THR O 282 -23.87 40.18 -44.93
CA THR O 282 -22.77 40.42 -45.86
C THR O 282 -21.88 41.57 -45.42
N GLU O 283 -22.48 42.69 -45.01
CA GLU O 283 -21.71 43.83 -44.54
C GLU O 283 -20.89 43.50 -43.30
N THR O 284 -21.44 42.72 -42.37
CA THR O 284 -20.66 42.32 -41.19
C THR O 284 -19.40 41.56 -41.59
N TYR O 285 -19.52 40.67 -42.59
CA TYR O 285 -18.35 39.98 -43.09
C TYR O 285 -17.41 40.95 -43.78
N ASN O 286 -17.95 41.93 -44.49
CA ASN O 286 -17.09 42.89 -45.17
C ASN O 286 -16.26 43.66 -44.15
N TRP O 287 -16.91 44.13 -43.08
CA TRP O 287 -16.21 44.95 -42.10
C TRP O 287 -15.16 44.15 -41.34
N VAL O 288 -15.45 42.89 -41.03
CA VAL O 288 -14.42 42.11 -40.34
C VAL O 288 -13.29 41.67 -41.27
N ILE O 289 -13.57 41.38 -42.54
CA ILE O 289 -12.50 41.12 -43.50
C ILE O 289 -11.66 42.36 -43.72
N GLN O 290 -12.29 43.53 -43.77
CA GLN O 290 -11.52 44.77 -43.85
C GLN O 290 -10.63 44.94 -42.63
N ALA O 291 -11.15 44.63 -41.45
CA ALA O 291 -10.35 44.73 -40.23
C ALA O 291 -9.11 43.85 -40.33
N TYR O 292 -9.27 42.60 -40.76
CA TYR O 292 -8.11 41.71 -40.88
C TYR O 292 -7.15 42.15 -41.99
N THR O 293 -7.67 42.48 -43.17
CA THR O 293 -6.82 42.78 -44.33
C THR O 293 -6.02 44.06 -44.15
N ARG O 294 -6.43 44.94 -43.24
CA ARG O 294 -5.72 46.17 -42.96
C ARG O 294 -5.10 46.17 -41.57
N ALA O 295 -4.84 44.99 -41.01
CA ALA O 295 -4.18 44.89 -39.72
C ALA O 295 -2.73 45.32 -39.83
N ASP O 296 -2.24 45.95 -38.76
CA ASP O 296 -0.96 46.64 -38.82
C ASP O 296 0.23 45.68 -38.75
N SER O 297 0.12 44.60 -37.98
CA SER O 297 1.31 44.01 -37.37
C SER O 297 1.49 42.51 -37.54
N TYR O 298 0.52 41.78 -38.11
CA TYR O 298 0.66 40.33 -38.15
C TYR O 298 0.03 39.77 -39.41
N ASP O 299 0.35 38.51 -39.68
CA ASP O 299 -0.21 37.77 -40.81
C ASP O 299 -1.65 37.37 -40.50
N ARG O 300 -2.57 37.76 -41.37
CA ARG O 300 -3.99 37.52 -41.15
C ARG O 300 -4.62 36.66 -42.24
N VAL O 301 -3.81 36.06 -43.13
CA VAL O 301 -4.37 35.34 -44.28
C VAL O 301 -5.22 34.16 -43.82
N GLN O 302 -4.73 33.42 -42.83
CA GLN O 302 -5.48 32.27 -42.33
C GLN O 302 -6.81 32.71 -41.73
N ASP O 303 -6.83 33.86 -41.05
CA ASP O 303 -8.07 34.39 -40.52
C ASP O 303 -9.03 34.80 -41.62
N VAL O 304 -8.53 35.49 -42.65
CA VAL O 304 -9.40 35.88 -43.77
C VAL O 304 -9.97 34.66 -44.48
N ALA O 305 -9.15 33.62 -44.65
CA ALA O 305 -9.65 32.39 -45.27
C ALA O 305 -10.67 31.69 -44.40
N GLU O 306 -10.47 31.70 -43.07
CA GLU O 306 -11.47 31.19 -42.15
C GLU O 306 -12.78 31.93 -42.28
N LEU O 307 -12.72 33.26 -42.28
CA LEU O 307 -13.91 34.09 -42.40
C LEU O 307 -14.63 33.85 -43.73
N LEU O 308 -13.88 33.74 -44.82
CA LEU O 308 -14.46 33.37 -46.11
C LEU O 308 -15.18 32.03 -46.05
N GLY O 309 -14.53 31.03 -45.45
CA GLY O 309 -15.18 29.73 -45.31
C GLY O 309 -16.44 29.77 -44.48
N MET O 310 -16.44 30.59 -43.43
CA MET O 310 -17.66 30.81 -42.65
C MET O 310 -18.75 31.49 -43.48
N MET O 311 -18.36 32.45 -44.32
CA MET O 311 -19.33 33.12 -45.18
C MET O 311 -19.94 32.14 -46.18
N VAL O 312 -19.13 31.21 -46.69
CA VAL O 312 -19.65 30.18 -47.58
C VAL O 312 -20.55 29.22 -46.81
N GLU O 313 -20.17 28.89 -45.57
CA GLU O 313 -21.03 28.08 -44.70
C GLU O 313 -22.36 28.76 -44.41
N ASP O 314 -22.45 30.08 -44.56
CA ASP O 314 -23.68 30.83 -44.38
C ASP O 314 -24.49 30.99 -45.66
N TYR O 315 -24.17 30.20 -46.70
CA TYR O 315 -24.70 30.43 -48.03
C TYR O 315 -26.22 30.53 -48.07
N LYS O 316 -26.92 29.91 -47.13
CA LYS O 316 -28.37 30.00 -47.11
C LYS O 316 -28.84 31.40 -46.75
N ARG O 317 -27.97 32.22 -46.17
CA ARG O 317 -28.34 33.53 -45.66
C ARG O 317 -27.48 34.66 -46.22
N VAL O 318 -26.19 34.45 -46.37
CA VAL O 318 -25.25 35.49 -46.80
C VAL O 318 -24.80 35.19 -48.22
N GLN O 319 -24.90 36.19 -49.10
CA GLN O 319 -24.27 36.18 -50.40
C GLN O 319 -23.33 37.38 -50.53
N PRO O 320 -22.25 37.25 -51.30
CA PRO O 320 -21.25 38.33 -51.32
C PRO O 320 -21.74 39.53 -52.11
N ASN O 321 -21.02 40.64 -51.92
CA ASN O 321 -21.24 41.84 -52.71
C ASN O 321 -19.96 42.35 -53.36
N VAL O 322 -20.03 43.54 -53.96
CA VAL O 322 -18.86 44.12 -54.61
C VAL O 322 -17.71 44.28 -53.61
N LYS O 323 -18.00 44.92 -52.47
CA LYS O 323 -16.96 45.17 -51.48
C LYS O 323 -16.35 43.88 -50.95
N THR O 324 -17.12 42.81 -50.85
CA THR O 324 -16.56 41.54 -50.38
C THR O 324 -15.47 41.04 -51.32
N HIS O 325 -15.77 40.95 -52.60
CA HIS O 325 -14.77 40.51 -53.57
C HIS O 325 -13.60 41.47 -53.63
N ALA O 326 -13.86 42.78 -53.56
CA ALA O 326 -12.77 43.74 -53.59
C ALA O 326 -11.83 43.55 -52.40
N LEU O 327 -12.39 43.38 -51.20
CA LEU O 327 -11.57 43.14 -50.02
C LEU O 327 -10.80 41.83 -50.12
N LEU O 328 -11.39 40.81 -50.74
CA LEU O 328 -10.68 39.54 -50.87
C LEU O 328 -9.54 39.64 -51.88
N VAL O 329 -9.75 40.35 -52.99
CA VAL O 329 -8.65 40.61 -53.92
C VAL O 329 -7.56 41.44 -53.25
N GLU O 330 -7.96 42.41 -52.42
CA GLU O 330 -6.98 43.15 -51.62
C GLU O 330 -6.16 42.21 -50.75
N CYS O 331 -6.81 41.30 -50.03
CA CYS O 331 -6.09 40.35 -49.19
C CYS O 331 -5.14 39.50 -50.02
N PHE O 332 -5.68 38.80 -51.02
CA PHE O 332 -4.93 37.85 -51.84
C PHE O 332 -4.01 38.53 -52.84
N THR O 333 -3.84 39.85 -52.81
CA THR O 333 -2.75 40.48 -53.53
C THR O 333 -1.77 41.21 -52.63
N LYS O 334 -2.22 41.79 -51.51
CA LYS O 334 -1.27 42.31 -50.53
C LYS O 334 -0.37 41.20 -50.00
N TYR O 335 -0.95 40.05 -49.68
CA TYR O 335 -0.21 38.80 -49.58
C TYR O 335 -0.21 38.10 -50.93
N CYS O 336 0.92 37.45 -51.25
CA CYS O 336 1.10 36.84 -52.56
C CYS O 336 0.29 35.55 -52.62
N VAL O 337 -0.99 35.69 -53.00
CA VAL O 337 -1.93 34.57 -53.03
C VAL O 337 -2.65 34.65 -54.38
N VAL O 338 -1.90 35.00 -55.42
CA VAL O 338 -2.46 35.50 -56.67
C VAL O 338 -3.39 34.48 -57.33
N LYS O 339 -3.12 33.18 -57.17
CA LYS O 339 -3.99 32.17 -57.76
C LYS O 339 -5.42 32.22 -57.22
N GLU O 340 -5.64 32.82 -56.05
CA GLU O 340 -6.97 33.06 -55.52
C GLU O 340 -7.47 34.47 -55.79
N ALA O 341 -6.54 35.43 -55.85
CA ALA O 341 -6.89 36.79 -56.23
C ALA O 341 -7.49 36.85 -57.61
N ILE O 342 -6.88 36.17 -58.58
CA ILE O 342 -7.42 36.15 -59.94
C ILE O 342 -8.86 35.65 -59.94
N ARG O 343 -9.16 34.67 -59.10
CA ARG O 343 -10.51 34.11 -59.06
C ARG O 343 -11.51 35.09 -58.46
N HIS O 344 -11.12 35.77 -57.38
CA HIS O 344 -12.04 36.75 -56.81
C HIS O 344 -12.21 37.97 -57.73
N PHE O 345 -11.14 38.40 -58.41
CA PHE O 345 -11.30 39.47 -59.38
C PHE O 345 -12.19 39.04 -60.54
N ARG O 346 -12.04 37.79 -61.00
CA ARG O 346 -12.89 37.26 -62.06
C ARG O 346 -14.35 37.21 -61.62
N ALA O 347 -14.61 37.14 -60.32
CA ALA O 347 -15.99 37.32 -59.86
C ALA O 347 -16.38 38.79 -59.77
N LEU O 348 -15.48 39.63 -59.25
CA LEU O 348 -15.71 41.07 -59.14
C LEU O 348 -16.05 41.71 -60.48
N LYS O 349 -15.47 41.21 -61.57
CA LYS O 349 -15.74 41.67 -62.93
C LYS O 349 -17.21 41.88 -63.22
N ASN O 350 -18.09 41.08 -62.61
CA ASN O 350 -19.50 41.11 -62.95
C ASN O 350 -20.26 42.25 -62.28
N PHE O 351 -19.62 42.98 -61.37
CA PHE O 351 -20.25 44.12 -60.72
C PHE O 351 -19.71 45.42 -61.29
N GLU O 352 -20.62 46.29 -61.72
CA GLU O 352 -20.24 47.60 -62.24
C GLU O 352 -19.55 48.44 -61.16
N GLY O 353 -18.45 49.07 -61.55
CA GLY O 353 -17.63 49.82 -60.60
C GLY O 353 -16.81 48.97 -59.64
N GLY O 354 -16.75 47.66 -59.87
CA GLY O 354 -15.92 46.81 -59.03
C GLY O 354 -14.47 47.26 -59.00
N THR O 355 -13.94 47.67 -60.15
CA THR O 355 -12.56 48.14 -60.18
C THR O 355 -12.41 49.51 -59.52
N LYS O 356 -13.46 50.33 -59.53
CA LYS O 356 -13.41 51.56 -58.74
C LYS O 356 -13.29 51.25 -57.26
N VAL O 357 -14.07 50.28 -56.78
CA VAL O 357 -13.99 49.88 -55.38
C VAL O 357 -12.61 49.32 -55.06
N LEU O 358 -12.07 48.49 -55.94
CA LEU O 358 -10.77 47.89 -55.67
C LEU O 358 -9.64 48.93 -55.77
N HIS O 359 -9.82 49.97 -56.59
CA HIS O 359 -8.90 51.10 -56.55
C HIS O 359 -9.02 51.85 -55.23
N ASN O 360 -10.21 51.83 -54.62
CA ASN O 360 -10.42 52.35 -53.27
C ASN O 360 -9.94 53.80 -53.16
N ALA O 361 -10.17 54.57 -54.23
CA ALA O 361 -9.69 55.95 -54.36
C ALA O 361 -8.17 56.08 -54.23
N GLY O 362 -7.44 54.99 -54.37
CA GLY O 362 -5.99 55.07 -54.31
C GLY O 362 -5.39 55.28 -52.95
N ASN O 363 -6.02 54.76 -51.90
CA ASN O 363 -5.47 54.86 -50.55
C ASN O 363 -5.62 53.50 -49.87
N PHE O 364 -4.92 53.36 -48.73
CA PHE O 364 -4.58 52.07 -48.13
C PHE O 364 -3.72 51.25 -49.08
N GLU O 365 -2.60 51.86 -49.47
CA GLU O 365 -1.83 51.53 -50.68
C GLU O 365 -2.81 51.61 -51.85
N ASP O 366 -2.87 50.62 -52.73
CA ASP O 366 -3.78 50.63 -53.86
C ASP O 366 -3.99 49.18 -54.27
N PRO O 367 -5.06 48.53 -53.79
CA PRO O 367 -5.23 47.10 -54.09
C PRO O 367 -5.27 46.79 -55.58
N LEU O 368 -5.86 47.68 -56.39
CA LEU O 368 -5.89 47.45 -57.83
C LEU O 368 -4.48 47.50 -58.42
N SER O 369 -3.68 48.50 -58.03
CA SER O 369 -2.30 48.56 -58.48
C SER O 369 -1.49 47.35 -58.01
N LEU O 370 -1.64 46.96 -56.75
CA LEU O 370 -0.97 45.77 -56.25
C LEU O 370 -1.36 44.53 -57.06
N TYR O 371 -2.64 44.42 -57.42
CA TYR O 371 -3.10 43.30 -58.24
C TYR O 371 -2.45 43.31 -59.61
N LEU O 372 -2.46 44.47 -60.28
CA LEU O 372 -1.85 44.58 -61.60
C LEU O 372 -0.35 44.26 -61.55
N ARG O 373 0.35 44.72 -60.51
CA ARG O 373 1.75 44.36 -60.34
C ARG O 373 1.94 42.87 -60.11
N ALA O 374 1.08 42.26 -59.29
CA ALA O 374 1.17 40.83 -59.05
C ALA O 374 1.02 40.06 -60.35
N LEU O 375 0.02 40.42 -61.15
CA LEU O 375 -0.18 39.77 -62.44
C LEU O 375 1.00 40.00 -63.37
N CYS O 376 1.57 41.20 -63.35
CA CYS O 376 2.74 41.49 -64.19
C CYS O 376 3.92 40.60 -63.82
N ARG O 377 4.38 40.68 -62.57
CA ARG O 377 5.59 39.96 -62.19
C ARG O 377 5.39 38.45 -62.18
N GLU O 378 4.18 37.97 -61.92
CA GLU O 378 3.90 36.55 -62.04
C GLU O 378 3.54 36.15 -63.47
N GLY O 379 3.67 37.06 -64.43
CA GLY O 379 3.51 36.72 -65.83
C GLY O 379 2.13 36.25 -66.23
N ARG O 380 1.11 36.56 -65.42
CA ARG O 380 -0.25 36.11 -65.69
C ARG O 380 -0.95 37.04 -66.68
N ILE O 381 -0.28 37.33 -67.80
CA ILE O 381 -0.71 38.40 -68.69
C ILE O 381 -2.08 38.13 -69.29
N VAL O 382 -2.44 36.86 -69.48
CA VAL O 382 -3.76 36.55 -70.00
C VAL O 382 -4.85 36.86 -68.99
N GLU O 383 -4.49 37.00 -67.71
CA GLU O 383 -5.36 37.59 -66.71
C GLU O 383 -5.20 39.10 -66.63
N LEU O 384 -4.00 39.60 -66.88
CA LEU O 384 -3.75 41.04 -66.78
C LEU O 384 -4.53 41.81 -67.83
N ILE O 385 -4.57 41.32 -69.07
CA ILE O 385 -5.38 41.96 -70.11
C ILE O 385 -6.86 41.92 -69.75
N ASP O 386 -7.29 40.92 -68.98
CA ASP O 386 -8.69 40.87 -68.55
C ASP O 386 -8.95 41.88 -67.45
N ALA O 387 -8.00 42.07 -66.55
CA ALA O 387 -8.12 43.12 -65.55
C ALA O 387 -8.16 44.49 -66.21
N LEU O 388 -7.32 44.68 -67.23
CA LEU O 388 -7.32 45.95 -67.96
C LEU O 388 -8.62 46.19 -68.70
N ASP O 389 -9.20 45.14 -69.30
CA ASP O 389 -10.51 45.29 -69.94
C ASP O 389 -11.62 45.55 -68.92
N ALA O 390 -11.52 44.96 -67.73
CA ALA O 390 -12.48 45.27 -66.67
C ALA O 390 -12.38 46.72 -66.23
N MET O 391 -11.16 47.23 -66.08
CA MET O 391 -10.97 48.65 -65.80
C MET O 391 -11.53 49.52 -66.91
N ARG O 392 -11.30 49.12 -68.17
CA ARG O 392 -11.82 49.86 -69.31
C ARG O 392 -13.34 49.96 -69.27
N ARG O 393 -14.01 48.84 -68.99
CA ARG O 393 -15.46 48.86 -68.88
C ARG O 393 -15.93 49.82 -67.79
N ASP O 394 -15.19 49.89 -66.68
CA ASP O 394 -15.50 50.85 -65.63
C ASP O 394 -15.03 52.26 -65.94
N ASN O 395 -14.28 52.46 -67.02
CA ASN O 395 -13.54 53.70 -67.27
C ASN O 395 -12.57 54.04 -66.14
N GLN O 396 -12.09 53.03 -65.44
CA GLN O 396 -11.06 53.23 -64.43
C GLN O 396 -9.71 53.45 -65.11
N PRO O 397 -9.04 54.58 -64.86
CA PRO O 397 -7.70 54.78 -65.41
C PRO O 397 -6.66 53.91 -64.69
N ILE O 398 -5.54 53.70 -65.37
CA ILE O 398 -4.38 53.09 -64.71
C ILE O 398 -3.88 54.00 -63.60
N PRO O 399 -3.75 53.52 -62.37
CA PRO O 399 -3.08 54.29 -61.33
C PRO O 399 -1.60 54.48 -61.67
N PRO O 400 -1.05 55.66 -61.40
CA PRO O 400 0.41 55.83 -61.53
C PRO O 400 1.22 54.81 -60.75
N ARG O 401 0.72 54.41 -59.58
CA ARG O 401 1.38 53.40 -58.76
C ARG O 401 1.57 52.07 -59.48
N ALA O 402 0.81 51.81 -60.54
CA ALA O 402 1.00 50.57 -61.29
C ALA O 402 2.15 50.67 -62.29
N MET O 403 2.48 51.88 -62.75
CA MET O 403 3.50 52.08 -63.76
C MET O 403 4.90 52.19 -63.17
N ILE O 404 5.14 51.64 -61.99
CA ILE O 404 6.47 51.68 -61.39
C ILE O 404 7.47 50.96 -62.29
N MET O 405 8.71 51.45 -62.30
CA MET O 405 9.77 50.92 -63.14
C MET O 405 10.99 50.62 -62.29
N SER O 406 11.79 49.66 -62.75
CA SER O 406 13.15 49.46 -62.24
C SER O 406 14.09 50.55 -62.77
N ARG O 407 15.33 50.53 -62.28
CA ARG O 407 16.35 51.42 -62.82
C ARG O 407 16.59 51.16 -64.30
N LYS O 408 16.35 49.93 -64.75
CA LYS O 408 16.08 49.68 -66.16
C LYS O 408 14.61 49.96 -66.42
N TYR O 409 14.33 50.92 -67.29
CA TYR O 409 12.96 51.40 -67.47
C TYR O 409 12.14 50.34 -68.20
N ARG O 410 11.38 49.57 -67.42
CA ARG O 410 10.41 48.61 -67.93
C ARG O 410 9.13 48.76 -67.13
N THR O 411 7.99 48.66 -67.81
CA THR O 411 6.70 48.70 -67.14
C THR O 411 6.03 47.34 -67.25
N LEU O 412 4.78 47.27 -66.80
CA LEU O 412 3.95 46.08 -67.03
C LEU O 412 3.68 45.83 -68.50
N VAL O 413 4.07 46.74 -69.40
CA VAL O 413 3.88 46.50 -70.82
C VAL O 413 4.93 45.56 -71.39
N SER O 414 6.08 45.44 -70.74
CA SER O 414 7.15 44.60 -71.29
C SER O 414 7.96 43.83 -70.26
N SER O 415 7.86 44.14 -68.96
CA SER O 415 8.75 43.53 -67.98
C SER O 415 8.53 42.02 -67.82
N TRP O 416 7.55 41.44 -68.50
CA TRP O 416 7.36 39.99 -68.50
C TRP O 416 7.85 39.33 -69.79
N ILE O 417 8.25 40.10 -70.80
CA ILE O 417 8.80 39.54 -72.02
C ILE O 417 10.19 38.97 -71.74
N GLU O 418 10.48 37.82 -72.36
CA GLU O 418 11.47 36.84 -71.87
C GLU O 418 12.73 37.44 -71.25
N PRO O 419 13.43 38.39 -71.88
CA PRO O 419 14.53 39.05 -71.15
C PRO O 419 13.99 39.94 -70.06
N LEU O 420 13.84 39.38 -68.86
CA LEU O 420 13.05 39.99 -67.81
C LEU O 420 13.61 41.33 -67.37
N GLN O 421 14.93 41.43 -67.22
CA GLN O 421 15.53 42.65 -66.69
C GLN O 421 16.67 43.17 -67.55
N GLU O 422 16.85 42.66 -68.77
CA GLU O 422 17.78 43.23 -69.72
C GLU O 422 17.00 44.02 -70.77
N GLU O 423 17.34 45.30 -70.92
CA GLU O 423 16.70 46.14 -71.91
C GLU O 423 17.13 45.75 -73.32
N ALA O 424 16.23 45.97 -74.27
CA ALA O 424 16.54 45.76 -75.68
C ALA O 424 17.42 46.90 -76.18
N GLU O 425 18.07 46.65 -77.32
CA GLU O 425 18.75 47.72 -78.04
C GLU O 425 17.75 48.76 -78.53
N LEU O 426 18.03 50.03 -78.21
CA LEU O 426 17.17 51.14 -78.61
C LEU O 426 17.66 51.83 -79.88
N GLY O 427 18.75 51.37 -80.47
CA GLY O 427 19.34 52.03 -81.61
C GLY O 427 20.31 53.14 -81.27
N TYR O 428 20.44 53.48 -79.99
CA TYR O 428 21.39 54.47 -79.53
C TYR O 428 21.83 54.09 -78.13
N GLU O 429 22.97 54.62 -77.71
CA GLU O 429 23.39 54.46 -76.32
C GLU O 429 22.41 55.14 -75.39
N ILE O 430 22.24 54.54 -74.20
CA ILE O 430 21.31 55.08 -73.22
C ILE O 430 21.83 56.41 -72.70
N ASP O 431 20.93 57.38 -72.56
CA ASP O 431 21.27 58.72 -72.08
C ASP O 431 21.33 58.75 -70.54
N TYR O 432 22.22 57.92 -70.00
CA TYR O 432 22.35 57.78 -68.55
C TYR O 432 22.52 59.13 -67.87
N LEU O 433 23.27 60.04 -68.49
CA LEU O 433 23.49 61.35 -67.90
C LEU O 433 22.22 62.18 -67.85
N ALA O 434 21.28 61.94 -68.78
CA ALA O 434 20.00 62.61 -68.71
C ALA O 434 19.04 61.93 -67.73
N ARG O 435 18.99 60.60 -67.76
CA ARG O 435 18.14 59.87 -66.82
C ARG O 435 18.58 60.05 -65.37
N TYR O 436 19.84 60.45 -65.15
CA TYR O 436 20.28 60.77 -63.80
C TYR O 436 19.61 62.02 -63.25
N VAL O 437 19.11 62.90 -64.12
CA VAL O 437 18.55 64.17 -63.66
C VAL O 437 17.29 63.94 -62.82
N GLU O 438 16.59 62.83 -63.05
CA GLU O 438 15.38 62.48 -62.31
C GLU O 438 15.56 62.58 -60.79
N ARG O 446 14.84 60.76 -55.01
CA ARG O 446 16.17 60.45 -55.54
C ARG O 446 16.25 58.97 -55.91
N LYS O 447 15.51 58.16 -55.17
CA LYS O 447 15.47 56.70 -55.33
C LYS O 447 16.84 56.13 -55.65
N ARG O 448 17.77 56.36 -54.72
CA ARG O 448 19.04 55.65 -54.75
C ARG O 448 18.82 54.17 -54.42
N TRP O 449 19.67 53.32 -54.97
CA TRP O 449 19.47 51.88 -54.91
C TRP O 449 20.44 51.19 -53.95
N VAL O 450 21.22 51.95 -53.19
CA VAL O 450 22.10 51.35 -52.19
C VAL O 450 21.28 50.47 -51.23
N PRO O 451 21.67 49.21 -51.02
CA PRO O 451 20.94 48.35 -50.07
C PRO O 451 21.33 48.70 -48.64
N ARG O 452 20.34 49.14 -47.86
CA ARG O 452 20.58 49.55 -46.49
C ARG O 452 20.73 48.33 -45.58
N ARG O 453 21.26 48.58 -44.38
CA ARG O 453 21.23 47.61 -43.31
C ARG O 453 19.79 47.18 -43.04
N GLY O 454 19.62 45.95 -42.58
CA GLY O 454 18.31 45.33 -42.52
C GLY O 454 17.30 46.10 -41.68
N LYS O 455 16.14 46.36 -42.28
CA LYS O 455 15.02 47.00 -41.56
C LYS O 455 13.76 46.74 -42.37
N THR O 456 12.62 47.00 -41.74
CA THR O 456 11.32 46.73 -42.35
C THR O 456 11.10 47.37 -43.72
N PRO O 457 11.54 48.59 -44.01
CA PRO O 457 11.31 49.16 -45.35
C PRO O 457 11.94 48.32 -46.46
N LEU O 458 11.57 48.68 -47.68
CA LEU O 458 11.99 47.98 -48.89
C LEU O 458 12.84 48.90 -49.77
N ASP O 459 13.79 48.30 -50.48
CA ASP O 459 14.47 49.04 -51.54
C ASP O 459 13.67 49.17 -52.85
N PRO O 460 13.15 48.12 -53.49
CA PRO O 460 12.41 48.35 -54.74
C PRO O 460 11.04 48.94 -54.45
N ASP O 461 10.70 50.02 -55.17
CA ASP O 461 9.44 50.70 -54.89
C ASP O 461 8.23 49.89 -55.33
N ALA O 462 8.43 48.84 -56.14
CA ALA O 462 7.32 47.94 -56.48
C ALA O 462 6.83 47.15 -55.27
N ALA O 463 7.67 46.98 -54.25
CA ALA O 463 7.37 46.08 -53.14
C ALA O 463 6.54 46.77 -52.06
N GLY O 464 5.38 47.27 -52.46
CA GLY O 464 4.36 47.71 -51.52
C GLY O 464 3.56 46.59 -50.89
N PHE O 465 3.90 45.35 -51.21
CA PHE O 465 3.25 44.17 -50.66
C PHE O 465 3.58 44.02 -49.17
N ILE O 466 2.87 43.10 -48.52
CA ILE O 466 3.12 42.84 -47.10
C ILE O 466 4.48 42.19 -46.91
N TYR O 467 4.69 41.01 -47.50
CA TYR O 467 5.99 40.33 -47.41
C TYR O 467 6.90 40.81 -48.54
N SER O 468 6.52 40.51 -49.78
CA SER O 468 7.24 40.98 -50.95
C SER O 468 6.35 40.75 -52.16
N ASN O 469 6.69 41.43 -53.25
CA ASN O 469 6.07 41.14 -54.53
C ASN O 469 6.39 39.72 -54.98
N PRO O 470 5.60 39.17 -55.90
CA PRO O 470 5.96 37.88 -56.50
C PRO O 470 7.35 37.90 -57.11
N ILE O 471 7.99 36.73 -57.11
CA ILE O 471 9.28 36.60 -57.79
C ILE O 471 9.10 36.83 -59.28
N GLU O 472 9.99 37.64 -59.85
CA GLU O 472 9.91 37.99 -61.26
C GLU O 472 9.98 36.74 -62.13
N THR O 473 8.89 36.45 -62.84
CA THR O 473 8.81 35.29 -63.71
C THR O 473 8.24 35.71 -65.06
N SER O 474 8.88 35.23 -66.13
CA SER O 474 8.45 35.60 -67.47
C SER O 474 7.15 34.90 -67.84
N PHE O 475 6.50 35.43 -68.88
CA PHE O 475 5.31 34.76 -69.41
C PHE O 475 5.65 33.36 -69.91
N LYS O 476 6.84 33.19 -70.48
CA LYS O 476 7.31 31.86 -70.84
C LYS O 476 7.40 30.96 -69.61
N GLN O 477 8.06 31.45 -68.55
CA GLN O 477 8.23 30.64 -67.34
C GLN O 477 6.89 30.30 -66.72
N ARG O 478 5.96 31.26 -66.66
CA ARG O 478 4.65 31.02 -66.09
C ARG O 478 3.86 30.00 -66.91
N CYS O 479 3.90 30.13 -68.24
CA CYS O 479 3.24 29.14 -69.09
C CYS O 479 3.83 27.75 -68.91
N LEU O 480 5.17 27.66 -68.89
CA LEU O 480 5.83 26.37 -68.72
C LEU O 480 5.49 25.74 -67.38
N GLU O 481 5.48 26.55 -66.31
CA GLU O 481 5.07 26.04 -65.00
C GLU O 481 3.64 25.54 -65.02
N ASP O 482 2.72 26.29 -65.63
CA ASP O 482 1.34 25.84 -65.69
C ASP O 482 1.20 24.54 -66.48
N TRP O 483 1.97 24.41 -67.56
CA TRP O 483 1.98 23.19 -68.36
C TRP O 483 2.48 22.00 -67.54
N LYS O 484 3.62 22.19 -66.84
CA LYS O 484 4.14 21.16 -65.95
C LYS O 484 3.12 20.77 -64.90
N VAL O 485 2.52 21.74 -64.22
CA VAL O 485 1.56 21.46 -63.15
C VAL O 485 0.37 20.69 -63.69
N HIS O 486 -0.15 21.09 -64.84
CA HIS O 486 -1.28 20.39 -65.44
C HIS O 486 -0.93 18.95 -65.76
N HIS O 487 0.22 18.72 -66.39
CA HIS O 487 0.61 17.34 -66.70
C HIS O 487 0.90 16.53 -65.44
N ARG O 488 1.49 17.15 -64.41
CA ARG O 488 1.68 16.47 -63.13
C ARG O 488 0.35 16.04 -62.53
N LYS O 489 -0.66 16.90 -62.59
CA LYS O 489 -1.99 16.51 -62.13
C LYS O 489 -2.58 15.39 -62.98
N LEU O 490 -2.37 15.45 -64.30
CA LEU O 490 -2.81 14.37 -65.17
C LEU O 490 -2.14 13.05 -64.81
N LEU O 491 -0.84 13.09 -64.51
CA LEU O 491 -0.13 11.88 -64.07
C LEU O 491 -0.65 11.37 -62.73
N ARG O 492 -0.89 12.26 -61.78
CA ARG O 492 -1.48 11.86 -60.51
C ARG O 492 -2.82 11.16 -60.69
N THR O 493 -3.66 11.69 -61.57
CA THR O 493 -4.91 11.02 -61.88
C THR O 493 -4.66 9.67 -62.55
N LEU O 494 -3.76 9.64 -63.52
CA LEU O 494 -3.49 8.39 -64.24
C LEU O 494 -3.02 7.29 -63.29
N GLN O 495 -2.12 7.64 -62.37
CA GLN O 495 -1.61 6.69 -61.38
C GLN O 495 -2.55 6.44 -60.22
N SER O 496 -3.65 7.19 -60.11
CA SER O 496 -4.63 6.88 -59.06
C SER O 496 -5.82 6.09 -59.60
N GLU O 497 -6.32 6.45 -60.78
CA GLU O 497 -7.44 5.75 -61.38
C GLU O 497 -7.01 4.41 -62.00
N GLY O 498 -5.79 4.34 -62.51
CA GLY O 498 -5.33 3.16 -63.21
C GLY O 498 -5.82 3.09 -64.65
N LEU O 499 -5.40 2.02 -65.32
CA LEU O 499 -5.72 1.80 -66.72
C LEU O 499 -7.19 2.00 -67.11
N PRO O 500 -8.20 1.67 -66.29
CA PRO O 500 -9.59 1.94 -66.68
C PRO O 500 -9.90 3.39 -67.07
N VAL O 501 -9.04 4.35 -66.71
CA VAL O 501 -9.29 5.71 -67.16
C VAL O 501 -9.02 5.87 -68.65
N LEU O 502 -8.23 5.00 -69.24
CA LEU O 502 -8.22 4.83 -70.69
C LEU O 502 -9.26 3.80 -71.14
N GLY O 503 -9.30 2.65 -70.47
CA GLY O 503 -10.25 1.60 -70.80
C GLY O 503 -9.80 0.70 -71.94
N ASP O 504 -10.01 1.14 -73.18
CA ASP O 504 -9.67 0.35 -74.36
C ASP O 504 -8.19 0.51 -74.72
N ALA O 505 -7.33 0.21 -73.75
CA ALA O 505 -5.90 0.33 -73.93
C ALA O 505 -5.19 -0.83 -73.27
N SER O 506 -3.93 -1.03 -73.65
CA SER O 506 -3.07 -2.02 -73.02
C SER O 506 -2.41 -1.44 -71.78
N GLU O 507 -2.08 -2.31 -70.82
CA GLU O 507 -1.18 -1.92 -69.74
C GLU O 507 0.19 -1.51 -70.27
N SER O 508 0.59 -2.03 -71.45
CA SER O 508 1.79 -1.51 -72.09
C SER O 508 1.62 -0.05 -72.48
N ASP O 509 0.46 0.30 -73.01
CA ASP O 509 0.17 1.70 -73.31
C ASP O 509 0.13 2.54 -72.04
N TYR O 510 -0.43 1.98 -70.97
CA TYR O 510 -0.44 2.67 -69.68
C TYR O 510 0.97 2.97 -69.19
N MET O 511 1.86 1.97 -69.26
CA MET O 511 3.27 2.19 -68.88
C MET O 511 3.93 3.24 -69.77
N ARG O 512 3.73 3.14 -71.09
CA ARG O 512 4.32 4.09 -72.02
C ARG O 512 3.83 5.51 -71.74
N VAL O 513 2.54 5.68 -71.50
CA VAL O 513 2.00 7.01 -71.28
C VAL O 513 2.41 7.57 -69.93
N MET O 514 2.57 6.71 -68.91
CA MET O 514 3.18 7.16 -67.67
C MET O 514 4.60 7.66 -67.88
N GLU O 515 5.39 6.93 -68.68
CA GLU O 515 6.74 7.40 -68.98
C GLU O 515 6.74 8.71 -69.76
N ARG O 516 5.80 8.85 -70.71
CA ARG O 516 5.68 10.11 -71.45
C ARG O 516 5.34 11.28 -70.53
N LEU O 517 4.37 11.07 -69.63
CA LEU O 517 4.04 12.09 -68.64
C LEU O 517 5.25 12.46 -67.80
N ARG O 518 5.91 11.46 -67.21
CA ARG O 518 7.08 11.74 -66.39
C ARG O 518 8.17 12.47 -67.17
N ASN O 519 8.32 12.14 -68.46
CA ASN O 519 9.32 12.83 -69.27
C ASN O 519 8.95 14.29 -69.51
N ILE O 520 7.72 14.56 -69.94
CA ILE O 520 7.33 15.94 -70.22
C ILE O 520 7.16 16.77 -68.96
N ILE O 521 7.03 16.13 -67.80
CA ILE O 521 7.11 16.87 -66.55
C ILE O 521 8.54 17.27 -66.24
N LYS O 522 9.51 16.46 -66.67
CA LYS O 522 10.91 16.74 -66.41
C LYS O 522 11.59 17.33 -67.64
N GLU O 592 1.76 10.30 -83.39
CA GLU O 592 1.89 9.49 -82.19
C GLU O 592 0.56 9.38 -81.45
N GLU O 593 0.21 8.15 -81.07
CA GLU O 593 -1.06 7.90 -80.41
C GLU O 593 -1.03 8.27 -78.94
N VAL O 594 0.14 8.22 -78.31
CA VAL O 594 0.24 8.43 -76.87
C VAL O 594 -0.24 9.82 -76.48
N ASP O 595 -0.03 10.81 -77.36
CA ASP O 595 -0.54 12.15 -77.06
C ASP O 595 -2.06 12.19 -77.15
N GLU O 596 -2.66 11.33 -77.97
CA GLU O 596 -4.11 11.26 -77.99
C GLU O 596 -4.64 10.57 -76.74
N LEU O 597 -3.87 9.61 -76.19
CA LEU O 597 -4.22 9.05 -74.89
C LEU O 597 -4.15 10.12 -73.81
N ILE O 598 -3.13 10.97 -73.85
CA ILE O 598 -3.04 12.08 -72.89
C ILE O 598 -4.20 13.05 -73.09
N CYS O 599 -4.67 13.19 -74.32
CA CYS O 599 -5.87 13.99 -74.56
C CYS O 599 -7.13 13.31 -74.02
N ARG O 600 -7.14 11.98 -73.94
CA ARG O 600 -8.33 11.27 -73.48
C ARG O 600 -8.46 11.23 -71.95
N ILE O 601 -7.36 11.25 -71.21
CA ILE O 601 -7.46 11.31 -69.75
C ILE O 601 -8.04 12.66 -69.34
N LYS O 602 -9.14 12.62 -68.60
CA LYS O 602 -9.82 13.80 -68.12
C LYS O 602 -9.34 14.20 -66.72
N LEU O 603 -9.57 15.46 -66.37
CA LEU O 603 -9.46 15.95 -65.01
C LEU O 603 -10.80 16.52 -64.55
N HIS O 604 -11.05 16.43 -63.24
CA HIS O 604 -12.29 16.90 -62.64
C HIS O 604 -12.00 17.82 -61.46
N GLU O 605 -11.02 18.71 -61.62
CA GLU O 605 -10.73 19.69 -60.59
C GLU O 605 -11.90 20.63 -60.37
N GLY O 606 -12.71 20.85 -61.41
CA GLY O 606 -13.80 21.80 -61.35
C GLY O 606 -15.05 21.32 -60.62
N ASP O 607 -16.08 20.97 -61.37
CA ASP O 607 -17.39 20.71 -60.78
C ASP O 607 -17.38 19.50 -59.84
N THR O 608 -17.91 19.72 -58.63
CA THR O 608 -18.01 18.68 -57.61
C THR O 608 -18.99 17.58 -57.98
N GLU O 609 -19.84 17.79 -58.99
CA GLU O 609 -20.84 16.80 -59.36
C GLU O 609 -20.22 15.44 -59.68
N PHE O 610 -18.94 15.39 -60.03
CA PHE O 610 -18.25 14.11 -60.15
C PHE O 610 -17.89 13.57 -58.77
N TRP O 611 -17.27 14.39 -57.93
CA TRP O 611 -16.89 13.95 -56.59
C TRP O 611 -18.12 13.66 -55.74
N LYS O 612 -19.16 14.48 -55.88
CA LYS O 612 -20.44 14.23 -55.23
C LYS O 612 -21.16 13.02 -55.81
N ARG O 613 -20.54 12.31 -56.77
CA ARG O 613 -21.00 10.97 -57.15
C ARG O 613 -20.00 9.89 -56.80
N ARG O 614 -18.70 10.18 -56.85
CA ARG O 614 -17.69 9.27 -56.32
C ARG O 614 -17.95 8.95 -54.86
N PHE O 615 -18.53 9.89 -54.11
CA PHE O 615 -18.75 9.70 -52.68
C PHE O 615 -19.84 8.68 -52.39
N LEU O 616 -20.66 8.34 -53.38
CA LEU O 616 -21.83 7.50 -53.13
C LEU O 616 -21.45 6.03 -53.00
N ASP O 739 -17.16 -1.00 -32.01
CA ASP O 739 -17.65 -0.31 -33.19
C ASP O 739 -16.50 0.20 -34.04
N TRP O 740 -16.58 -0.03 -35.36
CA TRP O 740 -15.62 0.51 -36.30
C TRP O 740 -16.33 0.82 -37.61
N PHE O 741 -15.95 1.93 -38.23
CA PHE O 741 -16.27 2.14 -39.63
C PHE O 741 -15.60 1.06 -40.49
N PRO O 742 -16.26 0.64 -41.57
CA PRO O 742 -15.66 -0.37 -42.46
C PRO O 742 -14.27 0.02 -42.93
N GLU O 743 -13.46 -1.00 -43.22
CA GLU O 743 -12.16 -0.78 -43.83
C GLU O 743 -12.31 -0.32 -45.28
N GLU O 744 -13.28 -0.87 -46.00
CA GLU O 744 -13.51 -0.47 -47.38
C GLU O 744 -14.03 0.96 -47.46
N PRO O 745 -13.37 1.85 -48.18
CA PRO O 745 -13.80 3.26 -48.21
C PRO O 745 -15.25 3.49 -48.62
N PHE O 746 -15.77 2.75 -49.59
CA PHE O 746 -17.14 2.99 -50.05
C PHE O 746 -18.16 2.64 -48.98
N GLU O 747 -17.97 1.51 -48.31
CA GLU O 747 -18.82 1.18 -47.16
C GLU O 747 -18.65 2.20 -46.03
N ALA O 748 -17.43 2.75 -45.88
CA ALA O 748 -17.25 3.81 -44.90
C ALA O 748 -18.03 5.06 -45.28
N PHE O 749 -18.15 5.35 -46.58
CA PHE O 749 -19.01 6.44 -47.03
C PHE O 749 -20.48 6.14 -46.77
N LYS O 750 -20.88 4.88 -46.95
CA LYS O 750 -22.25 4.50 -46.65
C LYS O 750 -22.56 4.67 -45.17
N GLU O 751 -21.61 4.32 -44.31
CA GLU O 751 -21.73 4.64 -42.88
C GLU O 751 -21.73 6.15 -42.64
N MET O 752 -20.96 6.92 -43.40
CA MET O 752 -20.98 8.37 -43.26
C MET O 752 -22.37 8.92 -43.52
N ARG O 753 -23.03 8.43 -44.57
CA ARG O 753 -24.43 8.77 -44.78
C ARG O 753 -25.30 8.32 -43.62
N GLU O 754 -25.23 7.03 -43.27
CA GLU O 754 -26.19 6.49 -42.30
C GLU O 754 -26.01 7.13 -40.93
N ARG O 755 -24.78 7.42 -40.53
CA ARG O 755 -24.53 8.14 -39.28
C ARG O 755 -24.63 9.65 -39.44
N LYS O 756 -24.85 10.15 -40.67
CA LYS O 756 -24.94 11.59 -40.94
C LYS O 756 -23.74 12.37 -40.39
N VAL O 757 -22.57 11.73 -40.34
CA VAL O 757 -21.36 12.48 -40.01
C VAL O 757 -20.97 13.37 -41.18
N PHE O 758 -21.13 12.88 -42.41
CA PHE O 758 -20.91 13.69 -43.61
C PHE O 758 -21.84 13.18 -44.69
N ASP O 759 -22.49 14.11 -45.39
CA ASP O 759 -23.38 13.77 -46.49
C ASP O 759 -23.23 14.78 -47.61
N VAL O 760 -23.73 14.41 -48.79
CA VAL O 760 -23.52 15.17 -50.01
C VAL O 760 -24.01 16.60 -49.90
N SER O 761 -24.97 16.88 -49.00
CA SER O 761 -25.45 18.24 -48.84
C SER O 761 -24.42 19.15 -48.17
N ASP O 762 -23.46 18.58 -47.46
CA ASP O 762 -22.34 19.34 -46.93
C ASP O 762 -21.18 19.47 -47.91
N MET O 763 -21.22 18.77 -49.04
CA MET O 763 -20.16 18.80 -50.04
C MET O 763 -20.43 19.94 -51.02
N TYR O 764 -20.08 21.15 -50.60
CA TYR O 764 -20.33 22.35 -51.40
C TYR O 764 -19.14 23.28 -51.34
N THR O 765 -18.95 24.04 -52.43
CA THR O 765 -17.82 24.95 -52.56
C THR O 765 -18.28 26.17 -53.34
N ILE O 766 -17.44 27.21 -53.34
CA ILE O 766 -17.85 28.53 -53.82
C ILE O 766 -18.41 28.46 -55.23
N ALA O 767 -17.74 27.71 -56.11
CA ALA O 767 -18.21 27.61 -57.49
C ALA O 767 -19.61 27.01 -57.57
N ASP O 768 -20.04 26.31 -56.53
CA ASP O 768 -21.38 25.77 -56.42
C ASP O 768 -22.28 26.59 -55.51
N VAL O 769 -21.74 27.66 -54.92
CA VAL O 769 -22.40 28.40 -53.85
C VAL O 769 -22.65 29.86 -54.23
N TRP O 770 -21.62 30.53 -54.74
CA TRP O 770 -21.79 31.89 -55.23
C TRP O 770 -22.07 31.95 -56.73
N GLY O 771 -22.33 30.81 -57.36
CA GLY O 771 -22.81 30.79 -58.72
C GLY O 771 -21.77 31.13 -59.76
N TRP O 772 -20.50 30.88 -59.48
CA TRP O 772 -19.44 31.14 -60.46
C TRP O 772 -19.46 30.10 -61.57
N THR O 773 -20.58 30.02 -62.30
CA THR O 773 -20.77 29.00 -63.32
C THR O 773 -19.70 29.07 -64.42
N TRP O 774 -19.05 30.22 -64.57
CA TRP O 774 -17.98 30.33 -65.57
C TRP O 774 -16.76 29.51 -65.20
N GLU O 775 -16.54 29.25 -63.91
CA GLU O 775 -15.28 28.64 -63.47
C GLU O 775 -15.10 27.22 -64.00
N LYS O 776 -16.22 26.53 -64.29
CA LYS O 776 -16.16 25.26 -65.01
C LYS O 776 -15.31 25.35 -66.27
N ASP O 777 -15.40 26.47 -66.98
CA ASP O 777 -14.69 26.66 -68.23
C ASP O 777 -13.23 27.01 -68.05
N PHE O 778 -12.80 27.38 -66.84
CA PHE O 778 -11.43 27.80 -66.62
C PHE O 778 -10.55 26.72 -66.00
N LYS O 779 -11.03 26.04 -64.97
CA LYS O 779 -10.16 25.22 -64.12
C LYS O 779 -9.52 24.07 -64.89
N ASN O 780 -10.33 23.33 -65.66
CA ASN O 780 -9.92 22.03 -66.17
C ASN O 780 -9.17 22.09 -67.51
N LYS O 781 -9.11 23.24 -68.16
CA LYS O 781 -8.61 23.28 -69.54
C LYS O 781 -7.11 23.02 -69.60
N THR O 782 -6.70 22.38 -70.69
CA THR O 782 -5.28 22.28 -71.02
C THR O 782 -4.70 23.66 -71.32
N PRO O 783 -3.63 24.07 -70.65
CA PRO O 783 -3.07 25.40 -70.91
C PRO O 783 -2.35 25.45 -72.25
N ARG O 784 -2.60 26.53 -73.00
CA ARG O 784 -1.93 26.76 -74.26
C ARG O 784 -0.42 26.87 -74.07
N ARG O 785 0.33 26.16 -74.91
CA ARG O 785 1.79 26.26 -74.88
C ARG O 785 2.24 27.66 -75.28
N TRP O 786 3.28 28.15 -74.61
CA TRP O 786 3.86 29.44 -74.94
C TRP O 786 4.36 29.45 -76.39
N SER O 787 4.33 30.62 -77.00
CA SER O 787 5.01 30.83 -78.27
C SER O 787 5.44 32.29 -78.37
N GLN O 788 6.51 32.53 -79.13
CA GLN O 788 6.99 33.89 -79.32
C GLN O 788 5.95 34.74 -80.05
N GLU O 789 5.21 34.13 -80.98
CA GLU O 789 4.15 34.87 -81.67
C GLU O 789 3.03 35.21 -80.70
N TRP O 790 2.63 34.26 -79.86
CA TRP O 790 1.56 34.53 -78.90
C TRP O 790 2.00 35.57 -77.88
N GLU O 791 3.25 35.49 -77.42
CA GLU O 791 3.80 36.50 -76.54
C GLU O 791 3.77 37.89 -77.17
N VAL O 792 4.09 37.99 -78.47
CA VAL O 792 4.10 39.30 -79.11
C VAL O 792 2.68 39.81 -79.32
N GLU O 793 1.76 38.94 -79.73
CA GLU O 793 0.38 39.36 -79.92
C GLU O 793 -0.24 39.83 -78.60
N LEU O 794 0.00 39.10 -77.51
CA LEU O 794 -0.48 39.53 -76.21
C LEU O 794 0.19 40.83 -75.76
N ALA O 795 1.48 41.01 -76.09
CA ALA O 795 2.14 42.26 -75.75
C ALA O 795 1.51 43.44 -76.48
N ILE O 796 1.22 43.27 -77.77
CA ILE O 796 0.59 44.32 -78.55
C ILE O 796 -0.80 44.65 -78.01
N VAL O 797 -1.59 43.61 -77.72
CA VAL O 797 -2.93 43.84 -77.18
C VAL O 797 -2.87 44.55 -75.83
N LEU O 798 -1.95 44.13 -74.96
CA LEU O 798 -1.82 44.78 -73.65
C LEU O 798 -1.37 46.23 -73.80
N MET O 799 -0.43 46.49 -74.70
CA MET O 799 0.01 47.87 -74.92
C MET O 799 -1.12 48.74 -75.45
N ALA O 800 -1.95 48.18 -76.34
CA ALA O 800 -3.13 48.91 -76.81
C ALA O 800 -4.08 49.21 -75.66
N LYS O 801 -4.35 48.21 -74.82
CA LYS O 801 -5.23 48.41 -73.68
C LYS O 801 -4.71 49.49 -72.73
N VAL O 802 -3.41 49.44 -72.43
CA VAL O 802 -2.81 50.41 -71.52
C VAL O 802 -2.83 51.80 -72.12
N ILE O 803 -2.65 51.92 -73.44
CA ILE O 803 -2.79 53.21 -74.10
C ILE O 803 -4.22 53.72 -73.99
N GLU O 804 -5.21 52.84 -74.21
CA GLU O 804 -6.60 53.22 -74.01
C GLU O 804 -6.85 53.72 -72.60
N LEU O 805 -6.32 53.00 -71.60
CA LEU O 805 -6.50 53.34 -70.21
C LEU O 805 -5.65 54.52 -69.75
N GLY O 806 -4.93 55.17 -70.67
CA GLY O 806 -4.18 56.35 -70.30
C GLY O 806 -2.84 56.10 -69.65
N GLY O 807 -2.30 54.89 -69.76
CA GLY O 807 -0.93 54.67 -69.40
C GLY O 807 0.03 55.19 -70.45
N VAL O 808 1.32 55.11 -70.14
CA VAL O 808 2.36 55.52 -71.08
C VAL O 808 3.45 54.44 -71.12
N PRO O 809 3.42 53.53 -72.08
CA PRO O 809 4.59 52.69 -72.34
C PRO O 809 5.82 53.54 -72.61
N THR O 810 6.97 53.04 -72.16
CA THR O 810 8.23 53.74 -72.38
C THR O 810 8.83 53.38 -73.73
N ILE O 811 9.85 54.14 -74.13
CA ILE O 811 10.71 53.75 -75.24
C ILE O 811 11.29 52.36 -75.00
N GLY O 812 11.66 52.06 -73.75
CA GLY O 812 12.21 50.75 -73.46
C GLY O 812 11.23 49.61 -73.66
N ASP O 813 9.98 49.80 -73.22
CA ASP O 813 8.96 48.79 -73.45
C ASP O 813 8.72 48.55 -74.94
N CYS O 814 8.62 49.63 -75.71
CA CYS O 814 8.45 49.50 -77.16
C CYS O 814 9.64 48.78 -77.78
N ALA O 815 10.86 49.14 -77.36
CA ALA O 815 12.04 48.50 -77.91
C ALA O 815 12.08 47.01 -77.56
N VAL O 816 11.61 46.64 -76.37
CA VAL O 816 11.59 45.24 -75.98
C VAL O 816 10.55 44.47 -76.78
N ILE O 817 9.36 45.04 -76.97
CA ILE O 817 8.35 44.38 -77.79
C ILE O 817 8.83 44.25 -79.23
N LEU O 818 9.47 45.29 -79.76
CA LEU O 818 10.09 45.21 -81.08
C LEU O 818 11.11 44.08 -81.16
N ARG O 819 12.01 44.00 -80.18
CA ARG O 819 13.03 42.97 -80.20
C ARG O 819 12.41 41.57 -80.08
N ALA O 820 11.33 41.44 -79.32
CA ALA O 820 10.62 40.17 -79.24
C ALA O 820 9.98 39.80 -80.58
N ALA O 821 9.47 40.80 -81.30
CA ALA O 821 8.97 40.55 -82.65
C ALA O 821 10.09 40.14 -83.59
N ILE O 822 11.25 40.80 -83.49
CA ILE O 822 12.40 40.46 -84.31
C ILE O 822 12.90 39.06 -84.00
N ARG O 823 12.74 38.61 -82.75
CA ARG O 823 13.15 37.26 -82.39
C ARG O 823 12.21 36.21 -82.98
N ALA O 824 10.96 36.57 -83.22
CA ALA O 824 10.10 35.73 -84.03
C ALA O 824 10.35 36.02 -85.51
N PRO O 825 10.03 35.07 -86.38
CA PRO O 825 10.03 35.37 -87.82
C PRO O 825 8.76 36.07 -88.29
N MET O 826 8.25 37.03 -87.52
CA MET O 826 6.94 37.59 -87.80
C MET O 826 7.06 39.02 -88.30
N PRO O 827 6.53 39.33 -89.49
CA PRO O 827 6.64 40.69 -90.01
C PRO O 827 5.53 41.62 -89.56
N SER O 828 4.31 41.10 -89.50
CA SER O 828 3.12 41.94 -89.32
C SER O 828 3.15 42.69 -88.00
N SER O 829 3.82 42.14 -86.99
CA SER O 829 3.94 42.83 -85.71
C SER O 829 4.70 44.16 -85.84
N PHE O 830 5.67 44.22 -86.76
CA PHE O 830 6.49 45.42 -86.87
C PHE O 830 5.66 46.65 -87.20
N LEU O 831 4.71 46.51 -88.12
CA LEU O 831 3.86 47.64 -88.48
C LEU O 831 3.10 48.18 -87.28
N LYS O 832 2.42 47.29 -86.54
CA LYS O 832 1.69 47.71 -85.35
C LYS O 832 2.60 48.35 -84.33
N ILE O 833 3.75 47.72 -84.05
CA ILE O 833 4.63 48.22 -82.99
C ILE O 833 5.18 49.59 -83.34
N LEU O 834 5.55 49.79 -84.61
CA LEU O 834 6.11 51.08 -85.01
C LEU O 834 5.03 52.15 -85.06
N GLN O 835 3.84 51.82 -85.58
CA GLN O 835 2.75 52.78 -85.57
C GLN O 835 2.42 53.22 -84.14
N THR O 836 2.34 52.26 -83.22
CA THR O 836 2.09 52.60 -81.83
C THR O 836 3.18 53.50 -81.27
N THR O 837 4.43 53.04 -81.30
CA THR O 837 5.51 53.80 -80.69
C THR O 837 5.65 55.19 -81.29
N HIS O 838 5.40 55.34 -82.59
CA HIS O 838 5.39 56.66 -83.19
C HIS O 838 4.21 57.49 -82.73
N SER O 839 3.05 56.85 -82.50
CA SER O 839 1.91 57.58 -81.97
C SER O 839 2.13 58.00 -80.52
N LEU O 840 2.91 57.24 -79.75
CA LEU O 840 3.39 57.70 -78.46
C LEU O 840 4.41 58.82 -78.58
N GLY O 841 4.91 59.08 -79.78
CA GLY O 841 5.84 60.17 -80.00
C GLY O 841 7.30 59.79 -79.87
N TYR O 842 7.59 58.50 -79.73
CA TYR O 842 8.97 58.03 -79.66
C TYR O 842 9.57 57.92 -81.05
N ALA O 843 10.89 57.79 -81.10
CA ALA O 843 11.57 57.30 -82.30
C ALA O 843 12.73 56.41 -81.87
N PHE O 844 12.84 55.26 -82.51
CA PHE O 844 14.04 54.45 -82.38
C PHE O 844 15.20 55.06 -83.18
N GLY O 845 16.41 54.67 -82.78
CA GLY O 845 17.58 55.03 -83.57
C GLY O 845 17.65 54.24 -84.87
N SER O 846 18.27 54.87 -85.86
CA SER O 846 18.28 54.33 -87.22
C SER O 846 18.74 52.87 -87.32
N PRO O 847 19.74 52.39 -86.57
CA PRO O 847 20.08 50.95 -86.64
C PRO O 847 18.92 50.01 -86.40
N LEU O 848 17.93 50.37 -85.58
CA LEU O 848 16.79 49.47 -85.43
C LEU O 848 15.93 49.43 -86.68
N TYR O 849 15.78 50.57 -87.37
CA TYR O 849 15.05 50.54 -88.63
C TYR O 849 15.82 49.77 -89.69
N ASP O 850 17.15 49.87 -89.68
CA ASP O 850 17.95 49.04 -90.57
C ASP O 850 17.76 47.55 -90.29
N GLU O 851 17.84 47.16 -89.01
CA GLU O 851 17.58 45.77 -88.63
C GLU O 851 16.19 45.33 -89.08
N ILE O 852 15.18 46.16 -88.82
CA ILE O 852 13.81 45.83 -89.22
C ILE O 852 13.73 45.59 -90.72
N ILE O 853 14.21 46.55 -91.51
CA ILE O 853 14.01 46.47 -92.95
C ILE O 853 14.82 45.30 -93.54
N THR O 854 16.02 45.06 -93.03
CA THR O 854 16.81 43.92 -93.50
C THR O 854 16.14 42.59 -93.14
N LEU O 855 15.57 42.48 -91.94
CA LEU O 855 14.83 41.27 -91.60
C LEU O 855 13.59 41.11 -92.47
N CYS O 856 12.88 42.21 -92.71
CA CYS O 856 11.70 42.18 -93.57
C CYS O 856 12.06 41.74 -94.99
N LEU O 857 13.19 42.20 -95.51
CA LEU O 857 13.67 41.74 -96.81
C LEU O 857 14.06 40.26 -96.76
N ASP O 858 14.67 39.81 -95.67
CA ASP O 858 15.01 38.39 -95.54
C ASP O 858 13.75 37.53 -95.53
N LEU O 859 12.68 38.04 -94.90
CA LEU O 859 11.37 37.40 -95.02
C LEU O 859 10.77 37.58 -96.41
N GLY O 860 11.27 38.51 -97.20
CA GLY O 860 10.67 38.84 -98.49
C GLY O 860 9.45 39.72 -98.41
N GLU O 861 9.19 40.36 -97.27
CA GLU O 861 7.95 41.11 -97.03
C GLU O 861 8.12 42.55 -97.52
N LEU O 862 8.38 42.68 -98.82
CA LEU O 862 8.75 43.98 -99.38
C LEU O 862 7.63 44.99 -99.21
N ASP O 863 6.37 44.56 -99.35
CA ASP O 863 5.25 45.47 -99.15
C ASP O 863 5.18 45.96 -97.70
N ALA O 864 5.44 45.07 -96.74
CA ALA O 864 5.54 45.50 -95.36
C ALA O 864 6.70 46.46 -95.15
N ALA O 865 7.85 46.19 -95.78
CA ALA O 865 9.00 47.08 -95.66
C ALA O 865 8.67 48.49 -96.16
N ILE O 866 8.09 48.59 -97.36
CA ILE O 866 7.75 49.90 -97.91
C ILE O 866 6.63 50.56 -97.12
N ALA O 867 5.73 49.78 -96.51
CA ALA O 867 4.74 50.37 -95.63
C ALA O 867 5.38 50.97 -94.38
N ILE O 868 6.31 50.24 -93.76
CA ILE O 868 7.04 50.76 -92.61
C ILE O 868 7.81 52.01 -92.98
N VAL O 869 8.41 52.03 -94.17
CA VAL O 869 9.12 53.23 -94.63
C VAL O 869 8.18 54.41 -94.81
N ALA O 870 7.02 54.17 -95.44
CA ALA O 870 6.03 55.23 -95.59
C ALA O 870 5.53 55.74 -94.25
N ASP O 871 5.39 54.85 -93.26
CA ASP O 871 4.96 55.27 -91.94
C ASP O 871 6.04 56.08 -91.22
N MET O 872 7.30 55.71 -91.40
CA MET O 872 8.40 56.55 -90.91
C MET O 872 8.35 57.93 -91.57
N GLU O 873 8.26 57.97 -92.90
CA GLU O 873 8.25 59.24 -93.62
C GLU O 873 7.10 60.14 -93.18
N THR O 874 5.91 59.57 -93.01
CA THR O 874 4.78 60.35 -92.53
C THR O 874 4.88 60.68 -91.05
N THR O 875 5.68 59.92 -90.29
CA THR O 875 6.04 60.33 -88.94
C THR O 875 7.08 61.45 -88.94
N GLY O 876 7.80 61.64 -90.05
CA GLY O 876 8.90 62.57 -90.06
C GLY O 876 10.20 62.01 -89.53
N ILE O 877 10.42 60.71 -89.67
CA ILE O 877 11.64 60.05 -89.23
C ILE O 877 12.55 59.85 -90.44
N THR O 878 13.81 60.25 -90.30
CA THR O 878 14.77 60.15 -91.39
C THR O 878 15.08 58.70 -91.71
N VAL O 879 15.22 58.41 -93.00
CA VAL O 879 15.57 57.08 -93.49
C VAL O 879 16.81 57.20 -94.35
N PRO O 880 18.00 57.16 -93.75
CA PRO O 880 19.23 57.44 -94.51
C PRO O 880 19.41 56.52 -95.71
N ASP O 881 20.12 57.03 -96.71
CA ASP O 881 20.27 56.33 -97.99
C ASP O 881 20.87 54.94 -97.82
N GLN O 882 21.82 54.78 -96.88
CA GLN O 882 22.37 53.46 -96.63
C GLN O 882 21.36 52.50 -96.02
N THR O 883 20.14 52.97 -95.71
CA THR O 883 19.02 52.11 -95.38
C THR O 883 17.93 52.13 -96.44
N LEU O 884 17.82 53.23 -97.18
CA LEU O 884 16.82 53.38 -98.24
C LEU O 884 17.18 52.62 -99.51
N ASP O 885 18.47 52.29 -99.68
CA ASP O 885 18.86 51.49 -100.85
C ASP O 885 18.11 50.17 -100.91
N LYS O 886 17.91 49.52 -99.76
CA LYS O 886 17.10 48.30 -99.73
C LYS O 886 15.66 48.55 -100.15
N VAL O 887 15.18 49.78 -100.03
CA VAL O 887 13.76 50.04 -100.23
C VAL O 887 13.54 50.45 -101.67
N ILE O 888 14.53 51.13 -102.25
CA ILE O 888 14.47 51.37 -103.68
C ILE O 888 14.73 50.07 -104.45
N SER O 889 15.64 49.22 -103.96
CA SER O 889 15.83 47.90 -104.55
C SER O 889 14.66 46.95 -104.26
N ALA O 890 13.75 47.31 -103.37
CA ALA O 890 12.52 46.54 -103.22
C ALA O 890 11.56 46.74 -104.38
N ARG O 891 11.89 47.61 -105.34
CA ARG O 891 11.16 47.72 -106.59
C ARG O 891 11.96 47.18 -107.77
N GLN O 892 12.79 46.16 -107.51
CA GLN O 892 13.47 45.46 -108.59
C GLN O 892 12.49 44.65 -109.44
N SER O 893 11.35 44.27 -108.90
CA SER O 893 10.32 43.57 -109.66
C SER O 893 8.93 43.92 -109.15
N THR P 67 24.66 -33.96 -34.21
CA THR P 67 24.43 -35.31 -34.71
C THR P 67 24.02 -36.26 -33.58
N GLU P 68 22.80 -36.77 -33.69
CA GLU P 68 22.18 -37.49 -32.58
C GLU P 68 22.87 -38.81 -32.30
N ASP P 69 23.09 -39.63 -33.33
CA ASP P 69 23.62 -40.98 -33.11
C ASP P 69 25.07 -40.95 -32.65
N GLU P 70 25.86 -39.99 -33.11
CA GLU P 70 27.22 -39.84 -32.61
C GLU P 70 27.24 -39.49 -31.14
N ALA P 71 26.33 -38.62 -30.70
CA ALA P 71 26.25 -38.30 -29.28
C ALA P 71 25.67 -39.46 -28.46
N ARG P 72 24.78 -40.25 -29.05
CA ARG P 72 24.33 -41.48 -28.41
C ARG P 72 25.49 -42.42 -28.15
N ARG P 73 26.34 -42.62 -29.16
CA ARG P 73 27.55 -43.42 -28.98
C ARG P 73 28.46 -42.82 -27.93
N ARG P 74 28.68 -41.51 -27.96
CA ARG P 74 29.55 -40.88 -26.98
C ARG P 74 29.00 -41.03 -25.56
N ASN P 75 27.69 -40.97 -25.40
CA ASN P 75 27.08 -41.26 -24.10
C ASN P 75 27.29 -42.71 -23.67
N TRP P 76 27.13 -43.65 -24.60
CA TRP P 76 27.35 -45.06 -24.25
C TRP P 76 28.80 -45.31 -23.85
N ILE P 77 29.74 -44.88 -24.69
CA ILE P 77 31.14 -45.25 -24.51
C ILE P 77 31.77 -44.46 -23.38
N GLU P 78 31.60 -43.14 -23.40
CA GLU P 78 32.27 -42.26 -22.43
C GLU P 78 31.42 -42.07 -21.18
N ARG P 79 30.19 -41.57 -21.34
CA ARG P 79 29.38 -41.23 -20.19
C ARG P 79 28.72 -42.44 -19.53
N GLY P 80 28.84 -43.63 -20.12
CA GLY P 80 28.32 -44.82 -19.49
C GLY P 80 26.83 -44.99 -19.58
N TRP P 81 26.18 -44.33 -20.54
CA TRP P 81 24.74 -44.41 -20.70
C TRP P 81 24.31 -45.82 -21.09
N ALA P 82 23.10 -46.20 -20.65
CA ALA P 82 22.35 -47.27 -21.26
C ALA P 82 20.87 -46.99 -21.06
N PRO P 83 20.00 -47.46 -21.96
CA PRO P 83 18.55 -47.27 -21.80
C PRO P 83 17.94 -48.29 -20.83
N TRP P 84 18.37 -48.22 -19.57
CA TRP P 84 17.87 -49.12 -18.55
C TRP P 84 16.36 -48.99 -18.46
N GLU P 85 15.64 -50.10 -18.63
CA GLU P 85 14.19 -49.98 -18.69
C GLU P 85 13.62 -49.61 -17.33
N GLU P 86 12.66 -48.68 -17.36
CA GLU P 86 12.05 -48.13 -16.17
C GLU P 86 10.72 -48.83 -15.93
N ILE P 87 10.54 -49.36 -14.73
CA ILE P 87 9.29 -50.00 -14.34
C ILE P 87 8.46 -48.96 -13.60
N LEU P 88 7.31 -48.63 -14.17
CA LEU P 88 6.53 -47.48 -13.75
C LEU P 88 5.21 -47.93 -13.17
N THR P 89 4.80 -47.30 -12.08
CA THR P 89 3.43 -47.41 -11.64
C THR P 89 2.49 -46.87 -12.73
N PRO P 90 1.25 -47.38 -12.79
CA PRO P 90 0.40 -47.02 -13.93
C PRO P 90 0.05 -45.55 -14.00
N GLU P 91 0.03 -44.86 -12.86
CA GLU P 91 -0.14 -43.41 -12.89
C GLU P 91 1.10 -42.69 -13.45
N ALA P 92 2.31 -43.18 -13.12
CA ALA P 92 3.50 -42.58 -13.70
C ALA P 92 3.61 -42.84 -15.19
N ASP P 93 3.19 -44.03 -15.64
CA ASP P 93 3.10 -44.31 -17.07
C ASP P 93 2.07 -43.42 -17.76
N PHE P 94 0.89 -43.29 -17.14
CA PHE P 94 -0.12 -42.38 -17.67
C PHE P 94 0.41 -40.96 -17.78
N ALA P 95 1.16 -40.51 -16.79
CA ALA P 95 1.80 -39.19 -16.89
C ALA P 95 2.77 -39.14 -18.08
N ARG P 96 3.66 -40.13 -18.17
CA ARG P 96 4.71 -40.25 -19.19
C ARG P 96 4.18 -40.59 -20.55
N LYS P 97 2.86 -40.57 -20.69
CA LYS P 97 2.24 -40.75 -21.99
C LYS P 97 1.31 -39.57 -22.29
N SER P 98 0.36 -39.31 -21.39
CA SER P 98 -0.58 -38.22 -21.56
C SER P 98 0.12 -36.87 -21.73
N LEU P 99 1.19 -36.62 -20.97
CA LEU P 99 1.84 -35.32 -21.10
C LEU P 99 2.57 -35.15 -22.43
N ASN P 100 2.62 -36.18 -23.27
CA ASN P 100 3.12 -36.00 -24.63
C ASN P 100 2.13 -35.26 -25.52
N GLU P 101 0.84 -35.25 -25.17
CA GLU P 101 -0.19 -34.75 -26.07
C GLU P 101 -0.62 -33.32 -25.79
N GLY P 102 -0.53 -32.85 -24.55
CA GLY P 102 -0.82 -31.44 -24.29
C GLY P 102 -1.08 -31.18 -22.82
N GLU P 103 -1.43 -29.92 -22.56
CA GLU P 103 -1.64 -29.48 -21.19
C GLU P 103 -2.94 -30.01 -20.62
N GLU P 104 -4.06 -29.81 -21.35
CA GLU P 104 -5.35 -30.35 -20.96
C GLU P 104 -6.14 -30.84 -22.17
N VAL P 105 -5.43 -31.35 -23.17
CA VAL P 105 -6.06 -31.82 -24.41
C VAL P 105 -6.89 -33.06 -24.07
N PRO P 106 -7.99 -33.32 -24.78
CA PRO P 106 -8.62 -34.65 -24.68
C PRO P 106 -7.75 -35.69 -25.37
N LEU P 107 -7.33 -36.69 -24.61
CA LEU P 107 -6.29 -37.60 -25.07
C LEU P 107 -6.75 -38.41 -26.27
N GLN P 108 -5.84 -38.58 -27.23
CA GLN P 108 -6.13 -39.18 -28.52
C GLN P 108 -5.38 -40.46 -28.79
N SER P 109 -4.14 -40.59 -28.30
CA SER P 109 -3.35 -41.77 -28.57
C SER P 109 -4.01 -43.00 -27.94
N PRO P 110 -4.16 -44.10 -28.68
CA PRO P 110 -4.68 -45.33 -28.07
C PRO P 110 -3.90 -45.77 -26.85
N GLU P 111 -2.58 -45.60 -26.85
CA GLU P 111 -1.76 -46.03 -25.72
C GLU P 111 -1.98 -45.15 -24.50
N ALA P 112 -2.21 -43.86 -24.70
CA ALA P 112 -2.48 -42.97 -23.57
C ALA P 112 -3.88 -43.20 -23.00
N ILE P 113 -4.85 -43.48 -23.87
CA ILE P 113 -6.18 -43.86 -23.39
C ILE P 113 -6.12 -45.18 -22.63
N GLU P 114 -5.30 -46.12 -23.10
CA GLU P 114 -5.12 -47.37 -22.38
C GLU P 114 -4.48 -47.12 -21.01
N ALA P 115 -3.47 -46.26 -20.94
CA ALA P 115 -2.88 -45.90 -19.66
C ALA P 115 -3.90 -45.23 -18.74
N PHE P 116 -4.76 -44.36 -19.29
CA PHE P 116 -5.82 -43.75 -18.51
C PHE P 116 -6.79 -44.79 -17.96
N LYS P 117 -7.09 -45.82 -18.74
CA LYS P 117 -7.96 -46.88 -18.24
C LYS P 117 -7.27 -47.72 -17.18
N MET P 118 -5.99 -48.02 -17.38
CA MET P 118 -5.20 -48.78 -16.40
C MET P 118 -5.08 -48.07 -15.06
N LEU P 119 -5.39 -46.77 -14.99
CA LEU P 119 -5.32 -46.05 -13.71
C LEU P 119 -6.23 -46.64 -12.66
N ARG P 120 -7.22 -47.44 -13.03
CA ARG P 120 -8.03 -48.14 -12.06
C ARG P 120 -7.56 -49.58 -11.95
N PRO P 121 -7.13 -50.02 -10.78
CA PRO P 121 -6.76 -51.44 -10.61
C PRO P 121 -7.86 -52.42 -10.98
N SER P 122 -9.13 -52.05 -10.85
CA SER P 122 -10.21 -52.92 -11.31
C SER P 122 -10.14 -53.17 -12.82
N TYR P 123 -9.76 -52.15 -13.58
CA TYR P 123 -9.57 -52.35 -15.02
C TYR P 123 -8.38 -53.27 -15.29
N ARG P 124 -7.31 -53.10 -14.52
CA ARG P 124 -6.19 -54.03 -14.63
C ARG P 124 -6.61 -55.46 -14.32
N LYS P 125 -7.43 -55.65 -13.28
CA LYS P 125 -8.02 -56.95 -12.98
C LYS P 125 -8.76 -57.53 -14.19
N LYS P 126 -9.61 -56.71 -14.80
CA LYS P 126 -10.37 -57.17 -15.97
C LYS P 126 -9.45 -57.53 -17.13
N LYS P 127 -8.42 -56.72 -17.38
CA LYS P 127 -7.43 -57.06 -18.39
C LYS P 127 -6.72 -58.38 -18.08
N ILE P 128 -6.39 -58.61 -16.82
CA ILE P 128 -5.83 -59.90 -16.39
C ILE P 128 -6.76 -61.03 -16.75
N LYS P 129 -8.04 -60.91 -16.39
CA LYS P 129 -8.98 -61.99 -16.66
C LYS P 129 -9.19 -62.19 -18.16
N GLU P 130 -9.18 -61.11 -18.93
CA GLU P 130 -9.37 -61.23 -20.38
C GLU P 130 -8.16 -61.86 -21.07
N MET P 131 -6.95 -61.52 -20.65
CA MET P 131 -5.78 -62.14 -21.26
C MET P 131 -5.44 -63.51 -20.65
N GLY P 132 -5.95 -63.81 -19.45
CA GLY P 132 -5.78 -65.10 -18.85
C GLY P 132 -4.48 -65.30 -18.11
N ILE P 133 -3.52 -64.39 -18.27
CA ILE P 133 -2.27 -64.46 -17.52
C ILE P 133 -2.56 -64.21 -16.04
N THR P 134 -2.00 -65.04 -15.18
CA THR P 134 -2.24 -64.88 -13.74
C THR P 134 -1.58 -63.60 -13.25
N GLU P 135 -2.17 -63.00 -12.21
CA GLU P 135 -1.83 -61.62 -11.85
C GLU P 135 -0.44 -61.52 -11.24
N ASP P 136 0.09 -62.60 -10.67
CA ASP P 136 1.49 -62.61 -10.29
C ASP P 136 2.38 -62.81 -11.51
N GLU P 137 1.92 -63.58 -12.49
CA GLU P 137 2.66 -63.69 -13.73
C GLU P 137 2.71 -62.35 -14.45
N TRP P 138 1.65 -61.55 -14.37
CA TRP P 138 1.65 -60.22 -14.96
C TRP P 138 2.54 -59.26 -14.18
N TYR P 139 2.50 -59.32 -12.85
CA TYR P 139 3.44 -58.55 -12.05
C TYR P 139 4.89 -58.92 -12.35
N ALA P 140 5.15 -60.17 -12.71
CA ALA P 140 6.49 -60.53 -13.16
C ALA P 140 6.76 -59.98 -14.55
N LYS P 141 5.81 -60.16 -15.47
CA LYS P 141 6.00 -59.81 -16.87
C LYS P 141 6.21 -58.32 -17.08
N GLN P 142 5.74 -57.49 -16.16
CA GLN P 142 5.99 -56.06 -16.29
C GLN P 142 7.49 -55.72 -16.21
N PHE P 143 8.30 -56.62 -15.63
CA PHE P 143 9.75 -56.44 -15.56
C PHE P 143 10.49 -56.97 -16.79
N GLU P 144 9.77 -57.43 -17.81
CA GLU P 144 10.41 -57.94 -19.01
C GLU P 144 11.26 -56.87 -19.70
N ILE P 145 12.38 -57.30 -20.29
CA ILE P 145 13.25 -56.40 -21.02
C ILE P 145 12.50 -55.80 -22.20
N ARG P 146 12.61 -54.47 -22.34
CA ARG P 146 11.73 -53.73 -23.24
C ARG P 146 11.95 -54.06 -24.71
N GLY P 147 13.12 -54.53 -25.12
CA GLY P 147 13.27 -54.89 -26.51
C GLY P 147 14.70 -55.24 -26.88
N ASP P 148 14.85 -55.62 -28.15
CA ASP P 148 16.14 -55.73 -28.84
C ASP P 148 17.11 -56.67 -28.12
N LYS P 149 16.59 -57.83 -27.72
CA LYS P 149 17.43 -58.82 -27.05
C LYS P 149 18.64 -59.15 -27.92
N PRO P 150 19.82 -59.32 -27.31
CA PRO P 150 21.05 -59.47 -28.11
C PRO P 150 21.09 -60.81 -28.83
N PRO P 151 21.91 -60.94 -29.87
CA PRO P 151 22.03 -62.21 -30.57
C PRO P 151 22.60 -63.29 -29.66
N PRO P 152 22.01 -64.48 -29.66
CA PRO P 152 22.44 -65.54 -28.74
C PRO P 152 23.94 -65.80 -28.84
N LEU P 153 24.53 -66.15 -27.71
CA LEU P 153 25.92 -66.59 -27.69
C LEU P 153 26.08 -67.89 -28.46
N ASP P 154 27.09 -67.93 -29.32
CA ASP P 154 27.54 -69.17 -29.95
C ASP P 154 28.99 -69.38 -29.51
N THR P 155 29.16 -70.13 -28.43
CA THR P 155 30.45 -70.30 -27.76
C THR P 155 30.95 -71.72 -27.99
N SER P 156 32.16 -71.83 -28.53
CA SER P 156 32.65 -73.09 -29.07
C SER P 156 34.01 -73.38 -28.46
N TRP P 157 34.20 -74.64 -28.05
CA TRP P 157 35.40 -75.04 -27.35
C TRP P 157 36.58 -75.18 -28.30
N ALA P 158 37.69 -74.54 -27.95
CA ALA P 158 38.93 -74.61 -28.72
C ALA P 158 39.65 -75.92 -28.41
N GLY P 159 39.18 -76.99 -29.04
CA GLY P 159 39.65 -78.31 -28.74
C GLY P 159 39.16 -78.83 -27.42
N PRO P 160 39.66 -79.98 -27.00
CA PRO P 160 39.31 -80.52 -25.69
C PRO P 160 39.97 -79.74 -24.56
N LEU P 161 39.27 -79.71 -23.43
CA LEU P 161 39.83 -79.18 -22.17
C LEU P 161 40.74 -80.24 -21.58
N VAL P 162 42.05 -80.11 -21.80
CA VAL P 162 43.05 -81.07 -21.33
C VAL P 162 43.78 -80.47 -20.14
N VAL P 163 43.80 -81.21 -19.04
CA VAL P 163 44.01 -80.65 -17.71
C VAL P 163 45.08 -81.47 -16.98
N ARG P 164 45.83 -80.79 -16.12
CA ARG P 164 46.76 -81.44 -15.20
C ARG P 164 46.44 -81.00 -13.78
N GLN P 165 46.44 -81.93 -12.84
CA GLN P 165 46.43 -81.60 -11.41
C GLN P 165 47.83 -81.20 -10.98
N ILE P 166 48.13 -79.91 -11.10
CA ILE P 166 49.42 -79.35 -10.72
C ILE P 166 49.22 -78.51 -9.45
N PRO P 167 50.02 -78.74 -8.41
CA PRO P 167 49.90 -77.93 -7.20
C PRO P 167 50.10 -76.46 -7.50
N PRO P 168 49.40 -75.58 -6.78
CA PRO P 168 49.71 -74.14 -6.84
C PRO P 168 51.20 -73.88 -6.64
N ARG P 169 51.68 -72.83 -7.32
CA ARG P 169 53.07 -72.44 -7.17
C ARG P 169 53.32 -71.66 -5.89
N ASP P 170 52.36 -70.83 -5.46
CA ASP P 170 52.51 -70.12 -4.20
C ASP P 170 52.15 -70.96 -2.99
N TRP P 171 52.61 -72.21 -2.97
CA TRP P 171 52.57 -73.09 -1.82
C TRP P 171 53.97 -73.26 -1.27
N PRO P 172 54.19 -73.16 0.04
CA PRO P 172 53.23 -72.90 1.13
C PRO P 172 52.82 -71.44 1.26
N PRO P 173 51.75 -71.16 2.01
CA PRO P 173 51.42 -69.78 2.34
C PRO P 173 52.53 -69.11 3.14
N LYS P 174 52.59 -67.79 3.04
CA LYS P 174 53.64 -67.02 3.69
C LYS P 174 53.69 -67.31 5.18
N GLY P 175 54.88 -67.64 5.67
CA GLY P 175 55.11 -67.90 7.07
C GLY P 175 54.70 -69.27 7.55
N TRP P 176 54.19 -70.13 6.68
CA TRP P 176 53.91 -71.52 7.01
C TRP P 176 55.09 -72.37 6.61
N GLU P 177 55.58 -73.19 7.53
CA GLU P 177 56.76 -74.02 7.29
C GLU P 177 56.37 -75.46 7.03
N VAL P 178 56.98 -76.04 5.99
CA VAL P 178 56.67 -77.38 5.52
C VAL P 178 57.97 -78.15 5.32
N ASP P 179 57.85 -79.47 5.19
CA ASP P 179 59.00 -80.30 4.89
C ASP P 179 59.53 -79.90 3.51
N ARG P 180 60.69 -79.27 3.48
CA ARG P 180 61.22 -78.72 2.23
C ARG P 180 61.59 -79.79 1.21
N LYS P 181 61.78 -81.05 1.62
CA LYS P 181 61.98 -82.10 0.62
C LYS P 181 60.67 -82.58 0.03
N GLU P 182 59.61 -82.60 0.83
CA GLU P 182 58.27 -82.78 0.27
C GLU P 182 57.89 -81.60 -0.60
N LEU P 183 58.24 -80.39 -0.18
CA LEU P 183 57.94 -79.22 -0.99
C LEU P 183 58.69 -79.23 -2.31
N GLU P 184 59.97 -79.65 -2.30
CA GLU P 184 60.70 -79.81 -3.56
C GLU P 184 60.09 -80.90 -4.44
N PHE P 185 59.51 -81.93 -3.82
CA PHE P 185 58.82 -82.96 -4.61
C PHE P 185 57.57 -82.38 -5.26
N ILE P 186 56.75 -81.68 -4.47
CA ILE P 186 55.61 -80.93 -5.00
C ILE P 186 56.05 -80.04 -6.16
N ARG P 187 57.10 -79.24 -5.93
CA ARG P 187 57.55 -78.23 -6.87
C ARG P 187 58.15 -78.80 -8.14
N GLU P 188 58.53 -80.09 -8.13
CA GLU P 188 58.99 -80.69 -9.38
C GLU P 188 57.86 -80.83 -10.39
N ALA P 189 56.61 -80.83 -9.95
CA ALA P 189 55.47 -80.89 -10.86
C ALA P 189 55.37 -79.67 -11.77
N HIS P 190 55.89 -78.52 -11.34
CA HIS P 190 55.73 -77.30 -12.13
C HIS P 190 56.55 -77.32 -13.42
N LYS P 191 57.62 -78.09 -13.48
CA LYS P 191 58.39 -78.21 -14.73
C LYS P 191 57.59 -78.93 -15.82
N LEU P 192 56.56 -79.68 -15.45
CA LEU P 192 55.73 -80.39 -16.43
C LEU P 192 54.98 -79.46 -17.37
N MET P 193 54.77 -78.20 -16.99
CA MET P 193 54.10 -77.23 -17.86
C MET P 193 54.83 -76.97 -19.17
N ALA P 194 56.09 -77.38 -19.30
CA ALA P 194 56.84 -77.19 -20.53
C ALA P 194 56.64 -78.30 -21.56
N GLU P 195 56.04 -79.42 -21.16
CA GLU P 195 55.80 -80.51 -22.09
C GLU P 195 54.74 -80.13 -23.13
N ARG P 196 55.05 -80.38 -24.40
CA ARG P 196 54.05 -80.18 -25.45
C ARG P 196 52.95 -81.22 -25.36
N VAL P 197 51.76 -80.82 -25.77
CA VAL P 197 50.65 -81.73 -26.05
C VAL P 197 50.06 -81.33 -27.39
N TRP P 198 49.81 -82.32 -28.25
CA TRP P 198 49.26 -82.09 -29.57
C TRP P 198 47.94 -82.84 -29.68
N LEU P 199 46.97 -82.23 -30.37
CA LEU P 199 45.69 -82.89 -30.58
C LEU P 199 45.81 -84.07 -31.52
N GLU P 200 46.82 -84.09 -32.38
CA GLU P 200 47.15 -85.26 -33.17
C GLU P 200 47.74 -86.39 -32.33
N ASP P 201 48.06 -86.14 -31.07
CA ASP P 201 48.70 -87.14 -30.22
C ASP P 201 47.86 -87.58 -29.02
N LEU P 202 46.81 -86.85 -28.66
CA LEU P 202 46.04 -87.20 -27.47
C LEU P 202 45.35 -88.54 -27.63
N ASP P 203 44.69 -88.76 -28.77
CA ASP P 203 43.74 -89.86 -28.89
C ASP P 203 44.41 -91.22 -29.09
N LYS P 204 45.66 -91.25 -29.56
CA LYS P 204 46.27 -92.52 -29.91
C LYS P 204 46.65 -93.34 -28.68
N ASP P 205 47.02 -92.69 -27.58
CA ASP P 205 47.40 -93.38 -26.36
C ASP P 205 46.34 -93.30 -25.27
N LEU P 206 45.17 -92.73 -25.58
CA LEU P 206 44.21 -92.36 -24.55
C LEU P 206 43.81 -93.54 -23.68
N LYS P 207 44.06 -93.41 -22.37
CA LYS P 207 43.57 -94.37 -21.40
C LYS P 207 42.10 -94.08 -21.08
N VAL P 208 41.27 -95.12 -21.09
CA VAL P 208 39.82 -94.95 -20.93
C VAL P 208 39.28 -96.03 -20.00
N GLY P 209 38.15 -95.73 -19.37
CA GLY P 209 37.42 -96.72 -18.60
C GLY P 209 38.16 -97.27 -17.40
N GLU P 210 38.14 -98.60 -17.27
CA GLU P 210 38.79 -99.25 -16.13
C GLU P 210 40.27 -98.89 -16.03
N ASP P 211 40.95 -98.78 -17.17
CA ASP P 211 42.37 -98.43 -17.15
C ASP P 211 42.61 -96.94 -16.89
N ALA P 212 41.55 -96.15 -16.74
CA ALA P 212 41.65 -94.75 -16.34
C ALA P 212 41.08 -94.49 -14.95
N THR P 213 40.81 -95.55 -14.18
CA THR P 213 40.51 -95.38 -12.76
C THR P 213 41.67 -94.69 -12.03
N VAL P 214 41.32 -94.01 -10.94
CA VAL P 214 42.22 -93.06 -10.32
C VAL P 214 43.53 -93.74 -9.89
N ASP P 215 43.44 -95.00 -9.46
CA ASP P 215 44.63 -95.75 -9.05
C ASP P 215 45.63 -95.93 -10.19
N LYS P 216 45.23 -95.69 -11.44
CA LYS P 216 46.15 -95.78 -12.56
C LYS P 216 46.95 -94.50 -12.78
N MET P 217 46.58 -93.40 -12.13
CA MET P 217 47.15 -92.09 -12.41
C MET P 217 48.28 -91.78 -11.42
N CYS P 218 49.39 -91.29 -11.94
CA CYS P 218 50.51 -90.81 -11.13
C CYS P 218 50.24 -89.37 -10.71
N LEU P 219 49.66 -89.20 -9.52
CA LEU P 219 49.37 -87.90 -8.94
C LEU P 219 50.09 -87.70 -7.61
N GLU P 220 51.25 -88.35 -7.45
CA GLU P 220 51.86 -88.44 -6.13
C GLU P 220 52.33 -87.08 -5.61
N ARG P 221 52.86 -86.23 -6.49
CA ARG P 221 53.24 -84.90 -6.05
C ARG P 221 52.02 -84.07 -5.66
N PHE P 222 50.91 -84.25 -6.36
CA PHE P 222 49.67 -83.63 -5.94
C PHE P 222 49.18 -84.20 -4.62
N LYS P 223 49.30 -85.52 -4.42
CA LYS P 223 48.87 -86.10 -3.15
C LYS P 223 49.70 -85.56 -1.98
N VAL P 224 51.00 -85.33 -2.20
CA VAL P 224 51.81 -84.71 -1.16
C VAL P 224 51.38 -83.26 -0.92
N PHE P 225 51.06 -82.54 -2.00
CA PHE P 225 50.48 -81.22 -1.85
C PHE P 225 49.20 -81.25 -1.03
N LEU P 226 48.32 -82.21 -1.30
CA LEU P 226 47.09 -82.35 -0.54
C LEU P 226 47.36 -82.66 0.92
N LYS P 227 48.40 -83.46 1.20
CA LYS P 227 48.79 -83.68 2.59
C LYS P 227 49.12 -82.36 3.27
N GLN P 228 50.02 -81.58 2.66
CA GLN P 228 50.45 -80.33 3.27
C GLN P 228 49.29 -79.34 3.37
N TYR P 229 48.42 -79.33 2.36
CA TYR P 229 47.25 -78.47 2.36
C TYR P 229 46.31 -78.81 3.51
N ASN P 230 45.96 -80.08 3.65
CA ASN P 230 45.06 -80.46 4.74
C ASN P 230 45.67 -80.18 6.10
N GLU P 231 46.98 -80.40 6.25
CA GLU P 231 47.64 -80.03 7.50
C GLU P 231 47.58 -78.52 7.76
N TRP P 232 47.70 -77.72 6.71
CA TRP P 232 47.60 -76.28 6.87
C TRP P 232 46.19 -75.85 7.23
N VAL P 233 45.19 -76.40 6.53
CA VAL P 233 43.80 -76.08 6.83
C VAL P 233 43.49 -76.43 8.28
N GLU P 234 43.85 -77.66 8.70
CA GLU P 234 43.65 -78.08 10.08
C GLU P 234 44.31 -77.13 11.06
N ALA P 235 45.44 -76.53 10.71
CA ALA P 235 46.11 -75.63 11.64
C ALA P 235 45.65 -74.19 11.56
N ASN P 236 44.94 -73.79 10.49
CA ASN P 236 44.70 -72.38 10.23
C ASN P 236 43.25 -71.98 10.01
N LYS P 237 42.33 -72.91 9.78
CA LYS P 237 40.94 -72.56 9.50
C LYS P 237 40.33 -71.67 10.60
N ASP P 238 40.67 -71.95 11.85
CA ASP P 238 40.14 -71.13 12.95
C ASP P 238 40.81 -69.77 13.02
N ARG P 239 42.13 -69.71 12.85
CA ARG P 239 42.82 -68.44 12.81
C ARG P 239 42.28 -67.55 11.69
N LEU P 240 42.06 -68.13 10.52
CA LEU P 240 41.54 -67.36 9.39
C LEU P 240 40.10 -66.91 9.60
N GLU P 241 39.29 -67.71 10.30
CA GLU P 241 37.94 -67.25 10.61
C GLU P 241 37.95 -66.12 11.62
N GLU P 242 38.80 -66.24 12.65
CA GLU P 242 38.99 -65.13 13.59
C GLU P 242 39.47 -63.87 12.88
N ASP P 243 40.46 -63.98 12.01
CA ASP P 243 40.96 -62.82 11.29
C ASP P 243 39.91 -62.21 10.37
N SER P 244 39.06 -63.04 9.78
CA SER P 244 37.95 -62.53 8.99
C SER P 244 36.99 -61.71 9.85
N TYR P 245 36.57 -62.25 10.99
CA TYR P 245 35.68 -61.50 11.86
C TYR P 245 36.35 -60.26 12.43
N LYS P 246 37.67 -60.30 12.65
CA LYS P 246 38.39 -59.13 13.12
C LYS P 246 38.40 -58.02 12.08
N TYR P 247 38.76 -58.34 10.84
CA TYR P 247 39.02 -57.31 9.85
C TYR P 247 37.81 -56.95 9.00
N ASP P 248 36.92 -57.90 8.72
CA ASP P 248 35.79 -57.66 7.84
C ASP P 248 34.50 -57.66 8.64
N GLN P 249 33.88 -56.47 8.76
CA GLN P 249 32.69 -56.33 9.59
C GLN P 249 31.52 -57.12 9.02
N ASP P 250 31.20 -56.91 7.75
CA ASP P 250 30.06 -57.55 7.11
C ASP P 250 30.53 -58.45 5.98
N PHE P 251 29.78 -59.53 5.77
CA PHE P 251 30.05 -60.42 4.66
C PHE P 251 29.68 -59.76 3.33
N TYR P 252 30.48 -60.04 2.31
CA TYR P 252 30.27 -59.58 0.96
C TYR P 252 30.95 -60.58 0.06
N PRO P 253 30.47 -60.80 -1.18
CA PRO P 253 30.89 -61.96 -1.97
C PRO P 253 32.38 -62.27 -1.96
N GLY P 254 33.24 -61.27 -2.08
CA GLY P 254 34.67 -61.59 -2.06
C GLY P 254 35.21 -62.01 -0.71
N ARG P 255 34.45 -61.84 0.36
CA ARG P 255 34.93 -62.09 1.70
C ARG P 255 34.87 -63.59 2.02
N ARG P 256 35.60 -63.98 3.07
CA ARG P 256 35.57 -65.35 3.55
C ARG P 256 34.19 -65.73 4.02
N ILE P 257 33.61 -66.77 3.41
CA ILE P 257 32.41 -67.39 3.96
C ILE P 257 32.71 -67.89 5.36
N ARG P 258 31.84 -67.53 6.31
CA ARG P 258 32.16 -67.66 7.72
C ARG P 258 30.89 -67.91 8.51
N GLY P 259 31.06 -68.38 9.74
CA GLY P 259 29.94 -68.68 10.60
C GLY P 259 29.04 -69.77 10.05
N LYS P 260 27.74 -69.58 10.22
CA LYS P 260 26.76 -70.60 9.84
C LYS P 260 26.75 -70.91 8.35
N ASP P 261 27.42 -70.10 7.53
CA ASP P 261 27.47 -70.34 6.10
C ASP P 261 28.67 -71.17 5.68
N TYR P 262 29.69 -71.29 6.54
CA TYR P 262 30.85 -72.10 6.21
C TYR P 262 30.50 -73.57 6.27
N LYS P 263 30.98 -74.32 5.29
CA LYS P 263 30.88 -75.78 5.27
C LYS P 263 32.27 -76.38 5.38
N GLU P 264 32.42 -77.35 6.27
CA GLU P 264 33.68 -78.07 6.39
C GLU P 264 34.02 -78.78 5.10
N GLY P 265 35.17 -78.42 4.51
CA GLY P 265 35.56 -78.90 3.21
C GLY P 265 35.51 -77.88 2.09
N MET P 266 35.14 -76.64 2.38
CA MET P 266 35.34 -75.56 1.42
C MET P 266 36.82 -75.36 1.15
N TYR P 267 37.16 -75.11 -0.12
CA TYR P 267 38.55 -74.94 -0.49
C TYR P 267 39.07 -73.60 0.00
N GLU P 268 40.20 -73.64 0.71
CA GLU P 268 40.84 -72.42 1.16
C GLU P 268 41.59 -71.77 0.01
N LEU P 269 41.84 -70.47 0.17
CA LEU P 269 42.41 -69.68 -0.92
C LEU P 269 43.76 -70.19 -1.42
N PRO P 270 44.66 -70.73 -0.59
CA PRO P 270 45.88 -71.37 -1.13
C PRO P 270 45.63 -72.51 -2.08
N PHE P 271 44.42 -73.06 -2.14
CA PHE P 271 44.16 -74.17 -3.05
C PHE P 271 44.06 -73.70 -4.49
N TYR P 272 43.71 -72.44 -4.71
CA TYR P 272 43.53 -71.91 -6.04
C TYR P 272 44.82 -71.29 -6.56
N TYR P 273 44.95 -71.26 -7.89
CA TYR P 273 46.06 -70.61 -8.55
C TYR P 273 45.60 -70.14 -9.92
N PRO P 274 46.13 -69.04 -10.43
CA PRO P 274 45.82 -68.62 -11.81
C PRO P 274 46.03 -69.74 -12.81
N GLY P 275 45.15 -69.79 -13.81
CA GLY P 275 45.18 -70.83 -14.81
C GLY P 275 44.45 -72.09 -14.43
N MET P 276 44.02 -72.23 -13.18
CA MET P 276 43.13 -73.32 -12.81
C MET P 276 41.75 -73.10 -13.40
N ILE P 277 41.11 -74.20 -13.82
CA ILE P 277 39.77 -74.16 -14.37
C ILE P 277 38.79 -74.69 -13.33
N CYS P 278 37.67 -74.00 -13.16
CA CYS P 278 36.69 -74.37 -12.16
C CYS P 278 35.29 -74.42 -12.78
N GLU P 279 34.54 -75.46 -12.44
CA GLU P 279 33.09 -75.39 -12.52
C GLU P 279 32.56 -74.60 -11.32
N GLY P 280 31.64 -73.69 -11.56
CA GLY P 280 31.05 -72.92 -10.49
C GLY P 280 29.64 -72.51 -10.82
N THR P 281 28.96 -71.93 -9.84
CA THR P 281 27.64 -71.35 -10.03
C THR P 281 27.70 -69.84 -9.85
N VAL P 282 27.05 -69.10 -10.74
CA VAL P 282 27.00 -67.65 -10.63
C VAL P 282 26.03 -67.31 -9.49
N THR P 283 26.57 -66.82 -8.38
CA THR P 283 25.75 -66.58 -7.21
C THR P 283 25.24 -65.16 -7.10
N THR P 284 25.97 -64.17 -7.62
CA THR P 284 25.39 -62.83 -7.60
C THR P 284 25.96 -61.98 -8.72
N LEU P 285 25.17 -61.01 -9.16
CA LEU P 285 25.59 -59.99 -10.11
C LEU P 285 25.59 -58.65 -9.40
N HIS P 286 26.65 -57.85 -9.57
CA HIS P 286 26.63 -56.46 -9.15
C HIS P 286 26.93 -55.59 -10.36
N LEU P 287 26.02 -54.65 -10.65
CA LEU P 287 26.15 -53.78 -11.81
C LEU P 287 27.51 -53.12 -11.93
N TYR P 288 28.11 -52.73 -10.81
CA TYR P 288 29.36 -51.97 -10.85
C TYR P 288 30.60 -52.81 -10.61
N GLN P 289 30.46 -54.09 -10.36
CA GLN P 289 31.61 -54.92 -10.03
C GLN P 289 31.72 -56.15 -10.91
N GLY P 290 30.62 -56.84 -11.15
CA GLY P 290 30.62 -57.98 -12.04
C GLY P 290 29.97 -59.16 -11.39
N ALA P 291 30.23 -60.33 -11.96
CA ALA P 291 29.63 -61.56 -11.47
C ALA P 291 30.47 -62.15 -10.35
N PHE P 292 29.80 -62.75 -9.38
CA PHE P 292 30.46 -63.52 -8.34
C PHE P 292 29.96 -64.95 -8.40
N VAL P 293 30.91 -65.87 -8.34
CA VAL P 293 30.73 -67.29 -8.67
C VAL P 293 31.20 -68.12 -7.49
N ASP P 294 30.33 -68.99 -6.99
CA ASP P 294 30.76 -70.05 -6.10
C ASP P 294 31.58 -71.06 -6.89
N ILE P 295 32.89 -71.08 -6.68
CA ILE P 295 33.75 -72.11 -7.25
C ILE P 295 34.20 -73.08 -6.17
N GLY P 296 33.37 -73.26 -5.14
CA GLY P 296 33.64 -74.23 -4.10
C GLY P 296 34.53 -73.75 -2.97
N GLY P 297 34.89 -72.46 -2.97
CA GLY P 297 35.86 -71.94 -2.04
C GLY P 297 35.20 -71.12 -0.94
N VAL P 298 36.01 -70.77 0.06
CA VAL P 298 35.54 -69.85 1.09
C VAL P 298 35.44 -68.42 0.59
N HIS P 299 35.95 -68.14 -0.60
CA HIS P 299 35.77 -66.85 -1.27
C HIS P 299 35.08 -67.07 -2.60
N GLU P 300 34.10 -66.22 -2.91
CA GLU P 300 33.53 -66.20 -4.25
C GLU P 300 34.56 -65.68 -5.25
N GLY P 301 34.64 -66.32 -6.41
CA GLY P 301 35.40 -65.76 -7.50
C GLY P 301 34.68 -64.60 -8.15
N TRP P 302 35.45 -63.69 -8.74
CA TRP P 302 34.92 -62.44 -9.27
C TRP P 302 35.28 -62.34 -10.74
N VAL P 303 34.26 -62.19 -11.58
CA VAL P 303 34.44 -61.86 -12.99
C VAL P 303 34.14 -60.38 -13.16
N PRO P 304 35.12 -59.55 -13.51
CA PRO P 304 34.87 -58.11 -13.61
C PRO P 304 34.00 -57.72 -14.80
N ILE P 305 32.79 -57.25 -14.49
CA ILE P 305 31.86 -56.70 -15.48
C ILE P 305 31.29 -55.43 -14.92
N LYS P 306 31.28 -54.36 -15.72
CA LYS P 306 30.98 -53.04 -15.20
C LYS P 306 30.01 -52.32 -16.12
N GLY P 307 29.08 -51.60 -15.48
CA GLY P 307 28.24 -50.61 -16.15
C GLY P 307 27.34 -51.16 -17.24
N ASN P 308 27.21 -50.37 -18.31
CA ASN P 308 26.32 -50.70 -19.43
C ASN P 308 26.71 -51.95 -20.20
N ASP P 309 27.89 -52.53 -19.95
CA ASP P 309 28.14 -53.86 -20.49
C ASP P 309 27.11 -54.86 -19.99
N TRP P 310 26.67 -54.71 -18.74
CA TRP P 310 25.64 -55.59 -18.23
C TRP P 310 24.36 -55.47 -19.03
N PHE P 311 24.18 -54.36 -19.75
CA PHE P 311 22.95 -54.17 -20.51
C PHE P 311 22.76 -55.29 -21.50
N TRP P 312 23.85 -55.82 -22.05
CA TRP P 312 23.69 -57.02 -22.85
C TRP P 312 23.89 -58.27 -22.00
N ILE P 313 24.93 -58.28 -21.16
CA ILE P 313 25.30 -59.47 -20.41
C ILE P 313 24.18 -59.92 -19.48
N ARG P 314 23.33 -58.98 -19.05
CA ARG P 314 22.17 -59.31 -18.23
C ARG P 314 21.28 -60.37 -18.87
N HIS P 315 21.32 -60.49 -20.20
CA HIS P 315 20.55 -61.53 -20.89
C HIS P 315 21.18 -62.91 -20.78
N PHE P 316 22.51 -62.98 -20.74
CA PHE P 316 23.21 -64.26 -20.81
C PHE P 316 23.67 -64.79 -19.46
N ILE P 317 24.16 -63.93 -18.57
CA ILE P 317 24.72 -64.38 -17.30
C ILE P 317 23.70 -64.06 -16.21
N ARG P 318 22.81 -65.02 -15.97
CA ARG P 318 21.83 -64.97 -14.90
C ARG P 318 22.45 -65.45 -13.60
N VAL P 319 21.79 -65.14 -12.49
CA VAL P 319 22.12 -65.81 -11.24
C VAL P 319 21.66 -67.26 -11.29
N GLY P 320 22.44 -68.14 -10.66
CA GLY P 320 22.15 -69.55 -10.64
C GLY P 320 22.69 -70.35 -11.80
N MET P 321 23.20 -69.68 -12.85
CA MET P 321 23.85 -70.41 -13.93
C MET P 321 25.04 -71.19 -13.42
N HIS P 322 25.20 -72.41 -13.92
CA HIS P 322 26.49 -73.07 -13.86
C HIS P 322 27.37 -72.58 -15.00
N VAL P 323 28.64 -72.34 -14.67
CA VAL P 323 29.61 -71.78 -15.60
C VAL P 323 30.92 -72.54 -15.43
N ILE P 324 31.75 -72.50 -16.46
CA ILE P 324 33.15 -72.84 -16.38
C ILE P 324 33.95 -71.55 -16.41
N VAL P 325 34.85 -71.39 -15.45
CA VAL P 325 35.63 -70.17 -15.32
C VAL P 325 37.10 -70.51 -15.18
N GLU P 326 37.94 -69.58 -15.61
CA GLU P 326 39.38 -69.65 -15.45
C GLU P 326 39.82 -68.63 -14.41
N ILE P 327 40.59 -69.07 -13.42
CA ILE P 327 41.15 -68.11 -12.46
C ILE P 327 42.26 -67.34 -13.17
N THR P 328 42.14 -66.02 -13.19
CA THR P 328 43.09 -65.19 -13.92
C THR P 328 44.05 -64.44 -13.02
N ALA P 329 43.67 -64.17 -11.77
CA ALA P 329 44.59 -63.66 -10.76
C ALA P 329 44.08 -64.09 -9.40
N LYS P 330 45.00 -64.25 -8.45
CA LYS P 330 44.66 -64.51 -7.07
C LYS P 330 45.33 -63.46 -6.20
N ARG P 331 44.52 -62.68 -5.49
CA ARG P 331 44.97 -61.52 -4.75
C ARG P 331 44.96 -61.80 -3.26
N ASP P 332 45.68 -60.98 -2.52
CA ASP P 332 45.62 -61.02 -1.06
C ASP P 332 44.23 -60.58 -0.60
N PRO P 333 43.49 -61.39 0.14
CA PRO P 333 42.12 -61.02 0.51
C PRO P 333 42.03 -59.92 1.54
N TYR P 334 43.12 -59.57 2.23
CA TYR P 334 43.11 -58.43 3.14
C TYR P 334 43.22 -57.11 2.38
N ARG P 335 44.19 -57.00 1.47
CA ARG P 335 44.34 -55.76 0.71
C ARG P 335 43.24 -55.62 -0.32
N PHE P 336 42.98 -56.68 -1.08
CA PHE P 336 42.15 -56.61 -2.26
C PHE P 336 40.72 -57.03 -1.94
N ARG P 337 39.77 -56.29 -2.50
CA ARG P 337 38.36 -56.52 -2.20
C ARG P 337 37.89 -57.87 -2.73
N PHE P 338 38.38 -58.27 -3.89
CA PHE P 338 38.01 -59.55 -4.50
C PHE P 338 39.25 -60.38 -4.74
N PRO P 339 39.50 -61.43 -3.96
CA PRO P 339 40.81 -62.08 -4.01
C PRO P 339 40.99 -63.07 -5.15
N LEU P 340 39.91 -63.52 -5.78
CA LEU P 340 40.00 -64.36 -6.98
C LEU P 340 39.34 -63.62 -8.13
N GLU P 341 40.15 -63.14 -9.07
CA GLU P 341 39.62 -62.70 -10.36
C GLU P 341 39.38 -63.90 -11.26
N LEU P 342 38.28 -63.86 -12.01
CA LEU P 342 37.89 -64.95 -12.87
C LEU P 342 37.62 -64.44 -14.28
N ARG P 343 37.58 -65.37 -15.21
CA ARG P 343 37.10 -65.15 -16.56
C ARG P 343 36.08 -66.23 -16.89
N PHE P 344 34.96 -65.84 -17.51
CA PHE P 344 34.01 -66.81 -18.02
C PHE P 344 34.58 -67.53 -19.23
N VAL P 345 34.63 -68.85 -19.16
CA VAL P 345 35.14 -69.67 -20.25
C VAL P 345 34.02 -70.19 -21.13
N HIS P 346 33.00 -70.81 -20.54
CA HIS P 346 31.96 -71.35 -21.40
C HIS P 346 31.05 -70.23 -21.93
N PRO P 347 30.30 -69.50 -21.08
CA PRO P 347 29.64 -68.31 -21.61
C PRO P 347 30.67 -67.24 -21.88
N ASN P 348 31.45 -67.43 -22.94
CA ASN P 348 32.50 -66.50 -23.31
C ASN P 348 31.85 -65.19 -23.75
N ILE P 349 32.07 -64.13 -22.97
CA ILE P 349 31.48 -62.83 -23.18
C ILE P 349 32.55 -61.78 -23.42
N ASP P 350 33.75 -62.21 -23.79
CA ASP P 350 34.88 -61.30 -23.97
C ASP P 350 34.62 -60.25 -25.03
N HIS P 351 33.74 -60.53 -25.98
CA HIS P 351 33.38 -59.57 -27.02
C HIS P 351 32.35 -58.54 -26.58
N MET P 352 31.89 -58.61 -25.33
CA MET P 352 30.96 -57.61 -24.81
C MET P 352 31.41 -56.97 -23.50
N ILE P 353 32.59 -57.31 -22.98
CA ILE P 353 33.16 -56.62 -21.83
C ILE P 353 34.05 -55.49 -22.35
N PHE P 354 33.53 -54.27 -22.36
CA PHE P 354 34.31 -53.10 -22.75
C PHE P 354 34.82 -52.28 -21.57
N ASN P 355 34.08 -52.23 -20.47
CA ASN P 355 34.42 -51.40 -19.32
C ASN P 355 35.37 -52.12 -18.37
N LYS P 356 36.58 -52.39 -18.87
CA LYS P 356 37.57 -53.09 -18.06
C LYS P 356 37.96 -52.26 -16.84
N PHE P 357 38.26 -52.96 -15.75
CA PHE P 357 38.87 -52.33 -14.58
C PHE P 357 40.33 -51.99 -14.84
N ASP P 358 40.73 -50.76 -14.51
CA ASP P 358 42.14 -50.40 -14.60
C ASP P 358 42.96 -51.06 -13.51
N PHE P 359 42.42 -51.13 -12.29
CA PHE P 359 43.07 -51.84 -11.20
C PHE P 359 42.04 -52.62 -10.39
N PRO P 360 42.43 -53.74 -9.82
CA PRO P 360 41.52 -54.48 -8.94
C PRO P 360 41.19 -53.68 -7.69
N PRO P 361 39.93 -53.67 -7.28
CA PRO P 361 39.54 -52.87 -6.11
C PRO P 361 40.24 -53.33 -4.84
N ILE P 362 40.48 -52.38 -3.94
CA ILE P 362 41.17 -52.64 -2.69
C ILE P 362 40.32 -52.11 -1.53
N PHE P 363 40.74 -52.47 -0.32
CA PHE P 363 40.26 -51.81 0.89
C PHE P 363 41.24 -50.73 1.33
N HIS P 364 40.70 -49.62 1.83
CA HIS P 364 41.45 -48.67 2.63
C HIS P 364 41.04 -48.86 4.08
N ARG P 365 41.96 -49.36 4.90
CA ARG P 365 41.61 -50.00 6.16
C ARG P 365 42.07 -49.14 7.33
N ASP P 366 41.51 -49.45 8.50
CA ASP P 366 41.85 -48.73 9.73
C ASP P 366 43.34 -48.69 10.00
N GLY P 367 44.07 -49.73 9.64
CA GLY P 367 45.50 -49.73 9.85
C GLY P 367 46.31 -49.00 8.80
N ASP P 368 45.71 -48.64 7.68
CA ASP P 368 46.44 -47.92 6.64
C ASP P 368 46.63 -46.46 7.04
N THR P 369 47.81 -45.94 6.76
CA THR P 369 48.13 -44.58 7.16
C THR P 369 49.05 -43.84 6.19
N ASN P 370 49.43 -44.45 5.07
CA ASN P 370 50.39 -43.83 4.17
C ASN P 370 50.07 -44.23 2.73
N PRO P 371 49.57 -43.29 1.92
CA PRO P 371 49.21 -43.62 0.53
C PRO P 371 50.28 -44.40 -0.23
N ASP P 372 51.55 -44.00 -0.11
CA ASP P 372 52.62 -44.73 -0.80
C ASP P 372 52.68 -46.18 -0.34
N GLU P 373 52.46 -46.41 0.94
CA GLU P 373 52.54 -47.77 1.44
C GLU P 373 51.35 -48.62 0.98
N ILE P 374 50.19 -47.99 0.79
CA ILE P 374 49.06 -48.74 0.26
C ILE P 374 49.23 -49.02 -1.23
N ARG P 375 49.66 -48.03 -2.01
CA ARG P 375 49.91 -48.28 -3.43
C ARG P 375 50.88 -49.44 -3.61
N ARG P 376 52.03 -49.39 -2.92
CA ARG P 376 52.95 -50.50 -3.16
C ARG P 376 52.52 -51.77 -2.45
N ASP P 377 51.53 -51.69 -1.56
CA ASP P 377 50.87 -52.90 -1.08
C ASP P 377 49.90 -53.47 -2.11
N CYS P 378 49.48 -52.68 -3.10
CA CYS P 378 48.52 -53.16 -4.09
C CYS P 378 48.93 -52.91 -5.53
N GLY P 379 50.08 -52.28 -5.79
CA GLY P 379 50.57 -52.11 -7.14
C GLY P 379 49.97 -50.97 -7.92
N ARG P 380 49.26 -50.05 -7.27
CA ARG P 380 48.84 -48.82 -7.92
C ARG P 380 50.04 -47.92 -8.23
N PRO P 381 49.90 -47.02 -9.21
CA PRO P 381 50.98 -46.09 -9.50
C PRO P 381 51.07 -45.00 -8.46
N PRO P 382 52.26 -44.41 -8.26
CA PRO P 382 52.40 -43.37 -7.23
C PRO P 382 51.56 -42.13 -7.52
N GLU P 383 51.39 -41.32 -6.48
CA GLU P 383 50.77 -40.02 -6.61
C GLU P 383 51.65 -39.14 -7.50
N PRO P 384 51.12 -38.58 -8.58
CA PRO P 384 51.90 -37.62 -9.37
C PRO P 384 52.36 -36.43 -8.55
N ARG P 385 53.50 -35.88 -8.94
CA ARG P 385 54.00 -34.61 -8.43
C ARG P 385 54.37 -33.74 -9.62
N LYS P 386 54.46 -32.44 -9.38
CA LYS P 386 54.99 -31.55 -10.39
C LYS P 386 56.46 -31.85 -10.63
N ASP P 387 56.85 -31.93 -11.91
CA ASP P 387 58.23 -32.02 -12.29
C ASP P 387 59.02 -30.88 -11.64
N PRO P 388 60.06 -31.17 -10.88
CA PRO P 388 60.77 -30.09 -10.17
C PRO P 388 61.58 -29.19 -11.09
N GLY P 389 61.79 -29.59 -12.35
CA GLY P 389 62.47 -28.75 -13.30
C GLY P 389 63.98 -28.74 -13.16
N SER P 390 64.47 -28.92 -11.94
CA SER P 390 65.86 -29.29 -11.74
C SER P 390 66.11 -30.69 -12.26
N LYS P 391 67.36 -30.96 -12.62
CA LYS P 391 67.73 -32.32 -12.97
C LYS P 391 68.52 -32.95 -11.85
N PRO P 392 68.15 -34.16 -11.42
CA PRO P 392 68.81 -34.79 -10.27
C PRO P 392 70.33 -34.71 -10.26
N GLU P 393 70.96 -34.94 -11.41
CA GLU P 393 72.41 -35.03 -11.46
C GLU P 393 73.09 -33.66 -11.55
N GLU P 394 72.35 -32.60 -11.86
CA GLU P 394 72.93 -31.27 -11.97
C GLU P 394 72.97 -30.52 -10.66
N GLU P 395 72.36 -31.07 -9.60
CA GLU P 395 72.29 -30.37 -8.34
C GLU P 395 73.65 -30.44 -7.61
N GLY P 396 73.77 -29.64 -6.56
CA GLY P 396 74.91 -29.70 -5.67
C GLY P 396 75.06 -31.00 -4.91
N LEU P 397 76.16 -31.12 -4.17
CA LEU P 397 76.41 -32.26 -3.29
C LEU P 397 76.21 -31.81 -1.86
N LEU P 398 75.31 -32.49 -1.15
CA LEU P 398 75.06 -32.21 0.26
C LEU P 398 76.29 -32.61 1.08
N SER P 399 77.09 -31.62 1.45
CA SER P 399 78.20 -31.83 2.36
C SER P 399 77.80 -31.75 3.82
N ASP P 400 76.73 -31.02 4.12
CA ASP P 400 76.43 -30.57 5.48
C ASP P 400 75.87 -31.73 6.28
N HIS P 401 76.74 -32.39 7.03
CA HIS P 401 76.35 -33.56 7.79
C HIS P 401 75.37 -33.18 8.88
N PRO P 402 74.26 -33.91 9.04
CA PRO P 402 73.23 -33.47 9.99
C PRO P 402 73.62 -33.59 11.45
N TYR P 403 74.60 -34.43 11.80
CA TYR P 403 75.07 -34.48 13.18
C TYR P 403 75.85 -33.26 13.59
N VAL P 404 76.32 -32.46 12.63
CA VAL P 404 77.20 -31.35 13.00
C VAL P 404 76.47 -30.29 13.80
N ASP P 405 75.17 -30.11 13.56
CA ASP P 405 74.41 -29.21 14.41
C ASP P 405 74.40 -29.67 15.85
N LYS P 406 74.29 -30.99 16.05
CA LYS P 406 74.34 -31.49 17.41
C LYS P 406 75.74 -31.37 17.97
N LEU P 407 76.75 -31.66 17.13
CA LEU P 407 78.11 -31.40 17.54
C LEU P 407 78.29 -29.95 17.92
N TRP P 408 77.65 -29.04 17.19
CA TRP P 408 77.79 -27.64 17.51
C TRP P 408 77.19 -27.33 18.87
N GLN P 409 76.02 -27.90 19.18
CA GLN P 409 75.49 -27.73 20.53
C GLN P 409 76.50 -28.24 21.55
N LEU P 410 77.00 -29.46 21.34
CA LEU P 410 77.96 -30.01 22.28
C LEU P 410 79.17 -29.10 22.39
N HIS P 411 79.59 -28.54 21.26
CA HIS P 411 80.73 -27.63 21.28
C HIS P 411 80.44 -26.47 22.20
N VAL P 412 79.37 -25.74 21.94
CA VAL P 412 79.16 -24.53 22.74
C VAL P 412 78.86 -24.92 24.18
N ALA P 413 78.28 -26.10 24.39
CA ALA P 413 78.06 -26.53 25.77
C ALA P 413 79.38 -26.73 26.49
N GLU P 414 80.33 -27.42 25.84
CA GLU P 414 81.65 -27.52 26.44
C GLU P 414 82.22 -26.14 26.70
N GLN P 415 82.10 -25.24 25.73
CA GLN P 415 82.68 -23.92 25.92
C GLN P 415 81.99 -23.18 27.03
N MET P 416 80.67 -23.33 27.14
CA MET P 416 79.96 -22.72 28.25
C MET P 416 80.51 -23.25 29.57
N ILE P 417 80.68 -24.56 29.68
CA ILE P 417 81.20 -25.13 30.91
C ILE P 417 82.58 -24.56 31.19
N LEU P 418 83.43 -24.53 30.15
CA LEU P 418 84.76 -24.00 30.36
C LEU P 418 84.72 -22.51 30.69
N ASP P 419 83.77 -21.77 30.10
CA ASP P 419 83.64 -20.36 30.45
C ASP P 419 83.21 -20.17 31.89
N ASP P 420 82.62 -21.19 32.51
CA ASP P 420 82.33 -21.12 33.93
C ASP P 420 83.43 -21.75 34.77
N TYR P 421 84.27 -22.61 34.18
CA TYR P 421 85.37 -23.19 34.93
C TYR P 421 86.57 -22.27 35.01
N GLU P 422 86.80 -21.45 33.99
CA GLU P 422 87.86 -20.46 34.04
C GLU P 422 87.41 -19.23 34.82
N ASN P 424 84.52 -18.48 37.11
CA ASN P 424 84.10 -18.80 38.48
C ASN P 424 84.69 -20.14 38.97
N PRO P 425 86.01 -20.27 38.95
CA PRO P 425 86.62 -21.56 39.32
C PRO P 425 86.22 -22.07 40.68
N GLU P 426 85.96 -21.17 41.64
CA GLU P 426 85.61 -21.56 42.99
C GLU P 426 84.33 -22.39 43.07
N LYS P 427 83.45 -22.28 42.07
CA LYS P 427 82.25 -23.10 42.07
C LYS P 427 82.55 -24.56 41.73
N TYR P 428 83.64 -24.82 41.01
CA TYR P 428 83.95 -26.16 40.51
C TYR P 428 84.98 -26.89 41.36
N LYS P 429 85.47 -26.28 42.44
CA LYS P 429 86.39 -26.96 43.33
C LYS P 429 85.80 -28.27 43.86
N GLY P 430 86.68 -29.26 44.03
CA GLY P 430 86.32 -30.50 44.67
C GLY P 430 85.80 -31.60 43.78
N LYS P 431 85.74 -31.38 42.46
CA LYS P 431 85.27 -32.43 41.56
C LYS P 431 85.94 -32.27 40.19
N LYS P 432 86.00 -33.38 39.47
CA LYS P 432 86.39 -33.38 38.06
C LYS P 432 85.27 -32.83 37.17
N LEU P 433 85.66 -32.36 35.99
CA LEU P 433 84.69 -31.98 34.99
C LEU P 433 83.87 -33.18 34.51
N SER P 434 84.54 -34.32 34.30
CA SER P 434 83.84 -35.56 33.98
C SER P 434 82.98 -36.07 35.14
N GLU P 435 83.07 -35.45 36.31
CA GLU P 435 82.26 -35.80 37.47
C GLU P 435 81.03 -34.92 37.59
N LEU P 436 80.89 -33.91 36.73
CA LEU P 436 79.69 -33.07 36.74
C LEU P 436 78.47 -33.87 36.34
N SER P 437 77.38 -33.67 37.07
CA SER P 437 76.08 -34.24 36.74
C SER P 437 75.22 -33.20 36.03
N ASP P 438 74.06 -33.64 35.57
CA ASP P 438 72.97 -32.71 35.31
C ASP P 438 72.37 -32.22 36.63
N ASP P 439 71.63 -31.11 36.53
CA ASP P 439 70.94 -30.57 37.69
C ASP P 439 69.69 -31.38 38.02
N GLU P 440 69.07 -31.04 39.14
CA GLU P 440 67.78 -31.60 39.50
C GLU P 440 66.73 -31.20 38.47
N GLY P 441 65.79 -32.11 38.20
CA GLY P 441 64.72 -31.81 37.27
C GLY P 441 65.11 -31.81 35.81
N PHE P 442 66.28 -32.34 35.47
CA PHE P 442 66.74 -32.39 34.09
C PHE P 442 65.81 -33.32 33.31
N ASP P 443 64.91 -32.73 32.52
CA ASP P 443 63.98 -33.50 31.69
C ASP P 443 64.70 -33.92 30.41
N GLU P 444 65.10 -35.18 30.35
CA GLU P 444 65.73 -35.73 29.16
C GLU P 444 64.74 -35.99 28.04
N ARG P 445 63.44 -36.04 28.34
CA ARG P 445 62.44 -36.51 27.40
C ARG P 445 62.01 -35.48 26.37
N LYS P 446 62.46 -34.23 26.47
CA LYS P 446 62.39 -33.30 25.35
C LYS P 446 63.71 -32.56 25.21
N GLU P 447 64.27 -32.60 23.99
CA GLU P 447 65.51 -31.90 23.71
C GLU P 447 65.30 -30.39 23.59
N ILE P 448 64.14 -29.96 23.08
CA ILE P 448 63.92 -28.57 22.67
C ILE P 448 62.77 -28.00 23.50
N GLU P 449 62.99 -26.83 24.08
CA GLU P 449 61.91 -25.96 24.54
C GLU P 449 61.69 -24.81 23.55
N HIS P 450 60.51 -24.22 23.61
CA HIS P 450 60.17 -23.05 22.82
C HIS P 450 59.71 -21.91 23.72
N GLY P 451 59.95 -20.69 23.25
CA GLY P 451 59.53 -19.50 23.97
C GLY P 451 59.73 -18.23 23.16
N GLU P 452 60.00 -17.12 23.84
CA GLU P 452 60.14 -15.83 23.17
C GLU P 452 61.31 -15.08 23.78
N ALA P 453 61.83 -14.13 23.00
CA ALA P 453 62.95 -13.30 23.43
C ALA P 453 62.72 -11.88 22.93
N TYR P 454 63.32 -10.91 23.61
CA TYR P 454 63.03 -9.51 23.37
C TYR P 454 64.32 -8.73 23.20
N TYR P 455 64.30 -7.77 22.29
CA TYR P 455 65.31 -6.72 22.19
C TYR P 455 64.69 -5.51 21.53
N LYS P 456 65.22 -4.33 21.86
CA LYS P 456 64.74 -3.04 21.39
C LYS P 456 63.21 -2.98 21.23
N LYS P 457 62.50 -3.29 22.31
CA LYS P 457 61.02 -3.28 22.41
C LYS P 457 60.32 -4.19 21.39
N THR P 458 61.00 -5.17 20.81
CA THR P 458 60.37 -6.10 19.89
C THR P 458 60.73 -7.53 20.27
N LYS P 459 59.94 -8.47 19.74
CA LYS P 459 59.98 -9.88 20.14
C LYS P 459 60.31 -10.77 18.95
N LEU P 460 61.05 -11.84 19.23
CA LEU P 460 61.29 -12.92 18.29
C LEU P 460 61.06 -14.27 18.97
N PRO P 461 60.83 -15.33 18.20
CA PRO P 461 60.83 -16.67 18.79
C PRO P 461 62.19 -17.02 19.37
N LYS P 462 62.17 -17.81 20.44
CA LYS P 462 63.37 -18.41 21.01
C LYS P 462 63.23 -19.93 21.03
N VAL P 463 64.24 -20.61 20.49
CA VAL P 463 64.38 -22.06 20.64
C VAL P 463 65.47 -22.34 21.66
N ILE P 464 65.18 -23.21 22.61
CA ILE P 464 66.10 -23.51 23.71
C ILE P 464 66.53 -24.96 23.56
N LEU P 465 67.83 -25.17 23.38
CA LEU P 465 68.41 -26.48 23.15
C LEU P 465 69.05 -26.98 24.45
N LYS P 466 68.50 -28.05 25.01
CA LYS P 466 69.08 -28.69 26.17
C LYS P 466 70.26 -29.55 25.74
N THR P 467 71.35 -29.49 26.51
CA THR P 467 72.45 -30.44 26.38
C THR P 467 72.82 -31.01 27.72
N SER P 468 72.94 -32.34 27.79
CA SER P 468 73.35 -33.01 29.01
C SER P 468 74.87 -33.00 29.14
N VAL P 469 75.33 -32.81 30.38
CA VAL P 469 76.76 -32.80 30.66
C VAL P 469 77.39 -34.18 30.42
N LYS P 470 76.59 -35.25 30.41
CA LYS P 470 77.11 -36.55 30.05
C LYS P 470 77.60 -36.61 28.61
N GLU P 471 77.14 -35.69 27.75
CA GLU P 471 77.51 -35.70 26.34
C GLU P 471 78.86 -35.06 26.06
N LEU P 472 79.44 -34.35 27.03
CA LEU P 472 80.51 -33.40 26.77
C LEU P 472 81.88 -34.00 27.08
N ASP P 473 82.83 -33.77 26.17
CA ASP P 473 84.19 -34.31 26.26
C ASP P 473 85.04 -33.42 27.16
N LEU P 474 84.53 -33.11 28.35
CA LEU P 474 84.97 -31.92 29.09
C LEU P 474 86.45 -31.97 29.45
N GLU P 475 87.00 -33.14 29.72
CA GLU P 475 88.41 -33.22 30.12
C GLU P 475 89.34 -32.78 28.99
N ALA P 476 89.15 -33.33 27.80
CA ALA P 476 89.99 -32.92 26.68
C ALA P 476 89.68 -31.50 26.24
N ALA P 477 88.42 -31.06 26.37
CA ALA P 477 88.11 -29.67 26.05
C ALA P 477 88.84 -28.73 27.00
N LEU P 478 88.94 -29.10 28.27
CA LEU P 478 89.75 -28.34 29.21
C LEU P 478 91.22 -28.35 28.81
N ILE P 479 91.71 -29.50 28.34
CA ILE P 479 93.11 -29.57 27.90
C ILE P 479 93.38 -28.56 26.79
N GLU P 480 92.50 -28.49 25.79
CA GLU P 480 92.62 -27.42 24.79
C GLU P 480 92.48 -26.04 25.41
N ARG P 481 91.49 -25.84 26.30
CA ARG P 481 91.32 -24.52 26.89
C ARG P 481 92.60 -24.02 27.56
N LYS P 482 93.20 -24.87 28.41
CA LYS P 482 94.45 -24.51 29.08
C LYS P 482 95.59 -24.29 28.10
N TYR P 483 95.70 -25.16 27.09
CA TYR P 483 96.74 -25.02 26.07
C TYR P 483 96.61 -23.70 25.32
N HIS P 484 95.41 -23.36 24.88
CA HIS P 484 95.18 -22.12 24.15
C HIS P 484 95.33 -20.90 25.04
N ASN P 485 94.97 -21.00 26.33
CA ASN P 485 95.26 -19.91 27.26
C ASN P 485 96.76 -19.65 27.35
N LYS P 486 97.54 -20.72 27.50
CA LYS P 486 98.99 -20.58 27.57
C LYS P 486 99.54 -19.94 26.30
N LEU P 487 99.08 -20.42 25.14
CA LEU P 487 99.50 -19.79 23.89
C LEU P 487 99.04 -18.34 23.78
N MET P 488 97.87 -18.00 24.30
CA MET P 488 97.42 -16.61 24.28
C MET P 488 98.30 -15.72 25.16
N MET P 489 98.83 -16.26 26.25
CA MET P 489 99.81 -15.50 27.04
C MET P 489 101.12 -15.35 26.29
N GLU P 490 101.58 -16.43 25.64
CA GLU P 490 102.76 -16.28 24.79
C GLU P 490 102.49 -15.31 23.64
N ALA P 491 101.26 -15.25 23.14
CA ALA P 491 100.89 -14.30 22.09
C ALA P 491 100.97 -12.86 22.60
N LYS P 492 100.59 -12.65 23.86
CA LYS P 492 100.81 -11.35 24.49
C LYS P 492 102.29 -11.04 24.63
N ALA P 493 103.13 -12.06 24.82
CA ALA P 493 104.57 -11.85 24.81
C ALA P 493 105.13 -11.66 23.41
N ARG P 494 104.46 -12.18 22.39
CA ARG P 494 104.70 -11.80 21.00
C ARG P 494 104.24 -10.39 20.70
N GLY P 495 103.28 -9.86 21.46
CA GLY P 495 102.71 -8.56 21.18
C GLY P 495 101.53 -8.58 20.23
N GLU P 496 100.80 -9.68 20.17
CA GLU P 496 99.79 -9.91 19.14
C GLU P 496 98.56 -10.54 19.77
N GLY P 497 97.47 -10.55 19.01
CA GLY P 497 96.34 -11.42 19.31
C GLY P 497 96.63 -12.87 19.00
N TYR P 498 95.66 -13.72 19.34
CA TYR P 498 95.76 -15.16 19.12
C TYR P 498 94.43 -15.65 18.56
N LYS P 499 94.36 -15.78 17.24
CA LYS P 499 93.23 -16.41 16.57
C LYS P 499 93.39 -17.93 16.61
N ILE P 500 92.53 -18.61 17.37
CA ILE P 500 92.38 -20.05 17.23
C ILE P 500 91.69 -20.33 15.90
N GLU P 501 92.35 -21.09 15.03
CA GLU P 501 91.76 -21.35 13.72
C GLU P 501 90.61 -22.35 13.82
N LYS P 502 90.77 -23.40 14.62
CA LYS P 502 89.74 -24.40 14.86
C LYS P 502 89.97 -25.01 16.22
N LEU P 503 88.88 -25.44 16.86
CA LEU P 503 88.95 -26.35 17.99
C LEU P 503 88.68 -27.79 17.52
N ARG P 504 88.97 -28.73 18.42
CA ARG P 504 88.77 -30.15 18.12
C ARG P 504 87.34 -30.46 17.72
N ARG P 505 86.37 -29.68 18.21
CA ARG P 505 84.99 -29.86 17.75
C ARG P 505 84.81 -29.38 16.32
N ASN P 506 85.46 -28.29 15.93
CA ASN P 506 85.35 -27.85 14.54
C ASN P 506 86.06 -28.82 13.60
N ILE P 507 87.20 -29.36 14.00
CA ILE P 507 87.85 -30.41 13.23
C ILE P 507 86.95 -31.62 13.08
N GLU P 508 86.35 -32.07 14.17
CA GLU P 508 85.42 -33.20 14.11
C GLU P 508 84.24 -32.91 13.17
N MET P 509 83.66 -31.73 13.27
CA MET P 509 82.56 -31.36 12.38
C MET P 509 83.00 -31.36 10.91
N ASP P 510 84.23 -30.92 10.64
CA ASP P 510 84.75 -30.99 9.28
C ASP P 510 84.97 -32.43 8.83
N GLU P 511 85.38 -33.31 9.74
CA GLU P 511 85.50 -34.73 9.40
C GLU P 511 84.15 -35.34 9.03
N TYR P 512 83.13 -35.06 9.83
CA TYR P 512 81.79 -35.54 9.52
C TYR P 512 81.28 -34.97 8.20
N ASP P 513 81.53 -33.68 7.95
CA ASP P 513 81.16 -33.10 6.66
C ASP P 513 81.91 -33.77 5.51
N SER P 514 83.17 -34.15 5.72
CA SER P 514 83.91 -34.83 4.69
C SER P 514 83.34 -36.21 4.40
N LEU P 515 82.90 -36.92 5.45
CA LEU P 515 82.26 -38.21 5.25
C LEU P 515 80.95 -38.06 4.48
N HIS P 516 80.20 -37.00 4.76
CA HIS P 516 78.92 -36.81 4.10
C HIS P 516 79.12 -36.38 2.65
N TRP P 517 80.05 -35.45 2.42
CA TRP P 517 80.40 -35.08 1.05
C TRP P 517 80.90 -36.28 0.25
N ARG P 518 81.67 -37.16 0.88
CA ARG P 518 82.10 -38.38 0.21
C ARG P 518 80.91 -39.24 -0.20
N ARG P 519 79.90 -39.34 0.67
CA ARG P 519 78.69 -40.04 0.23
C ARG P 519 78.05 -39.35 -0.96
N SER P 520 77.92 -38.03 -0.90
CA SER P 520 77.22 -37.33 -1.97
C SER P 520 77.98 -37.45 -3.28
N LEU P 521 79.30 -37.46 -3.22
CA LEU P 521 80.13 -37.71 -4.40
C LEU P 521 79.89 -39.10 -4.96
N GLU P 522 80.00 -40.13 -4.12
CA GLU P 522 79.88 -41.49 -4.64
C GLU P 522 78.47 -41.78 -5.13
N GLU P 523 77.46 -41.17 -4.51
CA GLU P 523 76.10 -41.22 -5.01
C GLU P 523 76.00 -40.58 -6.38
N ARG P 524 76.50 -39.36 -6.52
CA ARG P 524 76.39 -38.67 -7.80
C ARG P 524 77.11 -39.43 -8.91
N GLU P 525 78.30 -39.95 -8.62
CA GLU P 525 79.05 -40.70 -9.62
C GLU P 525 78.32 -41.98 -10.03
N ALA P 526 77.72 -42.68 -9.07
CA ALA P 526 76.91 -43.83 -9.42
C ALA P 526 75.68 -43.41 -10.21
N LEU P 527 75.11 -42.25 -9.86
CA LEU P 527 73.97 -41.73 -10.61
C LEU P 527 74.33 -41.45 -12.06
N LEU P 528 75.52 -40.90 -12.29
CA LEU P 528 75.96 -40.65 -13.65
C LEU P 528 76.10 -41.94 -14.44
N ARG P 529 76.70 -42.97 -13.82
CA ARG P 529 76.78 -44.27 -14.49
C ARG P 529 75.39 -44.84 -14.76
N ASP P 530 74.51 -44.76 -13.75
CA ASP P 530 73.13 -45.24 -13.88
C ASP P 530 72.42 -44.54 -15.02
N ILE P 531 72.48 -43.21 -15.05
CA ILE P 531 71.87 -42.43 -16.13
C ILE P 531 72.36 -42.92 -17.48
N SER P 532 73.68 -43.05 -17.65
CA SER P 532 74.18 -43.47 -18.95
C SER P 532 73.68 -44.87 -19.32
N SER P 533 73.60 -45.77 -18.34
CA SER P 533 73.14 -47.11 -18.61
C SER P 533 71.67 -47.13 -18.97
N ARG P 534 70.85 -46.41 -18.22
CA ARG P 534 69.41 -46.38 -18.44
C ARG P 534 69.07 -45.70 -19.75
N GLN P 535 69.78 -44.61 -20.08
CA GLN P 535 69.58 -43.96 -21.37
C GLN P 535 69.95 -44.87 -22.52
N ALA P 536 71.05 -45.61 -22.40
CA ALA P 536 71.39 -46.59 -23.43
C ALA P 536 70.34 -47.68 -23.54
N LEU P 537 69.84 -48.16 -22.40
CA LEU P 537 68.92 -49.28 -22.35
C LEU P 537 67.45 -48.86 -22.38
N GLY P 538 67.15 -47.57 -22.41
CA GLY P 538 65.76 -47.14 -22.41
C GLY P 538 65.02 -47.41 -21.12
N LEU P 539 65.71 -47.48 -20.02
CA LEU P 539 65.09 -47.60 -18.70
C LEU P 539 64.75 -46.22 -18.14
N PRO P 540 63.77 -46.13 -17.25
CA PRO P 540 63.38 -44.81 -16.70
C PRO P 540 64.44 -44.24 -15.78
N LEU P 541 64.65 -42.93 -15.89
CA LEU P 541 65.56 -42.23 -14.98
C LEU P 541 64.86 -41.87 -13.69
N GLU P 542 63.76 -41.14 -13.77
CA GLU P 542 62.89 -40.90 -12.63
C GLU P 542 61.83 -41.99 -12.53
N GLU P 543 61.29 -42.15 -11.32
CA GLU P 543 60.28 -43.17 -11.09
C GLU P 543 59.08 -42.94 -12.00
N PRO P 544 58.67 -43.95 -12.78
CA PRO P 544 57.73 -43.71 -13.89
C PRO P 544 56.48 -42.92 -13.53
N GLY P 545 55.85 -43.23 -12.41
CA GLY P 545 54.62 -42.56 -12.03
C GLY P 545 54.77 -41.29 -11.22
N ARG P 546 55.99 -40.96 -10.79
CA ARG P 546 56.15 -39.99 -9.72
C ARG P 546 55.89 -38.56 -10.18
N TYR P 547 56.26 -38.23 -11.40
CA TYR P 547 56.19 -36.86 -11.90
C TYR P 547 55.23 -36.78 -13.08
N LYS P 548 54.47 -35.69 -13.13
CA LYS P 548 53.68 -35.33 -14.29
C LYS P 548 53.74 -33.82 -14.45
N PRO P 549 53.51 -33.33 -15.68
CA PRO P 549 53.47 -31.87 -15.88
C PRO P 549 52.15 -31.24 -15.46
N GLY P 550 51.07 -32.01 -15.49
CA GLY P 550 49.76 -31.49 -15.15
C GLY P 550 48.73 -32.56 -14.84
N GLY Q 198 -68.16 24.53 38.71
CA GLY Q 198 -67.34 23.73 37.81
C GLY Q 198 -66.12 23.11 38.47
N TRP Q 199 -65.67 21.99 37.93
CA TRP Q 199 -64.53 21.27 38.49
C TRP Q 199 -63.25 22.08 38.27
N PRO Q 200 -62.21 21.87 39.12
CA PRO Q 200 -62.19 21.21 40.43
C PRO Q 200 -63.18 21.80 41.43
N PRO Q 201 -63.59 21.03 42.44
CA PRO Q 201 -64.56 21.56 43.42
C PRO Q 201 -63.92 22.63 44.30
N LEU Q 202 -64.61 23.75 44.42
CA LEU Q 202 -64.10 24.86 45.21
C LEU Q 202 -64.17 24.54 46.70
N VAL Q 203 -63.13 24.89 47.43
CA VAL Q 203 -63.12 24.85 48.89
C VAL Q 203 -63.17 26.29 49.39
N CYS Q 204 -64.05 26.55 50.35
CA CYS Q 204 -64.18 27.86 50.97
C CYS Q 204 -63.50 27.85 52.33
N CYS Q 205 -62.51 28.72 52.51
CA CYS Q 205 -61.69 28.75 53.71
C CYS Q 205 -62.05 30.03 54.47
N PHE Q 206 -62.59 29.85 55.68
CA PHE Q 206 -63.19 30.92 56.44
C PHE Q 206 -62.30 31.28 57.63
N GLY Q 207 -62.07 32.57 57.81
CA GLY Q 207 -61.45 33.05 59.02
C GLY Q 207 -60.60 34.28 58.75
N SER Q 208 -59.46 34.34 59.42
CA SER Q 208 -58.48 35.39 59.21
C SER Q 208 -57.43 34.97 58.19
N ALA Q 209 -56.66 35.95 57.71
CA ALA Q 209 -55.55 35.69 56.81
C ALA Q 209 -54.25 36.42 57.13
N GLN Q 210 -54.19 37.20 58.22
CA GLN Q 210 -53.02 38.02 58.52
C GLN Q 210 -51.73 37.21 58.41
N HIS Q 211 -50.68 37.89 57.94
CA HIS Q 211 -49.46 37.24 57.49
C HIS Q 211 -48.64 36.69 58.65
N ALA Q 212 -48.16 35.44 58.50
CA ALA Q 212 -47.22 34.81 59.41
C ALA Q 212 -47.69 34.87 60.87
N PHE Q 213 -48.98 34.69 61.08
CA PHE Q 213 -49.56 34.66 62.42
C PHE Q 213 -49.70 33.21 62.85
N VAL Q 214 -49.13 32.87 64.00
CA VAL Q 214 -49.08 31.50 64.49
C VAL Q 214 -49.88 31.43 65.79
N PRO Q 215 -50.89 30.54 65.87
CA PRO Q 215 -51.87 30.66 66.95
C PRO Q 215 -51.41 30.10 68.28
N SER Q 216 -50.53 29.10 68.26
CA SER Q 216 -50.03 28.48 69.48
C SER Q 216 -48.86 27.57 69.14
N GLY Q 217 -48.17 27.13 70.17
CA GLY Q 217 -47.11 26.14 70.02
C GLY Q 217 -47.07 25.17 71.18
N ARG Q 218 -46.91 23.89 70.90
CA ARG Q 218 -46.95 22.87 71.94
C ARG Q 218 -45.73 21.97 71.88
N PRO Q 219 -45.30 21.45 73.03
CA PRO Q 219 -44.27 20.41 73.03
C PRO Q 219 -44.60 19.29 72.05
N ALA Q 220 -43.59 18.86 71.30
CA ALA Q 220 -43.81 17.93 70.21
C ALA Q 220 -42.62 16.99 70.08
N ASN Q 221 -42.87 15.87 69.41
CA ASN Q 221 -41.86 14.86 69.11
C ASN Q 221 -41.78 14.64 67.60
N ARG Q 222 -40.56 14.55 67.08
CA ARG Q 222 -40.33 14.44 65.65
C ARG Q 222 -39.59 13.14 65.34
N LEU Q 223 -39.97 12.51 64.23
CA LEU Q 223 -39.40 11.24 63.82
C LEU Q 223 -38.08 11.50 63.11
N LEU Q 224 -36.97 11.33 63.83
CA LEU Q 224 -35.67 11.80 63.38
C LEU Q 224 -34.59 10.85 63.87
N ASP Q 225 -33.62 10.57 63.01
CA ASP Q 225 -32.44 9.78 63.39
C ASP Q 225 -31.47 10.70 64.12
N TYR Q 226 -31.61 10.76 65.45
CA TYR Q 226 -30.71 11.57 66.25
C TYR Q 226 -29.29 11.02 66.20
N GLU Q 227 -29.16 9.70 66.36
CA GLU Q 227 -27.91 9.02 66.03
C GLU Q 227 -27.62 9.14 64.54
N ARG Q 228 -26.34 9.26 64.21
CA ARG Q 228 -25.86 9.74 62.91
C ARG Q 228 -26.35 11.17 62.71
N GLN Q 229 -27.18 11.46 61.69
CA GLN Q 229 -27.22 12.79 61.08
C GLN Q 229 -27.29 13.91 62.11
N GLU Q 230 -28.23 13.82 63.05
CA GLU Q 230 -28.44 14.95 63.96
C GLU Q 230 -27.28 15.17 64.89
N ARG Q 231 -26.54 14.12 65.27
CA ARG Q 231 -25.32 14.32 66.02
C ARG Q 231 -24.11 14.58 65.13
N MET Q 232 -24.20 14.23 63.84
CA MET Q 232 -23.07 14.33 62.93
C MET Q 232 -23.00 15.69 62.23
N LYS Q 233 -24.15 16.21 61.79
CA LYS Q 233 -24.22 17.56 61.22
C LYS Q 233 -24.52 18.56 62.32
N ASP Q 234 -23.55 19.40 62.66
CA ASP Q 234 -23.80 20.66 63.33
C ASP Q 234 -23.91 21.82 62.35
N ALA Q 235 -23.77 21.56 61.05
CA ALA Q 235 -24.03 22.57 60.03
C ALA Q 235 -25.51 22.82 59.81
N VAL Q 236 -26.34 21.78 59.94
CA VAL Q 236 -27.78 21.97 59.91
C VAL Q 236 -28.26 22.46 61.27
N TRP Q 237 -29.32 23.27 61.25
CA TRP Q 237 -29.85 23.90 62.44
C TRP Q 237 -30.99 23.06 63.01
N ALA Q 238 -31.07 23.02 64.34
CA ALA Q 238 -32.17 22.37 65.03
C ALA Q 238 -32.43 23.10 66.33
N PRO Q 239 -33.69 23.20 66.76
CA PRO Q 239 -34.00 23.93 67.97
C PRO Q 239 -33.63 23.15 69.23
N GLU Q 240 -33.23 23.90 70.26
CA GLU Q 240 -32.90 23.30 71.54
C GLU Q 240 -34.12 22.70 72.23
N LYS Q 241 -35.32 23.13 71.85
CA LYS Q 241 -36.57 22.55 72.33
C LYS Q 241 -37.51 22.49 71.13
N TYR Q 242 -37.94 21.28 70.78
CA TYR Q 242 -38.79 21.11 69.61
C TYR Q 242 -40.24 21.36 69.96
N ILE Q 243 -40.71 22.57 69.68
CA ILE Q 243 -42.09 22.97 69.88
C ILE Q 243 -42.73 23.13 68.50
N ARG Q 244 -43.84 22.44 68.27
CA ARG Q 244 -44.50 22.46 66.97
C ARG Q 244 -45.82 23.23 67.09
N ALA Q 245 -46.07 24.10 66.13
CA ALA Q 245 -47.34 24.80 65.99
C ALA Q 245 -48.35 23.98 65.21
N PRO Q 246 -49.63 24.13 65.52
CA PRO Q 246 -50.65 23.35 64.79
C PRO Q 246 -50.72 23.68 63.32
N GLY Q 247 -50.52 24.94 62.96
CA GLY Q 247 -50.83 25.39 61.61
C GLY Q 247 -50.79 26.89 61.52
N GLY Q 248 -51.64 27.44 60.65
CA GLY Q 248 -51.71 28.88 60.54
C GLY Q 248 -53.11 29.42 60.32
N CYS Q 249 -53.20 30.59 59.68
CA CYS Q 249 -54.48 31.19 59.35
C CYS Q 249 -55.18 30.41 58.24
N ALA Q 250 -56.50 30.59 58.18
CA ALA Q 250 -57.29 29.94 57.13
C ALA Q 250 -56.92 30.47 55.74
N GLY Q 251 -56.55 31.75 55.66
CA GLY Q 251 -55.97 32.26 54.41
C GLY Q 251 -54.70 31.53 54.01
N GLY Q 252 -53.88 31.17 55.00
CA GLY Q 252 -52.69 30.37 54.69
C GLY Q 252 -53.01 29.00 54.13
N VAL Q 253 -54.04 28.36 54.68
CA VAL Q 253 -54.46 27.07 54.14
C VAL Q 253 -55.07 27.23 52.75
N ALA Q 254 -55.79 28.33 52.52
CA ALA Q 254 -56.31 28.62 51.19
C ALA Q 254 -55.18 28.79 50.18
N ILE Q 255 -54.14 29.54 50.56
CA ILE Q 255 -52.97 29.73 49.69
C ILE Q 255 -52.27 28.40 49.42
N ALA Q 256 -52.12 27.58 50.46
CA ALA Q 256 -51.51 26.25 50.27
C ALA Q 256 -52.32 25.41 49.29
N LEU Q 257 -53.62 25.31 49.52
CA LEU Q 257 -54.48 24.48 48.67
C LEU Q 257 -54.48 25.00 47.23
N ALA Q 258 -54.44 26.32 47.05
CA ALA Q 258 -54.29 26.88 45.72
C ALA Q 258 -52.96 26.47 45.10
N SER Q 259 -51.89 26.43 45.89
CA SER Q 259 -50.61 25.98 45.37
C SER Q 259 -50.62 24.51 44.97
N LEU Q 260 -51.39 23.68 45.68
CA LEU Q 260 -51.56 22.30 45.29
C LEU Q 260 -52.44 22.12 44.07
N GLY Q 261 -52.86 23.23 43.43
CA GLY Q 261 -53.75 23.18 42.29
C GLY Q 261 -55.22 23.05 42.60
N GLY Q 262 -55.59 23.03 43.88
CA GLY Q 262 -56.98 23.13 44.25
C GLY Q 262 -57.54 24.51 43.94
N LYS Q 263 -58.85 24.62 44.03
CA LYS Q 263 -59.52 25.92 43.98
C LYS Q 263 -59.95 26.31 45.38
N ALA Q 264 -59.55 27.50 45.81
CA ALA Q 264 -59.84 27.99 47.14
C ALA Q 264 -60.40 29.39 47.07
N ALA Q 265 -61.43 29.65 47.87
CA ALA Q 265 -61.99 30.97 48.06
C ALA Q 265 -61.86 31.34 49.54
N PHE Q 266 -61.14 32.42 49.82
CA PHE Q 266 -61.00 32.91 51.19
C PHE Q 266 -62.18 33.81 51.53
N MET Q 267 -62.79 33.56 52.68
CA MET Q 267 -63.97 34.28 53.13
C MET Q 267 -63.66 35.03 54.41
N GLY Q 268 -63.87 36.34 54.38
CA GLY Q 268 -63.44 37.24 55.43
C GLY Q 268 -63.65 38.66 54.96
N LYS Q 269 -63.11 39.60 55.73
CA LYS Q 269 -62.87 40.93 55.20
C LYS Q 269 -61.47 41.39 55.53
N LEU Q 270 -60.74 41.83 54.52
CA LEU Q 270 -59.61 42.72 54.71
C LEU Q 270 -60.12 44.15 54.76
N GLY Q 271 -59.37 45.00 55.46
CA GLY Q 271 -59.66 46.41 55.41
C GLY Q 271 -59.19 47.04 54.10
N ASP Q 272 -59.67 48.26 53.86
CA ASP Q 272 -59.23 49.06 52.73
C ASP Q 272 -57.87 49.72 52.96
N ASP Q 273 -57.24 49.48 54.11
CA ASP Q 273 -55.93 50.04 54.38
C ASP Q 273 -54.86 49.29 53.61
N ASP Q 274 -53.67 49.90 53.58
CA ASP Q 274 -52.60 49.46 52.69
C ASP Q 274 -52.25 47.99 52.93
N PHE Q 275 -52.17 47.58 54.20
CA PHE Q 275 -51.90 46.17 54.49
C PHE Q 275 -53.04 45.27 54.04
N GLY Q 276 -54.28 45.75 54.07
CA GLY Q 276 -55.38 44.93 53.58
C GLY Q 276 -55.36 44.74 52.07
N GLN Q 277 -55.01 45.79 51.34
CA GLN Q 277 -54.80 45.62 49.90
C GLN Q 277 -53.57 44.78 49.59
N ALA Q 278 -52.53 44.87 50.41
CA ALA Q 278 -51.37 44.00 50.25
C ALA Q 278 -51.75 42.54 50.43
N MET Q 279 -52.50 42.24 51.48
CA MET Q 279 -53.02 40.89 51.69
C MET Q 279 -53.92 40.44 50.54
N LEU Q 280 -54.78 41.33 50.04
CA LEU Q 280 -55.67 40.97 48.96
C LEU Q 280 -54.91 40.66 47.67
N TYR Q 281 -53.85 41.42 47.40
CA TYR Q 281 -52.97 41.09 46.28
C TYR Q 281 -52.28 39.76 46.50
N TYR Q 282 -51.73 39.56 47.70
CA TYR Q 282 -51.02 38.31 47.99
C TYR Q 282 -51.93 37.10 47.80
N LEU Q 283 -53.18 37.21 48.24
CA LEU Q 283 -54.16 36.16 47.99
C LEU Q 283 -54.43 35.97 46.50
N ASN Q 284 -54.59 37.08 45.76
CA ASN Q 284 -54.93 36.96 44.35
C ASN Q 284 -53.80 36.37 43.51
N VAL Q 285 -52.56 36.82 43.75
CA VAL Q 285 -51.42 36.27 43.03
C VAL Q 285 -51.16 34.81 43.39
N CYS Q 286 -51.53 34.39 44.60
CA CYS Q 286 -51.54 32.98 44.95
C CYS Q 286 -52.74 32.22 44.38
N GLN Q 287 -53.50 32.83 43.46
CA GLN Q 287 -54.65 32.23 42.80
C GLN Q 287 -55.79 31.91 43.75
N VAL Q 288 -55.78 32.44 44.96
CA VAL Q 288 -56.92 32.29 45.87
C VAL Q 288 -58.03 33.21 45.41
N GLN Q 289 -59.26 32.70 45.39
CA GLN Q 289 -60.42 33.52 45.09
C GLN Q 289 -60.76 34.39 46.30
N THR Q 290 -60.96 35.68 46.05
CA THR Q 290 -61.31 36.62 47.11
C THR Q 290 -62.60 37.38 46.80
N ARG Q 291 -63.39 36.86 45.86
CA ARG Q 291 -64.79 37.25 45.71
C ARG Q 291 -65.58 37.20 47.01
N SER Q 292 -65.09 36.46 48.01
CA SER Q 292 -65.72 36.43 49.32
C SER Q 292 -65.12 37.44 50.30
N VAL Q 293 -64.02 38.10 49.95
CA VAL Q 293 -63.44 39.10 50.83
C VAL Q 293 -64.23 40.40 50.66
N LYS Q 294 -64.96 40.78 51.71
CA LYS Q 294 -65.76 42.00 51.72
C LYS Q 294 -64.90 43.18 52.18
N ILE Q 295 -63.99 43.60 51.29
CA ILE Q 295 -63.05 44.66 51.64
C ILE Q 295 -63.82 45.90 52.08
N ASP Q 296 -63.48 46.40 53.27
CA ASP Q 296 -64.32 47.33 54.00
C ASP Q 296 -63.49 48.53 54.41
N SER Q 297 -63.92 49.73 54.01
CA SER Q 297 -63.19 50.96 54.29
C SER Q 297 -63.37 51.45 55.72
N LYS Q 298 -64.35 50.93 56.46
CA LYS Q 298 -64.60 51.38 57.83
C LYS Q 298 -63.70 50.70 58.85
N ARG Q 299 -62.87 49.74 58.44
CA ARG Q 299 -62.06 48.97 59.36
C ARG Q 299 -60.60 49.05 58.96
N VAL Q 300 -59.73 49.01 59.95
CA VAL Q 300 -58.30 48.77 59.74
C VAL Q 300 -58.06 47.28 59.82
N THR Q 301 -57.10 46.79 59.03
CA THR Q 301 -56.99 45.36 58.80
C THR Q 301 -56.46 44.60 60.02
N ALA Q 302 -55.20 44.82 60.38
CA ALA Q 302 -54.55 44.03 61.42
C ALA Q 302 -54.72 44.60 62.81
N CYS Q 303 -55.19 45.84 62.94
CA CYS Q 303 -55.12 46.58 64.20
C CYS Q 303 -56.47 46.51 64.92
N SER Q 304 -56.55 45.71 65.98
CA SER Q 304 -57.63 45.85 66.94
C SER Q 304 -57.33 47.06 67.82
N THR Q 305 -58.30 47.96 67.94
CA THR Q 305 -57.96 49.36 68.19
C THR Q 305 -58.00 49.78 69.66
N MET Q 306 -58.58 49.00 70.57
CA MET Q 306 -58.65 49.47 71.94
C MET Q 306 -58.47 48.35 72.95
N LYS Q 307 -57.66 48.64 73.98
CA LYS Q 307 -57.51 47.83 75.18
C LYS Q 307 -56.96 48.74 76.27
N ILE Q 308 -57.67 48.84 77.39
CA ILE Q 308 -57.14 49.53 78.56
C ILE Q 308 -56.45 48.56 79.52
N SER Q 309 -57.16 47.49 79.89
CA SER Q 309 -56.87 46.70 81.09
C SER Q 309 -56.97 47.56 82.34
N SER Q 316 -56.96 44.72 77.73
CA SER Q 316 -57.88 43.62 78.02
C SER Q 316 -59.28 43.92 77.52
N THR Q 317 -59.47 45.15 77.04
CA THR Q 317 -60.78 45.61 76.59
C THR Q 317 -61.07 45.05 75.20
N CYS Q 318 -62.37 44.95 74.88
CA CYS Q 318 -62.82 44.35 73.64
C CYS Q 318 -63.20 45.38 72.57
N VAL Q 319 -62.99 46.66 72.84
CA VAL Q 319 -63.59 47.73 72.03
C VAL Q 319 -63.03 47.71 70.61
N LYS Q 320 -63.94 47.95 69.63
CA LYS Q 320 -63.66 48.17 68.21
C LYS Q 320 -62.62 47.21 67.66
N PRO Q 321 -62.98 45.97 67.39
CA PRO Q 321 -62.01 44.99 66.88
C PRO Q 321 -61.70 45.24 65.40
N CYS Q 322 -60.69 44.54 64.92
CA CYS Q 322 -60.13 44.82 63.60
C CYS Q 322 -61.05 44.28 62.50
N ALA Q 323 -60.66 44.54 61.25
CA ALA Q 323 -61.46 44.09 60.12
C ALA Q 323 -61.69 42.58 60.15
N GLU Q 324 -60.59 41.82 60.26
CA GLU Q 324 -60.69 40.36 60.19
C GLU Q 324 -61.54 39.78 61.31
N ASP Q 325 -61.72 40.54 62.40
CA ASP Q 325 -62.51 40.13 63.56
C ASP Q 325 -64.00 40.44 63.42
N SER Q 326 -64.45 41.03 62.31
CA SER Q 326 -65.73 41.71 62.33
C SER Q 326 -66.55 41.46 61.06
N LEU Q 327 -66.32 40.35 60.38
CA LEU Q 327 -67.23 39.95 59.31
C LEU Q 327 -68.61 39.65 59.89
N SER Q 328 -69.65 40.15 59.21
CA SER Q 328 -71.02 40.00 59.68
C SER Q 328 -71.80 39.01 58.82
N LYS Q 329 -72.90 38.53 59.39
CA LYS Q 329 -73.70 37.48 58.76
C LYS Q 329 -74.26 37.90 57.40
N SER Q 330 -74.43 39.20 57.19
CA SER Q 330 -74.92 39.70 55.91
C SER Q 330 -73.85 39.75 54.83
N GLU Q 331 -72.60 39.52 55.17
CA GLU Q 331 -71.50 39.58 54.20
C GLU Q 331 -71.04 38.21 53.74
N ILE Q 332 -71.63 37.13 54.24
CA ILE Q 332 -71.34 35.81 53.71
C ILE Q 332 -71.82 35.72 52.28
N ASN Q 333 -70.92 35.36 51.37
CA ASN Q 333 -71.24 35.22 49.95
C ASN Q 333 -71.88 33.86 49.73
N VAL Q 334 -73.20 33.80 49.91
CA VAL Q 334 -73.93 32.53 49.84
C VAL Q 334 -73.80 31.91 48.46
N ASP Q 335 -73.64 32.73 47.41
CA ASP Q 335 -73.44 32.17 46.08
C ASP Q 335 -72.09 31.51 45.92
N VAL Q 336 -71.09 31.90 46.71
CA VAL Q 336 -69.86 31.11 46.80
C VAL Q 336 -70.11 29.80 47.52
N LEU Q 337 -70.81 29.84 48.66
CA LEU Q 337 -71.08 28.61 49.40
C LEU Q 337 -72.00 27.65 48.64
N LYS Q 338 -72.69 28.11 47.61
CA LYS Q 338 -73.39 27.18 46.73
C LYS Q 338 -72.39 26.31 45.96
N GLU Q 339 -71.31 26.92 45.48
CA GLU Q 339 -70.29 26.21 44.71
C GLU Q 339 -69.22 25.58 45.60
N ALA Q 340 -69.05 26.10 46.81
CA ALA Q 340 -67.98 25.65 47.70
C ALA Q 340 -68.30 24.30 48.30
N LYS Q 341 -67.91 23.23 47.60
CA LYS Q 341 -68.25 21.88 48.00
C LYS Q 341 -67.66 21.48 49.35
N MET Q 342 -66.64 22.20 49.83
CA MET Q 342 -66.15 22.01 51.20
C MET Q 342 -65.95 23.36 51.86
N PHE Q 343 -66.32 23.44 53.15
CA PHE Q 343 -66.17 24.65 53.94
C PHE Q 343 -65.13 24.41 55.03
N TYR Q 344 -64.05 25.17 54.98
CA TYR Q 344 -62.95 25.06 55.94
C TYR Q 344 -62.99 26.24 56.91
N PHE Q 345 -62.81 25.95 58.19
CA PHE Q 345 -62.78 27.00 59.19
C PHE Q 345 -62.01 26.49 60.40
N THR Q 346 -61.65 27.43 61.29
CA THR Q 346 -60.76 27.15 62.40
C THR Q 346 -61.28 27.80 63.66
N THR Q 347 -60.79 27.30 64.80
CA THR Q 347 -61.23 27.80 66.10
C THR Q 347 -60.92 29.28 66.29
N HIS Q 348 -59.97 29.82 65.53
CA HIS Q 348 -59.70 31.26 65.60
C HIS Q 348 -60.91 32.08 65.20
N SER Q 349 -61.78 31.53 64.36
CA SER Q 349 -63.02 32.20 63.99
C SER Q 349 -64.02 32.28 65.14
N LEU Q 350 -63.79 31.56 66.24
CA LEU Q 350 -64.78 31.44 67.30
C LEU Q 350 -64.45 32.28 68.52
N LEU Q 351 -63.34 33.00 68.52
CA LEU Q 351 -62.93 33.74 69.72
C LEU Q 351 -63.82 34.96 69.95
N ASP Q 352 -64.05 35.75 68.90
CA ASP Q 352 -64.99 36.86 68.99
C ASP Q 352 -66.41 36.37 68.77
N LYS Q 353 -67.33 36.82 69.62
CA LYS Q 353 -68.71 36.33 69.55
C LYS Q 353 -69.43 36.79 68.29
N LYS Q 354 -69.03 37.93 67.72
CA LYS Q 354 -69.53 38.30 66.40
C LYS Q 354 -69.00 37.34 65.34
N MET Q 355 -67.71 37.03 65.39
CA MET Q 355 -67.15 36.04 64.47
C MET Q 355 -67.73 34.67 64.74
N MET Q 356 -67.99 34.35 66.01
CA MET Q 356 -68.70 33.12 66.34
C MET Q 356 -70.06 33.05 65.65
N SER Q 357 -70.86 34.11 65.76
CA SER Q 357 -72.19 34.11 65.15
C SER Q 357 -72.10 34.02 63.63
N THR Q 358 -71.19 34.78 63.02
CA THR Q 358 -70.99 34.69 61.58
C THR Q 358 -70.54 33.29 61.15
N THR Q 359 -69.65 32.68 61.93
CA THR Q 359 -69.17 31.35 61.59
C THR Q 359 -70.30 30.33 61.68
N LEU Q 360 -71.07 30.35 62.77
CA LEU Q 360 -72.18 29.42 62.89
C LEU Q 360 -73.22 29.63 61.79
N GLN Q 361 -73.42 30.87 61.35
CA GLN Q 361 -74.32 31.10 60.23
C GLN Q 361 -73.76 30.52 58.94
N ALA Q 362 -72.48 30.73 58.67
CA ALA Q 362 -71.87 30.16 57.47
C ALA Q 362 -71.89 28.64 57.50
N ILE Q 363 -71.65 28.05 58.68
CA ILE Q 363 -71.73 26.60 58.84
C ILE Q 363 -73.13 26.10 58.51
N LYS Q 364 -74.15 26.72 59.10
CA LYS Q 364 -75.50 26.22 58.89
C LYS Q 364 -75.97 26.45 57.46
N ILE Q 365 -75.57 27.55 56.83
CA ILE Q 365 -75.77 27.73 55.40
C ILE Q 365 -75.14 26.59 54.60
N SER Q 366 -73.88 26.27 54.91
CA SER Q 366 -73.18 25.22 54.17
C SER Q 366 -73.85 23.86 54.37
N LYS Q 367 -74.30 23.58 55.59
CA LYS Q 367 -75.04 22.35 55.84
C LYS Q 367 -76.33 22.30 55.03
N GLN Q 368 -77.07 23.42 54.98
CA GLN Q 368 -78.27 23.46 54.17
C GLN Q 368 -77.95 23.23 52.69
N LEU Q 369 -76.84 23.79 52.23
CA LEU Q 369 -76.38 23.59 50.86
C LEU Q 369 -75.66 22.27 50.66
N GLY Q 370 -75.41 21.49 51.71
CA GLY Q 370 -74.82 20.19 51.55
C GLY Q 370 -73.31 20.15 51.51
N ASN Q 371 -72.64 21.21 51.95
CA ASN Q 371 -71.18 21.25 51.93
C ASN Q 371 -70.59 20.41 53.06
N VAL Q 372 -69.41 19.86 52.80
CA VAL Q 372 -68.63 19.19 53.83
C VAL Q 372 -67.99 20.25 54.73
N ILE Q 373 -68.15 20.09 56.04
CA ILE Q 373 -67.57 20.99 57.02
C ILE Q 373 -66.26 20.42 57.52
N PHE Q 374 -65.17 21.13 57.26
CA PHE Q 374 -63.84 20.76 57.72
C PHE Q 374 -63.46 21.71 58.86
N TYR Q 375 -63.31 21.17 60.06
CA TYR Q 375 -62.95 21.96 61.24
C TYR Q 375 -61.53 21.61 61.67
N ASP Q 376 -60.65 22.59 61.62
CA ASP Q 376 -59.26 22.44 62.04
C ASP Q 376 -59.03 23.36 63.23
N LEU Q 377 -58.75 22.76 64.40
CA LEU Q 377 -58.71 23.56 65.62
C LEU Q 377 -57.68 24.67 65.52
N ASN Q 378 -56.44 24.33 65.17
CA ASN Q 378 -55.29 25.20 65.39
C ASN Q 378 -55.40 25.94 66.71
N LEU Q 379 -55.58 25.16 67.79
CA LEU Q 379 -56.20 25.61 69.03
C LEU Q 379 -55.52 26.87 69.57
N PRO Q 380 -56.20 28.01 69.52
CA PRO Q 380 -55.54 29.29 69.82
C PRO Q 380 -54.98 29.34 71.23
N LEU Q 381 -54.00 30.21 71.39
CA LEU Q 381 -53.28 30.34 72.67
C LEU Q 381 -54.19 30.56 73.89
N PRO Q 382 -55.26 31.37 73.83
CA PRO Q 382 -56.08 31.57 75.04
C PRO Q 382 -56.85 30.34 75.50
N LEU Q 383 -56.82 29.23 74.76
CA LEU Q 383 -57.71 28.12 75.08
C LEU Q 383 -57.01 26.97 75.81
N TRP Q 384 -55.71 26.80 75.65
CA TRP Q 384 -54.99 25.73 76.31
C TRP Q 384 -55.01 25.82 77.83
N GLN Q 385 -55.41 26.96 78.40
CA GLN Q 385 -55.46 27.12 79.85
C GLN Q 385 -56.72 26.58 80.50
N SER Q 386 -57.74 26.18 79.74
CA SER Q 386 -58.90 25.55 80.35
C SER Q 386 -59.56 24.61 79.34
N LEU Q 387 -59.56 23.32 79.69
CA LEU Q 387 -60.25 22.32 78.88
C LEU Q 387 -61.76 22.55 78.85
N GLU Q 388 -62.37 22.80 80.00
CA GLU Q 388 -63.82 22.95 80.04
C GLU Q 388 -64.29 24.20 79.31
N GLU Q 389 -63.52 25.29 79.37
CA GLU Q 389 -63.81 26.44 78.54
C GLU Q 389 -63.67 26.11 77.06
N THR Q 390 -62.59 25.41 76.70
CA THR Q 390 -62.37 25.06 75.31
C THR Q 390 -63.54 24.25 74.75
N LYS Q 391 -63.93 23.19 75.46
CA LYS Q 391 -65.07 22.39 75.01
C LYS Q 391 -66.36 23.20 74.99
N SER Q 392 -66.57 24.08 75.98
CA SER Q 392 -67.77 24.90 75.98
C SER Q 392 -67.83 25.83 74.78
N LEU Q 393 -66.67 26.27 74.30
CA LEU Q 393 -66.64 27.08 73.08
C LEU Q 393 -66.87 26.21 71.85
N ILE Q 394 -66.02 25.21 71.66
CA ILE Q 394 -65.93 24.53 70.37
C ILE Q 394 -67.05 23.52 70.13
N GLN Q 395 -67.72 23.03 71.19
CA GLN Q 395 -68.69 21.95 71.00
C GLN Q 395 -69.77 22.31 69.98
N GLU Q 396 -70.22 23.58 69.98
CA GLU Q 396 -71.29 23.99 69.08
C GLU Q 396 -70.96 23.76 67.61
N VAL Q 397 -69.71 23.98 67.23
CA VAL Q 397 -69.29 23.68 65.86
C VAL Q 397 -68.82 22.24 65.71
N TRP Q 398 -68.26 21.65 66.78
CA TRP Q 398 -67.79 20.28 66.74
C TRP Q 398 -68.90 19.34 66.30
N ASP Q 399 -70.10 19.49 66.88
CA ASP Q 399 -71.23 18.66 66.49
C ASP Q 399 -71.63 18.85 65.04
N LEU Q 400 -71.30 20.00 64.44
CA LEU Q 400 -71.61 20.27 63.05
C LEU Q 400 -70.49 19.86 62.09
N ALA Q 401 -69.27 19.71 62.58
CA ALA Q 401 -68.14 19.39 61.71
C ALA Q 401 -68.30 18.01 61.11
N ASP Q 402 -68.05 17.90 59.80
CA ASP Q 402 -68.07 16.60 59.14
C ASP Q 402 -66.68 15.96 59.10
N VAL Q 403 -65.64 16.77 59.03
CA VAL Q 403 -64.25 16.33 59.08
C VAL Q 403 -63.53 17.23 60.05
N ILE Q 404 -62.64 16.66 60.85
CA ILE Q 404 -61.88 17.43 61.83
C ILE Q 404 -60.41 17.07 61.72
N GLU Q 405 -59.56 18.08 61.91
CA GLU Q 405 -58.13 17.90 62.12
C GLU Q 405 -57.76 18.43 63.49
N VAL Q 406 -57.06 17.60 64.26
CA VAL Q 406 -56.53 17.99 65.56
C VAL Q 406 -55.09 17.50 65.63
N THR Q 407 -54.20 18.33 66.18
CA THR Q 407 -52.88 17.83 66.51
C THR Q 407 -53.00 16.76 67.59
N LYS Q 408 -51.98 15.89 67.65
CA LYS Q 408 -51.90 14.92 68.74
C LYS Q 408 -51.96 15.60 70.09
N GLN Q 409 -51.35 16.78 70.21
CA GLN Q 409 -51.41 17.52 71.47
C GLN Q 409 -52.82 18.04 71.74
N GLU Q 410 -53.52 18.51 70.70
CA GLU Q 410 -54.90 18.95 70.90
C GLU Q 410 -55.82 17.78 71.24
N LEU Q 411 -55.57 16.61 70.67
CA LEU Q 411 -56.30 15.42 71.07
C LEU Q 411 -56.05 15.08 72.53
N GLU Q 412 -54.77 15.05 72.95
CA GLU Q 412 -54.44 14.78 74.34
C GLU Q 412 -55.10 15.80 75.27
N PHE Q 413 -55.13 17.07 74.86
CA PHE Q 413 -55.74 18.11 75.68
C PHE Q 413 -57.25 17.91 75.81
N LEU Q 414 -57.95 17.71 74.69
CA LEU Q 414 -59.39 17.49 74.75
C LEU Q 414 -59.74 16.20 75.47
N CYS Q 415 -58.87 15.19 75.41
CA CYS Q 415 -59.06 13.97 76.19
C CYS Q 415 -58.56 14.10 77.63
N GLY Q 416 -57.87 15.19 77.96
CA GLY Q 416 -57.34 15.37 79.29
C GLY Q 416 -56.20 14.46 79.67
N ILE Q 417 -55.69 13.67 78.73
CA ILE Q 417 -54.58 12.76 79.01
C ILE Q 417 -53.27 13.55 78.91
N GLU Q 418 -52.59 13.70 80.05
CA GLU Q 418 -51.30 14.36 80.07
C GLU Q 418 -50.30 13.58 79.22
N PRO Q 419 -49.31 14.26 78.62
CA PRO Q 419 -48.33 13.55 77.78
C PRO Q 419 -47.43 12.63 78.58
N THR Q 420 -47.76 11.33 78.56
CA THR Q 420 -47.00 10.33 79.32
C THR Q 420 -45.81 9.83 78.52
N GLU Q 421 -45.03 10.76 77.97
CA GLU Q 421 -44.02 10.39 76.98
C GLU Q 421 -42.87 11.39 77.03
N GLU Q 422 -41.73 10.96 76.51
CA GLU Q 422 -40.57 11.83 76.37
C GLU Q 422 -40.74 12.73 75.15
N PHE Q 423 -40.18 13.94 75.26
CA PHE Q 423 -40.11 14.81 74.10
C PHE Q 423 -38.71 14.85 73.51
N ASP Q 424 -37.81 15.62 74.13
CA ASP Q 424 -36.51 15.93 73.56
C ASP Q 424 -35.50 14.81 73.74
N THR Q 425 -35.87 13.70 74.38
CA THR Q 425 -34.97 12.56 74.49
C THR Q 425 -34.66 11.97 73.12
N LYS Q 426 -33.37 11.88 72.82
CA LYS Q 426 -32.90 11.64 71.46
C LYS Q 426 -33.11 10.20 71.01
N ASN Q 427 -34.37 9.77 70.96
CA ASN Q 427 -34.70 8.45 70.43
C ASN Q 427 -36.05 8.50 69.75
N ASN Q 428 -36.31 7.48 68.93
CA ASN Q 428 -37.58 7.32 68.23
C ASN Q 428 -38.47 6.28 68.91
N ASP Q 429 -38.42 6.19 70.23
CA ASP Q 429 -39.22 5.25 70.99
C ASP Q 429 -40.69 5.37 70.59
N SER Q 430 -41.23 4.27 70.06
CA SER Q 430 -42.61 4.24 69.56
C SER Q 430 -43.64 4.63 70.60
N SER Q 431 -43.29 4.62 71.89
CA SER Q 431 -44.22 5.15 72.89
C SER Q 431 -44.47 6.64 72.71
N LYS Q 432 -43.52 7.35 72.11
CA LYS Q 432 -43.77 8.75 71.74
C LYS Q 432 -44.90 8.86 70.73
N PHE Q 433 -44.82 8.08 69.66
CA PHE Q 433 -45.74 8.14 68.53
C PHE Q 433 -46.97 7.26 68.71
N VAL Q 434 -47.46 7.12 69.95
CA VAL Q 434 -48.55 6.20 70.25
C VAL Q 434 -49.77 6.50 69.40
N HIS Q 435 -50.36 5.44 68.83
CA HIS Q 435 -51.63 5.50 68.12
C HIS Q 435 -52.75 5.19 69.11
N TYR Q 436 -53.34 6.25 69.66
CA TYR Q 436 -54.36 6.10 70.70
C TYR Q 436 -55.54 5.28 70.18
N GLU Q 437 -55.90 4.25 70.96
CA GLU Q 437 -56.93 3.31 70.55
C GLU Q 437 -58.26 4.02 70.34
N PRO Q 438 -59.11 3.49 69.44
CA PRO Q 438 -60.37 4.17 69.13
C PRO Q 438 -61.22 4.52 70.34
N GLU Q 439 -61.22 3.69 71.39
CA GLU Q 439 -61.97 3.99 72.60
C GLU Q 439 -61.46 5.22 73.34
N THR Q 440 -60.28 5.73 72.98
CA THR Q 440 -59.79 6.99 73.52
C THR Q 440 -60.45 8.19 72.83
N VAL Q 441 -60.97 8.01 71.62
CA VAL Q 441 -61.49 9.12 70.84
C VAL Q 441 -62.99 9.00 70.63
N GLU Q 442 -63.59 7.83 70.86
CA GLU Q 442 -65.05 7.71 70.81
C GLU Q 442 -65.76 8.75 71.67
N PRO Q 443 -65.27 9.12 72.87
CA PRO Q 443 -65.86 10.25 73.60
C PRO Q 443 -66.26 11.44 72.75
N LEU Q 444 -65.40 11.82 71.81
CA LEU Q 444 -65.63 13.02 71.01
C LEU Q 444 -66.40 12.74 69.72
N TRP Q 445 -66.59 11.48 69.37
CA TRP Q 445 -67.18 11.15 68.07
C TRP Q 445 -68.66 11.46 67.95
N HIS Q 446 -69.00 12.74 67.86
CA HIS Q 446 -70.38 13.13 67.57
C HIS Q 446 -70.88 12.39 66.33
N GLU Q 447 -72.16 12.00 66.36
CA GLU Q 447 -72.74 11.11 65.36
C GLU Q 447 -72.76 11.62 63.92
N ASN Q 448 -71.99 12.66 63.60
CA ASN Q 448 -71.89 13.11 62.22
C ASN Q 448 -70.48 12.95 61.67
N LEU Q 449 -69.45 13.16 62.49
CA LEU Q 449 -68.06 13.10 62.07
C LEU Q 449 -67.79 11.88 61.21
N LYS Q 450 -67.35 12.11 59.97
CA LYS Q 450 -66.97 11.00 59.11
C LYS Q 450 -65.53 10.54 59.30
N ILE Q 451 -64.59 11.47 59.37
CA ILE Q 451 -63.17 11.13 59.45
C ILE Q 451 -62.41 12.16 60.28
N LEU Q 452 -61.84 11.74 61.39
CA LEU Q 452 -60.95 12.59 62.17
C LEU Q 452 -59.50 12.27 61.82
N PHE Q 453 -58.73 13.32 61.50
CA PHE Q 453 -57.28 13.20 61.35
C PHE Q 453 -56.60 13.78 62.58
N VAL Q 454 -55.68 13.01 63.16
CA VAL Q 454 -54.83 13.48 64.25
C VAL Q 454 -53.40 13.52 63.75
N THR Q 455 -52.79 14.70 63.77
CA THR Q 455 -51.49 14.89 63.13
C THR Q 455 -50.43 15.19 64.18
N ASN Q 456 -49.39 14.38 64.20
CA ASN Q 456 -48.16 14.69 64.94
C ASN Q 456 -47.15 15.33 63.98
N GLY Q 457 -47.59 16.42 63.37
CA GLY Q 457 -46.88 17.04 62.29
C GLY Q 457 -46.70 16.07 61.13
N THR Q 458 -45.63 16.27 60.37
CA THR Q 458 -45.29 15.37 59.28
C THR Q 458 -44.64 14.07 59.74
N SER Q 459 -44.32 13.92 61.03
CA SER Q 459 -43.80 12.65 61.51
C SER Q 459 -44.80 11.52 61.38
N LYS Q 460 -46.06 11.76 61.72
CA LYS Q 460 -47.06 10.69 61.71
C LYS Q 460 -48.44 11.30 61.65
N ILE Q 461 -49.28 10.83 60.73
CA ILE Q 461 -50.68 11.23 60.68
C ILE Q 461 -51.55 10.01 60.96
N HIS Q 462 -52.29 10.06 62.07
CA HIS Q 462 -53.31 9.09 62.40
C HIS Q 462 -54.63 9.52 61.77
N TYR Q 463 -55.49 8.54 61.52
CA TYR Q 463 -56.86 8.80 61.10
C TYR Q 463 -57.79 7.81 61.76
N TYR Q 464 -59.04 8.25 61.94
CA TYR Q 464 -60.08 7.46 62.59
C TYR Q 464 -61.39 7.68 61.86
N THR Q 465 -62.20 6.63 61.80
CA THR Q 465 -63.58 6.70 61.33
C THR Q 465 -64.45 5.85 62.23
N LYS Q 466 -65.74 5.77 61.88
CA LYS Q 466 -66.65 4.85 62.54
C LYS Q 466 -66.24 3.39 62.39
N GLU Q 467 -65.43 3.07 61.39
CA GLU Q 467 -65.16 1.68 61.06
C GLU Q 467 -63.68 1.38 60.90
N HIS Q 468 -62.90 2.39 60.50
CA HIS Q 468 -61.50 2.22 60.20
C HIS Q 468 -60.67 3.19 61.04
N ASN Q 469 -59.46 2.75 61.39
CA ASN Q 469 -58.49 3.64 62.01
C ASN Q 469 -57.09 3.14 61.67
N GLY Q 470 -56.12 4.04 61.79
CA GLY Q 470 -54.75 3.69 61.46
C GLY Q 470 -53.87 4.92 61.49
N ALA Q 471 -52.62 4.72 61.04
CA ALA Q 471 -51.70 5.84 60.95
C ALA Q 471 -50.69 5.59 59.85
N VAL Q 472 -50.20 6.68 59.25
CA VAL Q 472 -49.10 6.64 58.29
C VAL Q 472 -47.90 7.34 58.92
N LEU Q 473 -46.76 6.64 58.93
CA LEU Q 473 -45.51 7.20 59.43
C LEU Q 473 -44.87 8.03 58.33
N GLY Q 474 -44.80 9.34 58.53
CA GLY Q 474 -44.14 10.20 57.57
C GLY Q 474 -42.68 10.43 57.85
N MET Q 475 -42.22 11.66 57.65
CA MET Q 475 -40.88 12.06 58.04
C MET Q 475 -40.91 13.53 58.40
N GLU Q 476 -39.98 13.94 59.26
CA GLU Q 476 -39.91 15.34 59.66
C GLU Q 476 -38.47 15.85 59.72
N ASP Q 477 -37.51 15.11 59.17
CA ASP Q 477 -36.15 15.60 58.99
C ASP Q 477 -36.02 16.51 57.77
N VAL Q 478 -36.97 17.42 57.59
CA VAL Q 478 -36.88 18.48 56.59
C VAL Q 478 -35.95 19.58 57.11
N PRO Q 479 -35.44 20.46 56.26
CA PRO Q 479 -34.68 21.62 56.76
C PRO Q 479 -35.49 22.41 57.76
N ILE Q 480 -34.99 22.48 58.99
CA ILE Q 480 -35.52 23.40 59.98
C ILE Q 480 -34.61 24.61 60.04
N THR Q 481 -35.21 25.78 60.13
CA THR Q 481 -34.48 27.02 60.26
C THR Q 481 -35.21 27.87 61.29
N PRO Q 482 -34.52 28.84 61.90
CA PRO Q 482 -35.24 30.00 62.42
C PRO Q 482 -35.99 30.67 61.28
N PHE Q 483 -37.09 31.35 61.64
CA PHE Q 483 -38.16 31.78 60.74
C PHE Q 483 -39.05 30.62 60.30
N THR Q 484 -38.62 29.38 60.56
CA THR Q 484 -39.46 28.20 60.31
C THR Q 484 -39.43 27.25 61.51
N ARG Q 485 -38.85 27.69 62.62
CA ARG Q 485 -38.74 26.88 63.83
C ARG Q 485 -40.07 26.26 64.24
N ASP Q 486 -41.18 26.99 64.07
CA ASP Q 486 -42.47 26.54 64.58
C ASP Q 486 -43.09 25.41 63.77
N MET Q 487 -42.59 25.11 62.57
CA MET Q 487 -43.12 24.04 61.72
C MET Q 487 -44.57 24.30 61.31
N SER Q 488 -45.03 25.54 61.39
CA SER Q 488 -46.43 25.88 61.11
C SER Q 488 -46.83 25.52 59.68
N ALA Q 489 -46.00 25.91 58.71
CA ALA Q 489 -46.34 25.67 57.32
C ALA Q 489 -46.45 24.19 56.98
N SER Q 490 -45.76 23.31 57.71
CA SER Q 490 -46.02 21.89 57.52
C SER Q 490 -47.45 21.53 57.90
N GLY Q 491 -47.95 22.15 58.96
CA GLY Q 491 -49.33 21.90 59.35
C GLY Q 491 -50.32 22.44 58.34
N ASP Q 492 -50.06 23.64 57.83
CA ASP Q 492 -50.89 24.18 56.76
C ASP Q 492 -50.88 23.28 55.52
N GLY Q 493 -49.69 22.79 55.14
CA GLY Q 493 -49.61 21.88 54.01
C GLY Q 493 -50.34 20.57 54.24
N ILE Q 494 -50.25 20.03 55.46
CA ILE Q 494 -50.98 18.81 55.79
C ILE Q 494 -52.48 19.03 55.63
N VAL Q 495 -52.99 20.10 56.26
CA VAL Q 495 -54.41 20.40 56.18
C VAL Q 495 -54.85 20.60 54.73
N ALA Q 496 -54.06 21.34 53.95
CA ALA Q 496 -54.37 21.54 52.54
C ALA Q 496 -54.38 20.23 51.76
N GLY Q 497 -53.46 19.31 52.07
CA GLY Q 497 -53.46 18.03 51.38
C GLY Q 497 -54.67 17.19 51.73
N LEU Q 498 -55.05 17.19 53.01
CA LEU Q 498 -56.27 16.50 53.42
C LEU Q 498 -57.48 17.07 52.71
N ILE Q 499 -57.61 18.40 52.71
CA ILE Q 499 -58.74 19.06 52.05
C ILE Q 499 -58.76 18.70 50.56
N ARG Q 500 -57.59 18.78 49.91
CA ARG Q 500 -57.49 18.45 48.50
C ARG Q 500 -58.02 17.05 48.22
N MET Q 501 -57.48 16.05 48.92
CA MET Q 501 -57.86 14.67 48.64
C MET Q 501 -59.32 14.41 48.96
N LEU Q 502 -59.79 14.87 50.12
CA LEU Q 502 -61.16 14.57 50.53
C LEU Q 502 -62.17 15.30 49.66
N THR Q 503 -61.86 16.52 49.22
CA THR Q 503 -62.78 17.27 48.37
C THR Q 503 -62.81 16.72 46.95
N VAL Q 504 -61.65 16.30 46.42
CA VAL Q 504 -61.61 15.85 45.03
C VAL Q 504 -62.14 14.44 44.86
N GLN Q 505 -62.37 13.72 45.96
CA GLN Q 505 -62.97 12.38 45.90
C GLN Q 505 -63.87 12.19 47.12
N PRO Q 506 -64.98 12.92 47.19
CA PRO Q 506 -65.82 12.88 48.41
C PRO Q 506 -66.40 11.52 48.72
N ASP Q 507 -66.60 10.67 47.72
CA ASP Q 507 -67.27 9.39 47.92
C ASP Q 507 -66.44 8.37 48.66
N LEU Q 508 -65.13 8.58 48.79
CA LEU Q 508 -64.25 7.67 49.53
C LEU Q 508 -63.87 8.22 50.90
N MET Q 509 -64.77 8.99 51.52
CA MET Q 509 -64.55 9.52 52.86
C MET Q 509 -64.37 8.43 53.90
N ASN Q 510 -64.67 7.17 53.58
CA ASN Q 510 -64.65 6.08 54.54
C ASN Q 510 -64.09 4.82 53.89
N ASP Q 511 -63.05 4.98 53.07
CA ASP Q 511 -62.33 3.87 52.46
C ASP Q 511 -60.90 3.92 53.00
N LYS Q 512 -60.53 2.91 53.78
CA LYS Q 512 -59.22 2.91 54.44
C LYS Q 512 -58.08 3.04 53.44
N GLY Q 513 -58.22 2.46 52.25
CA GLY Q 513 -57.19 2.65 51.24
C GLY Q 513 -57.03 4.11 50.84
N TYR Q 514 -58.16 4.78 50.63
CA TYR Q 514 -58.10 6.19 50.26
C TYR Q 514 -57.65 7.04 51.44
N LEU Q 515 -58.00 6.65 52.66
CA LEU Q 515 -57.55 7.43 53.81
C LEU Q 515 -56.05 7.31 54.02
N GLU Q 516 -55.50 6.11 53.81
CA GLU Q 516 -54.05 5.95 53.79
C GLU Q 516 -53.41 6.84 52.73
N ARG Q 517 -53.92 6.77 51.50
CA ARG Q 517 -53.37 7.60 50.44
C ARG Q 517 -53.48 9.09 50.76
N THR Q 518 -54.59 9.50 51.37
CA THR Q 518 -54.81 10.90 51.71
C THR Q 518 -53.85 11.37 52.79
N ALA Q 519 -53.69 10.57 53.84
CA ALA Q 519 -52.74 10.92 54.90
C ALA Q 519 -51.33 11.00 54.35
N ARG Q 520 -50.93 10.04 53.51
CA ARG Q 520 -49.61 10.09 52.90
C ARG Q 520 -49.43 11.36 52.08
N TYR Q 521 -50.42 11.67 51.23
CA TYR Q 521 -50.39 12.89 50.44
C TYR Q 521 -50.24 14.12 51.32
N ALA Q 522 -50.91 14.13 52.48
CA ALA Q 522 -50.79 15.25 53.40
C ALA Q 522 -49.38 15.34 53.95
N ILE Q 523 -48.79 14.19 54.30
CA ILE Q 523 -47.44 14.21 54.85
C ILE Q 523 -46.49 14.79 53.81
N GLU Q 524 -46.65 14.36 52.57
CA GLU Q 524 -45.78 14.83 51.49
C GLU Q 524 -45.93 16.34 51.32
N CYS Q 525 -47.19 16.81 51.25
CA CYS Q 525 -47.42 18.23 51.04
C CYS Q 525 -46.81 19.05 52.18
N GLY Q 526 -46.90 18.54 53.41
CA GLY Q 526 -46.33 19.26 54.53
C GLY Q 526 -44.83 19.34 54.44
N VAL Q 527 -44.19 18.21 54.13
CA VAL Q 527 -42.74 18.20 53.94
C VAL Q 527 -42.35 19.24 52.89
N VAL Q 528 -43.03 19.19 51.73
CA VAL Q 528 -42.70 20.08 50.62
C VAL Q 528 -42.89 21.54 51.01
N ASP Q 529 -43.88 21.82 51.87
CA ASP Q 529 -44.15 23.21 52.22
C ASP Q 529 -43.12 23.72 53.22
N GLN Q 530 -42.83 22.94 54.25
CA GLN Q 530 -41.83 23.44 55.19
C GLN Q 530 -40.46 23.51 54.53
N TRP Q 531 -40.25 22.70 53.48
CA TRP Q 531 -39.02 22.79 52.71
C TRP Q 531 -38.97 24.14 52.00
N LEU Q 532 -40.00 24.38 51.18
CA LEU Q 532 -40.07 25.65 50.45
C LEU Q 532 -39.84 26.81 51.41
N LEU Q 533 -40.56 26.77 52.55
CA LEU Q 533 -40.46 27.86 53.52
C LEU Q 533 -39.01 28.04 53.95
N ALA Q 534 -38.32 26.94 54.26
CA ALA Q 534 -36.94 27.06 54.70
C ALA Q 534 -36.10 27.70 53.60
N GLN Q 535 -36.35 27.30 52.34
CA GLN Q 535 -35.55 27.79 51.23
C GLN Q 535 -35.83 29.26 50.91
N THR Q 536 -37.00 29.77 51.28
CA THR Q 536 -37.37 31.14 50.97
C THR Q 536 -37.06 32.07 52.13
N ARG Q 537 -37.58 31.76 53.32
CA ARG Q 537 -37.40 32.62 54.48
C ARG Q 537 -35.92 32.75 54.81
N GLY Q 538 -35.22 31.63 54.89
CA GLY Q 538 -33.77 31.64 55.03
C GLY Q 538 -33.28 31.39 56.43
N TYR Q 539 -32.06 31.87 56.68
CA TYR Q 539 -31.36 31.76 57.93
C TYR Q 539 -30.95 33.15 58.41
N PRO Q 540 -31.05 33.43 59.70
CA PRO Q 540 -30.69 34.77 60.18
C PRO Q 540 -29.19 34.94 60.16
N PRO Q 541 -28.70 36.20 59.99
CA PRO Q 541 -27.28 36.53 59.85
C PRO Q 541 -26.35 35.78 60.81
N ALA R 49 -56.18 16.14 1.21
CA ALA R 49 -57.43 16.09 0.44
C ALA R 49 -57.14 15.75 -1.02
N SER R 50 -56.20 14.84 -1.24
CA SER R 50 -55.77 14.47 -2.60
C SER R 50 -56.68 13.36 -3.13
N LEU R 51 -57.93 13.73 -3.35
CA LEU R 51 -58.97 12.84 -3.86
C LEU R 51 -60.27 13.61 -4.00
N GLU R 52 -61.41 12.92 -3.80
CA GLU R 52 -62.74 13.50 -3.81
C GLU R 52 -63.17 13.91 -5.22
N THR R 53 -64.46 14.14 -5.41
CA THR R 53 -64.99 14.61 -6.68
C THR R 53 -66.14 15.57 -6.43
N GLN R 54 -66.49 16.31 -7.48
CA GLN R 54 -67.59 17.26 -7.55
C GLN R 54 -67.53 18.47 -6.62
N PRO R 55 -66.38 19.12 -6.39
CA PRO R 55 -66.43 20.38 -5.65
C PRO R 55 -67.05 21.41 -6.59
N PHE R 56 -67.74 22.40 -6.03
CA PHE R 56 -68.44 23.27 -6.95
C PHE R 56 -68.43 24.70 -6.41
N PRO R 57 -68.65 25.69 -7.29
CA PRO R 57 -68.82 27.08 -6.84
C PRO R 57 -70.26 27.33 -6.43
N LEU R 58 -70.48 27.56 -5.14
CA LEU R 58 -71.81 27.78 -4.59
C LEU R 58 -72.60 28.77 -5.44
N PHE R 59 -73.75 28.32 -5.95
CA PHE R 59 -74.60 29.13 -6.81
C PHE R 59 -75.47 30.11 -6.03
N GLN R 60 -75.18 30.35 -4.75
CA GLN R 60 -75.84 31.44 -4.04
C GLN R 60 -75.53 32.80 -4.65
N SER R 61 -74.31 32.98 -5.18
CA SER R 61 -73.97 34.26 -5.80
C SER R 61 -74.62 34.46 -7.16
N PRO R 62 -74.62 33.48 -8.08
CA PRO R 62 -75.44 33.61 -9.30
C PRO R 62 -76.92 33.40 -9.04
N ALA R 63 -77.49 34.21 -8.16
CA ALA R 63 -78.92 34.24 -7.88
C ALA R 63 -79.42 35.68 -7.87
N SER R 64 -78.89 36.49 -8.79
CA SER R 64 -79.18 37.92 -8.88
C SER R 64 -80.58 38.21 -9.42
N GLU R 65 -81.40 37.19 -9.68
CA GLU R 65 -82.65 37.42 -10.40
C GLU R 65 -83.57 38.34 -9.62
N GLU R 66 -83.67 38.15 -8.31
CA GLU R 66 -84.44 39.06 -7.45
C GLU R 66 -83.59 40.21 -6.93
N SER R 67 -82.32 40.29 -7.32
CA SER R 67 -81.31 41.13 -6.70
C SER R 67 -81.01 40.70 -5.26
N GLU R 71 -72.11 40.20 -2.33
CA GLU R 71 -71.99 40.23 -3.78
C GLU R 71 -70.68 39.59 -4.23
N LEU R 72 -69.74 39.46 -3.30
CA LEU R 72 -68.43 38.89 -3.57
C LEU R 72 -68.03 37.99 -2.40
N GLU R 73 -68.84 36.95 -2.16
CA GLU R 73 -68.47 35.94 -1.18
C GLU R 73 -67.22 35.20 -1.60
N SER R 74 -66.52 34.64 -0.62
CA SER R 74 -65.35 33.81 -0.89
C SER R 74 -65.73 32.59 -1.72
N ALA R 75 -64.86 32.24 -2.66
CA ALA R 75 -64.96 30.96 -3.34
C ALA R 75 -64.88 29.82 -2.35
N ASP R 76 -65.48 28.69 -2.72
CA ASP R 76 -65.44 27.49 -1.89
C ASP R 76 -63.99 27.18 -1.52
N PRO R 77 -63.66 27.04 -0.23
CA PRO R 77 -62.26 26.80 0.16
C PRO R 77 -61.61 25.63 -0.55
N ASP R 78 -62.38 24.62 -0.97
CA ASP R 78 -61.82 23.52 -1.73
C ASP R 78 -61.21 24.00 -3.05
N PHE R 79 -61.73 25.10 -3.60
CA PHE R 79 -61.18 25.64 -4.84
C PHE R 79 -59.72 26.04 -4.69
N TYR R 80 -59.37 26.66 -3.57
CA TYR R 80 -57.96 26.91 -3.29
C TYR R 80 -57.24 25.65 -2.82
N LYS R 81 -57.91 24.83 -2.00
CA LYS R 81 -57.26 23.65 -1.42
C LYS R 81 -56.73 22.70 -2.48
N ILE R 82 -57.51 22.46 -3.53
CA ILE R 82 -57.06 21.55 -4.59
C ILE R 82 -55.78 22.04 -5.25
N GLY R 83 -55.54 23.35 -5.24
CA GLY R 83 -54.27 23.88 -5.69
C GLY R 83 -53.18 23.80 -4.65
N TYR R 84 -53.53 24.15 -3.42
CA TYR R 84 -52.53 24.21 -2.34
C TYR R 84 -51.93 22.83 -2.08
N VAL R 85 -52.76 21.79 -2.19
CA VAL R 85 -52.25 20.42 -2.10
C VAL R 85 -51.33 20.09 -3.27
N ARG R 86 -51.42 20.84 -4.36
CA ARG R 86 -50.58 20.63 -5.54
C ARG R 86 -49.62 21.78 -5.79
N ARG R 87 -49.10 22.39 -4.72
CA ARG R 87 -48.03 23.37 -4.74
C ARG R 87 -48.43 24.69 -5.40
N VAL R 88 -49.72 24.92 -5.66
CA VAL R 88 -50.16 26.29 -5.90
C VAL R 88 -49.98 27.10 -4.63
N ARG R 89 -49.59 28.37 -4.78
CA ARG R 89 -49.57 29.29 -3.66
C ARG R 89 -50.18 30.62 -4.08
N ALA R 90 -51.12 31.11 -3.28
CA ALA R 90 -51.62 32.47 -3.39
C ALA R 90 -51.08 33.29 -2.24
N TYR R 91 -50.45 34.42 -2.56
CA TYR R 91 -49.87 35.30 -1.54
C TYR R 91 -50.66 36.60 -1.49
N GLY R 92 -51.32 36.86 -0.37
CA GLY R 92 -52.04 38.10 -0.19
C GLY R 92 -53.25 38.29 -1.08
N VAL R 93 -53.82 37.22 -1.63
CA VAL R 93 -54.97 37.35 -2.51
C VAL R 93 -56.00 36.28 -2.16
N GLU R 94 -57.25 36.55 -2.53
CA GLU R 94 -58.39 35.71 -2.22
C GLU R 94 -59.27 35.57 -3.45
N PHE R 95 -59.73 34.34 -3.69
CA PHE R 95 -60.71 34.08 -4.73
C PHE R 95 -62.09 34.48 -4.23
N LYS R 96 -62.78 35.36 -4.96
CA LYS R 96 -64.11 35.80 -4.59
C LYS R 96 -65.09 35.53 -5.72
N GLU R 97 -66.33 35.23 -5.33
CA GLU R 97 -67.33 34.69 -6.24
C GLU R 97 -68.48 35.69 -6.37
N GLY R 98 -68.44 36.51 -7.41
CA GLY R 98 -69.54 37.39 -7.72
C GLY R 98 -70.48 36.75 -8.71
N PRO R 99 -71.60 37.44 -9.01
CA PRO R 99 -72.47 36.95 -10.09
C PRO R 99 -71.81 37.01 -11.46
N ASP R 100 -70.80 37.85 -11.62
CA ASP R 100 -69.93 37.82 -12.79
C ASP R 100 -68.80 36.80 -12.66
N GLY R 101 -68.97 35.78 -11.82
CA GLY R 101 -68.01 34.71 -11.70
C GLY R 101 -66.88 35.03 -10.74
N PHE R 102 -65.79 34.29 -10.90
CA PHE R 102 -64.67 34.42 -10.00
C PHE R 102 -63.87 35.69 -10.28
N GLY R 103 -63.15 36.13 -9.25
CA GLY R 103 -62.12 37.13 -9.42
C GLY R 103 -61.08 36.98 -8.33
N ILE R 104 -59.91 37.54 -8.57
CA ILE R 104 -58.84 37.63 -7.58
C ILE R 104 -58.90 39.01 -6.95
N TYR R 105 -58.95 39.06 -5.61
CA TYR R 105 -58.95 40.33 -4.91
C TYR R 105 -57.91 40.30 -3.81
N ALA R 106 -57.20 41.40 -3.65
CA ALA R 106 -56.20 41.47 -2.59
C ALA R 106 -56.87 41.38 -1.22
N SER R 107 -56.40 40.45 -0.40
CA SER R 107 -56.94 40.24 0.92
C SER R 107 -56.19 41.02 1.99
N LYS R 108 -55.15 41.75 1.59
CA LYS R 108 -54.36 42.56 2.48
C LYS R 108 -53.85 43.76 1.70
N ASP R 109 -53.60 44.86 2.40
CA ASP R 109 -52.82 45.93 1.79
C ASP R 109 -51.40 45.44 1.55
N ILE R 110 -50.91 45.61 0.33
CA ILE R 110 -49.56 45.22 -0.06
C ILE R 110 -48.73 46.47 -0.25
N GLU R 111 -47.65 46.58 0.52
CA GLU R 111 -46.76 47.72 0.43
C GLU R 111 -46.05 47.72 -0.94
N PRO R 112 -45.61 48.87 -1.41
CA PRO R 112 -44.82 48.91 -2.64
C PRO R 112 -43.47 48.24 -2.44
N ARG R 113 -42.91 47.74 -3.54
CA ARG R 113 -41.66 47.01 -3.52
C ARG R 113 -40.81 47.42 -4.71
N ARG R 114 -39.50 47.21 -4.57
CA ARG R 114 -38.56 47.75 -5.54
C ARG R 114 -38.56 46.94 -6.83
N ARG R 115 -38.36 45.63 -6.72
CA ARG R 115 -38.79 44.71 -7.77
C ARG R 115 -40.28 44.45 -7.67
N ALA R 116 -40.83 43.91 -8.76
CA ALA R 116 -42.19 43.38 -8.74
C ALA R 116 -42.31 42.30 -7.66
N ARG R 117 -43.46 42.28 -7.00
CA ARG R 117 -43.71 41.35 -5.90
C ARG R 117 -44.60 40.21 -6.38
N VAL R 118 -44.19 38.98 -6.07
CA VAL R 118 -45.00 37.81 -6.39
C VAL R 118 -46.33 37.89 -5.65
N ILE R 119 -47.43 37.64 -6.36
CA ILE R 119 -48.71 37.42 -5.70
C ILE R 119 -49.25 36.03 -5.93
N MET R 120 -48.77 35.29 -6.93
CA MET R 120 -49.24 33.92 -7.08
C MET R 120 -48.16 33.06 -7.75
N GLU R 121 -48.18 31.77 -7.43
CA GLU R 121 -47.34 30.77 -8.10
C GLU R 121 -48.20 29.59 -8.51
N ILE R 122 -48.20 29.29 -9.81
CA ILE R 122 -48.89 28.11 -10.36
C ILE R 122 -47.87 27.17 -10.96
N PRO R 123 -47.82 25.91 -10.56
CA PRO R 123 -46.85 24.98 -11.13
C PRO R 123 -47.29 24.42 -12.48
N HIS R 124 -46.31 24.23 -13.36
CA HIS R 124 -46.58 23.82 -14.74
C HIS R 124 -47.38 22.53 -14.83
N GLU R 125 -47.20 21.61 -13.89
CA GLU R 125 -47.90 20.32 -13.95
C GLU R 125 -49.41 20.47 -14.01
N LEU R 126 -49.97 21.56 -13.52
CA LEU R 126 -51.42 21.75 -13.52
C LEU R 126 -51.91 22.46 -14.76
N MET R 127 -51.03 22.89 -15.64
CA MET R 127 -51.40 23.65 -16.82
C MET R 127 -51.76 22.72 -17.98
N ILE R 128 -52.32 23.32 -19.03
CA ILE R 128 -52.43 22.65 -20.32
C ILE R 128 -51.70 23.49 -21.36
N THR R 129 -51.01 22.85 -22.30
CA THR R 129 -50.25 23.60 -23.29
C THR R 129 -50.36 22.95 -24.66
N ILE R 130 -50.45 23.79 -25.69
CA ILE R 130 -50.24 23.43 -27.08
C ILE R 130 -49.14 24.33 -27.64
N ARG R 131 -48.26 23.75 -28.45
CA ARG R 131 -47.33 24.56 -29.20
C ARG R 131 -48.07 25.49 -30.16
N GLN R 132 -47.62 26.74 -30.22
CA GLN R 132 -48.27 27.71 -31.10
C GLN R 132 -47.98 27.40 -32.56
N LYS R 133 -46.80 26.90 -32.86
CA LYS R 133 -46.37 26.60 -34.22
C LYS R 133 -46.50 25.10 -34.54
N HIS R 134 -46.45 24.81 -35.84
CA HIS R 134 -46.98 23.56 -36.40
C HIS R 134 -46.60 22.29 -35.66
N PRO R 135 -45.34 22.04 -35.29
CA PRO R 135 -45.00 20.71 -34.76
C PRO R 135 -45.59 20.46 -33.38
N TRP R 136 -46.79 19.89 -33.36
CA TRP R 136 -47.60 19.82 -32.15
C TRP R 136 -46.92 18.94 -31.10
N MET R 137 -46.75 19.49 -29.90
CA MET R 137 -46.20 18.79 -28.76
C MET R 137 -46.94 19.24 -27.51
N PHE R 138 -46.98 18.36 -26.51
CA PHE R 138 -47.69 18.66 -25.27
C PHE R 138 -46.72 18.48 -24.12
N PHE R 139 -46.53 19.53 -23.33
CA PHE R 139 -45.43 19.51 -22.38
C PHE R 139 -45.80 18.97 -20.99
N PRO R 140 -47.07 19.05 -20.57
CA PRO R 140 -47.57 18.05 -19.62
C PRO R 140 -47.73 16.67 -20.25
N ASP R 141 -47.72 16.61 -21.59
CA ASP R 141 -47.73 15.36 -22.35
C ASP R 141 -48.83 14.41 -21.91
N ILE R 142 -50.03 14.95 -21.74
CA ILE R 142 -51.14 14.13 -21.26
C ILE R 142 -51.44 13.04 -22.26
N VAL R 143 -51.46 13.38 -23.54
CA VAL R 143 -51.97 12.53 -24.62
C VAL R 143 -51.01 11.40 -24.92
N PRO R 144 -51.42 10.14 -24.74
CA PRO R 144 -50.55 9.02 -25.12
C PRO R 144 -50.17 9.09 -26.60
N ILE R 145 -48.98 8.57 -26.90
CA ILE R 145 -48.53 8.50 -28.28
C ILE R 145 -49.47 7.63 -29.10
N GLY R 146 -49.85 8.13 -30.28
CA GLY R 146 -50.76 7.43 -31.16
C GLY R 146 -52.22 7.48 -30.76
N HIS R 147 -52.59 8.28 -29.78
CA HIS R 147 -53.99 8.44 -29.43
C HIS R 147 -54.73 9.18 -30.54
N PRO R 148 -55.95 8.74 -30.89
CA PRO R 148 -56.74 9.45 -31.91
C PRO R 148 -56.83 10.96 -31.71
N ILE R 149 -56.70 11.44 -30.48
CA ILE R 149 -56.69 12.89 -30.24
C ILE R 149 -55.61 13.56 -31.06
N PHE R 150 -54.46 12.92 -31.25
CA PHE R 150 -53.41 13.55 -32.03
C PHE R 150 -53.80 13.67 -33.50
N ASP R 151 -54.53 12.68 -34.03
CA ASP R 151 -55.02 12.76 -35.39
C ASP R 151 -56.05 13.87 -35.53
N ILE R 152 -56.94 13.99 -34.57
CA ILE R 152 -57.96 15.03 -34.62
C ILE R 152 -57.30 16.41 -34.54
N ILE R 153 -56.39 16.58 -33.60
CA ILE R 153 -55.73 17.86 -33.37
C ILE R 153 -54.87 18.26 -34.56
N ASN R 154 -54.25 17.28 -35.24
CA ASN R 154 -53.53 17.58 -36.47
C ASN R 154 -54.47 18.07 -37.58
N SER R 155 -55.71 17.63 -37.58
CA SER R 155 -56.64 18.05 -38.64
C SER R 155 -57.12 19.48 -38.48
N THR R 156 -56.59 20.21 -37.51
CA THR R 156 -56.83 21.63 -37.36
C THR R 156 -55.88 22.45 -38.21
N ASP R 157 -56.32 23.64 -38.59
CA ASP R 157 -55.44 24.57 -39.28
C ASP R 157 -54.36 25.05 -38.31
N PRO R 158 -53.10 25.09 -38.73
CA PRO R 158 -52.01 25.46 -37.81
C PRO R 158 -52.23 26.76 -37.06
N GLU R 159 -52.89 27.75 -37.65
CA GLU R 159 -53.05 29.05 -37.03
C GLU R 159 -54.49 29.53 -36.92
N ARG R 160 -55.42 28.97 -37.69
CA ARG R 160 -56.81 29.38 -37.59
C ARG R 160 -57.56 28.67 -36.45
N ASP R 161 -57.11 27.47 -36.06
CA ASP R 161 -57.92 26.58 -35.24
C ASP R 161 -57.25 26.25 -33.90
N TRP R 162 -56.38 27.14 -33.41
CA TRP R 162 -55.73 26.90 -32.12
C TRP R 162 -56.75 26.73 -31.01
N ASP R 163 -57.90 27.39 -31.12
CA ASP R 163 -58.94 27.23 -30.12
C ASP R 163 -59.55 25.83 -30.17
N LEU R 164 -59.72 25.27 -31.37
CA LEU R 164 -60.19 23.89 -31.49
C LEU R 164 -59.18 22.91 -30.89
N ARG R 165 -57.88 23.16 -31.08
CA ARG R 165 -56.86 22.32 -30.48
C ARG R 165 -56.92 22.37 -28.96
N LEU R 166 -56.97 23.58 -28.41
CA LEU R 166 -57.08 23.72 -26.95
C LEU R 166 -58.36 23.09 -26.43
N ALA R 167 -59.47 23.20 -27.16
CA ALA R 167 -60.70 22.54 -26.75
C ALA R 167 -60.55 21.03 -26.73
N CYS R 168 -59.85 20.47 -27.72
CA CYS R 168 -59.59 19.03 -27.71
C CYS R 168 -58.78 18.64 -26.47
N LEU R 169 -57.75 19.41 -26.16
CA LEU R 169 -56.95 19.13 -24.97
C LEU R 169 -57.77 19.26 -23.69
N LEU R 170 -58.59 20.31 -23.60
CA LEU R 170 -59.44 20.51 -22.43
C LEU R 170 -60.39 19.33 -22.22
N LEU R 171 -61.05 18.89 -23.29
CA LEU R 171 -61.95 17.74 -23.16
C LEU R 171 -61.19 16.48 -22.77
N PHE R 172 -60.06 16.22 -23.43
CA PHE R 172 -59.25 15.05 -23.07
C PHE R 172 -58.81 15.12 -21.62
N SER R 173 -58.50 16.32 -21.13
CA SER R 173 -58.10 16.50 -19.74
C SER R 173 -59.27 16.39 -18.78
N PHE R 174 -60.50 16.48 -19.29
CA PHE R 174 -61.62 16.08 -18.45
C PHE R 174 -61.84 14.58 -18.49
N ASP R 175 -61.36 13.91 -19.53
CA ASP R 175 -61.48 12.47 -19.61
C ASP R 175 -60.34 11.74 -18.91
N ARG R 176 -59.14 12.34 -18.92
CA ARG R 176 -57.98 11.76 -18.22
C ARG R 176 -58.17 11.88 -16.71
N GLU R 177 -58.49 10.75 -16.08
CA GLU R 177 -58.68 10.69 -14.64
C GLU R 177 -57.41 11.07 -13.88
N ASP R 178 -57.60 11.72 -12.73
CA ASP R 178 -56.52 12.24 -11.89
C ASP R 178 -55.55 13.16 -12.65
N HIS R 179 -56.02 13.81 -13.69
CA HIS R 179 -55.45 15.08 -14.11
C HIS R 179 -56.15 16.19 -13.35
N PHE R 180 -55.40 17.23 -13.00
CA PHE R 180 -55.94 18.29 -12.13
C PHE R 180 -57.23 18.89 -12.71
N TRP R 181 -57.33 18.98 -14.03
CA TRP R 181 -58.54 19.55 -14.61
C TRP R 181 -59.75 18.64 -14.48
N ARG R 182 -59.56 17.36 -14.17
CA ARG R 182 -60.68 16.51 -13.77
C ARG R 182 -61.45 17.14 -12.61
N LEU R 183 -60.72 17.72 -11.67
CA LEU R 183 -61.33 18.43 -10.54
C LEU R 183 -61.65 19.87 -10.89
N TYR R 184 -60.78 20.52 -11.66
CA TYR R 184 -60.94 21.94 -11.95
C TYR R 184 -62.12 22.24 -12.87
N GLY R 185 -62.53 21.29 -13.70
CA GLY R 185 -63.59 21.54 -14.66
C GLY R 185 -64.90 21.95 -14.04
N ASP R 186 -65.14 21.52 -12.79
CA ASP R 186 -66.34 21.96 -12.09
C ASP R 186 -66.37 23.46 -11.85
N PHE R 187 -65.20 24.10 -11.76
CA PHE R 187 -65.15 25.54 -11.53
C PHE R 187 -65.11 26.35 -12.81
N LEU R 188 -65.02 25.71 -13.97
CA LEU R 188 -65.20 26.42 -15.22
C LEU R 188 -66.67 26.79 -15.41
N PRO R 189 -66.96 27.94 -16.01
CA PRO R 189 -68.36 28.32 -16.23
C PRO R 189 -69.05 27.37 -17.20
N ALA R 190 -70.21 26.88 -16.79
CA ALA R 190 -71.01 26.01 -17.64
C ALA R 190 -71.53 26.76 -18.87
N ALA R 191 -72.08 25.99 -19.80
CA ALA R 191 -72.49 26.52 -21.09
C ALA R 191 -73.52 27.64 -21.00
N ASP R 192 -74.29 27.71 -19.91
CA ASP R 192 -75.27 28.76 -19.74
C ASP R 192 -74.73 30.01 -19.10
N GLU R 193 -73.55 29.96 -18.49
CA GLU R 193 -72.99 31.09 -17.77
C GLU R 193 -71.68 31.60 -18.37
N CYS R 194 -71.15 30.94 -19.40
CA CYS R 194 -70.00 31.47 -20.11
C CYS R 194 -70.39 32.67 -20.97
N SER R 195 -69.53 33.68 -20.97
CA SER R 195 -69.81 34.93 -21.67
C SER R 195 -69.49 34.88 -23.16
N SER R 196 -68.68 33.92 -23.59
CA SER R 196 -68.22 33.91 -24.98
C SER R 196 -69.39 33.71 -25.93
N LEU R 197 -69.47 34.58 -26.94
CA LEU R 197 -70.60 34.62 -27.87
C LEU R 197 -70.70 33.39 -28.76
N LEU R 198 -69.72 32.49 -28.73
CA LEU R 198 -69.86 31.21 -29.41
C LEU R 198 -71.06 30.42 -28.91
N LEU R 199 -71.55 30.72 -27.72
CA LEU R 199 -72.76 30.09 -27.18
C LEU R 199 -74.01 30.90 -27.45
N ALA R 200 -73.89 32.05 -28.11
CA ALA R 200 -75.04 32.88 -28.45
C ALA R 200 -75.83 32.27 -29.60
N THR R 201 -76.98 32.88 -29.88
CA THR R 201 -77.73 32.60 -31.11
C THR R 201 -78.28 33.91 -31.66
N GLU R 202 -78.94 33.80 -32.81
CA GLU R 202 -79.50 34.97 -33.49
C GLU R 202 -80.37 35.82 -32.57
N GLU R 203 -81.04 35.19 -31.60
CA GLU R 203 -81.80 35.95 -30.61
C GLU R 203 -80.92 36.94 -29.86
N ASP R 204 -79.65 36.60 -29.64
CA ASP R 204 -78.69 37.53 -29.05
C ASP R 204 -78.08 38.45 -30.10
N LEU R 205 -77.69 37.91 -31.24
CA LEU R 205 -76.96 38.71 -32.22
C LEU R 205 -77.83 39.79 -32.85
N ALA R 206 -79.15 39.59 -32.88
CA ALA R 206 -80.06 40.69 -33.23
C ALA R 206 -79.93 41.83 -32.22
N GLU R 207 -79.68 41.51 -30.96
CA GLU R 207 -79.45 42.52 -29.95
C GLU R 207 -78.03 43.06 -30.00
N LEU R 208 -77.13 42.38 -30.71
CA LEU R 208 -75.75 42.86 -30.80
C LEU R 208 -75.64 44.08 -31.72
N GLN R 209 -76.48 44.13 -32.76
CA GLN R 209 -76.59 45.32 -33.63
C GLN R 209 -75.24 45.76 -34.18
N ASP R 210 -74.42 44.79 -34.58
CA ASP R 210 -73.07 45.05 -35.07
C ASP R 210 -72.76 44.05 -36.18
N PRO R 211 -73.33 44.26 -37.37
CA PRO R 211 -73.39 43.18 -38.38
C PRO R 211 -72.06 42.53 -38.71
N GLN R 212 -70.96 43.29 -38.73
CA GLN R 212 -69.66 42.67 -38.98
C GLN R 212 -69.26 41.71 -37.86
N LEU R 213 -69.46 42.11 -36.61
CA LEU R 213 -69.16 41.22 -35.49
C LEU R 213 -70.14 40.05 -35.44
N VAL R 214 -71.41 40.30 -35.77
CA VAL R 214 -72.37 39.20 -35.90
C VAL R 214 -71.89 38.20 -36.94
N SER R 215 -71.39 38.69 -38.07
CA SER R 215 -70.89 37.81 -39.12
C SER R 215 -69.68 37.01 -38.66
N THR R 216 -68.77 37.65 -37.93
CA THR R 216 -67.58 36.93 -37.46
C THR R 216 -67.93 35.89 -36.40
N ILE R 217 -68.87 36.21 -35.51
CA ILE R 217 -69.36 35.21 -34.55
C ILE R 217 -70.03 34.05 -35.26
N ARG R 218 -70.87 34.35 -36.26
CA ARG R 218 -71.51 33.30 -37.04
C ARG R 218 -70.49 32.41 -37.74
N GLN R 219 -69.44 33.02 -38.30
CA GLN R 219 -68.39 32.23 -38.94
C GLN R 219 -67.66 31.36 -37.93
N GLN R 220 -67.37 31.90 -36.74
CA GLN R 220 -66.73 31.09 -35.70
C GLN R 220 -67.59 29.89 -35.32
N GLN R 221 -68.87 30.13 -35.06
CA GLN R 221 -69.78 29.04 -34.71
C GLN R 221 -69.85 28.00 -35.83
N LYS R 222 -69.98 28.46 -37.07
CA LYS R 222 -69.99 27.54 -38.21
C LYS R 222 -68.73 26.69 -38.24
N ARG R 223 -67.57 27.33 -38.09
CA ARG R 223 -66.30 26.61 -38.11
C ARG R 223 -66.25 25.54 -37.02
N VAL R 224 -66.66 25.91 -35.80
CA VAL R 224 -66.61 24.97 -34.68
C VAL R 224 -67.55 23.79 -34.93
N LEU R 225 -68.79 24.09 -35.33
CA LEU R 225 -69.77 23.02 -35.53
C LEU R 225 -69.38 22.12 -36.69
N GLU R 226 -68.82 22.69 -37.76
CA GLU R 226 -68.30 21.88 -38.85
C GLU R 226 -67.15 20.99 -38.41
N PHE R 227 -66.26 21.49 -37.54
CA PHE R 227 -65.18 20.66 -37.03
C PHE R 227 -65.72 19.52 -36.17
N TRP R 228 -66.69 19.82 -35.31
CA TRP R 228 -67.30 18.77 -34.49
C TRP R 228 -67.97 17.71 -35.36
N GLU R 229 -68.75 18.14 -36.36
CA GLU R 229 -69.41 17.20 -37.26
C GLU R 229 -68.39 16.36 -38.03
N LYS R 230 -67.27 16.95 -38.42
CA LYS R 230 -66.26 16.20 -39.17
C LYS R 230 -65.52 15.20 -38.29
N ASN R 231 -65.24 15.56 -37.04
CA ASN R 231 -64.33 14.75 -36.22
C ASN R 231 -65.00 14.05 -35.05
N TRP R 232 -66.30 14.22 -34.86
CA TRP R 232 -67.06 13.43 -33.89
C TRP R 232 -68.19 12.64 -34.55
N HIS R 233 -68.02 12.32 -35.83
CA HIS R 233 -68.95 11.43 -36.51
C HIS R 233 -68.98 10.05 -35.84
N SER R 234 -70.00 9.27 -36.17
CA SER R 234 -70.29 8.02 -35.48
C SER R 234 -69.17 6.99 -35.60
N GLY R 235 -68.22 7.18 -36.51
CA GLY R 235 -67.14 6.23 -36.69
C GLY R 235 -65.98 6.35 -35.72
N VAL R 236 -65.94 7.42 -34.93
CA VAL R 236 -64.83 7.64 -34.00
C VAL R 236 -64.91 6.63 -32.86
N PRO R 237 -63.78 6.27 -32.25
CA PRO R 237 -63.82 5.40 -31.06
C PRO R 237 -64.62 6.01 -29.93
N LEU R 238 -65.13 5.12 -29.06
CA LEU R 238 -65.80 5.56 -27.84
C LEU R 238 -64.91 6.51 -27.04
N LYS R 239 -63.61 6.23 -26.97
CA LYS R 239 -62.65 7.11 -26.30
C LYS R 239 -62.46 8.44 -27.03
N ILE R 240 -63.24 8.70 -28.08
CA ILE R 240 -63.40 10.04 -28.63
C ILE R 240 -64.85 10.50 -28.51
N LYS R 241 -65.81 9.63 -28.83
CA LYS R 241 -67.22 9.99 -28.79
C LYS R 241 -67.65 10.43 -27.40
N ARG R 242 -67.04 9.85 -26.35
CA ARG R 242 -67.36 10.23 -24.98
C ARG R 242 -66.78 11.59 -24.60
N LEU R 243 -65.91 12.17 -25.42
CA LEU R 243 -65.39 13.50 -25.09
C LEU R 243 -66.44 14.57 -25.34
N ALA R 244 -67.18 14.47 -26.45
CA ALA R 244 -68.19 15.45 -26.79
C ALA R 244 -69.26 14.74 -27.62
N GLU R 245 -70.17 14.06 -26.91
CA GLU R 245 -71.23 13.31 -27.58
C GLU R 245 -72.27 14.22 -28.22
N ASP R 246 -72.23 15.52 -27.96
CA ASP R 246 -73.11 16.46 -28.62
C ASP R 246 -72.36 17.74 -28.94
N ALA R 247 -72.93 18.51 -29.87
CA ALA R 247 -72.28 19.74 -30.31
C ALA R 247 -72.13 20.73 -29.16
N GLU R 248 -73.12 20.78 -28.27
CA GLU R 248 -73.09 21.74 -27.17
C GLU R 248 -71.84 21.57 -26.30
N ARG R 249 -71.46 20.32 -26.02
CA ARG R 249 -70.25 20.08 -25.22
C ARG R 249 -69.01 20.63 -25.91
N PHE R 250 -68.93 20.49 -27.23
CA PHE R 250 -67.74 20.97 -27.92
C PHE R 250 -67.73 22.48 -28.05
N ILE R 251 -68.86 23.09 -28.39
CA ILE R 251 -68.89 24.55 -28.49
C ILE R 251 -68.63 25.18 -27.12
N TRP R 252 -69.09 24.54 -26.04
CA TRP R 252 -68.70 24.98 -24.70
C TRP R 252 -67.18 24.90 -24.52
N ALA R 253 -66.60 23.75 -24.84
CA ALA R 253 -65.16 23.58 -24.65
C ALA R 253 -64.37 24.61 -25.44
N VAL R 254 -64.77 24.86 -26.70
CA VAL R 254 -64.10 25.89 -27.51
C VAL R 254 -64.28 27.27 -26.90
N SER R 255 -65.48 27.60 -26.41
CA SER R 255 -65.69 28.89 -25.79
C SER R 255 -64.81 29.08 -24.56
N ILE R 256 -64.62 28.02 -23.78
CA ILE R 256 -63.71 28.09 -22.64
C ILE R 256 -62.27 28.24 -23.10
N ALA R 257 -61.86 27.45 -24.11
CA ALA R 257 -60.51 27.54 -24.62
C ALA R 257 -60.20 28.94 -25.13
N GLN R 258 -61.15 29.56 -25.83
CA GLN R 258 -60.97 30.93 -26.29
C GLN R 258 -60.88 31.92 -25.14
N THR R 259 -61.84 31.84 -24.20
CA THR R 259 -61.90 32.85 -23.15
C THR R 259 -60.78 32.70 -22.12
N ARG R 260 -60.12 31.54 -22.05
CA ARG R 260 -59.10 31.30 -21.04
C ARG R 260 -57.70 31.06 -21.60
N CYS R 261 -57.52 31.04 -22.92
CA CYS R 261 -56.18 30.85 -23.50
C CYS R 261 -55.28 32.04 -23.18
N ILE R 262 -54.27 31.79 -22.33
CA ILE R 262 -53.10 32.65 -22.28
C ILE R 262 -52.13 32.20 -23.36
N SER R 263 -51.25 33.10 -23.80
CA SER R 263 -50.14 32.67 -24.65
C SER R 263 -48.87 33.40 -24.24
N MET R 264 -47.75 32.67 -24.28
CA MET R 264 -46.48 33.25 -23.90
C MET R 264 -45.36 32.60 -24.69
N LYS R 265 -44.25 33.33 -24.83
CA LYS R 265 -42.95 32.71 -25.02
C LYS R 265 -42.43 32.21 -23.67
N THR R 266 -41.98 30.96 -23.65
CA THR R 266 -41.56 30.28 -22.43
C THR R 266 -40.28 29.52 -22.72
N ARG R 267 -39.60 29.11 -21.66
CA ARG R 267 -38.49 28.18 -21.78
C ARG R 267 -38.81 26.92 -21.01
N ILE R 268 -38.83 25.79 -21.70
CA ILE R 268 -38.99 24.47 -21.09
C ILE R 268 -37.62 23.82 -21.12
N GLY R 269 -36.89 23.94 -20.02
CA GLY R 269 -35.50 23.52 -20.00
C GLY R 269 -34.65 24.34 -20.94
N ALA R 270 -34.13 23.67 -21.97
CA ALA R 270 -33.36 24.34 -23.01
C ALA R 270 -34.24 24.98 -24.07
N LEU R 271 -35.45 24.45 -24.28
CA LEU R 271 -36.24 24.83 -25.45
C LEU R 271 -36.99 26.13 -25.20
N VAL R 272 -36.54 27.21 -25.85
CA VAL R 272 -37.32 28.43 -25.95
C VAL R 272 -38.40 28.22 -27.00
N GLN R 273 -39.65 28.50 -26.64
CA GLN R 273 -40.74 28.13 -27.52
C GLN R 273 -41.97 28.99 -27.25
N ASP R 274 -42.88 29.02 -28.23
CA ASP R 274 -44.13 29.75 -28.13
C ASP R 274 -45.24 28.78 -27.75
N LEU R 275 -45.91 29.03 -26.63
CA LEU R 275 -46.99 28.18 -26.16
C LEU R 275 -48.30 28.95 -26.05
N ASN R 276 -49.40 28.26 -26.34
CA ASN R 276 -50.73 28.66 -25.93
C ASN R 276 -51.18 27.72 -24.82
N MET R 277 -51.64 28.26 -23.72
CA MET R 277 -51.72 27.49 -22.50
C MET R 277 -52.84 27.97 -21.61
N MET R 278 -53.27 27.07 -20.73
CA MET R 278 -54.30 27.33 -19.72
C MET R 278 -53.67 27.11 -18.35
N ILE R 279 -53.78 28.12 -17.50
CA ILE R 279 -53.18 28.15 -16.17
C ILE R 279 -54.31 28.27 -15.16
N PRO R 280 -54.52 27.28 -14.29
CA PRO R 280 -55.82 27.17 -13.60
C PRO R 280 -56.09 28.25 -12.57
N TYR R 281 -55.13 29.11 -12.24
CA TYR R 281 -55.42 30.23 -11.36
C TYR R 281 -55.02 31.59 -11.91
N ALA R 282 -54.23 31.64 -12.98
CA ALA R 282 -54.02 32.91 -13.68
C ALA R 282 -55.16 33.24 -14.63
N ASP R 283 -55.90 32.23 -15.11
CA ASP R 283 -57.09 32.47 -15.90
C ASP R 283 -58.27 32.99 -15.08
N MET R 284 -58.19 33.00 -13.75
CA MET R 284 -59.21 33.65 -12.95
C MET R 284 -58.97 35.14 -12.77
N LEU R 285 -57.83 35.65 -13.19
CA LEU R 285 -57.62 37.09 -13.24
C LEU R 285 -58.55 37.72 -14.26
N ASN R 286 -59.17 38.83 -13.89
CA ASN R 286 -60.02 39.59 -14.79
C ASN R 286 -59.19 40.60 -15.60
N HIS R 287 -59.75 40.99 -16.74
CA HIS R 287 -59.06 41.92 -17.63
C HIS R 287 -58.99 43.32 -17.03
N SER R 288 -57.88 44.00 -17.30
CA SER R 288 -57.83 45.45 -17.21
C SER R 288 -56.79 45.96 -18.20
N PHE R 289 -57.06 47.13 -18.78
CA PHE R 289 -56.07 47.84 -19.58
C PHE R 289 -55.13 48.68 -18.74
N GLU R 290 -55.39 48.82 -17.45
CA GLU R 290 -54.44 49.38 -16.49
C GLU R 290 -54.12 48.32 -15.42
N PRO R 291 -53.49 47.22 -15.82
CA PRO R 291 -53.35 46.09 -14.89
C PRO R 291 -52.34 46.37 -13.80
N ASN R 292 -52.65 45.88 -12.61
CA ASN R 292 -51.71 45.88 -11.49
C ASN R 292 -50.81 44.67 -11.46
N CYS R 293 -51.05 43.66 -12.31
CA CYS R 293 -50.23 42.46 -12.32
C CYS R 293 -49.84 42.09 -13.75
N PHE R 294 -48.84 41.21 -13.84
CA PHE R 294 -48.47 40.58 -15.09
C PHE R 294 -48.00 39.15 -14.83
N LEU R 295 -48.20 38.28 -15.81
CA LEU R 295 -47.69 36.93 -15.73
C LEU R 295 -46.21 36.89 -16.09
N HIS R 296 -45.49 35.99 -15.43
CA HIS R 296 -44.07 35.78 -15.70
C HIS R 296 -43.75 34.31 -15.53
N TRP R 297 -42.68 33.87 -16.18
CA TRP R 297 -42.32 32.45 -16.22
C TRP R 297 -40.98 32.23 -15.55
N ARG R 298 -40.90 31.24 -14.67
CA ARG R 298 -39.65 30.74 -14.15
C ARG R 298 -39.39 29.35 -14.73
N PRO R 299 -38.26 29.16 -15.40
CA PRO R 299 -37.97 27.87 -16.04
C PRO R 299 -37.21 26.87 -15.19
N LYS R 300 -36.63 27.29 -14.07
CA LYS R 300 -35.82 26.37 -13.27
C LYS R 300 -36.72 25.43 -12.49
N ASP R 301 -37.59 25.99 -11.66
CA ASP R 301 -38.83 25.32 -11.30
C ASP R 301 -39.91 25.93 -12.17
N ARG R 302 -40.62 25.09 -12.92
CA ARG R 302 -41.46 25.55 -14.03
C ARG R 302 -42.71 26.18 -13.45
N ILE R 303 -42.54 27.40 -12.93
CA ILE R 303 -43.61 28.11 -12.24
C ILE R 303 -44.06 29.28 -13.10
N LEU R 304 -45.37 29.44 -13.27
CA LEU R 304 -45.90 30.73 -13.66
C LEU R 304 -46.12 31.56 -12.41
N GLU R 305 -45.37 32.65 -12.29
CA GLU R 305 -45.68 33.68 -11.32
C GLU R 305 -46.75 34.61 -11.85
N VAL R 306 -47.63 35.06 -10.97
CA VAL R 306 -48.38 36.28 -11.17
C VAL R 306 -47.74 37.32 -10.27
N MET R 307 -47.22 38.39 -10.89
CA MET R 307 -46.41 39.40 -10.26
C MET R 307 -47.18 40.71 -10.17
N SER R 308 -47.28 41.28 -8.98
CA SER R 308 -47.78 42.64 -8.88
C SER R 308 -46.72 43.63 -9.36
N ASN R 309 -47.15 44.67 -10.06
CA ASN R 309 -46.21 45.56 -10.73
C ASN R 309 -45.26 46.20 -9.74
N ALA R 310 -44.01 46.39 -10.17
CA ALA R 310 -43.02 47.07 -9.35
C ALA R 310 -43.44 48.51 -9.06
N GLY R 311 -43.22 48.94 -7.82
CA GLY R 311 -43.51 50.30 -7.43
C GLY R 311 -44.97 50.66 -7.28
N GLN R 312 -45.88 49.68 -7.35
CA GLN R 312 -47.30 49.93 -7.18
C GLN R 312 -47.75 49.39 -5.83
N ALA R 313 -48.40 50.25 -5.04
CA ALA R 313 -49.16 49.80 -3.88
C ALA R 313 -50.56 49.38 -4.31
N ILE R 314 -51.12 48.43 -3.57
CA ILE R 314 -52.47 47.94 -3.82
C ILE R 314 -53.18 47.72 -2.49
N LYS R 315 -54.50 47.72 -2.55
CA LYS R 315 -55.36 47.86 -1.38
C LYS R 315 -56.18 46.59 -1.19
N LYS R 316 -56.51 46.30 0.07
CA LYS R 316 -57.41 45.18 0.36
C LYS R 316 -58.72 45.34 -0.41
N GLY R 317 -59.15 44.25 -1.03
CA GLY R 317 -60.33 44.26 -1.87
C GLY R 317 -60.13 44.76 -3.28
N GLU R 318 -58.92 45.20 -3.63
CA GLU R 318 -58.64 45.56 -5.01
C GLU R 318 -58.59 44.33 -5.89
N GLU R 319 -59.20 44.42 -7.06
CA GLU R 319 -59.19 43.30 -8.00
C GLU R 319 -57.83 43.19 -8.67
N MET R 320 -57.22 42.01 -8.58
CA MET R 320 -55.98 41.75 -9.28
C MET R 320 -56.31 41.42 -10.73
N THR R 321 -55.81 42.24 -11.65
CA THR R 321 -56.16 42.12 -13.06
C THR R 321 -54.91 42.09 -13.93
N ILE R 322 -55.10 41.60 -15.16
CA ILE R 322 -54.03 41.55 -16.15
C ILE R 322 -54.55 42.05 -17.50
N ASN R 323 -53.61 42.39 -18.38
CA ASN R 323 -53.91 42.90 -19.72
C ASN R 323 -53.92 41.74 -20.72
N TYR R 324 -55.06 41.04 -20.81
CA TYR R 324 -55.18 39.86 -21.66
C TYR R 324 -54.47 40.03 -23.00
N MET R 325 -54.93 40.98 -23.82
CA MET R 325 -54.28 41.30 -25.08
C MET R 325 -54.15 42.81 -25.20
N PRO R 326 -52.93 43.35 -25.26
CA PRO R 326 -52.75 44.81 -25.31
C PRO R 326 -52.96 45.33 -26.72
N GLY R 327 -53.83 46.32 -26.86
CA GLY R 327 -54.00 46.97 -28.15
C GLY R 327 -55.02 46.32 -29.06
N GLN R 328 -56.14 45.87 -28.50
CA GLN R 328 -57.22 45.30 -29.29
C GLN R 328 -58.51 46.03 -28.99
N LYS R 329 -59.24 46.39 -30.04
CA LYS R 329 -60.51 47.08 -29.92
C LYS R 329 -61.55 46.19 -29.24
N ASN R 330 -62.56 46.84 -28.66
CA ASN R 330 -63.64 46.13 -27.96
C ASN R 330 -64.27 45.03 -28.80
N ASN R 331 -64.37 45.22 -30.12
CA ASN R 331 -64.93 44.16 -30.95
C ASN R 331 -64.03 42.93 -30.98
N MET R 332 -62.72 43.10 -30.81
CA MET R 332 -61.85 41.94 -30.70
C MET R 332 -62.04 41.22 -29.37
N LEU R 333 -62.20 41.98 -28.28
CA LEU R 333 -62.49 41.35 -26.99
C LEU R 333 -63.83 40.63 -26.99
N MET R 334 -64.80 41.14 -27.75
CA MET R 334 -66.05 40.39 -27.93
C MET R 334 -65.84 39.16 -28.79
N GLU R 335 -65.06 39.29 -29.87
CA GLU R 335 -64.80 38.16 -30.76
C GLU R 335 -64.16 36.99 -30.02
N ARG R 336 -63.10 37.26 -29.27
CA ARG R 336 -62.37 36.17 -28.62
C ARG R 336 -62.89 35.91 -27.20
N TYR R 337 -62.79 36.90 -26.32
CA TYR R 337 -63.07 36.66 -24.91
C TYR R 337 -64.57 36.66 -24.62
N GLY R 338 -65.32 37.54 -25.27
CA GLY R 338 -66.74 37.61 -25.03
C GLY R 338 -67.13 38.64 -24.00
N PHE R 339 -66.45 39.78 -24.01
CA PHE R 339 -66.82 40.90 -23.13
C PHE R 339 -66.32 42.19 -23.77
N SER R 340 -66.76 43.30 -23.19
CA SER R 340 -66.34 44.62 -23.62
C SER R 340 -66.15 45.49 -22.38
N THR R 341 -65.39 46.58 -22.55
CA THR R 341 -65.21 47.52 -21.47
C THR R 341 -65.23 48.95 -22.01
N PRO R 342 -65.96 49.86 -21.35
CA PRO R 342 -66.13 51.21 -21.91
C PRO R 342 -64.87 52.04 -21.90
N VAL R 343 -63.91 51.75 -21.02
CA VAL R 343 -62.69 52.53 -20.91
C VAL R 343 -61.60 51.98 -21.83
N ASN R 344 -61.99 51.12 -22.77
CA ASN R 344 -61.06 50.51 -23.71
C ASN R 344 -60.25 51.56 -24.47
N PRO R 345 -58.98 51.74 -24.13
CA PRO R 345 -58.21 52.87 -24.64
C PRO R 345 -57.71 52.69 -26.07
N TRP R 346 -58.12 51.62 -26.75
CA TRP R 346 -57.76 51.41 -28.15
C TRP R 346 -58.98 51.40 -29.07
N ASP R 347 -60.18 51.65 -28.55
CA ASP R 347 -61.38 51.62 -29.36
C ASP R 347 -61.33 52.68 -30.44
N ALA R 348 -62.16 52.51 -31.46
CA ALA R 348 -62.11 53.38 -32.64
C ALA R 348 -63.54 53.74 -33.05
N ILE R 349 -63.63 54.81 -33.84
CA ILE R 349 -64.92 55.36 -34.27
C ILE R 349 -64.83 55.64 -35.76
N PRO R 350 -65.83 55.28 -36.56
CA PRO R 350 -65.77 55.47 -38.02
C PRO R 350 -66.00 56.90 -38.47
N PHE R 351 -65.21 57.83 -37.92
CA PHE R 351 -65.26 59.21 -38.39
C PHE R 351 -64.75 59.33 -39.81
N SER R 352 -65.37 60.23 -40.57
CA SER R 352 -64.93 60.57 -41.92
C SER R 352 -64.85 62.08 -42.11
N GLY R 353 -64.88 62.84 -41.02
CA GLY R 353 -64.97 64.28 -41.12
C GLY R 353 -63.64 64.92 -41.51
N ASP R 354 -63.75 66.02 -42.26
CA ASP R 354 -62.61 66.90 -42.47
C ASP R 354 -62.41 67.89 -41.33
N SER R 355 -63.36 67.98 -40.40
CA SER R 355 -63.12 68.65 -39.14
C SER R 355 -62.04 67.95 -38.34
N ARG R 356 -61.13 68.72 -37.75
CA ARG R 356 -60.03 68.15 -36.99
C ARG R 356 -59.74 69.01 -35.77
N ILE R 357 -59.20 68.37 -34.74
CA ILE R 357 -58.90 69.01 -33.47
C ILE R 357 -57.39 68.97 -33.24
N HIS R 358 -56.87 69.98 -32.56
CA HIS R 358 -55.44 70.05 -32.23
C HIS R 358 -55.13 68.98 -31.21
N LEU R 359 -54.49 67.89 -31.66
CA LEU R 359 -54.24 66.73 -30.81
C LEU R 359 -53.49 67.11 -29.54
N ASN R 360 -52.40 67.87 -29.67
CA ASN R 360 -51.57 68.19 -28.51
C ASN R 360 -52.34 68.96 -27.45
N SER R 361 -53.22 69.87 -27.89
CA SER R 361 -54.06 70.58 -26.94
C SER R 361 -55.09 69.67 -26.30
N PHE R 362 -55.60 68.70 -27.05
CA PHE R 362 -56.52 67.72 -26.48
C PHE R 362 -55.81 66.90 -25.40
N LEU R 363 -54.56 66.54 -25.63
CA LEU R 363 -53.77 65.88 -24.59
C LEU R 363 -53.62 66.77 -23.37
N SER R 364 -53.14 68.01 -23.57
CA SER R 364 -52.76 68.84 -22.43
C SER R 364 -53.96 69.26 -21.60
N VAL R 365 -55.11 69.52 -22.25
CA VAL R 365 -56.31 69.84 -21.50
C VAL R 365 -56.75 68.69 -20.60
N PHE R 366 -56.37 67.46 -20.94
CA PHE R 366 -56.64 66.31 -20.08
C PHE R 366 -55.39 65.77 -19.40
N ASN R 367 -54.28 66.50 -19.46
CA ASN R 367 -53.01 66.09 -18.86
C ASN R 367 -52.57 64.69 -19.29
N ILE R 368 -52.96 64.27 -20.49
CA ILE R 368 -52.47 63.01 -21.04
C ILE R 368 -51.01 63.19 -21.43
N PHE R 369 -50.20 62.15 -21.21
CA PHE R 369 -48.77 62.22 -21.43
C PHE R 369 -48.30 60.98 -22.20
N GLY R 370 -47.12 61.10 -22.79
CA GLY R 370 -46.49 60.01 -23.50
C GLY R 370 -46.74 60.04 -25.00
N LEU R 371 -46.06 59.13 -25.69
CA LEU R 371 -46.23 58.93 -27.12
C LEU R 371 -47.55 58.24 -27.42
N PRO R 372 -48.00 58.24 -28.68
CA PRO R 372 -49.29 57.61 -29.00
C PRO R 372 -49.41 56.17 -28.57
N GLU R 373 -48.32 55.40 -28.64
CA GLU R 373 -48.34 54.04 -28.14
C GLU R 373 -48.36 53.97 -26.62
N GLU R 374 -48.23 55.11 -25.94
CA GLU R 374 -47.87 55.14 -24.53
C GLU R 374 -48.87 55.93 -23.68
N TYR R 375 -49.76 56.72 -24.28
CA TYR R 375 -50.66 57.65 -23.59
C TYR R 375 -51.16 57.13 -22.23
N TYR R 376 -50.88 57.90 -21.18
CA TYR R 376 -51.29 57.56 -19.83
C TYR R 376 -51.72 58.82 -19.11
N HIS R 377 -52.47 58.64 -18.03
CA HIS R 377 -52.94 59.74 -17.21
C HIS R 377 -52.43 59.58 -15.78
N ASP R 378 -52.27 60.70 -15.09
CA ASP R 378 -51.60 60.75 -13.80
C ASP R 378 -52.54 61.32 -12.74
N SER R 379 -51.99 61.57 -11.56
CA SER R 379 -52.75 62.22 -10.49
C SER R 379 -53.09 63.67 -10.82
N GLU R 380 -52.38 64.28 -11.76
CA GLU R 380 -52.45 65.72 -11.94
C GLU R 380 -53.70 66.13 -12.72
N SER R 386 -61.42 64.77 -13.05
CA SER R 386 -61.06 63.40 -12.71
C SER R 386 -61.84 62.41 -13.56
N PHE R 387 -62.62 62.93 -14.51
CA PHE R 387 -63.30 62.09 -15.48
C PHE R 387 -62.37 61.53 -16.54
N VAL R 388 -61.13 61.98 -16.60
CA VAL R 388 -60.19 61.52 -17.61
C VAL R 388 -59.86 60.06 -17.32
N ASP R 389 -60.06 59.20 -18.32
CA ASP R 389 -59.84 57.77 -18.16
C ASP R 389 -59.52 57.18 -19.52
N GLY R 390 -59.51 55.85 -19.59
CA GLY R 390 -59.16 55.15 -20.82
C GLY R 390 -59.99 55.55 -22.03
N ALA R 391 -61.23 56.00 -21.80
CA ALA R 391 -62.05 56.45 -22.93
C ALA R 391 -61.58 57.78 -23.47
N VAL R 392 -61.02 58.66 -22.63
CA VAL R 392 -60.44 59.89 -23.15
C VAL R 392 -59.12 59.62 -23.87
N ILE R 393 -58.34 58.65 -23.40
CA ILE R 393 -57.15 58.23 -24.14
C ILE R 393 -57.54 57.63 -25.48
N ALA R 394 -58.62 56.87 -25.52
CA ALA R 394 -59.14 56.37 -26.79
C ALA R 394 -59.57 57.53 -27.68
N ALA R 395 -60.18 58.56 -27.11
CA ALA R 395 -60.58 59.73 -27.88
C ALA R 395 -59.37 60.38 -28.53
N ALA R 396 -58.30 60.58 -27.76
CA ALA R 396 -57.09 61.17 -28.32
C ALA R 396 -56.49 60.32 -29.43
N ARG R 397 -56.69 59.01 -29.37
CA ARG R 397 -56.23 58.11 -30.43
C ARG R 397 -57.18 58.03 -31.62
N THR R 398 -58.36 58.62 -31.54
CA THR R 398 -59.41 58.28 -32.51
C THR R 398 -59.99 59.49 -33.21
N LEU R 399 -60.15 60.61 -32.52
CA LEU R 399 -60.74 61.79 -33.14
C LEU R 399 -59.92 62.21 -34.36
N PRO R 400 -60.57 62.59 -35.47
CA PRO R 400 -59.87 63.33 -36.52
C PRO R 400 -59.10 64.52 -35.98
N THR R 401 -57.79 64.53 -36.17
CA THR R 401 -56.90 65.43 -35.44
C THR R 401 -55.79 65.91 -36.36
N TRP R 402 -55.26 67.08 -36.04
CA TRP R 402 -54.12 67.66 -36.71
C TRP R 402 -53.07 68.05 -35.67
N SER R 403 -51.82 68.10 -36.11
CA SER R 403 -50.73 68.52 -35.24
C SER R 403 -49.67 69.23 -36.07
N ASP R 404 -48.96 70.15 -35.42
CA ASP R 404 -47.90 70.91 -36.06
C ASP R 404 -46.84 71.20 -35.02
N ILE R 405 -45.64 71.55 -35.50
CA ILE R 405 -44.44 71.56 -34.65
C ILE R 405 -44.70 72.33 -33.36
N ASP R 406 -45.08 73.59 -33.49
CA ASP R 406 -45.42 74.42 -32.34
C ASP R 406 -46.69 75.24 -32.53
N LEU R 407 -47.37 75.11 -33.65
CA LEU R 407 -48.40 76.07 -34.03
C LEU R 407 -49.61 75.93 -33.09
N PRO R 408 -50.13 77.03 -32.56
CA PRO R 408 -51.23 76.93 -31.58
C PRO R 408 -52.55 76.61 -32.26
N PRO R 409 -53.52 76.10 -31.49
CA PRO R 409 -54.86 75.85 -32.05
C PRO R 409 -55.66 77.13 -32.23
N ILE R 410 -56.39 77.21 -33.34
CA ILE R 410 -57.30 78.33 -33.58
C ILE R 410 -58.44 78.22 -32.58
N PRO R 411 -58.57 79.14 -31.62
CA PRO R 411 -59.60 78.97 -30.59
C PRO R 411 -61.02 78.97 -31.15
N SER R 412 -61.26 79.64 -32.27
CA SER R 412 -62.56 79.60 -32.93
C SER R 412 -62.74 78.36 -33.77
N ALA R 413 -61.80 78.10 -34.68
CA ALA R 413 -61.98 76.98 -35.60
C ALA R 413 -61.97 75.65 -34.86
N GLU R 414 -61.27 75.57 -33.73
CA GLU R 414 -61.38 74.37 -32.90
C GLU R 414 -62.76 74.22 -32.27
N ARG R 415 -63.43 75.31 -31.90
CA ARG R 415 -64.81 75.19 -31.44
C ARG R 415 -65.75 74.79 -32.57
N LYS R 416 -65.53 75.34 -33.76
CA LYS R 416 -66.31 74.90 -34.93
C LYS R 416 -66.14 73.41 -35.18
N ALA R 417 -64.89 72.93 -35.13
CA ALA R 417 -64.64 71.51 -35.29
C ALA R 417 -65.28 70.68 -34.18
N VAL R 418 -65.23 71.18 -32.95
CA VAL R 418 -65.92 70.53 -31.84
C VAL R 418 -67.41 70.38 -32.14
N LYS R 419 -68.06 71.47 -32.56
CA LYS R 419 -69.49 71.41 -32.88
C LYS R 419 -69.76 70.39 -34.00
N GLU R 420 -68.94 70.40 -35.05
CA GLU R 420 -69.18 69.50 -36.17
C GLU R 420 -69.00 68.04 -35.76
N LEU R 421 -67.93 67.73 -35.04
CA LEU R 421 -67.71 66.35 -34.62
C LEU R 421 -68.71 65.92 -33.57
N GLN R 422 -69.21 66.86 -32.75
CA GLN R 422 -70.26 66.52 -31.79
C GLN R 422 -71.56 66.17 -32.50
N ASP R 423 -71.90 66.90 -33.56
CA ASP R 423 -73.10 66.52 -34.31
C ASP R 423 -72.93 65.23 -35.10
N GLU R 424 -71.70 64.95 -35.55
CA GLU R 424 -71.41 63.63 -36.11
C GLU R 424 -71.61 62.53 -35.09
N CYS R 425 -71.06 62.70 -33.88
CA CYS R 425 -71.26 61.74 -32.81
C CYS R 425 -72.74 61.58 -32.46
N ARG R 426 -73.48 62.70 -32.43
CA ARG R 426 -74.91 62.64 -32.16
C ARG R 426 -75.67 61.84 -33.22
N LYS R 427 -75.33 62.01 -34.50
CA LYS R 427 -75.99 61.17 -35.51
C LYS R 427 -75.55 59.71 -35.41
N MET R 428 -74.32 59.45 -34.95
CA MET R 428 -73.93 58.06 -34.71
C MET R 428 -74.73 57.44 -33.58
N LEU R 429 -74.94 58.19 -32.50
CA LEU R 429 -75.84 57.72 -31.45
C LEU R 429 -77.26 57.54 -31.98
N ALA R 430 -77.69 58.45 -32.85
CA ALA R 430 -79.02 58.39 -33.45
C ALA R 430 -79.18 57.21 -34.39
N GLU R 431 -78.08 56.55 -34.78
CA GLU R 431 -78.22 55.35 -35.59
C GLU R 431 -78.67 54.14 -34.76
N TYR R 432 -78.54 54.20 -33.40
CA TYR R 432 -79.15 53.19 -32.55
C TYR R 432 -80.59 53.56 -32.20
N PRO R 433 -81.44 52.56 -31.96
CA PRO R 433 -82.84 52.84 -31.62
C PRO R 433 -83.08 53.31 -30.20
N THR R 434 -82.07 53.26 -29.33
CA THR R 434 -82.26 53.59 -27.92
C THR R 434 -81.01 54.28 -27.39
N THR R 435 -81.19 55.03 -26.31
CA THR R 435 -80.08 55.70 -25.65
C THR R 435 -79.28 54.71 -24.81
N SER R 436 -78.20 55.22 -24.19
CA SER R 436 -77.39 54.41 -23.30
C SER R 436 -78.17 54.00 -22.06
N GLU R 437 -78.81 54.98 -21.41
CA GLU R 437 -79.43 54.72 -20.12
C GLU R 437 -80.66 53.82 -20.24
N GLN R 438 -81.20 53.67 -21.45
CA GLN R 438 -82.22 52.64 -21.64
C GLN R 438 -81.62 51.24 -21.50
N ASP R 439 -80.40 51.05 -21.99
CA ASP R 439 -79.71 49.78 -21.76
C ASP R 439 -79.25 49.66 -20.31
N GLN R 440 -78.90 50.77 -19.67
CA GLN R 440 -78.64 50.72 -18.24
C GLN R 440 -79.87 50.24 -17.47
N LYS R 441 -81.05 50.75 -17.83
CA LYS R 441 -82.30 50.24 -17.26
C LYS R 441 -82.49 48.76 -17.58
N LEU R 442 -82.25 48.36 -18.82
CA LEU R 442 -82.34 46.96 -19.23
C LEU R 442 -81.24 46.09 -18.65
N LEU R 443 -80.37 46.62 -17.80
CA LEU R 443 -79.39 45.82 -17.09
C LEU R 443 -79.51 45.90 -15.58
N ASP R 444 -79.92 47.04 -15.03
CA ASP R 444 -80.28 47.13 -13.62
C ASP R 444 -81.55 46.34 -13.30
N SER R 445 -82.41 46.12 -14.29
CA SER R 445 -83.45 45.10 -14.20
C SER R 445 -83.48 44.30 -15.49
N LEU R 446 -83.55 42.99 -15.36
CA LEU R 446 -83.37 42.09 -16.49
C LEU R 446 -84.22 40.85 -16.26
N SER R 447 -84.67 40.24 -17.37
CA SER R 447 -85.70 39.22 -17.28
C SER R 447 -85.16 37.89 -16.75
N GLU R 448 -84.01 37.45 -17.24
CA GLU R 448 -83.53 36.12 -16.89
C GLU R 448 -82.02 35.98 -16.86
N ALA R 449 -81.26 37.08 -16.87
CA ALA R 449 -79.80 37.05 -16.83
C ALA R 449 -79.21 36.13 -17.92
N ARG R 450 -79.85 36.12 -19.09
CA ARG R 450 -79.32 35.34 -20.21
C ARG R 450 -77.95 35.88 -20.60
N THR R 451 -76.89 35.14 -20.28
CA THR R 451 -75.56 35.73 -20.20
C THR R 451 -75.09 36.28 -21.55
N THR R 452 -75.37 35.56 -22.64
CA THR R 452 -75.01 36.07 -23.96
C THR R 452 -75.80 37.32 -24.31
N PHE R 453 -77.09 37.35 -24.00
CA PHE R 453 -77.90 38.52 -24.27
C PHE R 453 -77.45 39.71 -23.43
N ALA R 454 -77.22 39.50 -22.14
CA ALA R 454 -76.71 40.56 -21.28
C ALA R 454 -75.34 41.04 -21.75
N THR R 455 -74.51 40.15 -22.31
CA THR R 455 -73.23 40.56 -22.86
C THR R 455 -73.40 41.43 -24.10
N ALA R 456 -74.33 41.08 -24.97
CA ALA R 456 -74.61 41.92 -26.14
C ALA R 456 -75.13 43.29 -25.72
N VAL R 457 -76.02 43.32 -24.74
CA VAL R 457 -76.51 44.59 -24.21
C VAL R 457 -75.36 45.41 -23.61
N LYS R 458 -74.48 44.76 -22.84
CA LYS R 458 -73.32 45.46 -22.31
C LYS R 458 -72.45 46.02 -23.41
N TYR R 459 -72.34 45.31 -24.54
CA TYR R 459 -71.53 45.78 -25.65
C TYR R 459 -72.13 47.06 -26.21
N ARG R 460 -73.40 46.98 -26.64
CA ARG R 460 -74.06 48.13 -27.22
C ARG R 460 -74.00 49.32 -26.27
N MET R 461 -74.37 49.08 -25.00
CA MET R 461 -74.37 50.13 -23.99
C MET R 461 -72.99 50.77 -23.90
N HIS R 462 -71.94 49.94 -23.87
CA HIS R 462 -70.59 50.47 -23.73
C HIS R 462 -70.28 51.39 -24.88
N ARG R 463 -70.66 50.99 -26.11
CA ARG R 463 -70.33 51.81 -27.27
C ARG R 463 -71.04 53.16 -27.16
N LYS R 464 -72.34 53.14 -26.83
CA LYS R 464 -73.06 54.41 -26.74
C LYS R 464 -72.46 55.27 -25.64
N MET R 465 -72.24 54.68 -24.45
CA MET R 465 -71.64 55.39 -23.34
C MET R 465 -70.33 56.03 -23.77
N PHE R 466 -69.55 55.32 -24.56
CA PHE R 466 -68.30 55.81 -25.11
C PHE R 466 -68.58 57.09 -25.88
N ILE R 467 -69.33 56.99 -26.97
CA ILE R 467 -69.63 58.18 -27.79
C ILE R 467 -70.16 59.32 -26.93
N GLY R 468 -70.94 59.01 -25.90
CA GLY R 468 -71.31 60.02 -24.91
C GLY R 468 -70.12 60.66 -24.23
N LYS R 469 -69.15 59.85 -23.82
CA LYS R 469 -67.92 60.38 -23.26
C LYS R 469 -67.15 61.21 -24.26
N ILE R 470 -67.25 60.87 -25.54
CA ILE R 470 -66.66 61.71 -26.60
C ILE R 470 -67.30 63.08 -26.60
N ILE R 471 -68.64 63.12 -26.57
CA ILE R 471 -69.36 64.39 -26.49
C ILE R 471 -68.91 65.19 -25.28
N LYS R 472 -68.92 64.55 -24.11
CA LYS R 472 -68.53 65.24 -22.88
C LYS R 472 -67.09 65.71 -22.94
N ALA R 473 -66.21 64.91 -23.53
CA ALA R 473 -64.81 65.27 -23.67
C ALA R 473 -64.65 66.51 -24.53
N LEU R 474 -65.34 66.55 -25.67
CA LEU R 474 -65.25 67.75 -26.53
C LEU R 474 -65.82 68.98 -25.83
N ASP R 475 -66.94 68.82 -25.11
CA ASP R 475 -67.49 69.93 -24.33
C ASP R 475 -66.49 70.44 -23.31
N ILE R 476 -65.92 69.54 -22.51
CA ILE R 476 -65.00 69.97 -21.46
C ILE R 476 -63.70 70.49 -22.05
N TYR R 477 -63.26 69.94 -23.18
CA TYR R 477 -62.10 70.46 -23.89
C TYR R 477 -62.30 71.91 -24.35
N GLN R 478 -63.43 72.19 -24.99
CA GLN R 478 -63.73 73.58 -25.37
C GLN R 478 -63.82 74.48 -24.14
N GLU R 479 -64.56 74.07 -23.11
CA GLU R 479 -64.68 74.92 -21.92
C GLU R 479 -63.33 75.17 -21.26
N ARG R 480 -62.49 74.14 -21.19
CA ARG R 480 -61.21 74.21 -20.49
C ARG R 480 -60.10 74.77 -21.35
N LEU R 481 -60.32 74.89 -22.66
CA LEU R 481 -59.45 75.72 -23.48
C LEU R 481 -59.65 77.20 -23.19
N LEU R 482 -60.69 77.55 -22.43
CA LEU R 482 -61.03 78.91 -22.03
C LEU R 482 -60.99 79.90 -23.19
N ILE S 2 -23.38 43.53 -26.56
CA ILE S 2 -23.88 42.90 -25.35
C ILE S 2 -22.71 42.50 -24.43
N ASP S 3 -21.75 41.74 -24.95
CA ASP S 3 -20.55 41.42 -24.18
C ASP S 3 -19.79 42.70 -23.82
N ARG S 4 -19.19 42.69 -22.63
CA ARG S 4 -18.43 43.84 -22.15
C ARG S 4 -17.06 43.98 -22.81
N TYR S 5 -16.71 43.10 -23.76
CA TYR S 5 -15.58 43.29 -24.67
C TYR S 5 -14.28 43.66 -23.94
N LYS S 6 -14.00 42.97 -22.85
CA LYS S 6 -12.71 43.15 -22.17
C LYS S 6 -11.60 42.66 -23.08
N HIS S 7 -10.74 43.58 -23.53
CA HIS S 7 -9.61 43.27 -24.40
C HIS S 7 -8.30 43.61 -23.69
N GLN S 8 -7.45 42.59 -23.52
CA GLN S 8 -6.09 42.80 -23.04
C GLN S 8 -5.21 41.69 -23.57
N GLN S 9 -3.93 41.98 -23.76
CA GLN S 9 -3.03 41.05 -24.43
C GLN S 9 -1.62 41.23 -23.91
N LEU S 10 -0.86 40.14 -23.92
CA LEU S 10 0.54 40.12 -23.55
C LEU S 10 1.42 39.87 -24.77
N ARG S 11 2.53 40.60 -24.84
CA ARG S 11 3.52 40.42 -25.89
C ARG S 11 4.88 40.14 -25.26
N ILE S 12 5.49 39.02 -25.63
CA ILE S 12 6.88 38.75 -25.29
C ILE S 12 7.71 38.97 -26.53
N GLY S 13 8.91 39.51 -26.36
CA GLY S 13 9.76 39.79 -27.50
C GLY S 13 11.18 40.05 -27.08
N LEU S 14 12.11 39.85 -28.02
CA LEU S 14 13.50 40.22 -27.76
C LEU S 14 13.59 41.73 -27.59
N VAL S 15 14.46 42.16 -26.70
CA VAL S 15 14.61 43.57 -26.36
C VAL S 15 15.75 44.18 -27.15
N SER S 16 15.51 45.37 -27.70
CA SER S 16 16.57 46.11 -28.37
C SER S 16 17.62 46.58 -27.37
N PRO S 17 18.87 46.73 -27.82
CA PRO S 17 19.87 47.43 -26.99
C PRO S 17 19.44 48.82 -26.56
N GLN S 18 18.64 49.51 -27.36
CA GLN S 18 18.05 50.79 -26.94
C GLN S 18 17.23 50.61 -25.66
N GLN S 19 16.38 49.58 -25.62
CA GLN S 19 15.64 49.30 -24.40
C GLN S 19 16.57 48.93 -23.25
N ILE S 20 17.67 48.21 -23.55
CA ILE S 20 18.65 47.91 -22.51
C ILE S 20 19.21 49.20 -21.91
N SER S 21 19.51 50.19 -22.75
CA SER S 21 19.93 51.49 -22.23
C SER S 21 18.80 52.18 -21.50
N ALA S 22 17.56 51.88 -21.89
CA ALA S 22 16.37 52.46 -21.28
C ALA S 22 15.98 51.84 -19.94
N TRP S 23 16.61 50.73 -19.53
CA TRP S 23 16.34 50.24 -18.17
C TRP S 23 16.65 51.30 -17.13
N ALA S 24 17.72 52.06 -17.33
CA ALA S 24 18.10 53.12 -16.41
C ALA S 24 17.18 54.34 -16.57
N ARG S 101 12.71 44.80 -7.21
CA ARG S 101 11.50 45.27 -7.88
C ARG S 101 11.52 46.79 -8.00
N TYR S 102 12.55 47.41 -7.41
CA TYR S 102 12.69 48.86 -7.48
C TYR S 102 13.34 49.32 -8.78
N GLN S 103 14.38 48.63 -9.24
CA GLN S 103 15.29 49.18 -10.23
C GLN S 103 15.87 48.04 -11.06
N MET S 104 16.49 48.41 -12.18
CA MET S 104 17.24 47.47 -13.01
C MET S 104 18.55 48.13 -13.42
N GLY S 105 19.51 47.31 -13.87
CA GLY S 105 20.76 47.86 -14.36
C GLY S 105 21.25 47.20 -15.62
N TYR S 106 22.45 47.55 -16.08
CA TYR S 106 23.00 46.88 -17.25
C TYR S 106 24.52 46.85 -17.21
N ILE S 107 25.09 45.91 -17.95
CA ILE S 107 26.52 45.79 -18.21
C ILE S 107 26.76 46.15 -19.66
N LYS S 108 27.72 47.04 -19.89
CA LYS S 108 28.26 47.30 -21.23
C LYS S 108 29.20 46.18 -21.61
N LEU S 109 28.72 45.26 -22.44
CA LEU S 109 29.54 44.16 -22.91
C LEU S 109 30.62 44.68 -23.85
N THR S 110 31.85 44.22 -23.65
CA THR S 110 32.95 44.63 -24.52
C THR S 110 32.83 43.99 -25.90
N CYS S 111 32.25 42.79 -25.98
CA CYS S 111 32.02 42.08 -27.21
C CYS S 111 30.58 41.61 -27.26
N PRO S 112 29.96 41.57 -28.46
CA PRO S 112 28.67 40.92 -28.60
C PRO S 112 28.68 39.48 -28.06
N VAL S 113 27.53 39.02 -27.61
CA VAL S 113 27.39 37.69 -27.04
C VAL S 113 26.07 37.08 -27.53
N THR S 114 26.14 35.84 -28.01
CA THR S 114 24.94 35.15 -28.47
C THR S 114 24.06 34.74 -27.30
N HIS S 115 22.75 34.76 -27.54
CA HIS S 115 21.79 34.20 -26.59
C HIS S 115 21.78 32.68 -26.71
N VAL S 116 22.06 32.00 -25.59
CA VAL S 116 22.21 30.55 -25.61
C VAL S 116 20.93 29.84 -26.06
N TRP S 117 19.77 30.44 -25.79
CA TRP S 117 18.53 29.85 -26.26
C TRP S 117 18.42 29.84 -27.78
N TYR S 118 19.18 30.68 -28.47
CA TYR S 118 19.04 30.82 -29.92
C TYR S 118 20.21 30.24 -30.69
N LEU S 119 21.41 30.22 -30.11
CA LEU S 119 22.51 29.47 -30.69
C LEU S 119 22.40 27.98 -30.37
N LYS S 120 22.41 27.62 -29.09
CA LYS S 120 22.66 26.25 -28.66
C LYS S 120 21.40 25.38 -28.67
N ARG S 121 20.32 25.85 -28.06
CA ARG S 121 19.19 24.98 -27.74
C ARG S 121 18.45 24.61 -29.02
N LEU S 122 18.57 23.36 -29.43
CA LEU S 122 18.18 22.93 -30.76
C LEU S 122 16.65 23.05 -30.93
N PRO S 123 16.18 23.25 -32.17
CA PRO S 123 16.95 23.52 -33.40
C PRO S 123 17.51 24.93 -33.41
N SER S 124 18.78 25.10 -33.81
CA SER S 124 19.46 26.37 -33.64
C SER S 124 18.80 27.45 -34.47
N TYR S 125 18.17 28.42 -33.80
CA TYR S 125 17.40 29.43 -34.51
C TYR S 125 18.28 30.34 -35.34
N ILE S 126 19.45 30.73 -34.79
CA ILE S 126 20.39 31.54 -35.56
C ILE S 126 20.86 30.76 -36.77
N ALA S 127 21.17 29.48 -36.60
CA ALA S 127 21.55 28.65 -37.73
C ALA S 127 20.41 28.51 -38.73
N ASN S 128 19.17 28.45 -38.23
CA ASN S 128 18.01 28.37 -39.12
C ASN S 128 17.83 29.66 -39.93
N LEU S 129 18.25 30.80 -39.38
CA LEU S 129 18.28 32.02 -40.20
C LEU S 129 19.43 32.00 -41.19
N LEU S 130 20.65 31.74 -40.72
CA LEU S 130 21.83 31.93 -41.54
C LEU S 130 22.06 30.81 -42.55
N ASP S 131 21.39 29.67 -42.37
CA ASP S 131 21.62 28.49 -43.21
C ASP S 131 23.07 28.04 -43.13
N LYS S 132 23.62 28.05 -41.92
CA LYS S 132 24.92 27.50 -41.59
C LYS S 132 24.76 26.32 -40.65
N PRO S 133 25.53 25.25 -40.83
CA PRO S 133 25.54 24.17 -39.83
C PRO S 133 25.88 24.70 -38.45
N LEU S 134 25.24 24.11 -37.43
CA LEU S 134 25.45 24.56 -36.06
C LEU S 134 26.91 24.42 -35.65
N LYS S 135 27.60 23.39 -36.14
CA LYS S 135 29.03 23.26 -35.88
C LYS S 135 29.82 24.48 -36.36
N GLU S 136 29.32 25.18 -37.39
CA GLU S 136 30.04 26.35 -37.88
C GLU S 136 29.83 27.57 -36.98
N LEU S 137 28.61 27.77 -36.48
CA LEU S 137 28.38 28.88 -35.56
C LEU S 137 28.99 28.63 -34.19
N GLU S 138 29.00 27.38 -33.74
CA GLU S 138 29.79 27.02 -32.56
C GLU S 138 31.28 27.24 -32.80
N GLY S 139 31.76 26.90 -33.99
CA GLY S 139 33.13 27.24 -34.36
C GLY S 139 33.45 28.71 -34.21
N LEU S 140 32.56 29.57 -34.69
CA LEU S 140 32.81 31.01 -34.67
C LEU S 140 32.90 31.61 -33.28
N VAL S 141 32.48 30.92 -32.22
CA VAL S 141 32.61 31.54 -30.91
C VAL S 141 32.93 30.56 -29.78
N TYR S 142 32.53 29.30 -29.93
CA TYR S 142 32.94 28.30 -28.94
C TYR S 142 34.29 27.67 -29.24
N CYS S 143 34.66 27.54 -30.52
CA CYS S 143 35.99 27.06 -30.86
C CYS S 143 37.01 28.20 -30.78
N ASP S 144 38.27 27.80 -30.58
CA ASP S 144 39.37 28.75 -30.44
C ASP S 144 39.79 29.36 -31.77
N PHE S 145 39.36 28.81 -32.90
CA PHE S 145 39.72 29.38 -34.20
C PHE S 145 38.59 29.13 -35.19
N SER S 146 38.00 30.21 -35.68
CA SER S 146 37.17 30.17 -36.88
C SER S 146 37.05 31.58 -37.42
N PHE S 147 36.65 31.67 -38.69
CA PHE S 147 36.62 32.93 -39.42
C PHE S 147 35.35 33.01 -40.25
N ALA S 148 34.74 34.19 -40.27
CA ALA S 148 33.61 34.45 -41.14
C ALA S 148 34.07 34.89 -42.53
N ARG S 149 33.26 34.56 -43.53
CA ARG S 149 33.31 35.25 -44.81
C ARG S 149 32.91 36.72 -44.63
N PRO S 150 33.23 37.56 -45.61
CA PRO S 150 32.84 38.98 -45.52
C PRO S 150 31.34 39.15 -45.30
N ILE S 151 30.98 40.29 -44.69
CA ILE S 151 29.59 40.64 -44.47
C ILE S 151 28.97 41.20 -45.74
N THR S 152 27.71 40.81 -46.00
CA THR S 152 27.15 40.83 -47.35
C THR S 152 26.90 42.24 -47.88
N LYS S 153 26.61 43.20 -47.01
CA LYS S 153 26.03 44.46 -47.45
C LYS S 153 27.04 45.53 -47.86
N LYS S 154 28.34 45.26 -47.77
CA LYS S 154 29.32 46.30 -48.01
C LYS S 154 30.46 45.76 -48.87
N PRO S 155 31.09 46.61 -49.68
CA PRO S 155 32.17 46.14 -50.57
C PRO S 155 33.30 45.47 -49.80
N THR S 156 33.86 44.42 -50.42
CA THR S 156 35.05 43.77 -49.90
C THR S 156 35.77 43.10 -51.06
N PHE S 157 37.09 42.99 -50.93
CA PHE S 157 37.95 42.58 -52.04
C PHE S 157 38.86 41.42 -51.69
N LEU S 158 39.25 41.34 -50.42
CA LEU S 158 40.47 40.60 -50.06
C LEU S 158 40.29 39.10 -50.21
N ARG S 159 39.09 38.58 -50.04
CA ARG S 159 38.89 37.13 -50.12
C ARG S 159 38.84 36.68 -51.58
N GLN S 169 51.14 31.18 -46.44
CA GLN S 169 50.83 31.67 -45.09
C GLN S 169 49.48 32.36 -45.06
N SER S 170 49.10 32.86 -43.89
CA SER S 170 47.77 33.42 -43.67
C SER S 170 47.75 34.94 -43.73
N TRP S 171 48.88 35.57 -44.05
CA TRP S 171 48.99 37.02 -44.22
C TRP S 171 48.55 37.81 -43.00
N LYS S 172 48.38 37.15 -41.86
CA LYS S 172 47.83 37.80 -40.66
C LYS S 172 48.64 39.04 -40.28
N TYR S 173 49.96 38.91 -40.23
CA TYR S 173 50.83 40.07 -40.03
C TYR S 173 51.04 40.88 -41.30
N SER S 174 51.07 40.22 -42.46
CA SER S 174 51.51 40.89 -43.69
C SER S 174 50.57 42.02 -44.10
N ILE S 175 49.26 41.80 -44.02
CA ILE S 175 48.31 42.85 -44.40
C ILE S 175 48.40 44.07 -43.50
N PRO S 176 48.49 43.96 -42.17
CA PRO S 176 48.85 45.12 -41.35
C PRO S 176 50.21 45.72 -41.67
N LEU S 177 51.01 45.12 -42.56
CA LEU S 177 52.17 45.81 -43.10
C LEU S 177 51.84 46.47 -44.43
N PHE S 178 51.07 45.80 -45.28
CA PHE S 178 50.65 46.38 -46.55
C PHE S 178 49.59 47.45 -46.38
N PHE S 179 48.99 47.56 -45.19
CA PHE S 179 47.97 48.54 -44.89
C PHE S 179 48.34 49.23 -43.59
N THR S 180 48.07 50.53 -43.51
CA THR S 180 48.16 51.23 -42.23
C THR S 180 47.04 50.78 -41.29
N THR S 181 47.38 50.66 -40.01
CA THR S 181 46.43 50.17 -39.02
C THR S 181 45.22 51.10 -38.88
N GLN S 182 45.40 52.39 -39.15
CA GLN S 182 44.30 53.34 -39.10
C GLN S 182 43.22 53.00 -40.12
N GLY S 183 43.58 52.34 -41.21
CA GLY S 183 42.62 51.84 -42.17
C GLY S 183 42.28 50.38 -41.91
N PHE S 184 43.30 49.64 -41.50
CA PHE S 184 43.15 48.20 -41.27
C PHE S 184 42.05 47.93 -40.25
N GLU S 185 42.09 48.60 -39.12
CA GLU S 185 41.05 48.37 -38.12
C GLU S 185 39.69 48.87 -38.57
N ILE S 186 39.64 49.71 -39.60
CA ILE S 186 38.35 50.14 -40.15
C ILE S 186 37.74 49.07 -41.06
N PHE S 187 38.54 48.46 -41.94
CA PHE S 187 37.92 47.53 -42.89
C PHE S 187 37.98 46.07 -42.46
N ARG S 188 38.97 45.68 -41.65
CA ARG S 188 39.22 44.26 -41.43
C ARG S 188 37.97 43.54 -40.95
N ASN S 189 37.28 44.11 -39.97
CA ASN S 189 36.06 43.49 -39.45
C ASN S 189 34.98 43.42 -40.52
N ARG S 190 35.06 44.26 -41.55
CA ARG S 190 34.16 44.15 -42.69
C ARG S 190 34.57 42.98 -43.58
N GLU S 191 35.87 42.73 -43.70
CA GLU S 191 36.36 41.71 -44.61
C GLU S 191 36.41 40.32 -43.97
N ILE S 192 36.88 40.24 -42.73
CA ILE S 192 36.93 38.97 -42.00
C ILE S 192 36.74 39.27 -40.52
N SER S 193 36.02 38.40 -39.83
CA SER S 193 35.74 38.63 -38.42
C SER S 193 35.56 37.30 -37.71
N THR S 194 35.66 37.33 -36.38
CA THR S 194 35.51 36.16 -35.55
C THR S 194 34.84 36.57 -34.25
N GLY S 195 34.32 35.57 -33.54
CA GLY S 195 33.50 35.83 -32.37
C GLY S 195 32.07 36.18 -32.73
N ALA S 196 31.27 36.37 -31.68
CA ALA S 196 29.85 36.65 -31.86
C ALA S 196 29.59 37.96 -32.61
N GLY S 197 30.59 38.85 -32.70
CA GLY S 197 30.45 40.00 -33.56
C GLY S 197 30.26 39.64 -35.02
N ALA S 198 30.86 38.54 -35.47
CA ALA S 198 30.61 38.06 -36.82
C ALA S 198 29.15 37.66 -37.01
N ILE S 199 28.58 36.95 -36.02
CA ILE S 199 27.17 36.60 -36.07
C ILE S 199 26.32 37.87 -36.10
N ARG S 200 26.57 38.78 -35.16
CA ARG S 200 25.81 40.02 -35.06
C ARG S 200 25.79 40.76 -36.40
N GLU S 201 26.96 40.93 -37.02
CA GLU S 201 27.04 41.72 -38.25
C GLU S 201 26.46 40.99 -39.44
N GLN S 202 26.71 39.68 -39.58
CA GLN S 202 26.10 38.94 -40.67
C GLN S 202 24.58 38.89 -40.54
N LEU S 203 24.08 38.75 -39.32
CA LEU S 203 22.64 38.68 -39.08
C LEU S 203 21.96 40.02 -39.29
N ALA S 204 22.63 41.13 -38.97
CA ALA S 204 22.06 42.43 -39.27
C ALA S 204 22.08 42.73 -40.76
N ASP S 205 23.04 42.17 -41.50
CA ASP S 205 23.09 42.31 -42.95
C ASP S 205 22.10 41.40 -43.66
N LEU S 206 21.44 40.50 -42.93
CA LEU S 206 20.66 39.44 -43.54
C LEU S 206 19.44 39.99 -44.30
N ASP S 207 19.31 39.57 -45.56
CA ASP S 207 18.15 39.90 -46.40
C ASP S 207 17.07 38.84 -46.13
N LEU S 208 16.20 39.13 -45.18
CA LEU S 208 15.16 38.18 -44.76
C LEU S 208 14.16 37.84 -45.86
N ARG S 209 14.10 38.63 -46.93
CA ARG S 209 13.12 38.43 -47.99
C ARG S 209 13.67 37.57 -49.13
N ILE S 210 14.91 37.83 -49.55
CA ILE S 210 15.52 36.94 -50.52
C ILE S 210 15.71 35.56 -49.90
N ILE S 211 15.80 35.50 -48.56
CA ILE S 211 15.74 34.20 -47.90
C ILE S 211 14.44 33.48 -48.21
N ILE S 212 13.31 34.21 -48.22
CA ILE S 212 12.04 33.59 -48.56
C ILE S 212 12.06 33.10 -50.00
N GLU S 213 12.54 33.95 -50.91
CA GLU S 213 12.54 33.57 -52.33
C GLU S 213 13.45 32.37 -52.57
N ASN S 214 14.68 32.40 -52.05
CA ASN S 214 15.60 31.30 -52.21
C ASN S 214 15.09 30.02 -51.57
N SER S 215 14.49 30.11 -50.38
CA SER S 215 14.00 28.93 -49.69
C SER S 215 12.83 28.31 -50.42
N LEU S 216 11.92 29.14 -50.94
CA LEU S 216 10.83 28.60 -51.76
C LEU S 216 11.36 27.93 -53.02
N VAL S 217 12.34 28.56 -53.67
CA VAL S 217 12.92 27.99 -54.89
C VAL S 217 13.57 26.64 -54.59
N GLU S 218 14.33 26.55 -53.51
CA GLU S 218 14.98 25.29 -53.15
C GLU S 218 13.96 24.23 -52.73
N TRP S 219 12.92 24.61 -52.00
CA TRP S 219 11.88 23.64 -51.66
C TRP S 219 11.20 23.11 -52.91
N LYS S 220 10.91 23.98 -53.87
CA LYS S 220 10.36 23.54 -55.15
C LYS S 220 11.30 22.59 -55.88
N GLN S 221 12.59 22.91 -55.90
CA GLN S 221 13.57 22.03 -56.52
C GLN S 221 13.58 20.66 -55.88
N LEU S 222 13.66 20.61 -54.55
CA LEU S 222 13.64 19.34 -53.83
C LEU S 222 12.31 18.61 -53.94
N GLY S 223 11.23 19.32 -54.27
CA GLY S 223 9.95 18.65 -54.49
C GLY S 223 9.80 18.08 -55.89
N GLU S 224 10.35 18.76 -56.89
CA GLU S 224 10.27 18.25 -58.26
C GLU S 224 11.33 17.19 -58.51
N GLU S 225 12.46 17.25 -57.80
CA GLU S 225 13.41 16.15 -57.80
C GLU S 225 12.75 14.88 -57.26
N GLY S 226 12.99 13.77 -57.96
CA GLY S 226 12.34 12.52 -57.64
C GLY S 226 12.86 11.90 -56.36
N PRO S 227 11.98 11.25 -55.62
CA PRO S 227 12.40 10.52 -54.41
C PRO S 227 13.52 9.53 -54.72
N THR S 228 14.53 9.52 -53.86
CA THR S 228 15.65 8.59 -53.99
C THR S 228 15.31 7.25 -53.34
N GLY S 229 16.07 6.23 -53.73
CA GLY S 229 15.98 4.92 -53.11
C GLY S 229 16.79 4.73 -51.85
N ASN S 230 17.60 5.72 -51.47
CA ASN S 230 18.48 5.60 -50.31
C ASN S 230 17.86 6.32 -49.12
N GLU S 231 17.72 5.60 -48.01
CA GLU S 231 17.01 6.13 -46.85
C GLU S 231 17.75 7.31 -46.24
N TRP S 232 19.08 7.26 -46.20
CA TRP S 232 19.84 8.36 -45.62
C TRP S 232 19.76 9.61 -46.48
N GLU S 233 19.86 9.45 -47.80
CA GLU S 233 19.68 10.57 -48.72
C GLU S 233 18.24 11.09 -48.68
N ASP S 234 17.26 10.19 -48.63
CA ASP S 234 15.86 10.61 -48.58
C ASP S 234 15.56 11.41 -47.33
N ARG S 235 15.95 10.91 -46.16
CA ARG S 235 15.71 11.65 -44.93
C ARG S 235 16.56 12.91 -44.85
N LYS S 236 17.73 12.95 -45.51
CA LYS S 236 18.46 14.20 -45.63
C LYS S 236 17.67 15.23 -46.44
N ILE S 237 17.12 14.81 -47.57
CA ILE S 237 16.27 15.69 -48.38
C ILE S 237 15.09 16.20 -47.57
N VAL S 238 14.42 15.29 -46.85
CA VAL S 238 13.25 15.68 -46.06
C VAL S 238 13.64 16.66 -44.95
N ARG S 239 14.75 16.40 -44.26
CA ARG S 239 15.24 17.35 -43.26
C ARG S 239 15.61 18.68 -43.88
N ARG S 240 16.10 18.68 -45.12
CA ARG S 240 16.39 19.95 -45.80
C ARG S 240 15.12 20.73 -46.11
N LYS S 241 14.08 20.03 -46.59
CA LYS S 241 12.79 20.67 -46.81
C LYS S 241 12.22 21.24 -45.51
N ASP S 242 12.27 20.46 -44.43
CA ASP S 242 11.83 20.95 -43.13
C ASP S 242 12.63 22.18 -42.69
N PHE S 243 13.95 22.16 -42.90
CA PHE S 243 14.78 23.31 -42.57
C PHE S 243 14.37 24.53 -43.35
N LEU S 244 14.15 24.38 -44.65
CA LEU S 244 13.73 25.50 -45.49
C LEU S 244 12.39 26.05 -45.04
N VAL S 245 11.46 25.17 -44.65
CA VAL S 245 10.17 25.63 -44.14
C VAL S 245 10.33 26.41 -42.83
N ARG S 246 11.16 25.90 -41.91
CA ARG S 246 11.43 26.64 -40.68
C ARG S 246 12.05 28.00 -40.96
N ARG S 247 12.99 28.04 -41.92
CA ARG S 247 13.64 29.30 -42.28
C ARG S 247 12.64 30.28 -42.87
N MET S 248 11.74 29.81 -43.73
CA MET S 248 10.67 30.66 -44.25
C MET S 248 9.80 31.21 -43.13
N GLU S 249 9.40 30.34 -42.19
CA GLU S 249 8.55 30.80 -41.10
C GLU S 249 9.24 31.87 -40.26
N LEU S 250 10.51 31.63 -39.89
CA LEU S 250 11.22 32.58 -39.05
C LEU S 250 11.44 33.91 -39.77
N ALA S 251 11.86 33.86 -41.04
CA ALA S 251 12.09 35.11 -41.77
C ALA S 251 10.79 35.86 -42.01
N LYS S 252 9.72 35.15 -42.34
CA LYS S 252 8.41 35.78 -42.50
C LYS S 252 7.98 36.49 -41.23
N HIS S 253 8.19 35.85 -40.07
CA HIS S 253 7.83 36.52 -38.83
C HIS S 253 8.71 37.74 -38.57
N PHE S 254 10.01 37.62 -38.83
CA PHE S 254 10.92 38.74 -38.64
C PHE S 254 10.62 39.91 -39.57
N ILE S 255 10.02 39.67 -40.74
CA ILE S 255 9.58 40.76 -41.61
C ILE S 255 8.15 41.19 -41.33
N ARG S 256 7.46 40.54 -40.40
CA ARG S 256 6.08 40.86 -40.07
C ARG S 256 5.93 40.87 -38.55
N THR S 257 6.82 41.61 -37.91
CA THR S 257 6.81 41.90 -36.48
C THR S 257 7.78 43.05 -36.25
N ASN S 258 7.51 43.86 -35.22
CA ASN S 258 8.36 45.00 -34.92
C ASN S 258 9.58 44.59 -34.11
N ILE S 259 10.29 43.55 -34.55
CA ILE S 259 11.52 43.09 -33.92
C ILE S 259 12.54 42.80 -35.01
N GLU S 260 13.80 42.67 -34.60
CA GLU S 260 14.91 42.53 -35.51
C GLU S 260 15.75 41.31 -35.15
N PRO S 261 16.22 40.55 -36.14
CA PRO S 261 16.90 39.29 -35.83
C PRO S 261 18.26 39.48 -35.15
N GLU S 262 18.95 40.58 -35.43
CA GLU S 262 20.25 40.83 -34.80
C GLU S 262 20.16 40.97 -33.28
N TRP S 263 18.97 41.15 -32.73
CA TRP S 263 18.78 41.13 -31.28
C TRP S 263 18.99 39.76 -30.67
N MET S 264 19.08 38.70 -31.49
CA MET S 264 19.52 37.40 -31.01
C MET S 264 20.97 37.41 -30.51
N VAL S 265 21.75 38.44 -30.81
CA VAL S 265 23.07 38.63 -30.24
C VAL S 265 23.05 39.90 -29.42
N LEU S 266 23.32 39.77 -28.12
CA LEU S 266 23.28 40.89 -27.20
C LEU S 266 24.56 41.71 -27.29
N CYS S 267 24.42 43.02 -27.11
CA CYS S 267 25.56 43.91 -26.89
C CYS S 267 25.57 44.52 -25.49
N LEU S 268 24.45 44.46 -24.77
CA LEU S 268 24.36 44.90 -23.39
C LEU S 268 23.62 43.84 -22.60
N LEU S 269 24.08 43.58 -21.37
CA LEU S 269 23.41 42.54 -20.57
C LEU S 269 22.67 43.12 -19.38
N PRO S 270 21.41 42.76 -19.14
CA PRO S 270 20.67 43.35 -18.03
C PRO S 270 21.07 42.76 -16.69
N VAL S 271 20.80 43.53 -15.63
CA VAL S 271 21.18 43.18 -14.26
C VAL S 271 19.98 43.35 -13.35
N LEU S 272 19.73 42.33 -12.52
CA LEU S 272 18.69 42.40 -11.50
C LEU S 272 19.10 43.35 -10.38
N PRO S 273 18.13 43.99 -9.72
CA PRO S 273 18.43 44.67 -8.47
C PRO S 273 18.77 43.67 -7.37
N PRO S 274 19.62 44.05 -6.42
CA PRO S 274 20.09 43.06 -5.43
C PRO S 274 18.96 42.53 -4.54
N GLU S 275 17.92 43.33 -4.34
CA GLU S 275 16.75 42.92 -3.56
C GLU S 275 15.95 41.80 -4.20
N LEU S 276 16.18 41.50 -5.48
CA LEU S 276 15.61 40.31 -6.11
C LEU S 276 16.60 39.16 -6.21
N ARG S 277 17.81 39.32 -5.68
CA ARG S 277 18.80 38.26 -5.66
C ARG S 277 19.65 38.29 -4.39
N PRO S 278 19.03 38.44 -3.19
CA PRO S 278 19.81 38.71 -1.99
C PRO S 278 20.72 37.55 -1.58
N ASP S 291 23.53 32.36 -5.60
CA ASP S 291 24.28 31.56 -6.55
C ASP S 291 24.45 32.31 -7.87
N ILE S 292 23.43 33.10 -8.22
CA ILE S 292 23.50 33.91 -9.43
C ILE S 292 24.39 35.14 -9.23
N ASN S 293 24.59 35.57 -7.99
CA ASN S 293 25.52 36.66 -7.72
C ASN S 293 26.95 36.27 -8.10
N GLU S 294 27.32 35.00 -7.91
CA GLU S 294 28.62 34.54 -8.38
C GLU S 294 28.72 34.62 -9.90
N LEU S 295 27.63 34.35 -10.60
CA LEU S 295 27.64 34.41 -12.06
C LEU S 295 27.76 35.85 -12.55
N TYR S 296 27.01 36.77 -11.92
CA TYR S 296 27.15 38.19 -12.25
C TYR S 296 28.56 38.69 -11.96
N ARG S 297 29.12 38.33 -10.80
CA ARG S 297 30.51 38.69 -10.50
C ARG S 297 31.48 38.15 -11.54
N ARG S 298 31.30 36.90 -11.97
CA ARG S 298 32.17 36.32 -12.98
C ARG S 298 32.05 37.06 -14.31
N VAL S 299 30.83 37.38 -14.73
CA VAL S 299 30.64 38.13 -15.96
C VAL S 299 31.28 39.51 -15.87
N ILE S 300 31.04 40.21 -14.77
CA ILE S 300 31.64 41.54 -14.56
C ILE S 300 33.16 41.46 -14.66
N TYR S 301 33.77 40.49 -13.96
CA TYR S 301 35.21 40.37 -13.99
C TYR S 301 35.73 40.06 -15.39
N ARG S 302 35.10 39.11 -16.07
CA ARG S 302 35.55 38.74 -17.41
C ARG S 302 35.42 39.91 -18.38
N ASN S 303 34.30 40.64 -18.31
CA ASN S 303 34.10 41.79 -19.19
C ASN S 303 35.08 42.91 -18.90
N ASN S 304 35.33 43.21 -17.62
CA ASN S 304 36.30 44.25 -17.29
C ASN S 304 37.71 43.86 -17.72
N THR S 305 38.08 42.58 -17.54
CA THR S 305 39.37 42.11 -18.04
C THR S 305 39.47 42.24 -19.56
N LEU S 306 38.38 41.91 -20.27
CA LEU S 306 38.38 42.04 -21.72
C LEU S 306 38.52 43.48 -22.16
N THR S 307 37.81 44.40 -21.49
CA THR S 307 38.00 45.82 -21.75
C THR S 307 39.43 46.27 -21.48
N ASP S 308 40.02 45.82 -20.37
CA ASP S 308 41.40 46.18 -20.06
C ASP S 308 42.35 45.70 -21.15
N LEU S 309 42.20 44.46 -21.59
CA LEU S 309 43.07 43.94 -22.65
C LEU S 309 42.80 44.62 -23.98
N LEU S 310 41.58 45.12 -24.19
CA LEU S 310 41.30 45.92 -25.38
C LEU S 310 41.98 47.28 -25.32
N THR S 311 42.12 47.85 -24.13
CA THR S 311 42.48 49.26 -24.00
C THR S 311 43.87 49.52 -23.43
N THR S 312 44.44 48.57 -22.69
CA THR S 312 45.66 48.87 -21.94
C THR S 312 46.84 49.13 -22.86
N SER S 313 46.95 48.35 -23.95
CA SER S 313 47.99 48.58 -24.94
C SER S 313 47.58 47.99 -26.29
N GLY S 318 46.20 39.51 -29.39
CA GLY S 318 44.83 39.45 -29.85
C GLY S 318 44.17 38.10 -29.63
N GLU S 319 44.99 37.05 -29.61
CA GLU S 319 44.49 35.72 -29.30
C GLU S 319 44.11 35.57 -27.84
N LEU S 320 44.70 36.38 -26.95
CA LEU S 320 44.24 36.41 -25.56
C LEU S 320 42.95 37.22 -25.44
N VAL S 321 42.86 38.33 -26.18
CA VAL S 321 41.61 39.06 -26.26
C VAL S 321 40.49 38.15 -26.74
N MET S 322 40.75 37.40 -27.82
CA MET S 322 39.81 36.40 -28.31
C MET S 322 39.49 35.35 -27.25
N CYS S 323 40.50 34.91 -26.49
CA CYS S 323 40.25 33.94 -25.43
C CYS S 323 39.31 34.50 -24.35
N GLN S 324 39.50 35.77 -23.99
CA GLN S 324 38.60 36.38 -23.02
C GLN S 324 37.21 36.59 -23.59
N GLU S 325 37.10 36.93 -24.87
CA GLU S 325 35.80 36.99 -25.52
C GLU S 325 35.09 35.64 -25.46
N LYS S 326 35.82 34.55 -25.71
CA LYS S 326 35.27 33.21 -25.57
C LYS S 326 34.79 32.96 -24.14
N LEU S 327 35.62 33.28 -23.15
CA LEU S 327 35.24 33.00 -21.77
C LEU S 327 34.08 33.88 -21.30
N VAL S 328 33.95 35.09 -21.85
CA VAL S 328 32.77 35.91 -21.61
C VAL S 328 31.53 35.26 -22.19
N GLN S 329 31.64 34.76 -23.43
CA GLN S 329 30.52 34.04 -24.04
C GLN S 329 30.11 32.85 -23.19
N GLU S 330 31.08 32.06 -22.73
CA GLU S 330 30.79 30.91 -21.88
C GLU S 330 30.13 31.33 -20.57
N ALA S 331 30.61 32.41 -19.95
CA ALA S 331 30.03 32.88 -18.70
C ALA S 331 28.58 33.31 -18.89
N VAL S 332 28.32 34.12 -19.91
CA VAL S 332 26.96 34.57 -20.19
C VAL S 332 26.05 33.40 -20.50
N ASP S 333 26.52 32.45 -21.31
CA ASP S 333 25.70 31.29 -21.65
C ASP S 333 25.39 30.45 -20.41
N THR S 334 26.37 30.27 -19.52
CA THR S 334 26.13 29.58 -18.26
C THR S 334 25.11 30.33 -17.40
N LEU S 335 25.14 31.66 -17.45
CA LEU S 335 24.21 32.46 -16.65
C LEU S 335 22.79 32.42 -17.22
N LEU S 336 22.66 32.32 -18.54
CA LEU S 336 21.33 32.21 -19.14
C LEU S 336 20.76 30.80 -18.98
N ASP S 337 21.55 29.78 -19.32
CA ASP S 337 21.12 28.39 -19.19
C ASP S 337 22.33 27.50 -18.95
N SER S 355 21.42 28.81 -13.16
CA SER S 355 21.19 29.79 -14.23
C SER S 355 19.80 30.39 -14.13
N PHE S 356 19.52 31.38 -14.98
CA PHE S 356 18.14 31.85 -15.11
C PHE S 356 17.21 30.73 -15.58
N SER S 357 17.67 29.89 -16.51
CA SER S 357 16.85 28.74 -16.91
C SER S 357 16.63 27.77 -15.76
N ASP S 358 17.62 27.62 -14.87
CA ASP S 358 17.40 26.81 -13.68
C ASP S 358 16.50 27.49 -12.66
N VAL S 359 16.37 28.82 -12.73
CA VAL S 359 15.35 29.50 -11.93
C VAL S 359 13.99 29.40 -12.60
N ILE S 360 13.95 29.31 -13.92
CA ILE S 360 12.69 29.18 -14.65
C ILE S 360 12.15 27.77 -14.51
N GLY S 365 9.57 25.90 -10.33
CA GLY S 365 9.50 27.02 -11.24
C GLY S 365 8.66 28.17 -10.72
N ARG S 366 9.13 29.40 -10.99
CA ARG S 366 8.59 30.58 -10.32
C ARG S 366 7.07 30.69 -10.50
N PHE S 367 6.54 30.20 -11.63
CA PHE S 367 5.10 30.22 -11.83
C PHE S 367 4.39 29.42 -10.74
N ARG S 368 4.98 28.29 -10.36
CA ARG S 368 4.45 27.45 -9.29
C ARG S 368 4.96 27.85 -7.93
N GLU S 369 6.19 28.35 -7.84
CA GLU S 369 6.83 28.65 -6.58
C GLU S 369 6.52 30.06 -6.07
N THR S 370 6.21 31.01 -6.95
CA THR S 370 6.13 32.40 -6.52
C THR S 370 4.85 33.08 -7.00
N LEU S 371 4.30 32.65 -8.13
CA LEU S 371 3.03 33.19 -8.59
C LEU S 371 1.85 32.41 -8.01
N LEU S 372 1.77 31.13 -8.30
CA LEU S 372 0.99 30.21 -7.47
C LEU S 372 1.75 29.85 -6.20
N GLY S 373 1.07 29.12 -5.32
CA GLY S 373 1.72 28.56 -4.16
C GLY S 373 2.05 29.57 -3.09
N SER S 382 -5.33 24.13 12.02
CA SER S 382 -5.67 23.32 13.18
C SER S 382 -5.94 21.87 12.76
N VAL S 383 -5.70 20.94 13.68
CA VAL S 383 -6.30 19.62 13.58
C VAL S 383 -7.81 19.72 13.74
N ILE S 384 -8.54 18.96 12.92
CA ILE S 384 -9.99 18.98 12.96
C ILE S 384 -10.51 18.02 14.02
N VAL S 385 -11.68 18.33 14.57
CA VAL S 385 -12.44 17.43 15.41
C VAL S 385 -13.85 17.31 14.83
N VAL S 386 -14.32 16.08 14.66
CA VAL S 386 -15.66 15.86 14.16
C VAL S 386 -16.68 16.15 15.26
N GLY S 387 -17.63 17.04 14.98
CA GLY S 387 -18.60 17.44 15.95
C GLY S 387 -20.03 17.23 15.50
N PRO S 388 -20.70 16.23 16.06
CA PRO S 388 -22.12 15.99 15.72
C PRO S 388 -23.01 17.20 15.95
N SER S 389 -22.69 18.05 16.92
CA SER S 389 -23.56 19.16 17.29
C SER S 389 -23.53 20.31 16.30
N LEU S 390 -22.71 20.23 15.26
CA LEU S 390 -22.74 21.24 14.21
C LEU S 390 -23.86 20.96 13.22
N SER S 391 -24.34 22.01 12.58
CA SER S 391 -25.16 21.88 11.39
C SER S 391 -24.29 21.64 10.16
N LEU S 392 -24.92 21.08 9.12
CA LEU S 392 -24.19 20.74 7.90
C LEU S 392 -23.49 21.95 7.27
N HIS S 393 -23.91 23.16 7.63
CA HIS S 393 -23.32 24.38 7.09
C HIS S 393 -22.44 25.11 8.09
N ARG S 394 -22.26 24.57 9.30
CA ARG S 394 -21.54 25.24 10.36
C ARG S 394 -20.15 24.64 10.54
N CYS S 395 -19.27 25.41 11.16
CA CYS S 395 -18.05 24.88 11.75
C CYS S 395 -17.76 25.62 13.05
N GLY S 396 -17.04 24.94 13.95
CA GLY S 396 -16.60 25.53 15.19
C GLY S 396 -15.22 26.13 15.12
N LEU S 397 -15.11 27.45 15.29
CA LEU S 397 -13.85 28.16 15.12
C LEU S 397 -13.28 28.56 16.48
N PRO S 398 -12.12 28.04 16.86
CA PRO S 398 -11.62 28.27 18.21
C PRO S 398 -11.30 29.72 18.48
N ARG S 399 -11.52 30.13 19.73
CA ARG S 399 -11.16 31.47 20.18
C ARG S 399 -9.73 31.84 19.82
N GLU S 400 -8.79 30.94 20.13
CA GLU S 400 -7.36 31.23 19.97
C GLU S 400 -6.97 31.42 18.51
N ILE S 401 -7.75 30.87 17.59
CA ILE S 401 -7.50 31.07 16.16
C ILE S 401 -8.26 32.28 15.64
N ALA S 402 -9.54 32.38 16.03
CA ALA S 402 -10.40 33.46 15.55
C ALA S 402 -9.82 34.83 15.91
N ILE S 403 -9.25 34.95 17.11
CA ILE S 403 -8.68 36.23 17.52
C ILE S 403 -7.50 36.63 16.65
N GLU S 404 -6.86 35.67 15.99
CA GLU S 404 -5.84 36.02 14.98
C GLU S 404 -6.46 36.29 13.63
N LEU S 405 -7.36 35.42 13.18
CA LEU S 405 -7.98 35.56 11.86
C LEU S 405 -8.65 36.93 11.69
N PHE S 406 -9.50 37.31 12.63
CA PHE S 406 -10.36 38.48 12.49
C PHE S 406 -9.73 39.78 13.00
N GLN S 407 -8.43 39.75 13.34
CA GLN S 407 -7.83 40.84 14.10
C GLN S 407 -8.16 42.22 13.51
N THR S 408 -8.07 42.35 12.19
CA THR S 408 -8.41 43.63 11.56
C THR S 408 -9.90 43.93 11.69
N PHE S 409 -10.75 42.91 11.55
CA PHE S 409 -12.19 43.12 11.74
C PHE S 409 -12.52 43.34 13.21
N VAL S 410 -11.74 42.77 14.12
CA VAL S 410 -11.92 43.06 15.55
C VAL S 410 -11.57 44.51 15.85
N ILE S 411 -10.47 45.01 15.28
CA ILE S 411 -10.14 46.43 15.40
C ILE S 411 -11.26 47.30 14.85
N ARG S 412 -11.72 46.99 13.63
CA ARG S 412 -12.83 47.74 13.05
C ARG S 412 -14.08 47.69 13.92
N GLY S 413 -14.35 46.55 14.56
CA GLY S 413 -15.47 46.46 15.49
C GLY S 413 -15.29 47.34 16.72
N LEU S 414 -14.09 47.36 17.28
CA LEU S 414 -13.83 48.22 18.43
C LEU S 414 -13.92 49.69 18.07
N ILE S 415 -13.56 50.06 16.85
CA ILE S 415 -13.82 51.42 16.37
C ILE S 415 -15.32 51.66 16.23
N ARG S 416 -16.04 50.68 15.67
CA ARG S 416 -17.48 50.81 15.46
C ARG S 416 -18.22 51.03 16.78
N GLN S 417 -17.82 50.34 17.84
CA GLN S 417 -18.38 50.57 19.16
C GLN S 417 -17.76 51.77 19.87
N HIS S 418 -16.78 52.43 19.25
CA HIS S 418 -16.06 53.56 19.84
C HIS S 418 -15.36 53.19 21.14
N LEU S 419 -15.10 51.91 21.37
CA LEU S 419 -14.41 51.49 22.58
C LEU S 419 -12.90 51.68 22.49
N ALA S 420 -12.37 51.89 21.29
CA ALA S 420 -10.99 52.32 21.10
C ALA S 420 -10.99 53.59 20.27
N SER S 421 -10.13 54.53 20.64
CA SER S 421 -10.01 55.79 19.92
C SER S 421 -9.05 55.71 18.74
N ASN S 422 -8.14 54.75 18.73
CA ASN S 422 -7.23 54.55 17.61
C ASN S 422 -6.86 53.07 17.53
N ILE S 423 -6.34 52.70 16.36
CA ILE S 423 -6.04 51.28 16.09
C ILE S 423 -5.00 50.74 17.06
N GLY S 424 -4.12 51.59 17.57
CA GLY S 424 -3.18 51.13 18.59
C GLY S 424 -3.85 50.81 19.91
N VAL S 425 -4.87 51.60 20.28
CA VAL S 425 -5.65 51.27 21.46
C VAL S 425 -6.43 49.97 21.26
N ALA S 426 -6.97 49.77 20.06
CA ALA S 426 -7.65 48.52 19.75
C ALA S 426 -6.71 47.32 19.87
N LYS S 427 -5.53 47.42 19.26
CA LYS S 427 -4.53 46.37 19.42
C LYS S 427 -4.13 46.15 20.88
N SER S 428 -4.07 47.23 21.68
CA SER S 428 -3.74 47.08 23.09
C SER S 428 -4.84 46.34 23.84
N GLN S 429 -6.10 46.63 23.53
CA GLN S 429 -7.20 45.89 24.14
C GLN S 429 -7.20 44.43 23.70
N ILE S 430 -6.92 44.18 22.42
CA ILE S 430 -6.82 42.80 21.94
C ILE S 430 -5.72 42.05 22.67
N ARG S 431 -4.58 42.71 22.89
CA ARG S 431 -3.53 42.12 23.72
C ARG S 431 -4.02 41.87 25.14
N GLU S 432 -4.86 42.76 25.67
CA GLU S 432 -5.37 42.57 27.02
C GLU S 432 -6.42 41.46 27.09
N LYS S 433 -7.00 41.07 25.95
CA LYS S 433 -7.87 39.90 25.86
C LYS S 433 -9.04 39.95 26.85
N LYS S 434 -9.45 41.15 27.25
CA LYS S 434 -10.57 41.28 28.17
C LYS S 434 -11.86 40.79 27.50
N PRO S 435 -12.87 40.42 28.31
CA PRO S 435 -14.13 39.91 27.74
C PRO S 435 -14.73 40.76 26.64
N ILE S 436 -14.57 42.09 26.71
CA ILE S 436 -15.04 42.97 25.64
C ILE S 436 -14.49 42.53 24.28
N VAL S 437 -13.23 42.09 24.26
CA VAL S 437 -12.61 41.66 23.01
C VAL S 437 -13.32 40.42 22.47
N TRP S 438 -13.74 39.51 23.35
CA TRP S 438 -14.43 38.32 22.88
C TRP S 438 -15.88 38.62 22.50
N GLU S 439 -16.52 39.59 23.16
CA GLU S 439 -17.84 40.02 22.75
C GLU S 439 -17.82 40.64 21.36
N ILE S 440 -16.87 41.54 21.11
CA ILE S 440 -16.76 42.12 19.77
C ILE S 440 -16.33 41.07 18.74
N LEU S 441 -15.50 40.10 19.14
CA LEU S 441 -15.16 39.00 18.23
C LEU S 441 -16.38 38.15 17.89
N GLN S 442 -17.28 37.95 18.84
CA GLN S 442 -18.53 37.26 18.55
C GLN S 442 -19.42 38.09 17.63
N GLU S 443 -19.43 39.40 17.81
CA GLU S 443 -20.16 40.27 16.88
C GLU S 443 -19.58 40.19 15.47
N VAL S 444 -18.26 40.17 15.35
CA VAL S 444 -17.59 40.12 14.06
C VAL S 444 -17.81 38.77 13.38
N MET S 445 -17.72 37.67 14.14
CA MET S 445 -17.87 36.36 13.54
C MET S 445 -19.30 36.08 13.09
N GLN S 446 -20.28 36.63 13.79
CA GLN S 446 -21.67 36.53 13.38
C GLN S 446 -21.84 36.96 11.92
N GLY S 447 -22.30 36.02 11.10
CA GLY S 447 -22.56 36.27 9.69
C GLY S 447 -21.35 36.45 8.80
N HIS S 448 -20.15 36.15 9.26
CA HIS S 448 -18.98 36.19 8.39
C HIS S 448 -18.51 34.77 8.08
N PRO S 449 -18.56 34.34 6.82
CA PRO S 449 -18.09 32.99 6.48
C PRO S 449 -16.58 32.89 6.48
N VAL S 450 -16.08 31.65 6.56
CA VAL S 450 -14.67 31.38 6.36
C VAL S 450 -14.49 30.14 5.49
N LEU S 451 -13.40 30.13 4.72
CA LEU S 451 -12.98 28.99 3.94
C LEU S 451 -12.14 28.03 4.79
N LEU S 452 -12.39 26.73 4.63
CA LEU S 452 -11.55 25.66 5.14
C LEU S 452 -10.92 24.93 3.97
N ASN S 453 -9.67 24.51 4.16
CA ASN S 453 -8.79 24.11 3.06
C ASN S 453 -8.01 22.87 3.50
N ARG S 454 -8.25 21.75 2.84
CA ARG S 454 -7.52 20.53 3.10
C ARG S 454 -6.25 20.47 2.25
N GLY S 462 -11.96 19.62 -0.98
CA GLY S 462 -10.90 19.90 -0.03
C GLY S 462 -10.80 21.37 0.35
N ILE S 463 -11.39 22.22 -0.48
CA ILE S 463 -11.59 23.63 -0.16
C ILE S 463 -13.08 23.91 -0.21
N GLN S 464 -13.65 24.32 0.92
CA GLN S 464 -15.08 24.49 1.07
C GLN S 464 -15.32 25.51 2.17
N SER S 465 -16.42 26.23 2.13
CA SER S 465 -16.62 27.32 3.08
C SER S 465 -17.80 27.03 4.00
N PHE S 466 -17.73 27.63 5.19
CA PHE S 466 -18.72 27.40 6.23
C PHE S 466 -18.93 28.67 7.04
N GLN S 467 -20.07 28.73 7.72
CA GLN S 467 -20.24 29.72 8.78
C GLN S 467 -19.52 29.26 10.04
N PRO S 468 -18.51 29.98 10.50
CA PRO S 468 -17.91 29.65 11.81
C PRO S 468 -18.80 30.11 12.97
N ILE S 469 -18.80 29.31 14.02
CA ILE S 469 -19.38 29.69 15.31
C ILE S 469 -18.29 29.57 16.37
N LEU S 470 -18.20 30.57 17.23
CA LEU S 470 -17.18 30.59 18.28
C LEU S 470 -17.41 29.42 19.23
N VAL S 471 -16.39 28.58 19.39
CA VAL S 471 -16.54 27.31 20.08
C VAL S 471 -15.51 27.22 21.21
N GLU S 472 -15.86 26.46 22.24
CA GLU S 472 -14.96 26.17 23.34
C GLU S 472 -13.80 25.27 22.88
N GLY S 473 -12.71 25.34 23.63
CA GLY S 473 -11.50 24.63 23.28
C GLY S 473 -10.63 25.37 22.28
N ARG S 474 -9.69 24.61 21.69
CA ARG S 474 -8.65 25.17 20.85
C ARG S 474 -8.54 24.53 19.48
N THR S 475 -9.17 23.38 19.25
CA THR S 475 -9.06 22.66 17.98
C THR S 475 -10.34 22.84 17.17
N ILE S 476 -10.17 23.15 15.89
CA ILE S 476 -11.31 23.46 15.03
C ILE S 476 -12.25 22.27 14.93
N CYS S 477 -13.55 22.54 14.98
CA CYS S 477 -14.59 21.51 15.00
C CYS S 477 -15.33 21.51 13.67
N LEU S 478 -15.41 20.34 13.03
CA LEU S 478 -16.03 20.20 11.72
C LEU S 478 -17.17 19.19 11.75
N HIS S 479 -18.16 19.44 10.90
CA HIS S 479 -19.30 18.54 10.78
C HIS S 479 -18.86 17.22 10.17
N PRO S 480 -19.40 16.08 10.62
CA PRO S 480 -18.84 14.79 10.16
C PRO S 480 -19.04 14.52 8.68
N LEU S 481 -20.16 14.95 8.10
CA LEU S 481 -20.39 14.70 6.67
C LEU S 481 -19.65 15.68 5.78
N VAL S 482 -19.35 16.88 6.26
CA VAL S 482 -18.46 17.76 5.49
C VAL S 482 -17.02 17.28 5.62
N CYS S 483 -16.66 16.71 6.77
CA CYS S 483 -15.38 16.03 6.93
C CYS S 483 -15.25 14.86 5.97
N GLN S 494 -4.81 18.62 9.35
CA GLN S 494 -4.45 20.01 9.61
C GLN S 494 -5.12 20.95 8.61
N MET S 495 -6.42 21.16 8.80
CA MET S 495 -7.18 22.06 7.94
C MET S 495 -6.67 23.50 8.09
N ALA S 496 -6.51 24.17 6.95
CA ALA S 496 -6.20 25.59 6.92
C ALA S 496 -7.49 26.41 6.83
N VAL S 497 -7.40 27.66 7.28
CA VAL S 497 -8.56 28.54 7.42
C VAL S 497 -8.23 29.87 6.76
N HIS S 498 -9.21 30.44 6.06
CA HIS S 498 -9.00 31.69 5.34
C HIS S 498 -10.24 32.57 5.44
N VAL S 499 -10.02 33.87 5.55
CA VAL S 499 -11.08 34.87 5.63
C VAL S 499 -11.20 35.57 4.28
N PRO S 500 -12.39 35.61 3.68
CA PRO S 500 -12.60 36.47 2.49
C PRO S 500 -12.73 37.92 2.90
N LEU S 501 -11.87 38.78 2.34
CA LEU S 501 -11.73 40.14 2.84
C LEU S 501 -12.70 41.13 2.21
N SER S 502 -12.91 41.07 0.89
CA SER S 502 -13.77 42.04 0.24
C SER S 502 -15.24 41.63 0.34
N LEU S 503 -16.12 42.62 0.19
CA LEU S 503 -17.55 42.36 0.21
C LEU S 503 -17.97 41.47 -0.96
N GLU S 504 -17.38 41.70 -2.13
CA GLU S 504 -17.66 40.83 -3.27
C GLU S 504 -17.24 39.39 -2.99
N ALA S 505 -16.07 39.21 -2.36
CA ALA S 505 -15.64 37.88 -2.00
C ALA S 505 -16.56 37.26 -0.95
N GLN S 506 -16.99 38.04 0.04
CA GLN S 506 -17.89 37.49 1.06
C GLN S 506 -19.22 37.08 0.45
N ALA S 507 -19.75 37.87 -0.48
CA ALA S 507 -20.97 37.51 -1.19
C ALA S 507 -20.79 36.23 -1.99
N GLU S 508 -19.71 36.15 -2.77
CA GLU S 508 -19.46 34.94 -3.56
C GLU S 508 -19.29 33.73 -2.66
N ALA S 509 -18.61 33.89 -1.53
CA ALA S 509 -18.45 32.78 -0.60
C ALA S 509 -19.79 32.31 -0.07
N ARG S 510 -20.61 33.23 0.42
CA ARG S 510 -21.87 32.84 1.03
C ARG S 510 -22.84 32.24 0.02
N LEU S 511 -22.83 32.72 -1.23
CA LEU S 511 -23.86 32.33 -2.17
C LEU S 511 -23.44 31.24 -3.14
N LEU S 512 -22.13 31.06 -3.37
CA LEU S 512 -21.61 30.02 -4.24
C LEU S 512 -20.90 28.90 -3.50
N MET S 513 -20.18 29.21 -2.43
CA MET S 513 -19.15 28.34 -1.90
C MET S 513 -19.61 27.58 -0.65
N PHE S 514 -20.90 27.56 -0.36
CA PHE S 514 -21.43 26.81 0.77
C PHE S 514 -21.76 25.37 0.38
N SER S 515 -21.68 24.48 1.37
CA SER S 515 -22.03 23.07 1.16
C SER S 515 -23.47 22.92 0.69
N HIS S 516 -24.35 23.82 1.12
CA HIS S 516 -25.73 23.82 0.64
C HIS S 516 -25.77 23.85 -0.87
N MET S 517 -24.84 24.58 -1.48
CA MET S 517 -24.88 24.80 -2.92
C MET S 517 -24.28 23.64 -3.70
N ASN S 518 -23.72 22.64 -3.02
CA ASN S 518 -22.83 21.68 -3.69
C ASN S 518 -23.04 20.26 -3.17
N LEU S 519 -24.30 19.89 -2.94
CA LEU S 519 -24.57 18.55 -2.41
C LEU S 519 -24.25 17.44 -3.40
N LEU S 520 -24.07 17.75 -4.68
CA LEU S 520 -23.83 16.75 -5.70
C LEU S 520 -22.37 16.76 -6.13
N SER S 521 -21.77 15.58 -6.24
CA SER S 521 -20.49 15.44 -6.93
C SER S 521 -20.72 15.52 -8.43
N PRO S 522 -20.00 16.39 -9.15
CA PRO S 522 -20.38 16.68 -10.54
C PRO S 522 -20.08 15.55 -11.52
N ALA S 523 -19.25 14.57 -11.15
CA ALA S 523 -18.77 13.59 -12.11
C ALA S 523 -19.91 12.79 -12.75
N ILE S 524 -20.99 12.52 -12.02
CA ILE S 524 -22.21 12.01 -12.62
C ILE S 524 -23.43 12.70 -12.02
N GLY S 525 -23.20 13.57 -11.03
CA GLY S 525 -24.29 14.04 -10.20
C GLY S 525 -24.62 13.06 -9.09
N ASP S 526 -23.62 12.74 -8.27
CA ASP S 526 -23.77 11.76 -7.21
C ASP S 526 -23.80 12.47 -5.86
N PRO S 527 -24.84 12.29 -5.05
CA PRO S 527 -24.89 12.97 -3.74
C PRO S 527 -23.67 12.67 -2.90
N ILE S 528 -23.04 13.72 -2.38
CA ILE S 528 -21.83 13.58 -1.58
C ILE S 528 -22.18 13.16 -0.15
N SER S 529 -23.05 13.93 0.49
CA SER S 529 -23.21 13.95 1.95
C SER S 529 -23.99 12.78 2.49
N VAL S 530 -24.23 11.74 1.70
CA VAL S 530 -25.12 10.62 2.05
C VAL S 530 -24.71 10.05 3.40
N PRO S 531 -25.68 9.75 4.30
CA PRO S 531 -25.36 9.06 5.55
C PRO S 531 -24.43 7.87 5.40
N THR S 532 -23.35 7.87 6.18
CA THR S 532 -22.27 6.91 6.06
C THR S 532 -21.59 6.77 7.42
N GLN S 533 -20.78 5.72 7.53
CA GLN S 533 -20.20 5.22 8.80
C GLN S 533 -21.34 4.84 9.75
N ASP S 534 -21.19 5.15 11.04
CA ASP S 534 -22.16 4.73 12.07
C ASP S 534 -23.59 5.01 11.66
N MET S 535 -23.87 6.19 11.10
CA MET S 535 -25.25 6.56 10.86
C MET S 535 -25.90 5.57 9.93
N LEU S 536 -25.18 5.17 8.87
CA LEU S 536 -25.79 4.25 7.92
C LEU S 536 -26.10 2.93 8.58
N ILE S 537 -25.17 2.40 9.37
CA ILE S 537 -25.46 1.12 9.99
C ILE S 537 -26.50 1.32 11.08
N GLY S 538 -26.49 2.48 11.73
CA GLY S 538 -27.60 2.79 12.61
C GLY S 538 -28.92 2.77 11.87
N LEU S 539 -28.98 3.44 10.73
CA LEU S 539 -30.20 3.42 9.94
C LEU S 539 -30.51 1.99 9.51
N TYR S 540 -29.48 1.20 9.22
CA TYR S 540 -29.71 -0.18 8.85
C TYR S 540 -30.43 -0.91 9.96
N VAL S 541 -29.93 -0.77 11.19
CA VAL S 541 -30.59 -1.45 12.29
C VAL S 541 -31.95 -0.82 12.51
N LEU S 542 -32.03 0.51 12.42
CA LEU S 542 -33.31 1.21 12.50
C LEU S 542 -34.32 0.60 11.54
N THR S 543 -33.86 0.16 10.37
CA THR S 543 -34.75 -0.35 9.34
C THR S 543 -34.70 -1.87 9.22
N SER S 544 -33.86 -2.54 10.03
CA SER S 544 -33.94 -4.00 10.07
C SER S 544 -35.28 -4.48 10.60
N GLY S 545 -35.79 -3.83 11.64
CA GLY S 545 -37.15 -4.09 12.11
C GLY S 545 -37.36 -5.50 12.61
N THR S 546 -38.47 -6.09 12.20
CA THR S 546 -38.93 -7.37 12.75
C THR S 546 -37.93 -8.50 12.45
N ARG S 547 -37.85 -9.43 13.39
CA ARG S 547 -37.40 -10.77 13.06
C ARG S 547 -38.51 -11.46 12.30
N ARG S 548 -38.17 -12.21 11.26
CA ARG S 548 -39.16 -12.82 10.40
C ARG S 548 -39.30 -14.30 10.68
N GLY S 549 -40.54 -14.77 10.76
CA GLY S 549 -40.89 -16.17 10.69
C GLY S 549 -40.17 -17.10 11.64
N ILE S 550 -39.34 -17.97 11.07
CA ILE S 550 -38.60 -18.96 11.87
C ILE S 550 -37.72 -18.30 12.91
N CYS S 551 -37.25 -17.08 12.66
CA CYS S 551 -36.45 -16.35 13.63
C CYS S 551 -37.29 -15.69 14.71
N ALA S 552 -38.62 -15.82 14.65
CA ALA S 552 -39.51 -15.07 15.52
C ALA S 552 -40.45 -15.95 16.34
N ASN S 553 -40.82 -17.13 15.84
CA ASN S 553 -41.67 -18.05 16.57
C ASN S 553 -41.06 -19.44 16.56
N ARG S 554 -41.05 -20.09 17.72
CA ARG S 554 -40.50 -21.43 17.83
C ARG S 554 -41.35 -22.47 17.11
N TYR S 555 -42.63 -22.21 16.91
CA TYR S 555 -43.52 -23.16 16.27
C TYR S 555 -44.35 -22.48 15.19
N ASN S 556 -44.97 -23.31 14.35
CA ASN S 556 -45.53 -22.81 13.09
C ASN S 556 -46.55 -21.68 13.24
N PRO S 557 -47.51 -21.71 14.18
CA PRO S 557 -48.56 -20.68 14.19
C PRO S 557 -48.02 -19.25 14.24
N GLU S 578 -49.80 -8.93 18.62
CA GLU S 578 -49.36 -7.63 18.12
C GLU S 578 -50.40 -6.56 18.44
N PRO S 579 -49.95 -5.44 19.01
CA PRO S 579 -50.87 -4.36 19.34
C PRO S 579 -51.25 -3.53 18.12
N PHE S 580 -52.41 -2.88 18.22
CA PHE S 580 -52.81 -1.84 17.29
C PHE S 580 -52.61 -0.47 17.92
N PHE S 581 -52.05 0.46 17.16
CA PHE S 581 -51.89 1.83 17.59
C PHE S 581 -52.64 2.77 16.65
N CYS S 582 -53.47 3.65 17.22
CA CYS S 582 -54.32 4.51 16.43
C CYS S 582 -53.55 5.65 15.77
N ASN S 583 -52.36 5.97 16.25
CA ASN S 583 -51.46 6.86 15.54
C ASN S 583 -50.04 6.61 16.03
N SER S 584 -49.08 7.13 15.27
CA SER S 584 -47.68 6.83 15.51
C SER S 584 -47.18 7.40 16.84
N TYR S 585 -47.79 8.49 17.33
CA TYR S 585 -47.35 9.02 18.62
C TYR S 585 -47.81 8.13 19.76
N ASP S 586 -48.92 7.41 19.60
CA ASP S 586 -49.29 6.40 20.58
C ASP S 586 -48.28 5.27 20.61
N ALA S 587 -47.79 4.86 19.43
CA ALA S 587 -46.80 3.80 19.38
C ALA S 587 -45.48 4.24 20.01
N ILE S 588 -45.02 5.44 19.68
CA ILE S 588 -43.80 5.96 20.29
C ILE S 588 -43.97 6.11 21.79
N GLY S 589 -45.14 6.54 22.25
CA GLY S 589 -45.39 6.60 23.69
C GLY S 589 -45.34 5.24 24.36
N ALA S 590 -45.93 4.23 23.73
CA ALA S 590 -45.87 2.88 24.28
C ALA S 590 -44.44 2.35 24.30
N TYR S 591 -43.65 2.68 23.28
CA TYR S 591 -42.23 2.31 23.30
C TYR S 591 -41.50 2.99 24.45
N ARG S 592 -41.67 4.30 24.59
CA ARG S 592 -41.01 5.04 25.67
C ARG S 592 -41.40 4.50 27.03
N GLN S 593 -42.65 4.11 27.20
CA GLN S 593 -43.14 3.51 28.43
C GLN S 593 -42.82 2.02 28.51
N LYS S 594 -42.01 1.51 27.57
CA LYS S 594 -41.50 0.15 27.60
C LYS S 594 -42.61 -0.88 27.50
N ARG S 595 -43.71 -0.53 26.85
CA ARG S 595 -44.74 -1.51 26.52
C ARG S 595 -44.38 -2.33 25.29
N ILE S 596 -43.48 -1.82 24.46
CA ILE S 596 -43.06 -2.52 23.24
C ILE S 596 -41.62 -2.12 22.96
N ASN S 597 -40.90 -2.99 22.26
CA ASN S 597 -39.48 -2.80 21.98
C ASN S 597 -39.28 -2.40 20.52
N LEU S 598 -38.09 -1.86 20.24
CA LEU S 598 -37.81 -1.32 18.91
C LEU S 598 -37.99 -2.37 17.83
N ASP S 599 -37.59 -3.61 18.11
CA ASP S 599 -37.66 -4.69 17.14
C ASP S 599 -39.06 -5.28 16.98
N SER S 600 -40.00 -4.90 17.85
CA SER S 600 -41.18 -5.74 17.95
C SER S 600 -42.25 -5.31 16.95
N PRO S 601 -43.00 -6.28 16.41
CA PRO S 601 -44.02 -5.95 15.42
C PRO S 601 -45.22 -5.25 16.04
N LEU S 602 -45.78 -4.29 15.31
CA LEU S 602 -47.00 -3.63 15.72
C LEU S 602 -47.78 -3.24 14.48
N TRP S 603 -49.06 -2.89 14.68
CA TRP S 603 -49.89 -2.38 13.61
C TRP S 603 -50.14 -0.90 13.82
N LEU S 604 -49.86 -0.11 12.78
CA LEU S 604 -50.18 1.31 12.76
C LEU S 604 -51.35 1.55 11.81
N ARG S 605 -52.38 2.25 12.29
CA ARG S 605 -53.43 2.73 11.41
C ARG S 605 -52.87 3.73 10.42
N TRP S 606 -52.69 3.30 9.17
CA TRP S 606 -52.20 4.17 8.10
C TRP S 606 -53.37 4.93 7.48
N GLN S 607 -53.88 5.90 8.24
CA GLN S 607 -55.04 6.65 7.80
C GLN S 607 -54.73 7.59 6.64
N LEU S 608 -53.44 7.84 6.36
CA LEU S 608 -53.03 8.51 5.14
C LEU S 608 -53.06 7.51 3.98
N ASP S 609 -54.20 6.83 3.80
CA ASP S 609 -54.26 5.54 3.14
C ASP S 609 -53.85 5.54 1.68
N GLN S 610 -53.47 6.70 1.15
CA GLN S 610 -52.67 6.75 -0.07
C GLN S 610 -51.29 6.13 0.15
N ARG S 611 -50.48 6.08 -0.90
CA ARG S 611 -49.04 5.90 -0.79
C ARG S 611 -48.66 4.60 -0.08
N VAL S 612 -49.53 3.60 -0.10
CA VAL S 612 -49.21 2.31 0.48
C VAL S 612 -48.12 1.63 -0.35
N ILE S 613 -47.07 1.18 0.32
CA ILE S 613 -45.98 0.47 -0.34
C ILE S 613 -46.38 -0.99 -0.54
N ALA S 614 -45.85 -1.59 -1.60
CA ALA S 614 -46.22 -2.95 -1.98
C ALA S 614 -45.06 -3.58 -2.73
N SER S 615 -45.14 -4.91 -2.89
CA SER S 615 -44.14 -5.67 -3.62
C SER S 615 -44.76 -6.40 -4.81
N LYS S 616 -45.83 -5.83 -5.38
CA LYS S 616 -46.55 -6.42 -6.51
C LYS S 616 -47.10 -7.80 -6.17
N GLU S 617 -47.38 -8.03 -4.89
CA GLU S 617 -47.83 -9.32 -4.41
C GLU S 617 -49.35 -9.28 -4.21
N VAL S 618 -50.03 -10.31 -4.71
CA VAL S 618 -51.47 -10.43 -4.53
C VAL S 618 -51.75 -10.67 -3.05
N PRO S 619 -52.98 -10.44 -2.58
CA PRO S 619 -53.28 -10.71 -1.16
C PRO S 619 -52.90 -12.11 -0.73
N ILE S 620 -52.16 -12.20 0.38
CA ILE S 620 -51.86 -13.49 0.98
C ILE S 620 -53.13 -14.13 1.51
N GLU S 621 -54.04 -13.34 2.07
CA GLU S 621 -55.36 -13.89 2.35
C GLU S 621 -56.39 -12.77 2.33
N VAL S 622 -57.65 -13.13 2.08
CA VAL S 622 -58.77 -12.24 2.32
C VAL S 622 -59.85 -12.97 3.09
N HIS S 623 -60.48 -12.27 4.01
CA HIS S 623 -61.62 -12.76 4.78
C HIS S 623 -62.83 -11.94 4.38
N TYR S 624 -63.90 -12.58 3.94
CA TYR S 624 -65.18 -11.92 3.74
C TYR S 624 -66.17 -12.32 4.82
N GLU S 625 -66.72 -11.33 5.51
CA GLU S 625 -67.87 -11.53 6.38
C GLU S 625 -69.14 -11.63 5.56
N SER S 626 -70.09 -12.43 6.05
CA SER S 626 -71.40 -12.56 5.41
C SER S 626 -72.05 -11.21 5.16
N PHE S 627 -71.84 -10.23 6.04
CA PHE S 627 -72.41 -8.90 5.89
C PHE S 627 -71.64 -8.02 4.91
N GLY S 628 -70.64 -8.59 4.22
CA GLY S 628 -69.98 -7.91 3.12
C GLY S 628 -68.87 -6.97 3.49
N ASN S 629 -68.42 -6.95 4.75
CA ASN S 629 -67.10 -6.44 5.07
C ASN S 629 -66.06 -7.49 4.70
N TYR S 630 -64.88 -7.04 4.28
CA TYR S 630 -63.78 -7.96 4.09
C TYR S 630 -62.44 -7.30 4.44
N HIS S 631 -61.52 -8.16 4.87
CA HIS S 631 -60.18 -7.78 5.27
C HIS S 631 -59.20 -8.44 4.31
N GLU S 632 -58.35 -7.65 3.68
CA GLU S 632 -57.25 -8.17 2.88
C GLU S 632 -55.98 -8.12 3.72
N ILE S 633 -55.33 -9.27 3.86
CA ILE S 633 -54.12 -9.42 4.64
C ILE S 633 -52.97 -9.67 3.68
N TYR S 634 -51.88 -8.93 3.87
CA TYR S 634 -50.68 -8.99 3.07
C TYR S 634 -49.49 -9.15 4.00
N ALA S 635 -48.34 -9.50 3.41
CA ALA S 635 -47.12 -9.68 4.18
C ALA S 635 -46.67 -8.42 4.89
N HIS S 636 -47.18 -7.25 4.51
CA HIS S 636 -46.76 -6.00 5.13
C HIS S 636 -47.89 -5.14 5.67
N TYR S 637 -49.13 -5.34 5.24
CA TYR S 637 -50.20 -4.44 5.64
C TYR S 637 -51.53 -5.14 5.50
N LEU S 638 -52.56 -4.52 6.10
CA LEU S 638 -53.93 -5.01 6.05
C LEU S 638 -54.83 -3.87 5.61
N ILE S 639 -55.87 -4.20 4.84
CA ILE S 639 -56.88 -3.23 4.41
C ILE S 639 -58.27 -3.77 4.76
N VAL S 640 -59.06 -2.95 5.45
CA VAL S 640 -60.45 -3.28 5.73
C VAL S 640 -61.33 -2.48 4.79
N ARG S 641 -62.14 -3.16 3.99
CA ARG S 641 -63.00 -2.46 3.05
C ARG S 641 -64.22 -3.33 2.77
N SER S 642 -65.28 -2.68 2.30
CA SER S 642 -66.59 -3.32 2.26
C SER S 642 -67.26 -3.01 0.93
N VAL S 643 -68.19 -3.90 0.55
CA VAL S 643 -68.90 -3.74 -0.71
C VAL S 643 -69.97 -2.66 -0.61
N LYS S 644 -70.66 -2.56 0.52
CA LYS S 644 -71.26 -1.31 0.94
C LYS S 644 -70.22 -0.44 1.65
N LYS S 645 -70.59 0.82 1.88
CA LYS S 645 -69.70 1.79 2.53
C LYS S 645 -68.43 1.92 1.68
N GLU S 646 -67.25 1.91 2.28
CA GLU S 646 -66.00 2.18 1.57
C GLU S 646 -64.88 1.45 2.29
N THR S 647 -63.63 1.74 1.90
CA THR S 647 -62.48 1.40 2.72
C THR S 647 -62.55 2.14 4.05
N LEU S 648 -62.46 1.39 5.15
CA LEU S 648 -62.32 2.03 6.45
C LEU S 648 -60.89 2.52 6.68
N TYR S 649 -59.95 1.58 6.82
CA TYR S 649 -58.56 1.93 7.07
C TYR S 649 -57.64 0.85 6.51
N ILE S 650 -56.45 1.28 6.13
CA ILE S 650 -55.28 0.41 6.06
C ILE S 650 -54.64 0.33 7.44
N TYR S 651 -54.22 -0.87 7.83
CA TYR S 651 -53.29 -1.05 8.95
C TYR S 651 -52.00 -1.62 8.41
N ILE S 652 -50.90 -0.90 8.62
CA ILE S 652 -49.58 -1.34 8.19
C ILE S 652 -48.87 -2.05 9.34
N ARG S 653 -48.36 -3.25 9.06
CA ARG S 653 -47.59 -4.01 10.02
C ARG S 653 -46.13 -3.57 9.95
N THR S 654 -45.61 -3.02 11.04
CA THR S 654 -44.39 -2.24 11.00
C THR S 654 -43.71 -2.34 12.36
N THR S 655 -42.71 -1.49 12.58
CA THR S 655 -41.96 -1.46 13.82
C THR S 655 -41.77 -0.01 14.27
N VAL S 656 -41.47 0.14 15.55
CA VAL S 656 -41.09 1.44 16.09
C VAL S 656 -39.91 2.02 15.30
N GLY S 657 -38.98 1.15 14.88
CA GLY S 657 -37.87 1.62 14.07
C GLY S 657 -38.29 2.19 12.72
N HIS S 658 -39.08 1.43 11.97
CA HIS S 658 -39.60 1.92 10.69
C HIS S 658 -40.43 3.18 10.88
N ILE S 659 -41.30 3.18 11.89
CA ILE S 659 -42.11 4.36 12.20
C ILE S 659 -41.21 5.57 12.45
N SER S 660 -40.16 5.39 13.25
CA SER S 660 -39.27 6.50 13.56
C SER S 660 -38.52 6.98 12.32
N PHE S 661 -38.08 6.04 11.47
CA PHE S 661 -37.41 6.42 10.23
C PHE S 661 -38.31 7.27 9.35
N TYR S 662 -39.56 6.87 9.18
CA TYR S 662 -40.48 7.64 8.36
C TYR S 662 -40.80 8.98 9.03
N ARG S 663 -41.21 8.93 10.30
CA ARG S 663 -41.64 10.12 11.03
C ARG S 663 -40.57 11.19 11.08
N GLU S 664 -39.31 10.80 11.34
CA GLU S 664 -38.28 11.83 11.48
C GLU S 664 -37.93 12.49 10.15
N ILE S 665 -38.20 11.84 9.02
CA ILE S 665 -38.05 12.51 7.74
C ILE S 665 -39.24 13.41 7.45
N GLU S 666 -40.45 12.93 7.72
CA GLU S 666 -41.63 13.77 7.54
C GLU S 666 -41.54 15.01 8.41
N GLU S 667 -41.15 14.85 9.67
CA GLU S 667 -40.95 15.96 10.58
C GLU S 667 -39.74 16.81 10.23
N ALA S 668 -38.76 16.29 9.48
CA ALA S 668 -37.70 17.18 9.01
C ALA S 668 -38.19 18.04 7.85
N ILE S 669 -39.05 17.48 7.00
CA ILE S 669 -39.64 18.28 5.93
C ILE S 669 -40.55 19.35 6.51
N GLN S 670 -41.38 18.98 7.48
CA GLN S 670 -42.24 19.95 8.16
C GLN S 670 -41.43 21.00 8.90
N GLY S 671 -40.37 20.60 9.61
CA GLY S 671 -39.55 21.56 10.32
C GLY S 671 -38.84 22.54 9.41
N PHE S 672 -38.42 22.08 8.23
CA PHE S 672 -37.86 23.00 7.24
C PHE S 672 -38.93 23.94 6.69
N SER S 673 -40.07 23.39 6.27
CA SER S 673 -41.11 24.21 5.66
C SER S 673 -41.90 25.03 6.66
N GLN S 674 -41.61 24.91 7.96
CA GLN S 674 -42.20 25.80 8.95
C GLN S 674 -41.96 27.26 8.61
N ALA S 675 -40.78 27.57 8.04
CA ALA S 675 -40.49 28.94 7.64
C ALA S 675 -41.34 29.40 6.46
N CYS S 676 -41.96 28.49 5.71
CA CYS S 676 -42.84 28.89 4.63
C CYS S 676 -44.08 29.62 5.13
N SER S 677 -44.43 29.46 6.39
CA SER S 677 -45.52 30.23 6.99
C SER S 677 -45.25 31.73 6.97
FE FE T . 67.75 -64.97 -27.86
FE FE U . 82.36 -55.15 -31.24
ZN ZN V . -22.00 24.25 -29.85
N SAM W . -63.61 34.87 -13.98
CA SAM W . -64.22 34.31 -15.22
C SAM W . -65.28 33.27 -14.83
O SAM W . -65.37 32.25 -15.55
OXT SAM W . -65.98 33.52 -13.83
CB SAM W . -63.16 33.65 -16.10
CG SAM W . -62.00 34.56 -16.45
SD SAM W . -61.78 34.61 -18.25
CE SAM W . -60.02 34.87 -18.40
C5' SAM W . -62.43 36.27 -18.55
C4' SAM W . -63.92 36.34 -18.33
O4' SAM W . -64.20 37.24 -17.23
C3' SAM W . -64.73 36.84 -19.52
O3' SAM W . -65.33 35.75 -20.21
C2' SAM W . -65.80 37.74 -18.90
O2' SAM W . -66.98 37.03 -18.60
C1' SAM W . -65.11 38.24 -17.64
N9 SAM W . -64.38 39.49 -17.80
C8 SAM W . -63.21 39.67 -18.49
N7 SAM W . -62.79 40.91 -18.47
C5 SAM W . -63.74 41.59 -17.73
C6 SAM W . -63.86 42.95 -17.36
N6 SAM W . -62.98 43.89 -17.69
N1 SAM W . -64.94 43.29 -16.62
C2 SAM W . -65.82 42.34 -16.29
N3 SAM W . -65.81 41.04 -16.57
C4 SAM W . -64.73 40.73 -17.32
#